data_9E0J
#
_entry.id   9E0J
#
_cell.length_a   1.00
_cell.length_b   1.00
_cell.length_c   1.00
_cell.angle_alpha   90.00
_cell.angle_beta   90.00
_cell.angle_gamma   90.00
#
_symmetry.space_group_name_H-M   'P 1'
#
loop_
_entity.id
_entity.type
_entity.pdbx_description
1 polymer 'Photosystem I P700 chlorophyll a apoprotein A1'
2 polymer 'Photosystem I reaction center subunit XII'
3 polymer 'Photosystem I P700 chlorophyll a apoprotein A2'
4 polymer 'Photosystem I iron-sulfur center'
5 polymer 'Photosystem I reaction center subunit II'
6 polymer 'Photosystem I reaction center subunit IV'
7 polymer 'Photosystem I reaction center subunit III'
8 polymer 'Photosystem I reaction center subunit VIII'
9 polymer 'Photosystem I reaction center subunit IX'
10 polymer 'Photosystem I reaction center subunit XI'
11 non-polymer 'CHLOROPHYLL A ISOMER'
12 non-polymer 'CHLOROPHYLL A'
13 non-polymer Menaquinone-4
14 non-polymer 'IRON/SULFUR CLUSTER'
15 non-polymer BETA-CAROTENE
16 non-polymer 1,2-DIPALMITOYL-PHOSPHATIDYL-GLYCEROLE
17 non-polymer "beta,beta-carotene-4,4'-dione"
18 non-polymer 1,2-DISTEAROYL-MONOGALACTOSYL-DIGLYCERIDE
19 non-polymer DODECYL-BETA-D-MALTOSIDE
20 water water
#
loop_
_entity_poly.entity_id
_entity_poly.type
_entity_poly.pdbx_seq_one_letter_code
_entity_poly.pdbx_strand_id
1 'polypeptide(L)'
;MTMTPQGQERPQTRATVDNNPVPTSIEKWGKPGWFERSLARGPKTTTWIWDLHALAHDFEVQTSDREDIARKIFAAHFGH
LGIVFIWASIFFFYGALSSNYASWIDNPTGLRPSAQFAIPVFGQEVLNDPATAAKGFEQGGIVMTSGLFHLWRAVGYTNQ
TQLLATAVGALVAAGLMFFGGWFHYHVRAPKLEWFQNVESMLNHHLAGLLGLGSLAWTGHLIHVALPVNQMLDKGMKAAD
IPLPHEYAFSTEAMGNFFPSFKQGLLPFFTGNWAVYSDFLTFKGGLNPQTGSLWMTDIAHHHLAIAVMFIIAGHMYRTNG
PWNPLGLGHSIKEILEAHKGPFTGEGHKGLYEVLTTSWHAQLAINLAMVGSLSIIVAHHMYAMNPYPYMGIDYPTQISLF
THHMWIGGFLIVGAGAHAAIFMVRDYDPAVNQNNLLDRVLRHRDAIISHLNWVCLFLGFHSFGLYVHNDTMQALGRPGDM
FADWGIQLQPVFAQWIQSVNAAAFGPNSTAPWVSAATSPVWGGNVLALPATVAGEVVQKISIAPVPLGTADFMIHHIHAL
TIHVTILILLKGVLFARSSRLIPDKANLGFRFPCDGPGRGGTCQSSAWDHVFLGLFWMYNCISIVIFHFSWKMQSDVYGT
LNATTKAVEHIVPSTDVLLGNGTTQAFTQFAASSVNINGWLRDFLWAQAAPVINSYGGPSAAYGLFFLGAHFVWAFSLMF
LFSGRGYWQELIESIVWAHNKLKIVPTIQPRALSITQGRAVGVAHYLLGGIVTTWAFFIARFLAI
;
G,a,A
2 'polypeptide(L)' MLINNFEVAGAFVAALIAGFFALMLSTTLGKS T,m,M
3 'polypeptide(L)'
;MATRFPKFSQDLAQDPTTRRIWYGIATAHDFESHDGMTEETLYQKIFASHFGHIAIIFLWASSFNFHVAWQGNFEQWLTD
PTKVKPIAHAIFDPHFGPGAVKAFTPEGGSGPVNIMYSGLYYFWYTIGIRHNSELYEGAIFLILLAALFLAAGWLHLQPR
FRPSLAWFKNAESRLNHHLSALFGVSSLAWAGHMVHVAIPRAYGKEVNWSNFLQIAPHDAGLSAFFTGNWGAYAQPGANG
SPPILTFIGGLNPQTGSLPLGDIAHHHLAIAVIFIIAGHMYRTNFGIGHNLKELVDGQVWPGVGAGHRGLYDTVNNSLHF
QLSLALASLGTVTSLVAQQMYALPPYAFMAKDHTTMAALYTHHQYIAGFLLVGAFAHAAIFWVRDYDPEANKDNVLARVL
AHKEAIISHLSWVSLFLGFHTLGLYVHNDVMQAFGRPEDQILIEPVFAQWVQAQSGVLIPGMAPIFGFLQDNATLGTTPA
AAGTFGLGWFCSVNGGPGLTEAATGILKTCFDNGYGKLETPVFLPIGPGDFLVHHAIALGIHTTVLILVKGALDARGTKL
MPDKKDFGYAFPCDGPGRGGTCDISAWDAFYLSMFWMLNTLGWITFYWHWKHLAIWTDNVASFNTNSVYLMGWLRDYLWA
YSSPLINGYGPSAAVNNLSVWSWMFLFGHLVWATGFMFLISWRGYWQELIETLVWAHERTPLANLVRWKDKPVAMSIVQG
RLIGLAHFTVGYILTYAAFVIASTAGLST
;
H,b,B
4 'polypeptide(L)'
;MSHAVKIYDTCIGCTQCVRACPLDVLEMVPWDGNRAGSIASSPRTEDCVGCKRCETACPTDFLSIRVYLGAETTRSMGLA
Y
;
K,c,C
5 'polypeptide(L)'
;MTQANSLPPGASSPIFGGSTGGLLRKALVEEKYLITWGSKEEQVFEMPTGGAATMVAGVNGLYLARKEQCHALHRQLVAK
FKIRDSKIYRVLPNGEQTLIYPKDGVPSEKANPGREVVGYVPRKIGNNPSPISVKFTGGNTYD
;
N,d,D
6 'polypeptide(L)' MSIQKGSQVRVLRQESYWYNDVGTVASVDKGANVIYPVTVRFEKVNYSNLNTNNFGVSELEEVS O,e,E
7 'polypeptide(L)'
;MKGRMFSWLLGCLMVLCLSPLVLAEPLGNTIPCSESQAFKDLKDARINGLKEKIAATDPATQYAKDLTASMELWEYRYAN
YEKNASCDKDSGQPHLIVDGRLSHAGDFIIPSILFLWLAGALGWAGRDYLLKTQNAMDEILIDFSKAVPSLVLGLAWPLF
AIPQILSGAIRDNRVKP
;
P,f,F
8 'polypeptide(L)' MNVYPWLVYVTTLVFPLVSLAALFILIERDTI Q,i,I
9 'polypeptide(L)' MKIPFLSLAPISGALFIIGSVVVLALANIYAKYPLLHPLVP R,j,J
10 'polypeptide(L)'
;MQSLSRGMVSTDDFQVGTLLTPVNNSPFIKFFINNLPINRPGLDPFFRGLEVGMAHGYWLFGPFVVLGPLRLTAFRPPDI
EQLSILAALISAIVVVVAGTLALSLYATVGPDDDTKFGAEGWSRFAGGWLIGGGGGALFAALLYLFRGPLLVMLLGIIPG
;
S,l,L
#
# COMPACT_ATOMS: atom_id res chain seq x y z
N THR A 13 18.71 -76.15 -23.85
CA THR A 13 18.25 -77.52 -23.69
C THR A 13 19.42 -78.51 -23.55
N ARG A 14 19.07 -79.80 -23.67
CA ARG A 14 19.90 -81.01 -23.77
C ARG A 14 20.55 -81.46 -22.45
N ALA A 15 20.45 -80.64 -21.40
CA ALA A 15 20.93 -80.91 -20.03
C ALA A 15 22.41 -81.32 -20.00
N THR A 16 23.26 -80.38 -20.36
CA THR A 16 24.69 -80.65 -20.50
C THR A 16 25.35 -80.51 -19.13
N VAL A 17 25.81 -81.63 -18.57
CA VAL A 17 26.13 -81.81 -17.16
C VAL A 17 27.53 -82.41 -17.04
N ASP A 18 28.41 -81.86 -16.16
CA ASP A 18 29.76 -82.46 -16.07
C ASP A 18 29.73 -83.54 -14.99
N ASN A 19 30.77 -84.38 -15.02
CA ASN A 19 30.85 -85.53 -14.14
C ASN A 19 32.02 -85.38 -13.18
N ASN A 20 31.71 -85.47 -11.87
CA ASN A 20 32.60 -85.42 -10.71
C ASN A 20 33.57 -84.24 -10.66
N PRO A 21 33.12 -83.00 -10.36
CA PRO A 21 34.13 -81.94 -10.13
C PRO A 21 34.84 -82.02 -8.78
N VAL A 22 34.15 -82.40 -7.71
CA VAL A 22 34.66 -82.29 -6.36
C VAL A 22 34.69 -83.68 -5.72
N PRO A 23 35.85 -84.16 -5.26
CA PRO A 23 35.86 -85.40 -4.47
C PRO A 23 35.30 -85.16 -3.07
N THR A 24 34.69 -86.21 -2.52
CA THR A 24 34.03 -86.14 -1.22
C THR A 24 35.04 -86.53 -0.14
N SER A 25 35.49 -85.54 0.63
CA SER A 25 36.56 -85.72 1.60
C SER A 25 36.22 -84.99 2.91
N ILE A 26 37.10 -85.16 3.90
CA ILE A 26 36.99 -84.59 5.23
C ILE A 26 38.14 -83.57 5.45
N GLU A 27 39.01 -83.44 4.46
CA GLU A 27 40.26 -82.69 4.58
C GLU A 27 40.04 -81.18 4.72
N LYS A 28 38.97 -80.63 4.15
CA LYS A 28 38.66 -79.23 4.35
C LYS A 28 37.84 -78.95 5.59
N TRP A 29 37.36 -79.99 6.30
CA TRP A 29 36.65 -79.77 7.55
C TRP A 29 37.60 -79.34 8.67
N GLY A 30 38.83 -79.84 8.65
CA GLY A 30 39.84 -79.45 9.60
C GLY A 30 40.54 -78.14 9.31
N LYS A 31 40.20 -77.51 8.19
CA LYS A 31 40.76 -76.21 7.81
C LYS A 31 39.60 -75.23 7.57
N PRO A 32 39.14 -74.52 8.60
CA PRO A 32 38.19 -73.44 8.39
C PRO A 32 38.83 -72.29 7.65
N GLY A 33 38.01 -71.58 6.87
CA GLY A 33 38.51 -70.46 6.10
C GLY A 33 39.31 -70.84 4.88
N TRP A 34 39.08 -72.02 4.33
CA TRP A 34 39.80 -72.46 3.14
C TRP A 34 39.38 -71.67 1.90
N PHE A 35 38.16 -71.12 1.90
CA PHE A 35 37.52 -70.66 0.68
C PHE A 35 37.97 -69.27 0.23
N GLU A 36 38.61 -68.51 1.10
CA GLU A 36 39.08 -67.18 0.76
C GLU A 36 40.55 -67.11 1.13
N ARG A 37 41.30 -66.28 0.39
CA ARG A 37 42.76 -66.34 0.46
C ARG A 37 43.30 -65.75 1.76
N SER A 38 42.67 -64.69 2.28
CA SER A 38 43.14 -64.10 3.53
C SER A 38 42.74 -64.96 4.72
N LEU A 39 41.61 -65.68 4.62
CA LEU A 39 41.22 -66.60 5.68
C LEU A 39 42.07 -67.87 5.69
N ALA A 40 42.64 -68.23 4.55
CA ALA A 40 43.40 -69.47 4.41
C ALA A 40 44.77 -69.41 5.06
N ARG A 41 45.27 -68.22 5.40
CA ARG A 41 46.56 -68.09 6.04
C ARG A 41 46.54 -68.45 7.52
N GLY A 42 45.35 -68.59 8.11
CA GLY A 42 45.24 -68.95 9.50
C GLY A 42 44.66 -67.82 10.32
N PRO A 43 44.10 -68.14 11.49
CA PRO A 43 43.59 -67.09 12.39
C PRO A 43 44.77 -66.35 12.99
N LYS A 44 44.82 -65.08 12.80
CA LYS A 44 45.82 -64.39 13.59
C LYS A 44 45.18 -63.49 14.62
N THR A 45 44.11 -62.81 14.26
CA THR A 45 43.28 -62.00 15.15
C THR A 45 41.89 -62.60 15.23
N THR A 46 41.01 -61.94 16.00
CA THR A 46 39.63 -62.42 16.09
C THR A 46 38.76 -61.99 14.92
N THR A 47 39.19 -61.01 14.09
CA THR A 47 38.30 -60.54 13.02
C THR A 47 38.16 -61.59 11.93
N TRP A 48 39.17 -62.49 11.83
CA TRP A 48 39.14 -63.70 10.99
C TRP A 48 37.90 -64.52 11.27
N ILE A 49 37.54 -64.64 12.57
CA ILE A 49 36.36 -65.36 13.02
C ILE A 49 35.09 -64.77 12.43
N TRP A 50 34.96 -63.43 12.49
CA TRP A 50 33.80 -62.80 11.88
C TRP A 50 33.93 -62.79 10.36
N ASP A 51 35.17 -62.71 9.86
CA ASP A 51 35.39 -62.82 8.43
C ASP A 51 35.21 -64.25 7.94
N LEU A 52 35.26 -65.22 8.85
CA LEU A 52 34.85 -66.57 8.48
C LEU A 52 33.35 -66.66 8.25
N HIS A 53 32.56 -65.89 9.00
CA HIS A 53 31.12 -66.06 8.91
C HIS A 53 30.50 -65.16 7.87
N ALA A 54 31.04 -63.97 7.64
CA ALA A 54 30.47 -63.03 6.68
C ALA A 54 30.76 -63.39 5.23
N LEU A 55 31.76 -64.24 4.98
CA LEU A 55 32.14 -64.62 3.61
C LEU A 55 31.78 -66.05 3.27
N ALA A 56 30.98 -66.71 4.12
CA ALA A 56 30.70 -68.13 3.94
C ALA A 56 29.77 -68.38 2.76
N HIS A 57 28.82 -67.48 2.53
CA HIS A 57 27.87 -67.64 1.44
C HIS A 57 28.10 -66.61 0.34
N ASP A 58 29.20 -65.87 0.40
CA ASP A 58 29.59 -64.99 -0.69
C ASP A 58 30.47 -65.86 -1.59
N PHE A 59 29.82 -66.57 -2.52
CA PHE A 59 30.54 -67.47 -3.40
C PHE A 59 31.31 -66.73 -4.49
N GLU A 60 30.99 -65.46 -4.74
CA GLU A 60 31.67 -64.71 -5.79
C GLU A 60 33.06 -64.23 -5.38
N VAL A 61 33.35 -64.13 -4.09
CA VAL A 61 34.70 -63.82 -3.65
C VAL A 61 35.48 -65.06 -3.26
N GLN A 62 34.87 -66.24 -3.41
CA GLN A 62 35.55 -67.49 -3.13
C GLN A 62 36.18 -68.06 -4.40
N THR A 63 35.39 -68.16 -5.46
CA THR A 63 35.90 -68.53 -6.77
C THR A 63 35.43 -67.50 -7.80
N SER A 64 36.23 -67.32 -8.84
CA SER A 64 35.95 -66.34 -9.87
C SER A 64 35.20 -66.92 -11.07
N ASP A 65 34.97 -68.23 -11.08
CA ASP A 65 34.33 -68.90 -12.21
C ASP A 65 32.84 -68.93 -11.95
N ARG A 66 32.07 -68.30 -12.84
CA ARG A 66 30.63 -68.09 -12.65
C ARG A 66 29.85 -69.38 -12.74
N GLU A 67 30.38 -70.35 -13.47
CA GLU A 67 29.78 -71.68 -13.57
C GLU A 67 29.78 -72.40 -12.23
N ASP A 68 30.95 -72.46 -11.57
CA ASP A 68 31.11 -73.11 -10.26
C ASP A 68 30.31 -72.35 -9.20
N ILE A 69 30.21 -71.03 -9.37
CA ILE A 69 29.39 -70.15 -8.54
C ILE A 69 27.94 -70.59 -8.62
N ALA A 70 27.45 -70.82 -9.84
CA ALA A 70 26.07 -71.25 -10.08
C ALA A 70 25.78 -72.64 -9.51
N ARG A 71 26.78 -73.55 -9.57
CA ARG A 71 26.61 -74.87 -8.94
C ARG A 71 26.58 -74.78 -7.41
N LYS A 72 27.38 -73.88 -6.81
CA LYS A 72 27.34 -73.67 -5.37
C LYS A 72 25.98 -73.12 -4.91
N ILE A 73 25.42 -72.17 -5.68
CA ILE A 73 24.08 -71.64 -5.44
C ILE A 73 23.01 -72.73 -5.58
N PHE A 74 23.18 -73.62 -6.56
CA PHE A 74 22.21 -74.70 -6.80
C PHE A 74 22.20 -75.73 -5.66
N ALA A 75 23.39 -76.17 -5.22
CA ALA A 75 23.49 -77.11 -4.09
C ALA A 75 23.06 -76.46 -2.77
N ALA A 76 23.28 -75.15 -2.65
CA ALA A 76 22.74 -74.39 -1.52
C ALA A 76 21.21 -74.37 -1.51
N HIS A 77 20.58 -74.30 -2.69
CA HIS A 77 19.12 -74.37 -2.77
C HIS A 77 18.59 -75.73 -2.33
N PHE A 78 19.25 -76.81 -2.73
CA PHE A 78 18.83 -78.14 -2.28
C PHE A 78 19.00 -78.32 -0.78
N GLY A 79 20.11 -77.81 -0.22
CA GLY A 79 20.33 -77.90 1.21
C GLY A 79 19.34 -77.07 2.01
N HIS A 80 18.94 -75.92 1.47
CA HIS A 80 17.91 -75.12 2.12
C HIS A 80 16.54 -75.78 2.08
N LEU A 81 16.17 -76.38 0.94
CA LEU A 81 14.91 -77.10 0.86
C LEU A 81 14.90 -78.32 1.78
N GLY A 82 16.07 -78.93 2.01
CA GLY A 82 16.22 -79.94 3.04
C GLY A 82 15.97 -79.44 4.45
N ILE A 83 16.55 -78.28 4.81
CA ILE A 83 16.36 -77.71 6.16
C ILE A 83 14.91 -77.26 6.38
N VAL A 84 14.25 -76.75 5.33
CA VAL A 84 12.82 -76.40 5.43
C VAL A 84 11.95 -77.65 5.60
N PHE A 85 12.34 -78.76 4.95
CA PHE A 85 11.66 -80.03 5.21
C PHE A 85 11.93 -80.57 6.61
N ILE A 86 13.12 -80.31 7.18
CA ILE A 86 13.38 -80.67 8.58
C ILE A 86 12.49 -79.90 9.54
N TRP A 87 12.31 -78.59 9.30
CA TRP A 87 11.41 -77.76 10.11
C TRP A 87 9.96 -78.18 9.97
N ALA A 88 9.55 -78.51 8.73
CA ALA A 88 8.23 -79.02 8.46
C ALA A 88 7.97 -80.33 9.20
N SER A 89 8.96 -81.23 9.17
CA SER A 89 8.90 -82.47 9.93
C SER A 89 8.85 -82.22 11.42
N ILE A 90 9.56 -81.19 11.91
CA ILE A 90 9.62 -80.90 13.35
C ILE A 90 8.25 -80.46 13.90
N PHE A 91 7.54 -79.57 13.17
CA PHE A 91 6.18 -79.32 13.66
C PHE A 91 5.21 -80.46 13.33
N PHE A 92 5.51 -81.31 12.34
CA PHE A 92 4.63 -82.47 12.15
C PHE A 92 4.84 -83.55 13.23
N PHE A 93 6.09 -83.77 13.71
CA PHE A 93 6.32 -84.61 14.88
C PHE A 93 5.66 -84.04 16.14
N TYR A 94 5.73 -82.72 16.33
CA TYR A 94 5.13 -82.15 17.53
C TYR A 94 3.60 -82.17 17.47
N GLY A 95 3.03 -82.06 16.27
CA GLY A 95 1.60 -82.26 16.13
C GLY A 95 1.19 -83.71 16.17
N ALA A 96 2.13 -84.63 15.98
CA ALA A 96 1.82 -86.05 15.92
C ALA A 96 2.12 -86.82 17.21
N LEU A 97 2.90 -86.28 18.14
CA LEU A 97 3.17 -86.98 19.39
C LEU A 97 2.60 -86.32 20.62
N SER A 98 2.78 -85.02 20.78
CA SER A 98 2.48 -84.32 22.04
C SER A 98 1.51 -83.17 21.79
N SER A 99 0.44 -83.45 21.05
CA SER A 99 -0.57 -82.46 20.72
C SER A 99 -1.93 -82.88 21.28
N ASN A 100 -2.88 -81.94 21.25
CA ASN A 100 -4.27 -82.23 21.59
C ASN A 100 -5.15 -82.38 20.36
N TYR A 101 -4.58 -82.84 19.24
CA TYR A 101 -5.29 -82.82 17.96
C TYR A 101 -6.42 -83.85 17.89
N ALA A 102 -6.34 -84.92 18.69
CA ALA A 102 -7.42 -85.90 18.72
C ALA A 102 -8.65 -85.37 19.43
N SER A 103 -8.49 -84.34 20.27
CA SER A 103 -9.61 -83.66 20.90
C SER A 103 -9.88 -82.27 20.34
N TRP A 104 -8.92 -81.69 19.61
CA TRP A 104 -9.14 -80.38 18.99
C TRP A 104 -10.03 -80.50 17.76
N ILE A 105 -10.06 -81.67 17.12
CA ILE A 105 -10.91 -81.91 15.97
C ILE A 105 -12.39 -81.95 16.35
N ASP A 106 -12.72 -82.31 17.60
CA ASP A 106 -14.10 -82.30 18.06
C ASP A 106 -14.51 -80.97 18.65
N ASN A 107 -13.57 -80.22 19.25
CA ASN A 107 -13.83 -78.87 19.75
C ASN A 107 -12.81 -77.90 19.18
N PRO A 108 -13.02 -77.40 17.96
CA PRO A 108 -12.10 -76.40 17.40
C PRO A 108 -12.32 -74.99 17.92
N THR A 109 -13.42 -74.74 18.63
CA THR A 109 -13.80 -73.41 19.06
C THR A 109 -13.71 -73.19 20.57
N GLY A 110 -13.75 -74.26 21.35
CA GLY A 110 -13.69 -74.13 22.79
C GLY A 110 -12.41 -74.67 23.40
N LEU A 111 -11.59 -75.32 22.59
CA LEU A 111 -10.30 -75.84 23.04
C LEU A 111 -9.18 -75.08 22.35
N ARG A 112 -8.26 -74.54 23.14
CA ARG A 112 -7.14 -73.81 22.60
C ARG A 112 -6.12 -74.79 22.02
N PRO A 113 -5.62 -74.54 20.80
CA PRO A 113 -4.75 -75.51 20.14
C PRO A 113 -3.32 -75.48 20.70
N SER A 114 -2.78 -76.68 20.92
CA SER A 114 -1.46 -76.83 21.52
C SER A 114 -0.79 -78.07 20.98
N ALA A 115 0.53 -78.00 20.79
CA ALA A 115 1.30 -79.17 20.40
C ALA A 115 2.64 -79.25 21.12
N GLN A 116 2.77 -78.63 22.29
CA GLN A 116 4.02 -78.61 23.03
C GLN A 116 3.70 -78.37 24.50
N PHE A 117 4.32 -79.14 25.39
CA PHE A 117 4.23 -78.90 26.82
C PHE A 117 5.61 -78.61 27.42
N ALA A 118 5.60 -78.16 28.66
CA ALA A 118 6.81 -77.96 29.44
C ALA A 118 6.94 -79.08 30.48
N ILE A 119 8.07 -79.79 30.48
CA ILE A 119 8.27 -80.98 31.30
C ILE A 119 8.45 -80.62 32.78
N PRO A 120 8.15 -81.57 33.74
CA PRO A 120 8.18 -81.24 35.19
C PRO A 120 9.53 -80.92 35.85
N VAL A 121 10.17 -79.79 35.51
CA VAL A 121 11.57 -79.47 35.84
C VAL A 121 11.70 -77.94 35.97
N PHE A 122 12.33 -77.46 37.07
CA PHE A 122 12.56 -76.05 37.47
C PHE A 122 11.33 -75.19 37.72
N GLY A 123 10.11 -75.72 37.75
CA GLY A 123 8.97 -74.86 38.03
C GLY A 123 8.33 -74.23 36.83
N GLN A 124 8.57 -74.74 35.63
CA GLN A 124 8.10 -74.14 34.38
C GLN A 124 6.68 -74.55 34.00
N GLU A 125 5.96 -75.21 34.91
CA GLU A 125 4.84 -76.03 34.50
C GLU A 125 3.57 -75.27 34.75
N VAL A 126 3.73 -74.12 35.40
CA VAL A 126 2.79 -73.01 35.33
C VAL A 126 2.67 -72.46 33.93
N LEU A 127 3.66 -72.66 33.04
CA LEU A 127 3.55 -72.33 31.63
C LEU A 127 2.53 -73.18 30.88
N ASN A 128 2.15 -74.33 31.41
CA ASN A 128 1.11 -75.17 30.82
C ASN A 128 -0.26 -74.55 31.07
N ASP A 129 -0.93 -74.13 30.00
CA ASP A 129 -2.24 -73.51 30.04
C ASP A 129 -3.28 -74.60 30.32
N PRO A 130 -4.10 -74.50 31.38
CA PRO A 130 -5.17 -75.50 31.53
C PRO A 130 -6.42 -75.30 30.68
N ALA A 131 -6.42 -74.40 29.67
CA ALA A 131 -7.45 -74.38 28.65
C ALA A 131 -7.06 -75.19 27.42
N THR A 132 -5.89 -75.84 27.45
CA THR A 132 -5.49 -76.83 26.46
C THR A 132 -5.58 -78.26 26.97
N ALA A 133 -5.97 -78.45 28.23
CA ALA A 133 -6.00 -79.78 28.81
C ALA A 133 -7.25 -80.52 28.35
N ALA A 134 -7.05 -81.61 27.62
CA ALA A 134 -8.13 -82.49 27.18
C ALA A 134 -7.57 -83.90 27.13
N LYS A 135 -8.31 -84.82 26.52
CA LYS A 135 -7.96 -86.24 26.55
C LYS A 135 -6.79 -86.55 25.61
N GLY A 136 -5.84 -87.31 26.12
CA GLY A 136 -4.55 -87.54 25.49
C GLY A 136 -3.49 -86.55 25.94
N PHE A 137 -3.83 -85.27 25.89
CA PHE A 137 -2.93 -84.19 26.28
C PHE A 137 -3.33 -83.69 27.67
N GLU A 138 -3.23 -84.58 28.66
CA GLU A 138 -3.68 -84.24 30.01
C GLU A 138 -2.55 -83.68 30.85
N GLN A 139 -1.89 -82.62 30.38
CA GLN A 139 -0.86 -81.96 31.15
C GLN A 139 -0.96 -80.45 31.13
N GLY A 140 -1.74 -79.88 30.21
CA GLY A 140 -1.62 -78.48 29.85
C GLY A 140 -0.52 -78.27 28.83
N GLY A 141 -0.44 -77.11 28.22
CA GLY A 141 0.58 -76.91 27.21
C GLY A 141 0.72 -75.48 26.80
N ILE A 142 1.69 -75.26 25.92
CA ILE A 142 1.94 -73.96 25.33
C ILE A 142 0.93 -73.77 24.20
N VAL A 143 0.14 -72.70 24.30
CA VAL A 143 -0.82 -72.41 23.24
C VAL A 143 -0.04 -71.88 22.05
N MET A 144 -0.30 -72.43 20.88
CA MET A 144 0.42 -71.97 19.72
C MET A 144 -0.41 -70.95 18.94
N THR A 145 0.28 -70.15 18.14
CA THR A 145 -0.36 -69.08 17.37
C THR A 145 -0.12 -69.24 15.87
N SER A 146 0.45 -70.36 15.43
CA SER A 146 0.78 -70.53 14.02
C SER A 146 -0.41 -70.92 13.16
N GLY A 147 -1.47 -71.43 13.77
CA GLY A 147 -2.63 -71.86 13.01
C GLY A 147 -2.41 -73.10 12.20
N LEU A 148 -1.49 -73.96 12.63
CA LEU A 148 -1.24 -75.22 11.96
C LEU A 148 -2.44 -76.14 12.03
N PHE A 149 -3.14 -76.19 13.16
CA PHE A 149 -4.27 -77.09 13.36
C PHE A 149 -5.46 -76.74 12.47
N HIS A 150 -5.72 -75.47 12.21
CA HIS A 150 -6.82 -75.10 11.32
C HIS A 150 -6.52 -75.35 9.84
N LEU A 151 -5.28 -75.08 9.41
CA LEU A 151 -4.73 -75.63 8.17
C LEU A 151 -4.94 -77.12 8.05
N TRP A 152 -4.59 -77.85 9.10
CA TRP A 152 -4.70 -79.30 9.13
C TRP A 152 -6.15 -79.79 9.12
N ARG A 153 -7.07 -79.05 9.74
CA ARG A 153 -8.47 -79.41 9.68
C ARG A 153 -9.05 -79.11 8.30
N ALA A 154 -8.55 -78.05 7.65
CA ALA A 154 -9.06 -77.71 6.32
C ALA A 154 -8.57 -78.65 5.23
N VAL A 155 -7.39 -79.24 5.40
CA VAL A 155 -6.91 -80.15 4.37
C VAL A 155 -7.28 -81.60 4.65
N GLY A 156 -7.86 -81.89 5.80
CA GLY A 156 -8.47 -83.16 6.07
C GLY A 156 -7.81 -84.08 7.11
N TYR A 157 -6.94 -83.57 7.97
CA TYR A 157 -6.38 -84.40 9.05
C TYR A 157 -7.39 -84.57 10.17
N THR A 158 -7.69 -85.82 10.48
CA THR A 158 -8.54 -86.20 11.61
C THR A 158 -7.84 -87.13 12.59
N ASN A 159 -6.54 -87.38 12.42
CA ASN A 159 -5.89 -88.47 13.14
C ASN A 159 -4.40 -88.15 13.26
N GLN A 160 -3.76 -88.64 14.33
CA GLN A 160 -2.41 -88.25 14.67
C GLN A 160 -1.35 -89.18 14.05
N THR A 161 -1.74 -90.42 13.68
CA THR A 161 -0.81 -91.34 13.04
C THR A 161 -0.54 -90.96 11.59
N GLN A 162 -1.49 -90.34 10.91
CA GLN A 162 -1.23 -89.88 9.55
C GLN A 162 -0.42 -88.58 9.58
N LEU A 163 -0.52 -87.85 10.68
CA LEU A 163 0.38 -86.72 10.95
C LEU A 163 1.81 -87.22 11.16
N LEU A 164 1.95 -88.36 11.86
CA LEU A 164 3.24 -89.06 11.97
C LEU A 164 3.77 -89.54 10.62
N ALA A 165 2.88 -90.00 9.74
CA ALA A 165 3.30 -90.41 8.40
C ALA A 165 3.79 -89.23 7.56
N THR A 166 3.14 -88.06 7.71
CA THR A 166 3.59 -86.84 7.06
C THR A 166 4.95 -86.40 7.59
N ALA A 167 5.15 -86.57 8.90
CA ALA A 167 6.41 -86.27 9.56
C ALA A 167 7.57 -87.14 9.06
N VAL A 168 7.33 -88.45 8.94
CA VAL A 168 8.32 -89.38 8.40
C VAL A 168 8.60 -89.08 6.91
N GLY A 169 7.54 -88.77 6.15
CA GLY A 169 7.71 -88.41 4.74
C GLY A 169 8.45 -87.10 4.53
N ALA A 170 8.31 -86.16 5.46
CA ALA A 170 9.07 -84.91 5.37
C ALA A 170 10.54 -85.11 5.74
N LEU A 171 10.84 -86.05 6.66
CA LEU A 171 12.25 -86.40 6.89
C LEU A 171 12.87 -87.12 5.69
N VAL A 172 12.09 -88.00 5.04
CA VAL A 172 12.55 -88.66 3.81
C VAL A 172 12.76 -87.64 2.70
N ALA A 173 11.89 -86.63 2.62
CA ALA A 173 12.05 -85.58 1.62
C ALA A 173 13.24 -84.67 1.92
N ALA A 174 13.53 -84.42 3.20
CA ALA A 174 14.76 -83.72 3.59
C ALA A 174 16.00 -84.49 3.19
N GLY A 175 15.98 -85.82 3.40
CA GLY A 175 17.07 -86.67 2.92
C GLY A 175 17.21 -86.69 1.41
N LEU A 176 16.08 -86.62 0.68
CA LEU A 176 16.12 -86.54 -0.77
C LEU A 176 16.71 -85.21 -1.26
N MET A 177 16.38 -84.10 -0.57
CA MET A 177 16.96 -82.81 -0.97
C MET A 177 18.45 -82.74 -0.64
N PHE A 178 18.88 -83.35 0.47
CA PHE A 178 20.31 -83.41 0.76
C PHE A 178 21.07 -84.30 -0.22
N PHE A 179 20.48 -85.44 -0.61
CA PHE A 179 21.13 -86.29 -1.59
C PHE A 179 21.11 -85.65 -2.98
N GLY A 180 20.10 -84.84 -3.28
CA GLY A 180 20.11 -84.06 -4.51
C GLY A 180 21.19 -83.00 -4.53
N GLY A 181 21.43 -82.35 -3.38
CA GLY A 181 22.53 -81.39 -3.30
C GLY A 181 23.90 -82.02 -3.42
N TRP A 182 24.11 -83.16 -2.76
CA TRP A 182 25.38 -83.86 -2.85
C TRP A 182 25.58 -84.48 -4.24
N PHE A 183 24.50 -84.90 -4.90
CA PHE A 183 24.60 -85.46 -6.24
C PHE A 183 24.88 -84.38 -7.27
N HIS A 184 24.17 -83.26 -7.18
CA HIS A 184 24.30 -82.21 -8.18
C HIS A 184 25.40 -81.22 -7.86
N TYR A 185 26.14 -81.42 -6.78
CA TYR A 185 27.42 -80.75 -6.64
C TYR A 185 28.61 -81.68 -6.80
N HIS A 186 28.64 -82.82 -6.12
CA HIS A 186 29.87 -83.59 -6.01
C HIS A 186 30.03 -84.67 -7.06
N VAL A 187 28.94 -85.19 -7.60
CA VAL A 187 28.98 -86.32 -8.51
C VAL A 187 28.70 -85.89 -9.94
N ARG A 188 27.65 -85.11 -10.15
CA ARG A 188 27.16 -84.89 -11.50
C ARG A 188 26.49 -83.52 -11.51
N ALA A 189 27.25 -82.49 -11.88
CA ALA A 189 26.87 -81.11 -11.62
C ALA A 189 26.61 -80.37 -12.93
N PRO A 190 25.61 -79.50 -13.00
CA PRO A 190 25.29 -78.88 -14.29
C PRO A 190 26.21 -77.71 -14.65
N LYS A 191 26.22 -77.38 -15.93
CA LYS A 191 27.12 -76.33 -16.40
C LYS A 191 26.40 -74.99 -16.47
N LEU A 192 27.14 -73.96 -16.90
CA LEU A 192 26.60 -72.61 -16.97
C LEU A 192 25.59 -72.45 -18.09
N GLU A 193 25.68 -73.29 -19.13
CA GLU A 193 24.73 -73.21 -20.24
C GLU A 193 23.36 -73.75 -19.85
N TRP A 194 23.31 -74.61 -18.83
CA TRP A 194 22.03 -75.13 -18.34
C TRP A 194 21.22 -74.06 -17.61
N PHE A 195 21.88 -73.16 -16.88
CA PHE A 195 21.18 -72.18 -16.06
C PHE A 195 20.59 -71.05 -16.89
N GLN A 196 21.20 -70.71 -18.04
CA GLN A 196 20.85 -69.48 -18.72
C GLN A 196 19.70 -69.62 -19.72
N ASN A 197 19.16 -70.82 -19.94
CA ASN A 197 17.93 -70.96 -20.72
C ASN A 197 16.70 -70.71 -19.83
N VAL A 198 16.51 -69.42 -19.56
CA VAL A 198 15.47 -68.89 -18.70
C VAL A 198 14.05 -69.06 -19.26
N GLU A 199 13.94 -69.26 -20.58
CA GLU A 199 12.66 -69.48 -21.23
C GLU A 199 12.03 -70.79 -20.78
N SER A 200 12.75 -71.90 -20.91
CA SER A 200 12.33 -73.21 -20.44
C SER A 200 12.12 -73.28 -18.94
N MET A 201 12.88 -72.51 -18.16
CA MET A 201 12.73 -72.63 -16.71
C MET A 201 11.49 -71.86 -16.26
N LEU A 202 11.19 -70.75 -16.95
CA LEU A 202 9.90 -70.10 -16.77
C LEU A 202 8.72 -70.96 -17.24
N ASN A 203 8.86 -71.65 -18.39
CA ASN A 203 7.79 -72.55 -18.86
C ASN A 203 7.56 -73.72 -17.93
N HIS A 204 8.60 -74.18 -17.23
CA HIS A 204 8.39 -75.32 -16.33
C HIS A 204 8.26 -74.93 -14.88
N HIS A 205 8.37 -73.65 -14.54
CA HIS A 205 7.90 -73.18 -13.25
C HIS A 205 6.50 -72.61 -13.29
N LEU A 206 5.97 -72.30 -14.47
CA LEU A 206 4.57 -71.92 -14.53
C LEU A 206 3.66 -73.14 -14.70
N ALA A 207 3.86 -73.91 -15.77
CA ALA A 207 2.96 -75.01 -16.06
C ALA A 207 3.22 -76.20 -15.15
N GLY A 208 4.47 -76.44 -14.78
CA GLY A 208 4.79 -77.62 -13.99
C GLY A 208 4.83 -77.41 -12.49
N LEU A 209 5.45 -76.32 -12.03
CA LEU A 209 5.55 -76.08 -10.60
C LEU A 209 4.27 -75.49 -10.04
N LEU A 210 3.79 -74.39 -10.63
CA LEU A 210 2.60 -73.75 -10.11
C LEU A 210 1.34 -74.38 -10.67
N GLY A 211 1.35 -74.69 -11.98
CA GLY A 211 0.22 -75.26 -12.68
C GLY A 211 -0.18 -76.65 -12.25
N LEU A 212 0.75 -77.61 -12.36
CA LEU A 212 0.48 -78.95 -11.85
C LEU A 212 0.45 -79.00 -10.34
N GLY A 213 1.09 -78.06 -9.66
CA GLY A 213 1.03 -78.02 -8.20
C GLY A 213 -0.37 -77.70 -7.70
N SER A 214 -0.98 -76.65 -8.25
CA SER A 214 -2.34 -76.35 -7.87
C SER A 214 -3.37 -77.21 -8.59
N LEU A 215 -3.00 -77.89 -9.69
CA LEU A 215 -3.88 -78.91 -10.26
C LEU A 215 -3.93 -80.16 -9.39
N ALA A 216 -2.78 -80.61 -8.89
CA ALA A 216 -2.73 -81.70 -7.93
C ALA A 216 -3.31 -81.29 -6.59
N TRP A 217 -3.22 -80.00 -6.26
CA TRP A 217 -3.87 -79.54 -5.04
C TRP A 217 -5.38 -79.51 -5.20
N THR A 218 -5.87 -79.17 -6.40
CA THR A 218 -7.28 -79.26 -6.70
C THR A 218 -7.76 -80.71 -6.60
N GLY A 219 -6.91 -81.64 -7.07
CA GLY A 219 -7.16 -83.07 -6.87
C GLY A 219 -7.26 -83.48 -5.41
N HIS A 220 -6.36 -82.94 -4.55
CA HIS A 220 -6.50 -83.15 -3.11
C HIS A 220 -7.77 -82.57 -2.52
N LEU A 221 -8.16 -81.36 -2.94
CA LEU A 221 -9.36 -80.73 -2.38
C LEU A 221 -10.62 -81.51 -2.72
N ILE A 222 -10.78 -81.86 -4.01
CA ILE A 222 -11.89 -82.66 -4.51
C ILE A 222 -11.95 -84.05 -3.88
N HIS A 223 -10.82 -84.76 -3.80
CA HIS A 223 -10.95 -86.13 -3.31
C HIS A 223 -10.96 -86.19 -1.78
N VAL A 224 -10.16 -85.37 -1.10
CA VAL A 224 -10.00 -85.49 0.34
C VAL A 224 -10.64 -84.32 1.08
N ALA A 225 -10.36 -83.08 0.69
CA ALA A 225 -10.55 -81.98 1.63
C ALA A 225 -11.98 -81.47 1.66
N LEU A 226 -12.65 -81.41 0.50
CA LEU A 226 -14.08 -81.07 0.52
C LEU A 226 -14.98 -82.11 1.20
N PRO A 227 -14.86 -83.44 0.98
CA PRO A 227 -15.75 -84.34 1.74
C PRO A 227 -15.48 -84.41 3.24
N VAL A 228 -14.21 -84.39 3.70
CA VAL A 228 -13.90 -84.44 5.12
C VAL A 228 -14.36 -83.17 5.85
N ASN A 229 -14.24 -82.01 5.19
CA ASN A 229 -14.77 -80.78 5.78
C ASN A 229 -16.30 -80.74 5.76
N GLN A 230 -16.93 -81.41 4.78
CA GLN A 230 -18.39 -81.52 4.82
C GLN A 230 -18.86 -82.46 5.94
N MET A 231 -18.10 -83.53 6.23
CA MET A 231 -18.41 -84.36 7.40
C MET A 231 -18.17 -83.63 8.72
N LEU A 232 -17.12 -82.80 8.79
CA LEU A 232 -16.89 -82.05 10.02
C LEU A 232 -17.90 -80.93 10.21
N ASP A 233 -18.47 -80.43 9.11
CA ASP A 233 -19.50 -79.39 9.23
C ASP A 233 -20.91 -79.96 9.37
N LYS A 234 -21.16 -81.21 8.98
CA LYS A 234 -22.49 -81.76 9.17
C LYS A 234 -22.71 -82.37 10.54
N GLY A 235 -21.65 -82.57 11.34
CA GLY A 235 -21.81 -82.86 12.74
C GLY A 235 -21.25 -84.18 13.24
N MET A 236 -20.57 -85.00 12.43
CA MET A 236 -20.02 -86.24 12.95
C MET A 236 -18.62 -86.00 13.53
N LYS A 237 -18.17 -86.93 14.35
CA LYS A 237 -16.98 -86.77 15.18
C LYS A 237 -15.76 -87.30 14.43
N ALA A 238 -14.65 -87.51 15.16
CA ALA A 238 -13.36 -87.88 14.59
C ALA A 238 -13.32 -89.30 14.05
N ALA A 239 -14.29 -90.15 14.38
CA ALA A 239 -14.39 -91.49 13.81
C ALA A 239 -14.83 -91.35 12.36
N ASP A 240 -13.84 -91.27 11.48
CA ASP A 240 -14.14 -91.05 10.07
C ASP A 240 -13.61 -92.21 9.25
N ILE A 241 -13.84 -92.13 7.96
CA ILE A 241 -13.23 -93.03 6.98
C ILE A 241 -12.16 -92.16 6.31
N PRO A 242 -10.89 -92.58 6.29
CA PRO A 242 -9.92 -91.98 5.40
C PRO A 242 -9.57 -92.73 4.10
N LEU A 243 -9.65 -94.09 4.07
CA LEU A 243 -9.53 -94.89 2.84
C LEU A 243 -10.74 -95.36 1.98
N PRO A 244 -11.93 -95.70 2.49
CA PRO A 244 -13.04 -96.12 1.60
C PRO A 244 -13.94 -95.03 0.99
N HIS A 245 -13.64 -93.73 0.95
CA HIS A 245 -14.49 -92.81 0.18
C HIS A 245 -13.79 -92.31 -1.06
N GLU A 246 -12.68 -92.96 -1.40
CA GLU A 246 -11.78 -92.63 -2.49
C GLU A 246 -11.86 -93.58 -3.67
N TYR A 247 -11.24 -93.12 -4.75
CA TYR A 247 -10.82 -93.87 -5.93
C TYR A 247 -12.00 -94.44 -6.70
N ALA A 248 -11.73 -95.40 -7.58
CA ALA A 248 -12.75 -95.88 -8.51
C ALA A 248 -13.78 -96.76 -7.81
N PHE A 249 -13.33 -97.65 -6.92
CA PHE A 249 -14.17 -98.68 -6.30
C PHE A 249 -15.22 -98.13 -5.35
N SER A 250 -15.11 -96.87 -4.92
CA SER A 250 -16.16 -96.16 -4.20
C SER A 250 -16.45 -94.83 -4.88
N THR A 251 -16.63 -94.90 -6.21
CA THR A 251 -17.05 -93.74 -7.02
C THR A 251 -18.40 -93.22 -6.57
N GLU A 252 -19.32 -94.14 -6.21
CA GLU A 252 -20.60 -93.79 -5.61
C GLU A 252 -20.46 -93.11 -4.24
N ALA A 253 -19.33 -93.30 -3.54
CA ALA A 253 -19.08 -92.55 -2.32
C ALA A 253 -18.83 -91.07 -2.61
N MET A 254 -18.36 -90.74 -3.82
CA MET A 254 -18.35 -89.34 -4.24
C MET A 254 -19.76 -88.83 -4.52
N GLY A 255 -20.70 -89.73 -4.81
CA GLY A 255 -22.11 -89.36 -4.89
C GLY A 255 -22.84 -89.29 -3.57
N ASN A 256 -22.30 -89.93 -2.52
CA ASN A 256 -22.93 -89.86 -1.20
C ASN A 256 -22.61 -88.59 -0.44
N PHE A 257 -21.61 -87.83 -0.86
CA PHE A 257 -21.25 -86.59 -0.17
C PHE A 257 -21.88 -85.38 -0.82
N PHE A 258 -21.61 -85.15 -2.10
CA PHE A 258 -22.30 -84.09 -2.82
C PHE A 258 -22.45 -84.45 -4.30
N PRO A 259 -23.02 -85.67 -4.65
CA PRO A 259 -23.44 -86.03 -6.03
C PRO A 259 -22.47 -85.82 -7.19
N SER A 260 -21.62 -86.80 -7.51
CA SER A 260 -20.53 -86.60 -8.46
C SER A 260 -21.04 -86.63 -9.91
N PHE A 261 -21.62 -85.49 -10.32
CA PHE A 261 -22.12 -85.17 -11.68
C PHE A 261 -23.18 -86.19 -12.07
N LYS A 262 -23.07 -86.84 -13.23
CA LYS A 262 -23.93 -87.96 -13.58
C LYS A 262 -23.29 -89.30 -13.24
N GLN A 263 -22.15 -89.62 -13.87
CA GLN A 263 -21.45 -90.88 -13.64
C GLN A 263 -20.00 -90.73 -14.05
N GLY A 264 -19.09 -90.70 -13.07
CA GLY A 264 -17.67 -90.80 -13.34
C GLY A 264 -17.05 -89.54 -13.93
N LEU A 265 -15.92 -89.74 -14.61
CA LEU A 265 -15.23 -88.69 -15.36
C LEU A 265 -15.65 -88.64 -16.82
N LEU A 266 -16.68 -89.41 -17.19
CA LEU A 266 -17.36 -89.25 -18.48
C LEU A 266 -17.94 -87.86 -18.82
N PRO A 267 -18.60 -87.08 -17.93
CA PRO A 267 -18.89 -85.69 -18.34
C PRO A 267 -17.68 -84.74 -18.37
N PHE A 268 -16.48 -85.17 -17.97
CA PHE A 268 -15.28 -84.37 -18.24
C PHE A 268 -14.84 -84.48 -19.69
N PHE A 269 -14.92 -85.68 -20.27
CA PHE A 269 -14.40 -85.86 -21.62
C PHE A 269 -15.41 -85.41 -22.68
N THR A 270 -16.70 -85.37 -22.33
CA THR A 270 -17.74 -85.00 -23.29
C THR A 270 -18.06 -83.51 -23.32
N GLY A 271 -17.56 -82.73 -22.37
CA GLY A 271 -17.63 -81.27 -22.49
C GLY A 271 -18.81 -80.59 -21.82
N ASN A 272 -19.80 -81.31 -21.31
CA ASN A 272 -20.84 -80.68 -20.51
C ASN A 272 -20.33 -80.38 -19.09
N TRP A 273 -19.91 -79.14 -18.88
CA TRP A 273 -19.24 -78.72 -17.66
C TRP A 273 -20.21 -78.31 -16.55
N ALA A 274 -21.49 -78.12 -16.86
CA ALA A 274 -22.43 -77.54 -15.92
C ALA A 274 -22.91 -78.52 -14.86
N VAL A 275 -22.68 -79.83 -15.05
CA VAL A 275 -23.09 -80.82 -14.06
C VAL A 275 -22.11 -80.95 -12.91
N TYR A 276 -20.97 -80.27 -12.98
CA TYR A 276 -20.04 -80.14 -11.86
C TYR A 276 -20.26 -78.88 -11.04
N SER A 277 -21.44 -78.28 -11.09
CA SER A 277 -21.71 -77.02 -10.36
C SER A 277 -22.29 -77.25 -8.97
N ASP A 278 -21.57 -78.06 -8.20
CA ASP A 278 -21.90 -78.41 -6.83
C ASP A 278 -20.67 -78.54 -5.95
N PHE A 279 -19.51 -78.80 -6.54
CA PHE A 279 -18.22 -78.86 -5.88
C PHE A 279 -17.18 -78.06 -6.64
N LEU A 280 -17.58 -77.35 -7.69
CA LEU A 280 -16.86 -76.21 -8.31
C LEU A 280 -17.91 -75.10 -8.49
N THR A 281 -18.00 -74.22 -7.51
CA THR A 281 -18.98 -73.13 -7.55
C THR A 281 -18.27 -71.79 -7.67
N PHE A 282 -19.07 -70.72 -7.76
CA PHE A 282 -18.60 -69.35 -7.72
C PHE A 282 -19.57 -68.56 -6.81
N LYS A 283 -19.72 -69.08 -5.58
CA LYS A 283 -20.74 -68.53 -4.67
C LYS A 283 -20.33 -67.15 -4.15
N GLY A 284 -19.08 -66.98 -3.74
CA GLY A 284 -18.70 -65.68 -3.22
C GLY A 284 -17.81 -65.71 -1.99
N GLY A 285 -18.27 -65.09 -0.91
CA GLY A 285 -17.42 -64.74 0.20
C GLY A 285 -17.19 -65.83 1.23
N LEU A 286 -17.60 -65.58 2.46
CA LEU A 286 -17.31 -66.47 3.57
C LEU A 286 -18.56 -67.26 3.96
N ASN A 287 -18.35 -68.47 4.49
CA ASN A 287 -19.44 -69.32 4.97
C ASN A 287 -19.91 -68.82 6.35
N PRO A 288 -21.22 -68.62 6.56
CA PRO A 288 -21.71 -68.25 7.90
C PRO A 288 -21.51 -69.31 8.97
N GLN A 289 -21.50 -70.60 8.61
CA GLN A 289 -21.42 -71.67 9.59
C GLN A 289 -20.03 -71.77 10.21
N THR A 290 -18.97 -71.62 9.41
CA THR A 290 -17.62 -71.82 9.89
C THR A 290 -16.74 -70.58 9.82
N GLY A 291 -17.25 -69.47 9.27
CA GLY A 291 -16.48 -68.24 9.23
C GLY A 291 -15.39 -68.20 8.21
N SER A 292 -15.43 -69.07 7.21
CA SER A 292 -14.30 -69.24 6.31
C SER A 292 -14.80 -69.37 4.88
N LEU A 293 -13.86 -69.47 3.94
CA LEU A 293 -14.19 -69.65 2.54
C LEU A 293 -14.85 -70.99 2.30
N TRP A 294 -15.81 -70.98 1.37
CA TRP A 294 -16.41 -72.21 0.88
C TRP A 294 -15.36 -73.03 0.15
N MET A 295 -15.31 -74.32 0.47
CA MET A 295 -14.27 -75.19 -0.03
C MET A 295 -14.43 -75.50 -1.52
N THR A 296 -15.67 -75.46 -2.03
CA THR A 296 -15.92 -75.63 -3.45
C THR A 296 -15.40 -74.45 -4.25
N ASP A 297 -15.52 -73.23 -3.68
CA ASP A 297 -14.93 -72.04 -4.29
C ASP A 297 -13.41 -72.12 -4.29
N ILE A 298 -12.84 -72.72 -3.24
CA ILE A 298 -11.39 -72.94 -3.14
C ILE A 298 -10.91 -73.95 -4.18
N ALA A 299 -11.69 -75.00 -4.41
CA ALA A 299 -11.31 -76.01 -5.41
C ALA A 299 -11.43 -75.46 -6.83
N HIS A 300 -12.50 -74.69 -7.10
CA HIS A 300 -12.68 -74.10 -8.42
C HIS A 300 -11.68 -72.97 -8.67
N HIS A 301 -11.30 -72.26 -7.59
CA HIS A 301 -10.14 -71.37 -7.58
C HIS A 301 -8.88 -72.02 -8.08
N HIS A 302 -8.42 -73.06 -7.37
CA HIS A 302 -7.12 -73.63 -7.66
C HIS A 302 -7.12 -74.35 -9.00
N LEU A 303 -8.28 -74.83 -9.43
CA LEU A 303 -8.41 -75.34 -10.79
C LEU A 303 -8.33 -74.23 -11.85
N ALA A 304 -8.99 -73.08 -11.64
CA ALA A 304 -8.95 -72.02 -12.66
C ALA A 304 -7.58 -71.36 -12.74
N ILE A 305 -6.92 -71.14 -11.60
CA ILE A 305 -5.56 -70.64 -11.69
C ILE A 305 -4.58 -71.74 -12.07
N ALA A 306 -4.93 -73.03 -11.86
CA ALA A 306 -4.11 -74.14 -12.32
C ALA A 306 -4.08 -74.17 -13.83
N VAL A 307 -5.26 -74.09 -14.44
CA VAL A 307 -5.42 -73.98 -15.90
C VAL A 307 -4.65 -72.79 -16.44
N MET A 308 -4.83 -71.60 -15.84
CA MET A 308 -4.21 -70.38 -16.37
C MET A 308 -2.69 -70.34 -16.12
N PHE A 309 -2.19 -71.10 -15.13
CA PHE A 309 -0.75 -71.32 -15.02
C PHE A 309 -0.20 -72.34 -16.03
N ILE A 310 -0.99 -73.33 -16.47
CA ILE A 310 -0.51 -74.17 -17.60
C ILE A 310 -0.54 -73.39 -18.92
N ILE A 311 -1.54 -72.52 -19.14
CA ILE A 311 -1.46 -71.54 -20.24
C ILE A 311 -0.26 -70.59 -20.08
N ALA A 312 0.06 -70.17 -18.86
CA ALA A 312 1.20 -69.26 -18.64
C ALA A 312 2.55 -69.89 -18.95
N GLY A 313 2.68 -71.22 -18.83
CA GLY A 313 3.91 -71.90 -19.18
C GLY A 313 3.97 -72.39 -20.62
N HIS A 314 3.17 -71.78 -21.49
CA HIS A 314 3.15 -72.10 -22.90
C HIS A 314 3.54 -70.89 -23.74
N MET A 315 4.24 -69.95 -23.13
CA MET A 315 4.46 -68.64 -23.73
C MET A 315 5.82 -68.51 -24.42
N TYR A 316 6.88 -68.98 -23.76
CA TYR A 316 8.23 -68.72 -24.23
C TYR A 316 8.73 -69.83 -25.13
N ARG A 317 9.49 -69.45 -26.16
CA ARG A 317 9.87 -70.38 -27.21
C ARG A 317 11.05 -71.23 -26.77
N THR A 318 10.92 -72.55 -26.96
CA THR A 318 11.99 -73.49 -26.68
C THR A 318 12.19 -74.37 -27.90
N ASN A 319 13.42 -74.42 -28.42
CA ASN A 319 13.75 -75.18 -29.61
C ASN A 319 14.53 -76.44 -29.25
N GLY A 320 14.18 -77.54 -29.90
CA GLY A 320 14.85 -78.80 -29.65
C GLY A 320 14.50 -79.86 -30.70
N PRO A 321 14.58 -81.14 -30.31
CA PRO A 321 14.21 -82.22 -31.25
C PRO A 321 12.71 -82.40 -31.43
N TRP A 322 11.88 -81.70 -30.66
CA TRP A 322 10.44 -81.69 -30.89
C TRP A 322 10.14 -80.92 -32.17
N ASN A 323 9.43 -81.57 -33.11
CA ASN A 323 9.31 -81.11 -34.49
C ASN A 323 8.44 -79.86 -34.64
N PRO A 324 7.12 -79.97 -34.42
CA PRO A 324 6.26 -78.79 -34.57
C PRO A 324 6.33 -77.87 -33.37
N LEU A 325 6.73 -78.40 -32.21
CA LEU A 325 6.97 -77.58 -31.04
C LEU A 325 8.20 -76.71 -31.23
N GLY A 326 8.12 -75.47 -30.75
CA GLY A 326 9.17 -74.51 -31.01
C GLY A 326 8.62 -73.20 -31.54
N LEU A 327 7.32 -72.99 -31.35
CA LEU A 327 6.70 -71.70 -31.62
C LEU A 327 6.49 -70.97 -30.30
N GLY A 328 6.68 -69.67 -30.31
CA GLY A 328 6.54 -68.91 -29.08
C GLY A 328 7.34 -67.62 -29.13
N HIS A 329 7.83 -67.22 -27.95
CA HIS A 329 8.55 -65.98 -27.79
C HIS A 329 9.95 -66.22 -27.24
N SER A 330 10.91 -65.47 -27.77
CA SER A 330 12.16 -65.26 -27.06
C SER A 330 11.99 -63.98 -26.25
N ILE A 331 12.52 -64.01 -25.02
CA ILE A 331 12.35 -62.90 -24.07
C ILE A 331 13.15 -61.68 -24.54
N LYS A 332 14.28 -61.95 -25.19
CA LYS A 332 15.19 -60.92 -25.69
C LYS A 332 14.55 -60.07 -26.79
N GLU A 333 13.79 -60.69 -27.69
CA GLU A 333 13.10 -59.95 -28.75
C GLU A 333 11.97 -59.10 -28.21
N ILE A 334 11.28 -59.59 -27.16
CA ILE A 334 10.23 -58.82 -26.49
C ILE A 334 10.84 -57.60 -25.81
N LEU A 335 11.96 -57.79 -25.12
CA LEU A 335 12.60 -56.71 -24.37
C LEU A 335 13.21 -55.69 -25.33
N GLU A 336 13.83 -56.15 -26.42
CA GLU A 336 14.38 -55.27 -27.43
C GLU A 336 13.33 -54.80 -28.44
N ALA A 337 12.06 -55.13 -28.23
CA ALA A 337 11.01 -54.51 -29.03
C ALA A 337 10.41 -53.29 -28.36
N HIS A 338 10.58 -53.14 -27.04
CA HIS A 338 9.93 -52.07 -26.29
C HIS A 338 10.98 -50.99 -26.06
N LYS A 339 10.93 -49.94 -26.87
CA LYS A 339 11.98 -48.92 -26.90
C LYS A 339 11.53 -47.57 -26.37
N GLY A 340 10.57 -46.94 -27.02
CA GLY A 340 10.12 -45.62 -26.67
C GLY A 340 11.04 -44.48 -27.08
N PRO A 341 10.47 -43.29 -27.25
CA PRO A 341 11.30 -42.09 -27.45
C PRO A 341 11.75 -41.39 -26.17
N PHE A 342 11.02 -41.58 -25.07
CA PHE A 342 11.43 -41.04 -23.79
C PHE A 342 12.57 -41.84 -23.17
N THR A 343 12.61 -43.15 -23.44
CA THR A 343 13.47 -44.06 -22.71
C THR A 343 14.58 -44.65 -23.56
N GLY A 344 14.90 -44.01 -24.69
CA GLY A 344 16.05 -44.38 -25.50
C GLY A 344 15.97 -45.74 -26.14
N GLU A 345 16.78 -46.66 -25.65
CA GLU A 345 16.89 -47.95 -26.28
C GLU A 345 16.25 -49.03 -25.39
N GLY A 346 15.50 -48.60 -24.38
CA GLY A 346 14.51 -49.46 -23.73
C GLY A 346 15.12 -50.57 -22.92
N HIS A 347 14.66 -51.78 -23.14
CA HIS A 347 15.08 -52.92 -22.34
C HIS A 347 16.19 -53.75 -23.01
N LYS A 348 16.96 -53.19 -23.96
CA LYS A 348 18.10 -53.94 -24.48
C LYS A 348 19.23 -53.96 -23.47
N GLY A 349 19.73 -55.16 -23.16
CA GLY A 349 20.73 -55.34 -22.17
C GLY A 349 20.18 -56.04 -20.95
N LEU A 350 18.89 -55.87 -20.70
CA LEU A 350 18.25 -56.42 -19.50
C LEU A 350 18.13 -57.93 -19.58
N TYR A 351 18.09 -58.50 -20.78
CA TYR A 351 18.17 -59.95 -20.92
C TYR A 351 19.57 -60.45 -20.55
N GLU A 352 20.61 -59.73 -21.00
CA GLU A 352 21.99 -60.09 -20.65
C GLU A 352 22.29 -59.82 -19.18
N VAL A 353 21.73 -58.74 -18.62
CA VAL A 353 21.69 -58.52 -17.16
C VAL A 353 21.07 -59.69 -16.43
N LEU A 354 19.89 -60.09 -16.83
CA LEU A 354 19.17 -61.06 -16.01
C LEU A 354 19.58 -62.50 -16.32
N THR A 355 20.41 -62.72 -17.36
CA THR A 355 20.95 -64.04 -17.64
C THR A 355 22.43 -64.16 -17.31
N THR A 356 23.10 -63.08 -16.90
CA THR A 356 24.46 -63.23 -16.37
C THR A 356 24.64 -62.78 -14.92
N SER A 357 23.67 -62.09 -14.32
CA SER A 357 23.81 -61.63 -12.94
C SER A 357 22.81 -62.34 -12.05
N TRP A 358 23.32 -62.98 -11.00
CA TRP A 358 22.47 -63.61 -10.00
C TRP A 358 21.84 -62.59 -9.04
N HIS A 359 22.54 -61.50 -8.75
CA HIS A 359 22.07 -60.52 -7.76
C HIS A 359 20.89 -59.73 -8.29
N ALA A 360 20.83 -59.50 -9.60
CA ALA A 360 19.69 -58.80 -10.19
C ALA A 360 18.43 -59.64 -10.14
N GLN A 361 18.57 -60.93 -10.43
CA GLN A 361 17.48 -61.90 -10.31
C GLN A 361 17.03 -62.03 -8.86
N LEU A 362 17.99 -62.04 -7.93
CA LEU A 362 17.65 -62.15 -6.52
C LEU A 362 16.98 -60.88 -6.00
N ALA A 363 17.35 -59.72 -6.54
CA ALA A 363 16.71 -58.46 -6.18
C ALA A 363 15.24 -58.42 -6.61
N ILE A 364 14.97 -58.84 -7.86
CA ILE A 364 13.60 -58.92 -8.37
C ILE A 364 12.80 -59.94 -7.56
N ASN A 365 13.42 -61.07 -7.25
CA ASN A 365 12.73 -62.19 -6.64
C ASN A 365 12.42 -61.94 -5.16
N LEU A 366 13.37 -61.33 -4.43
CA LEU A 366 13.10 -60.90 -3.05
C LEU A 366 12.05 -59.79 -2.98
N ALA A 367 12.03 -58.87 -3.97
CA ALA A 367 10.97 -57.85 -4.02
C ALA A 367 9.60 -58.47 -4.23
N MET A 368 9.53 -59.48 -5.10
CA MET A 368 8.26 -60.10 -5.44
C MET A 368 7.76 -61.00 -4.32
N VAL A 369 8.62 -61.81 -3.72
CA VAL A 369 8.19 -62.71 -2.65
C VAL A 369 7.91 -61.94 -1.35
N GLY A 370 8.64 -60.86 -1.07
CA GLY A 370 8.30 -60.03 0.09
C GLY A 370 7.00 -59.27 -0.09
N SER A 371 6.79 -58.72 -1.29
CA SER A 371 5.51 -58.10 -1.64
C SER A 371 4.38 -59.10 -1.56
N LEU A 372 4.63 -60.33 -2.00
CA LEU A 372 3.61 -61.37 -2.02
C LEU A 372 3.27 -61.86 -0.61
N SER A 373 4.25 -61.90 0.30
CA SER A 373 3.98 -62.23 1.69
C SER A 373 3.17 -61.15 2.40
N ILE A 374 3.40 -59.88 2.04
CA ILE A 374 2.55 -58.79 2.53
C ILE A 374 1.12 -58.89 1.97
N ILE A 375 1.00 -59.21 0.67
CA ILE A 375 -0.27 -59.52 0.02
C ILE A 375 -0.99 -60.68 0.72
N VAL A 376 -0.24 -61.72 1.09
CA VAL A 376 -0.74 -62.89 1.85
C VAL A 376 -1.27 -62.48 3.23
N ALA A 377 -0.53 -61.60 3.92
CA ALA A 377 -0.93 -61.08 5.23
C ALA A 377 -2.27 -60.35 5.19
N HIS A 378 -2.48 -59.54 4.14
CA HIS A 378 -3.79 -58.88 3.98
C HIS A 378 -4.90 -59.86 3.64
N HIS A 379 -4.67 -60.78 2.70
CA HIS A 379 -5.82 -61.50 2.20
C HIS A 379 -6.24 -62.63 3.12
N MET A 380 -5.39 -63.03 4.07
CA MET A 380 -5.83 -64.11 4.91
C MET A 380 -6.61 -63.66 6.14
N TYR A 381 -6.42 -62.43 6.63
CA TYR A 381 -7.46 -61.97 7.56
C TYR A 381 -8.69 -61.57 6.74
N ALA A 382 -8.47 -61.07 5.52
CA ALA A 382 -9.53 -60.44 4.76
C ALA A 382 -10.56 -61.45 4.26
N MET A 383 -10.08 -62.53 3.65
CA MET A 383 -10.79 -63.79 3.47
C MET A 383 -10.15 -64.83 4.36
N ASN A 384 -10.94 -65.40 5.27
CA ASN A 384 -10.44 -66.41 6.19
C ASN A 384 -10.39 -67.73 5.42
N PRO A 385 -9.25 -68.43 5.37
CA PRO A 385 -9.19 -69.59 4.48
C PRO A 385 -9.64 -70.86 5.17
N TYR A 386 -9.39 -70.92 6.49
CA TYR A 386 -9.44 -72.17 7.22
C TYR A 386 -10.56 -72.13 8.25
N PRO A 387 -11.22 -73.25 8.52
CA PRO A 387 -12.32 -73.26 9.48
C PRO A 387 -11.96 -72.86 10.91
N TYR A 388 -12.81 -72.00 11.51
CA TYR A 388 -12.76 -71.52 12.89
C TYR A 388 -11.46 -70.82 13.26
N MET A 389 -10.86 -70.18 12.26
CA MET A 389 -9.51 -69.65 12.32
C MET A 389 -9.55 -68.19 12.70
N GLY A 390 -10.53 -67.46 12.14
CA GLY A 390 -10.69 -66.05 12.36
C GLY A 390 -11.20 -65.69 13.73
N ILE A 391 -11.77 -66.65 14.46
CA ILE A 391 -12.17 -66.38 15.84
C ILE A 391 -11.02 -66.62 16.81
N ASP A 392 -10.01 -67.38 16.42
CA ASP A 392 -8.83 -67.57 17.27
C ASP A 392 -7.98 -66.33 16.97
N TYR A 393 -8.16 -65.30 17.81
CA TYR A 393 -7.52 -64.01 17.56
C TYR A 393 -5.99 -63.94 17.72
N PRO A 394 -5.31 -64.70 18.64
CA PRO A 394 -3.82 -64.72 18.60
C PRO A 394 -3.23 -65.23 17.29
N THR A 395 -3.94 -66.11 16.61
CA THR A 395 -3.47 -66.61 15.33
C THR A 395 -3.59 -65.54 14.24
N GLN A 396 -4.67 -64.74 14.28
CA GLN A 396 -4.89 -63.66 13.31
C GLN A 396 -3.85 -62.55 13.45
N ILE A 397 -3.61 -62.09 14.69
CA ILE A 397 -2.53 -61.12 14.95
C ILE A 397 -1.17 -61.70 14.60
N SER A 398 -0.97 -63.00 14.83
CA SER A 398 0.35 -63.56 14.65
C SER A 398 0.68 -63.83 13.19
N LEU A 399 -0.30 -64.21 12.37
CA LEU A 399 0.03 -64.49 10.99
C LEU A 399 0.10 -63.23 10.16
N PHE A 400 -0.77 -62.23 10.47
CA PHE A 400 -0.61 -60.91 9.85
C PHE A 400 0.74 -60.32 10.19
N THR A 401 1.12 -60.37 11.48
CA THR A 401 2.36 -59.78 11.94
C THR A 401 3.58 -60.51 11.39
N HIS A 402 3.51 -61.86 11.37
CA HIS A 402 4.56 -62.71 10.80
C HIS A 402 4.81 -62.43 9.32
N HIS A 403 3.74 -62.45 8.50
CA HIS A 403 3.94 -62.31 7.07
C HIS A 403 4.27 -60.88 6.68
N MET A 404 3.85 -59.91 7.49
CA MET A 404 4.32 -58.54 7.32
C MET A 404 5.81 -58.40 7.57
N TRP A 405 6.31 -59.02 8.65
CA TRP A 405 7.72 -58.88 8.97
C TRP A 405 8.60 -59.60 7.96
N ILE A 406 8.22 -60.82 7.55
CA ILE A 406 8.96 -61.55 6.52
C ILE A 406 8.93 -60.81 5.19
N GLY A 407 7.80 -60.17 4.87
CA GLY A 407 7.70 -59.36 3.67
C GLY A 407 8.60 -58.13 3.67
N GLY A 408 8.67 -57.43 4.81
CA GLY A 408 9.55 -56.27 4.91
C GLY A 408 11.04 -56.62 4.84
N PHE A 409 11.42 -57.74 5.47
CA PHE A 409 12.80 -58.22 5.40
C PHE A 409 13.24 -58.57 3.99
N LEU A 410 12.41 -59.31 3.25
CA LEU A 410 12.70 -59.59 1.84
C LEU A 410 12.67 -58.36 0.93
N ILE A 411 11.90 -57.32 1.24
CA ILE A 411 12.03 -56.09 0.45
C ILE A 411 13.35 -55.36 0.73
N VAL A 412 13.84 -55.41 1.97
CA VAL A 412 15.13 -54.80 2.27
C VAL A 412 16.28 -55.58 1.61
N GLY A 413 16.14 -56.91 1.54
CA GLY A 413 17.09 -57.71 0.78
C GLY A 413 17.02 -57.52 -0.72
N ALA A 414 15.85 -57.14 -1.23
CA ALA A 414 15.72 -56.77 -2.63
C ALA A 414 16.52 -55.52 -2.96
N GLY A 415 16.39 -54.48 -2.11
CA GLY A 415 17.23 -53.30 -2.24
C GLY A 415 18.71 -53.58 -2.05
N ALA A 416 19.02 -54.55 -1.17
CA ALA A 416 20.39 -55.00 -0.93
C ALA A 416 21.01 -55.59 -2.19
N HIS A 417 20.38 -56.61 -2.79
CA HIS A 417 20.99 -57.25 -3.93
C HIS A 417 20.86 -56.48 -5.23
N ALA A 418 19.94 -55.50 -5.30
CA ALA A 418 20.01 -54.55 -6.40
C ALA A 418 21.25 -53.68 -6.29
N ALA A 419 21.59 -53.25 -5.08
CA ALA A 419 22.84 -52.50 -4.90
C ALA A 419 24.08 -53.40 -5.08
N ILE A 420 23.98 -54.68 -4.71
CA ILE A 420 25.11 -55.62 -4.89
C ILE A 420 25.34 -55.89 -6.37
N PHE A 421 24.26 -55.97 -7.17
CA PHE A 421 24.39 -55.98 -8.63
C PHE A 421 25.08 -54.74 -9.13
N MET A 422 24.68 -53.57 -8.62
CA MET A 422 25.20 -52.32 -9.14
C MET A 422 26.68 -52.14 -8.79
N VAL A 423 27.11 -52.68 -7.65
CA VAL A 423 28.54 -52.72 -7.32
C VAL A 423 29.27 -53.73 -8.21
N ARG A 424 28.78 -54.97 -8.27
CA ARG A 424 29.58 -56.07 -8.79
C ARG A 424 29.35 -56.34 -10.27
N ASP A 425 28.09 -56.55 -10.67
CA ASP A 425 27.79 -57.11 -11.98
C ASP A 425 27.38 -56.06 -13.01
N TYR A 426 27.55 -54.77 -12.72
CA TYR A 426 27.24 -53.75 -13.71
C TYR A 426 28.34 -53.70 -14.76
N ASP A 427 27.95 -53.82 -16.02
CA ASP A 427 28.85 -53.66 -17.14
C ASP A 427 28.37 -52.47 -17.95
N PRO A 428 29.21 -51.46 -18.18
CA PRO A 428 28.77 -50.31 -19.01
C PRO A 428 28.54 -50.65 -20.47
N ALA A 429 29.19 -51.68 -21.00
CA ALA A 429 29.01 -52.06 -22.40
C ALA A 429 27.64 -52.67 -22.67
N VAL A 430 27.15 -53.49 -21.74
CA VAL A 430 25.81 -54.03 -21.84
C VAL A 430 24.78 -52.93 -21.62
N ASN A 431 25.01 -52.07 -20.63
CA ASN A 431 24.02 -51.08 -20.25
C ASN A 431 24.36 -49.72 -20.88
N GLN A 432 24.18 -49.70 -22.20
CA GLN A 432 24.34 -48.50 -23.02
C GLN A 432 22.96 -48.06 -23.47
N ASN A 433 22.49 -46.91 -22.94
CA ASN A 433 21.29 -46.17 -23.29
C ASN A 433 20.02 -47.03 -23.01
N ASN A 434 20.12 -48.00 -22.10
CA ASN A 434 18.93 -48.73 -21.69
C ASN A 434 18.32 -48.00 -20.50
N LEU A 435 17.25 -48.58 -19.95
CA LEU A 435 16.55 -48.02 -18.79
C LEU A 435 17.45 -47.98 -17.56
N LEU A 436 18.27 -49.03 -17.39
CA LEU A 436 19.21 -49.09 -16.28
C LEU A 436 20.29 -48.02 -16.38
N ASP A 437 20.71 -47.65 -17.60
CA ASP A 437 21.71 -46.60 -17.75
C ASP A 437 21.13 -45.22 -17.48
N ARG A 438 19.97 -44.91 -18.07
CA ARG A 438 19.38 -43.58 -17.93
C ARG A 438 18.76 -43.35 -16.56
N VAL A 439 18.48 -44.41 -15.80
CA VAL A 439 18.14 -44.24 -14.39
C VAL A 439 19.35 -43.70 -13.62
N LEU A 440 20.54 -44.22 -13.95
CA LEU A 440 21.78 -43.71 -13.35
C LEU A 440 22.16 -42.32 -13.85
N ARG A 441 21.62 -41.87 -14.99
CA ARG A 441 21.91 -40.53 -15.46
C ARG A 441 21.02 -39.46 -14.81
N HIS A 442 19.93 -39.83 -14.16
CA HIS A 442 19.09 -38.82 -13.52
C HIS A 442 18.72 -39.26 -12.11
N ARG A 443 19.66 -39.98 -11.47
CA ARG A 443 19.50 -40.48 -10.10
C ARG A 443 19.36 -39.35 -9.07
N ASP A 444 19.90 -38.16 -9.35
CA ASP A 444 19.74 -37.02 -8.47
C ASP A 444 18.31 -36.53 -8.44
N ALA A 445 17.63 -36.55 -9.60
CA ALA A 445 16.24 -36.15 -9.69
C ALA A 445 15.32 -37.14 -8.97
N ILE A 446 15.62 -38.44 -9.10
CA ILE A 446 14.82 -39.48 -8.45
C ILE A 446 14.96 -39.41 -6.94
N ILE A 447 16.20 -39.33 -6.43
CA ILE A 447 16.43 -39.33 -4.99
C ILE A 447 16.00 -38.01 -4.36
N SER A 448 16.17 -36.89 -5.06
CA SER A 448 15.73 -35.61 -4.52
C SER A 448 14.21 -35.47 -4.52
N HIS A 449 13.53 -36.01 -5.53
CA HIS A 449 12.07 -35.93 -5.57
C HIS A 449 11.46 -36.89 -4.58
N LEU A 450 12.15 -38.01 -4.39
CA LEU A 450 11.81 -38.95 -3.36
C LEU A 450 12.01 -38.34 -1.98
N ASN A 451 13.06 -37.53 -1.80
CA ASN A 451 13.33 -36.84 -0.55
C ASN A 451 12.24 -35.81 -0.25
N TRP A 452 11.77 -35.10 -1.29
CA TRP A 452 10.66 -34.17 -1.14
C TRP A 452 9.35 -34.86 -0.78
N VAL A 453 9.03 -36.02 -1.40
CA VAL A 453 7.73 -36.60 -1.12
C VAL A 453 7.76 -37.30 0.25
N CYS A 454 8.93 -37.76 0.71
CA CYS A 454 9.07 -38.20 2.10
C CYS A 454 8.90 -37.07 3.10
N LEU A 455 9.43 -35.88 2.79
CA LEU A 455 9.18 -34.74 3.68
C LEU A 455 7.71 -34.35 3.70
N PHE A 456 7.05 -34.35 2.53
CA PHE A 456 5.63 -34.02 2.43
C PHE A 456 4.76 -35.01 3.20
N LEU A 457 5.05 -36.31 3.05
CA LEU A 457 4.29 -37.33 3.75
C LEU A 457 4.51 -37.27 5.24
N GLY A 458 5.74 -36.98 5.68
CA GLY A 458 6.01 -36.89 7.09
C GLY A 458 5.38 -35.72 7.78
N PHE A 459 5.44 -34.52 7.15
CA PHE A 459 4.75 -33.36 7.70
C PHE A 459 3.24 -33.58 7.69
N HIS A 460 2.69 -34.01 6.56
CA HIS A 460 1.26 -34.08 6.38
C HIS A 460 0.66 -35.38 6.90
N SER A 461 1.42 -36.19 7.62
CA SER A 461 0.81 -37.22 8.43
C SER A 461 1.18 -37.08 9.90
N PHE A 462 2.48 -37.03 10.20
CA PHE A 462 2.92 -36.94 11.59
C PHE A 462 2.63 -35.58 12.22
N GLY A 463 2.76 -34.48 11.47
CA GLY A 463 2.41 -33.19 12.00
C GLY A 463 0.92 -33.05 12.25
N LEU A 464 0.10 -33.81 11.51
CA LEU A 464 -1.31 -33.94 11.86
C LEU A 464 -1.49 -34.62 13.21
N TYR A 465 -0.74 -35.71 13.47
CA TYR A 465 -0.77 -36.37 14.78
C TYR A 465 -0.28 -35.46 15.92
N VAL A 466 0.79 -34.71 15.67
CA VAL A 466 1.36 -33.75 16.62
C VAL A 466 0.41 -32.60 16.87
N HIS A 467 -0.29 -32.14 15.82
CA HIS A 467 -1.35 -31.15 15.93
C HIS A 467 -2.47 -31.68 16.81
N ASN A 468 -2.84 -32.96 16.65
CA ASN A 468 -3.90 -33.52 17.49
C ASN A 468 -3.50 -33.64 18.95
N ASP A 469 -2.24 -34.01 19.22
CA ASP A 469 -1.70 -33.98 20.59
C ASP A 469 -1.75 -32.58 21.18
N THR A 470 -1.43 -31.59 20.36
CA THR A 470 -1.39 -30.21 20.82
C THR A 470 -2.79 -29.68 21.11
N MET A 471 -3.73 -29.80 20.15
CA MET A 471 -5.08 -29.28 20.37
C MET A 471 -5.87 -30.07 21.39
N GLN A 472 -5.55 -31.34 21.62
CA GLN A 472 -6.27 -32.02 22.67
C GLN A 472 -5.67 -31.66 24.01
N ALA A 473 -4.37 -31.37 24.04
CA ALA A 473 -3.74 -30.91 25.27
C ALA A 473 -4.17 -29.49 25.63
N LEU A 474 -4.31 -28.60 24.64
CA LEU A 474 -4.75 -27.23 24.87
C LEU A 474 -6.24 -27.07 25.15
N GLY A 475 -7.01 -28.16 25.20
CA GLY A 475 -8.43 -28.01 25.46
C GLY A 475 -9.24 -27.59 24.26
N ARG A 476 -8.78 -27.94 23.05
CA ARG A 476 -9.50 -27.63 21.81
C ARG A 476 -9.79 -28.91 21.03
N PRO A 477 -10.77 -29.72 21.46
CA PRO A 477 -11.07 -30.96 20.70
C PRO A 477 -11.73 -30.76 19.35
N GLY A 478 -12.40 -29.62 19.11
CA GLY A 478 -12.96 -29.33 17.81
C GLY A 478 -11.96 -28.86 16.79
N ASP A 479 -10.77 -28.48 17.23
CA ASP A 479 -9.68 -28.03 16.37
C ASP A 479 -8.87 -29.19 15.82
N MET A 480 -9.22 -30.40 16.20
CA MET A 480 -8.46 -31.59 15.87
C MET A 480 -8.81 -32.08 14.47
N PHE A 481 -7.81 -32.58 13.76
CA PHE A 481 -8.06 -33.47 12.62
C PHE A 481 -8.60 -34.78 13.16
N ALA A 482 -9.93 -34.88 13.19
CA ALA A 482 -10.61 -36.07 13.63
C ALA A 482 -11.96 -36.11 12.96
N ASP A 483 -12.72 -37.16 13.24
CA ASP A 483 -14.06 -37.26 12.69
C ASP A 483 -15.04 -36.30 13.35
N TRP A 484 -14.75 -35.84 14.57
CA TRP A 484 -15.55 -34.82 15.22
C TRP A 484 -15.03 -33.40 14.98
N GLY A 485 -13.87 -33.24 14.35
CA GLY A 485 -13.30 -31.93 14.11
C GLY A 485 -13.09 -31.64 12.65
N ILE A 486 -11.85 -31.35 12.26
CA ILE A 486 -11.51 -31.15 10.85
C ILE A 486 -11.44 -32.53 10.21
N GLN A 487 -12.48 -32.88 9.46
CA GLN A 487 -12.62 -34.23 8.94
C GLN A 487 -11.72 -34.42 7.73
N LEU A 488 -10.97 -35.52 7.72
CA LEU A 488 -10.14 -35.91 6.59
C LEU A 488 -10.68 -37.24 6.08
N GLN A 489 -11.64 -37.17 5.22
CA GLN A 489 -12.32 -38.39 4.86
C GLN A 489 -11.64 -39.07 3.68
N PRO A 490 -11.33 -40.36 3.81
CA PRO A 490 -10.77 -41.11 2.68
C PRO A 490 -11.82 -41.49 1.66
N VAL A 491 -12.19 -40.51 0.83
CA VAL A 491 -13.34 -40.64 -0.05
C VAL A 491 -13.07 -41.60 -1.21
N PHE A 492 -11.81 -41.72 -1.65
CA PHE A 492 -11.50 -42.70 -2.68
C PHE A 492 -11.55 -44.11 -2.13
N ALA A 493 -10.99 -44.32 -0.93
CA ALA A 493 -10.99 -45.64 -0.31
C ALA A 493 -12.38 -46.07 0.11
N GLN A 494 -13.19 -45.13 0.62
CA GLN A 494 -14.59 -45.42 0.96
C GLN A 494 -15.41 -45.72 -0.28
N TRP A 495 -15.09 -45.04 -1.40
CA TRP A 495 -15.80 -45.32 -2.65
C TRP A 495 -15.46 -46.70 -3.20
N ILE A 496 -14.19 -47.11 -3.12
CA ILE A 496 -13.79 -48.47 -3.48
C ILE A 496 -14.35 -49.54 -2.53
N GLN A 497 -14.57 -49.19 -1.25
CA GLN A 497 -15.34 -50.08 -0.36
C GLN A 497 -16.79 -50.24 -0.82
N SER A 498 -17.41 -49.14 -1.26
CA SER A 498 -18.77 -49.20 -1.77
C SER A 498 -18.88 -50.00 -3.07
N VAL A 499 -17.86 -49.89 -3.94
CA VAL A 499 -17.87 -50.64 -5.19
C VAL A 499 -17.66 -52.14 -4.96
N ASN A 500 -16.70 -52.51 -4.09
CA ASN A 500 -16.49 -53.94 -3.87
C ASN A 500 -17.53 -54.56 -2.96
N ALA A 501 -18.23 -53.75 -2.16
CA ALA A 501 -19.37 -54.27 -1.44
C ALA A 501 -20.58 -54.44 -2.36
N ALA A 502 -20.75 -53.54 -3.33
CA ALA A 502 -21.96 -53.51 -4.13
C ALA A 502 -21.94 -54.46 -5.32
N ALA A 503 -20.81 -55.09 -5.62
CA ALA A 503 -20.67 -55.85 -6.86
C ALA A 503 -20.93 -57.34 -6.66
N PHE A 504 -22.14 -57.74 -6.26
CA PHE A 504 -22.44 -59.16 -6.21
C PHE A 504 -23.78 -59.53 -6.83
N GLY A 505 -24.79 -58.68 -6.72
CA GLY A 505 -26.15 -59.07 -7.00
C GLY A 505 -26.48 -59.11 -8.47
N PRO A 506 -27.73 -59.47 -8.78
CA PRO A 506 -28.30 -59.19 -10.09
C PRO A 506 -28.27 -57.70 -10.43
N ASN A 507 -28.08 -57.44 -11.73
CA ASN A 507 -27.90 -56.10 -12.33
C ASN A 507 -26.68 -55.36 -11.76
N SER A 508 -25.64 -56.11 -11.39
CA SER A 508 -24.36 -55.56 -10.97
C SER A 508 -23.29 -55.98 -11.97
N THR A 509 -22.03 -55.69 -11.65
CA THR A 509 -20.91 -55.97 -12.53
C THR A 509 -20.36 -57.38 -12.39
N ALA A 510 -20.82 -58.16 -11.40
CA ALA A 510 -20.53 -59.59 -11.30
C ALA A 510 -21.83 -60.29 -10.93
N PRO A 511 -22.70 -60.57 -11.94
CA PRO A 511 -24.12 -60.93 -11.69
C PRO A 511 -24.46 -62.21 -10.93
N TRP A 512 -23.55 -63.18 -10.91
CA TRP A 512 -23.85 -64.50 -10.37
C TRP A 512 -23.04 -64.77 -9.10
N VAL A 513 -22.96 -63.78 -8.21
CA VAL A 513 -22.24 -63.91 -6.95
C VAL A 513 -23.29 -63.86 -5.83
N SER A 514 -23.22 -64.81 -4.89
CA SER A 514 -24.22 -64.78 -3.82
C SER A 514 -23.82 -63.87 -2.67
N ALA A 515 -22.57 -63.93 -2.21
CA ALA A 515 -22.20 -63.30 -0.95
C ALA A 515 -20.89 -62.52 -1.04
N ALA A 516 -20.72 -61.77 -2.14
CA ALA A 516 -19.70 -60.74 -2.35
C ALA A 516 -18.25 -61.20 -2.22
N THR A 517 -17.32 -60.26 -2.11
CA THR A 517 -15.91 -60.62 -2.01
C THR A 517 -15.53 -60.97 -0.58
N SER A 518 -15.72 -60.02 0.32
CA SER A 518 -15.44 -60.15 1.74
C SER A 518 -16.49 -59.33 2.46
N PRO A 519 -16.77 -59.67 3.72
CA PRO A 519 -17.60 -58.77 4.55
C PRO A 519 -16.88 -57.53 5.05
N VAL A 520 -15.57 -57.37 4.82
CA VAL A 520 -14.88 -56.14 5.23
C VAL A 520 -15.20 -54.94 4.36
N TRP A 521 -15.79 -55.15 3.19
CA TRP A 521 -16.09 -54.06 2.28
C TRP A 521 -17.30 -53.23 2.70
N GLY A 522 -18.09 -53.70 3.66
CA GLY A 522 -19.26 -52.96 4.07
C GLY A 522 -20.53 -53.79 4.12
N GLY A 523 -20.39 -55.12 4.13
CA GLY A 523 -21.57 -55.94 4.29
C GLY A 523 -21.50 -56.97 5.40
N ASN A 524 -22.28 -56.75 6.47
CA ASN A 524 -22.70 -57.69 7.51
C ASN A 524 -21.60 -58.13 8.48
N VAL A 525 -21.96 -58.19 9.76
CA VAL A 525 -21.09 -58.71 10.81
C VAL A 525 -21.38 -60.19 10.99
N LEU A 526 -20.33 -61.02 10.94
CA LEU A 526 -20.48 -62.47 10.90
C LEU A 526 -19.92 -63.08 12.19
N ALA A 527 -20.66 -64.02 12.78
CA ALA A 527 -20.36 -64.56 14.10
C ALA A 527 -20.44 -66.08 14.09
N LEU A 528 -19.75 -66.70 15.06
CA LEU A 528 -19.52 -68.15 15.08
C LEU A 528 -19.85 -68.74 16.45
N PRO A 529 -20.27 -70.01 16.48
CA PRO A 529 -20.45 -70.69 17.78
C PRO A 529 -19.13 -71.04 18.43
N ALA A 530 -19.01 -70.68 19.71
CA ALA A 530 -17.87 -71.05 20.54
C ALA A 530 -18.33 -71.08 21.99
N THR A 531 -17.54 -71.73 22.84
CA THR A 531 -17.95 -71.86 24.23
C THR A 531 -17.60 -70.62 25.04
N VAL A 532 -16.28 -70.41 25.26
CA VAL A 532 -15.66 -69.49 26.22
C VAL A 532 -16.33 -69.70 27.58
N ALA A 533 -15.76 -70.64 28.37
CA ALA A 533 -16.25 -71.15 29.65
C ALA A 533 -17.70 -71.68 29.55
N GLY A 534 -18.67 -70.82 29.85
CA GLY A 534 -20.07 -71.22 29.83
C GLY A 534 -20.99 -70.20 29.19
N GLU A 535 -20.50 -69.52 28.16
CA GLU A 535 -21.19 -68.41 27.53
C GLU A 535 -22.06 -68.89 26.36
N VAL A 536 -22.37 -67.97 25.45
CA VAL A 536 -23.42 -68.04 24.42
C VAL A 536 -22.62 -68.03 23.10
N VAL A 537 -23.25 -67.71 21.97
CA VAL A 537 -22.60 -67.81 20.66
C VAL A 537 -21.37 -66.87 20.52
N GLN A 538 -21.52 -65.54 20.69
CA GLN A 538 -20.55 -64.46 20.42
C GLN A 538 -19.59 -64.63 19.22
N LYS A 539 -18.36 -64.10 19.30
CA LYS A 539 -17.20 -64.43 18.47
C LYS A 539 -17.38 -64.01 17.01
N ILE A 540 -17.36 -62.68 16.84
CA ILE A 540 -17.23 -62.06 15.52
C ILE A 540 -15.88 -62.46 14.94
N SER A 541 -15.87 -63.30 13.90
CA SER A 541 -14.61 -63.54 13.23
C SER A 541 -14.23 -62.37 12.33
N ILE A 542 -15.22 -61.72 11.72
CA ILE A 542 -14.97 -60.76 10.66
C ILE A 542 -16.17 -59.82 10.59
N ALA A 543 -15.92 -58.58 10.19
CA ALA A 543 -16.89 -57.48 10.23
C ALA A 543 -16.49 -56.51 9.12
N PRO A 544 -17.38 -55.57 8.75
CA PRO A 544 -16.91 -54.43 7.93
C PRO A 544 -15.89 -53.58 8.67
N VAL A 545 -14.94 -53.06 7.92
CA VAL A 545 -13.83 -52.40 8.57
C VAL A 545 -14.00 -50.97 8.07
N PRO A 546 -14.56 -50.06 8.86
CA PRO A 546 -14.84 -48.72 8.34
C PRO A 546 -13.61 -47.82 8.33
N LEU A 547 -13.62 -46.88 7.38
CA LEU A 547 -12.50 -45.95 7.21
C LEU A 547 -12.95 -44.54 7.50
N GLY A 548 -12.21 -43.86 8.38
CA GLY A 548 -12.46 -42.49 8.77
C GLY A 548 -11.18 -41.66 8.70
N THR A 549 -11.14 -40.62 9.54
CA THR A 549 -10.01 -39.67 9.54
C THR A 549 -8.74 -40.34 10.06
N ALA A 550 -8.86 -41.19 11.07
CA ALA A 550 -7.71 -41.90 11.64
C ALA A 550 -7.10 -42.87 10.64
N ASP A 551 -7.91 -43.42 9.74
CA ASP A 551 -7.42 -44.31 8.69
C ASP A 551 -6.68 -43.56 7.60
N PHE A 552 -7.17 -42.38 7.23
CA PHE A 552 -6.43 -41.42 6.40
C PHE A 552 -5.06 -41.14 6.96
N MET A 553 -5.01 -40.83 8.27
CA MET A 553 -3.77 -40.45 8.92
C MET A 553 -2.78 -41.60 9.01
N ILE A 554 -3.21 -42.78 9.47
CA ILE A 554 -2.35 -43.95 9.58
C ILE A 554 -1.90 -44.48 8.21
N HIS A 555 -2.71 -44.31 7.16
CA HIS A 555 -2.29 -44.75 5.85
C HIS A 555 -1.29 -43.77 5.23
N HIS A 556 -1.34 -42.51 5.62
CA HIS A 556 -0.31 -41.60 5.14
C HIS A 556 1.00 -41.74 5.94
N ILE A 557 0.92 -42.15 7.21
CA ILE A 557 2.09 -42.71 7.92
C ILE A 557 2.69 -43.88 7.16
N HIS A 558 1.85 -44.80 6.70
CA HIS A 558 2.33 -45.98 5.99
C HIS A 558 2.98 -45.63 4.66
N ALA A 559 2.41 -44.66 3.94
CA ALA A 559 3.00 -44.16 2.71
C ALA A 559 4.33 -43.47 2.96
N LEU A 560 4.42 -42.69 4.06
CA LEU A 560 5.67 -42.10 4.54
C LEU A 560 6.76 -43.14 4.79
N THR A 561 6.44 -44.17 5.57
CA THR A 561 7.48 -45.12 5.97
C THR A 561 7.92 -46.02 4.83
N ILE A 562 6.97 -46.36 3.93
CA ILE A 562 7.32 -47.07 2.70
C ILE A 562 8.24 -46.22 1.83
N HIS A 563 7.93 -44.91 1.71
CA HIS A 563 8.69 -44.04 0.85
C HIS A 563 10.08 -43.73 1.39
N VAL A 564 10.24 -43.62 2.71
CA VAL A 564 11.59 -43.42 3.27
C VAL A 564 12.43 -44.68 3.14
N THR A 565 11.81 -45.87 3.29
CA THR A 565 12.56 -47.11 3.12
C THR A 565 12.99 -47.29 1.66
N ILE A 566 12.13 -46.86 0.72
CA ILE A 566 12.49 -46.73 -0.70
C ILE A 566 13.65 -45.76 -0.90
N LEU A 567 13.58 -44.58 -0.26
CA LEU A 567 14.59 -43.53 -0.43
C LEU A 567 15.97 -43.99 0.02
N ILE A 568 16.02 -44.72 1.13
CA ILE A 568 17.28 -45.20 1.68
C ILE A 568 17.86 -46.30 0.79
N LEU A 569 17.04 -47.32 0.48
CA LEU A 569 17.54 -48.45 -0.30
C LEU A 569 17.82 -48.08 -1.75
N LEU A 570 17.00 -47.21 -2.34
CA LEU A 570 17.18 -46.84 -3.73
C LEU A 570 18.35 -45.86 -3.87
N LYS A 571 18.59 -45.03 -2.84
CA LYS A 571 19.80 -44.22 -2.81
C LYS A 571 21.04 -45.08 -2.59
N GLY A 572 20.89 -46.22 -1.93
CA GLY A 572 21.97 -47.20 -1.91
C GLY A 572 22.24 -47.81 -3.26
N VAL A 573 21.18 -48.10 -4.04
CA VAL A 573 21.36 -48.73 -5.34
C VAL A 573 21.97 -47.76 -6.35
N LEU A 574 21.39 -46.57 -6.50
CA LEU A 574 21.83 -45.70 -7.60
C LEU A 574 23.14 -45.00 -7.30
N PHE A 575 23.50 -44.84 -6.04
CA PHE A 575 24.79 -44.26 -5.67
C PHE A 575 25.74 -45.32 -5.14
N ALA A 576 25.61 -46.55 -5.63
CA ALA A 576 26.50 -47.63 -5.22
C ALA A 576 27.88 -47.49 -5.85
N ARG A 577 27.93 -47.07 -7.12
CA ARG A 577 29.17 -47.03 -7.87
C ARG A 577 29.93 -45.73 -7.68
N SER A 578 29.20 -44.63 -7.60
CA SER A 578 29.81 -43.31 -7.62
C SER A 578 28.84 -42.33 -6.98
N SER A 579 29.39 -41.19 -6.61
CA SER A 579 28.62 -40.04 -6.17
C SER A 579 29.46 -38.82 -6.50
N ARG A 580 28.95 -37.63 -6.18
CA ARG A 580 29.78 -36.44 -6.26
C ARG A 580 30.85 -36.40 -5.18
N LEU A 581 30.66 -37.19 -4.12
CA LEU A 581 31.59 -37.22 -3.02
C LEU A 581 32.70 -38.21 -3.29
N ILE A 582 32.32 -39.45 -3.59
CA ILE A 582 33.22 -40.57 -3.86
C ILE A 582 32.92 -41.10 -5.26
N PRO A 583 33.66 -40.64 -6.28
CA PRO A 583 33.44 -41.17 -7.64
C PRO A 583 33.92 -42.59 -7.88
N ASP A 584 34.74 -43.16 -7.00
CA ASP A 584 35.29 -44.50 -7.16
C ASP A 584 34.77 -45.48 -6.12
N LYS A 585 33.46 -45.41 -5.84
CA LYS A 585 32.86 -46.16 -4.74
C LYS A 585 32.73 -47.66 -5.07
N ALA A 586 32.57 -47.99 -6.35
CA ALA A 586 32.47 -49.39 -6.76
C ALA A 586 33.80 -50.13 -6.60
N ASN A 587 34.92 -49.42 -6.70
CA ASN A 587 36.21 -50.01 -6.38
C ASN A 587 36.35 -50.26 -4.87
N LEU A 588 35.67 -49.44 -4.07
CA LEU A 588 35.68 -49.65 -2.63
C LEU A 588 34.77 -50.81 -2.20
N GLY A 589 33.83 -51.20 -3.06
CA GLY A 589 33.03 -52.39 -2.86
C GLY A 589 31.61 -52.06 -2.43
N PHE A 590 30.84 -53.13 -2.21
CA PHE A 590 29.52 -53.02 -1.59
C PHE A 590 29.63 -52.74 -0.09
N ARG A 591 30.54 -53.45 0.57
CA ARG A 591 30.62 -53.50 2.02
C ARG A 591 31.96 -52.94 2.47
N PHE A 592 32.01 -51.62 2.65
CA PHE A 592 33.14 -50.97 3.28
C PHE A 592 32.59 -50.02 4.34
N PRO A 593 33.37 -49.74 5.43
CA PRO A 593 32.86 -48.83 6.46
C PRO A 593 32.70 -47.37 6.03
N CYS A 594 33.70 -46.82 5.36
CA CYS A 594 33.76 -45.40 4.99
C CYS A 594 34.91 -45.24 4.00
N ASP A 595 35.16 -43.99 3.61
CA ASP A 595 36.37 -43.62 2.89
C ASP A 595 37.14 -42.57 3.68
N GLY A 596 37.08 -42.64 5.00
CA GLY A 596 37.86 -41.78 5.86
C GLY A 596 37.11 -40.57 6.38
N PRO A 597 37.73 -39.82 7.30
CA PRO A 597 37.09 -38.61 7.85
C PRO A 597 37.14 -37.41 6.93
N GLY A 598 37.78 -37.53 5.78
CA GLY A 598 37.87 -36.44 4.85
C GLY A 598 36.60 -36.24 4.08
N ARG A 599 36.65 -35.17 3.28
CA ARG A 599 35.52 -34.56 2.59
C ARG A 599 34.38 -34.24 3.57
N GLY A 600 34.75 -33.75 4.75
CA GLY A 600 33.84 -33.60 5.87
C GLY A 600 33.63 -34.84 6.70
N GLY A 601 33.79 -36.03 6.12
CA GLY A 601 33.47 -37.29 6.74
C GLY A 601 32.60 -38.10 5.80
N THR A 602 32.95 -39.37 5.59
CA THR A 602 32.27 -40.22 4.62
C THR A 602 31.69 -41.45 5.30
N CYS A 603 31.27 -41.30 6.54
CA CYS A 603 30.73 -42.40 7.32
C CYS A 603 29.38 -42.84 6.76
N GLN A 604 29.21 -44.15 6.66
CA GLN A 604 28.00 -44.78 6.11
C GLN A 604 27.67 -44.31 4.70
N SER A 605 28.67 -44.32 3.83
CA SER A 605 28.49 -43.99 2.43
C SER A 605 28.33 -45.21 1.55
N SER A 606 28.67 -46.41 2.04
CA SER A 606 28.51 -47.60 1.24
C SER A 606 27.05 -47.97 1.12
N ALA A 607 26.75 -48.77 0.10
CA ALA A 607 25.37 -49.21 -0.14
C ALA A 607 24.92 -50.21 0.92
N TRP A 608 25.87 -50.92 1.55
CA TRP A 608 25.58 -51.81 2.67
C TRP A 608 24.97 -51.03 3.82
N ASP A 609 25.53 -49.85 4.11
CA ASP A 609 24.99 -48.94 5.11
C ASP A 609 23.59 -48.46 4.79
N HIS A 610 23.22 -48.39 3.51
CA HIS A 610 21.85 -48.08 3.17
C HIS A 610 20.95 -49.28 3.42
N VAL A 611 21.48 -50.50 3.29
CA VAL A 611 20.70 -51.67 3.74
C VAL A 611 20.57 -51.66 5.26
N PHE A 612 21.63 -51.21 5.95
CA PHE A 612 21.65 -51.13 7.41
C PHE A 612 20.64 -50.11 7.94
N LEU A 613 20.57 -48.91 7.34
CA LEU A 613 19.57 -47.89 7.69
C LEU A 613 18.15 -48.27 7.25
N GLY A 614 18.00 -48.87 6.07
CA GLY A 614 16.70 -49.31 5.61
C GLY A 614 16.12 -50.47 6.40
N LEU A 615 16.96 -51.23 7.11
CA LEU A 615 16.45 -52.23 8.06
C LEU A 615 15.69 -51.59 9.22
N PHE A 616 16.21 -50.50 9.81
CA PHE A 616 15.47 -49.83 10.88
C PHE A 616 14.24 -49.12 10.33
N TRP A 617 14.34 -48.60 9.12
CA TRP A 617 13.17 -47.93 8.56
C TRP A 617 12.08 -48.91 8.12
N MET A 618 12.48 -50.13 7.77
CA MET A 618 11.54 -51.23 7.63
C MET A 618 10.92 -51.62 8.96
N TYR A 619 11.72 -51.62 10.04
CA TYR A 619 11.18 -51.84 11.38
C TYR A 619 10.10 -50.83 11.73
N ASN A 620 10.35 -49.56 11.43
CA ASN A 620 9.38 -48.49 11.62
C ASN A 620 8.11 -48.75 10.81
N CYS A 621 8.28 -49.12 9.53
CA CYS A 621 7.15 -49.36 8.62
C CYS A 621 6.27 -50.49 9.07
N ILE A 622 6.87 -51.64 9.32
CA ILE A 622 6.10 -52.83 9.64
C ILE A 622 5.55 -52.75 11.06
N SER A 623 6.27 -52.11 12.01
CA SER A 623 5.75 -51.92 13.37
C SER A 623 4.51 -51.02 13.41
N ILE A 624 4.49 -49.95 12.62
CA ILE A 624 3.27 -49.14 12.56
C ILE A 624 2.15 -49.88 11.82
N VAL A 625 2.49 -50.77 10.87
CA VAL A 625 1.48 -51.58 10.18
C VAL A 625 0.79 -52.56 11.13
N ILE A 626 1.58 -53.28 11.92
CA ILE A 626 1.01 -54.29 12.82
C ILE A 626 0.37 -53.64 14.03
N PHE A 627 0.79 -52.41 14.36
CA PHE A 627 0.13 -51.62 15.40
C PHE A 627 -1.26 -51.15 14.95
N HIS A 628 -1.34 -50.67 13.69
CA HIS A 628 -2.62 -50.35 13.04
C HIS A 628 -3.54 -51.57 13.04
N PHE A 629 -2.99 -52.74 12.67
CA PHE A 629 -3.79 -53.97 12.60
C PHE A 629 -4.31 -54.39 13.97
N SER A 630 -3.45 -54.34 15.00
CA SER A 630 -3.82 -54.76 16.35
C SER A 630 -4.93 -53.89 16.92
N TRP A 631 -4.74 -52.56 16.87
CA TRP A 631 -5.74 -51.64 17.38
C TRP A 631 -6.99 -51.60 16.49
N LYS A 632 -6.82 -51.76 15.18
CA LYS A 632 -7.94 -51.65 14.25
C LYS A 632 -8.89 -52.83 14.32
N MET A 633 -8.34 -54.05 14.24
CA MET A 633 -9.11 -55.28 14.37
C MET A 633 -9.72 -55.37 15.74
N GLN A 634 -9.01 -54.86 16.74
CA GLN A 634 -9.51 -54.90 18.08
C GLN A 634 -10.62 -53.89 18.32
N SER A 635 -10.58 -52.75 17.65
CA SER A 635 -11.51 -51.67 17.94
C SER A 635 -12.78 -51.71 17.10
N ASP A 636 -12.72 -52.24 15.87
CA ASP A 636 -13.89 -52.21 14.99
C ASP A 636 -14.40 -53.54 14.49
N VAL A 637 -13.67 -54.63 14.71
CA VAL A 637 -14.03 -55.94 14.18
C VAL A 637 -14.28 -56.93 15.31
N TYR A 638 -13.26 -57.15 16.13
CA TYR A 638 -13.22 -58.29 17.03
C TYR A 638 -14.07 -58.02 18.25
N GLY A 639 -14.71 -59.05 18.77
CA GLY A 639 -15.44 -58.90 20.01
C GLY A 639 -16.55 -59.92 20.15
N THR A 640 -17.64 -59.44 20.74
CA THR A 640 -18.69 -60.23 21.36
C THR A 640 -20.03 -59.73 20.88
N LEU A 641 -20.97 -60.65 20.65
CA LEU A 641 -22.38 -60.29 20.58
C LEU A 641 -22.98 -60.45 21.97
N ASN A 642 -23.67 -59.41 22.42
CA ASN A 642 -24.31 -59.44 23.73
C ASN A 642 -25.48 -60.42 23.74
N ALA A 643 -25.72 -61.04 24.90
CA ALA A 643 -26.78 -62.03 25.04
C ALA A 643 -28.16 -61.39 24.98
N THR A 644 -28.27 -60.12 25.35
CA THR A 644 -29.49 -59.36 25.19
C THR A 644 -29.39 -58.53 23.92
N THR A 645 -30.29 -58.77 22.97
CA THR A 645 -30.57 -58.00 21.76
C THR A 645 -29.38 -57.91 20.80
N LYS A 646 -28.48 -58.92 20.81
CA LYS A 646 -27.39 -59.19 19.85
C LYS A 646 -26.49 -57.99 19.53
N ALA A 647 -26.26 -57.13 20.52
CA ALA A 647 -25.50 -55.91 20.34
C ALA A 647 -24.01 -56.20 20.22
N VAL A 648 -23.34 -55.46 19.35
CA VAL A 648 -21.90 -55.63 19.13
C VAL A 648 -21.14 -54.92 20.23
N GLU A 649 -20.32 -55.67 20.97
CA GLU A 649 -19.42 -55.14 21.98
C GLU A 649 -18.01 -55.52 21.58
N HIS A 650 -17.18 -54.54 21.23
CA HIS A 650 -15.86 -54.83 20.72
C HIS A 650 -14.89 -55.15 21.87
N ILE A 651 -13.65 -55.48 21.49
CA ILE A 651 -12.68 -55.96 22.48
C ILE A 651 -12.23 -54.79 23.37
N VAL A 652 -11.95 -53.64 22.77
CA VAL A 652 -11.92 -52.38 23.51
C VAL A 652 -13.23 -51.63 23.32
N PRO A 653 -13.75 -50.97 24.36
CA PRO A 653 -15.05 -50.32 24.29
C PRO A 653 -15.05 -49.04 23.47
N SER A 654 -16.25 -48.55 23.23
CA SER A 654 -16.44 -47.26 22.58
C SER A 654 -16.07 -46.14 23.53
N THR A 655 -15.63 -45.03 22.96
CA THR A 655 -15.22 -43.85 23.69
C THR A 655 -16.23 -42.74 23.43
N ASP A 656 -16.75 -42.14 24.48
CA ASP A 656 -17.61 -40.98 24.36
C ASP A 656 -16.70 -39.75 24.31
N VAL A 657 -16.46 -39.25 23.10
CA VAL A 657 -15.60 -38.09 22.90
C VAL A 657 -16.32 -36.84 23.40
N LEU A 658 -15.69 -36.15 24.35
CA LEU A 658 -16.19 -34.86 24.83
C LEU A 658 -15.99 -33.80 23.77
N LEU A 659 -17.09 -33.24 23.27
CA LEU A 659 -17.02 -32.18 22.30
C LEU A 659 -16.77 -30.84 22.99
N GLY A 660 -16.55 -29.81 22.17
CA GLY A 660 -16.27 -28.50 22.70
C GLY A 660 -17.47 -27.79 23.30
N ASN A 661 -18.68 -28.15 22.87
CA ASN A 661 -19.87 -27.51 23.43
C ASN A 661 -20.21 -28.04 24.83
N GLY A 662 -19.85 -29.29 25.11
CA GLY A 662 -20.17 -29.91 26.38
C GLY A 662 -20.69 -31.32 26.25
N THR A 663 -21.31 -31.65 25.12
CA THR A 663 -21.90 -32.97 24.93
C THR A 663 -20.84 -33.96 24.47
N THR A 664 -21.24 -35.23 24.36
CA THR A 664 -20.39 -36.32 23.93
C THR A 664 -20.84 -36.84 22.59
N GLN A 665 -19.98 -37.64 21.98
CA GLN A 665 -20.38 -38.42 20.81
C GLN A 665 -19.64 -39.74 20.82
N ALA A 666 -20.34 -40.82 20.51
CA ALA A 666 -19.76 -42.15 20.61
C ALA A 666 -18.92 -42.45 19.37
N PHE A 667 -17.65 -42.79 19.60
CA PHE A 667 -16.79 -43.29 18.54
C PHE A 667 -16.15 -44.57 19.03
N THR A 668 -15.53 -45.32 18.13
CA THR A 668 -14.76 -46.44 18.61
C THR A 668 -13.36 -45.98 19.02
N GLN A 669 -12.60 -46.90 19.64
CA GLN A 669 -11.37 -46.52 20.30
C GLN A 669 -10.27 -46.15 19.30
N PHE A 670 -10.24 -46.81 18.13
CA PHE A 670 -9.34 -46.37 17.07
C PHE A 670 -9.77 -45.02 16.49
N ALA A 671 -11.08 -44.81 16.37
CA ALA A 671 -11.58 -43.57 15.80
C ALA A 671 -11.44 -42.40 16.75
N ALA A 672 -11.39 -42.65 18.05
CA ALA A 672 -11.27 -41.60 19.06
C ALA A 672 -9.84 -41.34 19.48
N SER A 673 -9.04 -42.39 19.63
CA SER A 673 -7.77 -42.30 20.34
C SER A 673 -6.55 -42.47 19.46
N SER A 674 -6.68 -43.02 18.26
CA SER A 674 -5.52 -43.20 17.38
C SER A 674 -5.28 -42.02 16.47
N VAL A 675 -5.76 -40.83 16.85
CA VAL A 675 -5.46 -39.63 16.10
C VAL A 675 -4.30 -38.85 16.69
N ASN A 676 -3.80 -39.24 17.86
CA ASN A 676 -2.63 -38.58 18.41
C ASN A 676 -1.75 -39.60 19.10
N ILE A 677 -0.55 -39.16 19.48
CA ILE A 677 0.44 -40.07 20.05
C ILE A 677 0.12 -40.37 21.52
N ASN A 678 -0.63 -39.49 22.20
CA ASN A 678 -1.00 -39.75 23.59
C ASN A 678 -1.98 -40.90 23.71
N GLY A 679 -2.94 -40.99 22.78
CA GLY A 679 -3.86 -42.11 22.78
C GLY A 679 -3.19 -43.40 22.34
N TRP A 680 -2.21 -43.30 21.44
CA TRP A 680 -1.40 -44.47 21.07
C TRP A 680 -0.56 -44.95 22.25
N LEU A 681 -0.01 -44.03 23.03
CA LEU A 681 0.73 -44.37 24.24
C LEU A 681 -0.17 -44.98 25.31
N ARG A 682 -1.31 -44.37 25.57
CA ARG A 682 -2.16 -44.71 26.71
C ARG A 682 -3.10 -45.87 26.39
N ASP A 683 -3.98 -45.69 25.41
CA ASP A 683 -5.01 -46.68 25.13
C ASP A 683 -4.54 -47.86 24.30
N PHE A 684 -3.42 -47.73 23.60
CA PHE A 684 -2.87 -48.88 22.90
C PHE A 684 -1.65 -49.46 23.58
N LEU A 685 -0.76 -48.65 24.12
CA LEU A 685 0.53 -49.23 24.40
C LEU A 685 0.72 -49.41 25.89
N TRP A 686 0.03 -48.59 26.70
CA TRP A 686 -0.08 -48.78 28.15
C TRP A 686 -1.22 -49.74 28.51
N ALA A 687 -2.37 -49.62 27.84
CA ALA A 687 -3.57 -50.36 28.23
C ALA A 687 -3.50 -51.83 27.85
N GLN A 688 -3.08 -52.12 26.63
CA GLN A 688 -3.01 -53.50 26.18
C GLN A 688 -1.74 -54.22 26.59
N ALA A 689 -0.77 -53.53 27.19
CA ALA A 689 0.38 -54.21 27.77
C ALA A 689 0.13 -54.65 29.19
N ALA A 690 -1.07 -54.44 29.73
CA ALA A 690 -1.42 -55.00 31.03
C ALA A 690 -1.37 -56.52 31.09
N PRO A 691 -1.82 -57.31 30.09
CA PRO A 691 -1.57 -58.78 30.19
C PRO A 691 -0.18 -59.33 29.84
N VAL A 692 0.82 -58.51 29.44
CA VAL A 692 2.15 -59.05 29.27
C VAL A 692 2.97 -58.82 30.54
N ILE A 693 2.62 -57.79 31.33
CA ILE A 693 3.37 -57.50 32.56
C ILE A 693 2.73 -58.14 33.80
N ASN A 694 1.47 -58.55 33.73
CA ASN A 694 0.78 -59.25 34.81
C ASN A 694 0.73 -60.75 34.58
N SER A 695 1.54 -61.24 33.66
CA SER A 695 1.47 -62.63 33.21
C SER A 695 2.27 -63.59 34.08
N TYR A 696 2.94 -63.11 35.12
CA TYR A 696 3.82 -63.98 35.89
C TYR A 696 3.03 -64.94 36.79
N GLY A 697 3.61 -66.12 36.98
CA GLY A 697 2.95 -67.18 37.73
C GLY A 697 1.88 -67.91 36.98
N GLY A 698 1.76 -67.69 35.68
CA GLY A 698 0.70 -68.27 34.89
C GLY A 698 1.18 -68.77 33.54
N PRO A 699 0.23 -69.08 32.64
CA PRO A 699 0.62 -69.67 31.34
C PRO A 699 1.28 -68.72 30.36
N SER A 700 1.24 -67.41 30.60
CA SER A 700 1.87 -66.45 29.69
C SER A 700 3.13 -65.83 30.27
N ALA A 701 3.71 -66.45 31.31
CA ALA A 701 4.84 -65.90 32.03
C ALA A 701 6.13 -65.91 31.21
N ALA A 702 6.24 -66.83 30.25
CA ALA A 702 7.34 -66.76 29.30
C ALA A 702 7.26 -65.52 28.45
N TYR A 703 6.07 -65.13 27.99
CA TYR A 703 5.91 -63.94 27.16
C TYR A 703 6.24 -62.67 27.93
N GLY A 704 6.05 -62.67 29.24
CA GLY A 704 6.65 -61.64 30.06
C GLY A 704 8.16 -61.69 30.10
N LEU A 705 8.73 -62.91 30.16
CA LEU A 705 10.19 -63.04 30.17
C LEU A 705 10.81 -62.65 28.82
N PHE A 706 10.16 -63.01 27.71
CA PHE A 706 10.59 -62.59 26.37
C PHE A 706 10.41 -61.10 26.16
N PHE A 707 9.38 -60.51 26.77
CA PHE A 707 9.14 -59.07 26.73
C PHE A 707 10.29 -58.31 27.38
N LEU A 708 10.66 -58.73 28.60
CA LEU A 708 11.77 -58.08 29.31
C LEU A 708 13.12 -58.36 28.66
N GLY A 709 13.34 -59.60 28.20
CA GLY A 709 14.58 -59.95 27.51
C GLY A 709 14.74 -59.25 26.19
N ALA A 710 13.64 -59.00 25.52
CA ALA A 710 13.74 -58.29 24.28
C ALA A 710 13.89 -56.78 24.49
N HIS A 711 13.37 -56.23 25.59
CA HIS A 711 13.73 -54.86 25.99
C HIS A 711 15.23 -54.74 26.26
N PHE A 712 15.81 -55.77 26.89
CA PHE A 712 17.24 -55.86 27.13
C PHE A 712 18.05 -55.90 25.83
N VAL A 713 17.68 -56.77 24.89
CA VAL A 713 18.43 -56.92 23.64
C VAL A 713 18.34 -55.66 22.78
N TRP A 714 17.16 -55.01 22.79
CA TRP A 714 16.98 -53.75 22.09
C TRP A 714 17.84 -52.65 22.67
N ALA A 715 17.94 -52.58 23.99
CA ALA A 715 18.81 -51.55 24.56
C ALA A 715 20.28 -51.91 24.45
N PHE A 716 20.58 -53.20 24.41
CA PHE A 716 21.94 -53.70 24.26
C PHE A 716 22.50 -53.39 22.88
N SER A 717 21.62 -53.27 21.88
CA SER A 717 22.03 -52.87 20.53
C SER A 717 22.66 -51.48 20.48
N LEU A 718 22.25 -50.60 21.38
CA LEU A 718 22.54 -49.20 21.21
C LEU A 718 23.95 -48.87 21.66
N MET A 719 24.56 -49.75 22.45
CA MET A 719 26.00 -49.75 22.65
C MET A 719 26.73 -49.92 21.32
N PHE A 720 26.26 -50.83 20.48
CA PHE A 720 26.98 -51.06 19.22
C PHE A 720 26.62 -50.01 18.18
N LEU A 721 25.41 -49.48 18.27
CA LEU A 721 24.93 -48.49 17.33
C LEU A 721 25.49 -47.11 17.59
N PHE A 722 25.66 -46.73 18.85
CA PHE A 722 26.04 -45.35 19.13
C PHE A 722 27.54 -45.19 19.33
N SER A 723 28.28 -46.28 19.47
CA SER A 723 29.72 -46.23 19.70
C SER A 723 30.48 -46.69 18.48
N GLY A 724 31.80 -46.62 18.61
CA GLY A 724 32.68 -47.11 17.58
C GLY A 724 33.94 -47.73 18.16
N ARG A 725 34.68 -48.40 17.29
CA ARG A 725 35.62 -49.42 17.71
C ARG A 725 36.95 -48.92 18.23
N GLY A 726 37.33 -47.66 18.00
CA GLY A 726 38.60 -47.18 18.51
C GLY A 726 38.63 -47.08 20.02
N TYR A 727 37.46 -46.71 20.61
CA TYR A 727 37.21 -46.81 22.04
C TYR A 727 37.48 -48.22 22.53
N TRP A 728 36.84 -49.19 21.86
CA TRP A 728 36.87 -50.56 22.30
C TRP A 728 38.23 -51.17 22.10
N GLN A 729 38.94 -50.73 21.06
CA GLN A 729 40.26 -51.30 20.80
C GLN A 729 41.30 -50.80 21.81
N GLU A 730 41.23 -49.53 22.22
CA GLU A 730 42.19 -49.14 23.27
C GLU A 730 41.74 -49.62 24.66
N LEU A 731 40.44 -49.90 24.84
CA LEU A 731 39.99 -50.61 26.03
C LEU A 731 40.54 -52.04 26.08
N ILE A 732 40.39 -52.81 25.00
CA ILE A 732 41.00 -54.14 24.83
C ILE A 732 42.53 -54.09 24.87
N GLU A 733 43.16 -52.95 24.58
CA GLU A 733 44.59 -52.78 24.91
C GLU A 733 44.85 -52.85 26.41
N SER A 734 44.00 -52.20 27.22
CA SER A 734 44.15 -52.34 28.69
C SER A 734 43.83 -53.77 29.19
N ILE A 735 42.76 -54.39 28.66
CA ILE A 735 42.46 -55.79 29.04
C ILE A 735 43.52 -56.80 28.55
N VAL A 736 44.09 -56.60 27.34
CA VAL A 736 45.21 -57.42 26.84
C VAL A 736 46.46 -57.23 27.70
N TRP A 737 46.68 -56.01 28.26
CA TRP A 737 47.77 -55.82 29.22
C TRP A 737 47.54 -56.65 30.48
N ALA A 738 46.28 -56.69 30.95
CA ALA A 738 45.94 -57.49 32.13
C ALA A 738 46.11 -58.99 31.88
N HIS A 739 45.92 -59.41 30.63
CA HIS A 739 46.12 -60.81 30.31
C HIS A 739 47.60 -61.16 30.16
N ASN A 740 48.39 -60.25 29.61
CA ASN A 740 49.82 -60.54 29.43
C ASN A 740 50.59 -60.39 30.73
N LYS A 741 50.02 -59.69 31.73
CA LYS A 741 50.66 -59.61 33.04
C LYS A 741 50.56 -60.94 33.80
N LEU A 742 49.56 -61.75 33.52
CA LEU A 742 49.36 -63.02 34.21
C LEU A 742 49.68 -64.23 33.34
N LYS A 743 50.49 -64.03 32.29
CA LYS A 743 50.89 -65.05 31.29
C LYS A 743 49.69 -65.74 30.64
N ILE A 744 48.64 -64.99 30.38
CA ILE A 744 47.50 -65.58 29.68
C ILE A 744 47.46 -64.96 28.29
N VAL A 745 48.16 -65.57 27.34
CA VAL A 745 48.40 -64.91 26.06
C VAL A 745 47.70 -65.69 24.95
N PRO A 746 46.57 -65.22 24.41
CA PRO A 746 46.03 -65.86 23.21
C PRO A 746 46.86 -65.54 21.98
N THR A 747 47.08 -66.56 21.14
CA THR A 747 47.71 -66.33 19.85
C THR A 747 46.75 -65.62 18.90
N ILE A 748 45.49 -66.01 18.92
CA ILE A 748 44.43 -65.26 18.24
C ILE A 748 44.23 -63.94 18.97
N GLN A 749 44.46 -62.84 18.26
CA GLN A 749 44.52 -61.52 18.87
C GLN A 749 43.15 -60.98 19.21
N PRO A 750 42.90 -60.60 20.47
CA PRO A 750 41.66 -59.94 20.86
C PRO A 750 41.53 -58.58 20.21
N ARG A 751 40.56 -58.45 19.33
CA ARG A 751 40.34 -57.21 18.62
C ARG A 751 38.98 -56.64 18.98
N ALA A 752 38.87 -55.33 18.82
CA ALA A 752 37.55 -54.74 18.70
C ALA A 752 36.91 -55.20 17.40
N LEU A 753 35.59 -55.15 17.42
CA LEU A 753 34.78 -55.54 16.29
C LEU A 753 34.97 -54.50 15.19
N SER A 754 34.83 -54.90 13.92
CA SER A 754 35.02 -53.90 12.87
C SER A 754 33.80 -52.97 12.79
N ILE A 755 33.95 -51.88 12.03
CA ILE A 755 32.97 -50.81 11.99
C ILE A 755 31.67 -51.29 11.36
N THR A 756 31.81 -51.98 10.22
CA THR A 756 30.67 -52.57 9.52
C THR A 756 30.05 -53.68 10.35
N GLN A 757 30.87 -54.44 11.07
CA GLN A 757 30.32 -55.57 11.79
C GLN A 757 29.70 -55.09 13.10
N GLY A 758 30.21 -53.98 13.66
CA GLY A 758 29.58 -53.38 14.82
C GLY A 758 28.23 -52.76 14.48
N ARG A 759 28.12 -52.16 13.29
CA ARG A 759 26.82 -51.72 12.77
C ARG A 759 25.88 -52.91 12.54
N ALA A 760 26.43 -54.04 12.06
CA ALA A 760 25.60 -55.22 11.79
C ALA A 760 25.09 -55.87 13.07
N VAL A 761 25.94 -55.96 14.09
CA VAL A 761 25.54 -56.43 15.43
C VAL A 761 24.49 -55.51 16.04
N GLY A 762 24.65 -54.20 15.88
CA GLY A 762 23.67 -53.26 16.40
C GLY A 762 22.32 -53.32 15.71
N VAL A 763 22.31 -53.44 14.37
CA VAL A 763 21.03 -53.58 13.67
C VAL A 763 20.39 -54.95 13.95
N ALA A 764 21.19 -56.00 14.16
CA ALA A 764 20.66 -57.32 14.48
C ALA A 764 20.00 -57.35 15.85
N HIS A 765 20.63 -56.72 16.84
CA HIS A 765 20.06 -56.71 18.18
C HIS A 765 18.93 -55.71 18.32
N TYR A 766 18.93 -54.62 17.55
CA TYR A 766 17.83 -53.67 17.53
C TYR A 766 16.58 -54.33 16.97
N LEU A 767 16.77 -55.06 15.87
CA LEU A 767 15.68 -55.76 15.21
C LEU A 767 15.16 -56.90 16.06
N LEU A 768 16.06 -57.72 16.62
CA LEU A 768 15.67 -58.84 17.48
C LEU A 768 14.93 -58.35 18.72
N GLY A 769 15.44 -57.30 19.36
CA GLY A 769 14.81 -56.80 20.56
C GLY A 769 13.46 -56.15 20.35
N GLY A 770 13.34 -55.30 19.33
CA GLY A 770 12.04 -54.73 19.04
C GLY A 770 10.94 -55.67 18.56
N ILE A 771 11.27 -56.55 17.60
CA ILE A 771 10.26 -57.47 17.08
C ILE A 771 9.91 -58.55 18.11
N VAL A 772 10.86 -58.99 18.95
CA VAL A 772 10.49 -59.97 19.97
C VAL A 772 9.72 -59.33 21.14
N THR A 773 9.97 -58.03 21.42
CA THR A 773 9.16 -57.30 22.41
C THR A 773 7.72 -57.23 21.95
N THR A 774 7.56 -56.94 20.66
CA THR A 774 6.26 -56.74 20.05
C THR A 774 5.53 -58.08 19.86
N TRP A 775 6.29 -59.15 19.63
CA TRP A 775 5.77 -60.52 19.57
C TRP A 775 5.21 -60.97 20.91
N ALA A 776 5.98 -60.69 21.98
CA ALA A 776 5.59 -61.01 23.34
C ALA A 776 4.33 -60.26 23.75
N PHE A 777 4.28 -58.97 23.42
CA PHE A 777 3.12 -58.12 23.66
C PHE A 777 1.88 -58.61 22.92
N PHE A 778 2.02 -58.93 21.62
CA PHE A 778 0.86 -59.37 20.84
C PHE A 778 0.29 -60.70 21.31
N ILE A 779 1.16 -61.68 21.55
CA ILE A 779 0.66 -63.00 21.93
C ILE A 779 0.11 -62.96 23.36
N ALA A 780 0.79 -62.26 24.28
CA ALA A 780 0.30 -62.20 25.65
C ALA A 780 -0.92 -61.29 25.80
N ARG A 781 -1.15 -60.34 24.88
CA ARG A 781 -2.41 -59.61 24.93
C ARG A 781 -3.53 -60.48 24.35
N PHE A 782 -3.27 -61.13 23.21
CA PHE A 782 -4.37 -61.77 22.50
C PHE A 782 -4.75 -63.13 23.08
N LEU A 783 -3.91 -63.74 23.94
CA LEU A 783 -4.38 -64.91 24.68
C LEU A 783 -5.35 -64.54 25.79
N ALA A 784 -5.24 -63.33 26.35
CA ALA A 784 -6.09 -62.95 27.46
C ALA A 784 -7.52 -62.65 27.02
N ILE A 785 -7.69 -61.64 26.16
CA ILE A 785 -8.99 -61.34 25.59
C ILE A 785 -8.87 -61.22 24.08
N MET B 1 -2.10 -8.78 49.52
CA MET B 1 -2.02 -7.69 48.56
C MET B 1 -0.87 -7.94 47.59
N LEU B 2 -1.16 -7.84 46.30
CA LEU B 2 -0.18 -8.11 45.26
C LEU B 2 0.51 -6.79 44.90
N ILE B 3 1.41 -6.84 43.92
CA ILE B 3 2.19 -5.67 43.48
C ILE B 3 1.47 -4.96 42.35
N ASN B 4 1.32 -3.63 42.47
CA ASN B 4 0.69 -2.84 41.43
C ASN B 4 1.67 -2.43 40.32
N ASN B 5 1.21 -1.58 39.40
CA ASN B 5 1.97 -1.29 38.18
C ASN B 5 3.13 -0.33 38.42
N PHE B 6 3.06 0.51 39.46
CA PHE B 6 4.10 1.49 39.72
C PHE B 6 5.39 0.83 40.21
N GLU B 7 5.26 -0.18 41.07
CA GLU B 7 6.44 -0.90 41.55
C GLU B 7 7.01 -1.80 40.46
N VAL B 8 6.17 -2.28 39.54
CA VAL B 8 6.65 -3.00 38.36
C VAL B 8 7.42 -2.06 37.45
N ALA B 9 6.96 -0.80 37.34
CA ALA B 9 7.68 0.23 36.59
C ALA B 9 9.03 0.56 37.23
N GLY B 10 9.08 0.60 38.57
CA GLY B 10 10.36 0.76 39.27
C GLY B 10 11.31 -0.41 39.08
N ALA B 11 10.77 -1.63 39.04
CA ALA B 11 11.54 -2.82 38.69
C ALA B 11 12.07 -2.77 37.26
N PHE B 12 11.31 -2.18 36.34
CA PHE B 12 11.80 -2.01 34.99
C PHE B 12 12.82 -0.89 34.84
N VAL B 13 12.77 0.14 35.69
CA VAL B 13 13.86 1.11 35.75
C VAL B 13 15.15 0.43 36.24
N ALA B 14 15.04 -0.40 37.29
CA ALA B 14 16.18 -1.16 37.80
C ALA B 14 16.72 -2.17 36.78
N ALA B 15 15.83 -2.81 36.02
CA ALA B 15 16.25 -3.70 34.95
C ALA B 15 16.81 -2.95 33.77
N LEU B 16 16.41 -1.69 33.56
CA LEU B 16 17.04 -0.88 32.53
C LEU B 16 18.48 -0.52 32.89
N ILE B 17 18.74 -0.25 34.18
CA ILE B 17 20.13 -0.08 34.65
C ILE B 17 20.94 -1.37 34.47
N ALA B 18 20.33 -2.52 34.83
CA ALA B 18 20.99 -3.81 34.64
C ALA B 18 21.22 -4.15 33.17
N GLY B 19 20.25 -3.83 32.30
CA GLY B 19 20.42 -4.11 30.89
C GLY B 19 21.39 -3.18 30.20
N PHE B 20 21.52 -1.94 30.71
CA PHE B 20 22.57 -1.04 30.25
C PHE B 20 23.94 -1.59 30.59
N PHE B 21 24.13 -2.07 31.82
CA PHE B 21 25.45 -2.59 32.20
C PHE B 21 25.73 -3.94 31.53
N ALA B 22 24.68 -4.71 31.21
CA ALA B 22 24.83 -5.91 30.39
C ALA B 22 25.26 -5.57 28.97
N LEU B 23 24.65 -4.53 28.39
CA LEU B 23 25.02 -4.07 27.05
C LEU B 23 26.43 -3.50 27.02
N MET B 24 26.87 -2.86 28.11
CA MET B 24 28.25 -2.40 28.18
C MET B 24 29.24 -3.55 28.33
N LEU B 25 28.93 -4.54 29.17
CA LEU B 25 29.81 -5.71 29.35
C LEU B 25 29.91 -6.59 28.12
N SER B 26 28.79 -6.87 27.44
CA SER B 26 28.80 -7.85 26.35
C SER B 26 29.53 -7.32 25.12
N THR B 27 29.35 -6.04 24.79
CA THR B 27 30.09 -5.46 23.67
C THR B 27 31.56 -5.29 23.97
N THR B 28 31.93 -5.08 25.24
CA THR B 28 33.34 -4.92 25.55
C THR B 28 34.03 -6.29 25.56
N LEU B 29 33.32 -7.34 25.99
CA LEU B 29 33.76 -8.72 25.78
C LEU B 29 33.84 -9.11 24.31
N GLY B 30 33.01 -8.51 23.44
CA GLY B 30 33.11 -8.78 22.03
C GLY B 30 34.33 -8.15 21.37
N LYS B 31 34.92 -7.15 22.02
CA LYS B 31 36.17 -6.58 21.55
C LYS B 31 37.32 -7.54 21.80
N THR C 3 31.63 -13.88 5.65
CA THR C 3 32.29 -15.07 6.18
C THR C 3 33.25 -14.65 7.31
N ARG C 4 33.12 -13.40 7.76
CA ARG C 4 34.02 -12.87 8.78
C ARG C 4 33.73 -13.44 10.16
N PHE C 5 32.49 -13.81 10.46
CA PHE C 5 32.23 -14.69 11.57
C PHE C 5 32.83 -16.07 11.26
N PRO C 6 33.51 -16.70 12.21
CA PRO C 6 33.92 -16.15 13.51
C PRO C 6 35.25 -15.42 13.41
N LYS C 7 35.35 -14.29 14.10
CA LYS C 7 36.55 -13.47 14.07
C LYS C 7 37.70 -14.09 14.87
N PHE C 8 37.41 -15.03 15.76
CA PHE C 8 38.43 -15.62 16.61
C PHE C 8 39.08 -16.84 15.97
N SER C 9 38.66 -17.23 14.77
CA SER C 9 39.27 -18.38 14.12
C SER C 9 39.28 -18.13 12.61
N GLN C 10 40.44 -17.77 12.08
CA GLN C 10 40.58 -17.48 10.65
C GLN C 10 40.47 -18.75 9.81
N ASP C 11 40.92 -19.89 10.35
CA ASP C 11 40.75 -21.18 9.67
C ASP C 11 39.29 -21.58 9.55
N LEU C 12 38.47 -21.09 10.46
CA LEU C 12 37.05 -21.38 10.41
C LEU C 12 36.29 -20.29 9.67
N ALA C 13 36.79 -19.05 9.71
CA ALA C 13 36.18 -17.95 8.95
C ALA C 13 36.32 -18.14 7.45
N GLN C 14 37.39 -18.80 6.98
CA GLN C 14 37.60 -19.01 5.55
C GLN C 14 36.69 -20.09 4.96
N ASP C 15 35.96 -20.83 5.79
CA ASP C 15 35.20 -22.01 5.37
C ASP C 15 34.00 -21.50 4.58
N PRO C 16 33.78 -21.97 3.35
CA PRO C 16 32.62 -21.51 2.57
C PRO C 16 31.34 -22.30 2.81
N THR C 17 31.31 -23.21 3.79
CA THR C 17 30.15 -24.07 3.96
C THR C 17 29.39 -23.70 5.22
N THR C 18 28.35 -24.48 5.54
CA THR C 18 27.57 -24.27 6.74
C THR C 18 28.28 -24.73 8.02
N ARG C 19 29.39 -25.46 7.88
CA ARG C 19 30.23 -25.89 9.00
C ARG C 19 30.85 -24.70 9.75
N ARG C 20 31.08 -23.58 9.03
CA ARG C 20 31.68 -22.36 9.59
C ARG C 20 30.86 -21.78 10.72
N ILE C 21 29.54 -21.73 10.52
CA ILE C 21 28.62 -21.21 11.52
C ILE C 21 28.60 -22.11 12.75
N TRP C 22 28.36 -23.43 12.54
CA TRP C 22 28.21 -24.43 13.60
C TRP C 22 29.44 -24.55 14.49
N TYR C 23 30.61 -24.56 13.87
CA TYR C 23 31.84 -24.61 14.65
C TYR C 23 32.19 -23.25 15.26
N GLY C 24 31.71 -22.15 14.68
CA GLY C 24 31.85 -20.85 15.33
C GLY C 24 31.03 -20.70 16.60
N ILE C 25 29.80 -21.22 16.59
CA ILE C 25 29.07 -21.41 17.86
C ILE C 25 29.81 -22.38 18.79
N ALA C 26 30.29 -23.50 18.27
CA ALA C 26 30.78 -24.53 19.18
C ALA C 26 32.19 -24.33 19.68
N THR C 27 32.98 -23.43 19.09
CA THR C 27 34.29 -23.08 19.63
C THR C 27 34.33 -21.66 20.15
N ALA C 28 33.17 -21.11 20.47
CA ALA C 28 33.07 -19.73 20.93
C ALA C 28 33.65 -19.53 22.33
N HIS C 29 33.61 -20.55 23.18
CA HIS C 29 34.07 -20.37 24.54
C HIS C 29 35.38 -21.08 24.80
N ASP C 30 36.05 -21.55 23.75
CA ASP C 30 37.34 -22.22 23.85
C ASP C 30 38.43 -21.17 23.63
N PHE C 31 38.47 -20.21 24.56
CA PHE C 31 39.24 -18.95 24.38
C PHE C 31 40.74 -19.18 24.20
N GLU C 32 41.28 -20.28 24.73
CA GLU C 32 42.68 -20.65 24.54
C GLU C 32 43.03 -20.97 23.08
N SER C 33 42.08 -21.51 22.31
CA SER C 33 42.32 -21.96 20.95
C SER C 33 41.96 -20.90 19.91
N HIS C 34 41.69 -19.68 20.35
CA HIS C 34 41.29 -18.56 19.51
C HIS C 34 42.53 -17.86 18.93
N ASP C 35 42.29 -17.02 17.93
CA ASP C 35 43.37 -16.39 17.20
C ASP C 35 43.96 -15.23 17.99
N GLY C 36 45.29 -15.23 18.13
CA GLY C 36 45.97 -14.13 18.78
C GLY C 36 45.77 -14.06 20.28
N MET C 37 45.44 -15.17 20.91
CA MET C 37 45.19 -15.14 22.34
C MET C 37 46.48 -15.35 23.12
N THR C 38 46.84 -14.38 23.93
CA THR C 38 47.89 -14.54 24.92
C THR C 38 47.26 -15.01 26.21
N GLU C 39 48.11 -15.29 27.21
CA GLU C 39 47.60 -15.88 28.43
C GLU C 39 46.90 -14.83 29.31
N GLU C 40 47.37 -13.59 29.28
CA GLU C 40 46.84 -12.55 30.16
C GLU C 40 45.40 -12.19 29.79
N THR C 41 45.18 -11.79 28.51
CA THR C 41 43.86 -11.40 28.00
C THR C 41 42.86 -12.56 28.02
N LEU C 42 43.35 -13.80 27.90
CA LEU C 42 42.58 -15.00 28.21
C LEU C 42 41.99 -14.96 29.62
N TYR C 43 42.85 -14.76 30.62
CA TYR C 43 42.38 -14.75 32.01
C TYR C 43 41.46 -13.55 32.33
N GLN C 44 41.67 -12.36 31.72
CA GLN C 44 40.69 -11.30 32.04
C GLN C 44 39.38 -11.49 31.29
N LYS C 45 39.39 -12.12 30.11
CA LYS C 45 38.15 -12.37 29.40
C LYS C 45 37.28 -13.39 30.14
N ILE C 46 37.93 -14.42 30.72
CA ILE C 46 37.30 -15.36 31.64
C ILE C 46 36.73 -14.67 32.89
N PHE C 47 37.49 -13.70 33.43
CA PHE C 47 37.09 -12.96 34.64
C PHE C 47 35.82 -12.12 34.41
N ALA C 48 35.77 -11.37 33.32
CA ALA C 48 34.58 -10.56 33.04
C ALA C 48 33.40 -11.41 32.59
N SER C 49 33.68 -12.56 31.95
CA SER C 49 32.66 -13.56 31.67
C SER C 49 32.03 -14.09 32.95
N HIS C 50 32.84 -14.22 34.01
CA HIS C 50 32.33 -14.70 35.28
C HIS C 50 31.40 -13.67 35.91
N PHE C 51 31.81 -12.39 35.86
CA PHE C 51 30.97 -11.28 36.33
C PHE C 51 29.59 -11.26 35.65
N GLY C 52 29.58 -11.42 34.32
CA GLY C 52 28.32 -11.52 33.60
C GLY C 52 27.50 -12.73 33.99
N HIS C 53 28.17 -13.84 34.29
CA HIS C 53 27.47 -15.06 34.66
C HIS C 53 26.85 -15.00 36.07
N ILE C 54 27.56 -14.39 37.02
CA ILE C 54 27.08 -14.15 38.38
C ILE C 54 25.84 -13.26 38.34
N ALA C 55 25.89 -12.26 37.46
CA ALA C 55 24.72 -11.41 37.32
C ALA C 55 23.54 -12.06 36.60
N ILE C 56 23.80 -13.02 35.70
CA ILE C 56 22.72 -13.85 35.14
C ILE C 56 22.03 -14.66 36.24
N ILE C 57 22.82 -15.24 37.15
CA ILE C 57 22.28 -15.94 38.31
C ILE C 57 21.44 -15.01 39.20
N PHE C 58 21.91 -13.78 39.41
CA PHE C 58 21.15 -12.85 40.25
C PHE C 58 19.86 -12.34 39.58
N LEU C 59 19.87 -12.13 38.26
CA LEU C 59 18.65 -11.70 37.58
C LEU C 59 17.62 -12.83 37.54
N TRP C 60 18.09 -14.06 37.33
CA TRP C 60 17.24 -15.24 37.42
C TRP C 60 16.70 -15.46 38.83
N ALA C 61 17.46 -15.11 39.87
CA ALA C 61 16.95 -15.18 41.22
C ALA C 61 15.92 -14.09 41.49
N SER C 62 16.13 -12.89 40.94
CA SER C 62 15.17 -11.78 41.04
C SER C 62 13.86 -12.06 40.35
N SER C 63 13.87 -12.93 39.33
CA SER C 63 12.66 -13.34 38.62
C SER C 63 11.63 -14.00 39.54
N PHE C 64 12.09 -14.83 40.48
CA PHE C 64 11.20 -15.56 41.39
C PHE C 64 10.52 -14.60 42.34
N ASN C 65 11.32 -13.69 42.90
CA ASN C 65 10.87 -12.72 43.87
C ASN C 65 9.86 -11.76 43.24
N PHE C 66 10.14 -11.33 42.00
CA PHE C 66 9.19 -10.48 41.28
C PHE C 66 7.91 -11.24 40.94
N HIS C 67 8.05 -12.48 40.44
CA HIS C 67 6.90 -13.21 39.92
C HIS C 67 5.97 -13.68 41.03
N VAL C 68 6.52 -14.06 42.18
CA VAL C 68 5.66 -14.45 43.29
C VAL C 68 5.09 -13.22 43.99
N ALA C 69 5.86 -12.11 44.03
CA ALA C 69 5.36 -10.85 44.56
C ALA C 69 4.23 -10.26 43.73
N TRP C 70 4.38 -10.20 42.41
CA TRP C 70 3.41 -9.66 41.49
C TRP C 70 2.25 -10.61 41.24
N GLN C 71 2.50 -11.91 41.35
CA GLN C 71 1.82 -12.87 40.52
C GLN C 71 1.45 -14.17 41.25
N GLY C 72 2.00 -14.42 42.44
CA GLY C 72 1.74 -15.64 43.19
C GLY C 72 0.67 -15.47 44.26
N ASN C 73 0.74 -16.34 45.27
CA ASN C 73 -0.29 -16.42 46.31
C ASN C 73 0.31 -16.57 47.71
N PHE C 74 1.48 -15.93 47.93
CA PHE C 74 2.34 -16.21 49.08
C PHE C 74 1.71 -15.80 50.42
N GLU C 75 1.09 -14.61 50.48
CA GLU C 75 0.39 -14.20 51.70
C GLU C 75 -0.89 -15.01 51.91
N GLN C 76 -1.52 -15.44 50.83
CA GLN C 76 -2.64 -16.37 50.95
C GLN C 76 -2.15 -17.77 51.29
N TRP C 77 -0.92 -18.11 50.90
CA TRP C 77 -0.37 -19.42 51.25
C TRP C 77 0.03 -19.47 52.73
N LEU C 78 0.38 -18.32 53.33
CA LEU C 78 0.73 -18.29 54.75
C LEU C 78 -0.46 -18.52 55.67
N THR C 79 -1.68 -18.25 55.21
CA THR C 79 -2.85 -18.47 56.06
C THR C 79 -3.19 -19.94 56.24
N ASP C 80 -3.02 -20.75 55.19
CA ASP C 80 -3.15 -22.20 55.30
C ASP C 80 -2.01 -22.87 54.50
N PRO C 81 -0.86 -23.18 55.16
CA PRO C 81 0.27 -23.77 54.42
C PRO C 81 0.06 -25.16 53.83
N THR C 82 -0.93 -25.89 54.34
CA THR C 82 -0.97 -27.34 54.16
C THR C 82 -1.88 -27.80 53.03
N LYS C 83 -2.78 -26.96 52.52
CA LYS C 83 -3.64 -27.41 51.42
C LYS C 83 -3.53 -26.59 50.15
N VAL C 84 -3.44 -25.26 50.24
CA VAL C 84 -3.31 -24.45 49.03
C VAL C 84 -1.85 -24.49 48.58
N LYS C 85 -1.66 -24.74 47.35
CA LYS C 85 -0.43 -25.04 46.65
C LYS C 85 0.32 -23.76 46.29
N PRO C 86 1.65 -23.80 46.32
CA PRO C 86 2.43 -22.65 45.83
C PRO C 86 2.24 -22.42 44.35
N ILE C 87 2.23 -21.15 43.97
CA ILE C 87 2.03 -20.74 42.59
C ILE C 87 3.34 -20.15 42.09
N ALA C 88 3.86 -20.72 41.00
CA ALA C 88 5.09 -20.26 40.38
C ALA C 88 4.90 -18.93 39.68
N HIS C 89 4.07 -18.94 38.64
CA HIS C 89 3.70 -17.74 37.91
C HIS C 89 2.41 -18.04 37.15
N ALA C 90 1.84 -16.98 36.61
CA ALA C 90 0.61 -17.00 35.86
C ALA C 90 0.90 -17.06 34.35
N ILE C 91 -0.06 -17.61 33.62
CA ILE C 91 0.11 -18.08 32.25
C ILE C 91 -0.53 -17.08 31.30
N PHE C 92 0.22 -16.60 30.32
CA PHE C 92 -0.42 -16.02 29.13
C PHE C 92 0.10 -16.82 27.94
N ASP C 93 -0.70 -17.78 27.52
CA ASP C 93 -0.52 -18.52 26.29
C ASP C 93 -1.75 -18.26 25.41
N PRO C 94 -1.60 -17.65 24.24
CA PRO C 94 -2.76 -17.47 23.34
C PRO C 94 -3.24 -18.75 22.68
N HIS C 95 -2.52 -19.87 22.82
CA HIS C 95 -2.91 -21.13 22.22
C HIS C 95 -3.95 -21.88 23.05
N PHE C 96 -4.12 -21.51 24.32
CA PHE C 96 -5.04 -22.19 25.24
C PHE C 96 -6.48 -22.09 24.79
N GLY C 97 -7.17 -23.23 24.77
CA GLY C 97 -8.60 -23.25 24.60
C GLY C 97 -9.28 -23.15 25.93
N PRO C 98 -10.61 -23.39 25.98
CA PRO C 98 -11.34 -23.18 27.25
C PRO C 98 -11.03 -24.24 28.31
N GLY C 99 -10.73 -25.47 27.88
CA GLY C 99 -10.44 -26.53 28.83
C GLY C 99 -9.15 -26.31 29.58
N ALA C 100 -8.11 -25.84 28.90
CA ALA C 100 -6.83 -25.60 29.58
C ALA C 100 -6.86 -24.34 30.44
N VAL C 101 -7.67 -23.33 30.05
CA VAL C 101 -7.91 -22.16 30.89
C VAL C 101 -8.62 -22.55 32.18
N LYS C 102 -9.64 -23.43 32.09
CA LYS C 102 -10.25 -23.93 33.33
C LYS C 102 -9.32 -24.88 34.08
N ALA C 103 -8.42 -25.57 33.38
CA ALA C 103 -7.57 -26.58 34.00
C ALA C 103 -6.47 -25.95 34.86
N PHE C 104 -5.80 -24.92 34.35
CA PHE C 104 -4.67 -24.37 35.09
C PHE C 104 -5.08 -23.27 36.05
N THR C 105 -6.38 -22.95 36.14
CA THR C 105 -6.95 -22.04 37.14
C THR C 105 -7.29 -22.82 38.41
N PRO C 106 -6.79 -22.40 39.59
CA PRO C 106 -7.21 -23.03 40.84
C PRO C 106 -8.57 -22.56 41.31
N GLU C 107 -9.01 -23.08 42.45
CA GLU C 107 -10.24 -22.61 43.07
C GLU C 107 -10.01 -21.25 43.71
N GLY C 108 -10.89 -20.31 43.41
CA GLY C 108 -10.70 -18.95 43.86
C GLY C 108 -9.64 -18.17 43.11
N GLY C 109 -9.30 -18.59 41.89
CA GLY C 109 -8.30 -17.91 41.09
C GLY C 109 -8.93 -17.23 39.89
N SER C 110 -8.29 -16.15 39.43
CA SER C 110 -8.80 -15.34 38.35
C SER C 110 -8.25 -15.71 36.99
N GLY C 111 -7.39 -16.73 36.91
CA GLY C 111 -6.90 -17.19 35.64
C GLY C 111 -5.90 -18.33 35.76
N PRO C 112 -5.40 -18.82 34.62
CA PRO C 112 -4.48 -19.94 34.65
C PRO C 112 -3.05 -19.61 35.09
N VAL C 113 -2.53 -20.46 35.97
CA VAL C 113 -1.25 -20.25 36.63
C VAL C 113 -0.46 -21.56 36.56
N ASN C 114 0.81 -21.47 36.92
CA ASN C 114 1.65 -22.64 37.15
C ASN C 114 1.82 -22.88 38.64
N ILE C 115 1.54 -24.11 39.05
CA ILE C 115 1.71 -24.54 40.43
C ILE C 115 3.20 -24.77 40.65
N MET C 116 3.78 -24.08 41.62
CA MET C 116 5.21 -24.19 41.89
C MET C 116 5.61 -25.53 42.48
N TYR C 117 6.62 -26.18 41.89
CA TYR C 117 7.14 -27.42 42.44
C TYR C 117 8.63 -27.33 42.77
N SER C 118 9.13 -26.11 42.97
CA SER C 118 10.54 -25.91 43.27
C SER C 118 10.82 -25.62 44.74
N GLY C 119 9.79 -25.42 45.55
CA GLY C 119 9.99 -25.29 46.99
C GLY C 119 10.45 -23.95 47.48
N LEU C 120 10.25 -22.90 46.69
CA LEU C 120 10.66 -21.57 47.10
C LEU C 120 9.80 -20.97 48.19
N TYR C 121 8.54 -21.39 48.32
CA TYR C 121 7.68 -20.84 49.36
C TYR C 121 8.12 -21.31 50.73
N TYR C 122 8.55 -22.57 50.80
CA TYR C 122 9.02 -23.15 52.06
C TYR C 122 10.38 -22.59 52.43
N PHE C 123 11.22 -22.36 51.42
CA PHE C 123 12.49 -21.64 51.55
C PHE C 123 12.26 -20.23 52.10
N TRP C 124 11.35 -19.48 51.47
CA TRP C 124 11.10 -18.09 51.87
C TRP C 124 10.38 -18.01 53.22
N TYR C 125 9.62 -19.04 53.60
CA TYR C 125 9.04 -19.06 54.93
C TYR C 125 10.11 -19.30 55.98
N THR C 126 11.04 -20.22 55.71
CA THR C 126 12.04 -20.59 56.71
C THR C 126 13.11 -19.50 56.85
N ILE C 127 13.33 -18.70 55.82
CA ILE C 127 14.34 -17.65 55.96
C ILE C 127 13.67 -16.37 56.44
N GLY C 128 12.35 -16.40 56.55
CA GLY C 128 11.62 -15.34 57.22
C GLY C 128 10.96 -14.31 56.34
N ILE C 129 10.45 -14.68 55.18
CA ILE C 129 9.68 -13.74 54.37
C ILE C 129 8.21 -13.97 54.65
N ARG C 130 7.48 -12.89 55.02
CA ARG C 130 6.03 -13.00 55.17
C ARG C 130 5.24 -12.04 54.31
N HIS C 131 5.86 -11.26 53.43
CA HIS C 131 5.11 -10.32 52.63
C HIS C 131 5.59 -10.34 51.20
N ASN C 132 4.69 -9.93 50.29
CA ASN C 132 5.07 -9.76 48.89
C ASN C 132 5.91 -8.51 48.68
N SER C 133 5.83 -7.53 49.58
CA SER C 133 6.70 -6.36 49.47
C SER C 133 8.14 -6.68 49.83
N GLU C 134 8.35 -7.64 50.73
CA GLU C 134 9.70 -8.12 51.01
C GLU C 134 10.26 -8.92 49.83
N LEU C 135 9.39 -9.64 49.14
CA LEU C 135 9.77 -10.26 47.88
C LEU C 135 10.05 -9.22 46.81
N TYR C 136 9.34 -8.09 46.85
CA TYR C 136 9.61 -7.02 45.91
C TYR C 136 10.94 -6.33 46.18
N GLU C 137 11.28 -6.08 47.46
CA GLU C 137 12.58 -5.47 47.75
C GLU C 137 13.71 -6.47 47.52
N GLY C 138 13.41 -7.77 47.66
CA GLY C 138 14.35 -8.79 47.25
C GLY C 138 14.60 -8.79 45.75
N ALA C 139 13.54 -8.57 44.97
CA ALA C 139 13.65 -8.48 43.52
C ALA C 139 14.47 -7.27 43.10
N ILE C 140 14.19 -6.09 43.67
CA ILE C 140 14.93 -4.85 43.40
C ILE C 140 16.39 -4.98 43.80
N PHE C 141 16.66 -5.59 44.96
CA PHE C 141 18.03 -5.76 45.44
C PHE C 141 18.83 -6.72 44.56
N LEU C 142 18.20 -7.80 44.04
CA LEU C 142 18.95 -8.68 43.16
C LEU C 142 19.15 -8.12 41.75
N ILE C 143 18.22 -7.33 41.22
CA ILE C 143 18.49 -6.63 39.95
C ILE C 143 19.61 -5.60 40.10
N LEU C 144 19.62 -4.85 41.22
CA LEU C 144 20.69 -3.87 41.41
C LEU C 144 22.03 -4.53 41.75
N LEU C 145 22.00 -5.70 42.39
CA LEU C 145 23.23 -6.43 42.67
C LEU C 145 23.81 -7.05 41.41
N ALA C 146 22.93 -7.52 40.51
CA ALA C 146 23.37 -7.98 39.19
C ALA C 146 23.91 -6.83 38.36
N ALA C 147 23.29 -5.65 38.43
CA ALA C 147 23.78 -4.45 37.74
C ALA C 147 25.14 -4.02 38.26
N LEU C 148 25.36 -4.16 39.56
CA LEU C 148 26.67 -3.96 40.18
C LEU C 148 27.71 -4.96 39.66
N PHE C 149 27.33 -6.23 39.47
CA PHE C 149 28.32 -7.18 38.96
C PHE C 149 28.62 -7.03 37.46
N LEU C 150 27.63 -6.66 36.66
CA LEU C 150 27.85 -6.30 35.26
C LEU C 150 28.72 -5.06 35.12
N ALA C 151 28.49 -4.06 35.98
CA ALA C 151 29.32 -2.87 36.00
C ALA C 151 30.74 -3.18 36.46
N ALA C 152 30.88 -4.14 37.38
CA ALA C 152 32.20 -4.63 37.79
C ALA C 152 32.94 -5.33 36.67
N GLY C 153 32.24 -6.12 35.85
CA GLY C 153 32.84 -6.72 34.69
C GLY C 153 33.31 -5.74 33.64
N TRP C 154 32.43 -4.78 33.31
CA TRP C 154 32.73 -3.74 32.34
C TRP C 154 33.85 -2.83 32.85
N LEU C 155 33.90 -2.58 34.16
CA LEU C 155 35.00 -1.91 34.82
C LEU C 155 36.30 -2.71 34.71
N HIS C 156 36.23 -4.03 34.91
CA HIS C 156 37.44 -4.84 34.88
C HIS C 156 37.87 -5.24 33.48
N LEU C 157 37.13 -4.83 32.45
CA LEU C 157 37.72 -4.83 31.11
C LEU C 157 38.32 -3.50 30.71
N GLN C 158 38.17 -2.48 31.51
CA GLN C 158 38.90 -1.25 31.23
C GLN C 158 40.37 -1.45 31.60
N PRO C 159 41.31 -0.89 30.82
CA PRO C 159 42.73 -1.25 31.01
C PRO C 159 43.36 -0.71 32.29
N ARG C 160 42.74 0.25 32.98
CA ARG C 160 43.25 0.63 34.29
C ARG C 160 42.88 -0.41 35.35
N PHE C 161 41.65 -0.95 35.33
CA PHE C 161 41.26 -2.02 36.25
C PHE C 161 41.38 -3.40 35.63
N ARG C 162 42.13 -3.53 34.57
CA ARG C 162 42.42 -4.84 34.03
C ARG C 162 43.60 -5.41 34.82
N PRO C 163 43.42 -6.43 35.66
CA PRO C 163 44.54 -6.94 36.48
C PRO C 163 45.61 -7.70 35.72
N SER C 164 46.74 -7.88 36.40
CA SER C 164 47.88 -8.59 35.87
C SER C 164 47.66 -10.11 35.93
N LEU C 165 48.51 -10.84 35.20
CA LEU C 165 48.52 -12.29 35.28
C LEU C 165 49.01 -12.77 36.64
N ALA C 166 49.89 -12.00 37.29
CA ALA C 166 50.39 -12.31 38.61
C ALA C 166 49.30 -12.20 39.68
N TRP C 167 48.34 -11.30 39.48
CA TRP C 167 47.18 -11.24 40.36
C TRP C 167 46.29 -12.47 40.20
N PHE C 168 46.18 -13.00 38.98
CA PHE C 168 45.43 -14.23 38.71
C PHE C 168 46.11 -15.47 39.28
N LYS C 169 47.44 -15.52 39.23
CA LYS C 169 48.20 -16.73 39.54
C LYS C 169 48.85 -16.64 40.91
N ASN C 170 48.30 -15.83 41.80
CA ASN C 170 48.88 -15.67 43.12
C ASN C 170 48.69 -16.94 43.93
N ALA C 171 47.44 -17.45 43.95
CA ALA C 171 46.95 -18.71 44.52
C ALA C 171 46.99 -18.79 46.05
N GLU C 172 47.54 -17.79 46.73
CA GLU C 172 47.63 -17.75 48.18
C GLU C 172 46.53 -16.87 48.73
N SER C 173 46.53 -15.62 48.30
CA SER C 173 45.56 -14.60 48.65
C SER C 173 44.15 -14.98 48.19
N ARG C 174 44.04 -15.73 47.09
CA ARG C 174 42.73 -16.12 46.58
C ARG C 174 42.12 -17.19 47.48
N LEU C 175 42.95 -18.11 47.98
CA LEU C 175 42.53 -19.11 48.95
C LEU C 175 42.16 -18.49 50.30
N ASN C 176 43.00 -17.57 50.82
CA ASN C 176 42.72 -16.92 52.10
C ASN C 176 41.46 -16.07 52.04
N HIS C 177 41.27 -15.35 50.95
CA HIS C 177 40.10 -14.48 50.86
C HIS C 177 38.83 -15.25 50.54
N HIS C 178 38.92 -16.36 49.80
CA HIS C 178 37.70 -17.14 49.60
C HIS C 178 37.30 -17.90 50.86
N LEU C 179 38.27 -18.47 51.58
CA LEU C 179 37.95 -19.16 52.82
C LEU C 179 37.51 -18.20 53.92
N SER C 180 38.08 -17.00 53.97
CA SER C 180 37.73 -16.05 55.00
C SER C 180 36.44 -15.30 54.68
N ALA C 181 36.39 -14.66 53.51
CA ALA C 181 35.27 -13.78 53.21
C ALA C 181 34.15 -14.47 52.44
N LEU C 182 34.50 -15.24 51.40
CA LEU C 182 33.47 -15.77 50.51
C LEU C 182 32.75 -16.96 51.14
N PHE C 183 33.48 -17.83 51.85
CA PHE C 183 32.88 -18.96 52.54
C PHE C 183 32.60 -18.70 54.01
N GLY C 184 33.34 -17.79 54.65
CA GLY C 184 33.22 -17.63 56.10
C GLY C 184 32.49 -16.41 56.59
N VAL C 185 32.76 -15.25 56.00
CA VAL C 185 32.07 -14.03 56.40
C VAL C 185 30.61 -14.08 55.95
N SER C 186 30.37 -14.63 54.76
CA SER C 186 29.00 -14.77 54.26
C SER C 186 28.21 -15.84 55.02
N SER C 187 28.87 -16.88 55.52
CA SER C 187 28.22 -17.81 56.45
C SER C 187 27.90 -17.14 57.79
N LEU C 188 28.80 -16.27 58.26
CA LEU C 188 28.58 -15.50 59.47
C LEU C 188 27.46 -14.50 59.32
N ALA C 189 27.37 -13.88 58.15
CA ALA C 189 26.29 -12.96 57.82
C ALA C 189 24.97 -13.70 57.72
N TRP C 190 24.99 -14.93 57.22
CA TRP C 190 23.75 -15.70 57.19
C TRP C 190 23.33 -16.16 58.58
N ALA C 191 24.30 -16.44 59.47
CA ALA C 191 24.00 -16.65 60.88
C ALA C 191 23.39 -15.41 61.53
N GLY C 192 23.88 -14.23 61.13
CA GLY C 192 23.27 -12.99 61.58
C GLY C 192 21.86 -12.76 61.09
N HIS C 193 21.57 -13.21 59.85
CA HIS C 193 20.19 -13.14 59.35
C HIS C 193 19.29 -14.10 60.12
N MET C 194 19.78 -15.31 60.41
CA MET C 194 18.93 -16.27 61.11
C MET C 194 18.69 -15.86 62.56
N VAL C 195 19.68 -15.27 63.23
CA VAL C 195 19.40 -14.78 64.58
C VAL C 195 18.66 -13.44 64.62
N HIS C 196 18.79 -12.58 63.60
CA HIS C 196 18.04 -11.32 63.67
C HIS C 196 16.65 -11.40 63.09
N VAL C 197 16.44 -12.17 62.02
CA VAL C 197 15.22 -12.11 61.24
C VAL C 197 14.41 -13.38 61.36
N ALA C 198 14.98 -14.52 60.96
CA ALA C 198 14.26 -15.78 60.76
C ALA C 198 13.71 -16.38 62.05
N ILE C 199 14.49 -16.37 63.14
CA ILE C 199 14.01 -16.92 64.41
C ILE C 199 12.95 -16.05 65.10
N PRO C 200 13.07 -14.70 65.26
CA PRO C 200 11.93 -13.97 65.86
C PRO C 200 10.70 -13.88 64.99
N ARG C 201 10.84 -13.97 63.67
CA ARG C 201 9.65 -13.97 62.83
C ARG C 201 9.07 -15.38 62.69
N ALA C 202 9.85 -16.41 63.03
CA ALA C 202 9.24 -17.70 63.32
C ALA C 202 8.45 -17.71 64.62
N TYR C 203 8.68 -16.74 65.52
CA TYR C 203 7.89 -16.63 66.75
C TYR C 203 7.15 -15.30 66.87
N GLY C 204 6.70 -14.71 65.75
CA GLY C 204 5.74 -13.62 65.76
C GLY C 204 6.32 -12.22 65.81
N LYS C 205 7.62 -12.08 66.07
CA LYS C 205 8.20 -10.76 66.31
C LYS C 205 8.78 -10.27 64.99
N GLU C 206 8.08 -9.32 64.37
CA GLU C 206 8.27 -8.94 62.97
C GLU C 206 9.43 -7.96 62.86
N VAL C 207 10.56 -8.44 62.36
CA VAL C 207 11.78 -7.64 62.22
C VAL C 207 11.93 -7.25 60.77
N ASN C 208 12.15 -5.96 60.52
CA ASN C 208 12.35 -5.47 59.16
C ASN C 208 13.52 -4.48 59.16
N TRP C 209 13.69 -3.78 58.03
CA TRP C 209 14.81 -2.89 57.79
C TRP C 209 14.67 -1.52 58.44
N SER C 210 13.62 -1.28 59.24
CA SER C 210 13.46 0.00 59.92
C SER C 210 13.63 -0.10 61.42
N ASN C 211 13.50 -1.29 62.00
CA ASN C 211 13.55 -1.49 63.44
C ASN C 211 14.70 -2.37 63.91
N PHE C 212 15.67 -2.65 63.04
CA PHE C 212 16.68 -3.66 63.35
C PHE C 212 17.86 -3.12 64.14
N LEU C 213 17.92 -1.81 64.41
CA LEU C 213 18.87 -1.29 65.39
C LEU C 213 18.29 -1.27 66.80
N GLN C 214 16.97 -1.41 66.95
CA GLN C 214 16.30 -1.39 68.23
C GLN C 214 15.91 -2.79 68.67
N ILE C 215 15.52 -3.63 67.72
CA ILE C 215 15.19 -5.02 67.97
C ILE C 215 16.46 -5.86 68.12
N ALA C 216 16.60 -6.53 69.26
CA ALA C 216 17.71 -7.42 69.55
C ALA C 216 17.30 -8.88 69.29
N PRO C 217 18.28 -9.73 69.00
CA PRO C 217 17.98 -11.22 68.89
C PRO C 217 17.56 -11.90 70.17
N HIS C 218 18.09 -11.40 71.31
CA HIS C 218 17.93 -12.01 72.60
C HIS C 218 18.10 -10.90 73.62
N ASP C 219 17.36 -10.98 74.73
CA ASP C 219 17.35 -9.87 75.70
C ASP C 219 18.59 -9.80 76.58
N ALA C 220 19.46 -10.81 76.56
CA ALA C 220 20.82 -10.63 77.05
C ALA C 220 21.73 -10.20 75.90
N GLY C 221 21.55 -8.96 75.48
CA GLY C 221 22.09 -8.46 74.24
C GLY C 221 23.54 -8.02 74.31
N LEU C 222 24.44 -8.87 73.76
CA LEU C 222 25.88 -8.67 73.55
C LEU C 222 26.72 -8.57 74.83
N SER C 223 26.10 -8.67 76.01
CA SER C 223 26.84 -8.87 77.23
C SER C 223 27.11 -10.34 77.49
N ALA C 224 26.42 -11.23 76.77
CA ALA C 224 26.63 -12.66 76.89
C ALA C 224 27.79 -13.17 76.05
N PHE C 225 28.31 -12.36 75.12
CA PHE C 225 29.46 -12.73 74.32
C PHE C 225 30.76 -12.32 74.99
N PHE C 226 30.78 -11.13 75.60
CA PHE C 226 32.02 -10.57 76.15
C PHE C 226 32.40 -11.21 77.48
N THR C 227 31.41 -11.53 78.32
CA THR C 227 31.68 -12.10 79.62
C THR C 227 31.80 -13.62 79.61
N GLY C 228 31.60 -14.26 78.46
CA GLY C 228 31.76 -15.69 78.34
C GLY C 228 30.58 -16.53 78.77
N ASN C 229 29.42 -15.91 79.00
CA ASN C 229 28.21 -16.66 79.33
C ASN C 229 27.48 -16.92 78.01
N TRP C 230 28.04 -17.84 77.23
CA TRP C 230 27.51 -18.13 75.90
C TRP C 230 26.20 -18.90 75.93
N GLY C 231 25.95 -19.67 76.99
CA GLY C 231 24.80 -20.57 77.04
C GLY C 231 23.47 -19.89 77.23
N ALA C 232 23.45 -18.57 77.51
CA ALA C 232 22.19 -17.84 77.65
C ALA C 232 21.45 -17.70 76.32
N TYR C 233 22.17 -17.77 75.19
CA TYR C 233 21.51 -17.91 73.90
C TYR C 233 20.82 -19.27 73.74
N ALA C 234 21.31 -20.30 74.42
CA ALA C 234 20.73 -21.63 74.35
C ALA C 234 19.59 -21.86 75.33
N GLN C 235 19.39 -20.95 76.29
CA GLN C 235 18.33 -21.04 77.27
C GLN C 235 17.07 -20.38 76.73
N PRO C 236 15.89 -20.78 77.25
CA PRO C 236 14.68 -19.99 77.00
C PRO C 236 14.71 -18.56 77.54
N GLY C 237 15.52 -18.28 78.56
CA GLY C 237 15.74 -16.91 79.00
C GLY C 237 14.58 -16.34 79.81
N ALA C 238 14.54 -15.00 79.83
CA ALA C 238 13.53 -14.25 80.55
C ALA C 238 12.90 -13.21 79.63
N ASN C 239 11.60 -12.95 79.87
CA ASN C 239 10.76 -12.01 79.12
C ASN C 239 10.72 -12.35 77.63
N GLY C 240 10.22 -13.56 77.33
CA GLY C 240 10.20 -14.04 75.97
C GLY C 240 11.56 -14.63 75.59
N SER C 241 12.19 -14.02 74.56
CA SER C 241 13.51 -14.33 73.99
C SER C 241 13.64 -15.79 73.59
N PRO C 242 13.08 -16.22 72.45
CA PRO C 242 13.26 -17.61 71.98
C PRO C 242 14.72 -17.87 71.63
N PRO C 243 15.20 -19.12 71.81
CA PRO C 243 16.64 -19.38 71.67
C PRO C 243 17.12 -19.35 70.24
N ILE C 244 18.26 -18.68 70.08
CA ILE C 244 18.83 -18.39 68.77
C ILE C 244 20.10 -19.19 68.46
N LEU C 245 20.80 -19.71 69.49
CA LEU C 245 21.92 -20.64 69.34
C LEU C 245 21.69 -21.81 70.29
N THR C 246 20.90 -22.76 69.83
CA THR C 246 20.54 -23.92 70.62
C THR C 246 21.01 -25.15 69.88
N PHE C 247 20.76 -26.31 70.45
CA PHE C 247 20.89 -27.47 69.66
C PHE C 247 19.66 -28.29 70.07
N ILE C 248 18.83 -28.67 69.09
CA ILE C 248 17.88 -29.77 69.31
C ILE C 248 18.36 -31.02 68.57
N GLY C 249 18.48 -30.90 67.24
CA GLY C 249 18.97 -31.99 66.43
C GLY C 249 17.92 -32.90 65.84
N GLY C 250 18.27 -33.53 64.74
CA GLY C 250 17.27 -34.17 63.92
C GLY C 250 16.37 -33.12 63.34
N LEU C 251 15.08 -33.25 63.56
CA LEU C 251 14.11 -32.34 62.96
C LEU C 251 13.18 -31.78 64.03
N ASN C 252 12.72 -30.55 63.78
CA ASN C 252 11.71 -29.95 64.63
C ASN C 252 10.37 -30.63 64.40
N PRO C 253 9.62 -30.96 65.46
CA PRO C 253 8.37 -31.74 65.30
C PRO C 253 7.22 -30.95 64.69
N GLN C 254 7.11 -29.69 65.10
CA GLN C 254 5.92 -28.89 64.82
C GLN C 254 5.85 -28.43 63.36
N THR C 255 7.00 -28.34 62.69
CA THR C 255 7.05 -28.00 61.27
C THR C 255 7.44 -29.17 60.38
N GLY C 256 7.92 -30.27 60.96
CA GLY C 256 8.45 -31.37 60.17
C GLY C 256 9.71 -31.03 59.43
N SER C 257 10.54 -30.15 59.98
CA SER C 257 11.70 -29.64 59.29
C SER C 257 12.82 -29.40 60.29
N LEU C 258 13.87 -28.79 59.81
CA LEU C 258 15.10 -28.61 60.56
C LEU C 258 14.94 -27.39 61.46
N PRO C 259 15.27 -27.43 62.74
CA PRO C 259 15.06 -26.23 63.58
C PRO C 259 16.07 -25.10 63.40
N LEU C 260 15.54 -23.88 63.53
CA LEU C 260 16.19 -22.69 63.01
C LEU C 260 17.38 -22.25 63.88
N GLY C 261 17.30 -22.48 65.19
CA GLY C 261 18.42 -22.22 66.08
C GLY C 261 19.61 -23.11 65.81
N ASP C 262 19.37 -24.37 65.43
CA ASP C 262 20.43 -25.26 64.95
C ASP C 262 21.06 -24.77 63.66
N ILE C 263 20.26 -24.20 62.76
CA ILE C 263 20.78 -23.62 61.53
C ILE C 263 21.66 -22.43 61.82
N ALA C 264 21.20 -21.54 62.70
CA ALA C 264 21.97 -20.36 63.10
C ALA C 264 23.26 -20.71 63.84
N HIS C 265 23.22 -21.72 64.71
CA HIS C 265 24.42 -22.13 65.44
C HIS C 265 25.40 -22.87 64.52
N HIS C 266 24.88 -23.66 63.56
CA HIS C 266 25.68 -24.18 62.45
C HIS C 266 26.39 -23.10 61.67
N HIS C 267 25.68 -22.05 61.30
CA HIS C 267 26.28 -21.02 60.49
C HIS C 267 27.12 -20.04 61.26
N LEU C 268 27.07 -20.09 62.57
CA LEU C 268 28.08 -19.41 63.34
C LEU C 268 29.35 -20.24 63.44
N ALA C 269 29.20 -21.56 63.71
CA ALA C 269 30.35 -22.40 63.98
C ALA C 269 31.19 -22.69 62.73
N ILE C 270 30.53 -22.94 61.59
CA ILE C 270 31.33 -23.23 60.41
C ILE C 270 31.87 -21.94 59.81
N ALA C 271 31.26 -20.80 60.12
CA ALA C 271 31.84 -19.50 59.80
C ALA C 271 33.13 -19.25 60.57
N VAL C 272 33.13 -19.60 61.86
CA VAL C 272 34.35 -19.48 62.67
C VAL C 272 35.46 -20.38 62.13
N ILE C 273 35.12 -21.63 61.77
CA ILE C 273 36.18 -22.52 61.27
C ILE C 273 36.59 -22.14 59.84
N PHE C 274 35.73 -21.48 59.05
CA PHE C 274 36.19 -21.02 57.73
C PHE C 274 37.06 -19.76 57.81
N ILE C 275 36.75 -18.84 58.72
CA ILE C 275 37.62 -17.66 58.91
C ILE C 275 38.98 -18.08 59.45
N ILE C 276 39.01 -19.05 60.39
CA ILE C 276 40.28 -19.62 60.86
C ILE C 276 40.99 -20.40 59.73
N ALA C 277 40.22 -21.08 58.87
CA ALA C 277 40.78 -21.80 57.73
C ALA C 277 41.35 -20.88 56.66
N GLY C 278 40.89 -19.64 56.61
CA GLY C 278 41.55 -18.65 55.77
C GLY C 278 42.69 -17.91 56.43
N HIS C 279 43.52 -18.62 57.21
CA HIS C 279 44.69 -18.02 57.84
C HIS C 279 45.91 -18.91 57.69
N MET C 280 45.94 -19.79 56.71
CA MET C 280 46.98 -20.80 56.66
C MET C 280 48.00 -20.51 55.56
N TYR C 281 47.59 -19.80 54.51
CA TYR C 281 48.46 -19.54 53.38
C TYR C 281 49.15 -18.18 53.50
N ARG C 282 50.34 -18.10 52.90
CA ARG C 282 51.23 -16.95 53.09
C ARG C 282 50.85 -15.80 52.18
N THR C 283 50.66 -14.62 52.77
CA THR C 283 50.44 -13.39 52.02
C THR C 283 51.54 -12.43 52.45
N ASN C 284 51.36 -11.14 52.16
CA ASN C 284 52.41 -10.13 52.19
C ASN C 284 52.88 -9.71 53.61
N PHE C 285 52.56 -10.46 54.67
CA PHE C 285 52.92 -10.09 56.02
C PHE C 285 53.91 -11.05 56.68
N GLY C 286 54.36 -12.09 55.98
CA GLY C 286 55.45 -12.92 56.46
C GLY C 286 55.06 -14.23 57.10
N ILE C 287 53.79 -14.44 57.43
CA ILE C 287 53.36 -15.67 58.05
C ILE C 287 52.44 -16.44 57.11
N GLY C 288 52.36 -17.75 57.32
CA GLY C 288 51.55 -18.62 56.49
C GLY C 288 52.40 -19.55 55.64
N HIS C 289 51.73 -20.51 55.02
CA HIS C 289 52.35 -21.49 54.12
C HIS C 289 52.42 -20.94 52.71
N ASN C 290 53.55 -21.12 52.06
CA ASN C 290 53.61 -20.91 50.62
C ASN C 290 53.33 -22.24 49.93
N LEU C 291 52.46 -22.22 48.93
CA LEU C 291 51.96 -23.46 48.35
C LEU C 291 52.96 -24.19 47.47
N LYS C 292 54.01 -23.51 46.99
CA LYS C 292 55.06 -24.18 46.23
C LYS C 292 55.81 -25.17 47.12
N GLU C 293 56.28 -24.73 48.28
CA GLU C 293 56.97 -25.63 49.20
C GLU C 293 56.02 -26.57 49.93
N LEU C 294 54.74 -26.20 50.08
CA LEU C 294 53.80 -27.08 50.76
C LEU C 294 53.37 -28.23 49.86
N VAL C 295 53.14 -27.95 48.58
CA VAL C 295 52.80 -29.02 47.64
C VAL C 295 54.03 -29.86 47.33
N ASP C 296 55.17 -29.22 47.02
CA ASP C 296 56.32 -29.98 46.56
C ASP C 296 57.12 -30.64 47.68
N GLY C 297 56.72 -30.46 48.94
CA GLY C 297 57.30 -31.16 50.06
C GLY C 297 56.54 -32.38 50.55
N GLN C 298 55.63 -32.93 49.74
CA GLN C 298 54.84 -34.11 50.14
C GLN C 298 55.46 -35.37 49.53
N VAL C 299 56.61 -35.76 50.06
CA VAL C 299 57.36 -36.85 49.44
C VAL C 299 57.57 -37.97 50.47
N TRP C 300 57.32 -39.20 50.03
CA TRP C 300 57.49 -40.44 50.77
C TRP C 300 57.86 -41.52 49.76
N PRO C 301 58.65 -42.52 50.15
CA PRO C 301 59.38 -43.31 49.16
C PRO C 301 58.62 -44.36 48.33
N GLY C 302 57.28 -44.36 48.27
CA GLY C 302 56.55 -45.21 47.36
C GLY C 302 55.94 -44.50 46.18
N VAL C 303 56.00 -43.17 46.16
CA VAL C 303 55.52 -42.33 45.06
C VAL C 303 56.65 -41.53 44.41
N GLY C 304 57.90 -41.87 44.73
CA GLY C 304 59.04 -41.33 44.01
C GLY C 304 59.37 -39.88 44.30
N ALA C 305 59.10 -39.00 43.34
CA ALA C 305 59.29 -37.56 43.51
C ALA C 305 58.12 -36.88 44.22
N GLY C 306 57.08 -37.63 44.56
CA GLY C 306 55.98 -37.13 45.34
C GLY C 306 55.06 -36.20 44.58
N HIS C 307 54.97 -34.96 45.03
CA HIS C 307 54.08 -33.97 44.44
C HIS C 307 54.86 -32.77 43.93
N ARG C 308 56.13 -33.00 43.59
CA ARG C 308 57.02 -31.94 43.16
C ARG C 308 56.67 -31.47 41.77
N GLY C 309 56.46 -30.16 41.62
CA GLY C 309 56.02 -29.60 40.37
C GLY C 309 54.52 -29.55 40.20
N LEU C 310 53.73 -30.05 41.16
CA LEU C 310 52.28 -30.03 41.00
C LEU C 310 51.67 -28.65 41.25
N TYR C 311 52.40 -27.73 41.91
CA TYR C 311 51.93 -26.36 42.08
C TYR C 311 51.78 -25.64 40.75
N ASP C 312 52.80 -25.73 39.90
CA ASP C 312 52.73 -25.12 38.57
C ASP C 312 51.76 -25.89 37.68
N THR C 313 51.60 -27.19 37.93
CA THR C 313 50.70 -28.02 37.14
C THR C 313 49.24 -27.64 37.37
N VAL C 314 48.84 -27.40 38.62
CA VAL C 314 47.52 -26.86 38.89
C VAL C 314 47.43 -25.39 38.48
N ASN C 315 48.42 -24.57 38.85
CA ASN C 315 48.34 -23.12 38.74
C ASN C 315 48.41 -22.60 37.31
N ASN C 316 49.19 -23.22 36.43
CA ASN C 316 49.30 -22.74 35.06
C ASN C 316 48.19 -23.26 34.16
N SER C 317 47.38 -24.21 34.63
CA SER C 317 46.36 -24.88 33.82
C SER C 317 44.97 -24.71 34.40
N LEU C 318 44.09 -24.11 33.61
CA LEU C 318 42.73 -23.87 34.07
C LEU C 318 41.82 -25.09 33.88
N HIS C 319 42.25 -26.07 33.08
CA HIS C 319 41.47 -27.30 32.92
C HIS C 319 41.62 -28.22 34.13
N PHE C 320 42.80 -28.23 34.76
CA PHE C 320 42.99 -28.94 36.03
C PHE C 320 42.13 -28.33 37.13
N GLN C 321 42.17 -27.00 37.27
CA GLN C 321 41.39 -26.29 38.28
C GLN C 321 39.90 -26.41 38.04
N LEU C 322 39.49 -26.40 36.77
CA LEU C 322 38.09 -26.61 36.42
C LEU C 322 37.64 -28.04 36.68
N SER C 323 38.54 -29.02 36.49
CA SER C 323 38.23 -30.41 36.79
C SER C 323 38.01 -30.64 38.29
N LEU C 324 38.89 -30.07 39.12
CA LEU C 324 38.72 -30.14 40.57
C LEU C 324 37.49 -29.38 41.06
N ALA C 325 37.23 -28.19 40.48
CA ALA C 325 36.08 -27.39 40.86
C ALA C 325 34.77 -28.06 40.46
N LEU C 326 34.75 -28.69 39.30
CA LEU C 326 33.53 -29.34 38.81
C LEU C 326 33.26 -30.63 39.58
N ALA C 327 34.32 -31.37 39.92
CA ALA C 327 34.18 -32.62 40.68
C ALA C 327 33.73 -32.36 42.10
N SER C 328 34.35 -31.36 42.75
CA SER C 328 33.98 -30.99 44.11
C SER C 328 32.59 -30.40 44.14
N LEU C 329 32.24 -29.56 43.16
CA LEU C 329 30.94 -28.93 43.09
C LEU C 329 29.84 -29.95 42.85
N GLY C 330 30.11 -30.96 42.03
CA GLY C 330 29.13 -32.01 41.80
C GLY C 330 28.99 -32.98 42.95
N THR C 331 30.08 -33.26 43.66
CA THR C 331 29.97 -34.10 44.85
C THR C 331 29.22 -33.38 45.96
N VAL C 332 29.44 -32.07 46.07
CA VAL C 332 28.64 -31.18 46.92
C VAL C 332 27.18 -31.15 46.50
N THR C 333 26.90 -31.15 45.19
CA THR C 333 25.53 -31.06 44.69
C THR C 333 24.77 -32.36 44.93
N SER C 334 25.45 -33.49 44.75
CA SER C 334 25.00 -34.80 45.19
C SER C 334 24.70 -34.80 46.69
N LEU C 335 25.60 -34.24 47.48
CA LEU C 335 25.40 -34.17 48.93
C LEU C 335 24.23 -33.29 49.32
N VAL C 336 24.02 -32.19 48.60
CA VAL C 336 22.84 -31.32 48.77
C VAL C 336 21.55 -32.11 48.53
N ALA C 337 21.54 -32.94 47.49
CA ALA C 337 20.41 -33.84 47.23
C ALA C 337 20.23 -34.89 48.33
N GLN C 338 21.34 -35.48 48.82
CA GLN C 338 21.19 -36.54 49.82
C GLN C 338 20.88 -36.02 51.22
N GLN C 339 21.13 -34.74 51.51
CA GLN C 339 20.70 -34.22 52.81
C GLN C 339 19.38 -33.49 52.78
N MET C 340 18.84 -33.12 51.61
CA MET C 340 17.55 -32.44 51.63
C MET C 340 16.37 -33.39 51.84
N TYR C 341 16.44 -34.62 51.35
CA TYR C 341 15.33 -35.52 51.66
C TYR C 341 15.46 -36.05 53.08
N ALA C 342 16.69 -36.22 53.54
CA ALA C 342 16.96 -36.92 54.78
C ALA C 342 16.71 -36.01 55.97
N LEU C 343 17.26 -34.81 55.94
CA LEU C 343 17.02 -33.75 56.92
C LEU C 343 16.46 -32.55 56.18
N PRO C 344 15.13 -32.43 56.00
CA PRO C 344 14.57 -31.32 55.21
C PRO C 344 14.74 -29.98 55.91
N PRO C 345 15.34 -28.99 55.25
CA PRO C 345 15.60 -27.73 55.97
C PRO C 345 14.46 -26.72 56.01
N TYR C 346 13.38 -26.89 55.24
CA TYR C 346 12.38 -25.86 55.15
C TYR C 346 11.04 -26.43 55.59
N ALA C 347 10.21 -25.58 56.19
CA ALA C 347 8.98 -26.04 56.81
C ALA C 347 7.95 -26.43 55.75
N PHE C 348 7.38 -27.63 55.94
CA PHE C 348 6.33 -28.22 55.10
C PHE C 348 6.78 -28.44 53.66
N MET C 349 8.09 -28.65 53.45
CA MET C 349 8.53 -29.07 52.12
C MET C 349 8.41 -30.57 51.97
N ALA C 350 8.46 -31.32 53.07
CA ALA C 350 8.33 -32.77 53.03
C ALA C 350 6.90 -33.19 52.72
N LYS C 351 5.92 -32.38 53.13
CA LYS C 351 4.51 -32.61 52.82
C LYS C 351 4.25 -32.50 51.32
N ASP C 352 4.94 -31.59 50.65
CA ASP C 352 4.82 -31.48 49.20
C ASP C 352 5.77 -32.53 48.63
N HIS C 353 5.21 -33.65 48.22
CA HIS C 353 6.00 -34.79 47.79
C HIS C 353 6.64 -34.52 46.43
N THR C 354 5.96 -33.75 45.59
CA THR C 354 6.42 -33.47 44.24
C THR C 354 7.61 -32.52 44.26
N THR C 355 7.63 -31.58 45.20
CA THR C 355 8.80 -30.73 45.45
C THR C 355 10.03 -31.52 45.88
N MET C 356 9.87 -32.51 46.80
CA MET C 356 10.98 -33.35 47.22
C MET C 356 11.53 -34.18 46.08
N ALA C 357 10.62 -34.71 45.26
CA ALA C 357 10.99 -35.50 44.09
C ALA C 357 11.70 -34.66 43.03
N ALA C 358 11.15 -33.49 42.73
CA ALA C 358 11.70 -32.62 41.71
C ALA C 358 13.03 -32.01 42.15
N LEU C 359 13.17 -31.67 43.44
CA LEU C 359 14.41 -31.12 43.96
C LEU C 359 15.53 -32.15 44.00
N TYR C 360 15.27 -33.37 44.49
CA TYR C 360 16.29 -34.42 44.51
C TYR C 360 16.74 -34.79 43.09
N THR C 361 15.78 -34.93 42.17
CA THR C 361 16.12 -35.34 40.82
C THR C 361 16.84 -34.24 40.05
N HIS C 362 16.44 -32.98 40.30
CA HIS C 362 17.15 -31.77 39.86
C HIS C 362 18.62 -31.75 40.27
N HIS C 363 18.88 -31.76 41.60
CA HIS C 363 20.26 -31.66 42.08
C HIS C 363 21.10 -32.88 41.74
N GLN C 364 20.48 -34.06 41.62
CA GLN C 364 21.29 -35.23 41.33
C GLN C 364 21.70 -35.28 39.87
N TYR C 365 20.78 -34.94 38.94
CA TYR C 365 21.11 -34.89 37.52
C TYR C 365 22.16 -33.83 37.23
N ILE C 366 22.01 -32.63 37.84
CA ILE C 366 22.99 -31.55 37.69
C ILE C 366 24.36 -31.96 38.24
N ALA C 367 24.37 -32.70 39.36
CA ALA C 367 25.59 -33.25 39.94
C ALA C 367 26.30 -34.24 39.01
N GLY C 368 25.52 -35.08 38.31
CA GLY C 368 26.10 -36.00 37.34
C GLY C 368 26.72 -35.29 36.14
N PHE C 369 26.09 -34.19 35.70
CA PHE C 369 26.68 -33.33 34.67
C PHE C 369 27.99 -32.70 35.10
N LEU C 370 28.05 -32.20 36.34
CA LEU C 370 29.30 -31.62 36.88
C LEU C 370 30.44 -32.63 37.02
N LEU C 371 30.13 -33.86 37.44
CA LEU C 371 31.16 -34.92 37.45
C LEU C 371 31.65 -35.30 36.06
N VAL C 372 30.75 -35.44 35.09
CA VAL C 372 31.23 -35.94 33.81
C VAL C 372 31.94 -34.82 33.03
N GLY C 373 31.59 -33.56 33.33
CA GLY C 373 32.42 -32.45 32.87
C GLY C 373 33.75 -32.29 33.60
N ALA C 374 33.82 -32.70 34.86
CA ALA C 374 35.09 -32.70 35.59
C ALA C 374 36.08 -33.66 34.95
N PHE C 375 35.62 -34.84 34.59
CA PHE C 375 36.53 -35.76 33.93
C PHE C 375 36.75 -35.41 32.45
N ALA C 376 35.83 -34.64 31.85
CA ALA C 376 36.07 -34.04 30.54
C ALA C 376 37.29 -33.12 30.58
N HIS C 377 37.27 -32.12 31.47
CA HIS C 377 38.40 -31.19 31.57
C HIS C 377 39.64 -31.81 32.17
N ALA C 378 39.51 -32.95 32.85
CA ALA C 378 40.66 -33.80 33.11
C ALA C 378 41.33 -34.26 31.82
N ALA C 379 40.54 -34.81 30.87
CA ALA C 379 41.12 -35.24 29.59
C ALA C 379 41.61 -34.05 28.73
N ILE C 380 40.94 -32.90 28.86
CA ILE C 380 41.35 -31.67 28.17
C ILE C 380 42.69 -31.16 28.72
N PHE C 381 42.88 -31.26 30.05
CA PHE C 381 44.20 -31.06 30.68
C PHE C 381 45.26 -31.98 30.11
N TRP C 382 44.90 -33.26 29.93
CA TRP C 382 45.86 -34.25 29.42
C TRP C 382 46.30 -33.94 27.99
N VAL C 383 45.38 -33.49 27.15
CA VAL C 383 45.79 -33.22 25.77
C VAL C 383 46.50 -31.87 25.65
N ARG C 384 46.08 -30.84 26.38
CA ARG C 384 46.56 -29.50 26.06
C ARG C 384 47.58 -28.94 27.04
N ASP C 385 47.57 -29.37 28.29
CA ASP C 385 48.29 -28.65 29.33
C ASP C 385 49.31 -29.49 30.08
N TYR C 386 49.24 -30.82 30.01
CA TYR C 386 50.20 -31.68 30.67
C TYR C 386 51.56 -31.62 29.98
N ASP C 387 52.61 -31.51 30.79
CA ASP C 387 53.98 -31.58 30.32
C ASP C 387 54.65 -32.70 31.10
N PRO C 388 55.17 -33.75 30.44
CA PRO C 388 55.83 -34.84 31.19
C PRO C 388 57.20 -34.48 31.77
N GLU C 389 57.75 -33.31 31.44
CA GLU C 389 59.10 -33.00 31.88
C GLU C 389 59.10 -32.26 33.21
N ALA C 390 58.23 -31.25 33.38
CA ALA C 390 58.07 -30.62 34.68
C ALA C 390 57.42 -31.55 35.69
N ASN C 391 56.51 -32.41 35.25
CA ASN C 391 55.93 -33.47 36.08
C ASN C 391 56.70 -34.78 35.94
N LYS C 392 58.01 -34.77 36.14
CA LYS C 392 58.78 -36.01 36.01
C LYS C 392 58.69 -36.80 37.30
N ASP C 393 58.01 -37.95 37.22
CA ASP C 393 57.94 -38.99 38.26
C ASP C 393 57.24 -38.47 39.53
N ASN C 394 56.40 -37.45 39.40
CA ASN C 394 55.41 -37.16 40.42
C ASN C 394 54.23 -38.13 40.25
N VAL C 395 53.24 -38.04 41.14
CA VAL C 395 52.11 -38.98 41.21
C VAL C 395 51.24 -38.98 39.95
N LEU C 396 51.22 -37.86 39.24
CA LEU C 396 50.43 -37.67 38.04
C LEU C 396 51.05 -38.46 36.88
N ALA C 397 52.38 -38.40 36.75
CA ALA C 397 53.09 -39.21 35.78
C ALA C 397 53.08 -40.70 36.12
N ARG C 398 52.98 -41.05 37.41
CA ARG C 398 52.94 -42.48 37.75
C ARG C 398 51.57 -43.08 37.44
N VAL C 399 50.48 -42.32 37.62
CA VAL C 399 49.19 -42.84 37.17
C VAL C 399 48.98 -42.65 35.67
N LEU C 400 49.82 -41.87 34.99
CA LEU C 400 49.91 -42.07 33.55
C LEU C 400 50.73 -43.30 33.20
N ALA C 401 51.67 -43.70 34.06
CA ALA C 401 52.56 -44.81 33.75
C ALA C 401 51.87 -46.17 33.89
N HIS C 402 50.99 -46.34 34.88
CA HIS C 402 50.29 -47.60 35.08
C HIS C 402 48.79 -47.46 34.81
N LYS C 403 48.47 -46.74 33.71
CA LYS C 403 47.09 -46.44 33.33
C LYS C 403 46.27 -47.70 33.01
N GLU C 404 46.94 -48.76 32.50
CA GLU C 404 46.28 -50.00 32.12
C GLU C 404 45.80 -50.76 33.35
N ALA C 405 46.49 -50.59 34.48
CA ALA C 405 46.04 -51.15 35.76
C ALA C 405 44.72 -50.53 36.21
N ILE C 406 44.61 -49.20 36.11
CA ILE C 406 43.41 -48.50 36.56
C ILE C 406 42.23 -48.78 35.64
N ILE C 407 42.45 -48.73 34.32
CA ILE C 407 41.40 -49.05 33.36
C ILE C 407 40.96 -50.51 33.42
N SER C 408 41.90 -51.45 33.52
CA SER C 408 41.52 -52.86 33.58
C SER C 408 40.87 -53.23 34.91
N HIS C 409 41.24 -52.54 35.99
CA HIS C 409 40.58 -52.83 37.26
C HIS C 409 39.20 -52.20 37.37
N LEU C 410 38.99 -51.01 36.80
CA LEU C 410 37.63 -50.48 36.65
C LEU C 410 36.79 -51.34 35.73
N SER C 411 37.41 -51.94 34.70
CA SER C 411 36.74 -52.90 33.85
C SER C 411 36.31 -54.15 34.63
N TRP C 412 37.16 -54.62 35.55
CA TRP C 412 36.79 -55.77 36.37
C TRP C 412 35.68 -55.45 37.35
N VAL C 413 35.71 -54.25 37.98
CA VAL C 413 34.66 -53.85 38.93
C VAL C 413 33.32 -53.73 38.22
N SER C 414 33.32 -53.11 37.02
CA SER C 414 32.10 -52.91 36.24
C SER C 414 31.52 -54.24 35.75
N LEU C 415 32.35 -55.12 35.19
CA LEU C 415 31.88 -56.45 34.77
C LEU C 415 31.39 -57.30 35.94
N PHE C 416 32.08 -57.21 37.09
CA PHE C 416 31.72 -57.88 38.33
C PHE C 416 30.32 -57.55 38.84
N LEU C 417 30.09 -56.24 39.01
CA LEU C 417 28.80 -55.73 39.47
C LEU C 417 27.70 -55.99 38.46
N GLY C 418 28.01 -55.90 37.16
CA GLY C 418 27.00 -56.13 36.15
C GLY C 418 26.54 -57.55 35.96
N PHE C 419 27.50 -58.50 35.87
CA PHE C 419 27.18 -59.92 35.82
C PHE C 419 26.36 -60.35 37.03
N HIS C 420 26.73 -59.89 38.22
CA HIS C 420 25.99 -60.41 39.36
C HIS C 420 24.71 -59.67 39.68
N THR C 421 24.65 -58.34 39.50
CA THR C 421 23.41 -57.60 39.74
C THR C 421 22.35 -57.98 38.71
N LEU C 422 22.75 -58.10 37.43
CA LEU C 422 21.81 -58.49 36.39
C LEU C 422 21.40 -59.95 36.56
N GLY C 423 22.33 -60.81 37.00
CA GLY C 423 22.00 -62.21 37.23
C GLY C 423 21.03 -62.43 38.38
N LEU C 424 21.21 -61.69 39.49
CA LEU C 424 20.26 -61.81 40.59
C LEU C 424 18.90 -61.22 40.26
N TYR C 425 18.89 -60.10 39.52
CA TYR C 425 17.64 -59.49 39.07
C TYR C 425 16.88 -60.42 38.12
N VAL C 426 17.59 -61.04 37.16
CA VAL C 426 16.93 -61.89 36.18
C VAL C 426 16.53 -63.23 36.82
N HIS C 427 17.28 -63.70 37.82
CA HIS C 427 16.84 -64.79 38.71
C HIS C 427 15.51 -64.47 39.37
N ASN C 428 15.38 -63.26 39.91
CA ASN C 428 14.17 -62.86 40.60
C ASN C 428 12.97 -62.75 39.65
N ASP C 429 13.22 -62.26 38.44
CA ASP C 429 12.28 -62.34 37.31
C ASP C 429 11.84 -63.76 36.89
N VAL C 430 12.77 -64.71 36.78
CA VAL C 430 12.41 -66.10 36.48
C VAL C 430 11.63 -66.74 37.63
N MET C 431 11.96 -66.40 38.88
CA MET C 431 11.24 -67.01 39.99
C MET C 431 9.84 -66.44 40.18
N GLN C 432 9.65 -65.15 39.93
CA GLN C 432 8.28 -64.66 39.91
C GLN C 432 7.52 -65.14 38.68
N ALA C 433 8.22 -65.38 37.57
CA ALA C 433 7.61 -65.97 36.40
C ALA C 433 7.15 -67.40 36.65
N PHE C 434 7.91 -68.16 37.39
CA PHE C 434 7.60 -69.58 37.57
C PHE C 434 6.70 -69.83 38.76
N GLY C 435 6.11 -68.78 39.33
CA GLY C 435 5.20 -68.90 40.44
C GLY C 435 5.86 -69.10 41.77
N ARG C 436 7.17 -68.84 41.88
CA ARG C 436 7.96 -69.14 43.08
C ARG C 436 8.59 -67.88 43.68
N PRO C 437 7.80 -67.02 44.38
CA PRO C 437 8.44 -65.88 45.09
C PRO C 437 9.37 -66.25 46.24
N GLU C 438 9.19 -67.40 46.87
CA GLU C 438 10.07 -67.81 47.95
C GLU C 438 11.32 -68.55 47.49
N ASP C 439 11.64 -68.50 46.20
CA ASP C 439 12.89 -69.06 45.69
C ASP C 439 13.84 -67.99 45.18
N GLN C 440 13.42 -66.72 45.19
CA GLN C 440 14.23 -65.60 44.74
C GLN C 440 15.41 -65.40 45.69
N ILE C 441 16.47 -64.77 45.19
CA ILE C 441 17.63 -64.50 46.03
C ILE C 441 17.43 -63.12 46.63
N LEU C 442 17.38 -63.07 47.96
CA LEU C 442 17.05 -61.87 48.70
C LEU C 442 18.17 -61.65 49.69
N ILE C 443 18.93 -60.58 49.53
CA ILE C 443 20.04 -60.30 50.45
C ILE C 443 19.77 -59.01 51.19
N GLU C 444 19.55 -59.14 52.51
CA GLU C 444 19.50 -57.98 53.40
C GLU C 444 20.81 -57.21 53.35
N PRO C 445 20.74 -55.89 53.20
CA PRO C 445 21.96 -55.11 53.25
C PRO C 445 22.41 -54.90 54.69
N VAL C 446 23.33 -55.77 55.11
CA VAL C 446 23.60 -55.93 56.53
C VAL C 446 24.56 -54.84 57.00
N PHE C 447 25.41 -54.38 56.09
CA PHE C 447 26.42 -53.37 56.38
C PHE C 447 25.77 -51.99 56.56
N ALA C 448 24.78 -51.66 55.73
CA ALA C 448 24.13 -50.36 55.88
C ALA C 448 23.11 -50.35 57.01
N GLN C 449 22.50 -51.50 57.35
CA GLN C 449 21.68 -51.51 58.57
C GLN C 449 22.55 -51.54 59.82
N TRP C 450 23.80 -52.00 59.70
CA TRP C 450 24.76 -51.85 60.79
C TRP C 450 25.23 -50.39 60.94
N VAL C 451 25.43 -49.69 59.83
CA VAL C 451 25.75 -48.25 59.87
C VAL C 451 24.55 -47.45 60.37
N GLN C 452 23.32 -47.90 60.05
CA GLN C 452 22.09 -47.41 60.67
C GLN C 452 22.10 -47.60 62.17
N ALA C 453 22.59 -48.77 62.63
CA ALA C 453 22.63 -49.07 64.06
C ALA C 453 23.63 -48.17 64.81
N GLN C 454 24.80 -47.91 64.22
CA GLN C 454 25.69 -46.96 64.89
C GLN C 454 25.30 -45.50 64.68
N SER C 455 24.36 -45.22 63.80
CA SER C 455 23.84 -43.87 63.70
C SER C 455 22.79 -43.57 64.76
N GLY C 456 22.04 -44.58 65.21
CA GLY C 456 21.04 -44.38 66.23
C GLY C 456 19.73 -45.12 65.98
N VAL C 457 19.58 -45.66 64.77
CA VAL C 457 18.42 -46.48 64.42
C VAL C 457 18.55 -47.82 65.15
N LEU C 458 17.42 -48.38 65.60
CA LEU C 458 17.37 -49.63 66.35
C LEU C 458 18.02 -50.84 65.68
N ILE C 459 17.42 -51.33 64.58
CA ILE C 459 17.82 -52.52 63.80
C ILE C 459 17.95 -53.69 64.78
N PRO C 460 16.84 -54.31 65.19
CA PRO C 460 16.77 -54.98 66.51
C PRO C 460 17.58 -56.27 66.69
N GLY C 461 18.37 -56.70 65.71
CA GLY C 461 19.39 -57.69 65.95
C GLY C 461 20.80 -57.14 65.98
N MET C 462 20.96 -55.84 65.69
CA MET C 462 22.24 -55.16 65.76
C MET C 462 22.23 -54.05 66.80
N ALA C 463 23.44 -53.70 67.18
CA ALA C 463 23.73 -52.78 68.25
C ALA C 463 24.86 -51.87 67.80
N PRO C 464 25.00 -50.70 68.42
CA PRO C 464 26.28 -50.00 68.34
C PRO C 464 27.39 -50.79 69.01
N ILE C 465 28.61 -50.60 68.50
CA ILE C 465 29.77 -51.34 69.01
C ILE C 465 30.09 -50.91 70.44
N PHE C 466 30.02 -49.62 70.71
CA PHE C 466 30.24 -49.09 72.04
C PHE C 466 28.94 -48.73 72.75
N GLY C 467 27.80 -49.11 72.16
CA GLY C 467 26.53 -49.12 72.85
C GLY C 467 25.88 -47.75 73.00
N PHE C 468 24.97 -47.69 73.98
CA PHE C 468 24.30 -46.48 74.41
C PHE C 468 24.74 -46.15 75.84
N LEU C 469 24.51 -44.91 76.26
CA LEU C 469 24.80 -44.50 77.62
C LEU C 469 23.57 -44.70 78.50
N GLN C 470 23.56 -44.04 79.66
CA GLN C 470 22.58 -44.32 80.71
C GLN C 470 21.16 -43.88 80.38
N ASP C 471 20.97 -42.93 79.46
CA ASP C 471 19.63 -42.53 79.04
C ASP C 471 19.12 -43.30 77.82
N ASN C 472 19.97 -44.15 77.22
CA ASN C 472 19.71 -45.03 76.07
C ASN C 472 19.38 -44.28 74.77
N ALA C 473 19.60 -42.97 74.72
CA ALA C 473 19.35 -42.18 73.53
C ALA C 473 20.61 -41.56 72.95
N THR C 474 21.64 -41.39 73.77
CA THR C 474 22.97 -40.99 73.33
C THR C 474 23.74 -42.22 72.88
N LEU C 475 24.42 -42.08 71.75
CA LEU C 475 25.33 -43.10 71.27
C LEU C 475 26.55 -43.18 72.19
N GLY C 476 27.18 -44.37 72.24
CA GLY C 476 28.42 -44.50 72.98
C GLY C 476 29.60 -43.81 72.35
N THR C 477 29.50 -43.48 71.07
CA THR C 477 30.51 -42.73 70.33
C THR C 477 30.34 -41.23 70.48
N THR C 478 29.29 -40.79 71.16
CA THR C 478 29.18 -39.42 71.64
C THR C 478 28.96 -39.55 73.15
N PRO C 479 30.03 -39.71 73.93
CA PRO C 479 29.85 -40.00 75.36
C PRO C 479 29.55 -38.76 76.19
N ALA C 480 29.61 -37.57 75.62
CA ALA C 480 29.08 -36.38 76.27
C ALA C 480 27.68 -36.13 75.74
N ALA C 481 27.10 -35.01 76.20
CA ALA C 481 25.88 -34.38 75.66
C ALA C 481 24.65 -35.30 75.74
N ALA C 482 24.18 -35.48 76.99
CA ALA C 482 22.94 -36.23 77.27
C ALA C 482 21.73 -35.60 76.57
N GLY C 483 21.34 -34.38 76.96
CA GLY C 483 20.57 -33.52 76.07
C GLY C 483 21.52 -32.92 75.04
N THR C 484 20.94 -32.34 73.96
CA THR C 484 21.65 -31.96 72.73
C THR C 484 22.28 -33.18 72.04
N PHE C 485 21.51 -33.81 71.15
CA PHE C 485 21.67 -34.99 70.27
C PHE C 485 21.93 -36.33 70.95
N GLY C 486 21.26 -36.56 72.07
CA GLY C 486 20.75 -37.90 72.29
C GLY C 486 19.32 -38.03 71.83
N LEU C 487 18.48 -37.17 72.43
CA LEU C 487 17.04 -37.34 72.39
C LEU C 487 16.47 -37.05 71.01
N GLY C 488 16.65 -35.80 70.52
CA GLY C 488 16.00 -35.36 69.30
C GLY C 488 16.53 -36.05 68.05
N TRP C 489 17.83 -36.33 68.03
CA TRP C 489 18.41 -37.08 66.91
C TRP C 489 17.94 -38.54 66.93
N PHE C 490 17.87 -39.16 68.13
CA PHE C 490 17.43 -40.55 68.24
C PHE C 490 15.97 -40.70 67.84
N CYS C 491 15.09 -39.80 68.27
CA CYS C 491 13.69 -39.99 67.91
C CYS C 491 13.33 -39.25 66.63
N SER C 492 14.29 -38.59 65.99
CA SER C 492 14.12 -38.24 64.58
C SER C 492 14.45 -39.41 63.67
N VAL C 493 15.58 -40.09 63.93
CA VAL C 493 15.94 -41.22 63.07
C VAL C 493 15.13 -42.47 63.36
N ASN C 494 14.31 -42.48 64.41
CA ASN C 494 13.32 -43.53 64.58
C ASN C 494 11.90 -42.99 64.66
N GLY C 495 11.63 -41.84 64.03
CA GLY C 495 10.29 -41.29 63.99
C GLY C 495 9.51 -41.82 62.82
N GLY C 496 8.53 -41.03 62.37
CA GLY C 496 7.73 -41.41 61.24
C GLY C 496 6.46 -42.11 61.64
N PRO C 497 5.52 -42.27 60.71
CA PRO C 497 4.43 -43.25 60.90
C PRO C 497 4.76 -44.72 60.64
N GLY C 498 3.98 -45.59 61.28
CA GLY C 498 4.25 -47.01 61.30
C GLY C 498 5.15 -47.48 62.43
N LEU C 499 6.03 -46.62 62.93
CA LEU C 499 6.78 -46.88 64.16
C LEU C 499 6.44 -45.74 65.11
N THR C 500 6.86 -45.89 66.37
CA THR C 500 6.46 -45.05 67.52
C THR C 500 4.93 -44.95 67.65
N GLU C 501 4.34 -46.08 68.02
CA GLU C 501 2.92 -46.12 68.38
C GLU C 501 2.84 -45.83 69.89
N ALA C 502 1.62 -45.63 70.40
CA ALA C 502 1.42 -45.16 71.77
C ALA C 502 1.71 -46.24 72.83
N ALA C 503 1.76 -47.53 72.46
CA ALA C 503 1.96 -48.54 73.50
C ALA C 503 3.42 -48.65 73.90
N THR C 504 4.29 -49.06 72.96
CA THR C 504 5.73 -49.32 73.06
C THR C 504 6.16 -50.12 74.30
N GLY C 505 6.97 -49.52 75.17
CA GLY C 505 7.50 -50.21 76.34
C GLY C 505 9.00 -49.98 76.49
N ILE C 506 9.51 -49.01 75.74
CA ILE C 506 10.94 -48.75 75.59
C ILE C 506 11.00 -47.21 75.66
N LEU C 507 12.14 -46.59 75.34
CA LEU C 507 12.33 -45.13 75.28
C LEU C 507 11.32 -44.38 74.41
N LYS C 508 10.72 -45.04 73.41
CA LYS C 508 9.74 -44.42 72.51
C LYS C 508 8.39 -44.13 73.16
N THR C 509 8.20 -44.46 74.43
CA THR C 509 7.04 -44.12 75.25
C THR C 509 6.91 -42.61 75.47
N CYS C 510 8.03 -41.86 75.40
CA CYS C 510 8.14 -40.43 75.72
C CYS C 510 7.21 -39.53 74.92
N PHE C 511 7.40 -39.45 73.60
CA PHE C 511 6.34 -39.25 72.60
C PHE C 511 5.68 -37.87 72.55
N ASP C 512 5.85 -37.04 73.58
CA ASP C 512 5.07 -35.81 73.68
C ASP C 512 5.83 -34.59 73.19
N ASN C 513 7.05 -34.76 72.70
CA ASN C 513 7.72 -33.69 71.99
C ASN C 513 7.14 -33.49 70.61
N GLY C 514 6.58 -34.54 70.01
CA GLY C 514 5.83 -34.41 68.78
C GLY C 514 6.39 -35.20 67.61
N TYR C 515 7.17 -36.24 67.89
CA TYR C 515 7.86 -36.98 66.83
C TYR C 515 7.04 -38.18 66.35
N GLY C 516 5.75 -37.96 66.07
CA GLY C 516 4.93 -38.97 65.45
C GLY C 516 4.22 -38.43 64.23
N LYS C 517 3.99 -37.11 64.21
CA LYS C 517 3.34 -36.47 63.08
C LYS C 517 4.33 -36.10 61.99
N LEU C 518 5.62 -36.13 62.30
CA LEU C 518 6.68 -36.09 61.30
C LEU C 518 6.58 -37.32 60.42
N GLU C 519 6.63 -37.11 59.11
CA GLU C 519 6.50 -38.21 58.16
C GLU C 519 7.87 -38.59 57.62
N THR C 520 8.05 -39.90 57.37
CA THR C 520 9.24 -40.68 57.02
C THR C 520 10.27 -40.65 58.16
N PRO C 521 10.91 -41.77 58.46
CA PRO C 521 12.13 -41.70 59.29
C PRO C 521 13.29 -41.03 58.58
N VAL C 522 14.18 -40.46 59.39
CA VAL C 522 15.36 -39.77 58.88
C VAL C 522 16.30 -40.75 58.18
N PHE C 523 16.38 -41.97 58.69
CA PHE C 523 16.98 -43.08 57.97
C PHE C 523 15.86 -44.01 57.54
N LEU C 524 15.68 -44.20 56.24
CA LEU C 524 14.59 -45.01 55.72
C LEU C 524 14.87 -46.50 55.95
N PRO C 525 13.83 -47.33 56.12
CA PRO C 525 14.04 -48.77 56.22
C PRO C 525 14.53 -49.36 54.89
N ILE C 526 15.37 -50.38 55.00
CA ILE C 526 16.04 -50.99 53.85
C ILE C 526 15.99 -52.52 53.90
N GLY C 527 16.05 -53.12 52.70
CA GLY C 527 15.89 -54.55 52.51
C GLY C 527 16.60 -55.02 51.24
N PRO C 528 16.26 -56.20 50.69
CA PRO C 528 16.96 -56.62 49.40
C PRO C 528 16.71 -56.00 47.99
N GLY C 529 15.59 -55.30 47.69
CA GLY C 529 15.51 -54.52 46.50
C GLY C 529 16.42 -53.31 46.58
N ASP C 530 16.55 -52.76 47.79
CA ASP C 530 17.48 -51.69 48.13
C ASP C 530 18.91 -52.12 47.86
N PHE C 531 19.29 -53.33 48.31
CA PHE C 531 20.60 -53.94 48.06
C PHE C 531 20.91 -54.02 46.57
N LEU C 532 19.95 -54.55 45.80
CA LEU C 532 20.11 -54.74 44.36
C LEU C 532 20.23 -53.41 43.60
N VAL C 533 19.46 -52.39 43.98
CA VAL C 533 19.55 -51.15 43.23
C VAL C 533 20.80 -50.34 43.68
N HIS C 534 21.29 -50.54 44.93
CA HIS C 534 22.59 -49.96 45.29
C HIS C 534 23.75 -50.59 44.55
N HIS C 535 23.64 -51.87 44.20
CA HIS C 535 24.65 -52.46 43.35
C HIS C 535 24.52 -52.02 41.90
N ALA C 536 23.29 -51.73 41.46
CA ALA C 536 23.10 -51.07 40.17
C ALA C 536 23.69 -49.65 40.15
N ILE C 537 23.59 -48.95 41.28
CA ILE C 537 24.14 -47.60 41.41
C ILE C 537 25.67 -47.64 41.37
N ALA C 538 26.25 -48.59 42.12
CA ALA C 538 27.69 -48.82 42.12
C ALA C 538 28.21 -49.21 40.75
N LEU C 539 27.46 -50.06 40.06
CA LEU C 539 27.66 -50.37 38.64
C LEU C 539 27.66 -49.15 37.74
N GLY C 540 26.66 -48.28 37.88
CA GLY C 540 26.57 -47.12 37.00
C GLY C 540 27.68 -46.11 37.21
N ILE C 541 27.99 -45.83 38.48
CA ILE C 541 29.06 -44.89 38.83
C ILE C 541 30.42 -45.46 38.40
N HIS C 542 30.63 -46.75 38.61
CA HIS C 542 31.91 -47.37 38.28
C HIS C 542 32.13 -47.49 36.79
N THR C 543 31.08 -47.77 36.01
CA THR C 543 31.25 -47.85 34.58
C THR C 543 31.45 -46.46 33.99
N THR C 544 30.78 -45.44 34.56
CA THR C 544 30.97 -44.07 34.10
C THR C 544 32.39 -43.57 34.41
N VAL C 545 32.92 -43.94 35.57
CA VAL C 545 34.33 -43.71 35.93
C VAL C 545 35.28 -44.49 35.01
N LEU C 546 34.91 -45.72 34.60
CA LEU C 546 35.74 -46.49 33.66
C LEU C 546 35.90 -45.79 32.32
N ILE C 547 34.79 -45.30 31.75
CA ILE C 547 34.82 -44.59 30.48
C ILE C 547 35.58 -43.27 30.61
N LEU C 548 35.40 -42.58 31.72
CA LEU C 548 36.03 -41.26 31.86
C LEU C 548 37.51 -41.32 32.22
N VAL C 549 37.91 -42.19 33.14
CA VAL C 549 39.33 -42.36 33.47
C VAL C 549 40.06 -42.99 32.31
N LYS C 550 39.36 -43.83 31.55
CA LYS C 550 39.90 -44.34 30.31
C LYS C 550 40.06 -43.22 29.28
N GLY C 551 39.12 -42.29 29.20
CA GLY C 551 39.27 -41.19 28.26
C GLY C 551 40.30 -40.16 28.69
N ALA C 552 40.51 -40.03 29.99
CA ALA C 552 41.54 -39.14 30.49
C ALA C 552 42.93 -39.72 30.25
N LEU C 553 43.18 -40.94 30.70
CA LEU C 553 44.54 -41.46 30.68
C LEU C 553 45.00 -41.94 29.30
N ASP C 554 44.08 -42.28 28.40
CA ASP C 554 44.45 -42.66 27.04
C ASP C 554 44.46 -41.49 26.07
N ALA C 555 44.23 -40.27 26.58
CA ALA C 555 44.03 -39.11 25.72
C ALA C 555 45.31 -38.67 25.01
N ARG C 556 46.47 -38.86 25.63
CA ARG C 556 47.70 -38.47 24.98
C ARG C 556 48.11 -39.47 23.90
N GLY C 557 47.91 -40.75 24.15
CA GLY C 557 48.36 -41.76 23.21
C GLY C 557 48.11 -43.17 23.69
N THR C 558 48.10 -44.11 22.74
CA THR C 558 47.81 -45.52 22.97
C THR C 558 48.70 -46.42 22.13
N LYS C 559 48.28 -47.66 21.94
CA LYS C 559 48.90 -48.53 20.96
C LYS C 559 48.22 -48.45 19.61
N LEU C 560 46.90 -48.19 19.58
CA LEU C 560 46.20 -47.88 18.34
C LEU C 560 46.60 -46.52 17.78
N MET C 561 46.89 -45.57 18.66
CA MET C 561 47.18 -44.20 18.23
C MET C 561 48.12 -43.56 19.22
N PRO C 562 49.43 -43.78 19.07
CA PRO C 562 50.41 -43.19 20.04
C PRO C 562 50.71 -41.66 19.95
N ASP C 563 50.08 -40.88 19.07
CA ASP C 563 50.33 -39.45 18.96
C ASP C 563 49.03 -38.65 18.99
N LYS C 564 48.08 -39.13 19.81
CA LYS C 564 46.70 -38.65 19.75
C LYS C 564 46.57 -37.22 20.29
N LYS C 565 47.49 -36.81 21.17
CA LYS C 565 47.49 -35.47 21.77
C LYS C 565 47.77 -34.36 20.75
N ASP C 566 48.38 -34.68 19.61
CA ASP C 566 48.61 -33.72 18.54
C ASP C 566 47.34 -33.41 17.75
N PHE C 567 46.32 -34.23 17.91
CA PHE C 567 45.04 -34.10 17.21
C PHE C 567 43.99 -33.42 18.06
N GLY C 568 44.36 -32.98 19.26
CA GLY C 568 43.46 -32.23 20.10
C GLY C 568 42.54 -33.12 20.91
N TYR C 569 41.58 -32.45 21.55
CA TYR C 569 40.56 -33.10 22.35
C TYR C 569 39.46 -33.72 21.49
N ALA C 570 38.82 -32.91 20.64
CA ALA C 570 37.70 -33.36 19.81
C ALA C 570 38.14 -33.42 18.36
N PHE C 571 38.10 -34.62 17.80
CA PHE C 571 38.39 -34.89 16.41
C PHE C 571 37.62 -36.16 16.08
N PRO C 572 37.27 -36.43 14.79
CA PRO C 572 36.46 -37.62 14.47
C PRO C 572 37.11 -38.97 14.75
N CYS C 573 38.25 -39.21 14.11
CA CYS C 573 38.88 -40.53 14.04
C CYS C 573 40.24 -40.34 13.40
N ASP C 574 40.91 -41.46 13.16
CA ASP C 574 42.09 -41.52 12.32
C ASP C 574 41.77 -42.40 11.11
N GLY C 575 40.49 -42.52 10.77
CA GLY C 575 40.08 -43.23 9.59
C GLY C 575 39.94 -44.73 9.73
N PRO C 576 39.56 -45.40 8.64
CA PRO C 576 39.25 -46.84 8.72
C PRO C 576 40.46 -47.75 8.80
N GLY C 577 41.67 -47.23 8.62
CA GLY C 577 42.87 -48.02 8.74
C GLY C 577 43.17 -48.43 10.16
N ARG C 578 44.11 -49.38 10.27
CA ARG C 578 44.47 -50.10 11.50
C ARG C 578 43.26 -50.77 12.15
N GLY C 579 42.41 -51.35 11.33
CA GLY C 579 41.16 -51.95 11.79
C GLY C 579 39.96 -51.02 11.81
N GLY C 580 40.21 -49.74 12.06
CA GLY C 580 39.15 -48.75 12.19
C GLY C 580 39.25 -48.04 13.51
N THR C 581 39.05 -46.71 13.50
CA THR C 581 39.36 -45.86 14.64
C THR C 581 38.20 -44.97 15.06
N CYS C 582 36.96 -45.46 14.95
CA CYS C 582 35.78 -44.70 15.34
C CYS C 582 35.76 -44.52 16.86
N ASP C 583 35.39 -43.31 17.32
CA ASP C 583 35.30 -42.94 18.74
C ASP C 583 36.62 -43.13 19.49
N ILE C 584 37.70 -42.58 18.95
CA ILE C 584 39.01 -42.81 19.53
C ILE C 584 39.46 -41.59 20.37
N SER C 585 38.80 -40.44 20.21
CA SER C 585 39.19 -39.25 20.95
C SER C 585 38.72 -39.33 22.40
N ALA C 586 39.32 -38.45 23.22
CA ALA C 586 38.92 -38.31 24.61
C ALA C 586 37.55 -37.65 24.73
N TRP C 587 37.22 -36.80 23.76
CA TRP C 587 35.87 -36.26 23.60
C TRP C 587 34.86 -37.36 23.42
N ASP C 588 35.24 -38.42 22.70
CA ASP C 588 34.31 -39.51 22.48
C ASP C 588 34.11 -40.35 23.74
N ALA C 589 35.10 -40.43 24.62
CA ALA C 589 34.83 -41.15 25.87
C ALA C 589 34.03 -40.31 26.85
N PHE C 590 34.17 -38.97 26.80
CA PHE C 590 33.13 -38.10 27.37
C PHE C 590 31.75 -38.42 26.83
N TYR C 591 31.65 -38.44 25.50
CA TYR C 591 30.40 -38.66 24.77
C TYR C 591 29.73 -39.96 25.16
N LEU C 592 30.49 -41.05 25.22
CA LEU C 592 29.90 -42.32 25.64
C LEU C 592 29.67 -42.42 27.13
N SER C 593 30.43 -41.70 27.95
CA SER C 593 30.15 -41.69 29.39
C SER C 593 28.91 -40.91 29.72
N MET C 594 28.50 -39.99 28.84
CA MET C 594 27.27 -39.23 29.03
C MET C 594 26.03 -40.11 29.07
N PHE C 595 25.94 -41.10 28.17
CA PHE C 595 24.83 -42.07 28.21
C PHE C 595 24.87 -42.88 29.50
N TRP C 596 26.06 -43.23 29.95
CA TRP C 596 26.20 -43.99 31.18
C TRP C 596 25.86 -43.16 32.42
N MET C 597 26.14 -41.86 32.39
CA MET C 597 25.74 -40.98 33.48
C MET C 597 24.23 -40.81 33.51
N LEU C 598 23.60 -40.65 32.33
CA LEU C 598 22.14 -40.58 32.25
C LEU C 598 21.48 -41.86 32.73
N ASN C 599 22.04 -43.01 32.37
CA ASN C 599 21.50 -44.30 32.82
C ASN C 599 21.70 -44.52 34.32
N THR C 600 22.87 -44.15 34.83
CA THR C 600 23.18 -44.16 36.26
C THR C 600 22.22 -43.31 37.06
N LEU C 601 22.06 -42.05 36.64
CA LEU C 601 21.21 -41.14 37.38
C LEU C 601 19.73 -41.44 37.17
N GLY C 602 19.40 -42.09 36.05
CA GLY C 602 18.09 -42.69 35.90
C GLY C 602 17.83 -43.76 36.94
N TRP C 603 18.81 -44.63 37.19
CA TRP C 603 18.63 -45.68 38.20
C TRP C 603 18.54 -45.10 39.61
N ILE C 604 19.31 -44.04 39.89
CA ILE C 604 19.28 -43.33 41.17
C ILE C 604 17.93 -42.67 41.42
N THR C 605 17.44 -41.87 40.46
CA THR C 605 16.18 -41.17 40.68
C THR C 605 14.95 -42.06 40.50
N PHE C 606 15.04 -43.14 39.70
CA PHE C 606 14.06 -44.21 39.69
C PHE C 606 13.93 -44.85 41.08
N TYR C 607 15.06 -45.10 41.74
CA TYR C 607 15.08 -45.66 43.09
C TYR C 607 14.42 -44.71 44.09
N TRP C 608 14.89 -43.44 44.11
CA TRP C 608 14.39 -42.44 45.06
C TRP C 608 12.90 -42.26 44.89
N HIS C 609 12.47 -42.19 43.63
CA HIS C 609 11.08 -41.93 43.31
C HIS C 609 10.19 -43.09 43.70
N TRP C 610 10.57 -44.35 43.39
CA TRP C 610 9.66 -45.45 43.72
C TRP C 610 9.61 -45.71 45.22
N LYS C 611 10.76 -45.59 45.92
CA LYS C 611 10.77 -45.84 47.37
C LYS C 611 9.98 -44.75 48.11
N HIS C 612 10.08 -43.51 47.64
CA HIS C 612 9.28 -42.45 48.23
C HIS C 612 7.80 -42.51 47.85
N LEU C 613 7.44 -42.83 46.60
CA LEU C 613 6.02 -42.99 46.24
C LEU C 613 5.37 -44.20 46.90
N ALA C 614 6.15 -45.25 47.19
CA ALA C 614 5.59 -46.35 47.95
C ALA C 614 5.42 -45.99 49.41
N ILE C 615 6.25 -45.09 49.93
CA ILE C 615 6.00 -44.57 51.28
C ILE C 615 4.77 -43.66 51.29
N TRP C 616 4.65 -42.78 50.29
CA TRP C 616 3.63 -41.73 50.27
C TRP C 616 2.24 -42.26 49.97
N THR C 617 2.12 -43.44 49.37
CA THR C 617 0.82 -44.02 49.05
C THR C 617 0.42 -45.12 50.02
N ASP C 618 1.15 -45.27 51.14
CA ASP C 618 0.95 -46.29 52.19
C ASP C 618 1.02 -47.69 51.58
N ASN C 619 2.01 -47.90 50.72
CA ASN C 619 2.09 -49.16 50.00
C ASN C 619 3.57 -49.55 49.93
N VAL C 620 4.24 -49.56 51.09
CA VAL C 620 5.67 -49.92 51.13
C VAL C 620 5.91 -51.40 50.89
N ALA C 621 4.87 -52.25 51.02
CA ALA C 621 5.00 -53.66 50.67
C ALA C 621 5.14 -53.85 49.17
N SER C 622 4.61 -52.92 48.37
CA SER C 622 4.79 -52.99 46.92
C SER C 622 6.25 -52.79 46.52
N PHE C 623 6.95 -51.84 47.16
CA PHE C 623 8.37 -51.68 46.91
C PHE C 623 9.16 -52.87 47.45
N ASN C 624 8.84 -53.30 48.69
CA ASN C 624 9.61 -54.36 49.34
C ASN C 624 9.40 -55.72 48.69
N THR C 625 8.30 -55.92 47.96
CA THR C 625 8.09 -57.13 47.20
C THR C 625 8.58 -57.01 45.76
N ASN C 626 8.32 -55.90 45.08
CA ASN C 626 8.53 -55.85 43.65
C ASN C 626 9.78 -55.10 43.22
N SER C 627 10.58 -54.58 44.15
CA SER C 627 11.81 -53.90 43.75
C SER C 627 12.96 -54.87 43.51
N VAL C 628 12.80 -56.14 43.87
CA VAL C 628 13.85 -57.13 43.67
C VAL C 628 13.85 -57.69 42.27
N TYR C 629 12.79 -57.46 41.50
CA TYR C 629 12.68 -58.03 40.17
C TYR C 629 12.16 -56.94 39.25
N LEU C 630 12.49 -57.03 37.96
CA LEU C 630 12.41 -55.86 37.10
C LEU C 630 11.06 -55.67 36.41
N MET C 631 10.20 -56.69 36.41
CA MET C 631 8.82 -56.44 36.00
C MET C 631 8.04 -55.72 37.10
N GLY C 632 8.51 -55.78 38.33
CA GLY C 632 7.97 -54.89 39.35
C GLY C 632 8.31 -53.44 39.08
N TRP C 633 9.50 -53.20 38.55
CA TRP C 633 9.91 -51.85 38.17
C TRP C 633 9.16 -51.36 36.95
N LEU C 634 9.00 -52.24 35.96
CA LEU C 634 8.21 -51.94 34.77
C LEU C 634 6.73 -51.75 35.07
N ARG C 635 6.16 -52.58 35.93
CA ARG C 635 4.73 -52.59 36.17
C ARG C 635 4.33 -51.67 37.31
N ASP C 636 4.82 -51.94 38.52
CA ASP C 636 4.34 -51.26 39.71
C ASP C 636 4.96 -49.89 39.90
N TYR C 637 6.05 -49.58 39.23
CA TYR C 637 6.56 -48.23 39.20
C TYR C 637 6.29 -47.54 37.88
N LEU C 638 6.74 -48.12 36.77
CA LEU C 638 6.70 -47.42 35.50
C LEU C 638 5.32 -47.45 34.88
N TRP C 639 4.64 -48.60 34.86
CA TRP C 639 3.28 -48.65 34.30
C TRP C 639 2.25 -48.08 35.27
N ALA C 640 2.40 -48.33 36.57
CA ALA C 640 1.37 -47.99 37.54
C ALA C 640 1.29 -46.49 37.78
N TYR C 641 2.42 -45.84 37.94
CA TYR C 641 2.41 -44.41 38.25
C TYR C 641 2.37 -43.55 37.01
N SER C 642 2.35 -44.14 35.81
CA SER C 642 2.12 -43.33 34.63
C SER C 642 0.68 -42.86 34.50
N SER C 643 -0.29 -43.45 35.23
CA SER C 643 -1.71 -43.23 34.97
C SER C 643 -2.23 -41.79 35.09
N PRO C 644 -1.87 -40.97 36.11
CA PRO C 644 -2.29 -39.56 36.02
C PRO C 644 -1.51 -38.74 35.00
N LEU C 645 -0.32 -39.18 34.60
CA LEU C 645 0.44 -38.49 33.55
C LEU C 645 -0.25 -38.64 32.20
N ILE C 646 -0.46 -39.88 31.75
CA ILE C 646 -0.98 -40.10 30.41
C ILE C 646 -2.48 -39.88 30.28
N ASN C 647 -3.18 -39.68 31.40
CA ASN C 647 -4.54 -39.14 31.40
C ASN C 647 -4.56 -37.64 31.71
N GLY C 648 -3.46 -36.94 31.42
CA GLY C 648 -3.46 -35.49 31.53
C GLY C 648 -4.37 -34.84 30.51
N TYR C 649 -4.43 -35.40 29.30
CA TYR C 649 -5.42 -35.02 28.32
C TYR C 649 -5.91 -36.26 27.60
N GLY C 650 -7.18 -36.23 27.22
CA GLY C 650 -7.78 -37.38 26.59
C GLY C 650 -9.11 -37.01 25.95
N PRO C 651 -9.67 -37.92 25.14
CA PRO C 651 -10.86 -37.56 24.36
C PRO C 651 -12.14 -37.57 25.18
N SER C 652 -12.15 -38.24 26.34
CA SER C 652 -13.37 -38.55 27.05
C SER C 652 -13.45 -37.98 28.46
N ALA C 653 -12.50 -37.14 28.86
CA ALA C 653 -12.46 -36.77 30.27
C ALA C 653 -12.15 -35.32 30.59
N ALA C 654 -11.89 -34.46 29.60
CA ALA C 654 -11.39 -33.07 29.68
C ALA C 654 -10.00 -32.93 30.32
N VAL C 655 -9.32 -31.82 30.06
CA VAL C 655 -7.93 -31.73 30.49
C VAL C 655 -7.85 -31.27 31.94
N ASN C 656 -6.71 -31.54 32.55
CA ASN C 656 -6.37 -31.04 33.87
C ASN C 656 -5.01 -30.33 33.82
N ASN C 657 -4.45 -30.04 35.00
CA ASN C 657 -3.15 -29.40 35.09
C ASN C 657 -1.97 -30.28 34.68
N LEU C 658 -2.15 -31.59 34.54
CA LEU C 658 -1.10 -32.50 34.11
C LEU C 658 -1.04 -32.70 32.59
N SER C 659 -1.80 -31.92 31.81
CA SER C 659 -1.75 -32.09 30.36
C SER C 659 -0.46 -31.53 29.77
N VAL C 660 0.13 -30.51 30.41
CA VAL C 660 1.44 -30.01 30.00
C VAL C 660 2.56 -31.00 30.26
N TRP C 661 2.48 -31.78 31.33
CA TRP C 661 3.47 -32.79 31.58
C TRP C 661 3.26 -34.00 30.67
N SER C 662 2.01 -34.23 30.23
CA SER C 662 1.72 -35.25 29.23
C SER C 662 2.34 -34.90 27.88
N TRP C 663 2.19 -33.64 27.48
CA TRP C 663 2.76 -33.16 26.24
C TRP C 663 4.28 -33.10 26.31
N MET C 664 4.83 -32.73 27.48
CA MET C 664 6.28 -32.75 27.70
C MET C 664 6.83 -34.17 27.70
N PHE C 665 6.04 -35.13 28.20
CA PHE C 665 6.42 -36.53 28.21
C PHE C 665 6.56 -37.09 26.80
N LEU C 666 5.57 -36.82 25.95
CA LEU C 666 5.65 -37.23 24.55
C LEU C 666 6.68 -36.42 23.77
N PHE C 667 6.87 -35.16 24.17
CA PHE C 667 7.91 -34.30 23.59
C PHE C 667 9.29 -34.87 23.86
N GLY C 668 9.54 -35.30 25.08
CA GLY C 668 10.83 -35.87 25.42
C GLY C 668 11.07 -37.21 24.78
N HIS C 669 10.01 -38.02 24.60
CA HIS C 669 10.13 -39.23 23.79
C HIS C 669 10.52 -38.92 22.36
N LEU C 670 9.94 -37.86 21.79
CA LEU C 670 10.26 -37.42 20.43
C LEU C 670 11.69 -36.89 20.30
N VAL C 671 12.14 -36.08 21.27
CA VAL C 671 13.48 -35.47 21.19
C VAL C 671 14.55 -36.54 21.41
N TRP C 672 14.30 -37.45 22.37
CA TRP C 672 15.19 -38.56 22.68
C TRP C 672 15.34 -39.50 21.50
N ALA C 673 14.23 -39.80 20.81
CA ALA C 673 14.29 -40.64 19.64
C ALA C 673 14.84 -39.93 18.41
N THR C 674 14.69 -38.60 18.35
CA THR C 674 15.31 -37.81 17.30
C THR C 674 16.82 -37.84 17.41
N GLY C 675 17.33 -37.98 18.65
CA GLY C 675 18.76 -38.19 18.87
C GLY C 675 19.31 -39.41 18.19
N PHE C 676 18.55 -40.52 18.25
CA PHE C 676 18.89 -41.82 17.70
C PHE C 676 19.17 -41.77 16.20
N MET C 677 18.56 -40.84 15.47
CA MET C 677 18.90 -40.58 14.08
C MET C 677 20.33 -40.13 13.90
N PHE C 678 20.77 -39.18 14.71
CA PHE C 678 22.14 -38.70 14.58
C PHE C 678 23.14 -39.70 15.16
N LEU C 679 22.73 -40.41 16.20
CA LEU C 679 23.56 -41.46 16.81
C LEU C 679 23.76 -42.68 15.91
N ILE C 680 22.73 -43.12 15.19
CA ILE C 680 22.82 -44.37 14.43
C ILE C 680 23.24 -44.08 12.99
N SER C 681 22.46 -43.27 12.29
CA SER C 681 22.80 -42.87 10.94
C SER C 681 23.93 -41.85 10.98
N TRP C 682 24.96 -42.06 10.17
CA TRP C 682 26.14 -41.22 10.19
C TRP C 682 26.32 -40.54 8.82
N ARG C 683 27.45 -39.86 8.64
CA ARG C 683 27.52 -38.61 7.90
C ARG C 683 27.31 -38.75 6.38
N GLY C 684 28.01 -39.71 5.74
CA GLY C 684 28.15 -39.69 4.29
C GLY C 684 26.88 -39.98 3.52
N TYR C 685 25.91 -40.66 4.17
CA TYR C 685 24.53 -40.69 3.69
C TYR C 685 23.99 -39.28 3.54
N TRP C 686 24.11 -38.48 4.60
CA TRP C 686 23.55 -37.15 4.59
C TRP C 686 24.30 -36.22 3.66
N GLN C 687 25.60 -36.46 3.45
CA GLN C 687 26.34 -35.64 2.49
C GLN C 687 25.92 -35.95 1.06
N GLU C 688 25.69 -37.23 0.73
CA GLU C 688 25.19 -37.57 -0.60
C GLU C 688 23.77 -37.10 -0.82
N LEU C 689 22.97 -37.14 0.25
CA LEU C 689 21.58 -36.70 0.18
C LEU C 689 21.49 -35.19 -0.01
N ILE C 690 22.34 -34.43 0.69
CA ILE C 690 22.43 -32.99 0.50
C ILE C 690 23.02 -32.66 -0.87
N GLU C 691 23.86 -33.52 -1.47
CA GLU C 691 24.29 -33.31 -2.86
C GLU C 691 23.13 -33.42 -3.86
N THR C 692 22.23 -34.41 -3.67
CA THR C 692 20.99 -34.44 -4.47
C THR C 692 20.09 -33.23 -4.22
N LEU C 693 20.04 -32.75 -2.97
CA LEU C 693 19.27 -31.55 -2.63
C LEU C 693 19.85 -30.29 -3.27
N VAL C 694 21.18 -30.21 -3.36
CA VAL C 694 21.85 -29.10 -4.02
C VAL C 694 21.57 -29.12 -5.51
N TRP C 695 21.58 -30.32 -6.13
CA TRP C 695 21.15 -30.45 -7.53
C TRP C 695 19.71 -30.02 -7.72
N ALA C 696 18.83 -30.43 -6.80
CA ALA C 696 17.41 -30.08 -6.89
C ALA C 696 17.17 -28.59 -6.74
N HIS C 697 18.02 -27.89 -5.97
CA HIS C 697 17.78 -26.46 -5.88
C HIS C 697 18.34 -25.74 -7.09
N GLU C 698 19.47 -26.16 -7.63
CA GLU C 698 20.06 -25.40 -8.72
C GLU C 698 19.36 -25.59 -10.07
N ARG C 699 18.43 -26.55 -10.17
CA ARG C 699 17.71 -26.83 -11.41
C ARG C 699 16.22 -26.58 -11.27
N THR C 700 15.76 -26.18 -10.11
CA THR C 700 14.39 -25.75 -9.95
C THR C 700 14.29 -24.31 -10.40
N PRO C 701 13.55 -23.98 -11.46
CA PRO C 701 13.24 -22.57 -11.68
C PRO C 701 12.35 -21.94 -10.64
N LEU C 702 12.49 -20.60 -10.55
CA LEU C 702 11.92 -19.57 -9.66
C LEU C 702 12.73 -19.57 -8.36
N ALA C 703 13.65 -20.52 -8.19
CA ALA C 703 14.25 -20.90 -6.91
C ALA C 703 15.75 -21.12 -6.97
N ASN C 704 16.33 -21.46 -8.13
CA ASN C 704 17.78 -21.37 -8.30
C ASN C 704 18.26 -19.93 -8.38
N LEU C 705 17.34 -18.98 -8.57
CA LEU C 705 17.61 -17.55 -8.48
C LEU C 705 17.83 -17.10 -7.03
N VAL C 706 17.48 -17.94 -6.05
CA VAL C 706 17.85 -17.76 -4.66
C VAL C 706 18.98 -18.71 -4.33
N ARG C 707 20.11 -18.17 -3.89
CA ARG C 707 21.30 -18.97 -3.64
C ARG C 707 21.75 -18.87 -2.20
N TRP C 708 22.31 -19.97 -1.71
CA TRP C 708 22.94 -19.98 -0.41
C TRP C 708 24.26 -19.22 -0.45
N LYS C 709 24.67 -18.72 0.71
CA LYS C 709 25.99 -18.11 0.84
C LYS C 709 26.99 -19.09 1.42
N ASP C 710 26.54 -19.89 2.36
CA ASP C 710 27.33 -20.99 2.87
C ASP C 710 26.83 -22.25 2.21
N LYS C 711 27.75 -23.07 1.78
CA LYS C 711 27.43 -24.23 0.97
C LYS C 711 26.79 -25.28 1.88
N PRO C 712 25.64 -25.83 1.51
CA PRO C 712 25.01 -26.87 2.33
C PRO C 712 25.85 -28.13 2.34
N VAL C 713 26.29 -28.52 3.52
CA VAL C 713 27.02 -29.76 3.69
C VAL C 713 26.36 -30.52 4.81
N ALA C 714 26.71 -31.79 4.91
CA ALA C 714 26.31 -32.55 6.09
C ALA C 714 27.06 -32.02 7.30
N MET C 715 26.45 -32.22 8.46
CA MET C 715 27.05 -31.90 9.74
C MET C 715 28.27 -32.76 9.94
N SER C 716 29.22 -32.30 10.74
CA SER C 716 30.46 -33.05 10.86
C SER C 716 30.24 -34.27 11.77
N ILE C 717 31.30 -35.08 11.85
CA ILE C 717 31.23 -36.39 12.50
C ILE C 717 31.02 -36.20 14.00
N VAL C 718 31.86 -35.35 14.60
CA VAL C 718 31.77 -34.95 16.00
C VAL C 718 30.49 -34.15 16.24
N GLN C 719 30.09 -33.35 15.25
CA GLN C 719 28.83 -32.62 15.31
C GLN C 719 27.63 -33.55 15.32
N GLY C 720 27.64 -34.60 14.49
CA GLY C 720 26.56 -35.57 14.50
C GLY C 720 26.44 -36.32 15.81
N ARG C 721 27.58 -36.67 16.41
CA ARG C 721 27.62 -37.22 17.76
C ARG C 721 27.10 -36.25 18.83
N LEU C 722 27.50 -34.98 18.75
CA LEU C 722 27.15 -34.02 19.79
C LEU C 722 25.69 -33.61 19.72
N ILE C 723 25.15 -33.42 18.51
CA ILE C 723 23.73 -33.14 18.34
C ILE C 723 22.88 -34.34 18.72
N GLY C 724 23.31 -35.57 18.39
CA GLY C 724 22.58 -36.74 18.85
C GLY C 724 22.60 -36.94 20.36
N LEU C 725 23.71 -36.60 21.00
CA LEU C 725 23.80 -36.58 22.46
C LEU C 725 22.90 -35.50 23.06
N ALA C 726 22.87 -34.30 22.46
CA ALA C 726 22.09 -33.19 22.98
C ALA C 726 20.59 -33.48 22.93
N HIS C 727 20.13 -34.05 21.82
CA HIS C 727 18.75 -34.54 21.73
C HIS C 727 18.43 -35.68 22.69
N PHE C 728 19.31 -36.69 22.79
CA PHE C 728 19.16 -37.81 23.73
C PHE C 728 19.04 -37.31 25.16
N THR C 729 19.89 -36.35 25.51
CA THR C 729 19.98 -35.82 26.86
C THR C 729 18.78 -34.93 27.20
N VAL C 730 18.40 -34.02 26.28
CA VAL C 730 17.23 -33.15 26.46
C VAL C 730 15.94 -33.96 26.57
N GLY C 731 15.79 -34.98 25.72
CA GLY C 731 14.64 -35.84 25.78
C GLY C 731 14.58 -36.70 27.04
N TYR C 732 15.75 -37.17 27.50
CA TYR C 732 15.90 -37.87 28.78
C TYR C 732 15.42 -37.02 29.96
N ILE C 733 15.91 -35.78 30.05
CA ILE C 733 15.59 -34.90 31.17
C ILE C 733 14.13 -34.49 31.16
N LEU C 734 13.58 -34.13 29.99
CA LEU C 734 12.19 -33.67 29.96
C LEU C 734 11.20 -34.81 30.14
N THR C 735 11.55 -36.02 29.66
CA THR C 735 10.72 -37.20 29.87
C THR C 735 10.65 -37.55 31.35
N TYR C 736 11.82 -37.56 32.01
CA TYR C 736 11.80 -37.91 33.43
C TYR C 736 11.22 -36.82 34.29
N ALA C 737 11.46 -35.54 33.97
CA ALA C 737 10.95 -34.42 34.75
C ALA C 737 9.43 -34.35 34.67
N ALA C 738 8.89 -34.60 33.47
CA ALA C 738 7.45 -34.71 33.26
C ALA C 738 6.84 -35.86 34.04
N PHE C 739 7.52 -37.01 34.06
CA PHE C 739 6.98 -38.13 34.83
C PHE C 739 7.10 -37.93 36.34
N VAL C 740 8.21 -37.37 36.83
CA VAL C 740 8.44 -37.35 38.27
C VAL C 740 7.59 -36.24 38.87
N ILE C 741 7.19 -35.25 38.07
CA ILE C 741 6.30 -34.24 38.58
C ILE C 741 4.83 -34.66 38.44
N ALA C 742 4.39 -35.16 37.28
CA ALA C 742 2.97 -35.48 37.11
C ALA C 742 2.52 -36.73 37.84
N SER C 743 3.41 -37.72 38.03
CA SER C 743 3.02 -38.90 38.77
C SER C 743 2.91 -38.62 40.27
N THR C 744 3.75 -37.74 40.80
CA THR C 744 3.71 -37.43 42.22
C THR C 744 2.64 -36.39 42.52
N ALA C 745 2.41 -35.44 41.61
CA ALA C 745 1.31 -34.50 41.77
C ALA C 745 -0.05 -35.13 41.48
N GLY C 746 -0.07 -36.25 40.76
CA GLY C 746 -1.31 -36.92 40.44
C GLY C 746 -1.64 -38.08 41.36
N LEU C 747 -1.04 -38.11 42.55
CA LEU C 747 -1.41 -39.12 43.55
C LEU C 747 -2.79 -38.86 44.12
N SER C 748 -2.99 -37.69 44.73
CA SER C 748 -4.22 -37.22 45.41
C SER C 748 -4.76 -38.19 46.46
N SER D 2 43.61 -25.88 4.40
CA SER D 2 43.87 -27.22 3.86
C SER D 2 44.45 -28.13 4.93
N HIS D 3 44.49 -29.42 4.62
CA HIS D 3 45.00 -30.38 5.59
C HIS D 3 46.52 -30.39 5.55
N ALA D 4 47.13 -30.92 6.60
CA ALA D 4 48.58 -30.86 6.78
C ALA D 4 49.18 -32.24 6.62
N VAL D 5 50.00 -32.42 5.59
CA VAL D 5 50.59 -33.72 5.28
C VAL D 5 52.07 -33.67 5.69
N LYS D 6 52.46 -34.55 6.62
CA LYS D 6 53.83 -34.66 7.10
C LYS D 6 54.39 -36.03 6.74
N ILE D 7 55.61 -36.02 6.19
CA ILE D 7 56.39 -37.22 5.90
C ILE D 7 57.52 -37.29 6.91
N TYR D 8 57.61 -38.39 7.64
CA TYR D 8 58.67 -38.55 8.64
C TYR D 8 59.85 -39.30 8.03
N ASP D 9 60.81 -39.67 8.88
CA ASP D 9 62.07 -40.27 8.44
C ASP D 9 62.08 -41.78 8.54
N THR D 10 60.92 -42.42 8.71
CA THR D 10 60.82 -43.86 8.87
C THR D 10 60.33 -44.54 7.59
N CYS D 11 60.50 -43.85 6.45
CA CYS D 11 59.92 -44.29 5.19
C CYS D 11 60.84 -45.28 4.49
N ILE D 12 60.23 -46.25 3.79
CA ILE D 12 60.96 -47.33 3.12
C ILE D 12 60.85 -47.25 1.61
N GLY D 13 60.07 -46.32 1.07
CA GLY D 13 59.93 -46.19 -0.37
C GLY D 13 59.19 -47.32 -1.05
N CYS D 14 58.10 -47.79 -0.45
CA CYS D 14 57.40 -48.97 -0.91
C CYS D 14 56.50 -48.73 -2.12
N THR D 15 56.25 -47.46 -2.47
CA THR D 15 55.33 -46.99 -3.53
C THR D 15 53.93 -47.57 -3.29
N GLN D 16 53.30 -47.12 -2.21
CA GLN D 16 51.94 -47.51 -1.86
C GLN D 16 51.08 -46.33 -1.44
N CYS D 17 51.70 -45.23 -1.03
CA CYS D 17 50.95 -44.04 -0.63
C CYS D 17 50.69 -43.11 -1.82
N VAL D 18 51.41 -43.27 -2.93
CA VAL D 18 51.09 -42.50 -4.13
C VAL D 18 50.13 -43.28 -5.02
N ARG D 19 50.13 -44.61 -4.92
CA ARG D 19 49.23 -45.43 -5.74
C ARG D 19 47.81 -45.40 -5.23
N ALA D 20 47.66 -45.38 -3.91
CA ALA D 20 46.35 -45.43 -3.29
C ALA D 20 45.83 -44.06 -2.88
N CYS D 21 46.36 -42.97 -3.43
CA CYS D 21 45.86 -41.64 -3.07
C CYS D 21 44.92 -41.11 -4.15
N PRO D 22 43.66 -40.78 -3.82
CA PRO D 22 42.69 -40.38 -4.85
C PRO D 22 42.94 -39.04 -5.52
N LEU D 23 43.87 -38.20 -5.07
CA LEU D 23 43.93 -36.83 -5.55
C LEU D 23 45.29 -36.36 -6.04
N ASP D 24 46.31 -37.24 -6.08
CA ASP D 24 47.72 -36.92 -6.40
C ASP D 24 48.23 -35.77 -5.54
N VAL D 25 48.31 -36.03 -4.24
CA VAL D 25 48.86 -35.02 -3.34
C VAL D 25 50.36 -35.24 -3.21
N LEU D 26 50.77 -36.49 -3.34
CA LEU D 26 52.10 -36.95 -3.02
C LEU D 26 52.90 -37.25 -4.30
N GLU D 27 54.22 -37.19 -4.16
CA GLU D 27 55.12 -37.63 -5.21
C GLU D 27 56.42 -38.08 -4.55
N MET D 28 57.19 -38.90 -5.26
CA MET D 28 58.46 -39.40 -4.76
C MET D 28 59.63 -38.52 -5.22
N VAL D 29 60.41 -38.04 -4.26
CA VAL D 29 61.65 -37.34 -4.56
C VAL D 29 62.82 -38.24 -4.15
N PRO D 30 63.98 -38.09 -4.77
CA PRO D 30 65.19 -38.80 -4.33
C PRO D 30 65.61 -38.50 -2.89
N TRP D 31 66.08 -39.55 -2.22
CA TRP D 31 66.50 -39.50 -0.82
C TRP D 31 67.55 -40.58 -0.61
N ASP D 32 68.35 -40.45 0.45
CA ASP D 32 69.46 -41.34 0.71
C ASP D 32 69.24 -42.37 1.81
N GLY D 33 68.25 -42.18 2.68
CA GLY D 33 68.10 -42.96 3.90
C GLY D 33 67.28 -44.22 3.82
N ASN D 34 67.00 -44.73 2.63
CA ASN D 34 66.35 -46.03 2.47
C ASN D 34 66.97 -46.81 1.31
N ARG D 35 66.30 -47.90 0.94
CA ARG D 35 66.78 -48.80 -0.10
C ARG D 35 66.17 -48.52 -1.45
N ALA D 36 64.98 -47.93 -1.50
CA ALA D 36 64.38 -47.46 -2.74
C ALA D 36 65.00 -46.17 -3.24
N GLY D 37 65.73 -45.45 -2.39
CA GLY D 37 66.33 -44.19 -2.80
C GLY D 37 65.35 -43.05 -2.97
N SER D 38 64.20 -43.11 -2.32
CA SER D 38 63.15 -42.13 -2.55
C SER D 38 62.28 -41.99 -1.31
N ILE D 39 61.83 -40.76 -1.05
CA ILE D 39 60.93 -40.46 0.05
C ILE D 39 59.72 -39.74 -0.53
N ALA D 40 58.58 -39.90 0.12
CA ALA D 40 57.36 -39.22 -0.29
C ALA D 40 57.42 -37.75 0.08
N SER D 41 56.66 -36.94 -0.65
CA SER D 41 56.54 -35.51 -0.39
C SER D 41 55.17 -35.05 -0.84
N SER D 42 54.71 -33.95 -0.26
CA SER D 42 53.38 -33.39 -0.57
C SER D 42 53.49 -31.92 -0.95
N PRO D 43 53.73 -31.59 -2.23
CA PRO D 43 53.62 -30.18 -2.65
C PRO D 43 52.22 -29.77 -3.08
N ARG D 44 51.23 -30.66 -3.00
CA ARG D 44 49.88 -30.36 -3.45
C ARG D 44 48.86 -30.58 -2.35
N THR D 45 49.13 -30.03 -1.16
CA THR D 45 48.26 -30.20 -0.01
C THR D 45 46.96 -29.41 -0.10
N GLU D 46 46.86 -28.47 -1.04
CA GLU D 46 45.63 -27.69 -1.21
C GLU D 46 44.53 -28.49 -1.90
N ASP D 47 44.87 -29.63 -2.51
CA ASP D 47 43.88 -30.49 -3.14
C ASP D 47 43.52 -31.69 -2.28
N CYS D 48 44.14 -31.86 -1.12
CA CYS D 48 43.91 -33.07 -0.34
C CYS D 48 42.57 -32.98 0.39
N VAL D 49 41.83 -34.07 0.39
CA VAL D 49 40.51 -34.08 1.02
C VAL D 49 40.55 -34.57 2.46
N GLY D 50 41.59 -35.31 2.86
CA GLY D 50 41.68 -35.85 4.20
C GLY D 50 41.21 -37.29 4.34
N CYS D 51 41.11 -38.01 3.23
CA CYS D 51 40.46 -39.31 3.15
C CYS D 51 41.24 -40.46 3.78
N LYS D 52 42.54 -40.28 4.01
CA LYS D 52 43.42 -41.21 4.75
C LYS D 52 43.54 -42.60 4.12
N ARG D 53 43.42 -42.70 2.79
CA ARG D 53 43.75 -43.97 2.13
C ARG D 53 45.25 -44.19 2.06
N CYS D 54 46.05 -43.12 2.09
CA CYS D 54 47.51 -43.27 2.23
C CYS D 54 47.87 -43.79 3.61
N GLU D 55 47.11 -43.38 4.63
CA GLU D 55 47.33 -43.86 5.98
C GLU D 55 46.87 -45.31 6.16
N THR D 56 45.94 -45.78 5.34
CA THR D 56 45.59 -47.19 5.36
C THR D 56 46.68 -48.06 4.74
N ALA D 57 47.39 -47.54 3.74
CA ALA D 57 48.32 -48.33 2.93
C ALA D 57 49.79 -48.11 3.27
N CYS D 58 50.12 -47.65 4.48
CA CYS D 58 51.53 -47.47 4.85
C CYS D 58 51.96 -48.64 5.71
N PRO D 59 52.94 -49.44 5.28
CA PRO D 59 53.16 -50.76 5.88
C PRO D 59 54.08 -50.79 7.10
N THR D 60 54.35 -49.64 7.70
CA THR D 60 55.29 -49.59 8.82
C THR D 60 54.57 -49.91 10.13
N ASP D 61 55.26 -49.74 11.26
CA ASP D 61 54.67 -49.91 12.58
C ASP D 61 53.65 -48.82 12.85
N PHE D 62 54.13 -47.60 12.94
CA PHE D 62 53.32 -46.40 12.90
C PHE D 62 53.59 -45.75 11.55
N LEU D 63 52.58 -45.05 11.03
CA LEU D 63 52.61 -44.58 9.65
C LEU D 63 53.58 -43.42 9.49
N SER D 64 54.40 -43.49 8.44
CA SER D 64 55.37 -42.43 8.15
C SER D 64 54.67 -41.18 7.62
N ILE D 65 53.51 -41.34 6.98
CA ILE D 65 52.67 -40.21 6.61
C ILE D 65 51.63 -39.95 7.68
N ARG D 66 51.51 -38.69 8.09
CA ARG D 66 50.40 -38.24 8.93
C ARG D 66 49.73 -37.06 8.25
N VAL D 67 48.43 -37.16 8.00
CA VAL D 67 47.64 -36.03 7.55
C VAL D 67 46.81 -35.54 8.75
N TYR D 68 46.92 -34.25 9.01
CA TYR D 68 46.24 -33.56 10.10
C TYR D 68 45.08 -32.79 9.53
N LEU D 69 43.91 -33.02 10.12
CA LEU D 69 42.67 -32.40 9.68
C LEU D 69 42.64 -30.95 10.13
N GLY D 70 42.57 -30.03 9.18
CA GLY D 70 42.67 -28.63 9.51
C GLY D 70 41.57 -27.77 8.92
N ALA D 71 41.97 -26.67 8.29
CA ALA D 71 41.04 -25.71 7.71
C ALA D 71 40.35 -26.30 6.49
N GLU D 72 39.04 -26.11 6.41
CA GLU D 72 38.24 -26.75 5.37
C GLU D 72 37.96 -25.76 4.24
N THR D 73 38.24 -26.19 3.01
CA THR D 73 37.99 -25.42 1.79
C THR D 73 36.95 -26.17 0.95
N THR D 74 36.72 -25.66 -0.27
CA THR D 74 35.84 -26.37 -1.21
C THR D 74 36.46 -27.70 -1.64
N ARG D 75 37.76 -27.68 -1.97
CA ARG D 75 38.49 -28.87 -2.40
C ARG D 75 38.64 -29.90 -1.28
N SER D 76 38.85 -29.46 -0.05
CA SER D 76 39.03 -30.40 1.06
C SER D 76 37.72 -30.97 1.58
N MET D 77 36.59 -30.29 1.42
CA MET D 77 35.30 -30.84 1.80
C MET D 77 34.67 -31.69 0.71
N GLY D 78 35.36 -31.89 -0.42
CA GLY D 78 34.91 -32.79 -1.46
C GLY D 78 33.68 -32.36 -2.21
N LEU D 79 33.52 -31.06 -2.46
CA LEU D 79 32.28 -30.54 -2.98
C LEU D 79 32.34 -30.34 -4.49
N ALA D 80 31.36 -30.91 -5.18
CA ALA D 80 31.18 -30.72 -6.61
C ALA D 80 30.27 -29.53 -6.92
N TYR D 81 29.92 -28.77 -5.91
CA TYR D 81 29.06 -27.61 -6.01
C TYR D 81 29.76 -26.51 -5.27
N GLN E 3 30.16 -23.46 -25.99
CA GLN E 3 29.86 -22.13 -25.48
C GLN E 3 30.62 -21.86 -24.18
N ALA E 4 30.01 -22.21 -23.05
CA ALA E 4 30.68 -22.05 -21.77
C ALA E 4 31.75 -23.12 -21.56
N ASN E 5 31.49 -24.35 -21.99
CA ASN E 5 32.44 -25.45 -21.90
C ASN E 5 33.01 -25.70 -23.29
N SER E 6 34.06 -24.97 -23.62
CA SER E 6 34.73 -25.11 -24.91
C SER E 6 36.00 -25.93 -24.72
N LEU E 7 36.18 -26.94 -25.58
CA LEU E 7 37.37 -27.78 -25.52
C LEU E 7 38.57 -27.03 -26.09
N PRO E 8 39.78 -27.40 -25.66
CA PRO E 8 40.97 -26.96 -26.37
C PRO E 8 41.03 -27.58 -27.75
N PRO E 9 41.68 -26.92 -28.73
CA PRO E 9 41.73 -27.45 -30.09
C PRO E 9 42.60 -28.69 -30.20
N GLY E 10 42.11 -29.68 -30.96
CA GLY E 10 42.72 -30.99 -31.06
C GLY E 10 41.96 -32.08 -30.32
N ALA E 11 41.09 -31.69 -29.40
CA ALA E 11 40.29 -32.62 -28.62
C ALA E 11 38.86 -32.65 -29.14
N SER E 12 38.26 -33.84 -29.12
CA SER E 12 36.89 -34.04 -29.57
C SER E 12 36.05 -34.61 -28.43
N SER E 13 34.77 -34.29 -28.44
CA SER E 13 33.88 -34.69 -27.36
C SER E 13 33.52 -36.18 -27.49
N PRO E 14 33.58 -36.94 -26.40
CA PRO E 14 33.04 -38.31 -26.44
C PRO E 14 31.52 -38.30 -26.50
N ILE E 15 30.96 -39.38 -27.04
CA ILE E 15 29.52 -39.48 -27.20
C ILE E 15 28.88 -39.80 -25.85
N PHE E 16 28.01 -38.91 -25.39
CA PHE E 16 27.34 -39.09 -24.11
C PHE E 16 25.96 -38.44 -24.19
N GLY E 17 24.96 -39.11 -23.63
CA GLY E 17 23.61 -38.60 -23.64
C GLY E 17 23.30 -37.53 -22.63
N GLY E 18 24.25 -37.21 -21.74
CA GLY E 18 24.02 -36.20 -20.74
C GLY E 18 23.37 -36.74 -19.49
N SER E 19 23.86 -36.34 -18.33
CA SER E 19 23.37 -36.85 -17.06
C SER E 19 23.03 -35.67 -16.15
N THR E 20 22.55 -36.00 -14.94
CA THR E 20 22.35 -34.99 -13.91
C THR E 20 23.44 -35.01 -12.84
N GLY E 21 24.42 -35.89 -12.95
CA GLY E 21 25.51 -35.91 -12.01
C GLY E 21 26.62 -34.93 -12.28
N GLY E 22 26.55 -34.19 -13.38
CA GLY E 22 27.66 -33.38 -13.82
C GLY E 22 27.79 -32.01 -13.19
N LEU E 23 27.97 -31.00 -14.03
CA LEU E 23 28.42 -29.69 -13.57
C LEU E 23 27.29 -28.89 -12.95
N LEU E 24 27.64 -28.10 -11.94
CA LEU E 24 26.79 -27.22 -11.17
C LEU E 24 27.31 -25.79 -11.33
N ARG E 25 26.79 -24.85 -10.51
CA ARG E 25 27.11 -23.43 -10.65
C ARG E 25 28.59 -23.12 -10.38
N LYS E 26 29.25 -23.94 -9.53
CA LYS E 26 30.66 -23.77 -9.14
C LYS E 26 31.62 -23.72 -10.34
N ALA E 27 31.37 -24.59 -11.32
CA ALA E 27 32.06 -24.60 -12.61
C ALA E 27 31.92 -23.28 -13.36
N LEU E 28 30.76 -22.64 -13.26
CA LEU E 28 30.59 -21.29 -13.79
C LEU E 28 31.37 -20.25 -12.99
N VAL E 29 31.46 -20.37 -11.66
CA VAL E 29 31.89 -19.22 -10.87
C VAL E 29 33.19 -19.45 -10.10
N GLU E 30 33.56 -20.68 -9.74
CA GLU E 30 34.77 -20.87 -8.93
C GLU E 30 35.85 -21.62 -9.70
N GLU E 31 35.62 -22.85 -10.13
CA GLU E 31 36.57 -23.66 -10.88
C GLU E 31 35.85 -24.88 -11.45
N LYS E 32 36.39 -25.41 -12.54
CA LYS E 32 36.04 -26.73 -13.05
C LYS E 32 37.33 -27.44 -13.42
N TYR E 33 37.23 -28.69 -13.87
CA TYR E 33 38.41 -29.46 -14.18
C TYR E 33 38.19 -30.16 -15.52
N LEU E 34 39.27 -30.54 -16.17
CA LEU E 34 39.19 -31.13 -17.50
C LEU E 34 40.21 -32.25 -17.63
N ILE E 35 39.72 -33.45 -17.93
CA ILE E 35 40.58 -34.59 -18.26
C ILE E 35 40.64 -34.74 -19.78
N THR E 36 41.85 -34.98 -20.28
CA THR E 36 42.06 -35.15 -21.72
C THR E 36 43.03 -36.30 -21.94
N TRP E 37 42.58 -37.30 -22.69
CA TRP E 37 43.31 -38.55 -22.86
C TRP E 37 43.31 -38.97 -24.32
N GLY E 38 44.07 -40.02 -24.62
CA GLY E 38 44.17 -40.55 -25.97
C GLY E 38 43.69 -41.99 -26.02
N SER E 39 42.91 -42.31 -27.04
CA SER E 39 42.34 -43.64 -27.23
C SER E 39 42.61 -44.12 -28.64
N LYS E 40 42.84 -45.42 -28.79
CA LYS E 40 43.14 -46.01 -30.08
C LYS E 40 41.92 -46.54 -30.81
N GLU E 41 40.75 -46.51 -30.17
CA GLU E 41 39.51 -46.99 -30.81
C GLU E 41 38.33 -46.27 -30.15
N GLU E 42 37.13 -46.58 -30.64
CA GLU E 42 35.88 -46.09 -30.08
C GLU E 42 35.35 -47.15 -29.13
N GLN E 43 35.40 -46.87 -27.83
CA GLN E 43 35.14 -47.89 -26.83
C GLN E 43 34.41 -47.28 -25.64
N VAL E 44 33.83 -48.14 -24.81
CA VAL E 44 32.78 -47.78 -23.88
C VAL E 44 33.34 -47.77 -22.46
N PHE E 45 33.17 -46.64 -21.77
CA PHE E 45 33.62 -46.48 -20.39
C PHE E 45 32.47 -46.00 -19.53
N GLU E 46 32.70 -46.01 -18.22
CA GLU E 46 31.73 -45.55 -17.25
C GLU E 46 32.06 -44.12 -16.83
N MET E 47 31.04 -43.28 -16.80
CA MET E 47 31.22 -41.93 -16.30
C MET E 47 31.39 -41.95 -14.78
N PRO E 48 32.25 -41.08 -14.24
CA PRO E 48 32.32 -40.95 -12.77
C PRO E 48 31.12 -40.24 -12.15
N THR E 49 30.27 -39.61 -12.96
CA THR E 49 29.08 -38.94 -12.48
C THR E 49 27.81 -39.73 -12.78
N GLY E 50 27.94 -41.02 -13.10
CA GLY E 50 26.81 -41.86 -13.40
C GLY E 50 26.57 -42.06 -14.87
N GLY E 51 26.12 -43.26 -15.25
CA GLY E 51 25.88 -43.57 -16.65
C GLY E 51 27.07 -44.21 -17.34
N ALA E 52 26.92 -44.42 -18.64
CA ALA E 52 27.96 -44.98 -19.48
C ALA E 52 28.11 -44.14 -20.73
N ALA E 53 29.35 -43.90 -21.14
CA ALA E 53 29.66 -43.14 -22.35
C ALA E 53 30.54 -43.98 -23.25
N THR E 54 30.74 -43.51 -24.47
CA THR E 54 31.72 -44.11 -25.37
C THR E 54 32.59 -42.99 -25.94
N MET E 55 33.84 -43.33 -26.25
CA MET E 55 34.80 -42.36 -26.73
C MET E 55 35.38 -42.81 -28.06
N VAL E 56 35.61 -41.83 -28.94
CA VAL E 56 36.07 -42.09 -30.29
C VAL E 56 37.59 -42.27 -30.29
N ALA E 57 38.13 -42.75 -31.40
CA ALA E 57 39.57 -42.85 -31.56
C ALA E 57 40.17 -41.46 -31.74
N GLY E 58 41.27 -41.21 -31.04
CA GLY E 58 41.91 -39.91 -31.04
C GLY E 58 42.01 -39.32 -29.65
N VAL E 59 41.86 -38.00 -29.57
CA VAL E 59 42.06 -37.26 -28.34
C VAL E 59 40.69 -36.84 -27.80
N ASN E 60 40.38 -37.24 -26.57
CA ASN E 60 39.09 -37.01 -25.96
C ASN E 60 39.24 -36.13 -24.72
N GLY E 61 38.28 -35.24 -24.51
CA GLY E 61 38.28 -34.36 -23.35
C GLY E 61 36.93 -34.28 -22.68
N LEU E 62 36.96 -34.14 -21.37
CA LEU E 62 35.74 -34.13 -20.56
C LEU E 62 35.92 -33.19 -19.37
N TYR E 63 34.94 -32.31 -19.17
CA TYR E 63 34.93 -31.39 -18.04
C TYR E 63 34.17 -32.03 -16.89
N LEU E 64 34.80 -32.04 -15.71
CA LEU E 64 34.21 -32.56 -14.49
C LEU E 64 34.28 -31.53 -13.37
N ALA E 65 33.45 -31.74 -12.35
CA ALA E 65 33.31 -30.76 -11.29
C ALA E 65 34.46 -30.79 -10.31
N ARG E 66 35.05 -31.96 -10.11
CA ARG E 66 36.09 -32.16 -9.11
C ARG E 66 37.30 -32.84 -9.71
N LYS E 67 38.43 -32.65 -9.04
CA LYS E 67 39.67 -33.25 -9.50
C LYS E 67 39.72 -34.74 -9.17
N GLU E 68 39.04 -35.15 -8.09
CA GLU E 68 38.90 -36.56 -7.73
C GLU E 68 38.06 -37.33 -8.76
N GLN E 69 37.06 -36.69 -9.37
CA GLN E 69 36.30 -37.31 -10.46
C GLN E 69 37.19 -37.58 -11.69
N CYS E 70 38.07 -36.63 -12.03
CA CYS E 70 39.03 -36.83 -13.11
C CYS E 70 40.06 -37.89 -12.78
N HIS E 71 40.54 -37.93 -11.54
CA HIS E 71 41.56 -38.92 -11.19
C HIS E 71 40.94 -40.32 -11.05
N ALA E 72 39.65 -40.39 -10.71
CA ALA E 72 38.93 -41.66 -10.73
C ALA E 72 38.68 -42.15 -12.15
N LEU E 73 38.39 -41.21 -13.07
CA LEU E 73 38.30 -41.57 -14.49
C LEU E 73 39.65 -42.02 -15.03
N HIS E 74 40.73 -41.40 -14.55
CA HIS E 74 42.09 -41.79 -14.95
C HIS E 74 42.43 -43.20 -14.46
N ARG E 75 42.11 -43.52 -13.20
CA ARG E 75 42.40 -44.88 -12.74
C ARG E 75 41.48 -45.92 -13.36
N GLN E 76 40.26 -45.51 -13.78
CA GLN E 76 39.42 -46.44 -14.51
C GLN E 76 39.99 -46.72 -15.89
N LEU E 77 40.54 -45.69 -16.55
CA LEU E 77 41.19 -45.87 -17.86
C LEU E 77 42.44 -46.73 -17.75
N VAL E 78 43.20 -46.57 -16.66
CA VAL E 78 44.38 -47.41 -16.42
C VAL E 78 43.97 -48.85 -16.11
N ALA E 79 43.02 -49.04 -15.20
CA ALA E 79 42.70 -50.39 -14.72
C ALA E 79 41.82 -51.16 -15.68
N LYS E 80 41.19 -50.49 -16.64
CA LYS E 80 40.30 -51.18 -17.57
C LYS E 80 40.76 -51.12 -19.01
N PHE E 81 41.38 -50.03 -19.46
CA PHE E 81 41.76 -49.97 -20.86
C PHE E 81 43.19 -49.51 -21.09
N LYS E 82 44.04 -49.46 -20.05
CA LYS E 82 45.49 -49.29 -20.11
C LYS E 82 45.92 -47.95 -20.71
N ILE E 83 45.12 -46.92 -20.52
CA ILE E 83 45.40 -45.59 -21.05
C ILE E 83 46.05 -44.74 -19.97
N ARG E 84 47.26 -44.25 -20.26
CA ARG E 84 48.10 -43.61 -19.25
C ARG E 84 48.57 -42.22 -19.69
N ASP E 85 47.95 -41.62 -20.71
CA ASP E 85 48.29 -40.25 -21.10
C ASP E 85 47.19 -39.26 -20.74
N SER E 86 46.49 -39.50 -19.64
CA SER E 86 45.47 -38.57 -19.18
C SER E 86 46.12 -37.35 -18.54
N LYS E 87 45.70 -36.17 -18.98
CA LYS E 87 46.16 -34.92 -18.40
C LYS E 87 44.97 -34.18 -17.80
N ILE E 88 45.19 -33.61 -16.62
CA ILE E 88 44.13 -32.97 -15.83
C ILE E 88 44.46 -31.49 -15.70
N TYR E 89 43.55 -30.64 -16.16
CA TYR E 89 43.68 -29.20 -16.06
C TYR E 89 42.65 -28.64 -15.09
N ARG E 90 43.04 -27.60 -14.36
CA ARG E 90 42.13 -26.81 -13.54
C ARG E 90 41.73 -25.58 -14.35
N VAL E 91 40.46 -25.52 -14.75
CA VAL E 91 39.95 -24.49 -15.63
C VAL E 91 39.24 -23.46 -14.77
N LEU E 92 39.73 -22.24 -14.82
CA LEU E 92 39.19 -21.09 -14.14
C LEU E 92 38.05 -20.50 -14.97
N PRO E 93 37.19 -19.67 -14.35
CA PRO E 93 36.08 -19.04 -15.12
C PRO E 93 36.48 -18.02 -16.17
N ASN E 94 37.70 -17.48 -16.13
CA ASN E 94 38.13 -16.57 -17.17
C ASN E 94 38.79 -17.28 -18.35
N GLY E 95 38.95 -18.60 -18.30
CA GLY E 95 39.52 -19.36 -19.39
C GLY E 95 40.95 -19.81 -19.21
N GLU E 96 41.53 -19.66 -18.03
CA GLU E 96 42.92 -20.03 -17.79
C GLU E 96 43.01 -21.49 -17.37
N GLN E 97 43.88 -22.25 -18.06
CA GLN E 97 44.08 -23.67 -17.81
C GLN E 97 45.50 -23.90 -17.33
N THR E 98 45.65 -24.65 -16.24
CA THR E 98 46.96 -24.97 -15.68
C THR E 98 47.07 -26.47 -15.43
N LEU E 99 48.26 -27.03 -15.68
CA LEU E 99 48.45 -28.47 -15.59
C LEU E 99 48.73 -28.88 -14.15
N ILE E 100 47.88 -29.77 -13.62
CA ILE E 100 48.02 -30.20 -12.23
C ILE E 100 48.24 -31.71 -12.14
N TYR E 101 47.99 -32.44 -13.23
CA TYR E 101 48.35 -33.85 -13.30
C TYR E 101 48.67 -34.24 -14.73
N PRO E 102 49.84 -34.89 -15.00
CA PRO E 102 51.01 -35.05 -14.12
C PRO E 102 51.79 -33.75 -13.92
N LYS E 103 52.18 -33.44 -12.68
CA LYS E 103 52.96 -32.23 -12.43
C LYS E 103 54.41 -32.38 -12.84
N ASP E 104 54.94 -33.61 -12.79
CA ASP E 104 56.33 -33.85 -13.16
C ASP E 104 56.53 -34.00 -14.66
N GLY E 105 55.44 -34.14 -15.42
CA GLY E 105 55.54 -34.30 -16.86
C GLY E 105 55.64 -35.76 -17.28
N ILE F 3 73.88 -57.24 16.80
CA ILE F 3 72.60 -57.52 16.16
C ILE F 3 72.83 -58.19 14.81
N GLN F 4 72.60 -59.49 14.74
CA GLN F 4 72.81 -60.28 13.54
C GLN F 4 71.51 -60.98 13.15
N LYS F 5 71.56 -61.78 12.08
CA LYS F 5 70.42 -62.55 11.62
C LYS F 5 70.08 -63.65 12.61
N GLY F 6 68.86 -63.65 13.12
CA GLY F 6 68.38 -64.65 14.05
C GLY F 6 68.39 -64.24 15.50
N SER F 7 68.93 -63.06 15.83
CA SER F 7 68.97 -62.61 17.20
C SER F 7 67.62 -62.09 17.66
N GLN F 8 67.28 -62.36 18.92
CA GLN F 8 66.04 -61.88 19.51
C GLN F 8 66.26 -60.50 20.12
N VAL F 9 65.41 -59.54 19.73
CA VAL F 9 65.56 -58.15 20.15
C VAL F 9 64.26 -57.68 20.79
N ARG F 10 64.38 -56.67 21.65
CA ARG F 10 63.24 -56.02 22.27
C ARG F 10 63.18 -54.56 21.82
N VAL F 11 61.99 -54.12 21.43
CA VAL F 11 61.80 -52.82 20.80
C VAL F 11 61.67 -51.75 21.88
N LEU F 12 62.49 -50.71 21.78
CA LEU F 12 62.45 -49.59 22.71
C LEU F 12 61.73 -48.37 22.15
N ARG F 13 61.12 -48.49 20.98
CA ARG F 13 60.39 -47.37 20.40
C ARG F 13 59.05 -47.20 21.10
N GLN F 14 58.84 -46.03 21.71
CA GLN F 14 57.65 -45.75 22.52
C GLN F 14 56.38 -45.66 21.69
N GLU F 15 56.49 -45.29 20.41
CA GLU F 15 55.36 -45.03 19.54
C GLU F 15 54.89 -46.32 18.84
N SER F 16 55.67 -47.40 18.96
CA SER F 16 55.47 -48.67 18.30
C SER F 16 54.28 -49.46 18.87
N TYR F 17 53.72 -50.34 18.02
CA TYR F 17 52.87 -51.42 18.51
C TYR F 17 53.67 -52.38 19.39
N TRP F 18 54.89 -52.71 18.98
CA TRP F 18 55.62 -53.82 19.57
C TRP F 18 56.56 -53.39 20.67
N TYR F 19 56.24 -52.30 21.37
CA TYR F 19 57.05 -51.85 22.50
C TYR F 19 56.92 -52.84 23.64
N ASN F 20 58.09 -53.23 24.19
CA ASN F 20 58.29 -54.36 25.11
C ASN F 20 57.72 -55.65 24.50
N ASP F 21 58.33 -56.09 23.39
CA ASP F 21 58.01 -57.37 22.78
C ASP F 21 59.26 -57.87 22.06
N VAL F 22 59.40 -59.19 22.00
CA VAL F 22 60.57 -59.87 21.46
C VAL F 22 60.31 -60.22 20.00
N GLY F 23 61.24 -59.82 19.12
CA GLY F 23 61.15 -60.15 17.71
C GLY F 23 62.45 -60.73 17.19
N THR F 24 62.37 -61.28 15.98
CA THR F 24 63.49 -61.99 15.37
C THR F 24 64.01 -61.18 14.20
N VAL F 25 65.31 -60.92 14.19
CA VAL F 25 65.95 -60.14 13.15
C VAL F 25 66.08 -60.99 11.89
N ALA F 26 65.48 -60.52 10.79
CA ALA F 26 65.52 -61.23 9.52
C ALA F 26 66.67 -60.75 8.62
N SER F 27 66.92 -59.43 8.57
CA SER F 27 68.00 -58.90 7.74
C SER F 27 68.53 -57.60 8.34
N VAL F 28 69.85 -57.43 8.29
CA VAL F 28 70.53 -56.20 8.69
C VAL F 28 71.23 -55.65 7.46
N ASP F 29 71.03 -54.34 7.20
CA ASP F 29 71.69 -53.67 6.09
C ASP F 29 73.19 -53.52 6.35
N LYS F 30 73.97 -53.46 5.27
CA LYS F 30 75.38 -53.12 5.37
C LYS F 30 75.66 -51.69 4.92
N GLY F 31 74.67 -51.02 4.33
CA GLY F 31 74.84 -49.63 3.94
C GLY F 31 74.69 -48.71 5.14
N ALA F 32 75.62 -47.76 5.26
CA ALA F 32 75.68 -46.90 6.44
C ALA F 32 74.76 -45.68 6.33
N ASN F 33 74.16 -45.42 5.17
CA ASN F 33 73.32 -44.25 5.01
C ASN F 33 71.91 -44.40 5.60
N VAL F 34 71.52 -45.62 5.98
CA VAL F 34 70.16 -45.87 6.42
C VAL F 34 70.03 -45.65 7.92
N ILE F 35 69.02 -44.84 8.30
CA ILE F 35 68.71 -44.53 9.69
C ILE F 35 68.21 -45.77 10.42
N TYR F 36 67.37 -46.58 9.77
CA TYR F 36 66.75 -47.76 10.39
C TYR F 36 67.07 -49.02 9.59
N PRO F 37 68.22 -49.66 9.85
CA PRO F 37 68.65 -50.75 8.95
C PRO F 37 68.08 -52.12 9.29
N VAL F 38 67.76 -52.39 10.55
CA VAL F 38 67.54 -53.74 11.03
C VAL F 38 66.08 -54.13 10.80
N THR F 39 65.85 -55.16 9.99
CA THR F 39 64.51 -55.65 9.73
C THR F 39 64.18 -56.74 10.74
N VAL F 40 63.07 -56.58 11.46
CA VAL F 40 62.64 -57.47 12.52
C VAL F 40 61.25 -57.99 12.18
N ARG F 41 61.10 -59.31 12.16
CA ARG F 41 59.81 -59.98 12.04
C ARG F 41 59.30 -60.35 13.42
N PHE F 42 57.98 -60.53 13.53
CA PHE F 42 57.30 -60.69 14.80
C PHE F 42 56.32 -61.84 14.72
N GLU F 43 56.07 -62.48 15.87
CA GLU F 43 55.05 -63.53 15.98
C GLU F 43 53.68 -62.96 16.30
N LYS F 44 53.55 -61.65 16.31
CA LYS F 44 52.44 -60.92 16.87
C LYS F 44 52.20 -59.78 15.88
N VAL F 45 51.13 -59.82 15.08
CA VAL F 45 51.01 -58.80 14.04
C VAL F 45 50.49 -57.50 14.63
N ASN F 46 50.58 -56.43 13.85
CA ASN F 46 50.08 -55.13 14.28
C ASN F 46 48.59 -55.00 13.99
N TYR F 47 48.11 -53.75 14.05
CA TYR F 47 46.70 -53.49 13.80
C TYR F 47 46.34 -53.53 12.33
N SER F 48 47.31 -53.42 11.43
CA SER F 48 47.04 -53.47 10.00
C SER F 48 47.34 -54.85 9.41
N ASN F 49 47.55 -55.85 10.28
CA ASN F 49 47.81 -57.28 9.99
C ASN F 49 49.15 -57.49 9.26
N LEU F 50 50.20 -56.82 9.74
CA LEU F 50 51.56 -57.04 9.26
C LEU F 50 52.52 -57.23 10.45
N ASN F 51 53.64 -57.92 10.20
CA ASN F 51 54.53 -58.33 11.29
C ASN F 51 56.01 -57.98 11.07
N THR F 52 56.34 -57.21 10.04
CA THR F 52 57.73 -56.84 9.78
C THR F 52 57.91 -55.33 9.91
N ASN F 53 59.06 -54.93 10.47
CA ASN F 53 59.42 -53.52 10.50
C ASN F 53 60.93 -53.33 10.46
N ASN F 54 61.35 -52.18 9.95
CA ASN F 54 62.73 -51.73 10.03
C ASN F 54 62.90 -50.82 11.24
N PHE F 55 63.67 -51.27 12.23
CA PHE F 55 64.12 -50.46 13.36
C PHE F 55 65.62 -50.19 13.22
N GLY F 56 66.17 -49.52 14.23
CA GLY F 56 67.58 -49.20 14.28
C GLY F 56 68.31 -49.93 15.39
N VAL F 57 69.60 -49.61 15.50
CA VAL F 57 70.44 -50.19 16.54
C VAL F 57 70.08 -49.62 17.92
N SER F 58 69.85 -48.31 18.00
CA SER F 58 69.57 -47.65 19.28
C SER F 58 68.17 -47.94 19.82
N GLU F 59 67.26 -48.44 18.99
CA GLU F 59 65.90 -48.73 19.41
C GLU F 59 65.68 -50.19 19.76
N LEU F 60 66.74 -50.99 19.87
CA LEU F 60 66.63 -52.41 20.15
C LEU F 60 67.57 -52.80 21.28
N GLU F 61 67.09 -53.69 22.16
CA GLU F 61 67.89 -54.27 23.22
C GLU F 61 68.06 -55.77 22.96
N GLU F 62 69.30 -56.23 23.02
CA GLU F 62 69.59 -57.65 22.81
C GLU F 62 69.23 -58.43 24.07
N VAL F 63 68.39 -59.44 23.93
CA VAL F 63 68.01 -60.28 25.06
C VAL F 63 68.71 -61.62 24.97
N PRO G 26 17.32 -63.06 65.36
CA PRO G 26 16.38 -62.15 64.68
C PRO G 26 17.00 -60.79 64.40
N LEU G 27 17.49 -60.58 63.18
CA LEU G 27 18.23 -59.38 62.82
C LEU G 27 17.29 -58.24 62.41
N GLY G 28 17.84 -57.20 61.78
CA GLY G 28 17.01 -56.10 61.33
C GLY G 28 16.18 -56.40 60.11
N ASN G 29 14.86 -56.16 60.21
CA ASN G 29 13.82 -56.46 59.21
C ASN G 29 13.87 -57.97 58.88
N THR G 30 14.05 -58.78 59.93
CA THR G 30 14.52 -60.16 59.82
C THR G 30 14.07 -60.96 61.03
N ILE G 31 13.21 -61.97 60.82
CA ILE G 31 12.94 -63.00 61.83
C ILE G 31 13.09 -64.37 61.17
N PRO G 32 13.46 -65.46 61.90
CA PRO G 32 13.57 -66.77 61.24
C PRO G 32 12.25 -67.42 60.86
N CYS G 33 12.34 -68.56 60.19
CA CYS G 33 11.19 -69.26 59.62
C CYS G 33 10.32 -69.93 60.67
N SER G 34 10.89 -70.25 61.84
CA SER G 34 10.18 -71.00 62.87
C SER G 34 9.15 -70.16 63.62
N GLU G 35 9.24 -68.84 63.53
CA GLU G 35 8.30 -67.95 64.23
C GLU G 35 7.69 -66.93 63.27
N SER G 36 7.83 -67.14 61.96
CA SER G 36 7.31 -66.22 60.96
C SER G 36 5.89 -66.61 60.59
N GLN G 37 4.96 -65.67 60.77
CA GLN G 37 3.57 -65.90 60.39
C GLN G 37 3.41 -65.96 58.87
N ALA G 38 4.06 -65.04 58.15
CA ALA G 38 3.84 -64.88 56.72
C ALA G 38 4.43 -66.04 55.92
N PHE G 39 5.49 -66.68 56.45
CA PHE G 39 5.99 -67.91 55.83
C PHE G 39 4.99 -69.04 55.97
N LYS G 40 4.32 -69.11 57.13
CA LYS G 40 3.24 -70.07 57.30
C LYS G 40 2.08 -69.78 56.36
N ASP G 41 1.79 -68.49 56.09
CA ASP G 41 0.73 -68.13 55.15
C ASP G 41 1.06 -68.51 53.70
N LEU G 42 2.27 -68.16 53.21
CA LEU G 42 2.69 -68.61 51.87
C LEU G 42 2.85 -70.12 51.78
N LYS G 43 3.30 -70.76 52.88
CA LYS G 43 3.43 -72.22 52.94
C LYS G 43 2.09 -72.91 52.77
N ASP G 44 1.13 -72.65 53.67
CA ASP G 44 -0.12 -73.39 53.62
C ASP G 44 -1.02 -72.91 52.48
N ALA G 45 -0.79 -71.69 51.95
CA ALA G 45 -1.42 -71.27 50.71
C ALA G 45 -0.94 -72.12 49.52
N ARG G 46 0.37 -72.39 49.43
CA ARG G 46 0.89 -73.22 48.35
C ARG G 46 0.45 -74.68 48.49
N ILE G 47 0.54 -75.25 49.71
CA ILE G 47 0.10 -76.63 49.95
C ILE G 47 -1.41 -76.82 49.77
N ASN G 48 -2.24 -75.85 50.18
CA ASN G 48 -3.67 -75.95 49.91
C ASN G 48 -4.00 -75.84 48.43
N GLY G 49 -3.40 -74.87 47.71
CA GLY G 49 -3.63 -74.77 46.26
C GLY G 49 -3.14 -75.98 45.49
N LEU G 50 -2.06 -76.60 45.97
CA LEU G 50 -1.64 -77.90 45.45
C LEU G 50 -2.66 -79.01 45.75
N LYS G 51 -3.23 -79.07 46.98
CA LYS G 51 -4.07 -80.24 47.28
C LYS G 51 -5.45 -80.15 46.62
N GLU G 52 -5.99 -78.94 46.37
CA GLU G 52 -7.12 -78.97 45.42
C GLU G 52 -6.66 -79.05 43.97
N LYS G 53 -5.37 -78.91 43.65
CA LYS G 53 -4.96 -79.27 42.29
C LYS G 53 -4.86 -80.79 42.09
N ILE G 54 -4.39 -81.55 43.10
CA ILE G 54 -4.53 -83.03 43.01
C ILE G 54 -5.99 -83.45 43.08
N ALA G 55 -6.76 -82.89 44.02
CA ALA G 55 -8.08 -83.43 44.40
C ALA G 55 -9.17 -83.25 43.35
N ALA G 56 -8.93 -82.50 42.28
CA ALA G 56 -9.90 -82.34 41.21
C ALA G 56 -9.54 -83.14 39.95
N THR G 57 -8.47 -83.93 39.98
CA THR G 57 -8.00 -84.67 38.81
C THR G 57 -7.98 -86.17 39.07
N ASP G 58 -7.87 -86.91 37.96
CA ASP G 58 -7.68 -88.35 37.87
C ASP G 58 -6.26 -88.68 38.32
N PRO G 59 -6.07 -89.60 39.28
CA PRO G 59 -4.72 -89.94 39.74
C PRO G 59 -3.95 -90.94 38.88
N ALA G 60 -4.34 -91.19 37.63
CA ALA G 60 -3.67 -92.12 36.74
C ALA G 60 -3.54 -91.54 35.34
N THR G 61 -3.08 -90.29 35.22
CA THR G 61 -3.02 -89.65 33.90
C THR G 61 -1.76 -88.82 33.67
N GLN G 62 -0.73 -88.97 34.52
CA GLN G 62 0.63 -88.43 34.55
C GLN G 62 0.64 -86.94 34.99
N TYR G 63 -0.51 -86.27 35.06
CA TYR G 63 -0.58 -84.94 35.65
C TYR G 63 -0.55 -85.01 37.17
N ALA G 64 -1.38 -85.88 37.75
CA ALA G 64 -1.55 -85.91 39.19
C ALA G 64 -0.35 -86.55 39.92
N LYS G 65 0.34 -87.49 39.27
CA LYS G 65 1.58 -88.04 39.82
C LYS G 65 2.67 -86.97 39.88
N ASP G 66 2.67 -86.10 38.87
CA ASP G 66 3.59 -84.95 38.85
C ASP G 66 3.22 -83.95 39.92
N LEU G 67 1.93 -83.76 40.20
CA LEU G 67 1.53 -82.87 41.28
C LEU G 67 1.83 -83.46 42.66
N THR G 68 1.72 -84.78 42.84
CA THR G 68 2.13 -85.37 44.11
C THR G 68 3.65 -85.35 44.29
N ALA G 69 4.41 -85.49 43.20
CA ALA G 69 5.85 -85.29 43.26
C ALA G 69 6.21 -83.84 43.58
N SER G 70 5.47 -82.88 43.01
CA SER G 70 5.64 -81.47 43.37
C SER G 70 5.22 -81.19 44.80
N MET G 71 4.21 -81.92 45.30
CA MET G 71 3.76 -81.72 46.66
C MET G 71 4.80 -82.23 47.67
N GLU G 72 5.33 -83.43 47.44
CA GLU G 72 6.40 -83.99 48.28
C GLU G 72 7.69 -83.16 48.21
N LEU G 73 8.05 -82.72 47.00
CA LEU G 73 9.17 -81.82 46.78
C LEU G 73 9.00 -80.50 47.51
N TRP G 74 7.78 -79.93 47.48
CA TRP G 74 7.56 -78.65 48.13
C TRP G 74 7.45 -78.79 49.65
N GLU G 75 6.97 -79.94 50.17
CA GLU G 75 6.94 -80.15 51.62
C GLU G 75 8.35 -80.20 52.18
N TYR G 76 9.23 -80.91 51.50
CA TYR G 76 10.60 -80.88 51.98
C TYR G 76 11.34 -79.60 51.56
N ARG G 77 10.82 -78.81 50.59
CA ARG G 77 11.46 -77.50 50.37
C ARG G 77 11.12 -76.50 51.48
N TYR G 78 9.85 -76.46 51.92
CA TYR G 78 9.53 -75.61 53.06
C TYR G 78 10.09 -76.16 54.37
N ALA G 79 10.26 -77.49 54.49
CA ALA G 79 10.87 -78.04 55.68
C ALA G 79 12.38 -77.77 55.74
N ASN G 80 13.06 -77.69 54.59
CA ASN G 80 14.47 -77.34 54.61
C ASN G 80 14.63 -75.83 54.84
N TYR G 81 13.71 -74.99 54.35
CA TYR G 81 13.73 -73.58 54.76
C TYR G 81 13.41 -73.40 56.24
N GLU G 82 12.63 -74.33 56.82
CA GLU G 82 12.35 -74.34 58.25
C GLU G 82 13.58 -74.72 59.09
N LYS G 83 14.24 -75.83 58.75
CA LYS G 83 15.14 -76.45 59.72
C LYS G 83 16.57 -75.92 59.73
N ASN G 84 16.96 -75.05 58.79
CA ASN G 84 18.33 -74.56 58.76
C ASN G 84 18.41 -73.05 58.96
N ALA G 85 17.35 -72.48 59.56
CA ALA G 85 17.19 -71.07 59.90
C ALA G 85 17.31 -70.11 58.72
N SER G 86 16.42 -70.24 57.75
CA SER G 86 16.17 -69.18 56.78
C SER G 86 15.32 -68.10 57.45
N CYS G 87 15.35 -66.90 56.89
CA CYS G 87 14.88 -65.72 57.61
C CYS G 87 14.01 -64.83 56.75
N ASP G 88 12.88 -64.35 57.31
CA ASP G 88 11.85 -63.78 56.45
C ASP G 88 11.44 -62.33 56.71
N LYS G 89 10.71 -62.10 57.82
CA LYS G 89 9.93 -60.91 58.20
C LYS G 89 8.95 -60.35 57.14
N ASP G 90 7.69 -60.12 57.55
CA ASP G 90 6.64 -59.34 56.87
C ASP G 90 6.23 -59.98 55.55
N SER G 91 7.11 -59.92 54.54
CA SER G 91 6.73 -60.40 53.21
C SER G 91 6.95 -61.90 53.04
N GLY G 92 7.69 -62.55 53.94
CA GLY G 92 7.64 -63.99 54.13
C GLY G 92 8.61 -64.84 53.34
N GLN G 93 9.32 -64.27 52.38
CA GLN G 93 10.28 -64.95 51.52
C GLN G 93 11.66 -64.99 52.18
N PRO G 94 12.55 -65.99 51.88
CA PRO G 94 13.79 -66.13 52.67
C PRO G 94 14.94 -65.21 52.27
N HIS G 95 15.30 -64.37 53.22
CA HIS G 95 16.26 -63.29 53.07
C HIS G 95 17.62 -63.77 53.55
N LEU G 96 18.64 -63.60 52.70
CA LEU G 96 19.93 -64.24 52.91
C LEU G 96 20.85 -63.22 53.56
N ILE G 97 21.46 -63.60 54.68
CA ILE G 97 22.33 -62.69 55.43
C ILE G 97 23.77 -63.02 55.06
N VAL G 98 24.50 -62.05 54.49
CA VAL G 98 25.89 -62.28 54.12
C VAL G 98 26.77 -61.35 54.98
N ASP G 99 27.49 -61.98 55.93
CA ASP G 99 28.62 -61.38 56.65
C ASP G 99 29.85 -62.26 56.71
N GLY G 100 29.69 -63.56 56.55
CA GLY G 100 30.64 -64.49 57.11
C GLY G 100 30.21 -65.11 58.42
N ARG G 101 28.93 -64.97 58.80
CA ARG G 101 28.41 -65.69 59.97
C ARG G 101 28.41 -67.19 59.72
N LEU G 102 28.78 -67.95 60.76
CA LEU G 102 28.86 -69.39 60.65
C LEU G 102 27.51 -70.07 60.80
N SER G 103 26.55 -69.39 61.44
CA SER G 103 25.18 -69.90 61.45
C SER G 103 24.57 -69.80 60.06
N HIS G 104 24.79 -68.69 59.38
CA HIS G 104 24.41 -68.53 57.98
C HIS G 104 25.58 -68.81 57.05
N ALA G 105 26.24 -69.96 57.24
CA ALA G 105 27.41 -70.28 56.43
C ALA G 105 27.02 -70.72 55.03
N GLY G 106 25.87 -71.38 54.90
CA GLY G 106 25.39 -71.82 53.60
C GLY G 106 24.77 -70.74 52.75
N ASP G 107 24.64 -69.52 53.27
CA ASP G 107 24.15 -68.41 52.46
C ASP G 107 25.19 -68.01 51.43
N PHE G 108 26.42 -67.86 51.85
CA PHE G 108 27.47 -67.31 51.01
C PHE G 108 28.74 -68.14 50.99
N ILE G 109 29.15 -68.71 52.12
CA ILE G 109 30.53 -69.17 52.30
C ILE G 109 30.78 -70.47 51.55
N ILE G 110 29.87 -71.43 51.65
CA ILE G 110 29.95 -72.68 50.90
C ILE G 110 29.81 -72.52 49.38
N PRO G 111 28.83 -71.76 48.81
CA PRO G 111 28.92 -71.50 47.37
C PRO G 111 30.05 -70.55 46.94
N SER G 112 30.68 -69.83 47.88
CA SER G 112 31.94 -69.14 47.57
C SER G 112 33.06 -70.12 47.28
N ILE G 113 33.27 -71.10 48.18
CA ILE G 113 34.34 -72.09 47.99
C ILE G 113 34.06 -72.97 46.78
N LEU G 114 32.79 -73.30 46.54
CA LEU G 114 32.40 -74.00 45.31
C LEU G 114 32.62 -73.18 44.04
N PHE G 115 32.34 -71.87 44.06
CA PHE G 115 32.60 -71.03 42.89
C PHE G 115 34.08 -70.84 42.61
N LEU G 116 34.87 -70.52 43.65
CA LEU G 116 36.33 -70.42 43.45
C LEU G 116 36.96 -71.72 43.00
N TRP G 117 36.45 -72.87 43.46
CA TRP G 117 36.94 -74.17 43.01
C TRP G 117 36.66 -74.41 41.52
N LEU G 118 35.40 -74.26 41.10
CA LEU G 118 35.09 -74.57 39.69
C LEU G 118 35.47 -73.46 38.71
N ALA G 119 35.40 -72.19 39.11
CA ALA G 119 35.84 -71.12 38.22
C ALA G 119 37.35 -71.02 38.16
N GLY G 120 38.07 -71.32 39.24
CA GLY G 120 39.51 -71.45 39.16
C GLY G 120 39.92 -72.67 38.36
N ALA G 121 39.08 -73.71 38.36
CA ALA G 121 39.29 -74.87 37.48
C ALA G 121 39.21 -74.49 36.01
N LEU G 122 38.17 -73.75 35.62
CA LEU G 122 38.02 -73.33 34.23
C LEU G 122 39.10 -72.33 33.80
N GLY G 123 39.37 -71.33 34.64
CA GLY G 123 40.37 -70.32 34.30
C GLY G 123 41.78 -70.89 34.26
N TRP G 124 42.12 -71.76 35.20
CA TRP G 124 43.43 -72.38 35.23
C TRP G 124 43.59 -73.41 34.12
N ALA G 125 42.51 -74.11 33.76
CA ALA G 125 42.54 -75.06 32.65
C ALA G 125 42.74 -74.37 31.32
N GLY G 126 42.02 -73.27 31.07
CA GLY G 126 42.22 -72.50 29.86
C GLY G 126 43.57 -71.82 29.79
N ARG G 127 44.04 -71.32 30.93
CA ARG G 127 45.36 -70.68 31.03
C ARG G 127 46.48 -71.68 30.78
N ASP G 128 46.38 -72.88 31.36
CA ASP G 128 47.35 -73.92 31.11
C ASP G 128 47.27 -74.46 29.69
N TYR G 129 46.06 -74.50 29.10
CA TYR G 129 45.90 -74.86 27.70
C TYR G 129 46.59 -73.88 26.77
N LEU G 130 46.51 -72.57 27.08
CA LEU G 130 47.28 -71.59 26.32
C LEU G 130 48.79 -71.79 26.51
N LEU G 131 49.24 -72.01 27.76
CA LEU G 131 50.67 -72.16 28.03
C LEU G 131 51.27 -73.44 27.45
N LYS G 132 50.45 -74.47 27.19
CA LYS G 132 51.01 -75.65 26.53
C LYS G 132 50.79 -75.64 25.02
N THR G 133 49.76 -74.97 24.51
CA THR G 133 49.59 -74.95 23.06
C THR G 133 50.45 -73.88 22.38
N GLN G 134 50.16 -72.58 22.65
CA GLN G 134 50.78 -71.41 22.00
C GLN G 134 50.71 -71.49 20.47
N ASN G 135 49.53 -71.87 19.97
CA ASN G 135 49.38 -72.15 18.55
C ASN G 135 47.97 -71.72 18.14
N ALA G 136 47.86 -71.15 16.94
CA ALA G 136 46.60 -70.58 16.47
C ALA G 136 45.60 -71.63 15.99
N MET G 137 46.09 -72.75 15.44
CA MET G 137 45.19 -73.82 15.03
C MET G 137 44.60 -74.56 16.23
N ASP G 138 45.31 -74.56 17.36
CA ASP G 138 44.87 -75.27 18.55
C ASP G 138 43.76 -74.54 19.30
N GLU G 139 43.49 -73.28 18.98
CA GLU G 139 42.44 -72.52 19.63
C GLU G 139 41.08 -72.69 18.94
N ILE G 140 41.05 -72.75 17.61
CA ILE G 140 39.78 -73.00 16.92
C ILE G 140 39.52 -74.49 16.76
N LEU G 141 40.56 -75.31 16.74
CA LEU G 141 40.44 -76.76 16.62
C LEU G 141 41.05 -77.32 17.91
N ILE G 142 40.18 -77.76 18.82
CA ILE G 142 40.59 -78.07 20.19
C ILE G 142 41.27 -79.43 20.22
N ASP G 143 42.48 -79.46 20.77
CA ASP G 143 43.22 -80.71 20.97
C ASP G 143 42.77 -81.25 22.33
N PHE G 144 41.97 -82.34 22.32
CA PHE G 144 41.41 -82.89 23.55
C PHE G 144 42.47 -83.54 24.42
N SER G 145 43.53 -84.08 23.81
CA SER G 145 44.62 -84.74 24.55
C SER G 145 45.45 -83.75 25.37
N LYS G 146 45.36 -82.46 25.03
CA LYS G 146 45.93 -81.40 25.82
C LYS G 146 44.89 -80.46 26.42
N ALA G 147 43.59 -80.75 26.25
CA ALA G 147 42.53 -79.96 26.89
C ALA G 147 41.90 -80.65 28.10
N VAL G 148 41.59 -81.96 28.01
CA VAL G 148 41.07 -82.66 29.20
C VAL G 148 42.05 -82.83 30.35
N PRO G 149 43.39 -83.08 30.20
CA PRO G 149 44.20 -83.07 31.43
C PRO G 149 44.49 -81.67 31.96
N SER G 150 44.33 -80.63 31.13
CA SER G 150 44.25 -79.26 31.62
C SER G 150 43.06 -79.07 32.53
N LEU G 151 41.92 -79.68 32.18
CA LEU G 151 40.75 -79.67 33.04
C LEU G 151 40.95 -80.50 34.31
N VAL G 152 41.68 -81.63 34.23
CA VAL G 152 41.98 -82.46 35.40
C VAL G 152 42.89 -81.71 36.39
N LEU G 153 43.92 -81.02 35.89
CA LEU G 153 44.70 -80.17 36.78
C LEU G 153 43.98 -78.88 37.17
N GLY G 154 42.95 -78.47 36.42
CA GLY G 154 42.02 -77.47 36.91
C GLY G 154 41.26 -77.93 38.13
N LEU G 155 40.87 -79.20 38.17
CA LEU G 155 40.24 -79.79 39.35
C LEU G 155 41.13 -79.84 40.60
N ALA G 156 42.45 -79.64 40.47
CA ALA G 156 43.35 -79.48 41.61
C ALA G 156 44.20 -78.22 41.49
N TRP G 157 43.67 -77.17 40.83
CA TRP G 157 44.31 -75.86 40.63
C TRP G 157 44.96 -75.08 41.79
N PRO G 158 44.58 -75.19 43.09
CA PRO G 158 45.36 -74.42 44.09
C PRO G 158 46.77 -74.95 44.31
N LEU G 159 46.96 -76.27 44.22
CA LEU G 159 48.27 -76.88 44.42
C LEU G 159 49.25 -76.55 43.29
N PHE G 160 48.75 -76.18 42.12
CA PHE G 160 49.59 -75.73 41.03
C PHE G 160 49.59 -74.21 40.86
N ALA G 161 48.64 -73.50 41.49
CA ALA G 161 48.48 -72.06 41.30
C ALA G 161 49.09 -71.22 42.41
N ILE G 162 48.98 -71.67 43.67
CA ILE G 162 49.64 -70.96 44.79
C ILE G 162 51.16 -70.80 44.69
N PRO G 163 52.01 -71.82 44.38
CA PRO G 163 53.44 -71.49 44.31
C PRO G 163 53.87 -70.75 43.05
N GLN G 164 53.00 -70.62 42.04
CA GLN G 164 53.31 -69.68 40.96
C GLN G 164 52.86 -68.27 41.32
N ILE G 165 51.97 -68.11 42.29
CA ILE G 165 51.78 -66.80 42.90
C ILE G 165 52.98 -66.44 43.77
N LEU G 166 53.49 -67.41 44.54
CA LEU G 166 54.66 -67.16 45.38
C LEU G 166 55.96 -67.03 44.59
N SER G 167 55.98 -67.48 43.33
CA SER G 167 57.17 -67.28 42.50
C SER G 167 57.13 -65.97 41.72
N GLY G 168 56.08 -65.77 40.92
CA GLY G 168 55.98 -64.61 40.06
C GLY G 168 55.67 -65.06 38.64
N ALA G 169 55.02 -64.17 37.88
CA ALA G 169 54.60 -64.57 36.54
C ALA G 169 55.57 -64.16 35.44
N ILE G 170 55.72 -62.86 35.19
CA ILE G 170 56.37 -62.36 33.99
C ILE G 170 56.66 -60.87 34.19
N ARG G 171 57.74 -60.38 33.57
CA ARG G 171 58.12 -58.98 33.61
C ARG G 171 57.59 -58.32 32.34
N ASP G 172 56.46 -57.62 32.45
CA ASP G 172 56.01 -56.69 31.41
C ASP G 172 55.40 -55.44 32.02
N ASN G 173 55.55 -54.31 31.33
CA ASN G 173 55.11 -53.03 31.90
C ASN G 173 53.80 -52.58 31.27
N MET H 1 -6.28 -10.71 37.45
CA MET H 1 -5.01 -11.31 37.06
C MET H 1 -4.09 -10.25 36.45
N ASN H 2 -2.90 -10.08 37.02
CA ASN H 2 -1.95 -9.04 36.62
C ASN H 2 -1.03 -9.64 35.56
N VAL H 3 -1.27 -9.28 34.29
CA VAL H 3 -0.51 -9.77 33.13
C VAL H 3 -0.20 -8.57 32.24
N TYR H 4 1.02 -8.52 31.68
CA TYR H 4 1.28 -7.64 30.55
C TYR H 4 1.42 -8.52 29.30
N PRO H 5 0.34 -8.71 28.51
CA PRO H 5 0.38 -9.70 27.42
C PRO H 5 1.19 -9.22 26.23
N TRP H 6 1.15 -7.91 25.96
CA TRP H 6 1.90 -7.29 24.88
C TRP H 6 3.40 -7.46 25.06
N LEU H 7 3.86 -7.50 26.32
CA LEU H 7 5.26 -7.72 26.61
C LEU H 7 5.67 -9.16 26.32
N VAL H 8 4.77 -10.12 26.57
CA VAL H 8 4.98 -11.50 26.18
C VAL H 8 5.07 -11.62 24.66
N TYR H 9 4.22 -10.86 23.95
CA TYR H 9 4.27 -10.81 22.49
C TYR H 9 5.56 -10.19 21.99
N VAL H 10 6.12 -9.23 22.72
CA VAL H 10 7.35 -8.58 22.28
C VAL H 10 8.54 -9.53 22.47
N THR H 11 8.78 -9.99 23.71
CA THR H 11 10.07 -10.63 23.95
C THR H 11 10.04 -12.14 23.80
N THR H 12 8.87 -12.75 23.58
CA THR H 12 8.87 -14.17 23.27
C THR H 12 8.64 -14.46 21.80
N LEU H 13 8.07 -13.53 21.06
CA LEU H 13 7.78 -13.75 19.65
C LEU H 13 8.54 -12.79 18.75
N VAL H 14 8.42 -11.48 18.99
CA VAL H 14 8.98 -10.51 18.06
C VAL H 14 10.48 -10.38 18.26
N PHE H 15 10.91 -10.07 19.49
CA PHE H 15 12.33 -9.93 19.82
C PHE H 15 13.23 -11.13 19.53
N PRO H 16 12.84 -12.41 19.72
CA PRO H 16 13.73 -13.49 19.24
C PRO H 16 13.91 -13.54 17.73
N LEU H 17 12.87 -13.27 16.92
CA LEU H 17 13.04 -13.25 15.46
C LEU H 17 13.87 -12.06 15.00
N VAL H 18 13.63 -10.90 15.62
CA VAL H 18 14.53 -9.74 15.60
C VAL H 18 15.98 -10.10 15.89
N SER H 19 16.19 -10.87 16.95
CA SER H 19 17.55 -11.22 17.37
C SER H 19 18.21 -12.19 16.41
N LEU H 20 17.47 -13.17 15.89
CA LEU H 20 18.02 -14.08 14.86
C LEU H 20 18.30 -13.36 13.55
N ALA H 21 17.49 -12.37 13.17
CA ALA H 21 17.79 -11.55 11.99
C ALA H 21 19.04 -10.69 12.17
N ALA H 22 19.20 -10.10 13.36
CA ALA H 22 20.40 -9.33 13.68
C ALA H 22 21.64 -10.22 13.72
N LEU H 23 21.52 -11.42 14.30
CA LEU H 23 22.65 -12.37 14.33
C LEU H 23 22.97 -12.91 12.94
N PHE H 24 21.96 -13.02 12.07
CA PHE H 24 22.18 -13.39 10.68
C PHE H 24 22.99 -12.32 9.95
N ILE H 25 22.68 -11.05 10.22
CA ILE H 25 23.48 -9.93 9.69
C ILE H 25 24.91 -9.97 10.24
N LEU H 26 25.06 -10.27 11.55
CA LEU H 26 26.38 -10.41 12.17
C LEU H 26 27.21 -11.56 11.60
N ILE H 27 26.57 -12.65 11.19
CA ILE H 27 27.34 -13.80 10.71
C ILE H 27 27.40 -13.91 9.19
N GLU H 28 26.72 -13.05 8.42
CA GLU H 28 26.73 -13.24 6.97
C GLU H 28 27.21 -12.05 6.14
N ARG H 29 27.57 -10.93 6.75
CA ARG H 29 28.10 -9.80 5.98
C ARG H 29 29.59 -9.67 6.21
N ASP H 30 30.35 -9.52 5.12
CA ASP H 30 31.79 -9.38 5.16
C ASP H 30 32.17 -7.92 5.43
N THR H 31 32.94 -7.71 6.50
CA THR H 31 33.52 -6.42 6.95
C THR H 31 32.52 -5.28 7.07
N LYS I 2 43.48 -85.38 17.17
CA LYS I 2 42.44 -84.46 16.70
C LYS I 2 41.46 -85.23 15.83
N ILE I 3 40.19 -85.24 16.23
CA ILE I 3 39.16 -85.99 15.52
C ILE I 3 38.39 -85.04 14.60
N PRO I 4 37.82 -85.53 13.50
CA PRO I 4 37.05 -84.64 12.62
C PRO I 4 35.72 -84.22 13.22
N PHE I 5 35.42 -82.92 13.05
CA PHE I 5 34.16 -82.18 13.26
C PHE I 5 33.79 -81.99 14.73
N LEU I 6 34.41 -82.70 15.67
CA LEU I 6 34.07 -82.48 17.06
C LEU I 6 35.18 -81.73 17.77
N SER I 7 36.36 -81.67 17.17
CA SER I 7 37.46 -80.87 17.70
C SER I 7 37.30 -79.38 17.41
N LEU I 8 36.35 -78.99 16.56
CA LEU I 8 36.09 -77.60 16.24
C LEU I 8 35.50 -76.87 17.46
N ALA I 9 35.87 -75.59 17.61
CA ALA I 9 35.50 -74.74 18.74
C ALA I 9 34.01 -74.53 19.00
N PRO I 10 33.11 -74.37 18.00
CA PRO I 10 31.67 -74.41 18.32
C PRO I 10 31.16 -75.73 18.85
N ILE I 11 31.62 -76.86 18.31
CA ILE I 11 31.11 -78.16 18.78
C ILE I 11 31.62 -78.46 20.17
N SER I 12 32.93 -78.30 20.40
CA SER I 12 33.56 -78.47 21.70
C SER I 12 33.04 -77.49 22.74
N GLY I 13 32.86 -76.23 22.33
CA GLY I 13 32.28 -75.23 23.21
C GLY I 13 30.82 -75.49 23.53
N ALA I 14 30.00 -75.71 22.49
CA ALA I 14 28.55 -75.85 22.66
C ALA I 14 28.19 -77.13 23.41
N LEU I 15 28.90 -78.23 23.17
CA LEU I 15 28.74 -79.39 24.05
C LEU I 15 29.30 -79.17 25.46
N PHE I 16 30.24 -78.22 25.67
CA PHE I 16 30.58 -77.87 27.04
C PHE I 16 29.43 -77.10 27.74
N ILE I 17 28.80 -76.13 27.05
CA ILE I 17 27.64 -75.44 27.64
C ILE I 17 26.48 -76.41 27.89
N ILE I 18 26.17 -77.28 26.92
CA ILE I 18 25.07 -78.25 27.07
C ILE I 18 25.37 -79.29 28.17
N GLY I 19 26.60 -79.80 28.23
CA GLY I 19 26.95 -80.73 29.30
C GLY I 19 26.97 -80.09 30.68
N SER I 20 27.38 -78.81 30.75
CA SER I 20 27.34 -78.08 32.00
C SER I 20 25.92 -77.80 32.48
N VAL I 21 24.99 -77.48 31.55
CA VAL I 21 23.64 -77.14 32.02
C VAL I 21 22.88 -78.43 32.36
N VAL I 22 23.21 -79.56 31.71
CA VAL I 22 22.61 -80.84 32.10
C VAL I 22 23.14 -81.32 33.47
N VAL I 23 24.45 -81.23 33.72
CA VAL I 23 25.00 -81.63 35.02
C VAL I 23 24.53 -80.68 36.14
N LEU I 24 24.43 -79.38 35.83
CA LEU I 24 23.84 -78.43 36.77
C LEU I 24 22.35 -78.70 36.99
N ALA I 25 21.62 -79.10 35.94
CA ALA I 25 20.19 -79.40 36.03
C ALA I 25 19.95 -80.60 36.93
N LEU I 26 20.67 -81.70 36.70
CA LEU I 26 20.54 -82.89 37.54
C LEU I 26 21.10 -82.67 38.95
N ALA I 27 22.02 -81.72 39.12
CA ALA I 27 22.36 -81.26 40.46
C ALA I 27 21.19 -80.51 41.12
N ASN I 28 20.37 -79.82 40.32
CA ASN I 28 19.18 -79.19 40.91
C ASN I 28 18.06 -80.19 41.20
N ILE I 29 17.90 -81.25 40.39
CA ILE I 29 16.95 -82.31 40.77
C ILE I 29 17.43 -83.04 42.03
N TYR I 30 18.71 -83.45 42.05
CA TYR I 30 19.22 -84.30 43.13
C TYR I 30 19.33 -83.54 44.46
N ALA I 31 19.63 -82.25 44.40
CA ALA I 31 19.63 -81.41 45.59
C ALA I 31 18.38 -80.53 45.66
N LYS I 32 17.30 -80.94 44.97
CA LYS I 32 15.87 -80.51 45.11
C LYS I 32 15.59 -79.02 44.89
N TYR I 33 16.47 -78.34 44.10
CA TYR I 33 16.50 -76.93 43.66
C TYR I 33 16.75 -76.08 44.91
N PRO I 34 17.93 -76.07 45.51
CA PRO I 34 18.06 -75.38 46.80
C PRO I 34 18.31 -73.89 46.59
N LEU I 35 18.10 -73.12 47.65
CA LEU I 35 18.49 -71.72 47.61
C LEU I 35 19.83 -71.51 48.26
N LEU I 36 20.05 -72.27 49.31
CA LEU I 36 21.26 -72.21 50.09
C LEU I 36 21.74 -73.64 50.29
N HIS I 37 22.87 -73.75 50.96
CA HIS I 37 23.34 -75.04 51.41
C HIS I 37 22.77 -75.30 52.81
N PRO I 38 22.04 -76.39 53.04
CA PRO I 38 21.77 -76.76 54.47
C PRO I 38 22.85 -77.28 55.46
N LEU I 39 22.82 -76.64 56.62
CA LEU I 39 23.79 -76.93 57.66
C LEU I 39 23.24 -77.91 58.67
N VAL I 40 21.93 -77.90 58.88
CA VAL I 40 21.31 -78.79 59.83
C VAL I 40 20.54 -79.86 59.09
N GLY J 7 14.86 -38.20 -28.42
CA GLY J 7 14.03 -37.20 -29.05
C GLY J 7 13.53 -36.14 -28.10
N MET J 8 12.77 -36.58 -27.08
CA MET J 8 12.24 -35.64 -26.10
C MET J 8 13.31 -35.16 -25.13
N VAL J 9 14.22 -36.03 -24.74
CA VAL J 9 15.24 -35.70 -23.75
C VAL J 9 16.57 -35.55 -24.47
N SER J 10 17.04 -34.31 -24.57
CA SER J 10 18.40 -33.97 -24.97
C SER J 10 19.08 -33.33 -23.77
N THR J 11 20.29 -32.84 -23.98
CA THR J 11 21.02 -32.28 -22.85
C THR J 11 21.72 -30.95 -23.13
N ASP J 12 22.07 -30.70 -24.42
CA ASP J 12 22.70 -29.60 -25.18
C ASP J 12 23.96 -28.97 -24.56
N ASP J 13 24.44 -29.51 -23.42
CA ASP J 13 25.79 -29.31 -22.89
C ASP J 13 25.90 -30.52 -21.95
N PHE J 14 26.57 -31.58 -22.40
CA PHE J 14 26.44 -32.86 -21.69
C PHE J 14 27.34 -32.94 -20.46
N GLN J 15 28.28 -32.01 -20.28
CA GLN J 15 29.00 -31.93 -19.02
C GLN J 15 28.16 -31.34 -17.91
N VAL J 16 27.29 -30.37 -18.23
CA VAL J 16 26.46 -29.72 -17.22
C VAL J 16 25.37 -30.69 -16.79
N GLY J 17 25.22 -30.87 -15.48
CA GLY J 17 24.38 -31.92 -14.94
C GLY J 17 22.89 -31.67 -15.03
N THR J 18 22.37 -31.49 -16.25
CA THR J 18 20.98 -31.13 -16.42
C THR J 18 20.47 -31.83 -17.67
N LEU J 19 19.14 -31.91 -17.78
CA LEU J 19 18.52 -32.60 -18.89
C LEU J 19 17.48 -31.69 -19.51
N LEU J 20 17.38 -31.72 -20.84
CA LEU J 20 16.50 -30.84 -21.57
C LEU J 20 15.37 -31.69 -22.11
N THR J 21 14.21 -31.57 -21.47
CA THR J 21 13.15 -32.53 -21.26
C THR J 21 11.87 -31.76 -21.54
N PRO J 22 10.74 -32.39 -21.92
CA PRO J 22 9.52 -31.56 -22.07
C PRO J 22 8.93 -30.96 -20.81
N VAL J 23 9.36 -31.37 -19.60
CA VAL J 23 9.11 -30.53 -18.44
C VAL J 23 10.00 -29.29 -18.51
N ASN J 24 11.25 -29.45 -18.97
CA ASN J 24 12.19 -28.33 -19.04
C ASN J 24 11.95 -27.48 -20.29
N ASN J 25 11.96 -28.11 -21.46
CA ASN J 25 12.14 -27.43 -22.74
C ASN J 25 10.91 -27.53 -23.65
N SER J 26 9.74 -27.45 -23.08
CA SER J 26 8.60 -27.24 -23.97
C SER J 26 8.40 -25.74 -24.13
N PRO J 27 8.07 -25.26 -25.34
CA PRO J 27 8.04 -23.80 -25.59
C PRO J 27 6.97 -23.00 -24.86
N PHE J 28 5.83 -23.60 -24.49
CA PHE J 28 4.88 -22.84 -23.66
C PHE J 28 5.28 -22.86 -22.20
N ILE J 29 6.01 -23.88 -21.74
CA ILE J 29 6.51 -23.88 -20.36
C ILE J 29 7.63 -22.84 -20.22
N LYS J 30 8.46 -22.71 -21.26
CA LYS J 30 9.44 -21.64 -21.30
C LYS J 30 8.79 -20.28 -21.45
N PHE J 31 7.65 -20.20 -22.17
CA PHE J 31 6.90 -18.96 -22.24
C PHE J 31 6.26 -18.63 -20.90
N PHE J 32 5.85 -19.64 -20.14
CA PHE J 32 5.24 -19.40 -18.85
C PHE J 32 6.28 -18.95 -17.82
N ILE J 33 7.32 -19.78 -17.62
CA ILE J 33 8.36 -19.54 -16.63
C ILE J 33 9.16 -18.28 -16.97
N ASN J 34 9.50 -18.10 -18.25
CA ASN J 34 10.23 -16.92 -18.70
C ASN J 34 9.38 -15.65 -18.74
N ASN J 35 8.07 -15.75 -18.58
CA ASN J 35 7.23 -14.58 -18.37
C ASN J 35 6.43 -14.65 -17.07
N LEU J 36 6.86 -15.45 -16.10
CA LEU J 36 6.58 -15.14 -14.71
C LEU J 36 7.39 -13.90 -14.31
N PRO J 37 6.88 -13.05 -13.36
CA PRO J 37 7.44 -11.69 -13.18
C PRO J 37 8.91 -11.58 -12.78
N ILE J 38 9.45 -12.56 -12.06
CA ILE J 38 10.89 -12.64 -11.79
C ILE J 38 11.73 -12.85 -13.06
N ASN J 39 11.16 -13.38 -14.15
CA ASN J 39 11.92 -13.63 -15.36
C ASN J 39 11.41 -12.87 -16.58
N ARG J 40 10.31 -12.12 -16.45
CA ARG J 40 9.68 -11.51 -17.62
C ARG J 40 10.51 -10.29 -18.01
N PRO J 41 10.96 -10.18 -19.27
CA PRO J 41 11.93 -9.14 -19.60
C PRO J 41 11.36 -7.73 -19.67
N GLY J 42 12.22 -6.78 -19.32
CA GLY J 42 11.84 -5.38 -19.28
C GLY J 42 11.22 -4.90 -17.99
N LEU J 43 11.46 -5.59 -16.88
CA LEU J 43 10.83 -5.28 -15.60
C LEU J 43 11.88 -4.94 -14.56
N ASP J 44 11.70 -3.78 -13.93
CA ASP J 44 12.49 -3.40 -12.78
C ASP J 44 12.17 -4.34 -11.63
N PRO J 45 13.20 -4.74 -10.79
CA PRO J 45 13.01 -5.72 -9.70
C PRO J 45 11.91 -5.44 -8.67
N PHE J 46 11.59 -4.15 -8.50
CA PHE J 46 10.49 -3.73 -7.64
C PHE J 46 9.15 -4.25 -8.15
N PHE J 47 8.90 -4.16 -9.47
CA PHE J 47 7.62 -4.60 -10.02
C PHE J 47 7.50 -6.12 -10.00
N ARG J 48 8.62 -6.82 -10.22
CA ARG J 48 8.68 -8.27 -10.07
C ARG J 48 8.28 -8.69 -8.67
N GLY J 49 8.85 -8.00 -7.66
CA GLY J 49 8.45 -8.22 -6.28
C GLY J 49 7.00 -7.87 -6.00
N LEU J 50 6.51 -6.82 -6.65
CA LEU J 50 5.13 -6.35 -6.47
C LEU J 50 4.13 -7.38 -6.93
N GLU J 51 4.33 -7.91 -8.14
CA GLU J 51 3.42 -8.90 -8.69
C GLU J 51 3.51 -10.25 -7.98
N VAL J 52 4.72 -10.65 -7.56
CA VAL J 52 4.91 -11.86 -6.75
C VAL J 52 4.20 -11.73 -5.40
N GLY J 53 4.30 -10.54 -4.80
CA GLY J 53 3.64 -10.28 -3.53
C GLY J 53 2.13 -10.31 -3.61
N MET J 54 1.56 -9.65 -4.62
CA MET J 54 0.11 -9.64 -4.86
C MET J 54 -0.49 -11.02 -5.06
N ALA J 55 0.19 -11.88 -5.86
CA ALA J 55 -0.29 -13.26 -6.01
C ALA J 55 -0.20 -14.04 -4.70
N HIS J 56 0.92 -13.88 -3.99
CA HIS J 56 1.16 -14.67 -2.79
C HIS J 56 0.29 -14.24 -1.63
N GLY J 57 0.30 -12.94 -1.32
CA GLY J 57 -0.54 -12.34 -0.32
C GLY J 57 -2.02 -12.50 -0.58
N TYR J 58 -2.44 -12.58 -1.85
CA TYR J 58 -3.84 -12.90 -2.12
C TYR J 58 -4.18 -14.32 -1.70
N TRP J 59 -3.35 -15.31 -2.08
CA TRP J 59 -3.76 -16.66 -1.65
C TRP J 59 -3.48 -16.94 -0.18
N LEU J 60 -2.59 -16.19 0.47
CA LEU J 60 -2.20 -16.46 1.85
C LEU J 60 -3.30 -16.13 2.86
N PHE J 61 -4.31 -15.35 2.48
CA PHE J 61 -5.41 -15.03 3.38
C PHE J 61 -6.28 -16.25 3.63
N GLY J 62 -6.49 -17.08 2.61
CA GLY J 62 -7.36 -18.24 2.63
C GLY J 62 -7.23 -19.33 3.69
N PRO J 63 -6.02 -19.93 3.87
CA PRO J 63 -5.87 -20.96 4.92
C PRO J 63 -6.07 -20.43 6.33
N PHE J 64 -5.73 -19.17 6.57
CA PHE J 64 -5.93 -18.59 7.88
C PHE J 64 -7.40 -18.31 8.17
N VAL J 65 -8.20 -18.01 7.15
CA VAL J 65 -9.60 -17.70 7.43
C VAL J 65 -10.45 -18.98 7.46
N VAL J 66 -10.15 -19.97 6.62
CA VAL J 66 -10.95 -21.19 6.64
C VAL J 66 -10.48 -22.12 7.75
N LEU J 67 -9.19 -22.18 8.00
CA LEU J 67 -8.64 -23.20 8.89
C LEU J 67 -8.16 -22.69 10.24
N GLY J 68 -8.13 -21.36 10.47
CA GLY J 68 -7.54 -20.80 11.66
C GLY J 68 -8.29 -21.04 12.96
N PRO J 69 -7.83 -20.44 14.07
CA PRO J 69 -8.49 -20.62 15.38
C PRO J 69 -9.90 -20.05 15.47
N LEU J 70 -10.31 -19.19 14.54
CA LEU J 70 -11.64 -18.57 14.57
C LEU J 70 -12.29 -18.95 13.25
N ARG J 71 -13.06 -20.04 13.18
CA ARG J 71 -13.54 -20.45 11.87
C ARG J 71 -14.96 -21.04 11.81
N LEU J 72 -15.50 -21.55 12.93
CA LEU J 72 -16.50 -22.61 12.86
C LEU J 72 -17.92 -22.08 12.77
N THR J 73 -18.87 -23.01 12.72
CA THR J 73 -20.29 -22.72 12.76
C THR J 73 -20.90 -22.92 14.13
N ALA J 74 -20.12 -23.39 15.10
CA ALA J 74 -20.57 -23.55 16.48
C ALA J 74 -20.09 -22.42 17.39
N PHE J 75 -19.52 -21.36 16.81
CA PHE J 75 -19.12 -20.19 17.58
C PHE J 75 -20.29 -19.21 17.68
N ARG J 76 -19.99 -17.99 18.15
CA ARG J 76 -21.02 -16.98 18.41
C ARG J 76 -21.45 -16.20 17.16
N PRO J 77 -22.64 -16.46 16.58
CA PRO J 77 -23.09 -15.87 15.24
C PRO J 77 -22.02 -15.67 14.16
N PRO J 78 -22.25 -14.76 13.11
CA PRO J 78 -21.08 -14.15 12.44
C PRO J 78 -20.43 -12.97 13.16
N ASP J 79 -20.63 -12.83 14.48
CA ASP J 79 -19.86 -11.90 15.29
C ASP J 79 -18.37 -12.25 15.28
N ILE J 80 -18.03 -13.53 15.25
CA ILE J 80 -16.65 -13.97 15.24
C ILE J 80 -16.09 -13.98 13.82
N GLU J 81 -16.96 -13.81 12.80
CA GLU J 81 -16.54 -13.85 11.40
C GLU J 81 -15.70 -12.63 11.04
N GLN J 82 -16.05 -11.45 11.59
CA GLN J 82 -15.20 -10.28 11.41
C GLN J 82 -13.86 -10.43 12.12
N LEU J 83 -13.87 -11.11 13.26
CA LEU J 83 -12.62 -11.45 13.95
C LEU J 83 -11.81 -12.46 13.15
N SER J 84 -12.49 -13.37 12.46
CA SER J 84 -11.83 -14.34 11.58
C SER J 84 -11.17 -13.65 10.39
N ILE J 85 -11.89 -12.70 9.77
CA ILE J 85 -11.39 -11.99 8.60
C ILE J 85 -10.23 -11.08 8.99
N LEU J 86 -10.34 -10.40 10.13
CA LEU J 86 -9.29 -9.51 10.61
C LEU J 86 -8.06 -10.30 11.08
N ALA J 87 -8.26 -11.44 11.75
CA ALA J 87 -7.16 -12.29 12.20
C ALA J 87 -6.41 -12.90 11.02
N ALA J 88 -7.14 -13.37 10.02
CA ALA J 88 -6.51 -13.92 8.82
C ALA J 88 -5.79 -12.86 8.01
N LEU J 89 -6.34 -11.64 8.01
CA LEU J 89 -5.70 -10.50 7.36
C LEU J 89 -4.36 -10.18 8.00
N ILE J 90 -4.34 -10.02 9.33
CA ILE J 90 -3.10 -9.77 10.08
C ILE J 90 -2.12 -10.92 9.94
N SER J 91 -2.61 -12.17 9.91
CA SER J 91 -1.77 -13.35 9.72
C SER J 91 -1.07 -13.36 8.38
N ALA J 92 -1.80 -13.04 7.31
CA ALA J 92 -1.20 -13.02 5.98
C ALA J 92 -0.23 -11.85 5.81
N ILE J 93 -0.52 -10.68 6.42
CA ILE J 93 0.43 -9.56 6.37
C ILE J 93 1.71 -9.86 7.15
N VAL J 94 1.62 -10.50 8.31
CA VAL J 94 2.83 -10.82 9.07
C VAL J 94 3.65 -11.95 8.40
N VAL J 95 2.98 -12.89 7.71
CA VAL J 95 3.71 -13.87 6.89
C VAL J 95 4.44 -13.18 5.72
N VAL J 96 3.80 -12.15 5.14
CA VAL J 96 4.46 -11.32 4.12
C VAL J 96 5.62 -10.50 4.70
N VAL J 97 5.49 -10.04 5.95
CA VAL J 97 6.56 -9.33 6.67
C VAL J 97 7.75 -10.25 6.92
N ALA J 98 7.48 -11.51 7.27
CA ALA J 98 8.54 -12.51 7.44
C ALA J 98 9.23 -12.83 6.11
N GLY J 99 8.46 -12.90 5.02
CA GLY J 99 9.03 -12.99 3.69
C GLY J 99 9.87 -11.78 3.29
N THR J 100 9.45 -10.58 3.67
CA THR J 100 10.20 -9.35 3.46
C THR J 100 11.51 -9.32 4.22
N LEU J 101 11.46 -9.72 5.49
CA LEU J 101 12.64 -9.92 6.32
C LEU J 101 13.59 -10.93 5.70
N ALA J 102 13.05 -12.03 5.17
CA ALA J 102 13.86 -13.04 4.50
C ALA J 102 14.53 -12.51 3.23
N LEU J 103 13.76 -11.79 2.41
CA LEU J 103 14.23 -11.24 1.15
C LEU J 103 15.25 -10.13 1.35
N SER J 104 15.09 -9.34 2.39
CA SER J 104 16.02 -8.27 2.67
C SER J 104 17.22 -8.66 3.51
N LEU J 105 17.13 -9.72 4.32
CA LEU J 105 18.36 -10.34 4.82
C LEU J 105 19.13 -11.04 3.72
N TYR J 106 18.45 -11.56 2.70
CA TYR J 106 19.13 -12.02 1.49
C TYR J 106 19.81 -10.87 0.77
N ALA J 107 19.15 -9.71 0.69
CA ALA J 107 19.71 -8.55 0.01
C ALA J 107 20.90 -7.96 0.75
N THR J 108 20.80 -7.74 2.06
CA THR J 108 21.78 -6.94 2.77
C THR J 108 23.09 -7.66 3.08
N VAL J 109 23.19 -8.97 2.84
CA VAL J 109 24.45 -9.66 3.08
C VAL J 109 25.23 -9.90 1.79
N GLY J 110 24.63 -9.59 0.64
CA GLY J 110 25.34 -9.45 -0.62
C GLY J 110 25.15 -10.64 -1.53
N PRO J 111 24.17 -10.56 -2.44
CA PRO J 111 23.74 -11.76 -3.15
C PRO J 111 24.57 -12.10 -4.37
N ASP J 112 24.80 -13.40 -4.55
CA ASP J 112 25.38 -13.96 -5.77
C ASP J 112 24.45 -14.98 -6.43
N ASP J 113 23.82 -14.58 -7.53
CA ASP J 113 22.77 -15.39 -8.13
C ASP J 113 22.63 -15.11 -9.62
N ASP J 114 21.82 -15.94 -10.30
CA ASP J 114 21.60 -15.80 -11.73
C ASP J 114 20.69 -14.64 -12.10
N THR J 115 20.01 -14.01 -11.15
CA THR J 115 19.46 -12.69 -11.41
C THR J 115 20.58 -11.70 -11.59
N LYS J 116 20.33 -10.67 -12.39
CA LYS J 116 21.23 -9.52 -12.42
C LYS J 116 20.75 -8.43 -11.49
N PHE J 117 20.09 -8.81 -10.40
CA PHE J 117 19.69 -7.90 -9.35
C PHE J 117 20.98 -7.61 -8.59
N GLY J 118 21.07 -6.46 -7.98
CA GLY J 118 22.12 -6.22 -7.02
C GLY J 118 21.69 -6.64 -5.64
N ALA J 119 22.40 -6.12 -4.65
CA ALA J 119 21.81 -6.03 -3.33
C ALA J 119 20.66 -5.04 -3.33
N GLU J 120 20.85 -3.92 -4.04
CA GLU J 120 19.79 -2.92 -4.21
C GLU J 120 18.60 -3.47 -4.98
N GLY J 121 18.85 -4.30 -6.00
CA GLY J 121 17.76 -4.89 -6.77
C GLY J 121 16.95 -5.90 -5.97
N TRP J 122 17.62 -6.71 -5.14
CA TRP J 122 16.88 -7.60 -4.27
C TRP J 122 16.17 -6.85 -3.15
N SER J 123 16.66 -5.67 -2.77
CA SER J 123 15.93 -4.86 -1.81
C SER J 123 14.69 -4.21 -2.43
N ARG J 124 14.76 -3.86 -3.72
CA ARG J 124 13.57 -3.43 -4.47
C ARG J 124 12.54 -4.56 -4.56
N PHE J 125 13.03 -5.79 -4.80
CA PHE J 125 12.15 -6.96 -4.80
C PHE J 125 11.52 -7.19 -3.42
N ALA J 126 12.31 -7.01 -2.35
CA ALA J 126 11.80 -7.16 -0.99
C ALA J 126 10.73 -6.12 -0.68
N GLY J 127 10.96 -4.89 -1.14
CA GLY J 127 10.00 -3.82 -0.94
C GLY J 127 8.70 -4.02 -1.70
N GLY J 128 8.81 -4.37 -2.99
CA GLY J 128 7.63 -4.69 -3.78
C GLY J 128 6.89 -5.91 -3.27
N TRP J 129 7.63 -6.91 -2.77
CA TRP J 129 7.05 -8.08 -2.11
C TRP J 129 6.20 -7.70 -0.91
N LEU J 130 6.68 -6.77 -0.09
CA LEU J 130 5.95 -6.41 1.11
C LEU J 130 4.67 -5.65 0.80
N ILE J 131 4.77 -4.62 -0.06
CA ILE J 131 3.59 -3.84 -0.44
C ILE J 131 2.57 -4.68 -1.20
N GLY J 132 3.03 -5.47 -2.17
CA GLY J 132 2.14 -6.36 -2.89
C GLY J 132 1.53 -7.44 -2.05
N GLY J 133 2.29 -8.01 -1.12
CA GLY J 133 1.78 -9.04 -0.26
C GLY J 133 0.76 -8.60 0.75
N GLY J 134 1.04 -7.50 1.43
CA GLY J 134 0.05 -6.92 2.31
C GLY J 134 -1.17 -6.40 1.59
N GLY J 135 -0.97 -5.85 0.38
CA GLY J 135 -2.09 -5.46 -0.45
C GLY J 135 -2.91 -6.62 -0.95
N GLY J 136 -2.26 -7.73 -1.33
CA GLY J 136 -2.98 -8.92 -1.74
C GLY J 136 -3.76 -9.54 -0.61
N ALA J 137 -3.21 -9.48 0.62
CA ALA J 137 -3.96 -9.86 1.81
C ALA J 137 -5.17 -8.96 2.03
N LEU J 138 -4.99 -7.66 1.87
CA LEU J 138 -6.08 -6.70 2.07
C LEU J 138 -7.16 -6.83 1.00
N PHE J 139 -6.74 -7.14 -0.23
CA PHE J 139 -7.64 -7.33 -1.35
C PHE J 139 -8.43 -8.63 -1.21
N ALA J 140 -7.76 -9.70 -0.79
CA ALA J 140 -8.45 -10.96 -0.52
C ALA J 140 -9.40 -10.85 0.66
N ALA J 141 -9.06 -10.01 1.66
CA ALA J 141 -9.98 -9.73 2.76
C ALA J 141 -11.20 -8.94 2.31
N LEU J 142 -11.03 -7.95 1.42
CA LEU J 142 -12.17 -7.16 0.94
C LEU J 142 -13.10 -7.98 0.04
N LEU J 143 -12.53 -8.79 -0.85
CA LEU J 143 -13.36 -9.71 -1.64
C LEU J 143 -13.95 -10.85 -0.81
N TYR J 144 -13.31 -11.23 0.29
CA TYR J 144 -13.95 -12.15 1.22
C TYR J 144 -15.07 -11.49 2.01
N LEU J 145 -14.96 -10.21 2.33
CA LEU J 145 -16.07 -9.45 2.87
C LEU J 145 -17.19 -9.26 1.85
N PHE J 146 -16.85 -9.26 0.57
CA PHE J 146 -17.81 -9.01 -0.48
C PHE J 146 -18.36 -10.30 -1.10
N ARG J 147 -17.90 -11.49 -0.68
CA ARG J 147 -18.37 -12.76 -1.27
C ARG J 147 -19.86 -13.08 -1.03
N GLY J 148 -20.52 -12.41 -0.09
CA GLY J 148 -21.95 -12.54 0.07
C GLY J 148 -22.71 -11.99 -1.12
N PRO J 149 -22.63 -10.67 -1.34
CA PRO J 149 -23.08 -10.11 -2.63
C PRO J 149 -22.37 -10.55 -3.90
N LEU J 150 -21.14 -11.08 -3.85
CA LEU J 150 -20.46 -11.48 -5.08
C LEU J 150 -20.99 -12.81 -5.62
N LEU J 151 -21.28 -13.77 -4.74
CA LEU J 151 -21.66 -15.11 -5.16
C LEU J 151 -23.16 -15.30 -5.26
N VAL J 152 -23.94 -14.24 -5.06
CA VAL J 152 -25.35 -14.26 -5.40
C VAL J 152 -25.61 -13.13 -6.38
N MET J 153 -26.78 -13.17 -6.98
CA MET J 153 -27.33 -12.00 -7.67
C MET J 153 -27.84 -11.08 -6.58
N LEU J 154 -27.01 -10.09 -6.21
CA LEU J 154 -27.34 -9.17 -5.11
C LEU J 154 -28.57 -8.33 -5.42
N LEU J 155 -28.64 -7.81 -6.64
CA LEU J 155 -29.81 -7.09 -7.10
C LEU J 155 -30.93 -8.09 -7.34
N GLY J 156 -32.01 -7.97 -6.59
CA GLY J 156 -33.06 -8.98 -6.67
C GLY J 156 -33.64 -9.38 -5.34
N ILE J 157 -32.79 -9.42 -4.32
CA ILE J 157 -33.23 -9.62 -2.95
C ILE J 157 -33.42 -8.26 -2.25
N ILE J 158 -32.54 -7.30 -2.51
CA ILE J 158 -32.72 -5.94 -1.98
C ILE J 158 -33.91 -5.27 -2.67
N PRO J 159 -34.70 -4.45 -1.97
CA PRO J 159 -35.94 -3.94 -2.57
C PRO J 159 -35.72 -2.62 -3.30
N GLY J 160 -36.77 -2.20 -3.99
CA GLY J 160 -36.75 -0.95 -4.74
C GLY J 160 -35.91 -0.99 -5.98
N THR K 13 50.66 32.46 55.68
CA THR K 13 51.18 32.54 57.04
C THR K 13 51.85 33.94 57.04
N ARG K 14 52.31 34.41 58.22
CA ARG K 14 53.29 35.43 58.63
C ARG K 14 52.78 36.87 58.44
N ALA K 15 51.65 37.03 57.71
CA ALA K 15 50.91 38.30 57.50
C ALA K 15 51.79 39.44 57.00
N THR K 16 52.30 39.29 55.77
CA THR K 16 53.20 40.29 55.19
C THR K 16 52.46 41.57 54.83
N VAL K 17 52.91 42.68 55.41
CA VAL K 17 52.24 43.97 55.31
C VAL K 17 53.25 45.03 54.89
N ASP K 18 52.94 45.76 53.82
CA ASP K 18 53.66 46.98 53.47
C ASP K 18 53.18 48.17 54.29
N ASN K 19 54.11 49.07 54.56
CA ASN K 19 53.93 50.21 55.44
C ASN K 19 53.73 51.48 54.61
N ASN K 20 52.55 52.10 54.77
CA ASN K 20 52.10 53.35 54.15
C ASN K 20 52.24 53.40 52.63
N PRO K 21 51.40 52.71 51.85
CA PRO K 21 51.51 52.86 50.38
C PRO K 21 51.09 54.24 49.87
N VAL K 22 49.91 54.69 50.26
CA VAL K 22 49.29 55.90 49.71
C VAL K 22 49.14 56.97 50.79
N PRO K 23 49.50 58.21 50.52
CA PRO K 23 49.24 59.29 51.48
C PRO K 23 47.78 59.71 51.44
N THR K 24 47.30 60.18 52.59
CA THR K 24 45.92 60.63 52.74
C THR K 24 45.87 62.10 52.37
N SER K 25 45.25 62.40 51.23
CA SER K 25 45.23 63.75 50.68
C SER K 25 43.85 64.08 50.11
N ILE K 26 43.70 65.34 49.68
CA ILE K 26 42.46 65.89 49.15
C ILE K 26 42.61 66.24 47.67
N GLU K 27 43.85 66.14 47.14
CA GLU K 27 44.19 66.60 45.78
C GLU K 27 43.52 65.78 44.69
N LYS K 28 43.19 64.52 44.94
CA LYS K 28 42.47 63.72 43.97
C LYS K 28 40.96 63.84 44.08
N TRP K 29 40.45 64.55 45.10
CA TRP K 29 39.00 64.79 45.16
C TRP K 29 38.58 65.85 44.16
N GLY K 30 39.44 66.83 43.91
CA GLY K 30 39.12 67.89 42.96
C GLY K 30 39.36 67.51 41.51
N LYS K 31 39.93 66.33 41.26
CA LYS K 31 40.17 65.84 39.92
C LYS K 31 39.38 64.54 39.79
N PRO K 32 38.16 64.62 39.27
CA PRO K 32 37.42 63.39 38.92
C PRO K 32 38.04 62.72 37.70
N GLY K 33 37.92 61.40 37.66
CA GLY K 33 38.44 60.66 36.54
C GLY K 33 39.94 60.50 36.54
N TRP K 34 40.58 60.50 37.71
CA TRP K 34 42.03 60.38 37.79
C TRP K 34 42.49 58.97 37.43
N PHE K 35 41.63 57.95 37.64
CA PHE K 35 42.06 56.57 37.68
C PHE K 35 42.32 55.95 36.31
N GLU K 36 41.73 56.49 35.25
CA GLU K 36 41.89 55.98 33.89
C GLU K 36 42.57 57.05 33.05
N ARG K 37 43.42 56.60 32.13
CA ARG K 37 44.22 57.49 31.28
C ARG K 37 43.34 58.30 30.32
N SER K 38 42.32 57.67 29.74
CA SER K 38 41.40 58.41 28.87
C SER K 38 40.49 59.34 29.67
N LEU K 39 40.29 59.05 30.95
CA LEU K 39 39.53 59.96 31.79
C LEU K 39 40.34 61.09 32.42
N ALA K 40 41.67 60.99 32.50
CA ALA K 40 42.44 62.01 33.21
C ALA K 40 42.71 63.25 32.38
N ARG K 41 42.35 63.25 31.09
CA ARG K 41 42.57 64.39 30.21
C ARG K 41 41.42 65.39 30.24
N GLY K 42 40.41 65.20 31.10
CA GLY K 42 39.36 66.16 31.25
C GLY K 42 38.08 65.78 30.51
N PRO K 43 36.98 66.46 30.83
CA PRO K 43 35.75 66.21 30.10
C PRO K 43 35.88 66.75 28.70
N LYS K 44 35.34 66.04 27.72
CA LYS K 44 35.22 66.74 26.47
C LYS K 44 33.81 66.48 25.95
N THR K 45 33.31 65.27 26.17
CA THR K 45 31.93 64.90 25.86
C THR K 45 31.21 64.53 27.15
N THR K 46 29.89 64.33 27.06
CA THR K 46 29.13 63.85 28.20
C THR K 46 29.37 62.37 28.50
N THR K 47 29.91 61.63 27.51
CA THR K 47 30.24 60.21 27.62
C THR K 47 31.22 59.95 28.76
N TRP K 48 32.13 60.93 28.99
CA TRP K 48 33.13 60.93 30.04
C TRP K 48 32.47 60.78 31.41
N ILE K 49 31.34 61.47 31.58
CA ILE K 49 30.54 61.43 32.80
C ILE K 49 30.03 60.03 33.06
N TRP K 50 29.47 59.39 32.02
CA TRP K 50 29.08 57.99 32.15
C TRP K 50 30.30 57.09 32.23
N ASP K 51 31.39 57.49 31.59
CA ASP K 51 32.63 56.73 31.69
C ASP K 51 33.30 56.96 33.04
N LEU K 52 32.92 58.03 33.75
CA LEU K 52 33.33 58.16 35.13
C LEU K 52 32.67 57.12 36.02
N HIS K 53 31.44 56.74 35.69
CA HIS K 53 30.71 55.88 36.60
C HIS K 53 30.87 54.41 36.30
N ALA K 54 31.01 54.03 35.02
CA ALA K 54 31.17 52.64 34.62
C ALA K 54 32.53 52.05 34.95
N LEU K 55 33.55 52.88 35.15
CA LEU K 55 34.90 52.41 35.43
C LEU K 55 35.37 52.72 36.85
N ALA K 56 34.45 53.09 37.74
CA ALA K 56 34.85 53.47 39.10
C ALA K 56 35.26 52.26 39.93
N HIS K 57 34.63 51.11 39.73
CA HIS K 57 34.94 49.91 40.50
C HIS K 57 35.59 48.83 39.66
N ASP K 58 35.92 49.11 38.41
CA ASP K 58 36.77 48.23 37.62
C ASP K 58 38.20 48.58 37.97
N PHE K 59 38.74 47.94 39.02
CA PHE K 59 40.08 48.25 39.48
C PHE K 59 41.17 47.71 38.55
N GLU K 60 40.84 46.73 37.71
CA GLU K 60 41.82 46.13 36.81
C GLU K 60 42.21 47.04 35.65
N VAL K 61 41.30 47.90 35.19
CA VAL K 61 41.67 48.83 34.14
C VAL K 61 42.32 50.10 34.70
N GLN K 62 42.19 50.36 36.01
CA GLN K 62 42.86 51.51 36.60
C GLN K 62 44.34 51.24 36.82
N THR K 63 44.68 50.25 37.63
CA THR K 63 46.06 49.85 37.84
C THR K 63 46.24 48.41 37.35
N SER K 64 47.38 48.16 36.71
CA SER K 64 47.72 46.84 36.21
C SER K 64 48.42 45.99 37.26
N ASP K 65 48.65 46.53 38.46
CA ASP K 65 49.41 45.83 39.49
C ASP K 65 48.40 45.02 40.30
N ARG K 66 48.52 43.69 40.26
CA ARG K 66 47.54 42.79 40.87
C ARG K 66 47.57 42.85 42.39
N GLU K 67 48.78 43.10 42.95
CA GLU K 67 49.00 43.58 44.31
C GLU K 67 48.01 44.66 44.70
N ASP K 68 48.10 45.82 44.04
CA ASP K 68 47.31 46.99 44.38
C ASP K 68 45.83 46.76 44.10
N ILE K 69 45.53 45.91 43.09
CA ILE K 69 44.16 45.50 42.76
C ILE K 69 43.51 44.81 43.95
N ALA K 70 44.24 43.84 44.54
CA ALA K 70 43.73 43.10 45.71
C ALA K 70 43.57 43.99 46.93
N ARG K 71 44.48 44.98 47.09
CA ARG K 71 44.32 45.96 48.18
C ARG K 71 43.09 46.87 48.01
N LYS K 72 42.80 47.34 46.78
CA LYS K 72 41.58 48.14 46.55
C LYS K 72 40.31 47.34 46.79
N ILE K 73 40.31 46.06 46.39
CA ILE K 73 39.19 45.15 46.65
C ILE K 73 38.97 44.97 48.14
N PHE K 74 40.06 44.80 48.90
CA PHE K 74 39.99 44.60 50.35
C PHE K 74 39.44 45.84 51.08
N ALA K 75 39.91 47.03 50.69
CA ALA K 75 39.37 48.28 51.26
C ALA K 75 37.91 48.53 50.87
N ALA K 76 37.53 48.11 49.65
CA ALA K 76 36.15 48.16 49.21
C ALA K 76 35.23 47.23 50.01
N HIS K 77 35.74 46.05 50.39
CA HIS K 77 35.02 45.14 51.29
C HIS K 77 34.75 45.77 52.65
N PHE K 78 35.75 46.46 53.20
CA PHE K 78 35.53 47.16 54.48
C PHE K 78 34.51 48.30 54.36
N GLY K 79 34.57 49.06 53.25
CA GLY K 79 33.59 50.12 53.03
C GLY K 79 32.18 49.59 52.82
N HIS K 80 32.08 48.43 52.20
CA HIS K 80 30.77 47.78 52.07
C HIS K 80 30.22 47.30 53.41
N LEU K 81 31.07 46.70 54.25
CA LEU K 81 30.63 46.30 55.59
C LEU K 81 30.25 47.50 56.45
N GLY K 82 30.94 48.63 56.22
CA GLY K 82 30.54 49.88 56.84
C GLY K 82 29.15 50.36 56.42
N ILE K 83 28.86 50.36 55.12
CA ILE K 83 27.55 50.86 54.66
C ILE K 83 26.41 49.90 55.03
N VAL K 84 26.70 48.59 55.15
CA VAL K 84 25.72 47.64 55.66
C VAL K 84 25.44 47.86 57.15
N PHE K 85 26.49 48.17 57.94
CA PHE K 85 26.25 48.53 59.34
C PHE K 85 25.50 49.85 59.50
N ILE K 86 25.70 50.81 58.57
CA ILE K 86 24.91 52.05 58.58
C ILE K 86 23.42 51.76 58.34
N TRP K 87 23.12 50.90 57.36
CA TRP K 87 21.72 50.53 57.08
C TRP K 87 21.08 49.75 58.23
N ALA K 88 21.85 48.86 58.86
CA ALA K 88 21.41 48.16 60.06
C ALA K 88 21.15 49.13 61.20
N SER K 89 22.00 50.15 61.34
CA SER K 89 21.78 51.19 62.35
C SER K 89 20.53 52.01 62.04
N ILE K 90 20.28 52.35 60.77
CA ILE K 90 19.11 53.17 60.39
C ILE K 90 17.80 52.45 60.70
N PHE K 91 17.72 51.14 60.40
CA PHE K 91 16.49 50.46 60.84
C PHE K 91 16.44 50.23 62.34
N PHE K 92 17.59 50.16 63.03
CA PHE K 92 17.56 50.06 64.48
C PHE K 92 17.18 51.39 65.16
N PHE K 93 17.62 52.54 64.60
CA PHE K 93 17.16 53.86 65.06
C PHE K 93 15.66 54.04 64.84
N TYR K 94 15.14 53.59 63.69
CA TYR K 94 13.70 53.73 63.43
C TYR K 94 12.87 52.78 64.28
N GLY K 95 13.40 51.60 64.60
CA GLY K 95 12.73 50.73 65.54
C GLY K 95 12.80 51.21 66.97
N ALA K 96 13.84 51.97 67.32
CA ALA K 96 13.96 52.47 68.68
C ALA K 96 13.14 53.72 68.94
N LEU K 97 13.20 54.71 68.05
CA LEU K 97 12.63 56.02 68.36
C LEU K 97 11.17 56.18 67.95
N SER K 98 10.82 55.75 66.74
CA SER K 98 9.52 56.10 66.19
C SER K 98 8.73 54.86 65.78
N SER K 99 8.65 53.88 66.67
CA SER K 99 7.96 52.62 66.38
C SER K 99 6.83 52.40 67.36
N ASN K 100 6.11 51.30 67.15
CA ASN K 100 5.12 50.81 68.12
C ASN K 100 5.60 49.55 68.83
N TYR K 101 6.91 49.37 68.99
CA TYR K 101 7.46 48.12 69.51
C TYR K 101 7.17 47.94 71.00
N ALA K 102 6.95 49.03 71.74
CA ALA K 102 6.55 48.92 73.15
C ALA K 102 5.13 48.38 73.31
N SER K 103 4.29 48.49 72.28
CA SER K 103 2.96 47.91 72.27
C SER K 103 2.83 46.71 71.34
N TRP K 104 3.79 46.49 70.45
CA TRP K 104 3.76 45.31 69.60
C TRP K 104 4.26 44.07 70.31
N ILE K 105 5.05 44.23 71.37
CA ILE K 105 5.53 43.11 72.17
C ILE K 105 4.39 42.47 72.97
N ASP K 106 3.35 43.25 73.32
CA ASP K 106 2.18 42.71 73.99
C ASP K 106 1.13 42.15 73.03
N ASN K 107 1.03 42.69 71.82
CA ASN K 107 0.09 42.21 70.79
C ASN K 107 0.85 41.96 69.49
N PRO K 108 1.48 40.79 69.31
CA PRO K 108 2.10 40.49 68.01
C PRO K 108 1.15 40.02 66.92
N THR K 109 -0.15 39.90 67.18
CA THR K 109 -1.07 39.28 66.26
C THR K 109 -2.19 40.21 65.82
N GLY K 110 -2.64 41.10 66.70
CA GLY K 110 -3.71 42.02 66.40
C GLY K 110 -3.23 43.42 66.10
N LEU K 111 -1.92 43.65 66.18
CA LEU K 111 -1.34 44.96 65.89
C LEU K 111 -0.35 44.81 64.74
N ARG K 112 -0.51 45.65 63.73
CA ARG K 112 0.38 45.61 62.59
C ARG K 112 1.71 46.29 62.94
N PRO K 113 2.85 45.72 62.55
CA PRO K 113 4.15 46.32 62.91
C PRO K 113 4.47 47.57 62.09
N SER K 114 4.95 48.59 62.79
CA SER K 114 5.30 49.85 62.15
C SER K 114 6.47 50.48 62.90
N ALA K 115 7.38 51.11 62.15
CA ALA K 115 8.51 51.81 62.74
C ALA K 115 8.75 53.15 62.10
N GLN K 116 7.75 53.72 61.42
CA GLN K 116 7.92 54.88 60.56
C GLN K 116 6.57 55.53 60.27
N PHE K 117 6.55 56.85 60.28
CA PHE K 117 5.31 57.59 60.12
C PHE K 117 5.53 58.72 59.14
N ALA K 118 4.42 59.26 58.66
CA ALA K 118 4.42 60.35 57.71
C ALA K 118 3.96 61.61 58.44
N ILE K 119 4.80 62.66 58.38
CA ILE K 119 4.53 63.90 59.09
C ILE K 119 3.42 64.66 58.37
N PRO K 120 2.55 65.41 59.08
CA PRO K 120 1.40 66.05 58.40
C PRO K 120 1.74 67.30 57.59
N VAL K 121 2.32 67.07 56.41
CA VAL K 121 2.66 68.11 55.45
C VAL K 121 2.19 67.58 54.10
N PHE K 122 1.66 68.44 53.24
CA PHE K 122 1.12 68.11 51.91
C PHE K 122 -0.05 67.11 51.91
N GLY K 123 -0.63 66.74 53.05
CA GLY K 123 -1.69 65.77 53.06
C GLY K 123 -1.29 64.29 53.06
N GLN K 124 -0.06 63.95 53.46
CA GLN K 124 0.39 62.55 53.39
C GLN K 124 0.11 61.79 54.66
N GLU K 125 -0.51 62.43 55.66
CA GLU K 125 -0.89 61.77 56.91
C GLU K 125 -2.05 60.79 56.75
N VAL K 126 -2.73 60.78 55.59
CA VAL K 126 -3.63 59.69 55.25
C VAL K 126 -2.86 58.40 54.98
N LEU K 127 -1.56 58.48 54.67
CA LEU K 127 -0.74 57.30 54.50
C LEU K 127 -0.47 56.58 55.80
N ASN K 128 -0.60 57.28 56.93
CA ASN K 128 -0.52 56.66 58.25
C ASN K 128 -1.71 55.71 58.45
N ASP K 129 -1.42 54.48 58.84
CA ASP K 129 -2.43 53.44 58.96
C ASP K 129 -2.97 53.43 60.38
N PRO K 130 -4.29 53.54 60.59
CA PRO K 130 -4.84 53.51 61.95
C PRO K 130 -4.82 52.14 62.61
N ALA K 131 -4.49 51.07 61.89
CA ALA K 131 -4.33 49.76 62.50
C ALA K 131 -2.95 49.55 63.10
N THR K 132 -2.08 50.56 63.04
CA THR K 132 -0.82 50.59 63.77
C THR K 132 -0.85 51.55 64.95
N ALA K 133 -1.97 52.25 65.16
CA ALA K 133 -2.06 53.26 66.21
C ALA K 133 -2.24 52.59 67.56
N ALA K 134 -1.26 52.75 68.43
CA ALA K 134 -1.29 52.18 69.78
C ALA K 134 -0.48 53.09 70.69
N LYS K 135 -0.11 52.56 71.87
CA LYS K 135 0.50 53.40 72.90
C LYS K 135 1.97 53.67 72.59
N GLY K 136 2.34 54.96 72.63
CA GLY K 136 3.63 55.42 72.18
C GLY K 136 3.68 55.79 70.71
N PHE K 137 2.67 55.41 69.94
CA PHE K 137 2.62 55.55 68.49
C PHE K 137 1.23 56.03 68.07
N GLU K 138 0.75 57.10 68.68
CA GLU K 138 -0.60 57.61 68.37
C GLU K 138 -0.56 58.62 67.23
N GLN K 139 -0.06 58.19 66.08
CA GLN K 139 -0.19 59.00 64.87
C GLN K 139 -0.44 58.16 63.63
N GLY K 140 -0.47 56.83 63.74
CA GLY K 140 -0.49 55.97 62.58
C GLY K 140 0.90 55.78 62.00
N GLY K 141 1.00 54.85 61.07
CA GLY K 141 2.31 54.55 60.54
C GLY K 141 2.25 53.78 59.25
N ILE K 142 3.44 53.56 58.68
CA ILE K 142 3.59 52.72 57.51
C ILE K 142 3.87 51.30 58.02
N VAL K 143 3.08 50.34 57.55
CA VAL K 143 3.22 48.96 57.98
C VAL K 143 4.45 48.34 57.33
N MET K 144 5.31 47.75 58.15
CA MET K 144 6.48 47.09 57.60
C MET K 144 6.10 45.70 57.10
N THR K 145 6.84 45.25 56.08
CA THR K 145 6.71 43.91 55.54
C THR K 145 8.02 43.14 55.66
N SER K 146 8.98 43.68 56.42
CA SER K 146 10.32 43.12 56.47
C SER K 146 10.50 42.05 57.53
N GLY K 147 9.59 41.96 58.50
CA GLY K 147 9.73 40.98 59.56
C GLY K 147 10.81 41.30 60.55
N LEU K 148 11.20 42.57 60.64
CA LEU K 148 12.19 43.02 61.62
C LEU K 148 11.67 42.85 63.03
N PHE K 149 10.40 43.19 63.29
CA PHE K 149 9.83 43.09 64.62
C PHE K 149 9.68 41.65 65.07
N HIS K 150 9.36 40.73 64.15
CA HIS K 150 9.26 39.32 64.50
C HIS K 150 10.61 38.70 64.84
N LEU K 151 11.65 39.05 64.07
CA LEU K 151 13.05 38.79 64.40
C LEU K 151 13.42 39.30 65.78
N TRP K 152 13.05 40.56 66.07
CA TRP K 152 13.41 41.19 67.33
C TRP K 152 12.69 40.57 68.52
N ARG K 153 11.46 40.11 68.33
CA ARG K 153 10.75 39.40 69.39
C ARG K 153 11.36 38.02 69.62
N ALA K 154 11.73 37.32 68.52
CA ALA K 154 12.37 36.02 68.64
C ALA K 154 13.77 36.08 69.21
N VAL K 155 14.44 37.24 69.16
CA VAL K 155 15.81 37.25 69.64
C VAL K 155 15.84 37.82 71.05
N GLY K 156 14.75 38.41 71.53
CA GLY K 156 14.68 38.82 72.91
C GLY K 156 14.62 40.32 73.17
N TYR K 157 14.20 41.11 72.19
CA TYR K 157 14.03 42.53 72.40
C TYR K 157 12.67 42.77 73.07
N THR K 158 12.69 43.33 74.28
CA THR K 158 11.47 43.70 74.98
C THR K 158 11.38 45.21 75.23
N ASN K 159 12.34 46.01 74.76
CA ASN K 159 12.37 47.41 75.13
C ASN K 159 13.05 48.16 73.98
N GLN K 160 12.72 49.45 73.84
CA GLN K 160 13.27 50.27 72.77
C GLN K 160 14.64 50.85 73.11
N THR K 161 15.04 50.86 74.38
CA THR K 161 16.38 51.33 74.71
C THR K 161 17.46 50.32 74.35
N GLN K 162 17.12 49.03 74.38
CA GLN K 162 17.97 47.98 73.84
C GLN K 162 18.17 48.15 72.34
N LEU K 163 17.10 48.58 71.67
CA LEU K 163 17.10 48.83 70.23
C LEU K 163 17.99 50.03 69.91
N LEU K 164 17.91 51.07 70.75
CA LEU K 164 18.76 52.25 70.67
C LEU K 164 20.23 51.93 70.90
N ALA K 165 20.51 51.05 71.86
CA ALA K 165 21.90 50.65 72.14
C ALA K 165 22.48 49.84 70.99
N THR K 166 21.66 48.99 70.36
CA THR K 166 22.10 48.25 69.17
C THR K 166 22.37 49.20 68.01
N ALA K 167 21.52 50.23 67.87
CA ALA K 167 21.69 51.27 66.85
C ALA K 167 23.00 52.05 67.02
N VAL K 168 23.30 52.43 68.26
CA VAL K 168 24.57 53.11 68.57
C VAL K 168 25.77 52.18 68.33
N GLY K 169 25.65 50.90 68.72
CA GLY K 169 26.71 49.94 68.46
C GLY K 169 26.93 49.64 66.98
N ALA K 170 25.86 49.65 66.18
CA ALA K 170 26.00 49.47 64.75
C ALA K 170 26.64 50.69 64.08
N LEU K 171 26.35 51.90 64.58
CA LEU K 171 27.05 53.10 64.09
C LEU K 171 28.55 53.07 64.46
N VAL K 172 28.87 52.60 65.67
CA VAL K 172 30.26 52.41 66.10
C VAL K 172 30.96 51.35 65.24
N ALA K 173 30.27 50.26 64.91
CA ALA K 173 30.86 49.21 64.08
C ALA K 173 31.01 49.65 62.63
N ALA K 174 30.12 50.51 62.13
CA ALA K 174 30.29 51.15 60.82
C ALA K 174 31.53 52.03 60.78
N GLY K 175 31.73 52.85 61.83
CA GLY K 175 32.96 53.61 61.96
C GLY K 175 34.19 52.75 62.11
N LEU K 176 34.04 51.58 62.76
CA LEU K 176 35.13 50.64 62.93
C LEU K 176 35.54 50.02 61.60
N MET K 177 34.57 49.68 60.75
CA MET K 177 34.85 49.15 59.41
C MET K 177 35.42 50.22 58.47
N PHE K 178 35.00 51.48 58.62
CA PHE K 178 35.64 52.56 57.87
C PHE K 178 37.08 52.81 58.31
N PHE K 179 37.35 52.75 59.63
CA PHE K 179 38.72 52.91 60.10
C PHE K 179 39.58 51.72 59.68
N GLY K 180 38.98 50.52 59.61
CA GLY K 180 39.68 49.36 59.08
C GLY K 180 40.02 49.49 57.60
N GLY K 181 39.10 50.06 56.82
CA GLY K 181 39.38 50.31 55.40
C GLY K 181 40.47 51.33 55.17
N TRP K 182 40.43 52.44 55.92
CA TRP K 182 41.47 53.46 55.83
C TRP K 182 42.81 52.96 56.34
N PHE K 183 42.79 52.09 57.35
CA PHE K 183 44.00 51.57 57.95
C PHE K 183 44.65 50.50 57.07
N HIS K 184 43.84 49.63 56.46
CA HIS K 184 44.38 48.55 55.64
C HIS K 184 44.55 48.94 54.19
N TYR K 185 44.17 50.16 53.79
CA TYR K 185 44.62 50.67 52.50
C TYR K 185 45.71 51.71 52.65
N HIS K 186 45.49 52.74 53.47
CA HIS K 186 46.39 53.90 53.52
C HIS K 186 47.60 53.69 54.43
N VAL K 187 47.51 52.81 55.43
CA VAL K 187 48.52 52.74 56.47
C VAL K 187 49.26 51.41 56.43
N ARG K 188 48.56 50.30 56.59
CA ARG K 188 49.24 49.00 56.69
C ARG K 188 48.50 48.03 55.75
N ALA K 189 49.03 47.88 54.53
CA ALA K 189 48.33 47.17 53.46
C ALA K 189 48.96 45.80 53.23
N PRO K 190 48.18 44.74 53.12
CA PRO K 190 48.74 43.40 52.92
C PRO K 190 49.18 43.14 51.48
N LYS K 191 50.12 42.20 51.34
CA LYS K 191 50.62 41.79 50.05
C LYS K 191 49.77 40.66 49.46
N LEU K 192 50.07 40.29 48.20
CA LEU K 192 49.22 39.37 47.45
C LEU K 192 49.38 37.92 47.91
N GLU K 193 50.55 37.55 48.44
CA GLU K 193 50.71 36.19 48.96
C GLU K 193 49.95 35.97 50.25
N TRP K 194 49.58 37.04 50.97
CA TRP K 194 48.61 36.93 52.05
C TRP K 194 47.22 36.55 51.56
N PHE K 195 46.75 37.10 50.43
CA PHE K 195 45.45 36.73 49.89
C PHE K 195 45.44 35.34 49.27
N GLN K 196 46.56 34.87 48.72
CA GLN K 196 46.59 33.59 48.02
C GLN K 196 46.79 32.41 48.96
N ASN K 197 46.89 32.64 50.27
CA ASN K 197 46.91 31.54 51.23
C ASN K 197 45.46 31.21 51.53
N VAL K 198 44.84 30.49 50.59
CA VAL K 198 43.40 30.21 50.66
C VAL K 198 43.07 29.10 51.63
N GLU K 199 44.09 28.33 52.05
CA GLU K 199 43.92 27.19 52.95
C GLU K 199 43.43 27.66 54.31
N SER K 200 44.17 28.57 54.95
CA SER K 200 43.76 29.14 56.23
C SER K 200 42.58 30.08 56.12
N MET K 201 42.30 30.64 54.93
CA MET K 201 41.14 31.53 54.80
C MET K 201 39.87 30.69 54.85
N LEU K 202 39.90 29.53 54.17
CA LEU K 202 38.86 28.52 54.35
C LEU K 202 38.79 27.98 55.78
N ASN K 203 39.95 27.70 56.42
CA ASN K 203 39.94 27.17 57.79
C ASN K 203 39.39 28.18 58.80
N HIS K 204 39.53 29.48 58.55
CA HIS K 204 39.08 30.46 59.52
C HIS K 204 37.80 31.16 59.11
N HIS K 205 37.27 30.89 57.93
CA HIS K 205 35.87 31.16 57.66
C HIS K 205 34.95 30.01 58.02
N LEU K 206 35.45 28.77 58.01
CA LEU K 206 34.62 27.69 58.51
C LEU K 206 34.61 27.62 60.03
N ALA K 207 35.78 27.40 60.64
CA ALA K 207 35.82 27.22 62.08
C ALA K 207 35.67 28.52 62.85
N GLY K 208 36.08 29.64 62.27
CA GLY K 208 36.04 30.90 62.99
C GLY K 208 34.86 31.80 62.70
N LEU K 209 34.53 32.00 61.41
CA LEU K 209 33.44 32.90 61.06
C LEU K 209 32.09 32.20 61.21
N LEU K 210 31.95 31.04 60.57
CA LEU K 210 30.67 30.34 60.62
C LEU K 210 30.55 29.54 61.91
N GLY K 211 31.63 28.87 62.30
CA GLY K 211 31.68 28.02 63.47
C GLY K 211 31.51 28.72 64.79
N LEU K 212 32.42 29.65 65.13
CA LEU K 212 32.23 30.45 66.34
C LEU K 212 31.08 31.43 66.25
N GLY K 213 30.68 31.83 65.04
CA GLY K 213 29.50 32.66 64.89
C GLY K 213 28.24 31.94 65.32
N SER K 214 28.06 30.70 64.86
CA SER K 214 26.93 29.90 65.27
C SER K 214 27.07 29.41 66.71
N LEU K 215 28.29 29.25 67.21
CA LEU K 215 28.50 28.88 68.61
C LEU K 215 28.16 30.03 69.56
N ALA K 216 28.58 31.26 69.23
CA ALA K 216 28.20 32.43 70.01
C ALA K 216 26.73 32.75 69.86
N TRP K 217 26.13 32.41 68.72
CA TRP K 217 24.70 32.64 68.61
C TRP K 217 23.91 31.60 69.40
N THR K 218 24.43 30.37 69.48
CA THR K 218 23.86 29.36 70.36
C THR K 218 23.94 29.79 71.82
N GLY K 219 25.07 30.43 72.18
CA GLY K 219 25.19 31.07 73.49
C GLY K 219 24.15 32.15 73.74
N HIS K 220 23.91 33.01 72.73
CA HIS K 220 22.82 33.99 72.81
C HIS K 220 21.44 33.36 72.95
N LEU K 221 21.16 32.32 72.14
CA LEU K 221 19.87 31.62 72.19
C LEU K 221 19.61 31.04 73.56
N ILE K 222 20.63 30.33 74.08
CA ILE K 222 20.55 29.60 75.33
C ILE K 222 20.43 30.55 76.51
N HIS K 223 21.17 31.66 76.49
CA HIS K 223 21.12 32.58 77.62
C HIS K 223 19.96 33.56 77.53
N VAL K 224 19.71 34.20 76.39
CA VAL K 224 18.72 35.26 76.30
C VAL K 224 17.42 34.77 75.66
N ALA K 225 17.50 34.12 74.50
CA ALA K 225 16.37 34.10 73.58
C ALA K 225 15.31 33.08 73.98
N LEU K 226 15.71 31.83 74.26
CA LEU K 226 14.83 30.80 74.83
C LEU K 226 14.13 31.17 76.15
N PRO K 227 14.77 31.77 77.18
CA PRO K 227 13.96 32.23 78.33
C PRO K 227 13.08 33.45 78.09
N VAL K 228 13.53 34.45 77.32
CA VAL K 228 12.67 35.60 77.00
C VAL K 228 11.46 35.17 76.17
N ASN K 229 11.67 34.30 75.16
CA ASN K 229 10.54 33.76 74.41
C ASN K 229 9.66 32.86 75.25
N GLN K 230 10.22 32.15 76.24
CA GLN K 230 9.38 31.32 77.12
C GLN K 230 8.51 32.20 78.03
N MET K 231 9.06 33.31 78.53
CA MET K 231 8.29 34.30 79.29
C MET K 231 7.20 34.96 78.43
N LEU K 232 7.46 35.17 77.14
CA LEU K 232 6.40 35.71 76.28
C LEU K 232 5.34 34.67 75.92
N ASP K 233 5.71 33.40 75.73
CA ASP K 233 4.65 32.42 75.46
C ASP K 233 3.97 31.87 76.72
N LYS K 234 4.47 32.16 77.92
CA LYS K 234 3.76 31.72 79.10
C LYS K 234 2.76 32.76 79.62
N GLY K 235 2.70 33.93 79.00
CA GLY K 235 1.59 34.84 79.17
C GLY K 235 1.89 36.17 79.85
N MET K 236 3.10 36.44 80.29
CA MET K 236 3.35 37.71 80.97
C MET K 236 3.67 38.83 79.98
N LYS K 237 3.69 40.05 80.50
CA LYS K 237 3.72 41.25 79.68
C LYS K 237 5.15 41.71 79.45
N ALA K 238 5.30 42.96 79.00
CA ALA K 238 6.60 43.48 78.56
C ALA K 238 7.56 43.73 79.70
N ALA K 239 7.07 43.79 80.94
CA ALA K 239 7.92 43.92 82.12
C ALA K 239 8.63 42.59 82.35
N ASP K 240 9.89 42.54 81.93
CA ASP K 240 10.69 41.34 82.04
C ASP K 240 11.98 41.68 82.76
N ILE K 241 12.88 40.68 82.85
CA ILE K 241 14.21 40.86 83.42
C ILE K 241 15.25 40.55 82.34
N PRO K 242 15.93 41.61 81.89
CA PRO K 242 17.04 41.39 80.89
C PRO K 242 18.26 40.78 81.53
N LEU K 243 18.78 41.41 82.61
CA LEU K 243 19.99 41.06 83.33
C LEU K 243 19.90 40.03 84.46
N PRO K 244 18.96 40.06 85.43
CA PRO K 244 19.11 39.15 86.57
C PRO K 244 18.66 37.72 86.35
N HIS K 245 18.48 37.27 85.10
CA HIS K 245 18.40 35.86 84.80
C HIS K 245 19.69 35.35 84.14
N GLU K 246 20.76 36.14 84.18
CA GLU K 246 22.01 35.85 83.49
C GLU K 246 23.13 35.47 84.46
N TYR K 247 24.17 34.88 83.88
CA TYR K 247 25.54 34.73 84.40
C TYR K 247 25.55 33.77 85.60
N ALA K 248 26.64 33.78 86.37
CA ALA K 248 26.86 32.80 87.42
C ALA K 248 25.97 33.05 88.64
N PHE K 249 25.83 34.32 89.03
CA PHE K 249 25.17 34.70 90.29
C PHE K 249 23.66 34.45 90.28
N SER K 250 23.06 34.22 89.12
CA SER K 250 21.69 33.77 89.00
C SER K 250 21.63 32.51 88.14
N THR K 251 22.53 31.55 88.44
CA THR K 251 22.53 30.23 87.80
C THR K 251 21.23 29.48 88.05
N GLU K 252 20.70 29.57 89.27
CA GLU K 252 19.38 29.05 89.61
C GLU K 252 18.24 29.75 88.90
N ALA K 253 18.46 30.96 88.34
CA ALA K 253 17.44 31.57 87.49
C ALA K 253 17.33 30.85 86.15
N MET K 254 18.37 30.11 85.73
CA MET K 254 18.19 29.17 84.63
C MET K 254 17.35 27.97 85.04
N GLY K 255 17.29 27.65 86.34
CA GLY K 255 16.45 26.56 86.81
C GLY K 255 14.99 26.91 86.91
N ASN K 256 14.66 28.19 86.87
CA ASN K 256 13.27 28.65 86.90
C ASN K 256 12.63 28.71 85.53
N PHE K 257 13.40 28.44 84.47
CA PHE K 257 12.88 28.50 83.11
C PHE K 257 12.85 27.13 82.44
N PHE K 258 14.00 26.48 82.35
CA PHE K 258 14.12 25.11 81.91
C PHE K 258 15.34 24.57 82.64
N PRO K 259 15.17 23.59 83.57
CA PRO K 259 16.18 23.34 84.61
C PRO K 259 17.49 22.76 84.10
N SER K 260 18.55 23.55 84.29
CA SER K 260 19.83 23.36 83.61
C SER K 260 20.60 22.17 84.17
N PHE K 261 20.17 20.97 83.76
CA PHE K 261 20.82 19.67 84.04
C PHE K 261 20.83 19.43 85.55
N LYS K 262 21.97 19.14 86.17
CA LYS K 262 22.05 19.01 87.62
C LYS K 262 22.50 20.32 88.28
N GLN K 263 23.71 20.78 87.96
CA GLN K 263 24.26 21.99 88.58
C GLN K 263 25.35 22.55 87.68
N GLY K 264 25.09 23.70 87.04
CA GLY K 264 26.13 24.45 86.36
C GLY K 264 26.59 23.83 85.05
N LEU K 265 27.82 24.17 84.67
CA LEU K 265 28.48 23.64 83.48
C LEU K 265 29.32 22.40 83.77
N LEU K 266 29.26 21.89 85.00
CA LEU K 266 29.79 20.59 85.40
C LEU K 266 29.33 19.35 84.60
N PRO K 267 28.05 19.16 84.21
CA PRO K 267 27.77 18.03 83.31
C PRO K 267 28.19 18.22 81.83
N PHE K 268 28.73 19.38 81.42
CA PHE K 268 29.33 19.49 80.09
C PHE K 268 30.72 18.88 80.06
N PHE K 269 31.47 18.98 81.17
CA PHE K 269 32.85 18.52 81.19
C PHE K 269 32.97 17.04 81.53
N THR K 270 31.95 16.45 82.17
CA THR K 270 31.99 15.04 82.52
C THR K 270 31.34 14.15 81.48
N GLY K 271 30.65 14.71 80.50
CA GLY K 271 30.23 13.94 79.34
C GLY K 271 28.86 13.32 79.37
N ASN K 272 28.10 13.45 80.46
CA ASN K 272 26.70 13.05 80.44
C ASN K 272 25.87 14.12 79.72
N TRP K 273 25.66 13.89 78.42
CA TRP K 273 25.02 14.93 77.62
C TRP K 273 23.50 14.82 77.65
N ALA K 274 22.95 13.69 78.13
CA ALA K 274 21.51 13.44 78.02
C ALA K 274 20.69 14.23 79.04
N VAL K 275 21.34 14.79 80.08
CA VAL K 275 20.63 15.56 81.10
C VAL K 275 20.36 16.98 80.63
N TYR K 276 20.99 17.42 79.54
CA TYR K 276 20.74 18.73 78.93
C TYR K 276 19.55 18.74 77.97
N SER K 277 18.66 17.74 78.03
CA SER K 277 17.62 17.56 77.02
C SER K 277 16.29 18.19 77.46
N ASP K 278 16.35 19.48 77.77
CA ASP K 278 15.15 20.31 77.87
C ASP K 278 15.28 21.66 77.17
N PHE K 279 16.49 22.04 76.76
CA PHE K 279 16.75 23.23 75.98
C PHE K 279 17.68 22.94 74.80
N LEU K 280 18.01 21.66 74.57
CA LEU K 280 18.54 21.14 73.30
C LEU K 280 17.71 19.89 73.02
N THR K 281 16.71 20.00 72.15
CA THR K 281 15.87 18.87 71.81
C THR K 281 16.00 18.54 70.33
N PHE K 282 15.26 17.51 69.92
CA PHE K 282 15.16 17.12 68.53
C PHE K 282 13.68 16.75 68.29
N LYS K 283 12.80 17.66 68.71
CA LYS K 283 11.35 17.42 68.69
C LYS K 283 10.78 17.42 67.28
N GLY K 284 11.17 18.39 66.45
CA GLY K 284 10.67 18.36 65.09
C GLY K 284 10.23 19.66 64.47
N GLY K 285 8.96 19.73 64.07
CA GLY K 285 8.48 20.74 63.14
C GLY K 285 8.12 22.06 63.79
N LEU K 286 6.88 22.50 63.66
CA LEU K 286 6.53 23.83 64.14
C LEU K 286 5.71 23.74 65.43
N ASN K 287 5.85 24.76 66.27
CA ASN K 287 5.12 24.84 67.54
C ASN K 287 3.67 25.24 67.24
N PRO K 288 2.67 24.52 67.77
CA PRO K 288 1.28 24.91 67.51
C PRO K 288 0.83 26.20 68.19
N GLN K 289 1.42 26.58 69.33
CA GLN K 289 0.91 27.77 70.02
C GLN K 289 1.40 29.06 69.39
N THR K 290 2.54 29.04 68.69
CA THR K 290 3.10 30.27 68.14
C THR K 290 3.41 30.18 66.64
N GLY K 291 3.20 29.03 66.02
CA GLY K 291 3.31 28.90 64.58
C GLY K 291 4.71 28.79 64.04
N SER K 292 5.71 28.63 64.90
CA SER K 292 7.09 28.74 64.46
C SER K 292 7.90 27.56 64.98
N LEU K 293 9.18 27.54 64.60
CA LEU K 293 10.10 26.49 65.03
C LEU K 293 10.33 26.53 66.53
N TRP K 294 10.48 25.36 67.13
CA TRP K 294 10.85 25.24 68.54
C TRP K 294 12.23 25.83 68.76
N MET K 295 12.32 26.74 69.74
CA MET K 295 13.56 27.47 70.01
C MET K 295 14.65 26.57 70.57
N THR K 296 14.26 25.51 71.29
CA THR K 296 15.20 24.51 71.76
C THR K 296 15.81 23.74 70.59
N ASP K 297 14.98 23.43 69.59
CA ASP K 297 15.46 22.82 68.36
C ASP K 297 16.37 23.77 67.59
N ILE K 298 16.07 25.07 67.65
CA ILE K 298 16.92 26.08 67.01
C ILE K 298 18.30 26.15 67.69
N ALA K 299 18.32 26.11 69.03
CA ALA K 299 19.59 26.13 69.77
C ALA K 299 20.40 24.86 69.52
N HIS K 300 19.74 23.70 69.48
CA HIS K 300 20.42 22.43 69.22
C HIS K 300 20.91 22.36 67.78
N HIS K 301 20.14 22.90 66.83
CA HIS K 301 20.56 23.08 65.44
C HIS K 301 21.81 23.93 65.32
N HIS K 302 21.82 25.12 65.95
CA HIS K 302 22.94 26.01 65.67
C HIS K 302 24.20 25.55 66.39
N LEU K 303 24.06 24.89 67.54
CA LEU K 303 25.18 24.20 68.15
C LEU K 303 25.73 23.03 67.33
N ALA K 304 24.88 22.13 66.81
CA ALA K 304 25.36 20.98 66.06
C ALA K 304 26.02 21.40 64.75
N ILE K 305 25.48 22.45 64.11
CA ILE K 305 26.19 22.94 62.93
C ILE K 305 27.46 23.70 63.31
N ALA K 306 27.50 24.45 64.43
CA ALA K 306 28.68 25.19 64.89
C ALA K 306 29.83 24.26 65.19
N VAL K 307 29.51 23.13 65.83
CA VAL K 307 30.46 22.03 65.99
C VAL K 307 30.95 21.53 64.64
N MET K 308 30.02 21.23 63.71
CA MET K 308 30.39 20.70 62.39
C MET K 308 31.17 21.70 61.53
N PHE K 309 30.98 23.00 61.74
CA PHE K 309 31.78 23.97 61.02
C PHE K 309 33.16 24.16 61.66
N ILE K 310 33.30 23.90 62.97
CA ILE K 310 34.64 23.84 63.56
C ILE K 310 35.39 22.59 63.07
N ILE K 311 34.72 21.44 62.95
CA ILE K 311 35.29 20.29 62.21
C ILE K 311 35.61 20.63 60.75
N ALA K 312 34.77 21.42 60.08
CA ALA K 312 35.01 21.78 58.67
C ALA K 312 36.23 22.69 58.49
N GLY K 313 36.60 23.48 59.50
CA GLY K 313 37.79 24.31 59.42
C GLY K 313 39.05 23.64 59.95
N HIS K 314 39.03 22.32 60.02
CA HIS K 314 40.16 21.53 60.47
C HIS K 314 40.62 20.60 59.36
N MET K 315 40.47 21.06 58.16
CA MET K 315 40.64 20.19 57.01
C MET K 315 41.89 20.51 56.21
N TYR K 316 42.14 21.78 55.92
CA TYR K 316 43.17 22.18 54.99
C TYR K 316 44.46 22.46 55.75
N ARG K 317 45.59 22.08 55.14
CA ARG K 317 46.86 22.07 55.84
C ARG K 317 47.55 23.41 55.69
N THR K 318 47.92 24.01 56.82
CA THR K 318 48.78 25.19 56.85
C THR K 318 50.03 24.85 57.64
N ASN K 319 51.13 25.54 57.36
CA ASN K 319 52.42 25.23 57.95
C ASN K 319 53.03 26.45 58.61
N GLY K 320 53.68 26.23 59.75
CA GLY K 320 54.32 27.30 60.48
C GLY K 320 55.08 26.83 61.71
N PRO K 321 55.20 27.70 62.73
CA PRO K 321 56.04 27.37 63.90
C PRO K 321 55.43 26.37 64.87
N TRP K 322 54.16 26.02 64.74
CA TRP K 322 53.54 25.02 65.59
C TRP K 322 54.06 23.64 65.20
N ASN K 323 54.44 22.84 66.21
CA ASN K 323 55.18 21.60 66.00
C ASN K 323 54.35 20.50 65.36
N PRO K 324 53.35 19.95 66.06
CA PRO K 324 52.56 18.86 65.46
C PRO K 324 51.46 19.35 64.55
N LEU K 325 51.11 20.62 64.62
CA LEU K 325 50.16 21.19 63.68
C LEU K 325 50.81 21.35 62.31
N GLY K 326 50.03 21.07 61.26
CA GLY K 326 50.58 21.00 59.92
C GLY K 326 50.27 19.69 59.25
N LEU K 327 49.22 19.01 59.72
CA LEU K 327 48.69 17.83 59.06
C LEU K 327 47.36 18.19 58.43
N GLY K 328 47.10 17.65 57.24
CA GLY K 328 45.86 17.99 56.57
C GLY K 328 46.00 17.87 55.06
N HIS K 329 45.27 18.75 54.36
CA HIS K 329 45.15 18.72 52.91
C HIS K 329 45.64 20.02 52.31
N SER K 330 46.25 19.92 51.13
CA SER K 330 46.27 21.06 50.23
C SER K 330 45.13 20.83 49.26
N ILE K 331 44.48 21.93 48.85
CA ILE K 331 43.45 21.87 47.82
C ILE K 331 44.06 21.44 46.49
N LYS K 332 45.31 21.85 46.24
CA LYS K 332 46.00 21.65 44.96
C LYS K 332 46.27 20.17 44.67
N GLU K 333 46.68 19.40 45.68
CA GLU K 333 46.95 17.98 45.49
C GLU K 333 45.65 17.21 45.29
N ILE K 334 44.58 17.63 45.97
CA ILE K 334 43.24 17.05 45.79
C ILE K 334 42.75 17.28 44.37
N LEU K 335 42.94 18.51 43.85
CA LEU K 335 42.51 18.86 42.50
C LEU K 335 43.31 18.13 41.43
N GLU K 336 44.64 18.03 41.58
CA GLU K 336 45.40 17.25 40.59
C GLU K 336 45.29 15.75 40.78
N ALA K 337 44.72 15.27 41.90
CA ALA K 337 44.49 13.84 42.06
C ALA K 337 43.13 13.39 41.53
N HIS K 338 42.32 14.29 40.98
CA HIS K 338 40.97 13.98 40.52
C HIS K 338 41.01 14.18 39.00
N LYS K 339 41.26 13.11 38.25
CA LYS K 339 41.55 13.28 36.83
C LYS K 339 40.53 12.63 35.91
N GLY K 340 40.35 11.31 35.98
CA GLY K 340 39.43 10.59 35.12
C GLY K 340 39.91 10.39 33.70
N PRO K 341 39.37 9.37 33.03
CA PRO K 341 39.69 9.17 31.61
C PRO K 341 38.82 9.96 30.65
N PHE K 342 37.61 10.35 31.09
CA PHE K 342 36.72 11.15 30.27
C PHE K 342 37.13 12.62 30.25
N THR K 343 37.68 13.14 31.35
CA THR K 343 37.95 14.56 31.47
C THR K 343 39.44 14.89 31.52
N GLY K 344 40.28 14.00 30.99
CA GLY K 344 41.67 14.33 30.70
C GLY K 344 42.50 14.52 31.96
N GLU K 345 42.95 15.76 32.15
CA GLU K 345 43.79 16.11 33.28
C GLU K 345 42.97 16.47 34.51
N GLY K 346 41.69 16.76 34.35
CA GLY K 346 40.84 16.98 35.50
C GLY K 346 40.85 18.40 36.01
N HIS K 347 41.20 18.59 37.28
CA HIS K 347 41.14 19.86 37.96
C HIS K 347 42.51 20.55 38.11
N LYS K 348 43.55 20.10 37.39
CA LYS K 348 44.83 20.78 37.46
C LYS K 348 44.72 22.09 36.70
N GLY K 349 45.14 23.19 37.32
CA GLY K 349 44.92 24.49 36.76
C GLY K 349 43.93 25.31 37.57
N LEU K 350 42.94 24.62 38.18
CA LEU K 350 41.85 25.31 38.87
C LEU K 350 42.31 25.94 40.18
N TYR K 351 43.38 25.43 40.79
CA TYR K 351 43.95 26.13 41.94
C TYR K 351 44.65 27.41 41.50
N GLU K 352 45.38 27.35 40.39
CA GLU K 352 46.01 28.54 39.82
C GLU K 352 45.00 29.55 39.32
N VAL K 353 43.91 29.09 38.69
CA VAL K 353 42.75 29.94 38.36
C VAL K 353 42.16 30.58 39.60
N LEU K 354 41.87 29.79 40.62
CA LEU K 354 41.11 30.32 41.73
C LEU K 354 41.98 31.06 42.74
N THR K 355 43.30 30.98 42.64
CA THR K 355 44.19 31.80 43.43
C THR K 355 44.82 32.94 42.63
N THR K 356 44.61 33.02 41.32
CA THR K 356 45.06 34.21 40.60
C THR K 356 43.93 35.01 39.95
N SER K 357 42.72 34.47 39.83
CA SER K 357 41.63 35.22 39.21
C SER K 357 40.57 35.54 40.26
N TRP K 358 40.35 36.84 40.48
CA TRP K 358 39.28 37.31 41.35
C TRP K 358 37.90 37.07 40.75
N HIS K 359 37.78 37.18 39.42
CA HIS K 359 36.46 37.08 38.78
C HIS K 359 35.92 35.66 38.80
N ALA K 360 36.81 34.66 38.71
CA ALA K 360 36.41 33.27 38.81
C ALA K 360 35.87 32.94 40.22
N GLN K 361 36.54 33.47 41.24
CA GLN K 361 36.09 33.37 42.62
C GLN K 361 34.75 34.08 42.83
N LEU K 362 34.60 35.28 42.25
CA LEU K 362 33.37 36.05 42.42
C LEU K 362 32.20 35.39 41.70
N ALA K 363 32.47 34.72 40.57
CA ALA K 363 31.47 33.94 39.85
C ALA K 363 30.95 32.79 40.70
N ILE K 364 31.87 32.04 41.31
CA ILE K 364 31.50 30.93 42.21
C ILE K 364 30.72 31.45 43.41
N ASN K 365 31.17 32.56 44.00
CA ASN K 365 30.64 33.05 45.26
C ASN K 365 29.28 33.72 45.05
N LEU K 366 29.09 34.39 43.91
CA LEU K 366 27.81 34.98 43.57
C LEU K 366 26.77 33.91 43.27
N ALA K 367 27.19 32.82 42.58
CA ALA K 367 26.31 31.67 42.32
C ALA K 367 25.85 31.02 43.61
N MET K 368 26.79 30.86 44.53
CA MET K 368 26.49 30.19 45.79
C MET K 368 25.62 31.02 46.72
N VAL K 369 25.90 32.32 46.85
CA VAL K 369 25.11 33.16 47.74
C VAL K 369 23.73 33.48 47.14
N GLY K 370 23.60 33.58 45.81
CA GLY K 370 22.28 33.71 45.21
C GLY K 370 21.44 32.45 45.31
N SER K 371 22.08 31.28 45.14
CA SER K 371 21.41 30.01 45.37
C SER K 371 20.99 29.86 46.81
N LEU K 372 21.83 30.31 47.76
CA LEU K 372 21.52 30.18 49.18
C LEU K 372 20.40 31.13 49.58
N SER K 373 20.32 32.32 48.97
CA SER K 373 19.22 33.24 49.25
C SER K 373 17.89 32.68 48.71
N ILE K 374 17.94 31.94 47.61
CA ILE K 374 16.76 31.23 47.12
C ILE K 374 16.35 30.07 48.05
N ILE K 375 17.35 29.33 48.58
CA ILE K 375 17.13 28.29 49.60
C ILE K 375 16.53 28.89 50.87
N VAL K 376 17.01 30.08 51.25
CA VAL K 376 16.45 30.84 52.39
C VAL K 376 15.00 31.22 52.15
N ALA K 377 14.68 31.68 50.93
CA ALA K 377 13.31 32.06 50.57
C ALA K 377 12.33 30.90 50.70
N HIS K 378 12.76 29.72 50.26
CA HIS K 378 11.96 28.50 50.45
C HIS K 378 11.85 28.09 51.93
N HIS K 379 12.98 28.03 52.64
CA HIS K 379 12.95 27.43 53.96
C HIS K 379 12.36 28.33 55.04
N MET K 380 12.19 29.62 54.78
CA MET K 380 11.54 30.48 55.77
C MET K 380 10.03 30.59 55.66
N TYR K 381 9.42 30.46 54.47
CA TYR K 381 7.96 30.30 54.51
C TYR K 381 7.64 28.90 55.00
N ALA K 382 8.46 27.91 54.61
CA ALA K 382 8.05 26.52 54.77
C ALA K 382 8.17 26.09 56.22
N MET K 383 9.19 26.58 56.90
CA MET K 383 9.38 26.43 58.34
C MET K 383 9.60 27.82 58.87
N ASN K 384 8.65 28.32 59.64
CA ASN K 384 8.61 29.70 60.10
C ASN K 384 9.65 29.85 61.21
N PRO K 385 10.57 30.79 61.10
CA PRO K 385 11.64 30.90 62.13
C PRO K 385 11.33 31.66 63.40
N TYR K 386 10.43 32.64 63.34
CA TYR K 386 10.23 33.58 64.43
C TYR K 386 8.77 33.53 64.87
N PRO K 387 8.43 33.68 66.21
CA PRO K 387 6.97 33.85 66.67
C PRO K 387 6.03 34.70 65.85
N TYR K 388 4.88 34.10 65.47
CA TYR K 388 3.71 34.73 64.84
C TYR K 388 4.00 35.47 63.54
N MET K 389 4.92 34.93 62.73
CA MET K 389 5.27 35.59 61.47
C MET K 389 4.48 35.06 60.30
N GLY K 390 4.09 33.79 60.34
CA GLY K 390 3.41 33.16 59.23
C GLY K 390 1.98 33.61 59.08
N ILE K 391 1.39 34.16 60.13
CA ILE K 391 0.09 34.81 59.98
C ILE K 391 0.21 36.23 59.48
N ASP K 392 1.40 36.86 59.55
CA ASP K 392 1.53 38.20 59.00
C ASP K 392 1.87 37.95 57.53
N TYR K 393 0.81 37.86 56.73
CA TYR K 393 0.93 37.54 55.31
C TYR K 393 1.76 38.50 54.43
N PRO K 394 1.73 39.86 54.56
CA PRO K 394 2.64 40.65 53.70
C PRO K 394 4.11 40.47 53.99
N THR K 395 4.48 40.12 55.24
CA THR K 395 5.85 39.72 55.57
C THR K 395 6.27 38.45 54.84
N GLN K 396 5.36 37.47 54.75
CA GLN K 396 5.66 36.21 54.07
C GLN K 396 5.85 36.39 52.58
N ILE K 397 4.90 37.09 51.91
CA ILE K 397 5.02 37.39 50.47
C ILE K 397 6.26 38.25 50.18
N SER K 398 6.59 39.18 51.08
CA SER K 398 7.65 40.11 50.80
C SER K 398 9.01 39.52 51.07
N LEU K 399 9.15 38.67 52.10
CA LEU K 399 10.43 38.03 52.36
C LEU K 399 10.77 36.97 51.33
N PHE K 400 9.78 36.13 50.93
CA PHE K 400 9.97 35.18 49.82
C PHE K 400 10.34 35.91 48.54
N THR K 401 9.63 36.98 48.24
CA THR K 401 9.77 37.66 46.98
C THR K 401 11.10 38.42 46.90
N HIS K 402 11.49 39.07 48.01
CA HIS K 402 12.76 39.78 48.09
C HIS K 402 13.94 38.83 47.98
N HIS K 403 13.90 37.70 48.70
CA HIS K 403 15.05 36.81 48.68
C HIS K 403 15.18 36.07 47.37
N MET K 404 14.04 35.81 46.71
CA MET K 404 14.05 35.33 45.33
C MET K 404 14.69 36.31 44.35
N TRP K 405 14.36 37.60 44.47
CA TRP K 405 14.93 38.59 43.56
C TRP K 405 16.41 38.81 43.79
N ILE K 406 16.83 38.88 45.05
CA ILE K 406 18.26 39.02 45.37
C ILE K 406 19.03 37.78 44.92
N GLY K 407 18.43 36.59 45.06
CA GLY K 407 19.05 35.38 44.56
C GLY K 407 19.22 35.33 43.05
N GLY K 408 18.18 35.74 42.31
CA GLY K 408 18.29 35.81 40.86
C GLY K 408 19.29 36.83 40.33
N PHE K 409 19.37 38.02 40.97
CA PHE K 409 20.38 39.01 40.63
C PHE K 409 21.81 38.50 40.84
N LEU K 410 22.07 37.81 41.96
CA LEU K 410 23.43 37.29 42.18
C LEU K 410 23.77 36.12 41.25
N ILE K 411 22.79 35.34 40.81
CA ILE K 411 23.08 34.33 39.78
C ILE K 411 23.42 34.95 38.40
N VAL K 412 22.75 36.04 38.02
CA VAL K 412 23.15 36.74 36.78
C VAL K 412 24.53 37.38 36.92
N GLY K 413 24.85 37.88 38.12
CA GLY K 413 26.20 38.34 38.39
C GLY K 413 27.25 37.25 38.35
N ALA K 414 26.87 36.04 38.75
CA ALA K 414 27.75 34.88 38.66
C ALA K 414 28.11 34.56 37.22
N GLY K 415 27.09 34.55 36.35
CA GLY K 415 27.33 34.41 34.91
C GLY K 415 28.17 35.54 34.33
N ALA K 416 27.97 36.76 34.84
CA ALA K 416 28.73 37.94 34.42
C ALA K 416 30.21 37.82 34.75
N HIS K 417 30.54 37.47 35.98
CA HIS K 417 31.96 37.40 36.32
C HIS K 417 32.64 36.13 35.87
N ALA K 418 31.89 35.06 35.57
CA ALA K 418 32.50 33.93 34.86
C ALA K 418 32.88 34.32 33.42
N ALA K 419 32.02 35.12 32.76
CA ALA K 419 32.36 35.66 31.45
C ALA K 419 33.52 36.65 31.52
N ILE K 420 33.60 37.42 32.61
CA ILE K 420 34.66 38.43 32.73
C ILE K 420 36.00 37.76 32.97
N PHE K 421 36.01 36.65 33.73
CA PHE K 421 37.18 35.78 33.85
C PHE K 421 37.59 35.22 32.50
N MET K 422 36.61 34.83 31.68
CA MET K 422 36.91 34.26 30.38
C MET K 422 37.55 35.28 29.44
N VAL K 423 37.09 36.54 29.50
CA VAL K 423 37.73 37.60 28.71
C VAL K 423 39.11 37.95 29.25
N ARG K 424 39.21 38.20 30.55
CA ARG K 424 40.40 38.85 31.10
C ARG K 424 41.43 37.87 31.65
N ASP K 425 41.02 36.96 32.52
CA ASP K 425 41.97 36.18 33.30
C ASP K 425 42.15 34.75 32.82
N TYR K 426 41.64 34.40 31.63
CA TYR K 426 41.91 33.08 31.09
C TYR K 426 43.33 33.01 30.57
N ASP K 427 44.05 31.97 30.98
CA ASP K 427 45.38 31.72 30.47
C ASP K 427 45.37 30.36 29.78
N PRO K 428 45.71 30.28 28.49
CA PRO K 428 45.95 28.97 27.87
C PRO K 428 47.13 28.21 28.44
N ALA K 429 48.11 28.93 29.00
CA ALA K 429 49.28 28.30 29.62
C ALA K 429 48.91 27.52 30.87
N VAL K 430 47.87 27.96 31.60
CA VAL K 430 47.44 27.26 32.79
C VAL K 430 46.53 26.09 32.45
N ASN K 431 45.55 26.31 31.59
CA ASN K 431 44.47 25.36 31.36
C ASN K 431 44.72 24.57 30.08
N GLN K 432 45.58 23.54 30.18
CA GLN K 432 45.72 22.52 29.14
C GLN K 432 45.00 21.27 29.60
N ASN K 433 43.98 20.83 28.82
CA ASN K 433 43.36 19.49 28.87
C ASN K 433 42.64 19.29 30.23
N ASN K 434 42.34 20.38 30.91
CA ASN K 434 41.65 20.27 32.16
C ASN K 434 40.17 20.46 31.90
N LEU K 435 39.39 20.60 32.95
CA LEU K 435 37.94 20.61 32.86
C LEU K 435 37.48 21.92 32.19
N LEU K 436 38.16 23.01 32.53
CA LEU K 436 37.86 24.34 31.99
C LEU K 436 38.23 24.44 30.52
N ASP K 437 39.34 23.82 30.11
CA ASP K 437 39.73 23.84 28.70
C ASP K 437 38.83 22.91 27.88
N ARG K 438 38.49 21.73 28.42
CA ARG K 438 37.67 20.78 27.66
C ARG K 438 36.22 21.23 27.57
N VAL K 439 35.77 22.13 28.46
CA VAL K 439 34.43 22.73 28.32
C VAL K 439 34.36 23.64 27.10
N LEU K 440 35.39 24.47 26.86
CA LEU K 440 35.52 25.27 25.65
C LEU K 440 35.68 24.47 24.38
N ARG K 441 35.99 23.20 24.52
CA ARG K 441 36.34 22.40 23.40
C ARG K 441 35.09 21.77 22.79
N HIS K 442 34.01 21.68 23.58
CA HIS K 442 32.74 21.15 23.08
C HIS K 442 31.57 22.08 23.47
N ARG K 443 31.86 23.39 23.52
CA ARG K 443 30.89 24.42 23.90
C ARG K 443 29.72 24.53 22.94
N ASP K 444 29.90 24.13 21.67
CA ASP K 444 28.80 24.07 20.72
C ASP K 444 27.81 22.98 21.09
N ALA K 445 28.31 21.83 21.58
CA ALA K 445 27.44 20.73 21.99
C ALA K 445 26.63 21.09 23.22
N ILE K 446 27.26 21.75 24.20
CA ILE K 446 26.60 22.22 25.41
C ILE K 446 25.52 23.24 25.10
N ILE K 447 25.82 24.24 24.26
CA ILE K 447 24.87 25.30 24.00
C ILE K 447 23.75 24.84 23.08
N SER K 448 24.04 23.95 22.12
CA SER K 448 22.97 23.42 21.27
C SER K 448 22.06 22.46 22.04
N HIS K 449 22.59 21.69 22.99
CA HIS K 449 21.74 20.80 23.76
C HIS K 449 20.92 21.55 24.78
N LEU K 450 21.50 22.63 25.31
CA LEU K 450 20.77 23.59 26.12
C LEU K 450 19.68 24.28 25.32
N ASN K 451 19.94 24.61 24.05
CA ASN K 451 18.95 25.18 23.16
C ASN K 451 17.78 24.22 22.90
N TRP K 452 18.10 22.94 22.70
CA TRP K 452 17.06 21.92 22.51
C TRP K 452 16.22 21.72 23.76
N VAL K 453 16.84 21.66 24.95
CA VAL K 453 16.04 21.36 26.15
C VAL K 453 15.24 22.61 26.53
N CYS K 454 15.73 23.79 26.15
CA CYS K 454 14.97 25.03 26.33
C CYS K 454 13.75 25.07 25.45
N LEU K 455 13.90 24.64 24.19
CA LEU K 455 12.76 24.49 23.28
C LEU K 455 11.76 23.46 23.78
N PHE K 456 12.26 22.31 24.26
CA PHE K 456 11.41 21.24 24.76
C PHE K 456 10.61 21.68 25.97
N LEU K 457 11.26 22.36 26.93
CA LEU K 457 10.59 22.87 28.12
C LEU K 457 9.58 23.94 27.79
N GLY K 458 9.89 24.82 26.83
CA GLY K 458 8.95 25.84 26.45
C GLY K 458 7.71 25.32 25.77
N PHE K 459 7.89 24.38 24.83
CA PHE K 459 6.73 23.70 24.22
C PHE K 459 5.94 22.92 25.26
N HIS K 460 6.60 22.04 26.00
CA HIS K 460 5.93 21.17 26.94
C HIS K 460 5.61 21.81 28.27
N SER K 461 5.71 23.13 28.40
CA SER K 461 5.00 23.79 29.48
C SER K 461 4.03 24.86 28.96
N PHE K 462 4.51 25.79 28.14
CA PHE K 462 3.67 26.88 27.69
C PHE K 462 2.66 26.46 26.62
N GLY K 463 2.98 25.49 25.76
CA GLY K 463 1.97 24.99 24.84
C GLY K 463 0.87 24.23 25.54
N LEU K 464 1.17 23.58 26.67
CA LEU K 464 0.12 23.10 27.57
C LEU K 464 -0.78 24.23 28.08
N TYR K 465 -0.20 25.35 28.53
CA TYR K 465 -1.02 26.51 28.95
C TYR K 465 -1.86 27.10 27.80
N VAL K 466 -1.28 27.15 26.60
CA VAL K 466 -1.96 27.61 25.39
C VAL K 466 -3.03 26.63 24.92
N HIS K 467 -2.78 25.32 25.07
CA HIS K 467 -3.81 24.30 24.91
C HIS K 467 -4.95 24.53 25.89
N ASN K 468 -4.64 24.87 27.13
CA ASN K 468 -5.71 25.08 28.11
C ASN K 468 -6.56 26.31 27.82
N ASP K 469 -5.91 27.43 27.43
CA ASP K 469 -6.55 28.57 26.77
C ASP K 469 -7.50 28.20 25.65
N THR K 470 -6.99 27.38 24.73
CA THR K 470 -7.73 27.05 23.52
C THR K 470 -8.91 26.13 23.81
N MET K 471 -8.70 25.07 24.59
CA MET K 471 -9.80 24.16 24.91
C MET K 471 -10.80 24.75 25.89
N GLN K 472 -10.41 25.69 26.75
CA GLN K 472 -11.43 26.32 27.57
C GLN K 472 -12.22 27.34 26.76
N ALA K 473 -11.57 28.00 25.79
CA ALA K 473 -12.29 28.93 24.93
C ALA K 473 -13.25 28.23 23.97
N LEU K 474 -12.87 27.05 23.46
CA LEU K 474 -13.70 26.33 22.51
C LEU K 474 -14.82 25.53 23.16
N GLY K 475 -14.99 25.61 24.47
CA GLY K 475 -16.03 24.83 25.11
C GLY K 475 -15.69 23.36 25.29
N ARG K 476 -14.41 23.04 25.50
CA ARG K 476 -13.98 21.66 25.80
C ARG K 476 -13.21 21.62 27.12
N PRO K 477 -13.88 21.64 28.29
CA PRO K 477 -13.13 21.53 29.56
C PRO K 477 -12.51 20.16 29.80
N GLY K 478 -13.11 19.09 29.29
CA GLY K 478 -12.57 17.77 29.45
C GLY K 478 -11.33 17.49 28.64
N ASP K 479 -11.05 18.32 27.63
CA ASP K 479 -9.86 18.21 26.81
C ASP K 479 -8.66 18.93 27.39
N MET K 480 -8.84 19.57 28.54
CA MET K 480 -7.78 20.36 29.13
C MET K 480 -6.77 19.47 29.84
N PHE K 481 -5.51 19.90 29.83
CA PHE K 481 -4.47 19.43 30.76
C PHE K 481 -4.80 20.01 32.11
N ALA K 482 -5.58 19.27 32.88
CA ALA K 482 -6.06 19.74 34.17
C ALA K 482 -6.33 18.53 35.05
N ASP K 483 -6.67 18.80 36.30
CA ASP K 483 -7.00 17.73 37.23
C ASP K 483 -8.35 17.09 36.91
N TRP K 484 -9.25 17.84 36.27
CA TRP K 484 -10.50 17.30 35.80
C TRP K 484 -10.44 16.79 34.36
N GLY K 485 -9.35 17.05 33.64
CA GLY K 485 -9.21 16.60 32.27
C GLY K 485 -8.06 15.63 32.09
N ILE K 486 -7.14 15.96 31.17
CA ILE K 486 -5.94 15.15 30.96
C ILE K 486 -4.99 15.41 32.12
N GLN K 487 -4.92 14.46 33.03
CA GLN K 487 -4.24 14.66 34.30
C GLN K 487 -2.74 14.51 34.09
N LEU K 488 -1.97 15.42 34.66
CA LEU K 488 -0.51 15.39 34.62
C LEU K 488 -0.03 15.35 36.06
N GLN K 489 0.08 14.18 36.58
CA GLN K 489 0.31 14.14 38.02
C GLN K 489 1.79 14.13 38.35
N PRO K 490 2.22 15.06 39.20
CA PRO K 490 3.62 15.08 39.65
C PRO K 490 3.93 13.97 40.63
N VAL K 491 4.08 12.74 40.12
CA VAL K 491 4.13 11.56 40.95
C VAL K 491 5.42 11.44 41.74
N PHE K 492 6.55 11.94 41.22
CA PHE K 492 7.78 11.89 42.01
C PHE K 492 7.78 12.93 43.12
N ALA K 493 7.22 14.12 42.84
CA ALA K 493 7.12 15.15 43.85
C ALA K 493 6.11 14.79 44.94
N GLN K 494 4.98 14.18 44.55
CA GLN K 494 4.00 13.70 45.52
C GLN K 494 4.54 12.54 46.34
N TRP K 495 5.31 11.64 45.72
CA TRP K 495 5.91 10.54 46.45
C TRP K 495 6.96 11.03 47.44
N ILE K 496 7.78 12.00 47.03
CA ILE K 496 8.76 12.60 47.94
C ILE K 496 8.07 13.38 49.05
N GLN K 497 6.93 14.02 48.75
CA GLN K 497 6.14 14.70 49.75
C GLN K 497 5.57 13.73 50.79
N SER K 498 5.14 12.55 50.33
CA SER K 498 4.64 11.51 51.23
C SER K 498 5.76 10.91 52.09
N VAL K 499 6.95 10.70 51.51
CA VAL K 499 8.09 10.18 52.26
C VAL K 499 8.58 11.20 53.29
N ASN K 500 8.62 12.49 52.93
CA ASN K 500 8.98 13.50 53.92
C ASN K 500 7.92 13.75 54.98
N ALA K 501 6.63 13.53 54.68
CA ALA K 501 5.64 13.58 55.74
C ALA K 501 5.75 12.38 56.67
N ALA K 502 5.99 11.19 56.11
CA ALA K 502 5.85 9.95 56.85
C ALA K 502 7.06 9.62 57.73
N ALA K 503 8.10 10.45 57.69
CA ALA K 503 9.35 10.14 58.36
C ALA K 503 9.38 10.70 59.79
N PHE K 504 8.39 10.32 60.64
CA PHE K 504 8.55 10.87 62.00
C PHE K 504 8.39 9.88 63.15
N GLY K 505 7.47 8.91 63.06
CA GLY K 505 7.10 8.13 64.22
C GLY K 505 8.07 7.02 64.56
N PRO K 506 7.74 6.24 65.59
CA PRO K 506 8.37 4.94 65.78
C PRO K 506 8.17 4.01 64.60
N ASN K 507 9.18 3.15 64.38
CA ASN K 507 9.32 2.22 63.25
C ASN K 507 9.40 2.95 61.91
N SER K 508 9.90 4.18 61.92
CA SER K 508 10.16 4.95 60.71
C SER K 508 11.68 5.14 60.56
N THR K 509 12.04 5.98 59.60
CA THR K 509 13.43 6.24 59.23
C THR K 509 14.05 7.41 59.99
N ALA K 510 13.28 8.12 60.81
CA ALA K 510 13.82 8.98 61.87
C ALA K 510 12.95 8.80 63.09
N PRO K 511 13.27 7.84 63.96
CA PRO K 511 12.31 7.34 64.96
C PRO K 511 12.04 8.26 66.15
N TRP K 512 12.81 9.32 66.41
CA TRP K 512 12.62 10.07 67.64
C TRP K 512 12.22 11.54 67.38
N VAL K 513 11.38 11.78 66.38
CA VAL K 513 10.85 13.11 66.04
C VAL K 513 9.36 13.12 66.34
N SER K 514 8.90 14.19 66.99
CA SER K 514 7.50 14.27 67.40
C SER K 514 6.61 14.83 66.30
N ALA K 515 7.02 15.92 65.65
CA ALA K 515 6.11 16.67 64.78
C ALA K 515 6.71 16.91 63.40
N ALA K 516 7.42 15.91 62.88
CA ALA K 516 7.90 15.78 61.50
C ALA K 516 8.79 16.92 61.02
N THR K 517 8.93 17.05 59.70
CA THR K 517 9.84 18.03 59.12
C THR K 517 9.16 19.40 59.03
N SER K 518 8.08 19.48 58.27
CA SER K 518 7.26 20.67 58.12
C SER K 518 5.85 20.18 57.85
N PRO K 519 4.81 20.97 58.19
CA PRO K 519 3.45 20.56 57.83
C PRO K 519 3.12 20.68 56.34
N VAL K 520 3.98 21.24 55.49
CA VAL K 520 3.68 21.35 54.06
C VAL K 520 3.75 20.02 53.34
N TRP K 521 4.35 19.00 53.96
CA TRP K 521 4.50 17.67 53.39
C TRP K 521 3.23 16.85 53.47
N GLY K 522 2.18 17.32 54.15
CA GLY K 522 0.96 16.57 54.16
C GLY K 522 0.46 16.22 55.54
N GLY K 523 0.99 16.89 56.57
CA GLY K 523 0.44 16.67 57.89
C GLY K 523 -0.06 17.92 58.57
N ASN K 524 -1.39 18.04 58.67
CA ASN K 524 -2.18 18.93 59.53
C ASN K 524 -2.14 20.41 59.17
N VAL K 525 -3.28 21.06 59.27
CA VAL K 525 -3.39 22.51 59.11
C VAL K 525 -3.20 23.15 60.47
N LEU K 526 -2.24 24.06 60.57
CA LEU K 526 -1.94 24.76 61.81
C LEU K 526 -2.61 26.14 61.77
N ALA K 527 -3.05 26.62 62.93
CA ALA K 527 -3.67 27.94 63.02
C ALA K 527 -3.31 28.59 64.34
N LEU K 528 -3.38 29.92 64.36
CA LEU K 528 -2.90 30.77 65.44
C LEU K 528 -3.99 31.73 65.91
N PRO K 529 -3.97 32.10 67.20
CA PRO K 529 -4.91 33.13 67.67
C PRO K 529 -4.51 34.51 67.20
N ALA K 530 -5.49 35.24 66.68
CA ALA K 530 -5.34 36.64 66.31
C ALA K 530 -6.69 37.30 66.40
N THR K 531 -6.69 38.63 66.49
CA THR K 531 -7.96 39.34 66.70
C THR K 531 -8.73 39.48 65.40
N VAL K 532 -8.19 40.28 64.47
CA VAL K 532 -8.81 40.85 63.26
C VAL K 532 -10.13 41.48 63.74
N ALA K 533 -10.01 42.69 64.30
CA ALA K 533 -11.08 43.54 64.83
C ALA K 533 -11.92 42.87 65.93
N GLY K 534 -12.81 41.96 65.52
CA GLY K 534 -13.69 41.27 66.45
C GLY K 534 -13.99 39.82 66.13
N GLU K 535 -13.07 39.12 65.46
CA GLU K 535 -13.29 37.74 65.07
C GLU K 535 -12.70 36.81 66.14
N VAL K 536 -12.71 35.49 65.92
CA VAL K 536 -12.52 34.57 67.04
C VAL K 536 -11.12 33.93 67.16
N VAL K 537 -10.66 33.09 66.24
CA VAL K 537 -9.30 32.58 66.27
C VAL K 537 -8.60 32.67 64.91
N GLN K 538 -9.22 32.16 63.82
CA GLN K 538 -8.81 32.12 62.41
C GLN K 538 -7.32 31.95 62.11
N LYS K 539 -6.83 32.51 60.99
CA LYS K 539 -5.42 32.75 60.68
C LYS K 539 -4.56 31.50 60.59
N ILE K 540 -4.77 30.71 59.54
CA ILE K 540 -3.90 29.60 59.19
C ILE K 540 -2.51 30.14 58.88
N SER K 541 -1.55 29.82 59.75
CA SER K 541 -0.17 30.21 59.50
C SER K 541 0.44 29.38 58.39
N ILE K 542 0.14 28.08 58.37
CA ILE K 542 0.85 27.14 57.52
C ILE K 542 -0.05 25.91 57.35
N ALA K 543 0.06 25.25 56.20
CA ALA K 543 -0.86 24.18 55.81
C ALA K 543 -0.10 23.23 54.90
N PRO K 544 -0.60 21.99 54.69
CA PRO K 544 -0.05 21.18 53.59
C PRO K 544 -0.30 21.81 52.23
N VAL K 545 0.68 21.62 51.35
CA VAL K 545 0.63 22.31 50.06
C VAL K 545 0.45 21.17 49.07
N PRO K 546 -0.74 20.96 48.52
CA PRO K 546 -0.92 19.85 47.57
C PRO K 546 -0.37 20.16 46.18
N LEU K 547 0.06 19.10 45.51
CA LEU K 547 0.63 19.21 44.18
C LEU K 547 -0.26 18.49 43.18
N GLY K 548 -0.69 19.22 42.15
CA GLY K 548 -1.55 18.71 41.12
C GLY K 548 -0.98 19.02 39.74
N THR K 549 -1.89 19.05 38.74
CA THR K 549 -1.49 19.22 37.35
C THR K 549 -0.99 20.65 37.10
N ALA K 550 -1.62 21.64 37.76
CA ALA K 550 -1.18 23.03 37.71
C ALA K 550 0.22 23.22 38.29
N ASP K 551 0.57 22.45 39.32
CA ASP K 551 1.90 22.46 39.91
C ASP K 551 2.96 21.85 39.02
N PHE K 552 2.64 20.73 38.36
CA PHE K 552 3.43 20.15 37.27
C PHE K 552 3.75 21.18 36.21
N MET K 553 2.72 21.89 35.74
CA MET K 553 2.92 22.82 34.63
C MET K 553 3.69 24.05 35.05
N ILE K 554 3.43 24.59 36.25
CA ILE K 554 4.19 25.74 36.73
C ILE K 554 5.65 25.39 37.06
N HIS K 555 5.93 24.15 37.46
CA HIS K 555 7.31 23.77 37.70
C HIS K 555 8.05 23.53 36.40
N HIS K 556 7.35 23.15 35.34
CA HIS K 556 8.02 23.06 34.05
C HIS K 556 8.21 24.41 33.37
N ILE K 557 7.30 25.37 33.60
CA ILE K 557 7.58 26.79 33.34
C ILE K 557 8.85 27.24 34.05
N HIS K 558 8.99 26.87 35.32
CA HIS K 558 10.16 27.26 36.10
C HIS K 558 11.44 26.63 35.58
N ALA K 559 11.37 25.35 35.19
CA ALA K 559 12.51 24.66 34.59
C ALA K 559 12.93 25.30 33.27
N LEU K 560 11.95 25.69 32.43
CA LEU K 560 12.16 26.48 31.22
C LEU K 560 12.90 27.79 31.48
N THR K 561 12.41 28.59 32.43
CA THR K 561 12.99 29.92 32.65
C THR K 561 14.38 29.88 33.27
N ILE K 562 14.61 28.95 34.23
CA ILE K 562 15.98 28.67 34.71
C ILE K 562 16.88 28.22 33.57
N HIS K 563 16.43 27.29 32.71
CA HIS K 563 17.29 26.77 31.65
C HIS K 563 17.58 27.80 30.57
N VAL K 564 16.65 28.74 30.30
CA VAL K 564 16.94 29.73 29.27
C VAL K 564 17.93 30.77 29.82
N THR K 565 17.79 31.12 31.10
CA THR K 565 18.75 32.03 31.74
C THR K 565 20.15 31.42 31.81
N ILE K 566 20.23 30.10 32.04
CA ILE K 566 21.47 29.33 31.90
C ILE K 566 22.02 29.40 30.47
N LEU K 567 21.15 29.17 29.46
CA LEU K 567 21.56 29.22 28.05
C LEU K 567 22.18 30.56 27.66
N ILE K 568 21.60 31.66 28.14
CA ILE K 568 22.06 32.99 27.77
C ILE K 568 23.40 33.30 28.45
N LEU K 569 23.47 33.08 29.78
CA LEU K 569 24.70 33.40 30.49
C LEU K 569 25.83 32.42 30.20
N LEU K 570 25.53 31.14 29.99
CA LEU K 570 26.57 30.18 29.64
C LEU K 570 27.06 30.37 28.20
N LYS K 571 26.19 30.84 27.30
CA LYS K 571 26.64 31.16 25.95
C LYS K 571 27.44 32.45 25.94
N GLY K 572 27.19 33.33 26.90
CA GLY K 572 28.09 34.46 27.11
C GLY K 572 29.44 34.04 27.63
N VAL K 573 29.47 33.07 28.54
CA VAL K 573 30.72 32.66 29.18
C VAL K 573 31.61 31.91 28.20
N LEU K 574 31.05 30.89 27.54
CA LEU K 574 31.87 30.02 26.71
C LEU K 574 32.24 30.64 25.38
N PHE K 575 31.44 31.57 24.86
CA PHE K 575 31.75 32.27 23.63
C PHE K 575 32.21 33.70 23.90
N ALA K 576 32.80 33.94 25.08
CA ALA K 576 33.33 35.25 25.42
C ALA K 576 34.57 35.59 24.60
N ARG K 577 35.43 34.60 24.39
CA ARG K 577 36.74 34.80 23.79
C ARG K 577 36.71 34.75 22.28
N SER K 578 35.91 33.85 21.74
CA SER K 578 35.89 33.59 20.31
C SER K 578 34.57 32.94 19.95
N SER K 579 34.27 32.95 18.66
CA SER K 579 33.17 32.21 18.10
C SER K 579 33.54 31.87 16.66
N ARG K 580 32.63 31.19 15.97
CA ARG K 580 32.76 31.07 14.52
C ARG K 580 32.51 32.40 13.84
N LEU K 581 31.72 33.27 14.47
CA LEU K 581 31.44 34.59 13.93
C LEU K 581 32.60 35.55 14.16
N ILE K 582 32.96 35.79 15.42
CA ILE K 582 34.05 36.70 15.78
C ILE K 582 35.17 35.91 16.47
N PRO K 583 36.24 35.54 15.75
CA PRO K 583 37.35 34.78 16.38
C PRO K 583 38.17 35.54 17.41
N ASP K 584 38.11 36.86 17.43
CA ASP K 584 39.01 37.65 18.28
C ASP K 584 38.23 38.51 19.25
N LYS K 585 37.14 37.94 19.79
CA LYS K 585 36.22 38.62 20.69
C LYS K 585 36.85 39.02 22.02
N ALA K 586 37.85 38.27 22.49
CA ALA K 586 38.54 38.62 23.73
C ALA K 586 39.37 39.90 23.59
N ASN K 587 39.90 40.17 22.40
CA ASN K 587 40.57 41.44 22.17
C ASN K 587 39.59 42.60 22.08
N LEU K 588 38.34 42.32 21.69
CA LEU K 588 37.30 43.35 21.72
C LEU K 588 36.83 43.64 23.15
N GLY K 589 37.04 42.72 24.07
CA GLY K 589 36.76 42.93 25.47
C GLY K 589 35.49 42.22 25.92
N PHE K 590 35.21 42.37 27.21
CA PHE K 590 33.95 41.93 27.79
C PHE K 590 32.81 42.85 27.41
N ARG K 591 33.04 44.15 27.42
CA ARG K 591 32.03 45.18 27.24
C ARG K 591 32.31 45.95 25.96
N PHE K 592 31.81 45.46 24.84
CA PHE K 592 31.83 46.20 23.60
C PHE K 592 30.43 46.15 22.99
N PRO K 593 30.03 47.14 22.19
CA PRO K 593 28.69 47.06 21.58
C PRO K 593 28.54 45.97 20.53
N CYS K 594 29.48 45.87 19.60
CA CYS K 594 29.39 44.98 18.43
C CYS K 594 30.75 45.00 17.74
N ASP K 595 30.85 44.26 16.66
CA ASP K 595 31.97 44.31 15.73
C ASP K 595 31.47 44.74 14.35
N GLY K 596 30.45 45.60 14.32
CA GLY K 596 29.98 46.18 13.10
C GLY K 596 28.73 45.52 12.54
N PRO K 597 28.10 46.17 11.54
CA PRO K 597 26.96 45.56 10.84
C PRO K 597 27.34 44.55 9.78
N GLY K 598 28.61 44.31 9.59
CA GLY K 598 29.03 43.31 8.67
C GLY K 598 28.98 41.94 9.28
N ARG K 599 29.37 40.99 8.43
CA ARG K 599 29.14 39.54 8.53
C ARG K 599 27.70 39.25 8.95
N GLY K 600 26.76 39.94 8.29
CA GLY K 600 25.38 40.00 8.66
C GLY K 600 25.04 41.05 9.72
N GLY K 601 25.93 41.28 10.68
CA GLY K 601 25.63 42.17 11.77
C GLY K 601 26.03 41.44 13.03
N THR K 602 26.74 42.09 13.93
CA THR K 602 27.23 41.45 15.15
C THR K 602 26.66 42.10 16.39
N CYS K 603 25.39 42.52 16.31
CA CYS K 603 24.73 43.22 17.40
C CYS K 603 24.51 42.33 18.61
N GLN K 604 24.92 42.85 19.78
CA GLN K 604 24.83 42.17 21.08
C GLN K 604 25.56 40.82 21.08
N SER K 605 26.79 40.84 20.57
CA SER K 605 27.60 39.63 20.54
C SER K 605 28.57 39.55 21.72
N SER K 606 28.72 40.63 22.48
CA SER K 606 29.56 40.62 23.66
C SER K 606 28.94 39.77 24.76
N ALA K 607 29.82 39.30 25.66
CA ALA K 607 29.38 38.55 26.83
C ALA K 607 28.59 39.43 27.80
N TRP K 608 28.90 40.75 27.82
CA TRP K 608 28.13 41.75 28.54
C TRP K 608 26.68 41.74 28.09
N ASP K 609 26.47 41.62 26.79
CA ASP K 609 25.13 41.63 26.26
C ASP K 609 24.37 40.37 26.58
N HIS K 610 25.08 39.27 26.82
CA HIS K 610 24.43 38.08 27.34
C HIS K 610 24.03 38.28 28.80
N VAL K 611 24.82 39.04 29.58
CA VAL K 611 24.37 39.43 30.91
C VAL K 611 23.14 40.32 30.84
N PHE K 612 23.13 41.23 29.85
CA PHE K 612 22.01 42.14 29.57
C PHE K 612 20.72 41.38 29.23
N LEU K 613 20.80 40.36 28.38
CA LEU K 613 19.64 39.53 28.06
C LEU K 613 19.24 38.59 29.21
N GLY K 614 20.22 38.06 29.96
CA GLY K 614 19.94 37.21 31.09
C GLY K 614 19.30 37.92 32.26
N LEU K 615 19.49 39.25 32.39
CA LEU K 615 18.72 40.03 33.37
C LEU K 615 17.22 40.01 33.11
N PHE K 616 16.79 40.20 31.86
CA PHE K 616 15.37 40.12 31.52
C PHE K 616 14.84 38.70 31.71
N TRP K 617 15.66 37.72 31.36
CA TRP K 617 15.21 36.34 31.53
C TRP K 617 15.19 35.89 32.98
N MET K 618 16.05 36.46 33.82
CA MET K 618 15.92 36.30 35.26
C MET K 618 14.67 36.97 35.80
N TYR K 619 14.34 38.16 35.26
CA TYR K 619 13.10 38.84 35.62
C TYR K 619 11.89 37.96 35.35
N ASN K 620 11.86 37.37 34.14
CA ASN K 620 10.86 36.38 33.75
C ASN K 620 10.78 35.23 34.74
N CYS K 621 11.95 34.65 35.08
CA CYS K 621 12.05 33.52 36.00
C CYS K 621 11.50 33.84 37.38
N ILE K 622 12.03 34.89 38.00
CA ILE K 622 11.70 35.19 39.37
C ILE K 622 10.29 35.76 39.48
N SER K 623 9.79 36.49 38.45
CA SER K 623 8.41 36.96 38.43
C SER K 623 7.41 35.82 38.38
N ILE K 624 7.67 34.78 37.57
CA ILE K 624 6.76 33.64 37.58
C ILE K 624 6.88 32.82 38.87
N VAL K 625 8.06 32.79 39.50
CA VAL K 625 8.21 32.13 40.82
C VAL K 625 7.39 32.82 41.89
N ILE K 626 7.46 34.15 41.96
CA ILE K 626 6.74 34.85 43.02
C ILE K 626 5.25 34.96 42.70
N PHE K 627 4.87 34.87 41.42
CA PHE K 627 3.46 34.83 41.06
C PHE K 627 2.83 33.49 41.43
N HIS K 628 3.59 32.39 41.19
CA HIS K 628 3.18 31.06 41.64
C HIS K 628 3.08 31.01 43.14
N PHE K 629 4.03 31.63 43.85
CA PHE K 629 4.01 31.66 45.31
C PHE K 629 2.81 32.44 45.84
N SER K 630 2.51 33.60 45.23
CA SER K 630 1.38 34.43 45.67
C SER K 630 0.05 33.72 45.48
N TRP K 631 -0.18 33.15 44.29
CA TRP K 631 -1.46 32.48 44.04
C TRP K 631 -1.55 31.16 44.80
N LYS K 632 -0.43 30.41 44.88
CA LYS K 632 -0.38 29.11 45.54
C LYS K 632 -0.65 29.21 47.03
N MET K 633 0.01 30.15 47.70
CA MET K 633 -0.21 30.29 49.13
C MET K 633 -1.54 30.96 49.42
N GLN K 634 -2.09 31.77 48.50
CA GLN K 634 -3.40 32.34 48.75
C GLN K 634 -4.50 31.31 48.54
N SER K 635 -4.29 30.36 47.63
CA SER K 635 -5.35 29.45 47.22
C SER K 635 -5.35 28.12 47.97
N ASP K 636 -4.24 27.73 48.58
CA ASP K 636 -4.16 26.44 49.23
C ASP K 636 -3.65 26.44 50.66
N VAL K 637 -3.13 27.55 51.17
CA VAL K 637 -2.58 27.57 52.52
C VAL K 637 -3.31 28.59 53.39
N TYR K 638 -3.26 29.85 52.97
CA TYR K 638 -3.60 31.00 53.79
C TYR K 638 -5.11 31.07 53.96
N GLY K 639 -5.56 31.61 55.08
CA GLY K 639 -6.99 31.75 55.25
C GLY K 639 -7.52 31.75 56.66
N THR K 640 -8.67 31.10 56.84
CA THR K 640 -9.52 31.27 58.01
C THR K 640 -10.10 29.91 58.42
N LEU K 641 -10.09 29.64 59.71
CA LEU K 641 -10.98 28.63 60.26
C LEU K 641 -12.31 29.29 60.56
N ASN K 642 -13.38 28.76 59.96
CA ASN K 642 -14.71 29.32 60.15
C ASN K 642 -15.22 29.03 61.56
N ALA K 643 -16.14 29.89 62.02
CA ALA K 643 -16.67 29.75 63.38
C ALA K 643 -17.57 28.54 63.51
N THR K 644 -18.21 28.12 62.42
CA THR K 644 -19.01 26.90 62.40
C THR K 644 -18.12 25.75 61.92
N THR K 645 -17.86 24.80 62.83
CA THR K 645 -17.25 23.49 62.60
C THR K 645 -15.81 23.55 62.08
N LYS K 646 -15.13 24.69 62.24
CA LYS K 646 -13.69 24.90 61.98
C LYS K 646 -13.29 24.58 60.54
N ALA K 647 -14.12 24.99 59.59
CA ALA K 647 -13.86 24.70 58.18
C ALA K 647 -12.78 25.62 57.63
N VAL K 648 -11.94 25.06 56.77
CA VAL K 648 -10.86 25.81 56.14
C VAL K 648 -11.43 26.61 54.98
N GLU K 649 -11.34 27.94 55.06
CA GLU K 649 -11.76 28.83 53.98
C GLU K 649 -10.54 29.64 53.57
N HIS K 650 -10.16 29.54 52.31
CA HIS K 650 -8.92 30.15 51.84
C HIS K 650 -9.16 31.63 51.52
N ILE K 651 -8.07 32.34 51.20
CA ILE K 651 -8.12 33.76 50.87
C ILE K 651 -8.89 34.00 49.58
N VAL K 652 -8.60 33.22 48.55
CA VAL K 652 -9.45 33.19 47.37
C VAL K 652 -10.31 31.93 47.47
N PRO K 653 -11.57 31.98 47.05
CA PRO K 653 -12.48 30.85 47.29
C PRO K 653 -12.24 29.68 46.34
N SER K 654 -12.89 28.56 46.68
CA SER K 654 -12.90 27.41 45.81
C SER K 654 -13.76 27.69 44.58
N THR K 655 -13.33 27.12 43.46
CA THR K 655 -13.99 27.30 42.18
C THR K 655 -14.69 26.01 41.81
N ASP K 656 -15.98 26.09 41.49
CA ASP K 656 -16.71 24.93 41.00
C ASP K 656 -16.47 24.84 39.50
N VAL K 657 -15.55 23.96 39.10
CA VAL K 657 -15.25 23.76 37.69
C VAL K 657 -16.42 23.07 37.03
N LEU K 658 -16.95 23.70 35.99
CA LEU K 658 -18.03 23.12 35.20
C LEU K 658 -17.46 22.06 34.26
N LEU K 659 -17.94 20.84 34.39
CA LEU K 659 -17.47 19.74 33.58
C LEU K 659 -18.23 19.70 32.24
N GLY K 660 -17.79 18.78 31.38
CA GLY K 660 -18.41 18.65 30.07
C GLY K 660 -19.77 17.98 30.08
N ASN K 661 -20.08 17.18 31.10
CA ASN K 661 -21.39 16.56 31.16
C ASN K 661 -22.46 17.50 31.69
N GLY K 662 -22.07 18.53 32.44
CA GLY K 662 -23.01 19.47 32.98
C GLY K 662 -22.85 19.71 34.47
N THR K 663 -22.31 18.73 35.18
CA THR K 663 -22.14 18.84 36.62
C THR K 663 -20.87 19.64 36.95
N THR K 664 -20.71 19.94 38.23
CA THR K 664 -19.58 20.72 38.73
C THR K 664 -18.68 19.84 39.58
N GLN K 665 -17.48 20.35 39.83
CA GLN K 665 -16.59 19.74 40.81
C GLN K 665 -15.76 20.82 41.49
N ALA K 666 -15.62 20.75 42.82
CA ALA K 666 -14.92 21.80 43.55
C ALA K 666 -13.41 21.63 43.46
N PHE K 667 -12.71 22.70 43.10
CA PHE K 667 -11.26 22.71 43.14
C PHE K 667 -10.84 23.99 43.85
N THR K 668 -9.58 24.07 44.24
CA THR K 668 -9.08 25.35 44.69
C THR K 668 -8.77 26.22 43.47
N GLN K 669 -8.62 27.53 43.71
CA GLN K 669 -8.52 28.50 42.64
C GLN K 669 -7.20 28.37 41.86
N PHE K 670 -6.12 27.97 42.54
CA PHE K 670 -4.88 27.62 41.83
C PHE K 670 -5.05 26.36 41.01
N ALA K 671 -5.80 25.38 41.51
CA ALA K 671 -5.99 24.14 40.78
C ALA K 671 -6.97 24.31 39.62
N ALA K 672 -7.85 25.30 39.69
CA ALA K 672 -8.86 25.52 38.68
C ALA K 672 -8.44 26.51 37.61
N SER K 673 -7.84 27.64 38.01
CA SER K 673 -7.71 28.78 37.13
C SER K 673 -6.28 29.05 36.68
N SER K 674 -5.27 28.48 37.34
CA SER K 674 -3.90 28.72 36.95
C SER K 674 -3.40 27.73 35.92
N VAL K 675 -4.29 26.99 35.28
CA VAL K 675 -3.87 26.11 34.21
C VAL K 675 -3.83 26.81 32.87
N ASN K 676 -4.37 28.02 32.77
CA ASN K 676 -4.34 28.77 31.52
C ASN K 676 -3.98 30.23 31.78
N ILE K 677 -3.72 30.95 30.69
CA ILE K 677 -3.26 32.33 30.80
C ILE K 677 -4.44 33.25 31.05
N ASN K 678 -5.64 32.84 30.64
CA ASN K 678 -6.84 33.64 30.86
C ASN K 678 -7.19 33.71 32.35
N GLY K 679 -7.05 32.61 33.08
CA GLY K 679 -7.25 32.64 34.51
C GLY K 679 -6.14 33.34 35.26
N TRP K 680 -4.91 33.27 34.75
CA TRP K 680 -3.79 34.06 35.27
C TRP K 680 -4.03 35.55 35.08
N LEU K 681 -4.65 35.93 33.97
CA LEU K 681 -4.97 37.33 33.72
C LEU K 681 -6.12 37.79 34.61
N ARG K 682 -7.17 36.98 34.73
CA ARG K 682 -8.42 37.41 35.34
C ARG K 682 -8.41 37.19 36.86
N ASP K 683 -8.23 35.95 37.30
CA ASP K 683 -8.34 35.61 38.72
C ASP K 683 -7.08 35.90 39.53
N PHE K 684 -5.93 36.04 38.88
CA PHE K 684 -4.73 36.47 39.60
C PHE K 684 -4.41 37.93 39.38
N LEU K 685 -4.46 38.39 38.15
CA LEU K 685 -3.86 39.67 37.85
C LEU K 685 -4.89 40.78 37.79
N TRP K 686 -6.08 40.53 37.23
CA TRP K 686 -7.20 41.47 37.30
C TRP K 686 -7.83 41.50 38.69
N ALA K 687 -8.05 40.32 39.29
CA ALA K 687 -8.84 40.24 40.51
C ALA K 687 -8.07 40.74 41.72
N GLN K 688 -6.77 40.47 41.81
CA GLN K 688 -6.05 40.82 43.00
C GLN K 688 -5.46 42.21 42.91
N ALA K 689 -5.68 42.91 41.79
CA ALA K 689 -5.25 44.29 41.59
C ALA K 689 -6.27 45.31 42.03
N ALA K 690 -7.46 44.86 42.45
CA ALA K 690 -8.50 45.64 43.13
C ALA K 690 -7.99 46.38 44.37
N PRO K 691 -7.13 45.82 45.24
CA PRO K 691 -6.55 46.66 46.30
C PRO K 691 -5.49 47.67 45.90
N VAL K 692 -4.67 47.46 44.86
CA VAL K 692 -3.64 48.46 44.56
C VAL K 692 -4.21 49.64 43.77
N ILE K 693 -5.33 49.46 43.08
CA ILE K 693 -5.91 50.54 42.28
C ILE K 693 -7.05 51.26 42.99
N ASN K 694 -7.61 50.70 44.07
CA ASN K 694 -8.62 51.37 44.89
C ASN K 694 -8.06 51.91 46.20
N SER K 695 -6.74 52.02 46.32
CA SER K 695 -6.13 52.34 47.59
C SER K 695 -6.01 53.83 47.85
N TYR K 696 -6.49 54.69 46.95
CA TYR K 696 -6.31 56.13 47.11
C TYR K 696 -7.18 56.69 48.24
N GLY K 697 -6.64 57.69 48.93
CA GLY K 697 -7.30 58.26 50.08
C GLY K 697 -7.09 57.50 51.37
N GLY K 698 -6.25 56.47 51.35
CA GLY K 698 -6.04 55.65 52.52
C GLY K 698 -4.57 55.38 52.79
N PRO K 699 -4.28 54.42 53.67
CA PRO K 699 -2.87 54.13 54.03
C PRO K 699 -2.07 53.46 52.93
N SER K 700 -2.70 52.84 51.92
CA SER K 700 -1.99 52.14 50.88
C SER K 700 -1.93 52.92 49.57
N ALA K 701 -2.23 54.23 49.61
CA ALA K 701 -2.29 55.05 48.40
C ALA K 701 -0.92 55.28 47.78
N ALA K 702 0.12 55.21 48.61
CA ALA K 702 1.48 55.26 48.09
C ALA K 702 1.79 54.03 47.26
N TYR K 703 1.26 52.86 47.63
CA TYR K 703 1.48 51.65 46.83
C TYR K 703 0.81 51.76 45.47
N GLY K 704 -0.34 52.44 45.39
CA GLY K 704 -0.88 52.79 44.09
C GLY K 704 -0.04 53.80 43.32
N LEU K 705 0.59 54.73 44.04
CA LEU K 705 1.47 55.71 43.40
C LEU K 705 2.74 55.05 42.86
N PHE K 706 3.36 54.16 43.65
CA PHE K 706 4.52 53.37 43.21
C PHE K 706 4.14 52.40 42.09
N PHE K 707 2.91 51.89 42.09
CA PHE K 707 2.39 51.02 41.03
C PHE K 707 2.34 51.75 39.68
N LEU K 708 1.74 52.95 39.68
CA LEU K 708 1.69 53.74 38.46
C LEU K 708 3.06 54.27 38.04
N GLY K 709 3.90 54.68 39.00
CA GLY K 709 5.25 55.13 38.69
C GLY K 709 6.14 54.04 38.16
N ALA K 710 5.92 52.83 38.61
CA ALA K 710 6.69 51.72 38.10
C ALA K 710 6.21 51.26 36.73
N HIS K 711 4.90 51.37 36.44
CA HIS K 711 4.42 51.20 35.06
C HIS K 711 5.05 52.21 34.11
N PHE K 712 5.20 53.45 34.59
CA PHE K 712 5.89 54.50 33.85
C PHE K 712 7.36 54.17 33.57
N VAL K 713 8.11 53.77 34.61
CA VAL K 713 9.55 53.50 34.43
C VAL K 713 9.76 52.28 33.53
N TRP K 714 8.87 51.28 33.64
CA TRP K 714 8.93 50.11 32.77
C TRP K 714 8.68 50.48 31.31
N ALA K 715 7.72 51.36 31.06
CA ALA K 715 7.51 51.75 29.68
C ALA K 715 8.58 52.73 29.18
N PHE K 716 9.16 53.49 30.09
CA PHE K 716 10.22 54.44 29.76
C PHE K 716 11.51 53.73 29.39
N SER K 717 11.72 52.52 29.91
CA SER K 717 12.85 51.66 29.52
C SER K 717 12.86 51.32 28.04
N LEU K 718 11.69 51.26 27.44
CA LEU K 718 11.49 50.67 26.14
C LEU K 718 11.93 51.63 25.04
N MET K 719 11.95 52.93 25.34
CA MET K 719 12.61 53.91 24.48
C MET K 719 14.10 53.61 24.35
N PHE K 720 14.75 53.24 25.44
CA PHE K 720 16.18 52.93 25.36
C PHE K 720 16.42 51.55 24.80
N LEU K 721 15.48 50.65 25.04
CA LEU K 721 15.61 49.26 24.62
C LEU K 721 15.35 49.07 23.13
N PHE K 722 14.39 49.80 22.58
CA PHE K 722 14.03 49.50 21.20
C PHE K 722 14.73 50.44 20.24
N SER K 723 15.37 51.49 20.73
CA SER K 723 16.00 52.46 19.87
C SER K 723 17.52 52.37 19.98
N GLY K 724 18.18 53.26 19.24
CA GLY K 724 19.62 53.34 19.27
C GLY K 724 20.12 54.73 18.96
N ARG K 725 21.42 54.93 19.21
CA ARG K 725 21.92 56.24 19.57
C ARG K 725 22.14 57.17 18.39
N GLY K 726 22.15 56.66 17.15
CA GLY K 726 22.44 57.53 16.01
C GLY K 726 21.30 58.48 15.72
N TYR K 727 20.06 58.02 15.97
CA TYR K 727 18.89 58.90 15.97
C TYR K 727 19.07 60.00 17.00
N TRP K 728 19.41 59.62 18.24
CA TRP K 728 19.45 60.56 19.34
C TRP K 728 20.58 61.54 19.15
N GLN K 729 21.66 61.13 18.51
CA GLN K 729 22.75 62.06 18.25
C GLN K 729 22.42 63.04 17.11
N GLU K 730 21.70 62.62 16.07
CA GLU K 730 21.26 63.60 15.07
C GLU K 730 20.17 64.56 15.62
N LEU K 731 19.32 64.05 16.50
CA LEU K 731 18.39 64.92 17.23
C LEU K 731 19.11 65.88 18.16
N ILE K 732 20.15 65.42 18.87
CA ILE K 732 20.98 66.28 19.71
C ILE K 732 21.75 67.29 18.87
N GLU K 733 22.09 66.96 17.62
CA GLU K 733 22.65 67.97 16.68
C GLU K 733 21.68 69.11 16.41
N SER K 734 20.39 68.77 16.26
CA SER K 734 19.36 69.83 16.16
C SER K 734 19.26 70.66 17.45
N ILE K 735 19.36 70.01 18.62
CA ILE K 735 19.31 70.74 19.89
C ILE K 735 20.57 71.58 20.12
N VAL K 736 21.73 71.07 19.68
CA VAL K 736 22.99 71.82 19.75
C VAL K 736 22.95 73.05 18.86
N TRP K 737 22.35 72.96 17.67
CA TRP K 737 22.16 74.15 16.82
C TRP K 737 21.27 75.18 17.50
N ALA K 738 20.17 74.73 18.13
CA ALA K 738 19.29 75.63 18.87
C ALA K 738 19.97 76.27 20.06
N HIS K 739 20.90 75.55 20.68
CA HIS K 739 21.70 76.10 21.77
C HIS K 739 22.75 77.09 21.29
N ASN K 740 23.42 76.80 20.17
CA ASN K 740 24.47 77.68 19.67
C ASN K 740 23.92 78.93 19.01
N LYS K 741 22.64 78.91 18.60
CA LYS K 741 22.03 80.10 18.02
C LYS K 741 21.75 81.17 19.09
N LEU K 742 21.68 80.78 20.37
CA LEU K 742 21.45 81.72 21.45
C LEU K 742 22.66 81.89 22.39
N LYS K 743 23.88 81.63 21.87
CA LYS K 743 25.16 81.69 22.60
C LYS K 743 25.19 80.81 23.85
N ILE K 744 24.57 79.64 23.78
CA ILE K 744 24.48 78.77 24.94
C ILE K 744 25.30 77.55 24.56
N VAL K 745 26.59 77.56 24.84
CA VAL K 745 27.51 76.58 24.31
C VAL K 745 28.13 75.82 25.45
N PRO K 746 27.77 74.55 25.59
CA PRO K 746 28.53 73.67 26.56
C PRO K 746 29.94 73.35 26.05
N THR K 747 30.98 73.47 26.91
CA THR K 747 32.29 72.97 26.49
C THR K 747 32.29 71.44 26.52
N ILE K 748 31.67 70.86 27.55
CA ILE K 748 31.40 69.43 27.57
C ILE K 748 30.35 69.12 26.52
N GLN K 749 30.74 68.37 25.49
CA GLN K 749 29.91 68.22 24.31
C GLN K 749 28.75 67.30 24.60
N PRO K 750 27.52 67.77 24.40
CA PRO K 750 26.35 66.89 24.59
C PRO K 750 26.27 65.82 23.51
N ARG K 751 26.30 64.58 23.96
CA ARG K 751 26.24 63.44 23.09
C ARG K 751 25.00 62.62 23.40
N ALA K 752 24.67 61.73 22.46
CA ALA K 752 23.83 60.61 22.81
C ALA K 752 24.59 59.66 23.73
N LEU K 753 23.85 58.77 24.38
CA LEU K 753 24.47 57.78 25.24
C LEU K 753 25.17 56.77 24.35
N SER K 754 26.11 56.02 24.91
CA SER K 754 26.74 54.99 24.09
C SER K 754 25.78 53.81 23.93
N ILE K 755 26.14 52.90 23.01
CA ILE K 755 25.26 51.79 22.65
C ILE K 755 25.04 50.88 23.84
N THR K 756 26.15 50.47 24.48
CA THR K 756 26.15 49.65 25.69
C THR K 756 25.47 50.38 26.85
N GLN K 757 25.64 51.70 26.91
CA GLN K 757 24.93 52.52 27.87
C GLN K 757 23.42 52.51 27.61
N GLY K 758 23.01 52.53 26.34
CA GLY K 758 21.59 52.52 26.02
C GLY K 758 20.90 51.22 26.40
N ARG K 759 21.58 50.09 26.14
CA ARG K 759 21.14 48.79 26.65
C ARG K 759 21.12 48.76 28.18
N ALA K 760 22.13 49.35 28.85
CA ALA K 760 22.20 49.30 30.31
C ALA K 760 21.12 50.13 30.99
N VAL K 761 20.86 51.33 30.46
CA VAL K 761 19.77 52.19 30.94
C VAL K 761 18.42 51.52 30.72
N GLY K 762 18.23 50.88 29.56
CA GLY K 762 16.99 50.19 29.28
C GLY K 762 16.75 48.97 30.17
N VAL K 763 17.78 48.16 30.41
CA VAL K 763 17.62 47.02 31.30
C VAL K 763 17.44 47.46 32.75
N ALA K 764 18.08 48.57 33.17
CA ALA K 764 17.92 49.07 34.53
C ALA K 764 16.51 49.57 34.78
N HIS K 765 15.95 50.30 33.82
CA HIS K 765 14.59 50.81 33.99
C HIS K 765 13.53 49.74 33.79
N TYR K 766 13.80 48.71 32.97
CA TYR K 766 12.86 47.60 32.81
C TYR K 766 12.77 46.77 34.08
N LEU K 767 13.93 46.46 34.68
CA LEU K 767 13.97 45.73 35.94
C LEU K 767 13.35 46.54 37.08
N LEU K 768 13.70 47.85 37.17
CA LEU K 768 13.15 48.68 38.24
C LEU K 768 11.65 48.85 38.11
N GLY K 769 11.15 49.10 36.89
CA GLY K 769 9.73 49.27 36.69
C GLY K 769 8.91 48.01 36.94
N GLY K 770 9.36 46.87 36.44
CA GLY K 770 8.63 45.63 36.67
C GLY K 770 8.64 45.14 38.11
N ILE K 771 9.80 45.17 38.78
CA ILE K 771 9.85 44.70 40.16
C ILE K 771 9.19 45.69 41.13
N VAL K 772 9.22 47.02 40.86
CA VAL K 772 8.52 47.93 41.77
C VAL K 772 6.99 47.86 41.54
N THR K 773 6.55 47.53 40.30
CA THR K 773 5.14 47.25 40.04
C THR K 773 4.66 46.04 40.83
N THR K 774 5.46 44.99 40.83
CA THR K 774 5.11 43.75 41.50
C THR K 774 5.17 43.93 43.02
N TRP K 775 6.11 44.75 43.50
CA TRP K 775 6.24 45.10 44.93
C TRP K 775 5.02 45.85 45.44
N ALA K 776 4.60 46.86 44.67
CA ALA K 776 3.43 47.67 45.00
C ALA K 776 2.16 46.83 45.01
N PHE K 777 2.02 45.99 43.99
CA PHE K 777 0.97 44.98 43.93
C PHE K 777 0.92 43.99 45.07
N PHE K 778 2.05 43.37 45.41
CA PHE K 778 2.09 42.40 46.49
C PHE K 778 1.76 43.02 47.83
N ILE K 779 2.31 44.20 48.13
CA ILE K 779 2.10 44.78 49.45
C ILE K 779 0.68 45.33 49.56
N ALA K 780 0.15 45.99 48.51
CA ALA K 780 -1.21 46.50 48.60
C ALA K 780 -2.27 45.40 48.55
N ARG K 781 -1.97 44.24 47.93
CA ARG K 781 -2.92 43.13 48.02
C ARG K 781 -2.88 42.49 49.40
N PHE K 782 -1.67 42.26 49.94
CA PHE K 782 -1.58 41.49 51.18
C PHE K 782 -1.80 42.32 52.44
N LEU K 783 -1.81 43.65 52.37
CA LEU K 783 -2.29 44.42 53.52
C LEU K 783 -3.80 44.39 53.64
N ALA K 784 -4.52 44.21 52.52
CA ALA K 784 -5.98 44.22 52.58
C ALA K 784 -6.53 42.92 53.14
N ILE K 785 -6.29 41.81 52.46
CA ILE K 785 -6.70 40.50 52.95
C ILE K 785 -5.52 39.53 52.90
N MET L 1 -36.11 34.92 3.15
CA MET L 1 -35.66 33.79 2.35
C MET L 1 -34.19 33.97 1.99
N LEU L 2 -33.41 32.91 2.16
CA LEU L 2 -31.97 32.96 1.95
C LEU L 2 -31.69 32.57 0.49
N ILE L 3 -30.42 32.36 0.17
CA ILE L 3 -29.98 32.08 -1.21
C ILE L 3 -29.70 30.58 -1.34
N ASN L 4 -30.30 29.95 -2.35
CA ASN L 4 -30.13 28.52 -2.58
C ASN L 4 -28.80 28.22 -3.29
N ASN L 5 -28.59 26.94 -3.60
CA ASN L 5 -27.31 26.47 -4.12
C ASN L 5 -27.08 26.84 -5.58
N PHE L 6 -28.16 27.03 -6.36
CA PHE L 6 -28.03 27.34 -7.79
C PHE L 6 -27.46 28.74 -8.00
N GLU L 7 -27.88 29.69 -7.18
CA GLU L 7 -27.34 31.03 -7.28
C GLU L 7 -25.93 31.13 -6.72
N VAL L 8 -25.58 30.27 -5.75
CA VAL L 8 -24.19 30.17 -5.31
C VAL L 8 -23.31 29.58 -6.42
N ALA L 9 -23.87 28.64 -7.20
CA ALA L 9 -23.17 28.11 -8.38
C ALA L 9 -23.00 29.17 -9.46
N GLY L 10 -24.00 30.02 -9.66
CA GLY L 10 -23.86 31.16 -10.57
C GLY L 10 -22.81 32.17 -10.11
N ALA L 11 -22.75 32.43 -8.80
CA ALA L 11 -21.68 33.25 -8.23
C ALA L 11 -20.31 32.60 -8.39
N PHE L 12 -20.25 31.28 -8.34
CA PHE L 12 -18.98 30.59 -8.58
C PHE L 12 -18.56 30.60 -10.04
N VAL L 13 -19.53 30.60 -10.97
CA VAL L 13 -19.23 30.81 -12.39
C VAL L 13 -18.65 32.21 -12.60
N ALA L 14 -19.26 33.22 -11.98
CA ALA L 14 -18.75 34.60 -12.02
C ALA L 14 -17.37 34.74 -11.39
N ALA L 15 -17.16 34.06 -10.26
CA ALA L 15 -15.84 34.03 -9.63
C ALA L 15 -14.82 33.25 -10.43
N LEU L 16 -15.23 32.25 -11.21
CA LEU L 16 -14.32 31.57 -12.11
C LEU L 16 -13.85 32.48 -13.25
N ILE L 17 -14.75 33.31 -13.79
CA ILE L 17 -14.36 34.35 -14.76
C ILE L 17 -13.36 35.33 -14.13
N ALA L 18 -13.67 35.77 -12.89
CA ALA L 18 -12.76 36.66 -12.16
C ALA L 18 -11.43 36.00 -11.83
N GLY L 19 -11.44 34.72 -11.44
CA GLY L 19 -10.22 33.98 -11.16
C GLY L 19 -9.36 33.73 -12.36
N PHE L 20 -9.97 33.49 -13.53
CA PHE L 20 -9.23 33.39 -14.79
C PHE L 20 -8.57 34.72 -15.13
N PHE L 21 -9.28 35.84 -14.98
CA PHE L 21 -8.67 37.13 -15.31
C PHE L 21 -7.58 37.53 -14.31
N ALA L 22 -7.74 37.17 -13.03
CA ALA L 22 -6.69 37.34 -12.04
C ALA L 22 -5.47 36.46 -12.33
N LEU L 23 -5.71 35.22 -12.76
CA LEU L 23 -4.62 34.32 -13.12
C LEU L 23 -3.90 34.79 -14.36
N MET L 24 -4.58 35.47 -15.29
CA MET L 24 -3.85 36.00 -16.43
C MET L 24 -3.03 37.23 -16.04
N LEU L 25 -3.63 38.15 -15.27
CA LEU L 25 -2.95 39.36 -14.79
C LEU L 25 -1.74 39.09 -13.92
N SER L 26 -1.83 38.11 -13.02
CA SER L 26 -0.69 37.80 -12.14
C SER L 26 0.50 37.23 -12.91
N THR L 27 0.26 36.38 -13.90
CA THR L 27 1.36 35.84 -14.69
C THR L 27 1.97 36.87 -15.64
N THR L 28 1.14 37.75 -16.24
CA THR L 28 1.75 38.76 -17.10
C THR L 28 2.33 39.91 -16.30
N LEU L 29 1.96 40.06 -15.02
CA LEU L 29 2.71 40.91 -14.12
C LEU L 29 4.02 40.27 -13.71
N GLY L 30 4.06 38.93 -13.69
CA GLY L 30 5.29 38.21 -13.39
C GLY L 30 6.33 38.24 -14.50
N LYS L 31 5.93 38.57 -15.72
CA LYS L 31 6.90 38.78 -16.78
C LYS L 31 7.58 40.13 -16.58
N THR M 3 18.30 29.03 -6.39
CA THR M 3 18.64 30.34 -5.87
C THR M 3 18.22 31.40 -6.90
N ARG M 4 17.36 30.97 -7.84
CA ARG M 4 16.95 31.83 -8.93
C ARG M 4 16.00 32.94 -8.47
N PHE M 5 15.10 32.63 -7.54
CA PHE M 5 14.40 33.68 -6.82
C PHE M 5 15.39 34.44 -5.95
N PRO M 6 15.31 35.77 -5.90
CA PRO M 6 14.46 36.63 -6.72
C PRO M 6 15.14 37.00 -8.04
N LYS M 7 14.38 36.91 -9.14
CA LYS M 7 14.89 37.24 -10.46
C LYS M 7 15.13 38.73 -10.62
N PHE M 8 14.43 39.56 -9.87
CA PHE M 8 14.51 41.00 -10.02
C PHE M 8 15.72 41.61 -9.35
N SER M 9 16.48 40.84 -8.58
CA SER M 9 17.71 41.33 -7.97
C SER M 9 18.74 40.21 -8.04
N GLN M 10 19.74 40.37 -8.92
CA GLN M 10 20.82 39.41 -9.03
C GLN M 10 21.70 39.40 -7.78
N ASP M 11 21.85 40.56 -7.13
CA ASP M 11 22.63 40.67 -5.91
C ASP M 11 22.01 39.89 -4.77
N LEU M 12 20.68 39.86 -4.71
CA LEU M 12 19.95 39.07 -3.75
C LEU M 12 19.89 37.60 -4.13
N ALA M 13 19.86 37.29 -5.43
CA ALA M 13 19.68 35.92 -5.88
C ALA M 13 20.91 35.06 -5.61
N GLN M 14 22.11 35.64 -5.63
CA GLN M 14 23.32 34.87 -5.35
C GLN M 14 23.70 34.84 -3.88
N ASP M 15 22.82 35.29 -3.00
CA ASP M 15 22.98 35.06 -1.58
C ASP M 15 22.78 33.57 -1.31
N PRO M 16 23.74 32.90 -0.68
CA PRO M 16 23.57 31.49 -0.33
C PRO M 16 22.85 31.20 0.98
N THR M 17 22.37 32.22 1.70
CA THR M 17 21.77 32.05 3.01
C THR M 17 20.26 32.22 2.95
N THR M 18 19.63 32.20 4.13
CA THR M 18 18.19 32.39 4.24
C THR M 18 17.77 33.85 4.08
N ARG M 19 18.74 34.78 4.07
CA ARG M 19 18.48 36.21 3.85
C ARG M 19 17.92 36.49 2.44
N ARG M 20 18.23 35.61 1.48
CA ARG M 20 17.78 35.76 0.09
C ARG M 20 16.26 35.73 -0.04
N ILE M 21 15.61 34.80 0.67
CA ILE M 21 14.15 34.66 0.60
C ILE M 21 13.46 35.82 1.29
N TRP M 22 13.95 36.20 2.49
CA TRP M 22 13.38 37.30 3.26
C TRP M 22 13.48 38.63 2.52
N TYR M 23 14.61 38.86 1.87
CA TYR M 23 14.80 40.10 1.14
C TYR M 23 14.16 40.09 -0.24
N GLY M 24 13.96 38.91 -0.85
CA GLY M 24 13.14 38.83 -2.04
C GLY M 24 11.67 39.12 -1.77
N ILE M 25 11.15 38.64 -0.63
CA ILE M 25 9.82 39.03 -0.18
C ILE M 25 9.74 40.53 0.12
N ALA M 26 10.75 41.05 0.82
CA ALA M 26 10.65 42.42 1.31
C ALA M 26 11.00 43.49 0.28
N THR M 27 11.64 43.13 -0.83
CA THR M 27 11.95 44.11 -1.87
C THR M 27 11.17 43.83 -3.13
N ALA M 28 10.11 43.03 -3.01
CA ALA M 28 9.30 42.62 -4.15
C ALA M 28 8.52 43.76 -4.78
N HIS M 29 8.15 44.78 -4.01
CA HIS M 29 7.35 45.87 -4.52
C HIS M 29 8.12 47.17 -4.65
N ASP M 30 9.43 47.14 -4.45
CA ASP M 30 10.30 48.29 -4.67
C ASP M 30 10.79 48.24 -6.12
N PHE M 31 9.85 48.45 -7.05
CA PHE M 31 10.05 48.20 -8.49
C PHE M 31 11.15 49.06 -9.10
N GLU M 32 11.43 50.25 -8.53
CA GLU M 32 12.50 51.12 -8.98
C GLU M 32 13.89 50.53 -8.76
N SER M 33 14.07 49.71 -7.73
CA SER M 33 15.37 49.17 -7.35
C SER M 33 15.63 47.79 -7.93
N HIS M 34 14.79 47.34 -8.85
CA HIS M 34 14.85 46.03 -9.47
C HIS M 34 15.79 46.06 -10.68
N ASP M 35 16.21 44.88 -11.12
CA ASP M 35 17.22 44.77 -12.19
C ASP M 35 16.61 45.08 -13.55
N GLY M 36 17.28 45.94 -14.30
CA GLY M 36 16.88 46.24 -15.66
C GLY M 36 15.62 47.06 -15.76
N MET M 37 15.30 47.82 -14.72
CA MET M 37 14.05 48.56 -14.68
C MET M 37 14.24 49.91 -15.34
N THR M 38 13.44 50.16 -16.38
CA THR M 38 13.35 51.48 -16.98
C THR M 38 12.10 52.17 -16.45
N GLU M 39 11.95 53.44 -16.82
CA GLU M 39 10.90 54.25 -16.23
C GLU M 39 9.54 53.93 -16.85
N GLU M 40 9.53 53.56 -18.15
CA GLU M 40 8.29 53.19 -18.85
C GLU M 40 7.69 51.93 -18.23
N THR M 41 8.58 50.94 -18.03
CA THR M 41 8.24 49.64 -17.46
C THR M 41 7.79 49.75 -16.01
N LEU M 42 8.40 50.69 -15.28
CA LEU M 42 8.00 51.06 -13.92
C LEU M 42 6.55 51.49 -13.84
N TYR M 43 6.19 52.54 -14.59
CA TYR M 43 4.83 53.10 -14.51
C TYR M 43 3.76 52.14 -15.06
N GLN M 44 4.11 51.29 -16.02
CA GLN M 44 3.08 50.42 -16.59
C GLN M 44 2.83 49.20 -15.66
N LYS M 45 3.88 48.76 -14.94
CA LYS M 45 3.70 47.69 -13.96
C LYS M 45 2.93 48.18 -12.72
N ILE M 46 3.17 49.44 -12.32
CA ILE M 46 2.39 50.07 -11.25
C ILE M 46 0.92 50.24 -11.63
N PHE M 47 0.65 50.60 -12.90
CA PHE M 47 -0.71 50.74 -13.43
C PHE M 47 -1.49 49.41 -13.39
N ALA M 48 -0.85 48.33 -13.80
CA ALA M 48 -1.52 47.03 -13.76
C ALA M 48 -1.65 46.47 -12.34
N SER M 49 -0.69 46.78 -11.46
CA SER M 49 -0.80 46.45 -10.04
C SER M 49 -2.00 47.16 -9.41
N HIS M 50 -2.28 48.38 -9.87
CA HIS M 50 -3.43 49.13 -9.37
C HIS M 50 -4.73 48.49 -9.79
N PHE M 51 -4.78 48.03 -11.06
CA PHE M 51 -5.99 47.35 -11.56
C PHE M 51 -6.29 46.09 -10.77
N GLY M 52 -5.23 45.30 -10.51
CA GLY M 52 -5.37 44.12 -9.67
C GLY M 52 -5.82 44.43 -8.26
N HIS M 53 -5.33 45.54 -7.70
CA HIS M 53 -5.69 45.89 -6.32
C HIS M 53 -7.14 46.38 -6.22
N ILE M 54 -7.58 47.19 -7.20
CA ILE M 54 -8.97 47.67 -7.26
C ILE M 54 -9.94 46.50 -7.37
N ALA M 55 -9.56 45.48 -8.12
CA ALA M 55 -10.40 44.30 -8.19
C ALA M 55 -10.36 43.44 -6.93
N ILE M 56 -9.24 43.41 -6.19
CA ILE M 56 -9.20 42.80 -4.85
C ILE M 56 -10.20 43.49 -3.92
N ILE M 57 -10.25 44.83 -3.97
CA ILE M 57 -11.21 45.63 -3.20
C ILE M 57 -12.65 45.27 -3.58
N PHE M 58 -12.91 45.09 -4.87
CA PHE M 58 -14.26 44.71 -5.31
C PHE M 58 -14.66 43.27 -4.95
N LEU M 59 -13.72 42.30 -5.02
CA LEU M 59 -14.06 40.94 -4.59
C LEU M 59 -14.27 40.85 -3.09
N TRP M 60 -13.47 41.60 -2.33
CA TRP M 60 -13.68 41.78 -0.91
C TRP M 60 -15.02 42.43 -0.60
N ALA M 61 -15.46 43.38 -1.42
CA ALA M 61 -16.77 44.01 -1.25
C ALA M 61 -17.91 43.05 -1.60
N SER M 62 -17.71 42.21 -2.62
CA SER M 62 -18.69 41.20 -3.02
C SER M 62 -18.86 40.09 -1.99
N SER M 63 -17.81 39.83 -1.19
CA SER M 63 -17.89 38.85 -0.11
C SER M 63 -18.99 39.19 0.88
N PHE M 64 -19.21 40.49 1.14
CA PHE M 64 -20.10 40.88 2.22
C PHE M 64 -21.53 40.63 1.82
N ASN M 65 -21.82 41.01 0.58
CA ASN M 65 -23.10 40.79 -0.05
C ASN M 65 -23.43 39.32 -0.15
N PHE M 66 -22.44 38.49 -0.56
CA PHE M 66 -22.68 37.05 -0.66
C PHE M 66 -22.92 36.41 0.69
N HIS M 67 -22.11 36.74 1.71
CA HIS M 67 -22.23 36.06 2.99
C HIS M 67 -23.49 36.51 3.75
N VAL M 68 -23.87 37.78 3.63
CA VAL M 68 -25.11 38.19 4.30
C VAL M 68 -26.33 37.65 3.54
N ALA M 69 -26.28 37.56 2.20
CA ALA M 69 -27.38 36.97 1.44
C ALA M 69 -27.49 35.47 1.66
N TRP M 70 -26.37 34.77 1.86
CA TRP M 70 -26.36 33.32 1.99
C TRP M 70 -26.64 32.85 3.41
N GLN M 71 -26.07 33.52 4.42
CA GLN M 71 -26.13 32.98 5.76
C GLN M 71 -26.30 34.06 6.83
N GLY M 72 -26.75 35.27 6.46
CA GLY M 72 -27.06 36.31 7.41
C GLY M 72 -28.55 36.30 7.74
N ASN M 73 -29.01 37.39 8.35
CA ASN M 73 -30.40 37.49 8.80
C ASN M 73 -31.00 38.85 8.44
N PHE M 74 -30.67 39.37 7.25
CA PHE M 74 -30.92 40.76 6.90
C PHE M 74 -32.41 41.07 6.79
N GLU M 75 -33.17 40.23 6.06
CA GLU M 75 -34.63 40.36 5.99
C GLU M 75 -35.32 40.09 7.32
N GLN M 76 -34.72 39.26 8.19
CA GLN M 76 -35.21 39.12 9.54
C GLN M 76 -34.87 40.34 10.39
N TRP M 77 -33.78 41.04 10.06
CA TRP M 77 -33.38 42.23 10.80
C TRP M 77 -34.21 43.47 10.41
N LEU M 78 -34.71 43.55 9.16
CA LEU M 78 -35.65 44.63 8.80
C LEU M 78 -36.97 44.60 9.56
N THR M 79 -37.41 43.43 10.03
CA THR M 79 -38.66 43.39 10.77
C THR M 79 -38.52 43.96 12.17
N ASP M 80 -37.33 43.93 12.74
CA ASP M 80 -37.09 44.50 14.06
C ASP M 80 -35.62 44.95 14.12
N PRO M 81 -35.33 46.19 13.72
CA PRO M 81 -33.93 46.66 13.73
C PRO M 81 -33.32 46.94 15.10
N THR M 82 -34.13 47.02 16.15
CA THR M 82 -33.66 47.41 17.47
C THR M 82 -33.38 46.23 18.38
N LYS M 83 -33.83 45.01 18.02
CA LYS M 83 -33.56 43.94 18.96
C LYS M 83 -32.54 42.98 18.36
N VAL M 84 -32.83 42.40 17.19
CA VAL M 84 -32.03 41.32 16.63
C VAL M 84 -30.78 41.91 16.00
N LYS M 85 -29.65 41.30 16.30
CA LYS M 85 -28.32 41.78 16.01
C LYS M 85 -27.92 41.43 14.58
N PRO M 86 -27.14 42.29 13.93
CA PRO M 86 -26.61 41.96 12.60
C PRO M 86 -25.66 40.77 12.64
N ILE M 87 -25.72 39.96 11.59
CA ILE M 87 -24.92 38.76 11.46
C ILE M 87 -23.99 38.90 10.26
N ALA M 88 -22.70 38.72 10.50
CA ALA M 88 -21.67 38.81 9.48
C ALA M 88 -21.70 37.61 8.54
N HIS M 89 -21.42 36.44 9.09
CA HIS M 89 -21.38 35.19 8.35
C HIS M 89 -21.46 34.06 9.37
N ALA M 90 -21.55 32.84 8.87
CA ALA M 90 -21.63 31.71 9.77
C ALA M 90 -20.27 31.04 9.95
N ILE M 91 -20.18 30.18 10.95
CA ILE M 91 -18.92 29.60 11.40
C ILE M 91 -18.92 28.15 10.98
N PHE M 92 -17.85 27.70 10.31
CA PHE M 92 -17.52 26.29 10.27
C PHE M 92 -16.08 26.19 10.73
N ASP M 93 -15.92 25.90 12.02
CA ASP M 93 -14.64 25.54 12.60
C ASP M 93 -14.80 24.19 13.28
N PRO M 94 -14.05 23.17 12.87
CA PRO M 94 -14.19 21.84 13.49
C PRO M 94 -13.61 21.72 14.90
N HIS M 95 -12.98 22.77 15.42
CA HIS M 95 -12.37 22.74 16.73
C HIS M 95 -13.37 23.03 17.86
N PHE M 96 -14.57 23.52 17.56
CA PHE M 96 -15.52 23.94 18.59
C PHE M 96 -16.07 22.74 19.35
N GLY M 97 -16.15 22.85 20.67
CA GLY M 97 -16.94 21.93 21.47
C GLY M 97 -18.38 22.38 21.57
N PRO M 98 -19.15 21.70 22.43
CA PRO M 98 -20.61 21.98 22.50
C PRO M 98 -20.96 23.33 23.11
N GLY M 99 -20.15 23.79 24.07
CA GLY M 99 -20.40 25.07 24.70
C GLY M 99 -20.24 26.23 23.74
N ALA M 100 -19.19 26.21 22.91
CA ALA M 100 -18.98 27.28 21.94
C ALA M 100 -19.95 27.19 20.77
N VAL M 101 -20.37 25.97 20.40
CA VAL M 101 -21.38 25.79 19.35
C VAL M 101 -22.72 26.40 19.79
N LYS M 102 -23.12 26.16 21.05
CA LYS M 102 -24.32 26.84 21.52
C LYS M 102 -24.09 28.31 21.89
N ALA M 103 -22.84 28.72 22.15
CA ALA M 103 -22.56 30.10 22.49
C ALA M 103 -22.62 31.04 21.29
N PHE M 104 -22.10 30.63 20.14
CA PHE M 104 -22.14 31.51 18.97
C PHE M 104 -23.40 31.33 18.14
N THR M 105 -24.32 30.46 18.56
CA THR M 105 -25.68 30.33 18.02
C THR M 105 -26.61 31.31 18.70
N PRO M 106 -27.35 32.13 17.94
CA PRO M 106 -28.36 33.01 18.54
C PRO M 106 -29.62 32.24 18.90
N GLU M 107 -30.55 32.95 19.54
CA GLU M 107 -31.87 32.40 19.79
C GLU M 107 -32.67 32.35 18.49
N GLY M 108 -33.23 31.18 18.20
CA GLY M 108 -33.92 30.99 16.94
C GLY M 108 -33.00 30.75 15.76
N GLY M 109 -31.73 30.47 16.00
CA GLY M 109 -30.79 30.19 14.93
C GLY M 109 -30.48 28.70 14.85
N SER M 110 -30.01 28.25 13.69
CA SER M 110 -29.71 26.84 13.50
C SER M 110 -28.21 26.55 13.40
N GLY M 111 -27.37 27.33 14.11
CA GLY M 111 -25.95 27.08 14.17
C GLY M 111 -25.15 28.32 14.54
N PRO M 112 -23.83 28.15 14.70
CA PRO M 112 -23.01 29.28 15.16
C PRO M 112 -22.61 30.25 14.05
N VAL M 113 -22.71 31.55 14.37
CA VAL M 113 -22.47 32.65 13.45
C VAL M 113 -21.61 33.70 14.11
N ASN M 114 -21.12 34.62 13.30
CA ASN M 114 -20.45 35.82 13.76
C ASN M 114 -21.44 36.97 13.78
N ILE M 115 -21.49 37.67 14.91
CA ILE M 115 -22.34 38.85 15.05
C ILE M 115 -21.59 40.03 14.46
N MET M 116 -22.18 40.67 13.44
CA MET M 116 -21.51 41.71 12.69
C MET M 116 -21.37 43.02 13.46
N TYR M 117 -20.12 43.53 13.51
CA TYR M 117 -19.85 44.79 14.18
C TYR M 117 -19.28 45.84 13.24
N SER M 118 -19.65 45.82 11.97
CA SER M 118 -19.09 46.75 11.01
C SER M 118 -20.10 47.73 10.42
N GLY M 119 -21.39 47.57 10.72
CA GLY M 119 -22.39 48.54 10.30
C GLY M 119 -22.87 48.43 8.89
N LEU M 120 -22.68 47.27 8.27
CA LEU M 120 -23.10 47.08 6.90
C LEU M 120 -24.59 46.96 6.73
N TYR M 121 -25.30 46.42 7.73
CA TYR M 121 -26.77 46.36 7.64
C TYR M 121 -27.38 47.75 7.67
N TYR M 122 -26.76 48.64 8.44
CA TYR M 122 -27.22 50.02 8.58
C TYR M 122 -26.92 50.80 7.31
N PHE M 123 -25.73 50.54 6.73
CA PHE M 123 -25.34 50.99 5.40
C PHE M 123 -26.36 50.55 4.36
N TRP M 124 -26.65 49.25 4.30
CA TRP M 124 -27.52 48.69 3.27
C TRP M 124 -28.98 49.07 3.47
N TYR M 125 -29.38 49.38 4.70
CA TYR M 125 -30.71 49.92 4.95
C TYR M 125 -30.82 51.35 4.45
N THR M 126 -29.81 52.17 4.72
CA THR M 126 -29.91 53.58 4.36
C THR M 126 -29.75 53.78 2.86
N ILE M 127 -29.03 52.87 2.19
CA ILE M 127 -28.90 53.01 0.74
C ILE M 127 -29.97 52.19 0.04
N GLY M 128 -30.88 51.60 0.82
CA GLY M 128 -32.12 51.09 0.27
C GLY M 128 -32.14 49.63 -0.15
N ILE M 129 -31.19 48.81 0.29
CA ILE M 129 -31.36 47.37 0.06
C ILE M 129 -32.36 46.82 1.05
N ARG M 130 -33.38 46.11 0.53
CA ARG M 130 -34.41 45.49 1.35
C ARG M 130 -34.51 43.98 1.18
N HIS M 131 -33.69 43.36 0.33
CA HIS M 131 -33.79 41.93 0.10
C HIS M 131 -32.40 41.31 0.02
N ASN M 132 -32.35 40.01 0.30
CA ASN M 132 -31.15 39.21 0.07
C ASN M 132 -30.87 38.99 -1.41
N SER M 133 -31.89 39.04 -2.26
CA SER M 133 -31.69 39.00 -3.72
C SER M 133 -31.00 40.23 -4.27
N GLU M 134 -31.26 41.41 -3.71
CA GLU M 134 -30.53 42.62 -4.08
C GLU M 134 -29.09 42.56 -3.60
N LEU M 135 -28.87 41.96 -2.44
CA LEU M 135 -27.53 41.67 -1.97
C LEU M 135 -26.83 40.67 -2.88
N TYR M 136 -27.58 39.69 -3.40
CA TYR M 136 -27.00 38.73 -4.33
C TYR M 136 -26.63 39.35 -5.67
N GLU M 137 -27.49 40.23 -6.21
CA GLU M 137 -27.13 40.89 -7.48
C GLU M 137 -26.01 41.91 -7.26
N GLY M 138 -25.90 42.48 -6.06
CA GLY M 138 -24.74 43.28 -5.72
C GLY M 138 -23.46 42.47 -5.68
N ALA M 139 -23.54 41.24 -5.15
CA ALA M 139 -22.39 40.33 -5.13
C ALA M 139 -21.95 39.94 -6.54
N ILE M 140 -22.91 39.59 -7.41
CA ILE M 140 -22.66 39.28 -8.82
C ILE M 140 -22.04 40.45 -9.57
N PHE M 141 -22.59 41.66 -9.35
CA PHE M 141 -22.08 42.84 -10.04
C PHE M 141 -20.68 43.21 -9.57
N LEU M 142 -20.36 43.03 -8.29
CA LEU M 142 -19.01 43.32 -7.84
C LEU M 142 -17.99 42.26 -8.27
N ILE M 143 -18.39 40.99 -8.38
CA ILE M 143 -17.49 39.98 -8.94
C ILE M 143 -17.21 40.24 -10.42
N LEU M 144 -18.25 40.59 -11.20
CA LEU M 144 -18.01 40.92 -12.61
C LEU M 144 -17.30 42.25 -12.81
N LEU M 145 -17.46 43.21 -11.91
CA LEU M 145 -16.73 44.47 -12.01
C LEU M 145 -15.26 44.29 -11.65
N ALA M 146 -14.98 43.40 -10.69
CA ALA M 146 -13.61 42.98 -10.42
C ALA M 146 -13.01 42.22 -11.60
N ALA M 147 -13.79 41.35 -12.25
CA ALA M 147 -13.34 40.61 -13.43
C ALA M 147 -13.01 41.54 -14.59
N LEU M 148 -13.83 42.58 -14.76
CA LEU M 148 -13.56 43.65 -15.72
C LEU M 148 -12.28 44.42 -15.40
N PHE M 149 -12.01 44.69 -14.12
CA PHE M 149 -10.77 45.42 -13.79
C PHE M 149 -9.50 44.56 -13.91
N LEU M 150 -9.57 43.27 -13.57
CA LEU M 150 -8.44 42.36 -13.89
C LEU M 150 -8.24 42.16 -15.38
N ALA M 151 -9.34 42.10 -16.16
CA ALA M 151 -9.22 42.01 -17.61
C ALA M 151 -8.64 43.29 -18.20
N ALA M 152 -8.94 44.43 -17.60
CA ALA M 152 -8.34 45.69 -18.01
C ALA M 152 -6.86 45.79 -17.68
N GLY M 153 -6.45 45.29 -16.50
CA GLY M 153 -5.03 45.25 -16.18
C GLY M 153 -4.25 44.32 -17.07
N TRP M 154 -4.83 43.13 -17.33
CA TRP M 154 -4.30 42.19 -18.31
C TRP M 154 -4.18 42.81 -19.70
N LEU M 155 -5.22 43.55 -20.11
CA LEU M 155 -5.23 44.28 -21.39
C LEU M 155 -4.16 45.35 -21.43
N HIS M 156 -3.95 46.07 -20.33
CA HIS M 156 -2.95 47.13 -20.32
C HIS M 156 -1.55 46.62 -20.00
N LEU M 157 -1.37 45.32 -19.83
CA LEU M 157 0.00 44.85 -20.02
C LEU M 157 0.24 44.22 -21.40
N GLN M 158 -0.64 44.41 -22.38
CA GLN M 158 -0.33 43.93 -23.72
C GLN M 158 0.17 45.06 -24.62
N PRO M 159 1.14 44.79 -25.51
CA PRO M 159 1.96 45.87 -26.10
C PRO M 159 1.26 46.78 -27.09
N ARG M 160 -0.01 46.53 -27.40
CA ARG M 160 -0.80 47.53 -28.09
C ARG M 160 -1.46 48.51 -27.11
N PHE M 161 -1.86 48.06 -25.92
CA PHE M 161 -2.55 48.90 -24.93
C PHE M 161 -1.69 49.27 -23.73
N ARG M 162 -0.38 49.11 -23.81
CA ARG M 162 0.51 49.64 -22.80
C ARG M 162 0.63 51.14 -23.07
N PRO M 163 0.30 52.09 -22.12
CA PRO M 163 0.72 53.47 -22.51
C PRO M 163 2.08 54.12 -22.20
N SER M 164 2.22 55.28 -22.81
CA SER M 164 3.53 55.90 -22.84
C SER M 164 3.73 56.65 -21.55
N LEU M 165 4.99 57.02 -21.30
CA LEU M 165 5.32 57.81 -20.12
C LEU M 165 4.70 59.19 -20.17
N ALA M 166 4.56 59.75 -21.39
CA ALA M 166 3.83 60.99 -21.63
C ALA M 166 2.37 60.89 -21.23
N TRP M 167 1.75 59.73 -21.42
CA TRP M 167 0.39 59.51 -20.93
C TRP M 167 0.37 59.41 -19.41
N PHE M 168 1.40 58.83 -18.80
CA PHE M 168 1.45 58.77 -17.34
C PHE M 168 1.78 60.13 -16.72
N LYS M 169 2.68 60.88 -17.34
CA LYS M 169 3.17 62.14 -16.79
C LYS M 169 2.50 63.36 -17.39
N ASN M 170 1.23 63.26 -17.78
CA ASN M 170 0.59 64.41 -18.40
C ASN M 170 0.17 65.39 -17.30
N ALA M 171 -0.59 64.89 -16.31
CA ALA M 171 -1.01 65.52 -15.05
C ALA M 171 -2.04 66.65 -15.19
N GLU M 172 -2.33 67.08 -16.41
CA GLU M 172 -3.40 68.02 -16.76
C GLU M 172 -4.72 67.30 -16.97
N SER M 173 -4.72 66.40 -17.95
CA SER M 173 -5.85 65.53 -18.27
C SER M 173 -6.21 64.62 -17.11
N ARG M 174 -5.22 64.19 -16.34
CA ARG M 174 -5.46 63.34 -15.17
C ARG M 174 -6.21 64.08 -14.08
N LEU M 175 -5.80 65.33 -13.79
CA LEU M 175 -6.50 66.16 -12.81
C LEU M 175 -7.90 66.52 -13.28
N ASN M 176 -8.05 66.88 -14.57
CA ASN M 176 -9.35 67.19 -15.16
C ASN M 176 -10.31 66.01 -15.11
N HIS M 177 -9.85 64.84 -15.49
CA HIS M 177 -10.73 63.68 -15.54
C HIS M 177 -11.03 63.12 -14.16
N HIS M 178 -10.08 63.21 -13.21
CA HIS M 178 -10.41 62.71 -11.87
C HIS M 178 -11.35 63.65 -11.14
N LEU M 179 -11.17 64.97 -11.28
CA LEU M 179 -12.11 65.89 -10.66
C LEU M 179 -13.47 65.89 -11.35
N SER M 180 -13.50 65.66 -12.66
CA SER M 180 -14.77 65.68 -13.38
C SER M 180 -15.51 64.35 -13.24
N ALA M 181 -14.86 63.25 -13.59
CA ALA M 181 -15.55 61.97 -13.70
C ALA M 181 -15.42 61.12 -12.43
N LEU M 182 -14.21 60.98 -11.90
CA LEU M 182 -13.97 60.12 -10.75
C LEU M 182 -14.53 60.70 -9.46
N PHE M 183 -14.45 62.00 -9.27
CA PHE M 183 -14.97 62.62 -8.06
C PHE M 183 -16.33 63.27 -8.27
N GLY M 184 -16.67 63.67 -9.50
CA GLY M 184 -17.88 64.42 -9.75
C GLY M 184 -19.02 63.67 -10.42
N VAL M 185 -18.74 62.88 -11.46
CA VAL M 185 -19.80 62.12 -12.13
C VAL M 185 -20.28 60.98 -11.23
N SER M 186 -19.36 60.36 -10.50
CA SER M 186 -19.71 59.34 -9.54
C SER M 186 -20.46 59.88 -8.33
N SER M 187 -20.16 61.12 -7.89
CA SER M 187 -20.98 61.77 -6.88
C SER M 187 -22.37 62.14 -7.42
N LEU M 188 -22.44 62.56 -8.69
CA LEU M 188 -23.71 62.82 -9.37
C LEU M 188 -24.54 61.56 -9.51
N ALA M 189 -23.89 60.44 -9.82
CA ALA M 189 -24.56 59.15 -9.94
C ALA M 189 -25.04 58.66 -8.59
N TRP M 190 -24.29 58.93 -7.52
CA TRP M 190 -24.76 58.55 -6.21
C TRP M 190 -25.92 59.43 -5.74
N ALA M 191 -25.92 60.71 -6.13
CA ALA M 191 -27.08 61.58 -5.93
C ALA M 191 -28.31 61.06 -6.68
N GLY M 192 -28.10 60.58 -7.91
CA GLY M 192 -29.16 59.96 -8.67
C GLY M 192 -29.69 58.69 -8.07
N HIS M 193 -28.82 57.89 -7.46
CA HIS M 193 -29.26 56.70 -6.74
C HIS M 193 -30.06 57.08 -5.50
N MET M 194 -29.63 58.11 -4.77
CA MET M 194 -30.35 58.50 -3.56
C MET M 194 -31.71 59.10 -3.89
N VAL M 195 -31.82 59.87 -4.98
CA VAL M 195 -33.14 60.35 -5.37
C VAL M 195 -34.01 59.27 -6.01
N HIS M 196 -33.45 58.30 -6.72
CA HIS M 196 -34.29 57.27 -7.34
C HIS M 196 -34.61 56.10 -6.44
N VAL M 197 -33.68 55.68 -5.57
CA VAL M 197 -33.82 54.39 -4.91
C VAL M 197 -34.00 54.51 -3.41
N ALA M 198 -33.09 55.20 -2.73
CA ALA M 198 -33.02 55.14 -1.27
C ALA M 198 -34.12 55.94 -0.58
N ILE M 199 -34.35 57.18 -1.05
CA ILE M 199 -35.47 57.98 -0.53
C ILE M 199 -36.87 57.37 -0.73
N PRO M 200 -37.30 56.88 -1.93
CA PRO M 200 -38.63 56.25 -1.96
C PRO M 200 -38.71 54.86 -1.32
N ARG M 201 -37.59 54.13 -1.18
CA ARG M 201 -37.66 52.90 -0.41
C ARG M 201 -37.62 53.14 1.09
N ALA M 202 -37.21 54.33 1.53
CA ALA M 202 -37.44 54.71 2.91
C ALA M 202 -38.93 54.89 3.18
N TYR M 203 -39.65 55.56 2.29
CA TYR M 203 -41.09 55.76 2.43
C TYR M 203 -41.85 54.73 1.58
N GLY M 204 -41.56 53.45 1.81
CA GLY M 204 -42.39 52.37 1.30
C GLY M 204 -42.26 51.97 -0.17
N LYS M 205 -42.10 52.96 -1.03
CA LYS M 205 -42.32 52.84 -2.48
C LYS M 205 -41.08 52.24 -3.14
N GLU M 206 -41.13 50.94 -3.40
CA GLU M 206 -39.93 50.17 -3.76
C GLU M 206 -39.68 50.24 -5.27
N VAL M 207 -38.49 50.68 -5.65
CA VAL M 207 -38.10 50.92 -7.04
C VAL M 207 -36.92 50.01 -7.34
N ASN M 208 -37.03 49.19 -8.39
CA ASN M 208 -35.98 48.25 -8.73
C ASN M 208 -35.55 48.40 -10.19
N TRP M 209 -34.74 47.45 -10.66
CA TRP M 209 -34.16 47.46 -12.01
C TRP M 209 -35.14 47.07 -13.09
N SER M 210 -36.35 46.63 -12.74
CA SER M 210 -37.38 46.41 -13.76
C SER M 210 -38.22 47.66 -14.01
N ASN M 211 -38.41 48.50 -12.99
CA ASN M 211 -39.42 49.55 -13.04
C ASN M 211 -38.87 50.97 -12.97
N PHE M 212 -37.56 51.16 -13.10
CA PHE M 212 -36.97 52.47 -12.82
C PHE M 212 -37.23 53.48 -13.94
N LEU M 213 -37.51 53.01 -15.16
CA LEU M 213 -37.81 53.90 -16.27
C LEU M 213 -39.23 54.46 -16.22
N GLN M 214 -40.14 53.79 -15.52
CA GLN M 214 -41.55 54.20 -15.46
C GLN M 214 -41.84 55.07 -14.24
N ILE M 215 -41.24 54.74 -13.09
CA ILE M 215 -41.42 55.48 -11.85
C ILE M 215 -40.39 56.58 -11.69
N ALA M 216 -40.89 57.82 -11.47
CA ALA M 216 -40.14 59.05 -11.25
C ALA M 216 -39.79 59.21 -9.78
N PRO M 217 -38.76 59.95 -9.48
CA PRO M 217 -38.48 60.27 -8.04
C PRO M 217 -39.38 61.35 -7.47
N HIS M 218 -39.87 62.33 -8.28
CA HIS M 218 -40.79 63.38 -7.85
C HIS M 218 -41.81 63.55 -8.96
N ASP M 219 -43.04 63.85 -8.58
CA ASP M 219 -44.14 63.84 -9.54
C ASP M 219 -44.22 65.11 -10.37
N ALA M 220 -43.44 66.14 -10.04
CA ALA M 220 -43.15 67.22 -10.98
C ALA M 220 -41.80 66.95 -11.62
N GLY M 221 -41.76 65.88 -12.41
CA GLY M 221 -40.50 65.31 -12.84
C GLY M 221 -39.92 65.83 -14.14
N LEU M 222 -38.71 66.41 -14.05
CA LEU M 222 -37.91 67.02 -15.12
C LEU M 222 -38.58 68.16 -15.88
N SER M 223 -39.65 68.73 -15.32
CA SER M 223 -40.14 70.03 -15.73
C SER M 223 -39.79 71.08 -14.70
N ALA M 224 -39.55 70.65 -13.45
CA ALA M 224 -39.04 71.53 -12.42
C ALA M 224 -37.54 71.79 -12.56
N PHE M 225 -36.84 70.98 -13.34
CA PHE M 225 -35.41 71.21 -13.57
C PHE M 225 -35.18 72.38 -14.51
N PHE M 226 -35.79 72.35 -15.70
CA PHE M 226 -35.44 73.28 -16.77
C PHE M 226 -36.13 74.64 -16.66
N THR M 227 -37.26 74.73 -15.96
CA THR M 227 -37.98 76.00 -15.84
C THR M 227 -37.51 76.85 -14.68
N GLY M 228 -36.51 76.40 -13.91
CA GLY M 228 -35.98 77.20 -12.83
C GLY M 228 -36.71 77.10 -11.52
N ASN M 229 -37.79 76.32 -11.47
CA ASN M 229 -38.51 76.08 -10.21
C ASN M 229 -37.85 74.87 -9.54
N TRP M 230 -36.64 75.11 -9.01
CA TRP M 230 -35.92 74.03 -8.35
C TRP M 230 -36.52 73.70 -7.00
N GLY M 231 -37.26 74.63 -6.40
CA GLY M 231 -37.72 74.48 -5.03
C GLY M 231 -38.78 73.42 -4.82
N ALA M 232 -39.44 72.99 -5.89
CA ALA M 232 -40.52 71.99 -5.79
C ALA M 232 -40.00 70.60 -5.43
N TYR M 233 -38.70 70.36 -5.60
CA TYR M 233 -38.07 69.16 -5.05
C TYR M 233 -37.95 69.24 -3.53
N ALA M 234 -37.94 70.46 -2.94
CA ALA M 234 -37.79 70.59 -1.49
C ALA M 234 -39.10 70.64 -0.74
N GLN M 235 -40.21 70.90 -1.43
CA GLN M 235 -41.55 70.86 -0.85
C GLN M 235 -42.08 69.43 -0.72
N PRO M 236 -43.05 69.23 0.20
CA PRO M 236 -43.82 67.97 0.20
C PRO M 236 -44.59 67.72 -1.08
N GLY M 237 -45.08 68.76 -1.75
CA GLY M 237 -45.68 68.61 -3.06
C GLY M 237 -47.06 68.00 -3.02
N ALA M 238 -47.52 67.59 -4.20
CA ALA M 238 -48.82 66.97 -4.37
C ALA M 238 -48.67 65.46 -4.48
N ASN M 239 -49.81 64.76 -4.29
CA ASN M 239 -50.14 63.33 -4.37
C ASN M 239 -49.03 62.36 -3.96
N GLY M 240 -48.49 62.56 -2.75
CA GLY M 240 -47.36 61.80 -2.29
C GLY M 240 -46.07 62.59 -2.47
N SER M 241 -45.07 61.98 -3.12
CA SER M 241 -43.75 62.50 -3.48
C SER M 241 -42.99 63.12 -2.32
N PRO M 242 -42.38 62.31 -1.43
CA PRO M 242 -41.53 62.86 -0.34
C PRO M 242 -40.33 63.60 -0.89
N PRO M 243 -39.84 64.64 -0.18
CA PRO M 243 -38.83 65.52 -0.79
C PRO M 243 -37.45 64.89 -0.91
N ILE M 244 -36.87 65.10 -2.07
CA ILE M 244 -35.63 64.44 -2.49
C ILE M 244 -34.42 65.37 -2.50
N LEU M 245 -34.61 66.69 -2.49
CA LEU M 245 -33.52 67.66 -2.45
C LEU M 245 -33.91 68.72 -1.43
N THR M 246 -33.46 68.56 -0.20
CA THR M 246 -33.93 69.36 0.92
C THR M 246 -32.76 69.65 1.86
N PHE M 247 -33.00 70.50 2.87
CA PHE M 247 -31.82 70.79 3.68
C PHE M 247 -32.36 70.86 5.12
N ILE M 248 -32.80 69.71 5.68
CA ILE M 248 -33.13 69.75 7.12
C ILE M 248 -31.90 70.12 7.95
N GLY M 249 -30.82 69.38 7.83
CA GLY M 249 -29.62 69.67 8.58
C GLY M 249 -29.59 69.02 9.95
N GLY M 250 -28.39 68.74 10.44
CA GLY M 250 -28.26 67.99 11.68
C GLY M 250 -28.61 66.53 11.45
N LEU M 251 -29.33 65.94 12.39
CA LEU M 251 -29.72 64.55 12.30
C LEU M 251 -31.24 64.47 12.14
N ASN M 252 -31.73 63.33 11.62
CA ASN M 252 -33.16 63.01 11.56
C ASN M 252 -33.62 62.44 12.91
N PRO M 253 -34.74 62.94 13.47
CA PRO M 253 -35.22 62.42 14.77
C PRO M 253 -35.65 60.97 14.76
N GLN M 254 -36.36 60.55 13.71
CA GLN M 254 -37.07 59.28 13.72
C GLN M 254 -36.15 58.09 13.50
N THR M 255 -34.98 58.33 12.92
CA THR M 255 -34.00 57.26 12.71
C THR M 255 -32.71 57.48 13.50
N GLY M 256 -32.50 58.66 14.07
CA GLY M 256 -31.25 58.96 14.75
C GLY M 256 -30.08 59.10 13.82
N SER M 257 -30.33 59.40 12.56
CA SER M 257 -29.33 59.36 11.52
C SER M 257 -29.45 60.61 10.69
N LEU M 258 -28.69 60.66 9.67
CA LEU M 258 -28.68 61.80 8.77
C LEU M 258 -29.85 61.65 7.80
N PRO M 259 -30.63 62.69 7.58
CA PRO M 259 -31.71 62.58 6.57
C PRO M 259 -31.30 62.45 5.09
N LEU M 260 -32.08 61.66 4.37
CA LEU M 260 -31.60 61.12 3.10
C LEU M 260 -31.69 62.16 1.99
N GLY M 261 -32.65 63.08 2.11
CA GLY M 261 -32.73 64.20 1.19
C GLY M 261 -31.55 65.14 1.28
N ASP M 262 -31.00 65.32 2.50
CA ASP M 262 -29.79 66.13 2.66
C ASP M 262 -28.58 65.44 2.05
N ILE M 263 -28.55 64.09 2.12
CA ILE M 263 -27.50 63.31 1.48
C ILE M 263 -27.54 63.47 -0.03
N ALA M 264 -28.75 63.36 -0.60
CA ALA M 264 -28.94 63.50 -2.05
C ALA M 264 -28.62 64.92 -2.55
N HIS M 265 -28.97 65.93 -1.75
CA HIS M 265 -28.68 67.31 -2.12
C HIS M 265 -27.19 67.63 -1.99
N HIS M 266 -26.52 67.09 -0.96
CA HIS M 266 -25.06 67.12 -0.84
C HIS M 266 -24.36 66.50 -2.03
N HIS M 267 -24.79 65.33 -2.45
CA HIS M 267 -24.13 64.65 -3.56
C HIS M 267 -24.49 65.23 -4.90
N LEU M 268 -25.55 66.02 -4.98
CA LEU M 268 -25.76 66.85 -6.15
C LEU M 268 -24.81 68.05 -6.18
N ALA M 269 -24.69 68.74 -5.04
CA ALA M 269 -24.01 70.03 -5.01
C ALA M 269 -22.50 69.89 -5.15
N ILE M 270 -21.89 68.92 -4.45
CA ILE M 270 -20.44 68.80 -4.55
C ILE M 270 -20.06 68.11 -5.85
N ALA M 271 -21.00 67.38 -6.48
CA ALA M 271 -20.81 66.89 -7.83
C ALA M 271 -20.71 68.03 -8.83
N VAL M 272 -21.62 69.02 -8.72
CA VAL M 272 -21.57 70.22 -9.57
C VAL M 272 -20.26 70.98 -9.36
N ILE M 273 -19.83 71.12 -8.09
CA ILE M 273 -18.56 71.79 -7.78
C ILE M 273 -17.35 71.00 -8.29
N PHE M 274 -17.38 69.67 -8.26
CA PHE M 274 -16.27 68.88 -8.79
C PHE M 274 -16.20 68.86 -10.32
N ILE M 275 -17.34 68.85 -11.00
CA ILE M 275 -17.34 68.96 -12.46
C ILE M 275 -16.85 70.34 -12.91
N ILE M 276 -17.19 71.39 -12.15
CA ILE M 276 -16.61 72.72 -12.44
C ILE M 276 -15.12 72.75 -12.10
N ALA M 277 -14.70 72.10 -11.00
CA ALA M 277 -13.29 72.04 -10.61
C ALA M 277 -12.43 71.24 -11.57
N GLY M 278 -13.03 70.31 -12.31
CA GLY M 278 -12.32 69.63 -13.38
C GLY M 278 -12.37 70.32 -14.73
N HIS M 279 -12.35 71.64 -14.72
CA HIS M 279 -12.31 72.44 -15.94
C HIS M 279 -11.20 73.45 -15.86
N MET M 280 -10.22 73.19 -14.98
CA MET M 280 -9.27 74.23 -14.68
C MET M 280 -8.03 74.12 -15.56
N TYR M 281 -7.58 72.91 -15.85
CA TYR M 281 -6.22 72.71 -16.34
C TYR M 281 -6.21 72.50 -17.85
N ARG M 282 -5.01 72.61 -18.43
CA ARG M 282 -4.86 72.81 -19.88
C ARG M 282 -4.84 71.48 -20.61
N THR M 283 -5.88 71.22 -21.40
CA THR M 283 -5.94 70.05 -22.26
C THR M 283 -5.98 70.51 -23.71
N ASN M 284 -6.32 69.62 -24.64
CA ASN M 284 -6.10 69.83 -26.07
C ASN M 284 -7.11 70.76 -26.75
N PHE M 285 -7.83 71.61 -26.01
CA PHE M 285 -8.74 72.58 -26.58
C PHE M 285 -8.29 74.01 -26.34
N GLY M 286 -7.02 74.22 -26.00
CA GLY M 286 -6.45 75.55 -25.93
C GLY M 286 -6.56 76.25 -24.60
N ILE M 287 -7.73 76.17 -23.97
CA ILE M 287 -7.99 76.84 -22.70
C ILE M 287 -7.54 75.97 -21.53
N GLY M 288 -7.31 76.61 -20.39
CA GLY M 288 -6.93 75.93 -19.17
C GLY M 288 -5.64 76.48 -18.59
N HIS M 289 -5.27 75.92 -17.44
CA HIS M 289 -4.01 76.23 -16.77
C HIS M 289 -2.98 75.13 -17.05
N ASN M 290 -1.80 75.52 -17.49
CA ASN M 290 -0.71 74.56 -17.49
C ASN M 290 -0.05 74.57 -16.12
N LEU M 291 0.17 73.37 -15.57
CA LEU M 291 0.63 73.25 -14.20
C LEU M 291 2.09 73.64 -14.00
N LYS M 292 2.90 73.61 -15.08
CA LYS M 292 4.29 74.05 -14.95
C LYS M 292 4.38 75.56 -14.76
N GLU M 293 3.65 76.34 -15.58
CA GLU M 293 3.65 77.78 -15.36
C GLU M 293 2.81 78.17 -14.15
N LEU M 294 1.84 77.34 -13.75
CA LEU M 294 1.02 77.68 -12.59
C LEU M 294 1.77 77.41 -11.29
N VAL M 295 2.53 76.32 -11.23
CA VAL M 295 3.34 76.09 -10.04
C VAL M 295 4.54 77.04 -10.05
N ASP M 296 5.28 77.12 -11.16
CA ASP M 296 6.51 77.90 -11.24
C ASP M 296 6.28 79.41 -11.26
N GLY M 297 5.03 79.89 -11.32
CA GLY M 297 4.68 81.28 -11.17
C GLY M 297 4.31 81.75 -9.78
N GLN M 298 4.39 80.88 -8.76
CA GLN M 298 4.19 81.28 -7.35
C GLN M 298 5.52 81.71 -6.73
N VAL M 299 5.82 82.99 -6.90
CA VAL M 299 7.02 83.60 -6.33
C VAL M 299 6.65 84.93 -5.67
N TRP M 300 7.20 85.16 -4.50
CA TRP M 300 7.09 86.36 -3.69
C TRP M 300 8.40 86.45 -2.92
N PRO M 301 8.89 87.65 -2.61
CA PRO M 301 10.26 87.75 -2.14
C PRO M 301 10.63 87.35 -0.69
N GLY M 302 9.85 86.51 0.01
CA GLY M 302 10.29 85.87 1.25
C GLY M 302 10.65 84.40 1.11
N VAL M 303 10.40 83.82 -0.07
CA VAL M 303 10.72 82.43 -0.37
C VAL M 303 11.67 82.28 -1.55
N GLY M 304 12.30 83.37 -2.00
CA GLY M 304 13.38 83.29 -2.96
C GLY M 304 12.96 82.99 -4.38
N ALA M 305 13.25 81.78 -4.85
CA ALA M 305 12.84 81.32 -6.18
C ALA M 305 11.40 80.83 -6.20
N GLY M 306 10.75 80.74 -5.05
CA GLY M 306 9.34 80.42 -5.00
C GLY M 306 9.12 78.94 -5.21
N HIS M 307 8.36 78.61 -6.24
CA HIS M 307 7.95 77.23 -6.49
C HIS M 307 8.48 76.76 -7.84
N ARG M 308 9.56 77.36 -8.33
CA ARG M 308 10.08 77.06 -9.65
C ARG M 308 10.73 75.68 -9.61
N GLY M 309 10.36 74.83 -10.57
CA GLY M 309 10.90 73.49 -10.64
C GLY M 309 10.17 72.46 -9.82
N LEU M 310 9.15 72.87 -9.06
CA LEU M 310 8.37 71.91 -8.28
C LEU M 310 7.40 71.11 -9.12
N TYR M 311 7.07 71.57 -10.34
CA TYR M 311 6.27 70.76 -11.27
C TYR M 311 6.97 69.47 -11.64
N ASP M 312 8.23 69.57 -12.06
CA ASP M 312 8.99 68.38 -12.41
C ASP M 312 9.35 67.57 -11.17
N THR M 313 9.52 68.24 -10.02
CA THR M 313 9.82 67.58 -8.76
C THR M 313 8.66 66.69 -8.31
N VAL M 314 7.42 67.16 -8.45
CA VAL M 314 6.29 66.27 -8.17
C VAL M 314 6.12 65.24 -9.28
N ASN M 315 6.25 65.64 -10.56
CA ASN M 315 5.82 64.81 -11.68
C ASN M 315 6.77 63.63 -11.96
N ASN M 316 8.08 63.84 -11.82
CA ASN M 316 8.99 62.72 -12.06
C ASN M 316 9.16 61.81 -10.86
N SER M 317 8.75 62.23 -9.67
CA SER M 317 8.93 61.46 -8.46
C SER M 317 7.59 60.89 -7.99
N LEU M 318 7.48 59.56 -8.03
CA LEU M 318 6.28 58.93 -7.51
C LEU M 318 6.25 58.87 -6.00
N HIS M 319 7.40 59.09 -5.34
CA HIS M 319 7.44 59.03 -3.89
C HIS M 319 6.88 60.31 -3.27
N PHE M 320 7.11 61.46 -3.91
CA PHE M 320 6.48 62.72 -3.51
C PHE M 320 4.97 62.64 -3.68
N GLN M 321 4.52 62.10 -4.83
CA GLN M 321 3.10 61.96 -5.13
C GLN M 321 2.41 61.00 -4.17
N LEU M 322 3.10 59.92 -3.81
CA LEU M 322 2.53 58.96 -2.87
C LEU M 322 2.54 59.50 -1.44
N SER M 323 3.52 60.34 -1.09
CA SER M 323 3.52 61.02 0.20
C SER M 323 2.34 61.97 0.35
N LEU M 324 2.06 62.77 -0.69
CA LEU M 324 0.88 63.64 -0.70
C LEU M 324 -0.42 62.86 -0.69
N ALA M 325 -0.49 61.76 -1.45
CA ALA M 325 -1.69 60.94 -1.51
C ALA M 325 -1.98 60.26 -0.18
N LEU M 326 -0.96 59.71 0.48
CA LEU M 326 -1.15 59.07 1.77
C LEU M 326 -1.48 60.07 2.88
N ALA M 327 -0.86 61.26 2.85
CA ALA M 327 -1.15 62.28 3.86
C ALA M 327 -2.57 62.81 3.74
N SER M 328 -2.99 63.09 2.50
CA SER M 328 -4.34 63.54 2.23
C SER M 328 -5.37 62.46 2.54
N LEU M 329 -5.08 61.21 2.16
CA LEU M 329 -6.00 60.11 2.37
C LEU M 329 -6.17 59.78 3.85
N GLY M 330 -5.09 59.90 4.63
CA GLY M 330 -5.20 59.68 6.06
C GLY M 330 -5.86 60.82 6.81
N THR M 331 -5.68 62.06 6.34
CA THR M 331 -6.41 63.19 6.92
C THR M 331 -7.91 63.09 6.63
N VAL M 332 -8.25 62.67 5.40
CA VAL M 332 -9.60 62.27 5.02
C VAL M 332 -10.13 61.11 5.87
N THR M 333 -9.31 60.12 6.17
CA THR M 333 -9.77 58.94 6.93
C THR M 333 -10.04 59.28 8.40
N SER M 334 -9.20 60.17 8.98
CA SER M 334 -9.49 60.74 10.29
C SER M 334 -10.77 61.56 10.27
N LEU M 335 -11.00 62.32 9.19
CA LEU M 335 -12.24 63.07 9.04
C LEU M 335 -13.46 62.18 8.91
N VAL M 336 -13.32 61.05 8.21
CA VAL M 336 -14.35 60.00 8.15
C VAL M 336 -14.71 59.48 9.54
N ALA M 337 -13.69 59.16 10.34
CA ALA M 337 -13.91 58.66 11.70
C ALA M 337 -14.58 59.71 12.59
N GLN M 338 -14.16 60.95 12.48
CA GLN M 338 -14.69 62.01 13.33
C GLN M 338 -16.01 62.61 12.84
N GLN M 339 -16.45 62.35 11.62
CA GLN M 339 -17.81 62.72 11.27
C GLN M 339 -18.82 61.58 11.39
N MET M 340 -18.37 60.32 11.47
CA MET M 340 -19.35 59.26 11.62
C MET M 340 -19.92 59.16 13.04
N TYR M 341 -19.13 59.49 14.06
CA TYR M 341 -19.72 59.50 15.40
C TYR M 341 -20.55 60.75 15.60
N ALA M 342 -20.09 61.86 15.05
CA ALA M 342 -20.63 63.19 15.32
C ALA M 342 -21.97 63.38 14.64
N LEU M 343 -21.99 63.14 13.33
CA LEU M 343 -23.21 63.08 12.53
C LEU M 343 -23.38 61.70 11.91
N PRO M 344 -24.04 60.73 12.58
CA PRO M 344 -24.16 59.36 12.02
C PRO M 344 -24.98 59.33 10.75
N PRO M 345 -24.48 58.67 9.69
CA PRO M 345 -25.16 58.73 8.40
C PRO M 345 -26.17 57.63 8.16
N TYR M 346 -26.11 56.55 8.94
CA TYR M 346 -26.93 55.40 8.66
C TYR M 346 -27.87 55.13 9.80
N ALA M 347 -29.06 54.62 9.47
CA ALA M 347 -30.11 54.45 10.46
C ALA M 347 -29.79 53.29 11.39
N PHE M 348 -30.08 53.52 12.68
CA PHE M 348 -29.93 52.58 13.79
C PHE M 348 -28.48 52.12 13.96
N MET M 349 -27.52 53.01 13.63
CA MET M 349 -26.13 52.71 13.91
C MET M 349 -25.65 53.31 15.21
N ALA M 350 -26.26 54.40 15.69
CA ALA M 350 -25.73 55.10 16.85
C ALA M 350 -26.10 54.37 18.15
N LYS M 351 -27.15 53.56 18.11
CA LYS M 351 -27.52 52.77 19.29
C LYS M 351 -26.77 51.45 19.34
N ASP M 352 -26.23 50.99 18.22
CA ASP M 352 -25.33 49.84 18.21
C ASP M 352 -23.98 50.45 18.56
N HIS M 353 -23.58 50.29 19.81
CA HIS M 353 -22.51 51.11 20.36
C HIS M 353 -21.16 50.62 19.93
N THR M 354 -21.01 49.30 19.95
CA THR M 354 -19.78 48.62 19.57
C THR M 354 -19.47 48.72 18.09
N THR M 355 -20.48 48.86 17.23
CA THR M 355 -20.23 49.24 15.83
C THR M 355 -19.61 50.64 15.70
N MET M 356 -20.12 51.63 16.45
CA MET M 356 -19.54 52.97 16.44
C MET M 356 -18.12 52.98 16.97
N ALA M 357 -17.87 52.18 18.02
CA ALA M 357 -16.54 52.00 18.59
C ALA M 357 -15.58 51.36 17.60
N ALA M 358 -16.01 50.28 16.97
CA ALA M 358 -15.18 49.53 16.04
C ALA M 358 -14.90 50.34 14.77
N LEU M 359 -15.89 51.09 14.28
CA LEU M 359 -15.71 51.89 13.08
C LEU M 359 -14.81 53.09 13.30
N TYR M 360 -14.98 53.82 14.42
CA TYR M 360 -14.08 54.95 14.74
C TYR M 360 -12.66 54.47 14.92
N THR M 361 -12.47 53.38 15.66
CA THR M 361 -11.15 52.89 15.98
C THR M 361 -10.46 52.32 14.74
N HIS M 362 -11.23 51.65 13.88
CA HIS M 362 -10.84 51.18 12.55
C HIS M 362 -10.27 52.29 11.68
N HIS M 363 -11.10 53.32 11.41
CA HIS M 363 -10.66 54.40 10.52
C HIS M 363 -9.55 55.25 11.12
N GLN M 364 -9.50 55.41 12.46
CA GLN M 364 -8.44 56.22 13.04
C GLN M 364 -7.08 55.53 13.04
N TYR M 365 -7.03 54.22 13.36
CA TYR M 365 -5.78 53.47 13.26
C TYR M 365 -5.27 53.40 11.83
N ILE M 366 -6.18 53.18 10.85
CA ILE M 366 -5.80 53.17 9.43
C ILE M 366 -5.29 54.53 8.98
N ALA M 367 -5.88 55.61 9.50
CA ALA M 367 -5.42 56.97 9.21
C ALA M 367 -4.02 57.24 9.75
N GLY M 368 -3.71 56.71 10.94
CA GLY M 368 -2.36 56.83 11.48
C GLY M 368 -1.31 56.08 10.66
N PHE M 369 -1.67 54.88 10.17
CA PHE M 369 -0.88 54.17 9.16
C PHE M 369 -0.59 54.97 7.88
N LEU M 370 -1.62 55.57 7.28
CA LEU M 370 -1.43 56.39 6.08
C LEU M 370 -0.58 57.64 6.32
N LEU M 371 -0.71 58.29 7.48
CA LEU M 371 0.21 59.40 7.80
C LEU M 371 1.65 58.98 7.99
N VAL M 372 1.89 57.85 8.68
CA VAL M 372 3.29 57.48 8.89
C VAL M 372 3.90 56.96 7.58
N GLY M 373 3.08 56.36 6.71
CA GLY M 373 3.53 56.04 5.37
C GLY M 373 3.77 57.23 4.46
N ALA M 374 2.99 58.29 4.64
CA ALA M 374 3.23 59.55 3.92
C ALA M 374 4.58 60.15 4.26
N PHE M 375 4.91 60.21 5.55
CA PHE M 375 6.21 60.75 5.90
C PHE M 375 7.36 59.77 5.63
N ALA M 376 7.06 58.45 5.60
CA ALA M 376 8.03 57.47 5.13
C ALA M 376 8.41 57.73 3.69
N HIS M 377 7.41 57.88 2.81
CA HIS M 377 7.70 58.13 1.40
C HIS M 377 8.20 59.53 1.13
N ALA M 378 7.95 60.47 2.04
CA ALA M 378 8.69 61.73 2.06
C ALA M 378 10.20 61.51 2.21
N ALA M 379 10.61 60.72 3.21
CA ALA M 379 12.03 60.41 3.41
C ALA M 379 12.62 59.60 2.24
N ILE M 380 11.77 58.77 1.61
CA ILE M 380 12.20 57.98 0.46
C ILE M 380 12.42 58.89 -0.75
N PHE M 381 11.57 59.92 -0.91
CA PHE M 381 11.80 60.99 -1.89
C PHE M 381 13.12 61.73 -1.63
N TRP M 382 13.41 62.01 -0.36
CA TRP M 382 14.65 62.71 -0.02
C TRP M 382 15.89 61.89 -0.36
N VAL M 383 15.86 60.57 -0.14
CA VAL M 383 17.04 59.78 -0.49
C VAL M 383 17.14 59.51 -2.00
N ARG M 384 16.02 59.24 -2.68
CA ARG M 384 16.15 58.70 -4.04
C ARG M 384 15.82 59.69 -5.16
N ASP M 385 14.93 60.64 -4.94
CA ASP M 385 14.41 61.42 -6.05
C ASP M 385 14.74 62.90 -6.00
N TYR M 386 15.24 63.41 -4.87
CA TYR M 386 15.47 64.84 -4.74
C TYR M 386 16.76 65.25 -5.45
N ASP M 387 16.66 66.28 -6.30
CA ASP M 387 17.81 66.86 -6.97
C ASP M 387 18.01 68.27 -6.45
N PRO M 388 19.14 68.58 -5.79
CA PRO M 388 19.39 69.96 -5.35
C PRO M 388 19.58 70.97 -6.48
N GLU M 389 19.97 70.52 -7.67
CA GLU M 389 20.22 71.46 -8.75
C GLU M 389 18.97 71.71 -9.60
N ALA M 390 18.03 70.78 -9.61
CA ALA M 390 16.73 71.07 -10.23
C ALA M 390 15.81 71.83 -9.29
N ASN M 391 16.16 71.94 -8.02
CA ASN M 391 15.37 72.61 -7.01
C ASN M 391 16.17 73.75 -6.38
N LYS M 392 16.79 74.57 -7.22
CA LYS M 392 17.62 75.70 -6.79
C LYS M 392 16.81 76.80 -6.13
N ASP M 393 16.95 76.92 -4.80
CA ASP M 393 16.42 77.97 -3.93
C ASP M 393 14.88 78.04 -3.93
N ASN M 394 14.19 76.96 -4.31
CA ASN M 394 12.76 76.86 -4.07
C ASN M 394 12.52 76.46 -2.63
N VAL M 395 11.24 76.48 -2.22
CA VAL M 395 10.77 76.26 -0.83
C VAL M 395 11.21 74.90 -0.25
N LEU M 396 11.43 73.91 -1.12
CA LEU M 396 11.85 72.59 -0.69
C LEU M 396 13.32 72.62 -0.25
N ALA M 397 14.15 73.33 -0.99
CA ALA M 397 15.55 73.53 -0.62
C ALA M 397 15.71 74.43 0.61
N ARG M 398 14.78 75.36 0.83
CA ARG M 398 14.86 76.19 2.02
C ARG M 398 14.45 75.43 3.28
N VAL M 399 13.49 74.51 3.16
CA VAL M 399 13.18 73.72 4.36
C VAL M 399 14.13 72.55 4.53
N LEU M 400 14.91 72.21 3.51
CA LEU M 400 16.13 71.45 3.79
C LEU M 400 17.22 72.31 4.41
N ALA M 401 17.26 73.60 4.07
CA ALA M 401 18.35 74.47 4.52
C ALA M 401 18.22 74.82 6.00
N HIS M 402 17.00 75.04 6.49
CA HIS M 402 16.82 75.38 7.89
C HIS M 402 16.13 74.25 8.64
N LYS M 403 16.52 73.00 8.31
CA LYS M 403 15.92 71.78 8.88
C LYS M 403 16.15 71.66 10.38
N GLU M 404 17.23 72.29 10.87
CA GLU M 404 17.63 72.35 12.26
C GLU M 404 16.57 73.06 13.09
N ALA M 405 15.98 74.12 12.51
CA ALA M 405 14.91 74.90 13.15
C ALA M 405 13.63 74.10 13.31
N ILE M 406 13.23 73.36 12.26
CA ILE M 406 12.00 72.59 12.28
C ILE M 406 12.11 71.42 13.26
N ILE M 407 13.25 70.73 13.27
CA ILE M 407 13.46 69.61 14.20
C ILE M 407 13.54 70.10 15.64
N SER M 408 14.26 71.20 15.91
CA SER M 408 14.37 71.71 17.27
C SER M 408 13.07 72.34 17.78
N HIS M 409 12.26 72.93 16.90
CA HIS M 409 10.99 73.46 17.35
C HIS M 409 9.93 72.39 17.57
N LEU M 410 9.91 71.33 16.74
CA LEU M 410 9.07 70.17 17.04
C LEU M 410 9.49 69.48 18.32
N SER M 411 10.80 69.42 18.57
CA SER M 411 11.36 68.97 19.85
C SER M 411 10.86 69.80 21.01
N TRP M 412 10.89 71.14 20.88
CA TRP M 412 10.44 72.03 21.96
C TRP M 412 8.95 71.88 22.24
N VAL M 413 8.10 71.77 21.18
CA VAL M 413 6.65 71.64 21.39
C VAL M 413 6.35 70.29 22.06
N SER M 414 7.06 69.23 21.64
CA SER M 414 6.87 67.89 22.20
C SER M 414 7.25 67.82 23.67
N LEU M 415 8.41 68.38 24.05
CA LEU M 415 8.79 68.42 25.47
C LEU M 415 7.87 69.32 26.30
N PHE M 416 7.42 70.45 25.73
CA PHE M 416 6.46 71.37 26.34
C PHE M 416 5.16 70.68 26.73
N LEU M 417 4.57 70.00 25.76
CA LEU M 417 3.31 69.30 25.93
C LEU M 417 3.46 68.13 26.88
N GLY M 418 4.56 67.37 26.77
CA GLY M 418 4.69 66.18 27.58
C GLY M 418 5.02 66.45 29.04
N PHE M 419 5.96 67.39 29.29
CA PHE M 419 6.25 67.92 30.63
C PHE M 419 4.99 68.41 31.33
N HIS M 420 4.16 69.20 30.65
CA HIS M 420 3.07 69.77 31.42
C HIS M 420 1.85 68.85 31.49
N THR M 421 1.58 68.05 30.45
CA THR M 421 0.47 67.10 30.54
C THR M 421 0.75 66.01 31.56
N LEU M 422 1.98 65.47 31.57
CA LEU M 422 2.39 64.51 32.59
C LEU M 422 2.41 65.12 33.98
N GLY M 423 2.86 66.37 34.11
CA GLY M 423 2.88 67.00 35.43
C GLY M 423 1.50 67.25 36.00
N LEU M 424 0.54 67.66 35.15
CA LEU M 424 -0.81 67.88 35.65
C LEU M 424 -1.52 66.56 35.95
N TYR M 425 -1.28 65.52 35.12
CA TYR M 425 -1.86 64.21 35.39
C TYR M 425 -1.29 63.59 36.67
N VAL M 426 0.03 63.69 36.88
CA VAL M 426 0.65 63.06 38.05
C VAL M 426 0.32 63.88 39.31
N HIS M 427 0.15 65.20 39.18
CA HIS M 427 -0.44 66.04 40.25
C HIS M 427 -1.84 65.58 40.62
N ASN M 428 -2.67 65.29 39.64
CA ASN M 428 -4.02 64.83 39.90
C ASN M 428 -4.04 63.45 40.59
N ASP M 429 -3.16 62.55 40.15
CA ASP M 429 -2.87 61.29 40.86
C ASP M 429 -2.40 61.46 42.31
N VAL M 430 -1.49 62.41 42.57
CA VAL M 430 -1.04 62.67 43.93
C VAL M 430 -2.17 63.27 44.80
N MET M 431 -3.03 64.10 44.20
CA MET M 431 -4.10 64.71 44.98
C MET M 431 -5.23 63.72 45.28
N GLN M 432 -5.58 62.84 44.34
CA GLN M 432 -6.49 61.75 44.68
C GLN M 432 -5.86 60.73 45.62
N ALA M 433 -4.53 60.56 45.58
CA ALA M 433 -3.86 59.69 46.54
C ALA M 433 -3.92 60.23 47.96
N PHE M 434 -3.83 61.54 48.12
CA PHE M 434 -3.77 62.14 49.44
C PHE M 434 -5.14 62.53 49.96
N GLY M 435 -6.20 61.94 49.41
CA GLY M 435 -7.55 62.18 49.85
C GLY M 435 -8.09 63.54 49.51
N ARG M 436 -7.50 64.22 48.53
CA ARG M 436 -7.81 65.62 48.24
C ARG M 436 -8.18 65.83 46.77
N PRO M 437 -9.37 65.38 46.32
CA PRO M 437 -9.76 65.65 44.91
C PRO M 437 -10.13 67.09 44.57
N GLU M 438 -10.25 67.98 45.57
CA GLU M 438 -10.53 69.39 45.33
C GLU M 438 -9.27 70.23 45.34
N ASP M 439 -8.09 69.63 45.25
CA ASP M 439 -6.88 70.40 45.01
C ASP M 439 -6.31 70.11 43.63
N GLN M 440 -7.03 69.34 42.81
CA GLN M 440 -6.57 68.95 41.49
C GLN M 440 -6.53 70.14 40.54
N ILE M 441 -5.54 70.16 39.65
CA ILE M 441 -5.49 71.22 38.66
C ILE M 441 -6.42 70.82 37.53
N LEU M 442 -7.48 71.59 37.36
CA LEU M 442 -8.63 71.22 36.57
C LEU M 442 -8.90 72.39 35.66
N ILE M 443 -8.69 72.20 34.37
CA ILE M 443 -8.73 73.29 33.41
C ILE M 443 -9.91 73.06 32.50
N GLU M 444 -10.94 73.91 32.62
CA GLU M 444 -12.05 73.89 31.66
C GLU M 444 -11.56 74.31 30.29
N PRO M 445 -11.86 73.54 29.24
CA PRO M 445 -11.42 73.95 27.92
C PRO M 445 -12.30 75.07 27.40
N VAL M 446 -11.78 76.29 27.55
CA VAL M 446 -12.54 77.51 27.24
C VAL M 446 -12.71 77.65 25.73
N PHE M 447 -11.67 77.31 24.98
CA PHE M 447 -11.60 77.62 23.56
C PHE M 447 -12.48 76.67 22.76
N ALA M 448 -12.47 75.38 23.12
CA ALA M 448 -13.28 74.42 22.39
C ALA M 448 -14.76 74.56 22.73
N GLN M 449 -15.08 74.92 23.97
CA GLN M 449 -16.44 75.34 24.32
C GLN M 449 -16.86 76.64 23.62
N TRP M 450 -15.92 77.51 23.31
CA TRP M 450 -16.24 78.72 22.56
C TRP M 450 -16.53 78.40 21.08
N VAL M 451 -15.79 77.43 20.52
CA VAL M 451 -16.13 76.86 19.20
C VAL M 451 -17.51 76.20 19.20
N GLN M 452 -17.85 75.49 20.28
CA GLN M 452 -19.20 74.96 20.48
C GLN M 452 -20.24 76.07 20.53
N ALA M 453 -19.91 77.19 21.18
CA ALA M 453 -20.83 78.32 21.30
C ALA M 453 -21.11 78.98 19.94
N GLN M 454 -20.08 79.21 19.13
CA GLN M 454 -20.36 79.73 17.78
C GLN M 454 -20.89 78.67 16.83
N SER M 455 -20.81 77.40 17.21
CA SER M 455 -21.46 76.36 16.41
C SER M 455 -22.97 76.33 16.61
N GLY M 456 -23.44 76.57 17.84
CA GLY M 456 -24.85 76.56 18.12
C GLY M 456 -25.22 75.93 19.45
N VAL M 457 -24.22 75.32 20.10
CA VAL M 457 -24.38 74.77 21.44
C VAL M 457 -24.46 75.95 22.40
N LEU M 458 -25.31 75.83 23.45
CA LEU M 458 -25.57 76.90 24.42
C LEU M 458 -24.32 77.44 25.11
N ILE M 459 -23.71 76.62 25.98
CA ILE M 459 -22.54 76.91 26.81
C ILE M 459 -22.83 78.20 27.58
N PRO M 460 -23.61 78.13 28.67
CA PRO M 460 -24.48 79.27 29.07
C PRO M 460 -23.78 80.54 29.56
N GLY M 461 -22.46 80.54 29.70
CA GLY M 461 -21.74 81.78 29.86
C GLY M 461 -21.01 82.26 28.62
N MET M 462 -21.04 81.49 27.53
CA MET M 462 -20.43 81.88 26.27
C MET M 462 -21.51 82.14 25.24
N ALA M 463 -21.23 83.05 24.33
CA ALA M 463 -22.16 83.47 23.29
C ALA M 463 -21.43 83.45 21.95
N PRO M 464 -22.17 83.35 20.84
CA PRO M 464 -21.59 83.72 19.55
C PRO M 464 -21.26 85.20 19.52
N ILE M 465 -20.22 85.54 18.74
CA ILE M 465 -19.73 86.91 18.67
C ILE M 465 -20.75 87.81 17.96
N PHE M 466 -21.33 87.31 16.87
CA PHE M 466 -22.39 88.00 16.18
C PHE M 466 -23.77 87.46 16.54
N GLY M 467 -23.84 86.60 17.57
CA GLY M 467 -25.09 86.26 18.22
C GLY M 467 -25.97 85.31 17.43
N PHE M 468 -27.27 85.43 17.71
CA PHE M 468 -28.31 84.71 17.00
C PHE M 468 -29.22 85.71 16.29
N LEU M 469 -30.08 85.20 15.41
CA LEU M 469 -31.05 86.06 14.72
C LEU M 469 -32.35 86.09 15.53
N GLN M 470 -33.42 86.56 14.89
CA GLN M 470 -34.71 86.78 15.54
C GLN M 470 -35.44 85.49 15.93
N ASP M 471 -35.11 84.34 15.35
CA ASP M 471 -35.72 83.09 15.76
C ASP M 471 -34.93 82.35 16.84
N ASN M 472 -33.76 82.89 17.23
CA ASN M 472 -32.87 82.43 18.31
C ASN M 472 -32.29 81.02 18.09
N ALA M 473 -32.36 80.50 16.87
CA ALA M 473 -31.78 79.21 16.53
C ALA M 473 -30.77 79.33 15.40
N THR M 474 -31.06 80.16 14.40
CA THR M 474 -30.08 80.55 13.41
C THR M 474 -28.97 81.39 14.02
N LEU M 475 -27.74 81.06 13.64
CA LEU M 475 -26.56 81.79 14.06
C LEU M 475 -26.52 83.16 13.40
N GLY M 476 -25.78 84.08 14.03
CA GLY M 476 -25.55 85.38 13.40
C GLY M 476 -24.57 85.34 12.26
N THR M 477 -23.77 84.27 12.17
CA THR M 477 -22.79 84.08 11.12
C THR M 477 -23.37 83.38 9.92
N THR M 478 -24.62 82.98 10.01
CA THR M 478 -25.40 82.54 8.86
C THR M 478 -26.69 83.35 8.95
N PRO M 479 -26.67 84.58 8.42
CA PRO M 479 -27.82 85.46 8.61
C PRO M 479 -28.96 85.37 7.60
N ALA M 480 -29.02 84.32 6.78
CA ALA M 480 -30.21 83.98 6.01
C ALA M 480 -30.86 82.77 6.64
N ALA M 481 -31.93 82.28 5.99
CA ALA M 481 -32.50 80.94 6.17
C ALA M 481 -32.97 80.63 7.59
N ALA M 482 -34.07 81.25 8.02
CA ALA M 482 -34.62 81.05 9.37
C ALA M 482 -35.04 79.61 9.61
N GLY M 483 -36.09 79.15 8.90
CA GLY M 483 -36.23 77.75 8.59
C GLY M 483 -35.27 77.41 7.46
N THR M 484 -34.98 76.11 7.30
CA THR M 484 -33.74 75.54 6.74
C THR M 484 -32.56 76.06 7.56
N PHE M 485 -32.26 75.32 8.64
CA PHE M 485 -31.06 75.02 9.44
C PHE M 485 -30.66 76.04 10.53
N GLY M 486 -31.61 76.77 11.12
CA GLY M 486 -31.38 77.07 12.52
C GLY M 486 -31.94 75.95 13.35
N LEU M 487 -33.11 75.47 12.93
CA LEU M 487 -33.93 74.58 13.74
C LEU M 487 -33.33 73.19 13.84
N GLY M 488 -33.05 72.55 12.70
CA GLY M 488 -32.51 71.21 12.65
C GLY M 488 -31.13 71.06 13.25
N TRP M 489 -30.23 71.99 12.88
CA TRP M 489 -28.87 71.96 13.40
C TRP M 489 -28.82 72.32 14.89
N PHE M 490 -29.62 73.31 15.32
CA PHE M 490 -29.69 73.70 16.73
C PHE M 490 -30.29 72.60 17.60
N CYS M 491 -31.34 71.92 17.12
CA CYS M 491 -31.94 70.90 17.93
C CYS M 491 -31.19 69.57 17.82
N SER M 492 -30.30 69.45 16.84
CA SER M 492 -29.36 68.34 16.87
C SER M 492 -28.23 68.58 17.85
N VAL M 493 -27.58 69.75 17.80
CA VAL M 493 -26.38 69.98 18.63
C VAL M 493 -26.71 70.28 20.08
N ASN M 494 -27.99 70.42 20.44
CA ASN M 494 -28.40 70.49 21.82
C ASN M 494 -29.43 69.44 22.19
N GLY M 495 -29.55 68.37 21.40
CA GLY M 495 -30.43 67.27 21.72
C GLY M 495 -29.77 66.29 22.66
N GLY M 496 -30.19 65.03 22.56
CA GLY M 496 -29.65 63.99 23.40
C GLY M 496 -30.36 63.86 24.72
N PRO M 497 -30.08 62.79 25.46
CA PRO M 497 -30.68 62.61 26.78
C PRO M 497 -29.99 63.48 27.83
N GLY M 498 -30.77 63.82 28.86
CA GLY M 498 -30.30 64.70 29.92
C GLY M 498 -30.51 66.17 29.65
N LEU M 499 -30.83 66.55 28.41
CA LEU M 499 -31.17 67.92 28.05
C LEU M 499 -32.37 67.84 27.13
N THR M 500 -32.99 69.01 26.90
CA THR M 500 -34.30 69.21 26.26
C THR M 500 -35.36 68.33 26.95
N GLU M 501 -35.62 68.65 28.21
CA GLU M 501 -36.57 67.93 29.04
C GLU M 501 -37.98 68.48 28.81
N ALA M 502 -38.93 68.07 29.65
CA ALA M 502 -40.31 68.52 29.50
C ALA M 502 -40.54 69.93 30.03
N ALA M 503 -39.71 70.42 30.94
CA ALA M 503 -39.97 71.73 31.56
C ALA M 503 -39.51 72.88 30.65
N THR M 504 -38.20 73.00 30.44
CA THR M 504 -37.46 74.00 29.61
C THR M 504 -37.89 75.42 30.00
N GLY M 505 -38.20 76.30 29.03
CA GLY M 505 -38.49 77.70 29.29
C GLY M 505 -37.80 78.60 28.28
N ILE M 506 -37.03 77.98 27.38
CA ILE M 506 -36.21 78.64 26.38
C ILE M 506 -36.68 77.87 25.12
N LEU M 507 -36.01 78.02 23.96
CA LEU M 507 -36.41 77.48 22.65
C LEU M 507 -36.59 75.96 22.60
N LYS M 508 -36.04 75.21 23.56
CA LYS M 508 -36.18 73.76 23.64
C LYS M 508 -37.57 73.30 24.10
N THR M 509 -38.51 74.22 24.31
CA THR M 509 -39.92 73.99 24.57
C THR M 509 -40.64 73.32 23.40
N CYS M 510 -40.14 73.53 22.17
CA CYS M 510 -40.75 73.07 20.91
C CYS M 510 -40.90 71.55 20.84
N PHE M 511 -39.77 70.82 20.76
CA PHE M 511 -39.61 69.46 21.31
C PHE M 511 -40.38 68.35 20.57
N ASP M 512 -41.32 68.69 19.70
CA ASP M 512 -42.22 67.71 19.11
C ASP M 512 -41.74 67.21 17.75
N ASN M 513 -40.64 67.77 17.23
CA ASN M 513 -40.02 67.21 16.04
C ASN M 513 -39.32 65.90 16.35
N GLY M 514 -38.84 65.73 17.58
CA GLY M 514 -38.31 64.45 18.03
C GLY M 514 -36.85 64.47 18.42
N TYR M 515 -36.34 65.63 18.79
CA TYR M 515 -34.92 65.78 19.14
C TYR M 515 -34.68 65.57 20.64
N GLY M 516 -35.22 64.49 21.18
CA GLY M 516 -34.90 64.06 22.52
C GLY M 516 -34.74 62.56 22.55
N LYS M 517 -35.20 61.91 21.47
CA LYS M 517 -35.05 60.48 21.32
C LYS M 517 -33.71 60.12 20.69
N LEU M 518 -32.97 61.11 20.21
CA LEU M 518 -31.58 60.90 19.82
C LEU M 518 -30.76 60.63 21.06
N GLU M 519 -29.86 59.66 20.97
CA GLU M 519 -28.82 59.51 21.96
C GLU M 519 -27.61 60.30 21.52
N THR M 520 -26.88 60.85 22.50
CA THR M 520 -25.74 61.77 22.47
C THR M 520 -26.09 63.12 21.83
N PRO M 521 -25.57 64.21 22.37
CA PRO M 521 -25.53 65.46 21.58
C PRO M 521 -24.53 65.37 20.44
N VAL M 522 -24.76 66.21 19.43
CA VAL M 522 -23.87 66.25 18.26
C VAL M 522 -22.50 66.79 18.65
N PHE M 523 -22.48 67.78 19.55
CA PHE M 523 -21.25 68.17 20.23
C PHE M 523 -21.32 67.67 21.65
N LEU M 524 -20.37 66.84 22.05
CA LEU M 524 -20.39 66.28 23.39
C LEU M 524 -19.99 67.34 24.41
N PRO M 525 -20.52 67.30 25.64
CA PRO M 525 -20.05 68.22 26.68
C PRO M 525 -18.63 67.88 27.09
N ILE M 526 -17.85 68.91 27.44
CA ILE M 526 -16.43 68.76 27.69
C ILE M 526 -15.96 69.43 28.97
N GLY M 527 -14.83 68.95 29.49
CA GLY M 527 -14.31 69.34 30.78
C GLY M 527 -12.80 69.16 30.93
N PRO M 528 -12.30 69.07 32.16
CA PRO M 528 -10.84 69.06 32.38
C PRO M 528 -10.13 67.80 31.94
N GLY M 529 -10.78 66.66 32.05
CA GLY M 529 -10.22 65.42 31.53
C GLY M 529 -10.09 65.45 30.03
N ASP M 530 -11.06 66.11 29.38
CA ASP M 530 -11.07 66.29 27.93
C ASP M 530 -9.94 67.21 27.48
N PHE M 531 -9.68 68.26 28.27
CA PHE M 531 -8.52 69.16 28.08
C PHE M 531 -7.21 68.40 28.14
N LEU M 532 -7.04 67.61 29.21
CA LEU M 532 -5.78 66.91 29.46
C LEU M 532 -5.54 65.82 28.42
N VAL M 533 -6.59 65.13 27.99
CA VAL M 533 -6.38 64.10 26.98
C VAL M 533 -6.21 64.73 25.59
N HIS M 534 -6.75 65.94 25.34
CA HIS M 534 -6.48 66.64 24.10
C HIS M 534 -5.04 67.10 24.02
N HIS M 535 -4.46 67.47 25.16
CA HIS M 535 -3.06 67.82 25.17
C HIS M 535 -2.17 66.59 25.06
N ALA M 536 -2.62 65.45 25.58
CA ALA M 536 -1.95 64.17 25.34
C ALA M 536 -1.98 63.77 23.86
N ILE M 537 -3.13 63.97 23.22
CA ILE M 537 -3.31 63.74 21.79
C ILE M 537 -2.39 64.63 20.98
N ALA M 538 -2.30 65.91 21.37
CA ALA M 538 -1.42 66.88 20.72
C ALA M 538 0.05 66.51 20.90
N LEU M 539 0.41 66.02 22.09
CA LEU M 539 1.74 65.48 22.35
C LEU M 539 2.06 64.29 21.46
N GLY M 540 1.11 63.37 21.30
CA GLY M 540 1.31 62.20 20.47
C GLY M 540 1.51 62.52 19.01
N ILE M 541 0.64 63.39 18.48
CA ILE M 541 0.75 63.85 17.10
C ILE M 541 2.03 64.64 16.88
N HIS M 542 2.41 65.51 17.83
CA HIS M 542 3.58 66.36 17.61
C HIS M 542 4.87 65.56 17.71
N THR M 543 4.92 64.55 18.59
CA THR M 543 6.15 63.80 18.72
C THR M 543 6.30 62.85 17.53
N THR M 544 5.16 62.35 17.01
CA THR M 544 5.20 61.55 15.77
C THR M 544 5.66 62.39 14.57
N VAL M 545 5.18 63.64 14.47
CA VAL M 545 5.67 64.59 13.45
C VAL M 545 7.14 64.92 13.64
N LEU M 546 7.60 65.05 14.90
CA LEU M 546 9.02 65.27 15.20
C LEU M 546 9.92 64.16 14.68
N ILE M 547 9.53 62.91 14.96
CA ILE M 547 10.32 61.74 14.54
C ILE M 547 10.33 61.61 13.03
N LEU M 548 9.16 61.81 12.41
CA LEU M 548 9.02 61.73 10.96
C LEU M 548 9.66 62.87 10.17
N VAL M 549 9.53 64.12 10.63
CA VAL M 549 10.16 65.25 9.97
C VAL M 549 11.66 65.19 10.18
N LYS M 550 12.13 64.72 11.34
CA LYS M 550 13.54 64.46 11.55
C LYS M 550 14.02 63.34 10.63
N GLY M 551 13.21 62.32 10.37
CA GLY M 551 13.62 61.28 9.46
C GLY M 551 13.64 61.70 8.01
N ALA M 552 12.69 62.54 7.60
CA ALA M 552 12.69 63.07 6.25
C ALA M 552 13.85 64.02 6.00
N LEU M 553 14.06 65.01 6.87
CA LEU M 553 15.04 66.05 6.58
C LEU M 553 16.48 65.62 6.84
N ASP M 554 16.72 64.62 7.68
CA ASP M 554 18.06 64.12 7.93
C ASP M 554 18.40 62.93 7.06
N ALA M 555 17.52 62.58 6.12
CA ALA M 555 17.69 61.38 5.30
C ALA M 555 18.84 61.52 4.31
N ARG M 556 19.13 62.74 3.86
CA ARG M 556 20.24 62.92 2.94
C ARG M 556 21.58 62.93 3.65
N GLY M 557 21.64 63.56 4.82
CA GLY M 557 22.92 63.70 5.50
C GLY M 557 22.91 64.62 6.70
N THR M 558 23.82 64.39 7.64
CA THR M 558 23.95 65.16 8.88
C THR M 558 25.41 65.45 9.19
N LYS M 559 25.64 65.88 10.42
CA LYS M 559 27.00 66.03 10.92
C LYS M 559 27.59 64.67 11.27
N LEU M 560 26.76 63.76 11.79
CA LEU M 560 27.25 62.45 12.17
C LEU M 560 27.39 61.55 10.94
N MET M 561 26.57 61.76 9.92
CA MET M 561 26.69 60.95 8.72
C MET M 561 26.33 61.83 7.53
N PRO M 562 27.33 62.45 6.86
CA PRO M 562 27.01 63.42 5.79
C PRO M 562 26.56 62.83 4.47
N ASP M 563 26.89 61.58 4.17
CA ASP M 563 26.65 61.04 2.84
C ASP M 563 25.60 59.93 2.90
N LYS M 564 24.58 60.13 3.74
CA LYS M 564 23.60 59.11 4.10
C LYS M 564 22.77 58.62 2.92
N LYS M 565 22.51 59.52 1.96
CA LYS M 565 21.72 59.25 0.77
C LYS M 565 22.35 58.22 -0.18
N ASP M 566 23.65 57.98 -0.08
CA ASP M 566 24.32 56.97 -0.88
C ASP M 566 24.08 55.56 -0.35
N PHE M 567 23.60 55.46 0.89
CA PHE M 567 23.31 54.20 1.56
C PHE M 567 21.84 53.85 1.53
N GLY M 568 21.03 54.66 0.89
CA GLY M 568 19.64 54.33 0.64
C GLY M 568 18.75 54.66 1.81
N TYR M 569 17.52 54.19 1.68
CA TYR M 569 16.51 54.42 2.71
C TYR M 569 16.74 53.50 3.90
N ALA M 570 16.77 52.20 3.67
CA ALA M 570 16.81 51.20 4.74
C ALA M 570 18.17 50.51 4.75
N PHE M 571 19.00 50.90 5.69
CA PHE M 571 20.29 50.29 5.97
C PHE M 571 20.40 50.21 7.48
N PRO M 572 21.17 49.23 8.02
CA PRO M 572 21.30 49.13 9.48
C PRO M 572 21.96 50.29 10.25
N CYS M 573 23.18 50.70 9.93
CA CYS M 573 23.95 51.70 10.67
C CYS M 573 25.18 52.00 9.83
N ASP M 574 26.12 52.73 10.44
CA ASP M 574 27.45 52.86 9.88
C ASP M 574 28.46 52.32 10.91
N GLY M 575 28.03 51.42 11.77
CA GLY M 575 28.92 50.72 12.67
C GLY M 575 29.16 51.41 14.01
N PRO M 576 29.95 50.77 14.88
CA PRO M 576 30.13 51.29 16.25
C PRO M 576 31.05 52.48 16.36
N GLY M 577 31.75 52.84 15.29
CA GLY M 577 32.66 53.95 15.33
C GLY M 577 31.94 55.29 15.32
N ARG M 578 32.74 56.33 15.54
CA ARG M 578 32.36 57.71 15.88
C ARG M 578 31.22 57.76 16.92
N GLY M 579 31.39 57.00 17.99
CA GLY M 579 30.40 56.86 19.03
C GLY M 579 29.47 55.66 18.89
N GLY M 580 29.05 55.35 17.67
CA GLY M 580 28.04 54.32 17.44
C GLY M 580 26.89 54.93 16.67
N THR M 581 26.30 54.19 15.74
CA THR M 581 25.38 54.80 14.78
C THR M 581 24.09 53.99 14.61
N CYS M 582 23.62 53.37 15.69
CA CYS M 582 22.39 52.57 15.73
C CYS M 582 21.19 53.45 15.43
N ASP M 583 20.25 52.93 14.61
CA ASP M 583 19.03 53.65 14.17
C ASP M 583 19.30 54.99 13.50
N ILE M 584 20.25 55.01 12.60
CA ILE M 584 20.57 56.27 11.95
C ILE M 584 19.74 56.51 10.71
N SER M 585 19.20 55.47 10.07
CA SER M 585 18.56 55.65 8.78
C SER M 585 17.16 56.27 8.92
N ALA M 586 16.64 56.73 7.79
CA ALA M 586 15.30 57.30 7.75
C ALA M 586 14.23 56.24 7.88
N TRP M 587 14.55 55.00 7.48
CA TRP M 587 13.72 53.84 7.82
C TRP M 587 13.62 53.67 9.32
N ASP M 588 14.69 53.91 10.05
CA ASP M 588 14.64 53.78 11.50
C ASP M 588 13.83 54.88 12.16
N ALA M 589 13.69 56.04 11.52
CA ALA M 589 12.79 57.02 12.08
C ALA M 589 11.33 56.75 11.74
N PHE M 590 11.02 56.15 10.57
CA PHE M 590 9.73 55.47 10.36
C PHE M 590 9.45 54.48 11.49
N TYR M 591 10.44 53.65 11.78
CA TYR M 591 10.37 52.57 12.74
C TYR M 591 10.08 53.05 14.14
N LEU M 592 10.77 54.10 14.57
CA LEU M 592 10.55 54.65 15.89
C LEU M 592 9.29 55.51 15.98
N SER M 593 8.88 56.17 14.90
CA SER M 593 7.62 56.91 14.90
C SER M 593 6.41 56.00 14.88
N MET M 594 6.61 54.76 14.47
CA MET M 594 5.54 53.80 14.41
C MET M 594 4.99 53.48 15.79
N PHE M 595 5.90 53.34 16.77
CA PHE M 595 5.55 53.20 18.19
C PHE M 595 4.81 54.42 18.69
N TRP M 596 5.25 55.61 18.28
CA TRP M 596 4.62 56.84 18.74
C TRP M 596 3.25 57.05 18.10
N MET M 597 3.07 56.60 16.86
CA MET M 597 1.77 56.59 16.21
C MET M 597 0.80 55.65 16.91
N LEU M 598 1.27 54.44 17.23
CA LEU M 598 0.44 53.48 17.95
C LEU M 598 0.07 54.00 19.33
N ASN M 599 0.99 54.65 20.02
CA ASN M 599 0.71 55.28 21.31
C ASN M 599 -0.27 56.45 21.19
N THR M 600 -0.13 57.27 20.14
CA THR M 600 -1.03 58.37 19.84
C THR M 600 -2.44 57.87 19.57
N LEU M 601 -2.58 56.89 18.69
CA LEU M 601 -3.89 56.39 18.32
C LEU M 601 -4.48 55.52 19.43
N GLY M 602 -3.62 54.95 20.27
CA GLY M 602 -4.10 54.36 21.51
C GLY M 602 -4.72 55.39 22.43
N TRP M 603 -4.09 56.55 22.58
CA TRP M 603 -4.64 57.61 23.42
C TRP M 603 -5.94 58.18 22.86
N ILE M 604 -6.00 58.32 21.52
CA ILE M 604 -7.19 58.81 20.83
C ILE M 604 -8.37 57.85 21.00
N THR M 605 -8.17 56.56 20.73
CA THR M 605 -9.27 55.61 20.85
C THR M 605 -9.58 55.20 22.29
N PHE M 606 -8.61 55.25 23.22
CA PHE M 606 -8.89 55.16 24.66
C PHE M 606 -9.82 56.27 25.12
N TYR M 607 -9.58 57.50 24.64
CA TYR M 607 -10.44 58.63 24.93
C TYR M 607 -11.84 58.45 24.37
N TRP M 608 -11.94 58.13 23.06
CA TRP M 608 -13.24 57.95 22.41
C TRP M 608 -14.05 56.89 23.09
N HIS M 609 -13.39 55.76 23.41
CA HIS M 609 -14.02 54.63 24.03
C HIS M 609 -14.51 54.93 25.43
N TRP M 610 -13.69 55.58 26.29
CA TRP M 610 -14.15 55.79 27.66
C TRP M 610 -15.22 56.88 27.75
N LYS M 611 -15.11 57.95 26.93
CA LYS M 611 -16.16 58.98 26.88
C LYS M 611 -17.49 58.40 26.39
N HIS M 612 -17.44 57.53 25.38
CA HIS M 612 -18.67 56.93 24.89
C HIS M 612 -19.21 55.84 25.80
N LEU M 613 -18.38 54.99 26.43
CA LEU M 613 -18.92 54.02 27.40
C LEU M 613 -19.43 54.66 28.67
N ALA M 614 -18.92 55.85 29.03
CA ALA M 614 -19.52 56.58 30.14
C ALA M 614 -20.86 57.18 29.75
N ILE M 615 -21.01 57.56 28.49
CA ILE M 615 -22.32 58.00 28.00
C ILE M 615 -23.31 56.83 27.94
N TRP M 616 -22.85 55.69 27.42
CA TRP M 616 -23.73 54.56 27.13
C TRP M 616 -24.17 53.81 28.38
N THR M 617 -23.44 53.93 29.49
CA THR M 617 -23.81 53.29 30.74
C THR M 617 -24.47 54.26 31.71
N ASP M 618 -24.81 55.48 31.22
CA ASP M 618 -25.36 56.60 32.01
C ASP M 618 -24.49 56.95 33.21
N ASN M 619 -23.18 56.98 33.00
CA ASN M 619 -22.25 57.18 34.10
C ASN M 619 -21.19 58.19 33.64
N VAL M 620 -21.66 59.35 33.15
CA VAL M 620 -20.73 60.39 32.68
C VAL M 620 -20.01 61.08 33.84
N ALA M 621 -20.53 60.94 35.06
CA ALA M 621 -19.83 61.46 36.24
C ALA M 621 -18.55 60.68 36.51
N SER M 622 -18.51 59.40 36.14
CA SER M 622 -17.29 58.61 36.29
C SER M 622 -16.19 59.11 35.36
N PHE M 623 -16.54 59.46 34.11
CA PHE M 623 -15.57 60.06 33.20
C PHE M 623 -15.12 61.43 33.69
N ASN M 624 -16.09 62.27 34.10
CA ASN M 624 -15.78 63.64 34.50
C ASN M 624 -15.03 63.71 35.84
N THR M 625 -15.10 62.65 36.65
CA THR M 625 -14.33 62.61 37.88
C THR M 625 -12.98 61.92 37.66
N ASN M 626 -12.92 60.83 36.88
CA ASN M 626 -11.72 60.02 36.83
C ASN M 626 -10.87 60.16 35.58
N SER M 627 -11.25 60.99 34.61
CA SER M 627 -10.39 61.14 33.44
C SER M 627 -9.26 62.12 33.67
N VAL M 628 -9.31 62.88 34.76
CA VAL M 628 -8.28 63.87 35.03
C VAL M 628 -7.05 63.25 35.65
N TYR M 629 -7.18 62.02 36.17
CA TYR M 629 -6.06 61.38 36.81
C TYR M 629 -5.97 59.96 36.25
N LEU M 630 -4.85 59.29 36.48
CA LEU M 630 -4.50 58.16 35.63
C LEU M 630 -4.77 56.81 36.25
N MET M 631 -4.96 56.74 37.56
CA MET M 631 -5.55 55.55 38.16
C MET M 631 -7.03 55.43 37.79
N GLY M 632 -7.69 56.54 37.48
CA GLY M 632 -9.03 56.45 36.94
C GLY M 632 -9.06 55.83 35.56
N TRP M 633 -8.03 56.10 34.75
CA TRP M 633 -7.90 55.46 33.44
C TRP M 633 -7.53 53.99 33.58
N LEU M 634 -6.66 53.67 34.54
CA LEU M 634 -6.32 52.28 34.83
C LEU M 634 -7.49 51.48 35.39
N ARG M 635 -8.24 52.06 36.32
CA ARG M 635 -9.25 51.34 37.08
C ARG M 635 -10.62 51.42 36.41
N ASP M 636 -11.15 52.61 36.25
CA ASP M 636 -12.52 52.76 35.80
C ASP M 636 -12.69 52.59 34.31
N TYR M 637 -11.60 52.68 33.54
CA TYR M 637 -11.67 52.33 32.13
C TYR M 637 -11.08 50.95 31.88
N LEU M 638 -9.81 50.74 32.23
CA LEU M 638 -9.11 49.53 31.77
C LEU M 638 -9.45 48.32 32.63
N TRP M 639 -9.52 48.49 33.97
CA TRP M 639 -9.85 47.37 34.84
C TRP M 639 -11.35 47.10 34.85
N ALA M 640 -12.17 48.16 34.85
CA ALA M 640 -13.61 48.00 35.01
C ALA M 640 -14.28 47.42 33.78
N TYR M 641 -13.93 47.91 32.60
CA TYR M 641 -14.56 47.46 31.38
C TYR M 641 -13.93 46.20 30.81
N SER M 642 -12.87 45.68 31.44
CA SER M 642 -12.34 44.39 31.06
C SER M 642 -13.20 43.21 31.50
N SER M 643 -14.23 43.44 32.33
CA SER M 643 -14.98 42.36 32.98
C SER M 643 -15.74 41.42 32.04
N PRO M 644 -16.52 41.84 31.02
CA PRO M 644 -17.09 40.82 30.12
C PRO M 644 -16.09 40.26 29.14
N LEU M 645 -14.95 40.94 28.95
CA LEU M 645 -13.90 40.44 28.07
C LEU M 645 -13.24 39.20 28.68
N ILE M 646 -12.63 39.33 29.85
CA ILE M 646 -11.86 38.22 30.43
C ILE M 646 -12.74 37.14 31.07
N ASN M 647 -14.05 37.37 31.17
CA ASN M 647 -15.01 36.32 31.49
C ASN M 647 -15.70 35.78 30.25
N GLY M 648 -15.06 35.91 29.09
CA GLY M 648 -15.58 35.27 27.88
C GLY M 648 -15.53 33.76 27.96
N TYR M 649 -14.51 33.22 28.61
CA TYR M 649 -14.47 31.81 28.95
C TYR M 649 -13.79 31.65 30.30
N GLY M 650 -14.11 30.54 30.96
CA GLY M 650 -13.55 30.23 32.25
C GLY M 650 -14.02 28.88 32.74
N PRO M 651 -13.52 28.44 33.90
CA PRO M 651 -13.86 27.10 34.37
C PRO M 651 -15.22 26.98 35.02
N SER M 652 -15.86 28.07 35.43
CA SER M 652 -16.98 28.00 36.33
C SER M 652 -18.29 28.56 35.78
N ALA M 653 -18.33 28.99 34.53
CA ALA M 653 -19.48 29.76 34.08
C ALA M 653 -20.01 29.41 32.70
N ALA M 654 -19.34 28.53 31.93
CA ALA M 654 -19.52 28.19 30.51
C ALA M 654 -19.27 29.38 29.56
N VAL M 655 -18.93 29.08 28.31
CA VAL M 655 -18.45 30.12 27.41
C VAL M 655 -19.64 30.91 26.85
N ASN M 656 -19.35 32.11 26.38
CA ASN M 656 -20.31 32.92 25.64
C ASN M 656 -19.69 33.34 24.30
N ASN M 657 -20.34 34.28 23.64
CA ASN M 657 -19.86 34.77 22.35
C ASN M 657 -18.62 35.66 22.42
N LEU M 658 -18.20 36.10 23.62
CA LEU M 658 -17.02 36.92 23.79
C LEU M 658 -15.76 36.11 24.09
N SER M 659 -15.82 34.78 23.99
CA SER M 659 -14.64 33.97 24.28
C SER M 659 -13.60 34.07 23.17
N VAL M 660 -14.03 34.39 21.94
CA VAL M 660 -13.07 34.58 20.84
C VAL M 660 -12.31 35.89 21.03
N TRP M 661 -12.98 36.91 21.57
CA TRP M 661 -12.34 38.17 21.86
C TRP M 661 -11.41 38.05 23.06
N SER M 662 -11.74 37.16 24.00
CA SER M 662 -10.87 36.85 25.13
C SER M 662 -9.59 36.16 24.68
N TRP M 663 -9.74 35.16 23.81
CA TRP M 663 -8.60 34.45 23.24
C TRP M 663 -7.77 35.37 22.35
N MET M 664 -8.41 36.29 21.62
CA MET M 664 -7.66 37.18 20.74
C MET M 664 -6.97 38.28 21.55
N PHE M 665 -7.54 38.66 22.70
CA PHE M 665 -6.92 39.55 23.67
C PHE M 665 -5.60 38.98 24.20
N LEU M 666 -5.64 37.72 24.63
CA LEU M 666 -4.40 37.06 25.06
C LEU M 666 -3.45 36.78 23.90
N PHE M 667 -4.00 36.51 22.71
CA PHE M 667 -3.22 36.38 21.47
C PHE M 667 -2.44 37.65 21.15
N GLY M 668 -3.10 38.79 21.24
CA GLY M 668 -2.45 40.06 21.00
C GLY M 668 -1.40 40.41 22.04
N HIS M 669 -1.65 40.06 23.31
CA HIS M 669 -0.63 40.20 24.35
C HIS M 669 0.61 39.36 24.03
N LEU M 670 0.40 38.13 23.54
CA LEU M 670 1.49 37.24 23.15
C LEU M 670 2.26 37.76 21.94
N VAL M 671 1.56 38.26 20.92
CA VAL M 671 2.21 38.73 19.69
C VAL M 671 2.98 40.03 19.96
N TRP M 672 2.39 40.90 20.78
CA TRP M 672 3.02 42.17 21.21
C TRP M 672 4.30 41.92 21.98
N ALA M 673 4.28 40.95 22.90
CA ALA M 673 5.47 40.65 23.66
C ALA M 673 6.49 39.80 22.89
N THR M 674 6.04 39.05 21.88
CA THR M 674 6.96 38.37 20.99
C THR M 674 7.74 39.36 20.16
N GLY M 675 7.13 40.52 19.87
CA GLY M 675 7.84 41.63 19.25
C GLY M 675 9.03 42.11 20.02
N PHE M 676 8.86 42.23 21.36
CA PHE M 676 9.86 42.70 22.31
C PHE M 676 11.15 41.87 22.27
N MET M 677 11.04 40.59 21.91
CA MET M 677 12.21 39.75 21.67
C MET M 677 13.07 40.24 20.51
N PHE M 678 12.44 40.56 19.39
CA PHE M 678 13.22 41.04 18.27
C PHE M 678 13.68 42.47 18.48
N LEU M 679 12.89 43.25 19.20
CA LEU M 679 13.24 44.64 19.51
C LEU M 679 14.34 44.81 20.56
N ILE M 680 14.43 43.94 21.57
CA ILE M 680 15.41 44.12 22.64
C ILE M 680 16.65 43.30 22.34
N SER M 681 16.47 42.00 22.17
CA SER M 681 17.56 41.12 21.78
C SER M 681 17.88 41.34 20.31
N TRP M 682 19.15 41.52 20.01
CA TRP M 682 19.60 41.86 18.68
C TRP M 682 20.59 40.80 18.18
N ARG M 683 21.22 41.06 17.03
CA ARG M 683 21.48 40.05 16.01
C ARG M 683 22.50 38.99 16.40
N GLY M 684 23.69 39.42 16.87
CA GLY M 684 24.86 38.56 17.02
C GLY M 684 24.74 37.41 17.98
N TYR M 685 23.88 37.61 19.01
CA TYR M 685 23.41 36.49 19.84
C TYR M 685 22.79 35.40 18.98
N TRP M 686 21.85 35.79 18.11
CA TRP M 686 21.13 34.79 17.34
C TRP M 686 22.01 34.20 16.25
N GLN M 687 22.98 34.95 15.73
CA GLN M 687 23.94 34.36 14.80
C GLN M 687 24.82 33.31 15.45
N GLU M 688 25.30 33.56 16.68
CA GLU M 688 26.11 32.57 17.38
C GLU M 688 25.28 31.36 17.82
N LEU M 689 24.02 31.60 18.17
CA LEU M 689 23.10 30.51 18.52
C LEU M 689 22.83 29.61 17.33
N ILE M 690 22.54 30.20 16.16
CA ILE M 690 22.36 29.44 14.93
C ILE M 690 23.65 28.75 14.47
N GLU M 691 24.84 29.29 14.80
CA GLU M 691 26.08 28.56 14.52
C GLU M 691 26.20 27.28 15.34
N THR M 692 25.79 27.34 16.62
CA THR M 692 25.67 26.11 17.42
C THR M 692 24.61 25.14 16.87
N LEU M 693 23.49 25.68 16.38
CA LEU M 693 22.44 24.86 15.76
C LEU M 693 22.90 24.19 14.46
N VAL M 694 23.69 24.90 13.65
CA VAL M 694 24.34 24.33 12.47
C VAL M 694 25.27 23.19 12.84
N TRP M 695 26.08 23.37 13.90
CA TRP M 695 26.94 22.28 14.39
C TRP M 695 26.12 21.08 14.85
N ALA M 696 25.01 21.34 15.55
CA ALA M 696 24.15 20.26 16.03
C ALA M 696 23.48 19.51 14.91
N HIS M 697 23.12 20.19 13.82
CA HIS M 697 22.45 19.47 12.75
C HIS M 697 23.42 18.65 11.92
N GLU M 698 24.61 19.17 11.62
CA GLU M 698 25.54 18.41 10.77
C GLU M 698 26.20 17.23 11.47
N ARG M 699 25.98 17.05 12.78
CA ARG M 699 26.60 15.97 13.56
C ARG M 699 25.59 15.02 14.16
N THR M 700 24.34 15.30 14.01
CA THR M 700 23.34 14.35 14.43
C THR M 700 23.18 13.32 13.33
N PRO M 701 23.43 12.04 13.56
CA PRO M 701 23.14 11.03 12.55
C PRO M 701 21.64 10.87 12.44
N LEU M 702 21.22 10.43 11.22
CA LEU M 702 19.89 10.14 10.65
C LEU M 702 19.32 11.45 10.10
N ALA M 703 20.05 12.56 10.35
CA ALA M 703 19.60 13.93 10.17
C ALA M 703 20.59 14.84 9.45
N ASN M 704 21.91 14.59 9.55
CA ASN M 704 22.88 15.34 8.76
C ASN M 704 22.83 15.00 7.27
N LEU M 705 22.20 13.87 6.94
CA LEU M 705 21.81 13.43 5.63
C LEU M 705 20.69 14.26 5.00
N VAL M 706 20.04 15.13 5.78
CA VAL M 706 19.12 16.14 5.29
C VAL M 706 19.80 17.49 5.43
N ARG M 707 19.98 18.18 4.31
CA ARG M 707 20.71 19.43 4.30
C ARG M 707 19.84 20.59 3.84
N TRP M 708 20.14 21.76 4.36
CA TRP M 708 19.54 22.97 3.86
C TRP M 708 20.13 23.33 2.50
N LYS M 709 19.37 24.08 1.72
CA LYS M 709 19.89 24.68 0.50
C LYS M 709 20.24 26.14 0.67
N ASP M 710 19.56 26.82 1.58
CA ASP M 710 19.94 28.15 2.01
C ASP M 710 20.47 28.05 3.42
N LYS M 711 21.59 28.72 3.66
CA LYS M 711 22.33 28.55 4.90
C LYS M 711 21.60 29.25 6.04
N PRO M 712 21.40 28.58 7.18
CA PRO M 712 20.73 29.20 8.31
C PRO M 712 21.57 30.33 8.88
N VAL M 713 21.03 31.54 8.79
CA VAL M 713 21.64 32.69 9.43
C VAL M 713 20.59 33.39 10.26
N ALA M 714 21.06 34.21 11.19
CA ALA M 714 20.20 35.13 11.90
C ALA M 714 19.65 36.16 10.94
N MET M 715 18.49 36.70 11.30
CA MET M 715 17.88 37.74 10.50
C MET M 715 18.72 39.00 10.56
N SER M 716 18.52 39.88 9.59
CA SER M 716 19.38 41.06 9.60
C SER M 716 18.89 42.07 10.62
N ILE M 717 19.65 43.16 10.72
CA ILE M 717 19.44 44.17 11.74
C ILE M 717 18.12 44.90 11.48
N VAL M 718 17.95 45.35 10.23
CA VAL M 718 16.72 45.98 9.76
C VAL M 718 15.56 44.99 9.79
N GLN M 719 15.84 43.71 9.50
CA GLN M 719 14.78 42.70 9.54
C GLN M 719 14.37 42.40 10.97
N GLY M 720 15.34 42.38 11.90
CA GLY M 720 15.00 42.20 13.31
C GLY M 720 14.14 43.33 13.86
N ARG M 721 14.45 44.57 13.46
CA ARG M 721 13.61 45.73 13.76
C ARG M 721 12.22 45.63 13.13
N LEU M 722 12.16 45.23 11.86
CA LEU M 722 10.90 45.19 11.13
C LEU M 722 9.97 44.09 11.64
N ILE M 723 10.53 42.92 11.95
CA ILE M 723 9.73 41.83 12.51
C ILE M 723 9.28 42.14 13.92
N GLY M 724 10.15 42.76 14.75
CA GLY M 724 9.69 43.18 16.07
C GLY M 724 8.62 44.25 16.03
N LEU M 725 8.70 45.13 15.02
CA LEU M 725 7.69 46.17 14.88
C LEU M 725 6.37 45.56 14.38
N ALA M 726 6.44 44.61 13.44
CA ALA M 726 5.25 43.98 12.88
C ALA M 726 4.51 43.18 13.92
N HIS M 727 5.23 42.44 14.76
CA HIS M 727 4.62 41.79 15.92
C HIS M 727 4.05 42.76 16.94
N PHE M 728 4.78 43.84 17.28
CA PHE M 728 4.27 44.89 18.18
C PHE M 728 2.96 45.48 17.66
N THR M 729 2.91 45.75 16.37
CA THR M 729 1.77 46.42 15.75
C THR M 729 0.57 45.48 15.62
N VAL M 730 0.79 44.23 15.20
CA VAL M 730 -0.26 43.21 15.13
C VAL M 730 -0.83 42.93 16.51
N GLY M 731 0.03 42.80 17.52
CA GLY M 731 -0.46 42.57 18.87
C GLY M 731 -1.20 43.74 19.48
N TYR M 732 -0.73 44.96 19.18
CA TYR M 732 -1.40 46.21 19.55
C TYR M 732 -2.84 46.28 19.03
N ILE M 733 -2.99 46.06 17.72
CA ILE M 733 -4.28 46.20 17.05
C ILE M 733 -5.24 45.08 17.47
N LEU M 734 -4.73 43.83 17.59
CA LEU M 734 -5.61 42.74 17.99
C LEU M 734 -6.03 42.84 19.45
N THR M 735 -5.13 43.28 20.35
CA THR M 735 -5.48 43.50 21.76
C THR M 735 -6.53 44.59 21.91
N TYR M 736 -6.35 45.71 21.19
CA TYR M 736 -7.34 46.76 21.31
C TYR M 736 -8.64 46.47 20.60
N ALA M 737 -8.64 45.75 19.47
CA ALA M 737 -9.87 45.39 18.79
C ALA M 737 -10.69 44.42 19.63
N ALA M 738 -10.00 43.47 20.28
CA ALA M 738 -10.63 42.56 21.24
C ALA M 738 -11.26 43.30 22.41
N PHE M 739 -10.55 44.29 22.96
CA PHE M 739 -11.11 45.06 24.07
C PHE M 739 -12.27 45.96 23.62
N VAL M 740 -12.13 46.66 22.49
CA VAL M 740 -13.11 47.70 22.14
C VAL M 740 -14.39 47.04 21.60
N ILE M 741 -14.32 45.78 21.18
CA ILE M 741 -15.55 45.10 20.83
C ILE M 741 -16.14 44.32 22.02
N ALA M 742 -15.33 43.59 22.81
CA ALA M 742 -15.89 42.75 23.87
C ALA M 742 -16.35 43.54 25.09
N SER M 743 -15.74 44.70 25.38
CA SER M 743 -16.19 45.50 26.50
C SER M 743 -17.53 46.16 26.22
N THR M 744 -17.79 46.49 24.97
CA THR M 744 -19.00 47.21 24.61
C THR M 744 -20.14 46.26 24.24
N ALA M 745 -19.84 45.12 23.62
CA ALA M 745 -20.85 44.10 23.40
C ALA M 745 -21.25 43.38 24.68
N GLY M 746 -20.42 43.43 25.72
CA GLY M 746 -20.75 42.85 27.00
C GLY M 746 -21.22 43.85 28.04
N LEU M 747 -21.68 45.03 27.60
CA LEU M 747 -22.36 45.96 28.49
C LEU M 747 -23.70 45.42 28.97
N SER M 748 -24.60 45.09 28.03
CA SER M 748 -25.98 44.63 28.24
C SER M 748 -26.82 45.51 29.17
N SER N 2 29.54 41.06 -2.68
CA SER N 2 30.69 41.59 -1.97
C SER N 2 30.51 43.07 -1.67
N HIS N 3 31.04 43.48 -0.52
CA HIS N 3 31.01 44.88 -0.12
C HIS N 3 32.05 45.67 -0.90
N ALA N 4 31.76 46.95 -1.12
CA ALA N 4 32.58 47.77 -2.01
C ALA N 4 33.31 48.82 -1.17
N VAL N 5 34.64 48.83 -1.27
CA VAL N 5 35.51 49.63 -0.43
C VAL N 5 36.15 50.70 -1.31
N LYS N 6 35.95 51.97 -0.97
CA LYS N 6 36.55 53.08 -1.69
C LYS N 6 37.39 53.94 -0.76
N ILE N 7 38.53 54.40 -1.28
CA ILE N 7 39.44 55.28 -0.54
C ILE N 7 39.59 56.56 -1.35
N TYR N 8 39.25 57.68 -0.73
CA TYR N 8 39.27 58.97 -1.42
C TYR N 8 40.64 59.63 -1.26
N ASP N 9 40.73 60.90 -1.62
CA ASP N 9 41.99 61.64 -1.59
C ASP N 9 42.24 62.34 -0.26
N THR N 10 41.37 62.16 0.73
CA THR N 10 41.55 62.80 2.03
C THR N 10 42.45 61.98 2.95
N CYS N 11 42.90 60.81 2.50
CA CYS N 11 43.78 59.92 3.26
C CYS N 11 45.15 60.54 3.52
N ILE N 12 45.65 60.40 4.74
CA ILE N 12 46.93 60.96 5.14
C ILE N 12 48.01 59.91 5.31
N GLY N 13 47.71 58.63 5.04
CA GLY N 13 48.68 57.56 5.14
C GLY N 13 49.17 57.24 6.54
N CYS N 14 48.23 57.17 7.49
CA CYS N 14 48.54 57.02 8.92
C CYS N 14 48.78 55.59 9.35
N THR N 15 48.66 54.62 8.44
CA THR N 15 48.93 53.17 8.62
C THR N 15 48.07 52.54 9.71
N GLN N 16 46.80 52.99 9.81
CA GLN N 16 45.94 52.50 10.88
C GLN N 16 44.79 51.64 10.41
N CYS N 17 44.36 51.80 9.16
CA CYS N 17 43.24 51.01 8.64
C CYS N 17 43.67 49.63 8.16
N VAL N 18 44.98 49.40 7.96
CA VAL N 18 45.45 48.07 7.60
C VAL N 18 45.79 47.24 8.83
N ARG N 19 46.02 47.90 9.97
CA ARG N 19 46.29 47.17 11.20
C ARG N 19 44.98 46.79 11.89
N ALA N 20 43.98 47.67 11.84
CA ALA N 20 42.71 47.41 12.47
C ALA N 20 41.81 46.47 11.66
N CYS N 21 42.20 46.10 10.45
CA CYS N 21 41.41 45.17 9.64
C CYS N 21 41.66 43.72 10.07
N PRO N 22 40.63 42.96 10.42
CA PRO N 22 40.85 41.55 10.77
C PRO N 22 40.86 40.61 9.57
N LEU N 23 40.81 41.12 8.34
CA LEU N 23 40.70 40.27 7.16
C LEU N 23 41.76 40.48 6.10
N ASP N 24 42.66 41.48 6.22
CA ASP N 24 43.64 41.90 5.21
C ASP N 24 42.96 42.18 3.85
N VAL N 25 42.12 43.21 3.85
CA VAL N 25 41.51 43.62 2.59
C VAL N 25 42.37 44.68 1.93
N LEU N 26 43.02 45.49 2.75
CA LEU N 26 43.63 46.76 2.38
C LEU N 26 45.16 46.62 2.32
N GLU N 27 45.77 47.47 1.52
CA GLU N 27 47.23 47.53 1.45
C GLU N 27 47.66 48.92 1.02
N MET N 28 48.94 49.21 1.20
CA MET N 28 49.48 50.53 0.94
C MET N 28 50.29 50.58 -0.33
N VAL N 29 49.88 51.46 -1.22
CA VAL N 29 50.62 51.70 -2.45
C VAL N 29 51.19 53.11 -2.35
N PRO N 30 52.31 53.37 -3.01
CA PRO N 30 52.84 54.72 -3.12
C PRO N 30 51.88 55.68 -3.80
N TRP N 31 51.96 56.93 -3.36
CA TRP N 31 51.07 58.01 -3.78
C TRP N 31 51.82 59.31 -3.56
N ASP N 32 51.35 60.37 -4.20
CA ASP N 32 52.06 61.64 -4.15
C ASP N 32 51.36 62.77 -3.41
N GLY N 33 50.11 62.58 -2.96
CA GLY N 33 49.32 63.70 -2.50
C GLY N 33 49.32 63.97 -1.01
N ASN N 34 50.30 63.43 -0.28
CA ASN N 34 50.43 63.69 1.15
C ASN N 34 51.90 63.79 1.56
N ARG N 35 52.10 63.91 2.86
CA ARG N 35 53.45 63.87 3.43
C ARG N 35 53.95 62.44 3.59
N ALA N 36 53.06 61.48 3.79
CA ALA N 36 53.42 60.09 4.03
C ALA N 36 53.85 59.33 2.78
N GLY N 37 53.39 59.75 1.60
CA GLY N 37 53.78 59.08 0.37
C GLY N 37 53.03 57.81 0.04
N SER N 38 51.87 57.59 0.65
CA SER N 38 51.16 56.32 0.45
C SER N 38 49.66 56.51 0.62
N ILE N 39 48.89 55.64 -0.03
CA ILE N 39 47.44 55.62 0.08
C ILE N 39 46.99 54.17 0.23
N ALA N 40 45.90 53.97 0.97
CA ALA N 40 45.29 52.65 1.12
C ALA N 40 44.51 52.28 -0.14
N SER N 41 44.43 50.97 -0.39
CA SER N 41 43.69 50.43 -1.53
C SER N 41 43.14 49.07 -1.16
N SER N 42 42.07 48.67 -1.84
CA SER N 42 41.40 47.39 -1.58
C SER N 42 41.38 46.52 -2.83
N PRO N 43 42.38 45.67 -3.04
CA PRO N 43 42.30 44.69 -4.12
C PRO N 43 41.63 43.38 -3.74
N ARG N 44 41.18 43.22 -2.49
CA ARG N 44 40.70 41.95 -1.98
C ARG N 44 39.33 42.17 -1.32
N THR N 45 38.42 42.85 -2.05
CA THR N 45 37.09 43.15 -1.53
C THR N 45 36.18 41.93 -1.46
N GLU N 46 36.54 40.81 -2.09
CA GLU N 46 35.76 39.59 -2.00
C GLU N 46 35.87 38.91 -0.64
N ASP N 47 36.92 39.22 0.13
CA ASP N 47 37.08 38.68 1.48
C ASP N 47 36.62 39.64 2.56
N CYS N 48 36.11 40.81 2.17
CA CYS N 48 35.66 41.79 3.16
C CYS N 48 34.33 41.36 3.75
N VAL N 49 34.25 41.41 5.09
CA VAL N 49 33.02 41.05 5.77
C VAL N 49 32.14 42.26 6.07
N GLY N 50 32.65 43.49 5.93
CA GLY N 50 31.89 44.67 6.27
C GLY N 50 31.93 45.11 7.71
N CYS N 51 32.96 44.72 8.47
CA CYS N 51 32.93 44.87 9.93
C CYS N 51 33.18 46.29 10.42
N LYS N 52 33.60 47.21 9.53
CA LYS N 52 33.76 48.65 9.79
C LYS N 52 34.79 48.97 10.87
N ARG N 53 35.78 48.08 11.07
CA ARG N 53 36.88 48.37 11.97
C ARG N 53 37.91 49.30 11.35
N CYS N 54 37.98 49.35 10.02
CA CYS N 54 38.83 50.29 9.33
C CYS N 54 38.25 51.70 9.34
N GLU N 55 36.94 51.83 9.57
CA GLU N 55 36.32 53.15 9.66
C GLU N 55 36.26 53.68 11.08
N THR N 56 36.34 52.80 12.09
CA THR N 56 36.52 53.26 13.47
C THR N 56 37.90 53.87 13.66
N ALA N 57 38.91 53.30 13.02
CA ALA N 57 40.30 53.73 13.19
C ALA N 57 40.71 54.88 12.29
N CYS N 58 39.78 55.44 11.45
CA CYS N 58 40.39 56.38 10.51
C CYS N 58 40.28 57.80 11.06
N PRO N 59 41.41 58.51 11.22
CA PRO N 59 41.45 59.64 12.14
C PRO N 59 41.11 61.00 11.55
N THR N 60 40.46 61.06 10.40
CA THR N 60 40.16 62.33 9.76
C THR N 60 38.85 62.89 10.31
N ASP N 61 38.33 63.96 9.68
CA ASP N 61 37.04 64.53 10.04
C ASP N 61 35.91 63.59 9.67
N PHE N 62 35.72 63.41 8.38
CA PHE N 62 34.93 62.35 7.82
C PHE N 62 35.88 61.30 7.29
N LEU N 63 35.42 60.04 7.33
CA LEU N 63 36.27 58.89 7.11
C LEU N 63 36.69 58.80 5.64
N SER N 64 38.02 58.76 5.43
CA SER N 64 38.60 58.71 4.10
C SER N 64 38.31 57.40 3.38
N ILE N 65 38.03 56.34 4.11
CA ILE N 65 37.63 55.06 3.56
C ILE N 65 36.14 54.85 3.83
N ARG N 66 35.42 54.40 2.80
CA ARG N 66 34.01 54.06 2.94
C ARG N 66 33.79 52.65 2.43
N VAL N 67 33.23 51.79 3.27
CA VAL N 67 32.75 50.49 2.85
C VAL N 67 31.22 50.55 2.73
N TYR N 68 30.73 50.08 1.58
CA TYR N 68 29.32 50.07 1.23
C TYR N 68 28.84 48.62 1.26
N LEU N 69 27.76 48.39 2.01
CA LEU N 69 27.19 47.06 2.17
C LEU N 69 26.48 46.66 0.88
N GLY N 70 26.91 45.56 0.27
CA GLY N 70 26.41 45.14 -1.02
C GLY N 70 25.80 43.75 -0.96
N ALA N 71 26.03 42.99 -2.03
CA ALA N 71 25.54 41.62 -2.12
C ALA N 71 26.29 40.73 -1.15
N GLU N 72 25.59 39.77 -0.55
CA GLU N 72 26.22 38.98 0.48
C GLU N 72 26.60 37.60 -0.05
N THR N 73 27.74 37.10 0.41
CA THR N 73 28.30 35.82 0.03
C THR N 73 28.54 35.00 1.29
N THR N 74 29.22 33.87 1.14
CA THR N 74 29.64 33.08 2.30
C THR N 74 30.69 33.84 3.11
N ARG N 75 31.70 34.39 2.41
CA ARG N 75 32.78 35.12 3.07
C ARG N 75 32.31 36.43 3.69
N SER N 76 31.32 37.08 3.07
CA SER N 76 30.90 38.38 3.56
C SER N 76 29.80 38.30 4.61
N MET N 77 29.11 37.16 4.73
CA MET N 77 28.26 36.89 5.90
C MET N 77 29.04 36.28 7.06
N GLY N 78 30.33 36.03 6.89
CA GLY N 78 31.18 35.50 7.95
C GLY N 78 30.88 34.10 8.41
N LEU N 79 30.59 33.19 7.48
CA LEU N 79 30.09 31.87 7.84
C LEU N 79 31.22 30.84 7.82
N ALA N 80 31.32 30.08 8.91
CA ALA N 80 32.23 28.95 9.02
C ALA N 80 31.59 27.65 8.56
N TYR N 81 30.39 27.74 8.00
CA TYR N 81 29.64 26.60 7.50
C TYR N 81 29.17 27.01 6.13
N GLN O 3 44.44 12.57 5.48
CA GLN O 3 43.47 12.00 4.54
C GLN O 3 42.78 13.11 3.75
N ALA O 4 41.59 13.50 4.20
CA ALA O 4 40.87 14.61 3.56
C ALA O 4 41.49 15.95 3.92
N ASN O 5 42.15 16.03 5.07
CA ASN O 5 42.82 17.24 5.55
C ASN O 5 44.29 16.89 5.73
N SER O 6 45.05 17.02 4.65
CA SER O 6 46.46 16.64 4.61
C SER O 6 47.32 17.88 4.51
N LEU O 7 48.33 17.97 5.37
CA LEU O 7 49.26 19.09 5.38
C LEU O 7 50.21 19.01 4.19
N PRO O 8 50.77 20.14 3.76
CA PRO O 8 51.89 20.11 2.79
C PRO O 8 53.13 19.46 3.39
N PRO O 9 53.97 18.83 2.58
CA PRO O 9 55.18 18.17 3.11
C PRO O 9 56.22 19.20 3.55
N GLY O 10 56.65 19.08 4.81
CA GLY O 10 57.50 20.06 5.46
C GLY O 10 56.86 20.66 6.71
N ALA O 11 55.53 20.61 6.78
CA ALA O 11 54.79 21.12 7.93
C ALA O 11 54.33 19.98 8.82
N SER O 12 54.52 20.14 10.12
CA SER O 12 54.08 19.16 11.10
C SER O 12 52.86 19.68 11.85
N SER O 13 52.00 18.75 12.26
CA SER O 13 50.78 19.12 12.95
C SER O 13 51.07 19.55 14.39
N PRO O 14 50.44 20.62 14.88
CA PRO O 14 50.55 20.94 16.31
C PRO O 14 49.76 19.95 17.14
N ILE O 15 50.18 19.80 18.39
CA ILE O 15 49.53 18.84 19.29
C ILE O 15 48.24 19.47 19.79
N PHE O 16 47.12 18.99 19.28
CA PHE O 16 45.80 19.45 19.69
C PHE O 16 44.89 18.23 19.80
N GLY O 17 44.09 18.19 20.85
CA GLY O 17 43.22 17.05 21.03
C GLY O 17 41.90 17.12 20.28
N GLY O 18 41.74 18.10 19.39
CA GLY O 18 40.66 18.35 18.44
C GLY O 18 39.39 18.79 19.12
N SER O 19 38.71 19.78 18.53
CA SER O 19 37.62 20.45 19.23
C SER O 19 36.30 20.17 18.51
N THR O 20 35.24 20.94 18.87
CA THR O 20 34.01 21.01 18.08
C THR O 20 33.79 22.36 17.41
N GLY O 21 34.70 23.33 17.60
CA GLY O 21 34.57 24.60 16.92
C GLY O 21 35.14 24.61 15.52
N GLY O 22 35.76 23.51 15.09
CA GLY O 22 36.52 23.49 13.86
C GLY O 22 35.71 23.32 12.58
N LEU O 23 36.19 22.45 11.69
CA LEU O 23 35.70 22.40 10.32
C LEU O 23 34.34 21.73 10.25
N LEU O 24 33.55 22.16 9.28
CA LEU O 24 32.24 21.63 8.97
C LEU O 24 32.23 21.21 7.50
N ARG O 25 31.04 20.94 6.97
CA ARG O 25 30.87 20.41 5.61
C ARG O 25 31.33 21.38 4.51
N LYS O 26 31.36 22.69 4.79
CA LYS O 26 31.84 23.71 3.85
C LYS O 26 33.29 23.48 3.43
N ALA O 27 34.13 23.06 4.39
CA ALA O 27 35.51 22.68 4.13
C ALA O 27 35.62 21.45 3.23
N LEU O 28 34.62 20.56 3.28
CA LEU O 28 34.55 19.49 2.31
C LEU O 28 34.08 19.99 0.95
N VAL O 29 33.15 20.93 0.89
CA VAL O 29 32.43 21.17 -0.36
C VAL O 29 32.70 22.54 -0.99
N GLU O 30 33.08 23.58 -0.23
CA GLU O 30 33.23 24.88 -0.86
C GLU O 30 34.66 25.40 -0.80
N GLU O 31 35.23 25.59 0.39
CA GLU O 31 36.59 26.07 0.61
C GLU O 31 36.95 25.88 2.07
N LYS O 32 38.25 25.89 2.33
CA LYS O 32 38.83 26.00 3.67
C LYS O 32 40.13 26.78 3.58
N TYR O 33 40.76 27.03 4.73
CA TYR O 33 41.90 27.91 4.75
C TYR O 33 42.99 27.26 5.60
N LEU O 34 44.25 27.57 5.30
CA LEU O 34 45.38 26.88 5.91
C LEU O 34 46.44 27.88 6.29
N ILE O 35 46.80 27.91 7.58
CA ILE O 35 47.85 28.80 8.06
C ILE O 35 49.08 27.97 8.42
N THR O 36 50.24 28.41 7.93
CA THR O 36 51.53 27.81 8.28
C THR O 36 52.44 28.86 8.89
N TRP O 37 52.96 28.57 10.08
CA TRP O 37 53.86 29.47 10.77
C TRP O 37 55.13 28.73 11.20
N GLY O 38 56.14 29.51 11.59
CA GLY O 38 57.40 28.96 12.03
C GLY O 38 57.73 29.31 13.46
N SER O 39 57.76 28.30 14.32
CA SER O 39 58.09 28.47 15.73
C SER O 39 59.48 27.93 16.00
N LYS O 40 60.16 28.58 16.94
CA LYS O 40 61.47 28.13 17.37
C LYS O 40 61.41 27.15 18.54
N GLU O 41 60.26 27.04 19.23
CA GLU O 41 60.13 26.13 20.36
C GLU O 41 58.68 25.65 20.44
N GLU O 42 58.40 24.79 21.41
CA GLU O 42 57.06 24.27 21.68
C GLU O 42 56.40 25.19 22.69
N GLN O 43 55.30 25.84 22.31
CA GLN O 43 54.75 26.90 23.14
C GLN O 43 53.23 26.88 22.99
N VAL O 44 52.52 27.38 24.01
CA VAL O 44 51.09 27.12 24.17
C VAL O 44 50.28 28.32 23.66
N PHE O 45 49.40 28.06 22.69
CA PHE O 45 48.61 29.12 22.07
C PHE O 45 47.13 28.78 22.11
N GLU O 46 46.31 29.81 22.24
CA GLU O 46 44.87 29.66 22.20
C GLU O 46 44.39 29.38 20.78
N MET O 47 43.53 28.37 20.65
CA MET O 47 42.86 28.13 19.37
C MET O 47 41.83 29.23 19.10
N PRO O 48 41.68 29.64 17.84
CA PRO O 48 40.59 30.56 17.48
C PRO O 48 39.21 29.93 17.53
N THR O 49 39.12 28.60 17.54
CA THR O 49 37.86 27.90 17.58
C THR O 49 37.52 27.39 18.97
N GLY O 50 38.30 27.75 19.97
CA GLY O 50 38.09 27.34 21.35
C GLY O 50 39.12 26.32 21.79
N GLY O 51 39.60 26.46 23.02
CA GLY O 51 40.58 25.56 23.58
C GLY O 51 42.00 26.12 23.50
N ALA O 52 42.95 25.26 23.86
CA ALA O 52 44.37 25.58 23.82
C ALA O 52 45.13 24.45 23.17
N ALA O 53 46.17 24.80 22.40
CA ALA O 53 47.01 23.84 21.71
C ALA O 53 48.46 24.18 21.98
N THR O 54 49.34 23.24 21.65
CA THR O 54 50.78 23.45 21.79
C THR O 54 51.43 23.28 20.41
N MET O 55 52.18 24.29 19.98
CA MET O 55 52.93 24.21 18.75
C MET O 55 54.35 23.71 19.03
N VAL O 56 54.81 22.79 18.18
CA VAL O 56 56.15 22.21 18.31
C VAL O 56 57.13 23.11 17.56
N ALA O 57 58.42 22.88 17.77
CA ALA O 57 59.46 23.62 17.06
C ALA O 57 59.49 23.20 15.59
N GLY O 58 59.49 24.18 14.69
CA GLY O 58 59.44 23.93 13.27
C GLY O 58 58.29 24.66 12.62
N VAL O 59 57.82 24.12 11.49
CA VAL O 59 56.74 24.74 10.72
C VAL O 59 55.45 24.01 11.07
N ASN O 60 54.45 24.77 11.52
CA ASN O 60 53.17 24.25 11.97
C ASN O 60 52.07 24.69 11.02
N GLY O 61 51.23 23.75 10.61
CA GLY O 61 50.11 24.04 9.72
C GLY O 61 48.78 23.70 10.39
N LEU O 62 47.78 24.55 10.15
CA LEU O 62 46.48 24.40 10.78
C LEU O 62 45.38 24.78 9.79
N TYR O 63 44.34 23.96 9.73
CA TYR O 63 43.23 24.13 8.81
C TYR O 63 42.05 24.75 9.55
N LEU O 64 41.52 25.86 9.01
CA LEU O 64 40.42 26.59 9.61
C LEU O 64 39.34 26.85 8.56
N ALA O 65 38.13 27.10 9.06
CA ALA O 65 36.97 27.25 8.20
C ALA O 65 36.91 28.61 7.52
N ARG O 66 37.46 29.64 8.16
CA ARG O 66 37.38 31.01 7.69
C ARG O 66 38.76 31.63 7.62
N LYS O 67 38.85 32.68 6.81
CA LYS O 67 40.10 33.42 6.68
C LYS O 67 40.34 34.30 7.89
N GLU O 68 39.26 34.71 8.56
CA GLU O 68 39.39 35.57 9.74
C GLU O 68 39.88 34.80 10.95
N GLN O 69 39.56 33.50 11.05
CA GLN O 69 40.11 32.65 12.11
C GLN O 69 41.62 32.52 11.98
N CYS O 70 42.10 32.34 10.74
CA CYS O 70 43.54 32.31 10.46
C CYS O 70 44.20 33.66 10.72
N HIS O 71 43.54 34.76 10.34
CA HIS O 71 44.11 36.09 10.57
C HIS O 71 44.11 36.46 12.05
N ALA O 72 43.10 36.03 12.81
CA ALA O 72 43.08 36.27 14.25
C ALA O 72 44.14 35.44 14.96
N LEU O 73 44.37 34.21 14.50
CA LEU O 73 45.46 33.38 15.01
C LEU O 73 46.82 34.00 14.72
N HIS O 74 47.00 34.58 13.52
CA HIS O 74 48.24 35.25 13.17
C HIS O 74 48.47 36.51 14.00
N ARG O 75 47.43 37.33 14.19
CA ARG O 75 47.58 38.51 15.05
C ARG O 75 47.79 38.16 16.51
N GLN O 76 47.24 37.04 16.99
CA GLN O 76 47.53 36.60 18.34
C GLN O 76 48.98 36.10 18.46
N LEU O 77 49.49 35.45 17.41
CA LEU O 77 50.90 35.02 17.39
C LEU O 77 51.86 36.20 17.37
N VAL O 78 51.51 37.28 16.64
CA VAL O 78 52.28 38.52 16.70
C VAL O 78 52.19 39.18 18.07
N ALA O 79 50.97 39.31 18.62
CA ALA O 79 50.76 40.07 19.84
C ALA O 79 51.24 39.35 21.09
N LYS O 80 51.44 38.03 21.03
CA LYS O 80 51.96 37.33 22.18
C LYS O 80 53.33 36.69 21.96
N PHE O 81 53.54 35.95 20.86
CA PHE O 81 54.70 35.11 20.78
C PHE O 81 55.69 35.52 19.69
N LYS O 82 55.43 36.63 18.98
CA LYS O 82 56.34 37.28 18.01
C LYS O 82 56.68 36.39 16.81
N ILE O 83 55.66 35.82 16.17
CA ILE O 83 55.80 35.12 14.90
C ILE O 83 55.13 35.93 13.81
N ARG O 84 55.91 36.33 12.81
CA ARG O 84 55.44 37.18 11.73
C ARG O 84 55.63 36.54 10.35
N ASP O 85 55.87 35.23 10.27
CA ASP O 85 55.99 34.56 8.98
C ASP O 85 54.88 33.55 8.73
N SER O 86 53.69 33.79 9.27
CA SER O 86 52.51 32.99 8.95
C SER O 86 52.08 33.27 7.52
N LYS O 87 51.85 32.20 6.76
CA LYS O 87 51.32 32.28 5.42
C LYS O 87 49.95 31.63 5.41
N ILE O 88 48.96 32.37 4.91
CA ILE O 88 47.56 31.96 4.94
C ILE O 88 47.23 31.59 3.50
N TYR O 89 46.75 30.36 3.27
CA TYR O 89 46.39 29.90 1.94
C TYR O 89 44.90 29.58 1.89
N ARG O 90 44.33 29.63 0.69
CA ARG O 90 42.96 29.23 0.42
C ARG O 90 42.95 27.87 -0.26
N VAL O 91 42.27 26.89 0.34
CA VAL O 91 42.30 25.51 -0.13
C VAL O 91 40.94 25.17 -0.70
N LEU O 92 40.93 24.78 -1.97
CA LEU O 92 39.76 24.32 -2.66
C LEU O 92 39.56 22.83 -2.38
N PRO O 93 38.36 22.29 -2.61
CA PRO O 93 38.14 20.83 -2.41
C PRO O 93 38.87 19.91 -3.37
N ASN O 94 39.33 20.38 -4.52
CA ASN O 94 40.11 19.53 -5.42
C ASN O 94 41.59 19.49 -5.09
N GLY O 95 42.07 20.33 -4.18
CA GLY O 95 43.45 20.34 -3.78
C GLY O 95 44.33 21.40 -4.42
N GLU O 96 43.77 22.30 -5.22
CA GLU O 96 44.53 23.41 -5.81
C GLU O 96 44.86 24.44 -4.73
N GLN O 97 46.10 24.91 -4.71
CA GLN O 97 46.61 25.76 -3.64
C GLN O 97 46.97 27.13 -4.17
N THR O 98 46.51 28.17 -3.48
CA THR O 98 46.87 29.55 -3.80
C THR O 98 47.17 30.31 -2.51
N LEU O 99 48.11 31.25 -2.60
CA LEU O 99 48.48 32.11 -1.49
C LEU O 99 47.57 33.33 -1.46
N ILE O 100 47.10 33.69 -0.26
CA ILE O 100 46.27 34.88 -0.08
C ILE O 100 46.77 35.83 1.00
N TYR O 101 47.73 35.40 1.85
CA TYR O 101 48.38 36.32 2.78
C TYR O 101 49.82 35.89 3.05
N PRO O 102 50.82 36.78 2.93
CA PRO O 102 50.76 38.10 2.26
C PRO O 102 50.72 38.00 0.72
N LYS O 103 50.06 38.93 0.00
CA LYS O 103 50.17 38.94 -1.45
C LYS O 103 51.47 39.59 -1.92
N ASP O 104 51.93 40.63 -1.23
CA ASP O 104 53.06 41.42 -1.68
C ASP O 104 54.39 40.69 -1.52
N GLY O 105 54.51 39.78 -0.56
CA GLY O 105 55.73 39.05 -0.34
C GLY O 105 56.17 39.07 1.11
N ILE P 3 47.33 82.29 4.93
CA ILE P 3 47.17 81.21 5.90
C ILE P 3 48.53 80.82 6.47
N GLN P 4 48.79 81.25 7.70
CA GLN P 4 50.06 80.93 8.36
C GLN P 4 49.80 80.31 9.73
N LYS P 5 50.88 80.09 10.50
CA LYS P 5 50.78 79.44 11.80
C LYS P 5 50.10 80.34 12.83
N GLY P 6 48.99 79.86 13.39
CA GLY P 6 48.29 80.60 14.43
C GLY P 6 47.19 81.53 13.94
N SER P 7 46.62 81.24 12.78
CA SER P 7 45.56 82.04 12.19
C SER P 7 44.22 81.34 12.35
N GLN P 8 43.21 82.09 12.78
CA GLN P 8 41.88 81.52 12.98
C GLN P 8 41.22 81.32 11.62
N VAL P 9 40.78 80.10 11.33
CA VAL P 9 40.14 79.77 10.05
C VAL P 9 38.77 79.17 10.29
N ARG P 10 37.85 79.44 9.35
CA ARG P 10 36.53 78.83 9.33
C ARG P 10 36.48 77.81 8.21
N VAL P 11 35.86 76.66 8.48
CA VAL P 11 35.88 75.54 7.55
C VAL P 11 34.67 75.63 6.64
N LEU P 12 34.93 75.61 5.32
CA LEU P 12 33.88 75.65 4.31
C LEU P 12 33.49 74.27 3.80
N ARG P 13 34.05 73.21 4.35
CA ARG P 13 33.72 71.86 3.91
C ARG P 13 32.36 71.44 4.43
N GLN P 14 31.50 70.95 3.52
CA GLN P 14 30.13 70.59 3.86
C GLN P 14 30.04 69.31 4.68
N GLU P 15 30.88 68.31 4.41
CA GLU P 15 30.85 67.03 5.10
C GLU P 15 31.62 67.03 6.41
N SER P 16 32.24 68.14 6.77
CA SER P 16 33.00 68.24 8.01
C SER P 16 32.07 68.29 9.23
N TYR P 17 32.59 67.82 10.37
CA TYR P 17 31.95 68.13 11.65
C TYR P 17 32.02 69.63 11.91
N TRP P 18 33.17 70.25 11.64
CA TRP P 18 33.41 71.62 12.03
C TRP P 18 33.05 72.61 10.94
N TYR P 19 32.03 72.31 10.13
CA TYR P 19 31.47 73.28 9.20
C TYR P 19 30.87 74.45 9.98
N ASN P 20 31.20 75.67 9.53
CA ASN P 20 30.91 76.94 10.21
C ASN P 20 31.46 76.96 11.65
N ASP P 21 32.68 76.45 11.82
CA ASP P 21 33.39 76.49 13.09
C ASP P 21 34.81 76.98 12.84
N VAL P 22 35.44 77.51 13.89
CA VAL P 22 36.69 78.24 13.77
C VAL P 22 37.79 77.49 14.53
N GLY P 23 38.87 77.16 13.82
CA GLY P 23 40.02 76.49 14.38
C GLY P 23 41.33 77.25 14.17
N THR P 24 42.39 76.67 14.71
CA THR P 24 43.72 77.26 14.75
C THR P 24 44.62 76.52 13.77
N VAL P 25 45.34 77.25 12.92
CA VAL P 25 46.29 76.59 12.03
C VAL P 25 47.55 76.26 12.81
N ALA P 26 47.88 74.98 12.88
CA ALA P 26 49.07 74.49 13.57
C ALA P 26 50.28 74.35 12.66
N SER P 27 50.10 73.84 11.45
CA SER P 27 51.21 73.70 10.51
C SER P 27 50.66 73.70 9.08
N VAL P 28 51.40 74.36 8.19
CA VAL P 28 51.13 74.36 6.76
C VAL P 28 52.25 73.61 6.07
N ASP P 29 51.91 72.55 5.34
CA ASP P 29 52.90 71.77 4.60
C ASP P 29 53.41 72.56 3.41
N LYS P 30 54.73 72.57 3.25
CA LYS P 30 55.37 73.34 2.19
C LYS P 30 55.51 72.55 0.89
N GLY P 31 55.10 71.29 0.86
CA GLY P 31 55.12 70.50 -0.35
C GLY P 31 53.91 70.81 -1.22
N ALA P 32 54.17 71.16 -2.47
CA ALA P 32 53.11 71.55 -3.40
C ALA P 32 52.29 70.35 -3.89
N ASN P 33 52.80 69.13 -3.76
CA ASN P 33 52.07 67.95 -4.17
C ASN P 33 50.92 67.56 -3.24
N VAL P 34 50.89 68.07 -2.02
CA VAL P 34 49.86 67.71 -1.04
C VAL P 34 48.54 68.39 -1.41
N ILE P 35 47.47 67.61 -1.50
CA ILE P 35 46.15 68.15 -1.81
C ILE P 35 45.60 68.96 -0.64
N TYR P 36 45.75 68.46 0.59
CA TYR P 36 45.29 69.14 1.79
C TYR P 36 46.48 69.41 2.72
N PRO P 37 47.16 70.55 2.58
CA PRO P 37 48.38 70.78 3.37
C PRO P 37 48.20 71.44 4.73
N VAL P 38 47.08 72.11 5.00
CA VAL P 38 46.96 72.98 6.16
C VAL P 38 46.39 72.18 7.32
N THR P 39 47.17 72.04 8.39
CA THR P 39 46.70 71.33 9.58
C THR P 39 46.00 72.31 10.51
N VAL P 40 44.74 72.01 10.84
CA VAL P 40 43.93 72.84 11.72
C VAL P 40 43.58 72.02 12.96
N ARG P 41 43.88 72.59 14.13
CA ARG P 41 43.52 72.06 15.44
C ARG P 41 42.26 72.79 15.92
N PHE P 42 41.40 72.09 16.64
CA PHE P 42 40.12 72.66 17.03
C PHE P 42 39.94 72.61 18.55
N GLU P 43 39.18 73.58 19.05
CA GLU P 43 38.78 73.61 20.45
C GLU P 43 37.73 72.56 20.79
N LYS P 44 36.95 72.12 19.80
CA LYS P 44 35.92 71.12 19.99
C LYS P 44 36.35 69.86 19.25
N VAL P 45 35.95 68.68 19.74
CA VAL P 45 36.33 67.45 19.05
C VAL P 45 35.16 66.95 18.23
N ASN P 46 35.45 65.97 17.37
CA ASN P 46 34.41 65.30 16.60
C ASN P 46 33.82 64.14 17.39
N TYR P 47 33.13 63.23 16.70
CA TYR P 47 32.51 62.11 17.38
C TYR P 47 33.49 61.00 17.68
N SER P 48 34.72 61.07 17.19
CA SER P 48 35.76 60.09 17.48
C SER P 48 36.81 60.63 18.43
N ASN P 49 36.50 61.74 19.14
CA ASN P 49 37.33 62.35 20.20
C ASN P 49 38.71 62.79 19.68
N LEU P 50 38.73 63.34 18.47
CA LEU P 50 39.94 63.87 17.85
C LEU P 50 39.70 65.32 17.43
N ASN P 51 40.78 66.09 17.34
CA ASN P 51 40.60 67.53 17.16
C ASN P 51 41.56 68.13 16.14
N THR P 52 42.24 67.31 15.33
CA THR P 52 43.14 67.81 14.28
C THR P 52 42.69 67.29 12.93
N ASN P 53 42.90 68.10 11.89
CA ASN P 53 42.61 67.64 10.53
C ASN P 53 43.58 68.34 9.58
N ASN P 54 43.76 67.75 8.39
CA ASN P 54 44.38 68.43 7.25
C ASN P 54 43.29 68.90 6.28
N PHE P 55 43.20 70.21 6.07
CA PHE P 55 42.34 70.83 5.08
C PHE P 55 43.18 71.43 3.95
N GLY P 56 42.48 71.88 2.91
CA GLY P 56 43.11 72.62 1.84
C GLY P 56 43.03 74.13 2.05
N VAL P 57 43.39 74.86 0.99
CA VAL P 57 43.38 76.32 1.05
C VAL P 57 41.99 76.85 0.69
N SER P 58 41.36 76.26 -0.33
CA SER P 58 40.05 76.71 -0.80
C SER P 58 38.92 76.36 0.16
N GLU P 59 39.13 75.41 1.07
CA GLU P 59 38.12 75.01 2.04
C GLU P 59 38.17 75.84 3.32
N LEU P 60 39.04 76.85 3.38
CA LEU P 60 39.26 77.64 4.58
C LEU P 60 38.99 79.11 4.31
N GLU P 61 38.35 79.78 5.26
CA GLU P 61 38.05 81.21 5.17
C GLU P 61 38.74 81.92 6.33
N GLU P 62 39.46 82.99 6.03
CA GLU P 62 40.22 83.73 7.04
C GLU P 62 39.29 84.73 7.73
N VAL P 63 39.29 84.74 9.05
CA VAL P 63 38.35 85.58 9.81
C VAL P 63 39.02 86.71 10.60
N PRO Q 26 -21.40 83.21 35.35
CA PRO Q 26 -21.33 81.74 35.37
C PRO Q 26 -21.11 81.19 33.97
N LEU Q 27 -19.93 80.59 33.75
CA LEU Q 27 -19.50 80.27 32.39
C LEU Q 27 -19.97 78.84 32.07
N GLY Q 28 -19.52 78.23 30.98
CA GLY Q 28 -20.13 77.00 30.51
C GLY Q 28 -19.71 75.78 31.31
N ASN Q 29 -20.70 75.13 31.95
CA ASN Q 29 -20.55 73.95 32.84
C ASN Q 29 -19.61 74.26 34.01
N THR Q 30 -19.70 75.49 34.52
CA THR Q 30 -18.89 76.02 35.63
C THR Q 30 -19.61 77.21 36.27
N ILE Q 31 -19.91 77.11 37.58
CA ILE Q 31 -20.49 78.23 38.32
C ILE Q 31 -19.58 78.46 39.53
N PRO Q 32 -19.50 79.65 40.14
CA PRO Q 32 -18.65 79.83 41.32
C PRO Q 32 -19.18 79.16 42.58
N CYS Q 33 -18.34 79.21 43.63
CA CYS Q 33 -18.52 78.44 44.85
C CYS Q 33 -19.66 78.92 45.73
N SER Q 34 -20.16 80.14 45.53
CA SER Q 34 -21.14 80.71 46.44
C SER Q 34 -22.52 80.10 46.29
N GLU Q 35 -22.84 79.51 45.13
CA GLU Q 35 -24.13 78.90 44.89
C GLU Q 35 -23.98 77.45 44.45
N SER Q 36 -22.81 76.87 44.68
CA SER Q 36 -22.51 75.50 44.29
C SER Q 36 -22.93 74.54 45.41
N GLN Q 37 -23.83 73.62 45.10
CA GLN Q 37 -24.32 72.68 46.10
C GLN Q 37 -23.28 71.59 46.39
N ALA Q 38 -22.62 71.08 45.35
CA ALA Q 38 -21.75 69.90 45.52
C ALA Q 38 -20.42 70.26 46.18
N PHE Q 39 -19.95 71.51 46.01
CA PHE Q 39 -18.85 72.03 46.82
C PHE Q 39 -19.23 72.08 48.29
N LYS Q 40 -20.46 72.50 48.58
CA LYS Q 40 -20.96 72.55 49.95
C LYS Q 40 -21.08 71.14 50.54
N ASP Q 41 -21.45 70.16 49.69
CA ASP Q 41 -21.49 68.76 50.13
C ASP Q 41 -20.10 68.19 50.42
N LEU Q 42 -19.13 68.46 49.54
CA LEU Q 42 -17.74 68.03 49.74
C LEU Q 42 -17.10 68.67 50.97
N LYS Q 43 -17.37 69.97 51.16
CA LYS Q 43 -16.94 70.73 52.33
C LYS Q 43 -17.49 70.14 53.63
N ASP Q 44 -18.82 69.92 53.71
CA ASP Q 44 -19.44 69.39 54.92
C ASP Q 44 -19.04 67.96 55.22
N ALA Q 45 -18.87 67.14 54.17
CA ALA Q 45 -18.43 65.76 54.30
C ALA Q 45 -17.06 65.72 54.94
N ARG Q 46 -16.16 66.61 54.49
CA ARG Q 46 -14.81 66.58 55.06
C ARG Q 46 -14.76 67.20 56.46
N ILE Q 47 -15.53 68.27 56.72
CA ILE Q 47 -15.56 68.88 58.06
C ILE Q 47 -16.20 67.94 59.09
N ASN Q 48 -17.25 67.21 58.72
CA ASN Q 48 -17.85 66.25 59.63
C ASN Q 48 -16.95 65.01 59.83
N GLY Q 49 -16.21 64.61 58.79
CA GLY Q 49 -15.21 63.57 58.95
C GLY Q 49 -14.07 63.96 59.87
N LEU Q 50 -13.64 65.23 59.79
CA LEU Q 50 -12.66 65.76 60.75
C LEU Q 50 -13.23 65.78 62.17
N LYS Q 51 -14.45 66.31 62.36
CA LYS Q 51 -15.08 66.41 63.70
C LYS Q 51 -15.29 65.05 64.35
N GLU Q 52 -15.63 64.02 63.56
CA GLU Q 52 -15.62 62.66 64.07
C GLU Q 52 -14.21 62.14 64.36
N LYS Q 53 -13.19 62.60 63.63
CA LYS Q 53 -11.83 62.13 63.94
C LYS Q 53 -11.20 62.83 65.14
N ILE Q 54 -11.48 64.13 65.36
CA ILE Q 54 -11.08 64.78 66.62
C ILE Q 54 -11.86 64.20 67.81
N ALA Q 55 -13.19 64.04 67.67
CA ALA Q 55 -14.03 63.74 68.83
C ALA Q 55 -13.88 62.31 69.39
N ALA Q 56 -13.17 61.42 68.69
CA ALA Q 56 -12.94 60.07 69.18
C ALA Q 56 -11.54 59.88 69.79
N THR Q 57 -10.73 60.94 69.87
CA THR Q 57 -9.36 60.83 70.37
C THR Q 57 -9.13 61.74 71.58
N ASP Q 58 -7.98 61.50 72.22
CA ASP Q 58 -7.37 62.22 73.34
C ASP Q 58 -6.76 63.52 72.85
N PRO Q 59 -6.97 64.65 73.54
CA PRO Q 59 -6.44 65.93 73.06
C PRO Q 59 -5.01 66.25 73.47
N ALA Q 60 -4.22 65.30 73.96
CA ALA Q 60 -2.85 65.57 74.38
C ALA Q 60 -1.91 64.45 73.95
N THR Q 61 -2.02 64.00 72.68
CA THR Q 61 -1.27 62.84 72.25
C THR Q 61 -0.65 62.97 70.85
N GLN Q 62 -0.56 64.20 70.32
CA GLN Q 62 0.06 64.72 69.08
C GLN Q 62 -0.80 64.39 67.84
N TYR Q 63 -1.81 63.54 67.98
CA TYR Q 63 -2.72 63.29 66.86
C TYR Q 63 -3.77 64.39 66.77
N ALA Q 64 -4.33 64.79 67.91
CA ALA Q 64 -5.47 65.70 67.91
C ALA Q 64 -5.08 67.14 67.61
N LYS Q 65 -3.89 67.60 68.06
CA LYS Q 65 -3.46 68.95 67.70
C LYS Q 65 -3.08 69.06 66.23
N ASP Q 66 -2.55 67.98 65.64
CA ASP Q 66 -2.37 67.95 64.18
C ASP Q 66 -3.70 67.94 63.44
N LEU Q 67 -4.72 67.28 64.01
CA LEU Q 67 -6.04 67.32 63.37
C LEU Q 67 -6.71 68.68 63.52
N THR Q 68 -6.50 69.38 64.64
CA THR Q 68 -7.04 70.75 64.75
C THR Q 68 -6.29 71.73 63.87
N ALA Q 69 -4.97 71.51 63.68
CA ALA Q 69 -4.21 72.30 62.70
C ALA Q 69 -4.71 72.05 61.27
N SER Q 70 -4.98 70.77 60.94
CA SER Q 70 -5.58 70.41 59.67
C SER Q 70 -6.99 70.97 59.51
N MET Q 71 -7.78 71.01 60.59
CA MET Q 71 -9.10 71.61 60.60
C MET Q 71 -9.06 73.11 60.31
N GLU Q 72 -8.17 73.84 61.00
CA GLU Q 72 -8.02 75.28 60.77
C GLU Q 72 -7.48 75.59 59.38
N LEU Q 73 -6.51 74.79 58.91
CA LEU Q 73 -5.98 74.88 57.55
C LEU Q 73 -7.06 74.60 56.50
N TRP Q 74 -7.92 73.61 56.74
CA TRP Q 74 -8.92 73.27 55.74
C TRP Q 74 -10.07 74.28 55.71
N GLU Q 75 -10.45 74.83 56.88
CA GLU Q 75 -11.44 75.90 56.92
C GLU Q 75 -10.93 77.16 56.22
N TYR Q 76 -9.63 77.47 56.38
CA TYR Q 76 -9.04 78.56 55.63
C TYR Q 76 -8.96 78.26 54.14
N ARG Q 77 -8.74 76.99 53.76
CA ARG Q 77 -8.67 76.66 52.34
C ARG Q 77 -10.04 76.69 51.66
N TYR Q 78 -11.10 76.25 52.35
CA TYR Q 78 -12.42 76.39 51.72
C TYR Q 78 -12.90 77.83 51.74
N ALA Q 79 -12.54 78.62 52.76
CA ALA Q 79 -12.84 80.05 52.74
C ALA Q 79 -12.05 80.76 51.65
N ASN Q 80 -10.85 80.26 51.34
CA ASN Q 80 -10.04 80.80 50.27
C ASN Q 80 -10.64 80.48 48.92
N TYR Q 81 -11.13 79.24 48.74
CA TYR Q 81 -11.85 78.87 47.53
C TYR Q 81 -13.18 79.61 47.40
N GLU Q 82 -13.77 80.00 48.53
CA GLU Q 82 -15.01 80.77 48.52
C GLU Q 82 -14.81 82.20 48.05
N LYS Q 83 -13.94 82.97 48.74
CA LYS Q 83 -14.05 84.43 48.61
C LYS Q 83 -13.38 84.97 47.34
N ASN Q 84 -12.44 84.23 46.76
CA ASN Q 84 -11.82 84.73 45.54
C ASN Q 84 -12.44 84.18 44.27
N ALA Q 85 -13.60 83.52 44.40
CA ALA Q 85 -14.35 82.84 43.33
C ALA Q 85 -13.57 81.73 42.63
N SER Q 86 -13.44 80.57 43.26
CA SER Q 86 -13.16 79.36 42.51
C SER Q 86 -14.50 78.83 41.97
N CYS Q 87 -14.46 77.91 40.98
CA CYS Q 87 -15.66 77.57 40.19
C CYS Q 87 -15.86 76.08 39.83
N ASP Q 88 -17.10 75.54 39.97
CA ASP Q 88 -17.28 74.09 40.09
C ASP Q 88 -18.15 73.26 39.14
N LYS Q 89 -19.49 73.37 39.26
CA LYS Q 89 -20.52 72.37 38.85
C LYS Q 89 -20.36 70.89 39.17
N ASP Q 90 -21.50 70.27 39.53
CA ASP Q 90 -21.79 68.84 39.48
C ASP Q 90 -20.92 68.00 40.39
N SER Q 91 -19.64 67.87 40.05
CA SER Q 91 -18.71 67.14 40.88
C SER Q 91 -18.14 68.00 42.00
N GLY Q 92 -18.37 69.31 41.98
CA GLY Q 92 -18.13 70.19 43.11
C GLY Q 92 -16.69 70.53 43.40
N GLN Q 93 -15.77 70.13 42.55
CA GLN Q 93 -14.34 70.34 42.61
C GLN Q 93 -13.90 71.54 41.77
N PRO Q 94 -12.84 72.26 42.20
CA PRO Q 94 -12.47 73.52 41.54
C PRO Q 94 -11.78 73.47 40.18
N HIS Q 95 -12.50 73.98 39.20
CA HIS Q 95 -12.07 74.07 37.82
C HIS Q 95 -11.47 75.46 37.59
N LEU Q 96 -10.44 75.52 36.75
CA LEU Q 96 -9.69 76.76 36.59
C LEU Q 96 -9.86 77.22 35.15
N ILE Q 97 -9.92 78.53 34.94
CA ILE Q 97 -10.30 79.09 33.65
C ILE Q 97 -9.10 79.82 33.08
N VAL Q 98 -8.62 79.40 31.91
CA VAL Q 98 -7.47 80.05 31.27
C VAL Q 98 -7.89 80.58 29.89
N ASP Q 99 -8.15 81.88 29.84
CA ASP Q 99 -8.03 82.66 28.62
C ASP Q 99 -7.55 84.10 28.83
N GLY Q 100 -7.28 84.50 30.07
CA GLY Q 100 -6.80 85.84 30.34
C GLY Q 100 -7.80 86.78 30.99
N ARG Q 101 -8.83 86.27 31.68
CA ARG Q 101 -9.68 87.14 32.48
C ARG Q 101 -8.92 87.67 33.68
N LEU Q 102 -9.14 88.94 34.00
CA LEU Q 102 -8.59 89.51 35.22
C LEU Q 102 -9.36 89.07 36.45
N SER Q 103 -10.60 88.59 36.29
CA SER Q 103 -11.34 88.01 37.40
C SER Q 103 -10.78 86.65 37.79
N HIS Q 104 -10.22 85.91 36.83
CA HIS Q 104 -9.57 84.64 37.11
C HIS Q 104 -8.09 84.75 36.81
N ALA Q 105 -7.49 85.90 37.15
CA ALA Q 105 -6.09 86.17 36.84
C ALA Q 105 -5.14 85.35 37.69
N GLY Q 106 -5.54 84.95 38.90
CA GLY Q 106 -4.71 84.11 39.72
C GLY Q 106 -4.66 82.66 39.29
N ASP Q 107 -5.49 82.26 38.34
CA ASP Q 107 -5.40 80.92 37.79
C ASP Q 107 -4.17 80.76 36.91
N PHE Q 108 -3.94 81.71 36.00
CA PHE Q 108 -2.86 81.58 35.04
C PHE Q 108 -1.85 82.70 35.10
N ILE Q 109 -2.31 83.96 35.14
CA ILE Q 109 -1.51 85.12 34.74
C ILE Q 109 -0.39 85.40 35.74
N ILE Q 110 -0.71 85.31 37.02
CA ILE Q 110 0.28 85.50 38.09
C ILE Q 110 1.27 84.34 38.26
N PRO Q 111 0.88 83.04 38.34
CA PRO Q 111 1.95 82.01 38.26
C PRO Q 111 2.65 81.89 36.92
N SER Q 112 2.09 82.43 35.82
CA SER Q 112 2.85 82.63 34.59
C SER Q 112 4.04 83.54 34.79
N ILE Q 113 3.84 84.75 35.35
CA ILE Q 113 4.95 85.69 35.42
C ILE Q 113 5.91 85.32 36.56
N LEU Q 114 5.41 84.64 37.59
CA LEU Q 114 6.32 83.98 38.56
C LEU Q 114 7.16 82.88 37.93
N PHE Q 115 6.57 82.05 37.04
CA PHE Q 115 7.36 81.06 36.31
C PHE Q 115 8.36 81.69 35.37
N LEU Q 116 7.95 82.74 34.64
CA LEU Q 116 8.87 83.42 33.73
C LEU Q 116 10.05 84.02 34.49
N TRP Q 117 9.78 84.66 35.65
CA TRP Q 117 10.83 85.25 36.49
C TRP Q 117 11.83 84.20 36.98
N LEU Q 118 11.35 83.10 37.56
CA LEU Q 118 12.30 82.16 38.14
C LEU Q 118 12.95 81.24 37.09
N ALA Q 119 12.24 80.87 36.01
CA ALA Q 119 12.88 80.07 34.98
C ALA Q 119 13.83 80.89 34.11
N GLY Q 120 13.49 82.16 33.85
CA GLY Q 120 14.44 83.03 33.19
C GLY Q 120 15.63 83.35 34.05
N ALA Q 121 15.44 83.36 35.38
CA ALA Q 121 16.55 83.46 36.33
C ALA Q 121 17.51 82.29 36.21
N LEU Q 122 16.98 81.06 36.23
CA LEU Q 122 17.82 79.87 36.10
C LEU Q 122 18.48 79.75 34.72
N GLY Q 123 17.71 80.03 33.65
CA GLY Q 123 18.26 79.95 32.31
C GLY Q 123 19.30 81.02 32.03
N TRP Q 124 19.07 82.25 32.49
CA TRP Q 124 20.04 83.32 32.30
C TRP Q 124 21.26 83.15 33.18
N ALA Q 125 21.10 82.58 34.38
CA ALA Q 125 22.24 82.28 35.24
C ALA Q 125 23.12 81.20 34.65
N GLY Q 126 22.52 80.12 34.14
CA GLY Q 126 23.30 79.10 33.46
C GLY Q 126 23.93 79.57 32.17
N ARG Q 127 23.23 80.43 31.41
CA ARG Q 127 23.78 81.00 30.18
C ARG Q 127 24.94 81.95 30.45
N ASP Q 128 24.79 82.83 31.45
CA ASP Q 128 25.87 83.74 31.80
C ASP Q 128 27.02 83.02 32.46
N TYR Q 129 26.75 81.92 33.18
CA TYR Q 129 27.81 81.07 33.71
C TYR Q 129 28.62 80.43 32.58
N LEU Q 130 27.95 79.96 31.52
CA LEU Q 130 28.66 79.43 30.36
C LEU Q 130 29.44 80.51 29.62
N LEU Q 131 28.89 81.73 29.53
CA LEU Q 131 29.61 82.82 28.87
C LEU Q 131 30.82 83.28 29.67
N LYS Q 132 30.77 83.22 31.00
CA LYS Q 132 31.93 83.71 31.75
C LYS Q 132 32.97 82.60 31.99
N THR Q 133 32.56 81.33 32.05
CA THR Q 133 33.54 80.28 32.30
C THR Q 133 34.26 79.84 31.03
N GLN Q 134 33.52 79.24 30.07
CA GLN Q 134 34.04 78.63 28.83
C GLN Q 134 35.15 77.61 29.12
N ASN Q 135 34.87 76.70 30.07
CA ASN Q 135 35.89 75.81 30.58
C ASN Q 135 35.22 74.50 30.99
N ALA Q 136 35.94 73.39 30.80
CA ALA Q 136 35.35 72.07 31.02
C ALA Q 136 35.53 71.57 32.44
N MET Q 137 36.58 72.00 33.15
CA MET Q 137 36.70 71.72 34.59
C MET Q 137 35.60 72.40 35.38
N ASP Q 138 35.16 73.57 34.93
CA ASP Q 138 34.30 74.41 35.76
C ASP Q 138 32.84 73.98 35.63
N GLU Q 139 32.51 73.20 34.61
CA GLU Q 139 31.16 72.66 34.51
C GLU Q 139 30.94 71.48 35.45
N ILE Q 140 31.98 70.70 35.77
CA ILE Q 140 31.84 69.65 36.78
C ILE Q 140 32.27 70.09 38.18
N LEU Q 141 33.12 71.11 38.31
CA LEU Q 141 33.47 71.72 39.58
C LEU Q 141 32.95 73.16 39.59
N ILE Q 142 31.84 73.37 40.29
CA ILE Q 142 31.14 74.65 40.23
C ILE Q 142 31.89 75.69 41.06
N ASP Q 143 32.43 76.70 40.39
CA ASP Q 143 33.07 77.82 41.07
C ASP Q 143 31.95 78.76 41.50
N PHE Q 144 31.77 78.90 42.81
CA PHE Q 144 30.61 79.62 43.35
C PHE Q 144 30.76 81.13 43.22
N SER Q 145 32.01 81.61 43.14
CA SER Q 145 32.27 83.02 42.92
C SER Q 145 31.88 83.48 41.52
N LYS Q 146 31.76 82.55 40.57
CA LYS Q 146 31.18 82.84 39.27
C LYS Q 146 29.77 82.26 39.10
N ALA Q 147 29.24 81.56 40.10
CA ALA Q 147 27.92 80.96 40.01
C ALA Q 147 26.84 81.76 40.75
N VAL Q 148 27.11 82.18 41.99
CA VAL Q 148 26.12 82.97 42.72
C VAL Q 148 25.89 84.41 42.22
N PRO Q 149 26.89 85.15 41.64
CA PRO Q 149 26.48 86.43 41.02
C PRO Q 149 25.73 86.23 39.71
N SER Q 150 25.96 85.10 39.03
CA SER Q 150 25.12 84.71 37.90
C SER Q 150 23.68 84.48 38.34
N LEU Q 151 23.51 83.89 39.53
CA LEU Q 151 22.18 83.73 40.12
C LEU Q 151 21.55 85.06 40.54
N VAL Q 152 22.33 86.02 41.08
CA VAL Q 152 21.78 87.34 41.43
C VAL Q 152 21.39 88.15 40.18
N LEU Q 153 22.21 88.14 39.13
CA LEU Q 153 21.77 88.76 37.88
C LEU Q 153 20.70 87.94 37.19
N GLY Q 154 20.63 86.65 37.51
CA GLY Q 154 19.44 85.87 37.25
C GLY Q 154 18.21 86.44 37.93
N LEU Q 155 18.34 86.92 39.17
CA LEU Q 155 17.17 87.56 39.79
C LEU Q 155 16.77 88.93 39.21
N ALA Q 156 17.49 89.48 38.21
CA ALA Q 156 17.05 90.67 37.50
C ALA Q 156 17.23 90.56 35.99
N TRP Q 157 17.23 89.32 35.44
CA TRP Q 157 17.37 88.92 34.03
C TRP Q 157 16.65 89.73 32.93
N PRO Q 158 15.40 90.40 33.09
CA PRO Q 158 14.88 91.16 31.95
C PRO Q 158 15.70 92.39 31.59
N LEU Q 159 16.19 93.10 32.62
CA LEU Q 159 17.02 94.29 32.44
C LEU Q 159 18.36 94.01 31.77
N PHE Q 160 18.85 92.78 31.83
CA PHE Q 160 20.06 92.41 31.11
C PHE Q 160 19.80 91.58 29.87
N ALA Q 161 18.58 91.09 29.66
CA ALA Q 161 18.29 90.20 28.56
C ALA Q 161 17.49 90.83 27.42
N ILE Q 162 16.68 91.84 27.69
CA ILE Q 162 15.94 92.58 26.66
C ILE Q 162 16.85 93.30 25.66
N PRO Q 163 17.91 94.14 26.05
CA PRO Q 163 18.72 94.76 24.98
C PRO Q 163 19.63 93.79 24.23
N GLN Q 164 19.87 92.58 24.75
CA GLN Q 164 20.58 91.61 23.93
C GLN Q 164 19.66 90.90 22.95
N ILE Q 165 18.34 90.88 23.22
CA ILE Q 165 17.39 90.50 22.18
C ILE Q 165 17.32 91.60 21.12
N LEU Q 166 17.27 92.87 21.57
CA LEU Q 166 17.24 94.00 20.63
C LEU Q 166 18.56 94.21 19.88
N SER Q 167 19.67 93.63 20.36
CA SER Q 167 20.95 93.72 19.66
C SER Q 167 21.14 92.56 18.68
N GLY Q 168 21.07 91.34 19.17
CA GLY Q 168 21.31 90.15 18.36
C GLY Q 168 22.32 89.27 19.05
N ALA Q 169 22.25 87.97 18.78
CA ALA Q 169 23.14 87.06 19.49
C ALA Q 169 24.42 86.72 18.71
N ILE Q 170 24.30 85.95 17.63
CA ILE Q 170 25.47 85.29 17.05
C ILE Q 170 25.09 84.84 15.63
N ARG Q 171 26.06 84.87 14.71
CA ARG Q 171 25.88 84.42 13.33
C ARG Q 171 26.33 82.97 13.26
N ASP Q 172 25.38 82.04 13.12
CA ASP Q 172 25.66 80.66 12.77
C ASP Q 172 24.49 80.09 11.98
N ASN Q 173 24.78 79.08 11.17
CA ASN Q 173 23.78 78.50 10.29
C ASN Q 173 23.33 77.13 10.77
N MET R 1 -26.01 24.72 8.77
CA MET R 1 -26.67 25.72 7.93
C MET R 1 -26.31 25.67 6.44
N ASN R 2 -26.44 26.84 5.82
CA ASN R 2 -25.98 27.09 4.46
C ASN R 2 -24.45 27.25 4.51
N VAL R 3 -23.79 26.10 4.57
CA VAL R 3 -22.35 25.97 4.66
C VAL R 3 -21.89 24.97 3.60
N TYR R 4 -20.79 25.29 2.93
CA TYR R 4 -20.09 24.24 2.20
C TYR R 4 -18.84 23.94 2.98
N PRO R 5 -18.86 22.99 3.89
CA PRO R 5 -17.72 22.81 4.80
C PRO R 5 -16.53 22.11 4.16
N TRP R 6 -16.78 21.32 3.11
CA TRP R 6 -15.72 20.73 2.30
C TRP R 6 -14.89 21.81 1.60
N LEU R 7 -15.54 22.90 1.21
CA LEU R 7 -14.84 24.06 0.66
C LEU R 7 -13.96 24.76 1.70
N VAL R 8 -14.40 24.80 2.96
CA VAL R 8 -13.59 25.33 4.05
C VAL R 8 -12.34 24.48 4.25
N TYR R 9 -12.50 23.15 4.20
CA TYR R 9 -11.36 22.23 4.26
C TYR R 9 -10.40 22.39 3.09
N VAL R 10 -10.94 22.64 1.89
CA VAL R 10 -10.08 22.77 0.71
C VAL R 10 -9.30 24.09 0.77
N THR R 11 -9.99 25.21 0.93
CA THR R 11 -9.36 26.51 0.72
C THR R 11 -8.72 27.11 1.98
N THR R 12 -8.95 26.53 3.18
CA THR R 12 -8.29 27.09 4.35
C THR R 12 -7.20 26.18 4.87
N LEU R 13 -7.25 24.90 4.52
CA LEU R 13 -6.31 23.91 5.03
C LEU R 13 -5.50 23.29 3.91
N VAL R 14 -6.12 22.78 2.86
CA VAL R 14 -5.37 22.05 1.84
C VAL R 14 -4.65 23.02 0.90
N PHE R 15 -5.41 23.95 0.30
CA PHE R 15 -4.87 24.90 -0.67
C PHE R 15 -3.78 25.85 -0.14
N PRO R 16 -3.79 26.35 1.12
CA PRO R 16 -2.59 27.06 1.62
C PRO R 16 -1.33 26.21 1.64
N LEU R 17 -1.42 24.93 1.99
CA LEU R 17 -0.21 24.11 2.09
C LEU R 17 0.29 23.68 0.71
N VAL R 18 -0.65 23.35 -0.19
CA VAL R 18 -0.47 23.37 -1.64
C VAL R 18 0.27 24.61 -2.15
N SER R 19 -0.19 25.79 -1.74
CA SER R 19 0.41 27.04 -2.22
C SER R 19 1.81 27.24 -1.68
N LEU R 20 2.05 26.92 -0.40
CA LEU R 20 3.39 27.04 0.17
C LEU R 20 4.36 26.03 -0.43
N ALA R 21 3.88 24.83 -0.78
CA ALA R 21 4.71 23.86 -1.49
C ALA R 21 5.07 24.33 -2.90
N ALA R 22 4.09 24.91 -3.61
CA ALA R 22 4.32 25.48 -4.93
C ALA R 22 5.27 26.67 -4.89
N LEU R 23 5.12 27.55 -3.90
CA LEU R 23 6.03 28.68 -3.75
C LEU R 23 7.43 28.24 -3.32
N PHE R 24 7.53 27.15 -2.53
CA PHE R 24 8.83 26.56 -2.21
C PHE R 24 9.56 26.06 -3.47
N ILE R 25 8.80 25.42 -4.37
CA ILE R 25 9.32 25.03 -5.68
C ILE R 25 9.72 26.26 -6.52
N LEU R 26 8.93 27.34 -6.46
CA LEU R 26 9.32 28.60 -7.12
C LEU R 26 10.60 29.22 -6.54
N ILE R 27 10.83 29.11 -5.24
CA ILE R 27 11.95 29.85 -4.67
C ILE R 27 13.20 29.00 -4.45
N GLU R 28 13.14 27.70 -4.71
CA GLU R 28 14.31 26.87 -4.45
C GLU R 28 14.84 26.07 -5.64
N ARG R 29 14.34 26.28 -6.85
CA ARG R 29 14.93 25.57 -7.98
C ARG R 29 15.68 26.51 -8.90
N ASP R 30 16.87 26.08 -9.31
CA ASP R 30 17.72 26.85 -10.20
C ASP R 30 17.18 26.70 -11.62
N THR R 31 16.64 27.80 -12.16
CA THR R 31 16.09 27.95 -13.51
C THR R 31 15.00 26.93 -13.87
N LYS S 2 37.14 77.77 44.83
CA LYS S 2 36.76 76.37 44.73
C LYS S 2 37.12 75.68 46.04
N ILE S 3 36.17 74.95 46.62
CA ILE S 3 36.34 74.33 47.92
C ILE S 3 36.28 72.81 47.75
N PRO S 4 36.89 72.01 48.63
CA PRO S 4 36.83 70.55 48.46
C PRO S 4 35.44 69.98 48.75
N PHE S 5 35.01 69.07 47.85
CA PHE S 5 33.89 68.13 47.92
C PHE S 5 32.50 68.78 47.78
N LEU S 6 32.42 70.10 47.91
CA LEU S 6 31.11 70.72 47.74
C LEU S 6 31.04 71.48 46.42
N SER S 7 32.20 71.69 45.78
CA SER S 7 32.24 72.33 44.47
C SER S 7 31.80 71.43 43.33
N LEU S 8 31.73 70.11 43.55
CA LEU S 8 31.38 69.13 42.53
C LEU S 8 29.94 69.31 42.06
N ALA S 9 29.73 69.02 40.78
CA ALA S 9 28.41 69.21 40.17
C ALA S 9 27.30 68.30 40.71
N PRO S 10 27.55 66.98 41.13
CA PRO S 10 26.51 66.23 41.87
C PRO S 10 26.08 66.90 43.15
N ILE S 11 27.08 67.33 43.94
CA ILE S 11 26.84 67.91 45.26
C ILE S 11 26.14 69.26 45.15
N SER S 12 26.65 70.13 44.28
CA SER S 12 26.03 71.45 44.08
C SER S 12 24.64 71.34 43.48
N GLY S 13 24.45 70.43 42.51
CA GLY S 13 23.14 70.18 41.94
C GLY S 13 22.15 69.59 42.93
N ALA S 14 22.60 68.63 43.75
CA ALA S 14 21.71 67.95 44.69
C ALA S 14 21.31 68.84 45.86
N LEU S 15 22.26 69.61 46.40
CA LEU S 15 21.89 70.63 47.38
C LEU S 15 21.04 71.75 46.79
N PHE S 16 21.16 72.06 45.47
CA PHE S 16 20.22 72.99 44.84
C PHE S 16 18.82 72.38 44.78
N ILE S 17 18.71 71.08 44.43
CA ILE S 17 17.41 70.39 44.35
C ILE S 17 16.72 70.38 45.72
N ILE S 18 17.47 69.96 46.75
CA ILE S 18 16.93 69.85 48.10
C ILE S 18 16.61 71.24 48.68
N GLY S 19 17.45 72.25 48.40
CA GLY S 19 17.16 73.59 48.89
C GLY S 19 15.95 74.22 48.24
N SER S 20 15.75 73.97 46.94
CA SER S 20 14.54 74.42 46.26
C SER S 20 13.29 73.69 46.76
N VAL S 21 13.39 72.38 47.02
CA VAL S 21 12.24 71.63 47.53
C VAL S 21 11.86 72.04 48.96
N VAL S 22 12.85 72.32 49.83
CA VAL S 22 12.56 72.87 51.17
C VAL S 22 11.98 74.30 51.11
N VAL S 23 12.51 75.17 50.24
CA VAL S 23 11.99 76.53 50.11
C VAL S 23 10.57 76.51 49.53
N LEU S 24 10.31 75.60 48.60
CA LEU S 24 8.98 75.38 48.05
C LEU S 24 8.01 74.81 49.08
N ALA S 25 8.47 73.86 49.90
CA ALA S 25 7.62 73.25 50.93
C ALA S 25 7.25 74.26 52.00
N LEU S 26 8.19 75.12 52.41
CA LEU S 26 7.85 76.18 53.35
C LEU S 26 7.01 77.27 52.70
N ALA S 27 7.11 77.44 51.38
CA ALA S 27 6.19 78.34 50.69
C ALA S 27 4.77 77.78 50.63
N ASN S 28 4.63 76.46 50.48
CA ASN S 28 3.28 75.86 50.53
C ASN S 28 2.71 75.89 51.95
N ILE S 29 3.56 75.74 52.97
CA ILE S 29 3.09 75.87 54.36
C ILE S 29 2.70 77.32 54.67
N TYR S 30 3.47 78.28 54.17
CA TYR S 30 3.17 79.70 54.44
C TYR S 30 1.93 80.19 53.71
N ALA S 31 1.63 79.63 52.55
CA ALA S 31 0.51 80.11 51.74
C ALA S 31 -0.76 79.26 51.91
N LYS S 32 -0.74 78.29 52.85
CA LYS S 32 -1.85 77.37 53.17
C LYS S 32 -2.34 76.59 51.94
N TYR S 33 -1.38 76.11 51.16
CA TYR S 33 -1.49 75.19 50.01
C TYR S 33 -2.41 75.68 48.90
N PRO S 34 -2.04 76.71 48.15
CA PRO S 34 -2.97 77.29 47.19
C PRO S 34 -3.02 76.52 45.87
N LEU S 35 -4.18 76.60 45.23
CA LEU S 35 -4.33 76.16 43.86
C LEU S 35 -4.19 77.32 42.88
N LEU S 36 -4.48 78.54 43.33
CA LEU S 36 -4.49 79.76 42.53
C LEU S 36 -3.87 80.88 43.36
N HIS S 37 -3.63 82.04 42.73
CA HIS S 37 -3.28 83.22 43.50
C HIS S 37 -4.55 83.95 43.88
N PRO S 38 -4.85 84.12 45.17
CA PRO S 38 -6.06 84.84 45.59
C PRO S 38 -6.01 86.32 45.25
N LEU S 39 -7.01 86.77 44.47
CA LEU S 39 -7.19 88.16 44.07
C LEU S 39 -8.00 88.97 45.08
N VAL S 40 -8.83 88.29 45.88
CA VAL S 40 -9.65 88.94 46.89
C VAL S 40 -9.20 88.51 48.28
N GLY T 7 41.49 8.73 26.52
CA GLY T 7 41.33 7.43 25.89
C GLY T 7 40.00 7.24 25.18
N MET T 8 38.93 7.73 25.80
CA MET T 8 37.59 7.59 25.23
C MET T 8 37.22 8.73 24.32
N VAL T 9 37.70 9.93 24.60
CA VAL T 9 37.42 11.10 23.78
C VAL T 9 38.62 11.32 22.88
N SER T 10 38.63 10.62 21.75
CA SER T 10 39.59 10.82 20.67
C SER T 10 38.94 11.75 19.65
N THR T 11 39.69 12.05 18.59
CA THR T 11 39.21 13.13 17.72
C THR T 11 39.45 12.98 16.23
N ASP T 12 39.72 11.77 15.70
CA ASP T 12 40.77 11.40 14.73
C ASP T 12 41.25 12.54 13.83
N ASP T 13 40.34 13.25 13.17
CA ASP T 13 40.70 14.42 12.39
C ASP T 13 40.48 15.63 13.29
N PHE T 14 41.57 16.12 13.90
CA PHE T 14 41.48 17.12 14.97
C PHE T 14 41.12 18.50 14.47
N GLN T 15 41.26 18.76 13.17
CA GLN T 15 40.88 20.03 12.59
C GLN T 15 39.41 20.08 12.22
N VAL T 16 38.85 18.97 11.74
CA VAL T 16 37.40 18.81 11.66
C VAL T 16 36.83 18.86 13.06
N GLY T 17 35.82 19.71 13.25
CA GLY T 17 35.33 19.99 14.59
C GLY T 17 34.53 18.86 15.20
N THR T 18 35.19 17.73 15.49
CA THR T 18 34.53 16.52 15.93
C THR T 18 35.27 15.92 17.10
N LEU T 19 34.51 15.14 17.87
CA LEU T 19 34.97 14.43 19.04
C LEU T 19 34.45 13.01 18.95
N LEU T 20 35.37 12.06 18.81
CA LEU T 20 35.02 10.65 18.78
C LEU T 20 34.93 10.18 20.22
N THR T 21 33.70 10.00 20.69
CA THR T 21 33.23 9.82 22.06
C THR T 21 32.51 8.47 22.10
N PRO T 22 32.26 7.81 23.25
CA PRO T 22 31.51 6.54 23.20
C PRO T 22 30.04 6.67 22.87
N VAL T 23 29.47 7.88 22.85
CA VAL T 23 28.19 8.08 22.19
C VAL T 23 28.37 7.92 20.67
N ASN T 24 29.49 8.40 20.13
CA ASN T 24 29.82 8.26 18.71
C ASN T 24 30.48 6.93 18.36
N ASN T 25 31.48 6.50 19.15
CA ASN T 25 32.46 5.51 18.69
C ASN T 25 32.36 4.27 19.61
N SER T 26 31.16 3.98 20.09
CA SER T 26 31.01 2.60 20.57
C SER T 26 30.62 1.72 19.39
N PRO T 27 31.24 0.54 19.26
CA PRO T 27 30.95 -0.31 18.08
C PRO T 27 29.54 -0.92 17.96
N PHE T 28 28.75 -1.04 19.04
CA PHE T 28 27.37 -1.46 18.87
C PHE T 28 26.50 -0.28 18.45
N ILE T 29 26.85 0.93 18.87
CA ILE T 29 26.13 2.13 18.41
C ILE T 29 26.40 2.36 16.93
N LYS T 30 27.64 2.12 16.49
CA LYS T 30 27.95 2.17 15.06
C LYS T 30 27.26 1.05 14.29
N PHE T 31 27.12 -0.14 14.89
CA PHE T 31 26.35 -1.20 14.26
C PHE T 31 24.86 -0.87 14.23
N PHE T 32 24.36 -0.16 15.23
CA PHE T 32 22.96 0.23 15.23
C PHE T 32 22.69 1.28 14.14
N ILE T 33 23.38 2.42 14.21
CA ILE T 33 23.19 3.56 13.30
C ILE T 33 23.52 3.20 11.85
N ASN T 34 24.63 2.47 11.62
CA ASN T 34 25.01 2.08 10.27
C ASN T 34 24.21 0.92 9.72
N ASN T 35 23.32 0.31 10.51
CA ASN T 35 22.36 -0.65 9.98
C ASN T 35 20.92 -0.23 10.25
N LEU T 36 20.71 1.01 10.69
CA LEU T 36 19.45 1.70 10.42
C LEU T 36 19.29 1.89 8.91
N PRO T 37 18.02 1.91 8.40
CA PRO T 37 17.74 1.74 6.95
C PRO T 37 18.39 2.71 6.00
N ILE T 38 18.47 4.00 6.37
CA ILE T 38 19.16 5.02 5.59
C ILE T 38 20.67 4.77 5.50
N ASN T 39 21.26 3.99 6.42
CA ASN T 39 22.70 3.78 6.40
C ASN T 39 23.06 2.32 6.16
N ARG T 40 22.05 1.44 6.16
CA ARG T 40 22.24 0.00 6.00
C ARG T 40 22.74 -0.30 4.59
N PRO T 41 23.91 -0.92 4.44
CA PRO T 41 24.47 -1.10 3.10
C PRO T 41 23.78 -2.18 2.29
N GLY T 42 23.69 -1.92 0.99
CA GLY T 42 23.03 -2.80 0.07
C GLY T 42 21.54 -2.57 -0.10
N LEU T 43 21.02 -1.44 0.34
CA LEU T 43 19.60 -1.14 0.20
C LEU T 43 19.39 -0.05 -0.84
N ASP T 44 18.48 -0.30 -1.77
CA ASP T 44 17.95 0.75 -2.63
C ASP T 44 17.19 1.76 -1.78
N PRO T 45 17.27 3.11 -2.10
CA PRO T 45 16.59 4.15 -1.28
C PRO T 45 15.08 4.00 -1.08
N PHE T 46 14.41 3.34 -2.02
CA PHE T 46 12.99 3.01 -1.88
C PHE T 46 12.74 2.10 -0.69
N PHE T 47 13.59 1.08 -0.49
CA PHE T 47 13.39 0.16 0.62
C PHE T 47 13.69 0.82 1.96
N ARG T 48 14.72 1.68 1.99
CA ARG T 48 15.04 2.45 3.18
C ARG T 48 13.89 3.37 3.57
N GLY T 49 13.31 4.05 2.58
CA GLY T 49 12.12 4.86 2.82
C GLY T 49 10.92 4.05 3.29
N LEU T 50 10.75 2.84 2.72
CA LEU T 50 9.65 1.94 3.10
C LEU T 50 9.73 1.51 4.55
N GLU T 51 10.93 1.17 4.99
CA GLU T 51 11.10 0.67 6.35
C GLU T 51 11.00 1.80 7.39
N VAL T 52 11.63 2.95 7.10
CA VAL T 52 11.45 4.19 7.88
C VAL T 52 9.98 4.60 7.97
N GLY T 53 9.25 4.47 6.86
CA GLY T 53 7.84 4.78 6.84
C GLY T 53 7.02 3.86 7.71
N MET T 54 7.29 2.55 7.64
CA MET T 54 6.53 1.58 8.42
C MET T 54 6.71 1.74 9.92
N ALA T 55 7.95 2.02 10.36
CA ALA T 55 8.20 2.30 11.77
C ALA T 55 7.51 3.59 12.24
N HIS T 56 7.58 4.63 11.41
CA HIS T 56 7.00 5.92 11.78
C HIS T 56 5.49 5.91 11.74
N GLY T 57 4.91 5.37 10.68
CA GLY T 57 3.47 5.28 10.55
C GLY T 57 2.84 4.34 11.56
N TYR T 58 3.58 3.31 12.02
CA TYR T 58 3.07 2.49 13.11
C TYR T 58 3.03 3.27 14.42
N TRP T 59 4.07 4.04 14.76
CA TRP T 59 3.94 4.73 16.05
C TRP T 59 3.04 5.96 15.96
N LEU T 60 2.86 6.55 14.78
CA LEU T 60 2.13 7.81 14.65
C LEU T 60 0.64 7.66 14.85
N PHE T 61 0.10 6.44 14.76
CA PHE T 61 -1.30 6.19 15.02
C PHE T 61 -1.67 6.45 16.48
N GLY T 62 -0.78 6.05 17.40
CA GLY T 62 -1.02 6.01 18.83
C GLY T 62 -1.41 7.27 19.60
N PRO T 63 -0.63 8.37 19.47
CA PRO T 63 -1.06 9.64 20.12
C PRO T 63 -2.36 10.20 19.60
N PHE T 64 -2.68 9.97 18.33
CA PHE T 64 -3.96 10.41 17.78
C PHE T 64 -5.14 9.62 18.34
N VAL T 65 -4.97 8.34 18.67
CA VAL T 65 -6.11 7.57 19.18
C VAL T 65 -6.23 7.66 20.70
N VAL T 66 -5.13 7.83 21.43
CA VAL T 66 -5.25 7.97 22.88
C VAL T 66 -5.56 9.41 23.26
N LEU T 67 -4.95 10.37 22.58
CA LEU T 67 -4.97 11.74 23.07
C LEU T 67 -5.86 12.67 22.25
N GLY T 68 -6.39 12.21 21.11
CA GLY T 68 -7.09 13.08 20.19
C GLY T 68 -8.47 13.49 20.66
N PRO T 69 -9.20 14.17 19.78
CA PRO T 69 -10.52 14.71 20.15
C PRO T 69 -11.62 13.68 20.37
N LEU T 70 -11.40 12.42 20.03
CA LEU T 70 -12.36 11.35 20.29
C LEU T 70 -11.64 10.30 21.14
N ARG T 71 -11.76 10.33 22.46
CA ARG T 71 -10.99 9.35 23.23
C ARG T 71 -11.69 8.77 24.47
N LEU T 72 -12.66 9.50 25.04
CA LEU T 72 -13.01 9.40 26.44
C LEU T 72 -13.99 8.27 26.74
N THR T 73 -13.98 7.84 27.99
CA THR T 73 -14.95 6.89 28.53
C THR T 73 -16.29 7.53 28.84
N ALA T 74 -16.37 8.86 28.84
CA ALA T 74 -17.62 9.58 29.04
C ALA T 74 -18.34 9.86 27.72
N PHE T 75 -17.83 9.36 26.60
CA PHE T 75 -18.49 9.57 25.32
C PHE T 75 -19.57 8.51 25.10
N ARG T 76 -20.03 8.41 23.86
CA ARG T 76 -21.19 7.59 23.54
C ARG T 76 -20.76 6.18 23.08
N PRO T 77 -21.44 5.11 23.55
CA PRO T 77 -20.82 3.76 23.98
C PRO T 77 -19.37 3.45 23.55
N PRO T 78 -18.99 2.25 23.09
CA PRO T 78 -17.88 2.21 22.11
C PRO T 78 -18.28 2.32 20.65
N ASP T 79 -19.43 2.91 20.32
CA ASP T 79 -19.67 3.37 18.95
C ASP T 79 -18.72 4.50 18.54
N ILE T 80 -18.25 5.31 19.50
CA ILE T 80 -17.35 6.43 19.18
C ILE T 80 -15.93 5.94 18.96
N GLU T 81 -15.62 4.70 19.39
CA GLU T 81 -14.25 4.21 19.37
C GLU T 81 -13.84 3.84 17.95
N GLN T 82 -14.81 3.41 17.13
CA GLN T 82 -14.56 3.22 15.70
C GLN T 82 -14.26 4.55 15.01
N LEU T 83 -14.95 5.62 15.42
CA LEU T 83 -14.66 6.96 14.91
C LEU T 83 -13.29 7.44 15.37
N SER T 84 -12.90 7.05 16.59
CA SER T 84 -11.57 7.36 17.12
C SER T 84 -10.46 6.66 16.33
N ILE T 85 -10.65 5.36 16.04
CA ILE T 85 -9.68 4.58 15.29
C ILE T 85 -9.58 5.08 13.86
N LEU T 86 -10.73 5.42 13.25
CA LEU T 86 -10.75 5.97 11.90
C LEU T 86 -10.10 7.36 11.83
N ALA T 87 -10.37 8.23 12.82
CA ALA T 87 -9.78 9.57 12.88
C ALA T 87 -8.28 9.51 13.06
N ALA T 88 -7.81 8.62 13.94
CA ALA T 88 -6.38 8.46 14.17
C ALA T 88 -5.68 7.87 12.97
N LEU T 89 -6.38 6.97 12.25
CA LEU T 89 -5.85 6.38 11.04
C LEU T 89 -5.64 7.43 9.96
N ILE T 90 -6.68 8.22 9.65
CA ILE T 90 -6.58 9.31 8.68
C ILE T 90 -5.57 10.39 9.13
N SER T 91 -5.48 10.66 10.44
CA SER T 91 -4.52 11.63 10.96
C SER T 91 -3.08 11.20 10.74
N ALA T 92 -2.79 9.91 10.99
CA ALA T 92 -1.44 9.40 10.79
C ALA T 92 -1.08 9.32 9.29
N ILE T 93 -2.04 8.98 8.43
CA ILE T 93 -1.79 8.97 6.98
C ILE T 93 -1.55 10.39 6.44
N VAL T 94 -2.29 11.39 6.92
CA VAL T 94 -2.07 12.77 6.45
C VAL T 94 -0.75 13.34 6.98
N VAL T 95 -0.32 12.93 8.19
CA VAL T 95 1.02 13.30 8.68
C VAL T 95 2.11 12.66 7.82
N VAL T 96 1.88 11.42 7.37
CA VAL T 96 2.80 10.75 6.44
C VAL T 96 2.79 11.43 5.06
N VAL T 97 1.62 11.91 4.62
CA VAL T 97 1.50 12.67 3.36
C VAL T 97 2.27 13.98 3.43
N ALA T 98 2.21 14.66 4.59
CA ALA T 98 2.97 15.89 4.80
C ALA T 98 4.48 15.61 4.83
N GLY T 99 4.87 14.50 5.44
CA GLY T 99 6.26 14.05 5.37
C GLY T 99 6.72 13.68 3.97
N THR T 100 5.82 13.10 3.18
CA THR T 100 6.11 12.78 1.78
C THR T 100 6.27 14.03 0.94
N LEU T 101 5.38 15.00 1.15
CA LEU T 101 5.50 16.33 0.56
C LEU T 101 6.80 17.00 0.94
N ALA T 102 7.21 16.90 2.20
CA ALA T 102 8.48 17.44 2.68
C ALA T 102 9.68 16.77 2.00
N LEU T 103 9.64 15.45 1.93
CA LEU T 103 10.71 14.64 1.34
C LEU T 103 10.84 14.90 -0.15
N SER T 104 9.73 15.05 -0.84
CA SER T 104 9.77 15.31 -2.27
C SER T 104 9.93 16.78 -2.64
N LEU T 105 9.62 17.73 -1.75
CA LEU T 105 10.09 19.10 -1.95
C LEU T 105 11.60 19.19 -1.73
N TYR T 106 12.14 18.37 -0.83
CA TYR T 106 13.59 18.24 -0.71
C TYR T 106 14.19 17.62 -1.97
N ALA T 107 13.53 16.58 -2.50
CA ALA T 107 14.04 15.85 -3.65
C ALA T 107 13.98 16.69 -4.92
N THR T 108 12.86 17.39 -5.17
CA THR T 108 12.65 18.02 -6.46
C THR T 108 13.52 19.27 -6.66
N VAL T 109 14.08 19.83 -5.58
CA VAL T 109 14.86 21.06 -5.73
C VAL T 109 16.34 20.77 -5.89
N GLY T 110 16.75 19.52 -5.77
CA GLY T 110 18.13 19.14 -6.01
C GLY T 110 18.91 19.01 -4.72
N PRO T 111 19.01 17.79 -4.20
CA PRO T 111 19.69 17.60 -2.92
C PRO T 111 21.20 17.57 -3.05
N ASP T 112 21.86 18.07 -2.01
CA ASP T 112 23.30 18.02 -1.85
C ASP T 112 23.57 17.57 -0.43
N ASP T 113 23.90 16.29 -0.25
CA ASP T 113 23.95 15.69 1.08
C ASP T 113 24.93 14.52 1.11
N ASP T 114 25.22 14.02 2.33
CA ASP T 114 26.06 12.85 2.56
C ASP T 114 25.49 11.54 2.05
N THR T 115 24.19 11.46 1.75
CA THR T 115 23.72 10.31 1.02
C THR T 115 24.25 10.34 -0.40
N LYS T 116 24.37 9.17 -1.01
CA LYS T 116 24.69 9.10 -2.42
C LYS T 116 23.43 8.97 -3.26
N PHE T 117 22.35 9.60 -2.81
CA PHE T 117 21.08 9.57 -3.50
C PHE T 117 21.13 10.76 -4.43
N GLY T 118 20.47 10.66 -5.55
CA GLY T 118 20.22 11.82 -6.36
C GLY T 118 18.96 12.52 -5.90
N ALA T 119 18.41 13.31 -6.80
CA ALA T 119 17.02 13.74 -6.64
C ALA T 119 16.08 12.56 -6.80
N GLU T 120 16.44 11.64 -7.70
CA GLU T 120 15.63 10.47 -7.99
C GLU T 120 15.68 9.47 -6.83
N GLY T 121 16.84 9.34 -6.18
CA GLY T 121 16.94 8.49 -5.01
C GLY T 121 16.15 9.01 -3.81
N TRP T 122 16.15 10.32 -3.61
CA TRP T 122 15.33 10.89 -2.55
C TRP T 122 13.84 10.82 -2.90
N SER T 123 13.49 10.82 -4.19
CA SER T 123 12.09 10.63 -4.58
C SER T 123 11.65 9.18 -4.38
N ARG T 124 12.57 8.22 -4.60
CA ARG T 124 12.32 6.81 -4.24
C ARG T 124 12.11 6.64 -2.74
N PHE T 125 12.92 7.34 -1.94
CA PHE T 125 12.76 7.36 -0.49
C PHE T 125 11.43 7.98 -0.08
N ALA T 126 11.03 9.07 -0.75
CA ALA T 126 9.75 9.73 -0.48
C ALA T 126 8.56 8.81 -0.78
N GLY T 127 8.65 8.09 -1.91
CA GLY T 127 7.59 7.15 -2.27
C GLY T 127 7.49 5.98 -1.33
N GLY T 128 8.64 5.40 -0.96
CA GLY T 128 8.68 4.34 0.03
C GLY T 128 8.19 4.81 1.39
N TRP T 129 8.52 6.05 1.77
CA TRP T 129 8.09 6.65 3.02
C TRP T 129 6.58 6.78 3.10
N LEU T 130 5.97 7.22 2.00
CA LEU T 130 4.51 7.36 1.93
C LEU T 130 3.81 6.02 2.05
N ILE T 131 4.24 5.04 1.26
CA ILE T 131 3.58 3.73 1.26
C ILE T 131 3.77 3.01 2.59
N GLY T 132 5.00 3.07 3.14
CA GLY T 132 5.26 2.50 4.44
C GLY T 132 4.55 3.19 5.57
N GLY T 133 4.45 4.52 5.52
CA GLY T 133 3.79 5.24 6.60
C GLY T 133 2.30 5.05 6.63
N GLY T 134 1.67 5.08 5.46
CA GLY T 134 0.27 4.73 5.40
C GLY T 134 -0.02 3.29 5.75
N GLY T 135 0.87 2.38 5.33
CA GLY T 135 0.74 0.99 5.74
C GLY T 135 0.98 0.77 7.21
N GLY T 136 1.94 1.48 7.81
CA GLY T 136 2.17 1.38 9.23
C GLY T 136 1.02 1.92 10.05
N ALA T 137 0.40 3.00 9.56
CA ALA T 137 -0.83 3.53 10.17
C ALA T 137 -1.98 2.54 10.08
N LEU T 138 -2.16 1.94 8.90
CA LEU T 138 -3.18 0.91 8.68
C LEU T 138 -2.93 -0.34 9.50
N PHE T 139 -1.67 -0.75 9.63
CA PHE T 139 -1.32 -1.94 10.39
C PHE T 139 -1.47 -1.71 11.89
N ALA T 140 -1.10 -0.51 12.38
CA ALA T 140 -1.37 -0.15 13.76
C ALA T 140 -2.86 -0.01 14.03
N ALA T 141 -3.64 0.46 13.05
CA ALA T 141 -5.10 0.50 13.19
C ALA T 141 -5.71 -0.90 13.21
N LEU T 142 -5.17 -1.85 12.45
CA LEU T 142 -5.72 -3.22 12.46
C LEU T 142 -5.36 -3.97 13.74
N LEU T 143 -4.13 -3.84 14.22
CA LEU T 143 -3.78 -4.36 15.54
C LEU T 143 -4.48 -3.62 16.68
N TYR T 144 -4.88 -2.37 16.48
CA TYR T 144 -5.74 -1.72 17.45
C TYR T 144 -7.22 -1.98 17.19
N LEU T 145 -7.58 -2.63 16.10
CA LEU T 145 -8.89 -3.25 16.06
C LEU T 145 -8.88 -4.62 16.72
N PHE T 146 -7.70 -5.23 16.81
CA PHE T 146 -7.58 -6.60 17.27
C PHE T 146 -7.04 -6.73 18.72
N ARG T 147 -6.67 -5.61 19.39
CA ARG T 147 -6.00 -5.74 20.70
C ARG T 147 -6.93 -6.18 21.83
N GLY T 148 -8.24 -6.21 21.61
CA GLY T 148 -9.14 -6.84 22.54
C GLY T 148 -8.88 -8.32 22.63
N PRO T 149 -9.10 -9.04 21.53
CA PRO T 149 -8.69 -10.45 21.45
C PRO T 149 -7.19 -10.73 21.53
N LEU T 150 -6.32 -9.77 21.18
CA LEU T 150 -4.88 -10.03 21.20
C LEU T 150 -4.34 -10.05 22.63
N LEU T 151 -4.85 -9.18 23.50
CA LEU T 151 -4.30 -9.07 24.84
C LEU T 151 -5.11 -9.85 25.87
N VAL T 152 -6.05 -10.69 25.44
CA VAL T 152 -6.65 -11.69 26.32
C VAL T 152 -6.45 -13.05 25.66
N MET T 153 -6.76 -14.10 26.42
CA MET T 153 -6.93 -15.43 25.86
C MET T 153 -8.34 -15.48 25.25
N LEU T 154 -8.41 -15.13 23.96
CA LEU T 154 -9.70 -15.07 23.27
C LEU T 154 -10.30 -16.46 23.11
N LEU T 155 -9.48 -17.42 22.72
CA LEU T 155 -9.85 -18.83 22.83
C LEU T 155 -9.97 -19.17 24.30
N GLY T 156 -11.17 -19.51 24.74
CA GLY T 156 -11.39 -19.66 26.17
C GLY T 156 -12.65 -19.00 26.68
N ILE T 157 -13.00 -17.84 26.09
CA ILE T 157 -14.28 -17.21 26.41
C ILE T 157 -15.29 -17.43 25.32
N ILE T 158 -14.88 -17.92 24.15
CA ILE T 158 -15.79 -18.28 23.07
C ILE T 158 -16.20 -19.73 23.27
N PRO T 159 -17.44 -20.12 22.93
CA PRO T 159 -17.87 -21.50 23.14
C PRO T 159 -17.65 -22.51 22.03
N GLY T 160 -17.85 -23.79 22.34
CA GLY T 160 -17.60 -24.83 21.37
C GLY T 160 -16.13 -25.08 21.06
N THR U 13 -21.24 50.77 -60.73
CA THR U 13 -22.39 51.50 -61.25
C THR U 13 -22.45 51.45 -62.79
N ARG U 14 -23.43 52.19 -63.34
CA ARG U 14 -23.62 52.61 -64.75
C ARG U 14 -24.16 51.50 -65.66
N ALA U 15 -24.14 50.25 -65.18
CA ALA U 15 -24.66 49.04 -65.86
C ALA U 15 -24.11 48.89 -67.28
N THR U 16 -22.81 48.61 -67.35
CA THR U 16 -22.15 48.37 -68.63
C THR U 16 -22.53 46.99 -69.16
N VAL U 17 -23.19 46.98 -70.31
CA VAL U 17 -23.89 45.83 -70.87
C VAL U 17 -23.43 45.66 -72.32
N ASP U 18 -23.04 44.45 -72.72
CA ASP U 18 -22.76 44.24 -74.13
C ASP U 18 -23.99 43.72 -74.87
N ASN U 19 -23.93 43.86 -76.19
CA ASN U 19 -25.06 43.65 -77.08
C ASN U 19 -24.84 42.43 -77.96
N ASN U 20 -25.78 41.48 -77.90
CA ASN U 20 -25.90 40.25 -78.69
C ASN U 20 -24.65 39.36 -78.67
N PRO U 21 -24.34 38.67 -77.58
CA PRO U 21 -23.22 37.70 -77.64
C PRO U 21 -23.57 36.41 -78.39
N VAL U 22 -24.76 35.87 -78.17
CA VAL U 22 -25.13 34.54 -78.64
C VAL U 22 -26.31 34.65 -79.60
N PRO U 23 -26.17 34.22 -80.86
CA PRO U 23 -27.35 34.15 -81.74
C PRO U 23 -28.30 33.04 -81.32
N THR U 24 -29.57 33.23 -81.68
CA THR U 24 -30.65 32.30 -81.35
C THR U 24 -30.81 31.33 -82.51
N SER U 25 -30.64 30.03 -82.24
CA SER U 25 -30.54 29.02 -83.29
C SER U 25 -30.92 27.64 -82.73
N ILE U 26 -31.06 26.67 -83.65
CA ILE U 26 -31.40 25.30 -83.30
C ILE U 26 -30.22 24.47 -83.86
N GLU U 27 -29.02 25.03 -83.82
CA GLU U 27 -27.87 24.27 -84.30
C GLU U 27 -27.14 23.52 -83.20
N LYS U 28 -27.50 23.75 -81.94
CA LYS U 28 -26.93 22.99 -80.83
C LYS U 28 -27.96 22.08 -80.16
N TRP U 29 -29.23 22.15 -80.57
CA TRP U 29 -30.23 21.22 -80.05
C TRP U 29 -30.02 19.82 -80.64
N GLY U 30 -29.61 19.75 -81.90
CA GLY U 30 -29.28 18.51 -82.56
C GLY U 30 -27.91 17.96 -82.23
N LYS U 31 -27.12 18.68 -81.43
CA LYS U 31 -25.81 18.22 -80.98
C LYS U 31 -25.79 18.29 -79.45
N PRO U 32 -26.24 17.23 -78.76
CA PRO U 32 -26.06 17.19 -77.30
C PRO U 32 -24.60 17.00 -76.94
N GLY U 33 -24.22 17.53 -75.78
CA GLY U 33 -22.84 17.46 -75.36
C GLY U 33 -21.91 18.42 -76.06
N TRP U 34 -22.43 19.55 -76.54
CA TRP U 34 -21.62 20.54 -77.27
C TRP U 34 -20.64 21.28 -76.35
N PHE U 35 -20.87 21.23 -75.04
CA PHE U 35 -20.40 22.28 -74.15
C PHE U 35 -19.01 22.03 -73.54
N GLU U 36 -18.43 20.84 -73.71
CA GLU U 36 -17.06 20.63 -73.29
C GLU U 36 -16.47 19.66 -74.32
N ARG U 37 -15.16 19.41 -74.24
CA ARG U 37 -14.42 18.83 -75.35
C ARG U 37 -14.68 17.33 -75.52
N SER U 38 -14.67 16.58 -74.41
CA SER U 38 -14.80 15.13 -74.50
C SER U 38 -16.21 14.71 -74.85
N LEU U 39 -17.20 15.53 -74.51
CA LEU U 39 -18.58 15.24 -74.90
C LEU U 39 -18.86 15.68 -76.33
N ALA U 40 -18.09 16.62 -76.88
CA ALA U 40 -18.32 17.09 -78.23
C ALA U 40 -17.93 16.08 -79.30
N ARG U 41 -17.10 15.09 -78.95
CA ARG U 41 -16.66 14.09 -79.92
C ARG U 41 -17.74 13.07 -80.22
N GLY U 42 -18.69 12.86 -79.32
CA GLY U 42 -19.78 11.94 -79.59
C GLY U 42 -19.89 10.81 -78.58
N PRO U 43 -21.01 10.10 -78.63
CA PRO U 43 -21.18 8.91 -77.77
C PRO U 43 -20.27 7.78 -78.24
N LYS U 44 -19.50 7.24 -77.29
CA LYS U 44 -18.76 6.00 -77.53
C LYS U 44 -19.19 4.96 -76.50
N THR U 45 -19.38 5.41 -75.26
CA THR U 45 -19.87 4.58 -74.18
C THR U 45 -21.12 5.22 -73.59
N THR U 46 -21.78 4.49 -72.68
CA THR U 46 -22.95 5.03 -71.99
C THR U 46 -22.56 6.03 -70.91
N THR U 47 -21.27 6.02 -70.49
CA THR U 47 -20.73 6.94 -69.50
C THR U 47 -20.89 8.39 -69.93
N TRP U 48 -20.75 8.63 -71.26
CA TRP U 48 -21.02 9.92 -71.93
C TRP U 48 -22.38 10.46 -71.56
N ILE U 49 -23.39 9.56 -71.53
CA ILE U 49 -24.78 9.89 -71.21
C ILE U 49 -24.88 10.46 -69.80
N TRP U 50 -24.21 9.79 -68.85
CA TRP U 50 -24.25 10.30 -67.50
C TRP U 50 -23.33 11.50 -67.36
N ASP U 51 -22.25 11.54 -68.16
CA ASP U 51 -21.41 12.71 -68.24
C ASP U 51 -22.10 13.86 -68.96
N LEU U 52 -23.15 13.57 -69.72
CA LEU U 52 -24.00 14.65 -70.23
C LEU U 52 -24.77 15.32 -69.12
N HIS U 53 -25.15 14.57 -68.09
CA HIS U 53 -26.05 15.17 -67.11
C HIS U 53 -25.27 15.82 -65.97
N ALA U 54 -24.13 15.25 -65.58
CA ALA U 54 -23.39 15.71 -64.40
C ALA U 54 -22.55 16.95 -64.65
N LEU U 55 -22.38 17.38 -65.89
CA LEU U 55 -21.55 18.55 -66.18
C LEU U 55 -22.34 19.70 -66.78
N ALA U 56 -23.66 19.54 -66.92
CA ALA U 56 -24.48 20.46 -67.70
C ALA U 56 -24.66 21.81 -67.01
N HIS U 57 -24.55 21.84 -65.69
CA HIS U 57 -24.67 23.08 -64.92
C HIS U 57 -23.35 23.50 -64.30
N ASP U 58 -22.30 22.74 -64.54
CA ASP U 58 -20.94 23.12 -64.16
C ASP U 58 -20.43 24.03 -65.27
N PHE U 59 -20.68 25.34 -65.13
CA PHE U 59 -20.32 26.26 -66.21
C PHE U 59 -18.82 26.56 -66.23
N GLU U 60 -18.09 26.26 -65.15
CA GLU U 60 -16.66 26.55 -65.11
C GLU U 60 -15.82 25.55 -65.87
N VAL U 61 -16.33 24.33 -66.10
CA VAL U 61 -15.66 23.43 -67.02
C VAL U 61 -16.19 23.58 -68.44
N GLN U 62 -17.17 24.45 -68.65
CA GLN U 62 -17.67 24.69 -70.01
C GLN U 62 -16.79 25.71 -70.72
N THR U 63 -16.69 26.88 -70.13
CA THR U 63 -15.83 27.95 -70.60
C THR U 63 -14.94 28.40 -69.44
N SER U 64 -13.76 28.87 -69.78
CA SER U 64 -12.84 29.38 -68.78
C SER U 64 -13.02 30.87 -68.54
N ASP U 65 -13.95 31.50 -69.24
CA ASP U 65 -14.13 32.94 -69.20
C ASP U 65 -15.13 33.25 -68.09
N ARG U 66 -14.65 33.90 -67.01
CA ARG U 66 -15.45 34.13 -65.80
C ARG U 66 -16.62 35.08 -66.07
N GLU U 67 -16.43 35.99 -67.04
CA GLU U 67 -17.42 36.87 -67.64
C GLU U 67 -18.64 36.07 -68.06
N ASP U 68 -18.43 35.19 -69.05
CA ASP U 68 -19.46 34.36 -69.68
C ASP U 68 -20.07 33.41 -68.67
N ILE U 69 -19.26 32.94 -67.70
CA ILE U 69 -19.72 32.10 -66.60
C ILE U 69 -20.80 32.82 -65.79
N ALA U 70 -20.52 34.09 -65.41
CA ALA U 70 -21.47 34.92 -64.67
C ALA U 70 -22.76 35.19 -65.45
N ARG U 71 -22.62 35.35 -66.78
CA ARG U 71 -23.82 35.44 -67.65
C ARG U 71 -24.69 34.17 -67.63
N LYS U 72 -24.07 32.97 -67.70
CA LYS U 72 -24.84 31.72 -67.70
C LYS U 72 -25.57 31.52 -66.37
N ILE U 73 -24.89 31.88 -65.28
CA ILE U 73 -25.43 31.89 -63.91
C ILE U 73 -26.66 32.80 -63.79
N PHE U 74 -26.56 33.99 -64.37
CA PHE U 74 -27.65 34.97 -64.34
C PHE U 74 -28.88 34.51 -65.14
N ALA U 75 -28.66 33.98 -66.35
CA ALA U 75 -29.76 33.46 -67.15
C ALA U 75 -30.38 32.19 -66.54
N ALA U 76 -29.56 31.38 -65.86
CA ALA U 76 -30.04 30.24 -65.09
C ALA U 76 -30.93 30.66 -63.94
N HIS U 77 -30.59 31.77 -63.27
CA HIS U 77 -31.42 32.31 -62.18
C HIS U 77 -32.79 32.76 -62.68
N PHE U 78 -32.82 33.42 -63.84
CA PHE U 78 -34.12 33.81 -64.43
C PHE U 78 -34.97 32.60 -64.81
N GLY U 79 -34.34 31.57 -65.39
CA GLY U 79 -35.08 30.36 -65.74
C GLY U 79 -35.56 29.58 -64.52
N HIS U 80 -34.81 29.66 -63.42
CA HIS U 80 -35.28 29.06 -62.17
C HIS U 80 -36.48 29.81 -61.61
N LEU U 81 -36.46 31.14 -61.62
CA LEU U 81 -37.60 31.91 -61.15
C LEU U 81 -38.82 31.71 -62.04
N GLY U 82 -38.57 31.46 -63.33
CA GLY U 82 -39.62 30.98 -64.21
C GLY U 82 -40.24 29.65 -63.80
N ILE U 83 -39.40 28.64 -63.46
CA ILE U 83 -39.95 27.32 -63.12
C ILE U 83 -40.66 27.33 -61.76
N VAL U 84 -40.21 28.22 -60.85
CA VAL U 84 -40.91 28.37 -59.57
C VAL U 84 -42.25 29.08 -59.76
N PHE U 85 -42.31 30.05 -60.69
CA PHE U 85 -43.60 30.66 -61.05
C PHE U 85 -44.52 29.69 -61.77
N ILE U 86 -43.97 28.74 -62.56
CA ILE U 86 -44.79 27.68 -63.17
C ILE U 86 -45.42 26.79 -62.09
N TRP U 87 -44.61 26.40 -61.10
CA TRP U 87 -45.11 25.60 -59.97
C TRP U 87 -46.14 26.34 -59.13
N ALA U 88 -45.92 27.64 -58.93
CA ALA U 88 -46.88 28.50 -58.24
C ALA U 88 -48.18 28.57 -59.01
N SER U 89 -48.10 28.70 -60.34
CA SER U 89 -49.29 28.67 -61.18
C SER U 89 -49.99 27.31 -61.12
N ILE U 90 -49.25 26.20 -61.08
CA ILE U 90 -49.88 24.87 -61.04
C ILE U 90 -50.67 24.66 -59.74
N PHE U 91 -50.12 25.04 -58.57
CA PHE U 91 -51.02 24.96 -57.41
C PHE U 91 -52.09 26.05 -57.38
N PHE U 92 -51.92 27.18 -58.07
CA PHE U 92 -53.01 28.14 -58.12
C PHE U 92 -54.13 27.73 -59.08
N PHE U 93 -53.79 27.07 -60.20
CA PHE U 93 -54.80 26.44 -61.07
C PHE U 93 -55.55 25.33 -60.35
N TYR U 94 -54.85 24.51 -59.56
CA TYR U 94 -55.52 23.44 -58.83
C TYR U 94 -56.34 23.98 -57.66
N GLY U 95 -55.93 25.10 -57.06
CA GLY U 95 -56.79 25.79 -56.12
C GLY U 95 -58.03 26.38 -56.74
N ALA U 96 -57.92 26.92 -57.95
CA ALA U 96 -59.04 27.59 -58.60
C ALA U 96 -60.06 26.63 -59.19
N LEU U 97 -59.62 25.54 -59.85
CA LEU U 97 -60.52 24.69 -60.61
C LEU U 97 -61.15 23.55 -59.83
N SER U 98 -60.36 22.72 -59.16
CA SER U 98 -60.81 21.42 -58.67
C SER U 98 -60.69 21.33 -57.15
N SER U 99 -61.19 22.34 -56.45
CA SER U 99 -61.06 22.42 -55.00
C SER U 99 -62.42 22.47 -54.32
N ASN U 100 -62.38 22.45 -52.98
CA ASN U 100 -63.51 22.75 -52.14
C ASN U 100 -63.35 24.07 -51.40
N TYR U 101 -62.60 25.01 -51.99
CA TYR U 101 -62.28 26.29 -51.34
C TYR U 101 -63.50 27.20 -51.20
N ALA U 102 -64.53 27.00 -52.02
CA ALA U 102 -65.77 27.75 -51.86
C ALA U 102 -66.55 27.30 -50.63
N SER U 103 -66.32 26.08 -50.16
CA SER U 103 -66.92 25.60 -48.92
C SER U 103 -65.91 25.47 -47.78
N TRP U 104 -64.61 25.46 -48.09
CA TRP U 104 -63.60 25.46 -47.04
C TRP U 104 -63.47 26.82 -46.37
N ILE U 105 -63.83 27.90 -47.08
CA ILE U 105 -63.80 29.23 -46.52
C ILE U 105 -64.88 29.43 -45.44
N ASP U 106 -65.97 28.65 -45.50
CA ASP U 106 -66.99 28.70 -44.46
C ASP U 106 -66.73 27.71 -43.32
N ASN U 107 -66.05 26.59 -43.59
CA ASN U 107 -65.70 25.61 -42.56
C ASN U 107 -64.21 25.27 -42.64
N PRO U 108 -63.34 26.06 -41.99
CA PRO U 108 -61.92 25.69 -41.93
C PRO U 108 -61.58 24.63 -40.86
N THR U 109 -62.55 24.14 -40.10
CA THR U 109 -62.27 23.28 -38.96
C THR U 109 -62.88 21.89 -39.09
N GLY U 110 -63.94 21.75 -39.89
CA GLY U 110 -64.60 20.47 -40.04
C GLY U 110 -64.50 19.91 -41.44
N LEU U 111 -63.97 20.70 -42.37
CA LEU U 111 -63.77 20.25 -43.75
C LEU U 111 -62.27 20.13 -44.01
N ARG U 112 -61.85 18.96 -44.47
CA ARG U 112 -60.45 18.75 -44.81
C ARG U 112 -60.12 19.44 -46.13
N PRO U 113 -59.01 20.17 -46.21
CA PRO U 113 -58.69 20.92 -47.43
C PRO U 113 -58.19 19.98 -48.53
N SER U 114 -58.75 20.14 -49.73
CA SER U 114 -58.41 19.32 -50.87
C SER U 114 -58.43 20.15 -52.13
N ALA U 115 -57.53 19.85 -53.06
CA ALA U 115 -57.46 20.57 -54.32
C ALA U 115 -57.24 19.65 -55.51
N GLN U 116 -57.43 18.35 -55.34
CA GLN U 116 -57.13 17.36 -56.37
C GLN U 116 -57.98 16.14 -56.13
N PHE U 117 -58.58 15.63 -57.21
CA PHE U 117 -59.36 14.39 -57.11
C PHE U 117 -58.84 13.38 -58.12
N ALA U 118 -58.84 12.12 -57.71
CA ALA U 118 -58.58 11.03 -58.64
C ALA U 118 -59.79 10.79 -59.52
N ILE U 119 -59.54 10.59 -60.81
CA ILE U 119 -60.60 10.34 -61.78
C ILE U 119 -60.96 8.86 -61.70
N PRO U 120 -62.23 8.45 -61.97
CA PRO U 120 -62.61 7.04 -61.81
C PRO U 120 -62.08 6.10 -62.89
N VAL U 121 -60.81 5.78 -62.80
CA VAL U 121 -60.18 4.88 -63.75
C VAL U 121 -59.33 3.93 -62.93
N PHE U 122 -59.24 2.67 -63.33
CA PHE U 122 -58.41 1.63 -62.70
C PHE U 122 -58.67 1.27 -61.24
N GLY U 123 -59.67 1.87 -60.58
CA GLY U 123 -59.91 1.61 -59.18
C GLY U 123 -59.38 2.64 -58.20
N GLN U 124 -58.92 3.81 -58.67
CA GLN U 124 -58.21 4.74 -57.77
C GLN U 124 -59.15 5.69 -57.05
N GLU U 125 -60.46 5.66 -57.36
CA GLU U 125 -61.40 6.59 -56.76
C GLU U 125 -61.72 6.29 -55.31
N VAL U 126 -61.23 5.16 -54.76
CA VAL U 126 -61.22 4.94 -53.33
C VAL U 126 -60.22 5.87 -52.62
N LEU U 127 -59.26 6.42 -53.35
CA LEU U 127 -58.32 7.40 -52.83
C LEU U 127 -58.95 8.75 -52.54
N ASN U 128 -60.09 9.03 -53.17
CA ASN U 128 -60.89 10.20 -52.85
C ASN U 128 -61.49 10.02 -51.45
N ASP U 129 -61.27 11.02 -50.58
CA ASP U 129 -61.67 10.94 -49.17
C ASP U 129 -63.06 11.55 -48.97
N PRO U 130 -63.99 10.83 -48.33
CA PRO U 130 -65.35 11.38 -48.07
C PRO U 130 -65.41 12.64 -47.22
N ALA U 131 -64.40 12.92 -46.40
CA ALA U 131 -64.42 14.09 -45.54
C ALA U 131 -64.01 15.37 -46.26
N THR U 132 -63.62 15.30 -47.53
CA THR U 132 -63.46 16.48 -48.37
C THR U 132 -64.65 16.74 -49.28
N ALA U 133 -65.71 15.94 -49.17
CA ALA U 133 -66.88 16.13 -50.03
C ALA U 133 -67.71 17.30 -49.53
N ALA U 134 -67.89 18.30 -50.37
CA ALA U 134 -68.63 19.50 -50.03
C ALA U 134 -69.25 20.07 -51.30
N LYS U 135 -69.75 21.30 -51.22
CA LYS U 135 -70.43 21.90 -52.35
C LYS U 135 -69.43 22.54 -53.33
N GLY U 136 -69.54 22.13 -54.58
CA GLY U 136 -68.58 22.50 -55.61
C GLY U 136 -67.59 21.39 -55.88
N PHE U 137 -67.35 20.56 -54.86
CA PHE U 137 -66.42 19.44 -54.94
C PHE U 137 -67.13 18.19 -54.41
N GLU U 138 -67.96 17.58 -55.24
CA GLU U 138 -68.63 16.35 -54.84
C GLU U 138 -68.00 15.14 -55.49
N GLN U 139 -66.72 14.90 -55.22
CA GLN U 139 -66.05 13.69 -55.68
C GLN U 139 -65.31 12.97 -54.58
N GLY U 140 -65.00 13.65 -53.49
CA GLY U 140 -63.90 13.27 -52.64
C GLY U 140 -62.58 13.76 -53.21
N GLY U 141 -61.57 13.78 -52.36
CA GLY U 141 -60.32 14.36 -52.84
C GLY U 141 -59.14 13.89 -52.05
N ILE U 142 -57.97 14.27 -52.56
CA ILE U 142 -56.71 14.05 -51.88
C ILE U 142 -56.53 15.20 -50.88
N VAL U 143 -56.37 14.85 -49.60
CA VAL U 143 -56.20 15.86 -48.57
C VAL U 143 -54.79 16.42 -48.65
N MET U 144 -54.69 17.73 -48.74
CA MET U 144 -53.39 18.36 -48.78
C MET U 144 -52.87 18.60 -47.38
N THR U 145 -51.54 18.61 -47.28
CA THR U 145 -50.82 18.90 -46.05
C THR U 145 -49.96 20.14 -46.16
N SER U 146 -50.09 20.89 -47.26
CA SER U 146 -49.20 22.02 -47.49
C SER U 146 -49.62 23.30 -46.78
N GLY U 147 -50.86 23.38 -46.29
CA GLY U 147 -51.34 24.59 -45.66
C GLY U 147 -51.60 25.73 -46.60
N LEU U 148 -51.78 25.44 -47.89
CA LEU U 148 -52.01 26.45 -48.92
C LEU U 148 -53.34 27.16 -48.70
N PHE U 149 -54.36 26.39 -48.35
CA PHE U 149 -55.69 26.91 -48.03
C PHE U 149 -55.67 27.82 -46.82
N HIS U 150 -54.88 27.48 -45.79
CA HIS U 150 -54.85 28.33 -44.60
C HIS U 150 -54.11 29.63 -44.87
N LEU U 151 -53.04 29.55 -45.67
CA LEU U 151 -52.34 30.70 -46.22
C LEU U 151 -53.25 31.62 -47.01
N TRP U 152 -54.07 31.02 -47.89
CA TRP U 152 -54.97 31.80 -48.73
C TRP U 152 -56.07 32.47 -47.92
N ARG U 153 -56.58 31.77 -46.88
CA ARG U 153 -57.56 32.38 -45.99
C ARG U 153 -56.96 33.51 -45.17
N ALA U 154 -55.70 33.36 -44.74
CA ALA U 154 -55.01 34.43 -44.03
C ALA U 154 -54.72 35.64 -44.92
N VAL U 155 -54.49 35.43 -46.21
CA VAL U 155 -54.17 36.58 -47.06
C VAL U 155 -55.42 37.15 -47.71
N GLY U 156 -56.60 36.63 -47.42
CA GLY U 156 -57.84 37.22 -47.88
C GLY U 156 -58.49 36.58 -49.10
N TYR U 157 -58.21 35.33 -49.41
CA TYR U 157 -58.84 34.64 -50.53
C TYR U 157 -60.20 34.09 -50.08
N THR U 158 -61.29 34.59 -50.67
CA THR U 158 -62.67 34.21 -50.39
C THR U 158 -63.41 33.55 -51.56
N ASN U 159 -62.77 33.35 -52.72
CA ASN U 159 -63.44 33.10 -53.99
C ASN U 159 -62.40 32.42 -54.89
N GLN U 160 -62.86 31.69 -55.91
CA GLN U 160 -61.94 30.93 -56.76
C GLN U 160 -61.52 31.70 -58.02
N THR U 161 -62.24 32.78 -58.37
CA THR U 161 -61.88 33.53 -59.58
C THR U 161 -60.64 34.39 -59.38
N GLN U 162 -60.41 34.85 -58.16
CA GLN U 162 -59.15 35.51 -57.84
C GLN U 162 -57.99 34.50 -57.74
N LEU U 163 -58.29 33.22 -57.46
CA LEU U 163 -57.31 32.15 -57.56
C LEU U 163 -56.96 31.88 -59.02
N LEU U 164 -57.97 31.92 -59.91
CA LEU U 164 -57.76 31.92 -61.36
C LEU U 164 -56.88 33.07 -61.83
N ALA U 165 -57.14 34.28 -61.32
CA ALA U 165 -56.38 35.47 -61.71
C ALA U 165 -54.92 35.37 -61.27
N THR U 166 -54.68 34.83 -60.08
CA THR U 166 -53.32 34.63 -59.58
C THR U 166 -52.59 33.57 -60.39
N ALA U 167 -53.32 32.52 -60.80
CA ALA U 167 -52.77 31.47 -61.65
C ALA U 167 -52.34 32.00 -63.02
N VAL U 168 -53.20 32.83 -63.63
CA VAL U 168 -52.87 33.49 -64.90
C VAL U 168 -51.71 34.46 -64.74
N GLY U 169 -51.69 35.22 -63.64
CA GLY U 169 -50.58 36.13 -63.36
C GLY U 169 -49.26 35.44 -63.08
N ALA U 170 -49.29 34.25 -62.45
CA ALA U 170 -48.07 33.49 -62.23
C ALA U 170 -47.55 32.87 -63.52
N LEU U 171 -48.45 32.46 -64.42
CA LEU U 171 -48.02 32.00 -65.75
C LEU U 171 -47.42 33.14 -66.58
N VAL U 172 -48.02 34.34 -66.48
CA VAL U 172 -47.47 35.54 -67.11
C VAL U 172 -46.11 35.91 -66.51
N ALA U 173 -45.95 35.78 -65.18
CA ALA U 173 -44.67 36.04 -64.52
C ALA U 173 -43.60 35.02 -64.88
N ALA U 174 -43.99 33.75 -65.08
CA ALA U 174 -43.06 32.74 -65.58
C ALA U 174 -42.59 33.08 -66.99
N GLY U 175 -43.52 33.52 -67.86
CA GLY U 175 -43.14 34.01 -69.18
C GLY U 175 -42.25 35.24 -69.15
N LEU U 176 -42.48 36.15 -68.19
CA LEU U 176 -41.61 37.31 -68.01
C LEU U 176 -40.21 36.93 -67.54
N MET U 177 -40.09 35.96 -66.63
CA MET U 177 -38.76 35.54 -66.21
C MET U 177 -38.03 34.75 -67.31
N PHE U 178 -38.78 34.03 -68.15
CA PHE U 178 -38.15 33.40 -69.32
C PHE U 178 -37.70 34.43 -70.35
N PHE U 179 -38.49 35.47 -70.59
CA PHE U 179 -38.07 36.51 -71.52
C PHE U 179 -36.92 37.34 -70.95
N GLY U 180 -36.87 37.51 -69.62
CA GLY U 180 -35.72 38.12 -68.99
C GLY U 180 -34.46 37.31 -69.10
N GLY U 181 -34.57 35.98 -68.99
CA GLY U 181 -33.42 35.12 -69.21
C GLY U 181 -32.92 35.13 -70.64
N TRP U 182 -33.83 35.11 -71.60
CA TRP U 182 -33.46 35.18 -73.01
C TRP U 182 -32.91 36.56 -73.38
N PHE U 183 -33.41 37.62 -72.74
CA PHE U 183 -32.91 38.97 -73.00
C PHE U 183 -31.53 39.18 -72.38
N HIS U 184 -31.32 38.73 -71.14
CA HIS U 184 -30.07 38.96 -70.45
C HIS U 184 -29.06 37.84 -70.67
N TYR U 185 -29.37 36.86 -71.52
CA TYR U 185 -28.33 36.07 -72.14
C TYR U 185 -28.10 36.39 -73.61
N HIS U 186 -29.11 36.27 -74.45
CA HIS U 186 -28.89 36.23 -75.89
C HIS U 186 -28.84 37.61 -76.52
N VAL U 187 -29.44 38.61 -75.89
CA VAL U 187 -29.65 39.89 -76.53
C VAL U 187 -28.84 40.99 -75.87
N ARG U 188 -29.00 41.18 -74.56
CA ARG U 188 -28.43 42.40 -74.00
C ARG U 188 -28.01 42.06 -72.57
N ALA U 189 -26.72 41.71 -72.41
CA ALA U 189 -26.23 40.94 -71.27
C ALA U 189 -25.10 41.68 -70.55
N PRO U 190 -25.09 41.68 -69.21
CA PRO U 190 -24.11 42.50 -68.49
C PRO U 190 -22.75 41.84 -68.28
N LYS U 191 -21.74 42.68 -68.14
CA LYS U 191 -20.35 42.26 -67.91
C LYS U 191 -20.13 42.04 -66.41
N LEU U 192 -18.91 41.58 -66.08
CA LEU U 192 -18.63 41.00 -64.77
C LEU U 192 -18.51 42.06 -63.67
N GLU U 193 -18.11 43.28 -64.04
CA GLU U 193 -17.94 44.35 -63.04
C GLU U 193 -19.28 44.88 -62.56
N TRP U 194 -20.33 44.65 -63.34
CA TRP U 194 -21.69 44.85 -62.84
C TRP U 194 -22.03 43.89 -61.71
N PHE U 195 -21.65 42.61 -61.83
CA PHE U 195 -21.86 41.66 -60.74
C PHE U 195 -20.99 41.94 -59.53
N GLN U 196 -19.80 42.48 -59.72
CA GLN U 196 -18.88 42.73 -58.62
C GLN U 196 -19.20 43.97 -57.80
N ASN U 197 -20.20 44.76 -58.18
CA ASN U 197 -20.62 45.87 -57.32
C ASN U 197 -21.56 45.26 -56.28
N VAL U 198 -20.93 44.67 -55.26
CA VAL U 198 -21.68 43.99 -54.21
C VAL U 198 -22.29 44.98 -53.25
N GLU U 199 -21.79 46.22 -53.23
CA GLU U 199 -22.20 47.29 -52.34
C GLU U 199 -23.65 47.63 -52.67
N SER U 200 -23.90 47.93 -53.95
CA SER U 200 -25.22 48.29 -54.44
C SER U 200 -26.19 47.12 -54.43
N MET U 201 -25.70 45.89 -54.57
CA MET U 201 -26.62 44.77 -54.61
C MET U 201 -27.10 44.44 -53.21
N LEU U 202 -26.21 44.59 -52.21
CA LEU U 202 -26.65 44.58 -50.81
C LEU U 202 -27.59 45.75 -50.49
N ASN U 203 -27.28 46.98 -50.96
CA ASN U 203 -28.17 48.11 -50.68
C ASN U 203 -29.53 48.01 -51.37
N HIS U 204 -29.62 47.27 -52.47
CA HIS U 204 -30.89 47.19 -53.17
C HIS U 204 -31.60 45.86 -52.94
N HIS U 205 -30.96 44.92 -52.28
CA HIS U 205 -31.65 43.76 -51.75
C HIS U 205 -32.16 43.99 -50.33
N LEU U 206 -31.49 44.84 -49.54
CA LEU U 206 -32.05 45.15 -48.23
C LEU U 206 -33.17 46.18 -48.33
N ALA U 207 -32.89 47.34 -48.92
CA ALA U 207 -33.89 48.40 -48.94
C ALA U 207 -34.97 48.17 -49.99
N GLY U 208 -34.62 47.52 -51.11
CA GLY U 208 -35.56 47.40 -52.20
C GLY U 208 -36.27 46.06 -52.31
N LEU U 209 -35.55 44.96 -52.08
CA LEU U 209 -36.16 43.65 -52.21
C LEU U 209 -36.84 43.23 -50.92
N LEU U 210 -36.10 43.21 -49.82
CA LEU U 210 -36.68 42.83 -48.54
C LEU U 210 -37.53 43.95 -47.97
N GLY U 211 -37.02 45.19 -48.01
CA GLY U 211 -37.62 46.35 -47.41
C GLY U 211 -38.93 46.79 -48.03
N LEU U 212 -38.89 47.14 -49.32
CA LEU U 212 -40.12 47.46 -50.04
C LEU U 212 -41.02 46.27 -50.23
N GLY U 213 -40.48 45.04 -50.23
CA GLY U 213 -41.32 43.86 -50.29
C GLY U 213 -42.19 43.68 -49.05
N SER U 214 -41.60 43.81 -47.86
CA SER U 214 -42.42 43.72 -46.67
C SER U 214 -43.19 45.01 -46.40
N LEU U 215 -42.79 46.15 -46.97
CA LEU U 215 -43.64 47.34 -46.91
C LEU U 215 -44.88 47.21 -47.81
N ALA U 216 -44.72 46.65 -49.01
CA ALA U 216 -45.87 46.37 -49.88
C ALA U 216 -46.72 45.25 -49.31
N TRP U 217 -46.11 44.32 -48.57
CA TRP U 217 -46.92 43.33 -47.90
C TRP U 217 -47.66 43.92 -46.70
N THR U 218 -47.07 44.90 -46.02
CA THR U 218 -47.75 45.63 -44.95
C THR U 218 -48.95 46.38 -45.50
N GLY U 219 -48.76 46.97 -46.69
CA GLY U 219 -49.86 47.59 -47.43
C GLY U 219 -50.97 46.62 -47.77
N HIS U 220 -50.62 45.41 -48.25
CA HIS U 220 -51.61 44.34 -48.46
C HIS U 220 -52.33 43.97 -47.18
N LEU U 221 -51.58 43.81 -46.09
CA LEU U 221 -52.12 43.34 -44.82
C LEU U 221 -53.17 44.31 -44.30
N ILE U 222 -52.80 45.61 -44.23
CA ILE U 222 -53.71 46.69 -43.82
C ILE U 222 -54.91 46.84 -44.73
N HIS U 223 -54.71 46.80 -46.06
CA HIS U 223 -55.87 47.10 -46.90
C HIS U 223 -56.79 45.88 -47.10
N VAL U 224 -56.25 44.69 -47.28
CA VAL U 224 -57.03 43.52 -47.64
C VAL U 224 -57.11 42.50 -46.50
N ALA U 225 -55.97 42.16 -45.89
CA ALA U 225 -55.95 40.90 -45.18
C ALA U 225 -56.41 41.02 -43.73
N LEU U 226 -56.10 42.13 -43.05
CA LEU U 226 -56.71 42.38 -41.74
C LEU U 226 -58.23 42.58 -41.78
N PRO U 227 -58.85 43.39 -42.69
CA PRO U 227 -60.32 43.44 -42.67
C PRO U 227 -61.05 42.17 -43.12
N VAL U 228 -60.55 41.40 -44.10
CA VAL U 228 -61.20 40.15 -44.51
C VAL U 228 -61.11 39.09 -43.39
N ASN U 229 -59.99 39.07 -42.67
CA ASN U 229 -59.89 38.20 -41.48
C ASN U 229 -60.81 38.66 -40.35
N GLN U 230 -61.03 39.98 -40.20
CA GLN U 230 -62.00 40.46 -39.21
C GLN U 230 -63.44 40.09 -39.59
N MET U 231 -63.78 40.13 -40.89
CA MET U 231 -65.08 39.63 -41.36
C MET U 231 -65.24 38.12 -41.14
N LEU U 232 -64.18 37.34 -41.40
CA LEU U 232 -64.27 35.90 -41.22
C LEU U 232 -64.29 35.48 -39.76
N ASP U 233 -63.70 36.27 -38.86
CA ASP U 233 -63.78 35.93 -37.45
C ASP U 233 -64.97 36.56 -36.71
N LYS U 234 -65.63 37.57 -37.28
CA LYS U 234 -66.84 38.03 -36.57
C LYS U 234 -68.07 37.21 -36.92
N GLY U 235 -68.08 36.52 -38.06
CA GLY U 235 -69.06 35.48 -38.30
C GLY U 235 -69.88 35.56 -39.58
N MET U 236 -69.49 36.31 -40.62
CA MET U 236 -70.26 36.25 -41.86
C MET U 236 -69.74 35.14 -42.77
N LYS U 237 -70.32 35.05 -43.97
CA LYS U 237 -70.09 33.97 -44.92
C LYS U 237 -69.23 34.46 -46.07
N ALA U 238 -69.14 33.61 -47.12
CA ALA U 238 -68.24 33.85 -48.24
C ALA U 238 -68.67 35.01 -49.13
N ALA U 239 -69.90 35.49 -49.02
CA ALA U 239 -70.32 36.68 -49.74
C ALA U 239 -69.70 37.92 -49.12
N ASP U 240 -68.58 38.38 -49.70
CA ASP U 240 -67.84 39.50 -49.12
C ASP U 240 -67.68 40.62 -50.14
N ILE U 241 -66.96 41.68 -49.74
CA ILE U 241 -66.68 42.81 -50.62
C ILE U 241 -65.17 42.88 -50.89
N PRO U 242 -64.72 42.41 -52.06
CA PRO U 242 -63.30 42.56 -52.40
C PRO U 242 -62.90 43.99 -52.76
N LEU U 243 -63.58 44.62 -53.71
CA LEU U 243 -63.33 45.96 -54.22
C LEU U 243 -63.95 47.15 -53.46
N PRO U 244 -65.23 47.22 -53.05
CA PRO U 244 -65.73 48.48 -52.48
C PRO U 244 -65.35 48.75 -51.03
N HIS U 245 -64.44 47.99 -50.43
CA HIS U 245 -63.86 48.37 -49.14
C HIS U 245 -62.47 48.98 -49.30
N GLU U 246 -62.05 49.23 -50.54
CA GLU U 246 -60.71 49.67 -50.87
C GLU U 246 -60.65 51.17 -51.16
N TYR U 247 -59.43 51.69 -51.12
CA TYR U 247 -58.97 52.94 -51.76
C TYR U 247 -59.61 54.19 -51.17
N ALA U 248 -59.53 55.30 -51.91
CA ALA U 248 -59.89 56.61 -51.39
C ALA U 248 -61.39 56.77 -51.22
N PHE U 249 -62.17 56.36 -52.23
CA PHE U 249 -63.61 56.58 -52.29
C PHE U 249 -64.41 55.82 -51.23
N SER U 250 -63.80 54.83 -50.57
CA SER U 250 -64.38 54.17 -49.42
C SER U 250 -63.41 54.22 -48.24
N THR U 251 -62.84 55.42 -48.02
CA THR U 251 -61.96 55.67 -46.87
C THR U 251 -62.69 55.47 -45.55
N GLU U 252 -63.97 55.87 -45.49
CA GLU U 252 -64.81 55.61 -44.32
C GLU U 252 -65.13 54.12 -44.14
N ALA U 253 -64.99 53.31 -45.21
CA ALA U 253 -65.07 51.87 -45.04
C ALA U 253 -63.88 51.33 -44.26
N MET U 254 -62.73 52.01 -44.34
CA MET U 254 -61.63 51.72 -43.42
C MET U 254 -61.96 52.15 -42.00
N GLY U 255 -62.84 53.15 -41.82
CA GLY U 255 -63.27 53.53 -40.48
C GLY U 255 -64.36 52.65 -39.92
N ASN U 256 -65.00 51.84 -40.77
CA ASN U 256 -66.05 50.92 -40.34
C ASN U 256 -65.51 49.60 -39.83
N PHE U 257 -64.21 49.34 -39.97
CA PHE U 257 -63.64 48.03 -39.74
C PHE U 257 -62.77 48.00 -38.49
N PHE U 258 -61.74 48.85 -38.43
CA PHE U 258 -60.99 49.03 -37.20
C PHE U 258 -60.49 50.46 -37.09
N PRO U 259 -61.42 51.48 -37.30
CA PRO U 259 -61.19 52.91 -37.00
C PRO U 259 -59.92 53.55 -37.53
N SER U 260 -59.95 54.06 -38.77
CA SER U 260 -58.74 54.51 -39.44
C SER U 260 -58.24 55.86 -38.93
N PHE U 261 -57.74 55.87 -37.69
CA PHE U 261 -57.18 57.02 -36.94
C PHE U 261 -58.22 58.13 -36.88
N LYS U 262 -57.90 59.36 -37.27
CA LYS U 262 -58.89 60.42 -37.32
C LYS U 262 -59.52 60.55 -38.72
N GLN U 263 -58.70 60.87 -39.72
CA GLN U 263 -59.18 61.06 -41.08
C GLN U 263 -58.02 60.88 -42.05
N GLY U 264 -58.04 59.80 -42.82
CA GLY U 264 -57.10 59.59 -43.91
C GLY U 264 -55.67 59.31 -43.46
N LEU U 265 -54.74 59.66 -44.35
CA LEU U 265 -53.32 59.53 -44.09
C LEU U 265 -52.72 60.82 -43.52
N LEU U 266 -53.56 61.75 -43.06
CA LEU U 266 -53.02 62.97 -42.44
C LEU U 266 -52.43 62.76 -41.05
N PRO U 267 -52.83 61.75 -40.25
CA PRO U 267 -51.94 61.31 -39.14
C PRO U 267 -50.58 60.79 -39.58
N PHE U 268 -50.39 60.35 -40.83
CA PHE U 268 -49.09 59.83 -41.20
C PHE U 268 -48.08 60.96 -41.44
N PHE U 269 -48.56 62.12 -41.89
CA PHE U 269 -47.61 63.16 -42.26
C PHE U 269 -47.36 64.15 -41.12
N THR U 270 -48.27 64.23 -40.14
CA THR U 270 -48.09 65.15 -39.01
C THR U 270 -47.44 64.51 -37.79
N GLY U 271 -47.32 63.19 -37.75
CA GLY U 271 -46.47 62.55 -36.76
C GLY U 271 -47.11 62.16 -35.43
N ASN U 272 -48.44 62.17 -35.33
CA ASN U 272 -49.10 61.57 -34.17
C ASN U 272 -49.35 60.08 -34.38
N TRP U 273 -48.35 59.27 -34.01
CA TRP U 273 -48.40 57.85 -34.32
C TRP U 273 -49.29 57.04 -33.39
N ALA U 274 -49.69 57.60 -32.24
CA ALA U 274 -50.44 56.83 -31.24
C ALA U 274 -51.89 56.59 -31.63
N VAL U 275 -52.44 57.33 -32.60
CA VAL U 275 -53.84 57.15 -32.99
C VAL U 275 -53.99 55.97 -33.94
N TYR U 276 -52.88 55.48 -34.51
CA TYR U 276 -52.89 54.33 -35.42
C TYR U 276 -52.84 52.99 -34.69
N SER U 277 -53.03 52.98 -33.37
CA SER U 277 -52.85 51.77 -32.58
C SER U 277 -54.13 50.93 -32.46
N ASP U 278 -54.77 50.64 -33.59
CA ASP U 278 -55.83 49.64 -33.64
C ASP U 278 -55.74 48.70 -34.83
N PHE U 279 -54.81 48.92 -35.76
CA PHE U 279 -54.40 47.92 -36.73
C PHE U 279 -52.89 47.88 -36.91
N LEU U 280 -52.14 48.71 -36.17
CA LEU U 280 -50.69 48.57 -35.91
C LEU U 280 -50.53 48.43 -34.41
N THR U 281 -50.54 47.20 -33.92
CA THR U 281 -50.47 46.94 -32.50
C THR U 281 -49.24 46.12 -32.17
N PHE U 282 -48.91 46.10 -30.88
CA PHE U 282 -47.90 45.22 -30.29
C PHE U 282 -48.57 44.53 -29.09
N LYS U 283 -49.33 43.47 -29.34
CA LYS U 283 -50.12 42.85 -28.26
C LYS U 283 -49.41 41.65 -27.65
N GLY U 284 -48.98 40.70 -28.46
CA GLY U 284 -48.39 39.51 -27.88
C GLY U 284 -48.46 38.27 -28.73
N GLY U 285 -48.98 37.19 -28.14
CA GLY U 285 -48.84 35.87 -28.72
C GLY U 285 -49.95 35.50 -29.69
N LEU U 286 -50.78 34.55 -29.31
CA LEU U 286 -51.72 33.94 -30.23
C LEU U 286 -53.15 34.33 -29.86
N ASN U 287 -54.01 34.46 -30.88
CA ASN U 287 -55.43 34.71 -30.65
C ASN U 287 -56.11 33.42 -30.18
N PRO U 288 -56.80 33.43 -29.03
CA PRO U 288 -57.54 32.22 -28.64
C PRO U 288 -58.79 31.96 -29.48
N GLN U 289 -59.28 32.93 -30.25
CA GLN U 289 -60.43 32.68 -31.11
C GLN U 289 -60.07 31.82 -32.31
N THR U 290 -58.93 32.10 -32.95
CA THR U 290 -58.58 31.40 -34.18
C THR U 290 -57.28 30.63 -34.10
N GLY U 291 -56.60 30.61 -32.96
CA GLY U 291 -55.45 29.75 -32.77
C GLY U 291 -54.16 30.25 -33.37
N SER U 292 -54.15 31.51 -33.81
CA SER U 292 -53.01 32.03 -34.55
C SER U 292 -52.63 33.41 -34.08
N LEU U 293 -51.56 33.95 -34.68
CA LEU U 293 -51.07 35.29 -34.36
C LEU U 293 -52.09 36.33 -34.77
N TRP U 294 -52.20 37.39 -33.98
CA TRP U 294 -53.06 38.51 -34.29
C TRP U 294 -52.54 39.20 -35.55
N MET U 295 -53.45 39.51 -36.47
CA MET U 295 -53.05 40.02 -37.79
C MET U 295 -52.50 41.44 -37.71
N THR U 296 -52.95 42.21 -36.70
CA THR U 296 -52.46 43.57 -36.51
C THR U 296 -51.01 43.58 -36.04
N ASP U 297 -50.65 42.61 -35.18
CA ASP U 297 -49.25 42.42 -34.80
C ASP U 297 -48.39 42.03 -36.00
N ILE U 298 -48.94 41.22 -36.90
CA ILE U 298 -48.25 40.79 -38.11
C ILE U 298 -48.03 41.97 -39.07
N ALA U 299 -49.00 42.89 -39.13
CA ALA U 299 -48.84 44.09 -39.95
C ALA U 299 -47.81 45.05 -39.38
N HIS U 300 -47.85 45.27 -38.06
CA HIS U 300 -46.89 46.15 -37.40
C HIS U 300 -45.49 45.53 -37.40
N HIS U 301 -45.42 44.20 -37.30
CA HIS U 301 -44.22 43.42 -37.61
C HIS U 301 -43.60 43.75 -38.95
N HIS U 302 -44.35 43.53 -40.03
CA HIS U 302 -43.78 43.68 -41.37
C HIS U 302 -43.42 45.13 -41.66
N LEU U 303 -44.17 46.07 -41.08
CA LEU U 303 -43.79 47.49 -41.15
C LEU U 303 -42.50 47.82 -40.40
N ALA U 304 -42.30 47.31 -39.17
CA ALA U 304 -41.09 47.63 -38.43
C ALA U 304 -39.85 46.98 -39.04
N ILE U 305 -39.99 45.74 -39.52
CA ILE U 305 -38.85 45.14 -40.21
C ILE U 305 -38.69 45.73 -41.61
N ALA U 306 -39.76 46.29 -42.21
CA ALA U 306 -39.64 47.01 -43.47
C ALA U 306 -38.81 48.26 -43.32
N VAL U 307 -39.11 49.06 -42.29
CA VAL U 307 -38.34 50.26 -41.94
C VAL U 307 -36.89 49.90 -41.66
N MET U 308 -36.67 48.83 -40.94
CA MET U 308 -35.34 48.53 -40.44
C MET U 308 -34.50 47.84 -41.54
N PHE U 309 -35.17 47.29 -42.58
CA PHE U 309 -34.51 46.84 -43.81
C PHE U 309 -34.20 47.96 -44.80
N ILE U 310 -35.05 49.00 -44.92
CA ILE U 310 -34.65 50.18 -45.69
C ILE U 310 -33.52 50.94 -44.99
N ILE U 311 -33.50 50.92 -43.65
CA ILE U 311 -32.34 51.41 -42.91
C ILE U 311 -31.09 50.57 -43.19
N ALA U 312 -31.24 49.25 -43.27
CA ALA U 312 -30.09 48.38 -43.56
C ALA U 312 -29.56 48.53 -44.98
N GLY U 313 -30.38 49.01 -45.92
CA GLY U 313 -29.92 49.26 -47.27
C GLY U 313 -29.37 50.65 -47.50
N HIS U 314 -29.04 51.34 -46.41
CA HIS U 314 -28.44 52.67 -46.46
C HIS U 314 -27.05 52.65 -45.85
N MET U 315 -26.44 51.47 -45.84
CA MET U 315 -25.19 51.27 -45.13
C MET U 315 -23.96 51.39 -46.01
N TYR U 316 -23.98 50.80 -47.19
CA TYR U 316 -22.76 50.63 -47.96
C TYR U 316 -22.60 51.74 -48.98
N ARG U 317 -21.35 52.18 -49.17
CA ARG U 317 -21.05 53.35 -49.98
C ARG U 317 -21.13 53.03 -51.46
N THR U 318 -21.87 53.85 -52.20
CA THR U 318 -21.97 53.75 -53.65
C THR U 318 -21.78 55.15 -54.24
N ASN U 319 -20.80 55.29 -55.13
CA ASN U 319 -20.47 56.57 -55.71
C ASN U 319 -20.94 56.64 -57.16
N GLY U 320 -21.45 57.81 -57.55
CA GLY U 320 -22.00 57.99 -58.88
C GLY U 320 -22.28 59.44 -59.19
N PRO U 321 -23.25 59.69 -60.09
CA PRO U 321 -23.56 61.08 -60.49
C PRO U 321 -24.31 61.88 -59.43
N TRP U 322 -24.91 61.24 -58.43
CA TRP U 322 -25.61 61.95 -57.37
C TRP U 322 -24.59 62.60 -56.45
N ASN U 323 -24.79 63.90 -56.16
CA ASN U 323 -23.78 64.77 -55.56
C ASN U 323 -23.49 64.44 -54.10
N PRO U 324 -24.45 64.64 -53.19
CA PRO U 324 -24.17 64.42 -51.77
C PRO U 324 -24.26 62.95 -51.41
N LEU U 325 -24.94 62.19 -52.26
CA LEU U 325 -24.99 60.74 -52.09
C LEU U 325 -23.62 60.13 -52.39
N GLY U 326 -23.24 59.15 -51.57
CA GLY U 326 -21.91 58.60 -51.65
C GLY U 326 -21.19 58.60 -50.32
N LEU U 327 -21.94 58.66 -49.23
CA LEU U 327 -21.42 58.50 -47.88
C LEU U 327 -21.82 57.11 -47.39
N GLY U 328 -20.88 56.40 -46.79
CA GLY U 328 -21.16 55.05 -46.33
C GLY U 328 -19.90 54.26 -46.09
N HIS U 329 -20.02 52.94 -46.20
CA HIS U 329 -18.89 52.03 -46.03
C HIS U 329 -18.58 51.32 -47.33
N SER U 330 -17.30 51.03 -47.55
CA SER U 330 -16.94 49.91 -48.39
C SER U 330 -16.75 48.71 -47.48
N ILE U 331 -17.16 47.53 -47.97
CA ILE U 331 -16.99 46.29 -47.19
C ILE U 331 -15.51 45.98 -47.01
N LYS U 332 -14.68 46.28 -48.03
CA LYS U 332 -13.25 45.97 -48.05
C LYS U 332 -12.48 46.68 -46.94
N GLU U 333 -12.83 47.95 -46.66
CA GLU U 333 -12.18 48.69 -45.59
C GLU U 333 -12.55 48.14 -44.22
N ILE U 334 -13.80 47.68 -44.07
CA ILE U 334 -14.24 47.06 -42.82
C ILE U 334 -13.50 45.76 -42.58
N LEU U 335 -13.41 44.93 -43.62
CA LEU U 335 -12.72 43.64 -43.53
C LEU U 335 -11.21 43.82 -43.29
N GLU U 336 -10.60 44.82 -43.91
CA GLU U 336 -9.19 45.12 -43.66
C GLU U 336 -8.97 46.01 -42.44
N ALA U 337 -10.02 46.38 -41.71
CA ALA U 337 -9.84 46.96 -40.38
C ALA U 337 -9.96 45.96 -39.24
N HIS U 338 -10.49 44.76 -39.49
CA HIS U 338 -10.73 43.79 -38.42
C HIS U 338 -9.58 42.79 -38.50
N LYS U 339 -8.56 43.01 -37.65
CA LYS U 339 -7.29 42.30 -37.80
C LYS U 339 -6.98 41.36 -36.63
N GLY U 340 -6.80 41.87 -35.43
CA GLY U 340 -6.53 41.07 -34.27
C GLY U 340 -5.11 40.54 -34.16
N PRO U 341 -4.67 40.27 -32.92
CA PRO U 341 -3.39 39.57 -32.75
C PRO U 341 -3.40 38.04 -32.81
N PHE U 342 -4.52 37.38 -32.52
CA PHE U 342 -4.63 35.93 -32.65
C PHE U 342 -4.78 35.49 -34.10
N THR U 343 -5.40 36.33 -34.94
CA THR U 343 -5.79 35.92 -36.28
C THR U 343 -5.04 36.65 -37.38
N GLY U 344 -3.85 37.17 -37.08
CA GLY U 344 -2.95 37.72 -38.08
C GLY U 344 -3.48 38.93 -38.81
N GLU U 345 -3.85 38.71 -40.07
CA GLU U 345 -4.28 39.76 -40.97
C GLU U 345 -5.80 39.68 -41.23
N GLY U 346 -6.49 38.81 -40.49
CA GLY U 346 -7.94 38.96 -40.32
C GLY U 346 -8.71 38.60 -41.56
N HIS U 347 -9.49 39.56 -42.02
CA HIS U 347 -10.40 39.39 -43.14
C HIS U 347 -9.88 40.00 -44.44
N LYS U 348 -8.58 40.35 -44.55
CA LYS U 348 -8.08 40.87 -45.83
C LYS U 348 -7.99 39.74 -46.83
N GLY U 349 -8.57 39.92 -48.00
CA GLY U 349 -8.66 38.86 -48.97
C GLY U 349 -10.05 38.31 -49.15
N LEU U 350 -10.89 38.44 -48.14
CA LEU U 350 -12.26 37.93 -48.18
C LEU U 350 -13.14 38.74 -49.11
N TYR U 351 -12.83 40.02 -49.32
CA TYR U 351 -13.54 40.80 -50.34
C TYR U 351 -13.21 40.29 -51.73
N GLU U 352 -11.92 40.02 -52.00
CA GLU U 352 -11.51 39.46 -53.29
C GLU U 352 -12.01 38.03 -53.48
N VAL U 353 -12.04 37.22 -52.40
CA VAL U 353 -12.63 35.88 -52.46
C VAL U 353 -14.12 35.97 -52.78
N LEU U 354 -14.85 36.82 -52.08
CA LEU U 354 -16.29 36.85 -52.27
C LEU U 354 -16.73 37.68 -53.47
N THR U 355 -15.82 38.40 -54.12
CA THR U 355 -16.13 39.07 -55.38
C THR U 355 -15.54 38.39 -56.60
N THR U 356 -14.71 37.35 -56.42
CA THR U 356 -14.27 36.57 -57.57
C THR U 356 -14.71 35.11 -57.56
N SER U 357 -15.15 34.55 -56.43
CA SER U 357 -15.54 33.15 -56.35
C SER U 357 -17.05 33.05 -56.16
N TRP U 358 -17.72 32.40 -57.11
CA TRP U 358 -19.14 32.13 -56.95
C TRP U 358 -19.43 31.02 -55.94
N HIS U 359 -18.50 30.06 -55.79
CA HIS U 359 -18.77 28.90 -54.95
C HIS U 359 -18.70 29.27 -53.48
N ALA U 360 -17.83 30.23 -53.12
CA ALA U 360 -17.76 30.74 -51.75
C ALA U 360 -19.02 31.50 -51.36
N GLN U 361 -19.53 32.30 -52.30
CA GLN U 361 -20.80 33.00 -52.12
C GLN U 361 -21.96 32.02 -51.98
N LEU U 362 -21.96 30.97 -52.82
CA LEU U 362 -23.03 29.98 -52.78
C LEU U 362 -22.96 29.15 -51.51
N ALA U 363 -21.76 28.89 -50.99
CA ALA U 363 -21.58 28.21 -49.72
C ALA U 363 -22.18 29.01 -48.55
N ILE U 364 -21.88 30.32 -48.51
CA ILE U 364 -22.43 31.21 -47.49
C ILE U 364 -23.95 31.28 -47.58
N ASN U 365 -24.46 31.43 -48.81
CA ASN U 365 -25.88 31.64 -49.04
C ASN U 365 -26.69 30.37 -48.82
N LEU U 366 -26.15 29.20 -49.19
CA LEU U 366 -26.80 27.92 -48.91
C LEU U 366 -26.84 27.61 -47.43
N ALA U 367 -25.77 27.96 -46.69
CA ALA U 367 -25.76 27.80 -45.24
C ALA U 367 -26.81 28.67 -44.58
N MET U 368 -26.94 29.90 -45.04
CA MET U 368 -27.88 30.85 -44.45
C MET U 368 -29.32 30.52 -44.76
N VAL U 369 -29.65 30.20 -46.02
CA VAL U 369 -31.04 29.86 -46.36
C VAL U 369 -31.45 28.49 -45.81
N GLY U 370 -30.52 27.52 -45.69
CA GLY U 370 -30.86 26.27 -45.02
C GLY U 370 -31.09 26.44 -43.53
N SER U 371 -30.23 27.23 -42.87
CA SER U 371 -30.42 27.56 -41.47
C SER U 371 -31.71 28.34 -41.25
N LEU U 372 -32.05 29.25 -42.16
CA LEU U 372 -33.27 30.02 -42.05
C LEU U 372 -34.53 29.20 -42.29
N SER U 373 -34.49 28.20 -43.20
CA SER U 373 -35.62 27.30 -43.36
C SER U 373 -35.84 26.43 -42.13
N ILE U 374 -34.75 26.10 -41.43
CA ILE U 374 -34.84 25.38 -40.16
C ILE U 374 -35.46 26.29 -39.06
N ILE U 375 -35.05 27.57 -39.02
CA ILE U 375 -35.66 28.57 -38.13
C ILE U 375 -37.14 28.79 -38.43
N VAL U 376 -37.50 28.78 -39.72
CA VAL U 376 -38.89 28.87 -40.16
C VAL U 376 -39.71 27.67 -39.68
N ALA U 377 -39.12 26.48 -39.76
CA ALA U 377 -39.76 25.24 -39.28
C ALA U 377 -40.06 25.28 -37.78
N HIS U 378 -39.11 25.81 -36.99
CA HIS U 378 -39.37 26.03 -35.56
C HIS U 378 -40.43 27.11 -35.29
N HIS U 379 -40.26 28.28 -35.89
CA HIS U 379 -41.09 29.43 -35.56
C HIS U 379 -42.51 29.32 -36.10
N MET U 380 -42.77 28.39 -37.02
CA MET U 380 -44.11 28.23 -37.52
C MET U 380 -44.95 27.18 -36.81
N TYR U 381 -44.34 26.16 -36.20
CA TYR U 381 -45.19 25.34 -35.33
C TYR U 381 -45.47 26.14 -34.07
N ALA U 382 -44.46 26.86 -33.57
CA ALA U 382 -44.52 27.30 -32.18
C ALA U 382 -45.45 28.48 -31.99
N MET U 383 -45.33 29.46 -32.89
CA MET U 383 -46.26 30.57 -33.10
C MET U 383 -46.93 30.41 -34.45
N ASN U 384 -48.24 30.17 -34.42
CA ASN U 384 -48.97 29.63 -35.56
C ASN U 384 -49.25 30.89 -36.37
N PRO U 385 -48.93 30.94 -37.66
CA PRO U 385 -49.10 32.19 -38.40
C PRO U 385 -50.45 32.34 -39.07
N TYR U 386 -51.13 31.24 -39.42
CA TYR U 386 -52.28 31.27 -40.30
C TYR U 386 -53.49 30.69 -39.59
N PRO U 387 -54.67 31.34 -39.68
CA PRO U 387 -55.86 30.91 -38.95
C PRO U 387 -56.30 29.46 -39.17
N TYR U 388 -56.57 28.77 -38.04
CA TYR U 388 -57.00 27.39 -37.93
C TYR U 388 -56.01 26.38 -38.51
N MET U 389 -54.71 26.68 -38.48
CA MET U 389 -53.76 25.78 -39.13
C MET U 389 -53.16 24.82 -38.12
N GLY U 390 -52.98 25.28 -36.88
CA GLY U 390 -52.37 24.50 -35.82
C GLY U 390 -53.22 23.36 -35.33
N ILE U 391 -54.53 23.41 -35.56
CA ILE U 391 -55.37 22.25 -35.30
C ILE U 391 -55.36 21.25 -36.43
N ASP U 392 -54.93 21.63 -37.63
CA ASP U 392 -54.90 20.69 -38.75
C ASP U 392 -53.52 20.06 -38.61
N TYR U 393 -53.46 18.95 -37.88
CA TYR U 393 -52.18 18.31 -37.57
C TYR U 393 -51.34 17.74 -38.74
N PRO U 394 -51.89 17.19 -39.86
CA PRO U 394 -50.96 16.82 -40.96
C PRO U 394 -50.23 17.99 -41.60
N THR U 395 -50.84 19.18 -41.61
CA THR U 395 -50.14 20.39 -42.05
C THR U 395 -48.97 20.74 -41.13
N GLN U 396 -49.17 20.62 -39.81
CA GLN U 396 -48.13 20.96 -38.84
C GLN U 396 -46.93 20.03 -38.93
N ILE U 397 -47.20 18.71 -38.96
CA ILE U 397 -46.13 17.72 -39.12
C ILE U 397 -45.44 17.86 -40.48
N SER U 398 -46.20 18.18 -41.53
CA SER U 398 -45.61 18.20 -42.86
C SER U 398 -44.82 19.47 -43.13
N LEU U 399 -45.28 20.63 -42.62
CA LEU U 399 -44.52 21.87 -42.79
C LEU U 399 -43.23 21.86 -41.98
N PHE U 400 -43.28 21.37 -40.72
CA PHE U 400 -42.03 21.26 -39.93
C PHE U 400 -41.05 20.30 -40.60
N THR U 401 -41.51 19.11 -40.97
CA THR U 401 -40.71 18.09 -41.61
C THR U 401 -40.12 18.55 -42.94
N HIS U 402 -40.94 19.15 -43.80
CA HIS U 402 -40.50 19.68 -45.08
C HIS U 402 -39.45 20.78 -44.96
N HIS U 403 -39.65 21.75 -44.06
CA HIS U 403 -38.68 22.83 -43.99
C HIS U 403 -37.40 22.39 -43.32
N MET U 404 -37.49 21.37 -42.44
CA MET U 404 -36.27 20.80 -41.87
C MET U 404 -35.44 20.05 -42.91
N TRP U 405 -36.10 19.28 -43.78
CA TRP U 405 -35.37 18.54 -44.81
C TRP U 405 -34.74 19.47 -45.84
N ILE U 406 -35.48 20.52 -46.27
CA ILE U 406 -34.90 21.50 -47.20
C ILE U 406 -33.74 22.25 -46.56
N GLY U 407 -33.83 22.53 -45.25
CA GLY U 407 -32.72 23.13 -44.54
C GLY U 407 -31.48 22.27 -44.45
N GLY U 408 -31.64 20.97 -44.17
CA GLY U 408 -30.50 20.07 -44.13
C GLY U 408 -29.84 19.85 -45.48
N PHE U 409 -30.65 19.79 -46.55
CA PHE U 409 -30.15 19.76 -47.93
C PHE U 409 -29.28 20.97 -48.28
N LEU U 410 -29.77 22.19 -47.99
CA LEU U 410 -28.98 23.37 -48.33
C LEU U 410 -27.75 23.54 -47.43
N ILE U 411 -27.77 23.00 -46.22
CA ILE U 411 -26.55 23.02 -45.40
C ILE U 411 -25.49 22.04 -45.93
N VAL U 412 -25.91 20.88 -46.46
CA VAL U 412 -24.94 19.98 -47.07
C VAL U 412 -24.40 20.56 -48.38
N GLY U 413 -25.24 21.28 -49.12
CA GLY U 413 -24.77 22.03 -50.28
C GLY U 413 -23.84 23.18 -49.95
N ALA U 414 -24.02 23.78 -48.78
CA ALA U 414 -23.09 24.80 -48.29
C ALA U 414 -21.70 24.23 -48.07
N GLY U 415 -21.64 23.06 -47.39
CA GLY U 415 -20.37 22.35 -47.24
C GLY U 415 -19.76 21.93 -48.58
N ALA U 416 -20.63 21.54 -49.53
CA ALA U 416 -20.21 21.17 -50.87
C ALA U 416 -19.53 22.31 -51.62
N HIS U 417 -20.18 23.46 -51.70
CA HIS U 417 -19.58 24.55 -52.46
C HIS U 417 -18.48 25.29 -51.72
N ALA U 418 -18.38 25.14 -50.38
CA ALA U 418 -17.17 25.60 -49.70
C ALA U 418 -15.97 24.73 -50.06
N ALA U 419 -16.17 23.41 -50.14
CA ALA U 419 -15.13 22.52 -50.66
C ALA U 419 -14.79 22.77 -52.12
N ILE U 420 -15.78 23.18 -52.92
CA ILE U 420 -15.57 23.39 -54.35
C ILE U 420 -14.75 24.66 -54.56
N PHE U 421 -15.02 25.71 -53.75
CA PHE U 421 -14.18 26.90 -53.69
C PHE U 421 -12.74 26.55 -53.31
N MET U 422 -12.60 25.62 -52.35
CA MET U 422 -11.28 25.25 -51.88
C MET U 422 -10.50 24.51 -52.96
N VAL U 423 -11.17 23.68 -53.75
CA VAL U 423 -10.52 23.03 -54.89
C VAL U 423 -10.18 24.03 -55.99
N ARG U 424 -11.19 24.76 -56.47
CA ARG U 424 -11.03 25.52 -57.72
C ARG U 424 -10.58 26.96 -57.51
N ASP U 425 -11.34 27.73 -56.73
CA ASP U 425 -11.18 29.18 -56.66
C ASP U 425 -10.23 29.66 -55.56
N TYR U 426 -9.58 28.75 -54.83
CA TYR U 426 -8.64 29.17 -53.80
C TYR U 426 -7.35 29.64 -54.47
N ASP U 427 -6.93 30.87 -54.14
CA ASP U 427 -5.67 31.40 -54.61
C ASP U 427 -4.80 31.69 -53.39
N PRO U 428 -3.58 31.15 -53.32
CA PRO U 428 -2.66 31.52 -52.24
C PRO U 428 -2.23 32.97 -52.27
N ALA U 429 -2.21 33.61 -53.45
CA ALA U 429 -1.76 35.00 -53.56
C ALA U 429 -2.74 35.98 -52.93
N VAL U 430 -4.02 35.62 -52.81
CA VAL U 430 -4.96 36.45 -52.08
C VAL U 430 -4.85 36.20 -50.58
N ASN U 431 -4.68 34.94 -50.19
CA ASN U 431 -4.79 34.55 -48.78
C ASN U 431 -3.41 34.41 -48.14
N GLN U 432 -2.78 35.56 -47.86
CA GLN U 432 -1.61 35.62 -46.98
C GLN U 432 -2.12 36.00 -45.60
N ASN U 433 -2.06 35.03 -44.66
CA ASN U 433 -2.17 35.19 -43.21
C ASN U 433 -3.57 35.75 -42.85
N ASN U 434 -4.58 35.48 -43.68
CA ASN U 434 -5.92 35.89 -43.32
C ASN U 434 -6.56 34.78 -42.47
N LEU U 435 -7.86 34.91 -42.19
CA LEU U 435 -8.56 33.90 -41.39
C LEU U 435 -8.66 32.58 -42.16
N LEU U 436 -8.87 32.68 -43.48
CA LEU U 436 -9.04 31.52 -44.35
C LEU U 436 -7.74 30.72 -44.45
N ASP U 437 -6.59 31.40 -44.53
CA ASP U 437 -5.32 30.70 -44.61
C ASP U 437 -4.94 30.07 -43.28
N ARG U 438 -5.15 30.79 -42.17
CA ARG U 438 -4.81 30.26 -40.84
C ARG U 438 -5.69 29.09 -40.42
N VAL U 439 -6.94 29.01 -40.94
CA VAL U 439 -7.76 27.82 -40.73
C VAL U 439 -7.14 26.59 -41.39
N LEU U 440 -6.54 26.76 -42.57
CA LEU U 440 -5.73 25.69 -43.17
C LEU U 440 -4.44 25.37 -42.41
N ARG U 441 -3.91 26.29 -41.61
CA ARG U 441 -2.73 25.96 -40.84
C ARG U 441 -3.03 25.21 -39.56
N HIS U 442 -4.29 25.06 -39.15
CA HIS U 442 -4.56 24.23 -37.98
C HIS U 442 -5.81 23.37 -38.21
N ARG U 443 -5.96 22.89 -39.45
CA ARG U 443 -7.09 22.05 -39.84
C ARG U 443 -7.07 20.69 -39.13
N ASP U 444 -5.88 20.20 -38.76
CA ASP U 444 -5.76 18.97 -37.99
C ASP U 444 -6.32 19.14 -36.58
N ALA U 445 -6.08 20.32 -35.99
CA ALA U 445 -6.58 20.62 -34.64
C ALA U 445 -8.10 20.75 -34.63
N ILE U 446 -8.65 21.41 -35.66
CA ILE U 446 -10.10 21.60 -35.77
C ILE U 446 -10.81 20.26 -35.98
N ILE U 447 -10.28 19.45 -36.89
CA ILE U 447 -10.94 18.18 -37.24
C ILE U 447 -10.77 17.15 -36.12
N SER U 448 -9.63 17.16 -35.43
CA SER U 448 -9.43 16.22 -34.33
C SER U 448 -10.23 16.60 -33.09
N HIS U 449 -10.36 17.89 -32.79
CA HIS U 449 -11.18 18.30 -31.64
C HIS U 449 -12.65 18.12 -31.94
N LEU U 450 -13.01 18.29 -33.20
CA LEU U 450 -14.34 17.97 -33.64
C LEU U 450 -14.61 16.48 -33.58
N ASN U 451 -13.62 15.64 -33.91
CA ASN U 451 -13.72 14.18 -33.76
C ASN U 451 -13.93 13.77 -32.31
N TRP U 452 -13.20 14.42 -31.39
CA TRP U 452 -13.37 14.16 -29.96
C TRP U 452 -14.76 14.58 -29.46
N VAL U 453 -15.27 15.74 -29.88
CA VAL U 453 -16.54 16.18 -29.31
C VAL U 453 -17.70 15.39 -29.94
N CYS U 454 -17.55 14.92 -31.19
CA CYS U 454 -18.51 13.95 -31.73
C CYS U 454 -18.49 12.62 -31.00
N LEU U 455 -17.31 12.12 -30.64
CA LEU U 455 -17.23 10.91 -29.81
C LEU U 455 -17.88 11.12 -28.44
N PHE U 456 -17.63 12.28 -27.82
CA PHE U 456 -18.23 12.61 -26.52
C PHE U 456 -19.75 12.69 -26.61
N LEU U 457 -20.27 13.37 -27.63
CA LEU U 457 -21.71 13.50 -27.81
C LEU U 457 -22.38 12.16 -28.09
N GLY U 458 -21.73 11.31 -28.89
CA GLY U 458 -22.29 10.01 -29.18
C GLY U 458 -22.35 9.07 -28.00
N PHE U 459 -21.26 9.01 -27.20
CA PHE U 459 -21.29 8.27 -25.93
C PHE U 459 -22.33 8.84 -24.99
N HIS U 460 -22.26 10.13 -24.70
CA HIS U 460 -23.08 10.74 -23.66
C HIS U 460 -24.45 11.16 -24.15
N SER U 461 -24.89 10.68 -25.32
CA SER U 461 -26.31 10.62 -25.59
C SER U 461 -26.79 9.21 -25.91
N PHE U 462 -26.16 8.54 -26.88
CA PHE U 462 -26.71 7.26 -27.30
C PHE U 462 -26.37 6.14 -26.32
N GLY U 463 -25.22 6.19 -25.64
CA GLY U 463 -24.98 5.24 -24.58
C GLY U 463 -25.89 5.44 -23.39
N LEU U 464 -26.41 6.66 -23.19
CA LEU U 464 -27.49 6.86 -22.22
C LEU U 464 -28.73 6.09 -22.66
N TYR U 465 -29.08 6.15 -23.97
CA TYR U 465 -30.21 5.37 -24.51
C TYR U 465 -30.00 3.85 -24.40
N VAL U 466 -28.78 3.38 -24.74
CA VAL U 466 -28.38 1.97 -24.57
C VAL U 466 -28.44 1.52 -23.13
N HIS U 467 -27.95 2.36 -22.22
CA HIS U 467 -28.07 2.14 -20.78
C HIS U 467 -29.52 2.01 -20.34
N ASN U 468 -30.42 2.84 -20.88
CA ASN U 468 -31.84 2.70 -20.53
C ASN U 468 -32.46 1.42 -21.07
N ASP U 469 -32.10 1.02 -22.29
CA ASP U 469 -32.52 -0.28 -22.85
C ASP U 469 -32.06 -1.43 -21.98
N THR U 470 -30.81 -1.35 -21.54
CA THR U 470 -30.22 -2.39 -20.71
C THR U 470 -30.84 -2.43 -19.33
N MET U 471 -31.02 -1.28 -18.67
CA MET U 471 -31.62 -1.27 -17.34
C MET U 471 -33.10 -1.61 -17.35
N GLN U 472 -33.83 -1.26 -18.40
CA GLN U 472 -35.25 -1.62 -18.41
C GLN U 472 -35.40 -3.10 -18.74
N ALA U 473 -34.48 -3.67 -19.53
CA ALA U 473 -34.50 -5.09 -19.84
C ALA U 473 -34.16 -5.97 -18.63
N LEU U 474 -33.20 -5.53 -17.81
CA LEU U 474 -32.75 -6.24 -16.62
C LEU U 474 -33.68 -6.12 -15.42
N GLY U 475 -34.82 -5.46 -15.57
CA GLY U 475 -35.70 -5.28 -14.43
C GLY U 475 -35.22 -4.24 -13.46
N ARG U 476 -34.51 -3.22 -13.93
CA ARG U 476 -34.04 -2.12 -13.08
C ARG U 476 -34.57 -0.78 -13.59
N PRO U 477 -35.86 -0.45 -13.37
CA PRO U 477 -36.35 0.86 -13.83
C PRO U 477 -35.85 2.05 -13.01
N GLY U 478 -35.44 1.86 -11.76
CA GLY U 478 -34.89 2.94 -10.97
C GLY U 478 -33.46 3.26 -11.28
N ASP U 479 -32.79 2.38 -12.04
CA ASP U 479 -31.44 2.63 -12.48
C ASP U 479 -31.40 3.48 -13.75
N MET U 480 -32.55 3.82 -14.30
CA MET U 480 -32.60 4.43 -15.61
C MET U 480 -32.30 5.93 -15.51
N PHE U 481 -31.65 6.43 -16.55
CA PHE U 481 -31.55 7.85 -16.91
C PHE U 481 -32.91 8.31 -17.42
N ALA U 482 -33.75 8.68 -16.47
CA ALA U 482 -35.13 9.06 -16.74
C ALA U 482 -35.57 10.00 -15.63
N ASP U 483 -36.78 10.53 -15.78
CA ASP U 483 -37.36 11.39 -14.76
C ASP U 483 -37.75 10.64 -13.49
N TRP U 484 -38.05 9.35 -13.59
CA TRP U 484 -38.28 8.55 -12.40
C TRP U 484 -37.00 7.96 -11.82
N GLY U 485 -35.92 7.96 -12.58
CA GLY U 485 -34.67 7.41 -12.09
C GLY U 485 -33.59 8.46 -11.91
N ILE U 486 -32.43 8.27 -12.55
CA ILE U 486 -31.38 9.28 -12.51
C ILE U 486 -31.78 10.43 -13.43
N GLN U 487 -32.14 11.56 -12.85
CA GLN U 487 -32.68 12.65 -13.64
C GLN U 487 -31.55 13.44 -14.29
N LEU U 488 -31.79 13.86 -15.53
CA LEU U 488 -30.90 14.76 -16.28
C LEU U 488 -31.76 15.93 -16.71
N GLN U 489 -31.86 16.93 -15.82
CA GLN U 489 -32.85 17.92 -16.22
C GLN U 489 -32.21 19.03 -17.07
N PRO U 490 -32.92 19.53 -18.05
CA PRO U 490 -32.53 20.70 -18.86
C PRO U 490 -32.66 22.05 -18.16
N VAL U 491 -31.81 22.25 -17.15
CA VAL U 491 -31.97 23.36 -16.21
C VAL U 491 -31.68 24.72 -16.84
N PHE U 492 -30.77 24.80 -17.83
CA PHE U 492 -30.66 26.06 -18.56
C PHE U 492 -31.85 26.25 -19.50
N ALA U 493 -32.31 25.18 -20.15
CA ALA U 493 -33.44 25.28 -21.05
C ALA U 493 -34.75 25.53 -20.30
N GLN U 494 -34.91 24.91 -19.11
CA GLN U 494 -36.06 25.21 -18.25
C GLN U 494 -35.99 26.62 -17.67
N TRP U 495 -34.78 27.14 -17.43
CA TRP U 495 -34.69 28.51 -16.94
C TRP U 495 -35.03 29.51 -18.05
N ILE U 496 -34.63 29.19 -19.29
CA ILE U 496 -35.03 30.01 -20.44
C ILE U 496 -36.53 29.88 -20.76
N GLN U 497 -37.16 28.72 -20.43
CA GLN U 497 -38.62 28.61 -20.41
C GLN U 497 -39.26 29.60 -19.45
N SER U 498 -38.74 29.65 -18.22
CA SER U 498 -39.30 30.52 -17.19
C SER U 498 -39.09 32.00 -17.52
N VAL U 499 -37.96 32.33 -18.14
CA VAL U 499 -37.70 33.72 -18.53
C VAL U 499 -38.58 34.15 -19.70
N ASN U 500 -38.69 33.32 -20.76
CA ASN U 500 -39.50 33.73 -21.89
C ASN U 500 -41.00 33.58 -21.65
N ALA U 501 -41.41 32.85 -20.61
CA ALA U 501 -42.80 32.89 -20.22
C ALA U 501 -43.09 34.05 -19.29
N ALA U 502 -42.17 34.36 -18.37
CA ALA U 502 -42.44 35.31 -17.30
C ALA U 502 -42.30 36.76 -17.75
N ALA U 503 -41.80 37.02 -18.95
CA ALA U 503 -41.51 38.38 -19.41
C ALA U 503 -42.68 38.97 -20.19
N PHE U 504 -43.85 39.07 -19.59
CA PHE U 504 -44.98 39.68 -20.29
C PHE U 504 -45.70 40.75 -19.47
N GLY U 505 -45.76 40.57 -18.15
CA GLY U 505 -46.67 41.33 -17.33
C GLY U 505 -46.18 42.72 -16.97
N PRO U 506 -46.92 43.41 -16.12
CA PRO U 506 -46.40 44.64 -15.51
C PRO U 506 -45.22 44.35 -14.61
N ASN U 507 -44.29 45.32 -14.58
CA ASN U 507 -43.01 45.31 -13.86
C ASN U 507 -42.10 44.16 -14.30
N SER U 508 -42.27 43.73 -15.56
CA SER U 508 -41.39 42.74 -16.17
C SER U 508 -40.37 43.47 -17.05
N THR U 509 -39.65 42.73 -17.88
CA THR U 509 -38.78 43.32 -18.88
C THR U 509 -39.55 44.08 -19.95
N ALA U 510 -40.57 43.46 -20.57
CA ALA U 510 -41.39 44.12 -21.58
C ALA U 510 -42.78 44.38 -21.02
N PRO U 511 -43.07 45.60 -20.55
CA PRO U 511 -44.28 45.83 -19.76
C PRO U 511 -45.56 46.07 -20.54
N TRP U 512 -45.52 46.09 -21.88
CA TRP U 512 -46.71 46.39 -22.67
C TRP U 512 -46.97 45.29 -23.70
N VAL U 513 -46.84 44.04 -23.26
CA VAL U 513 -47.24 42.85 -24.02
C VAL U 513 -48.38 42.20 -23.25
N SER U 514 -49.44 41.83 -23.96
CA SER U 514 -50.63 41.29 -23.28
C SER U 514 -50.52 39.79 -23.06
N ALA U 515 -50.10 39.03 -24.08
CA ALA U 515 -50.23 37.58 -24.05
C ALA U 515 -48.93 36.88 -24.44
N ALA U 516 -47.79 37.43 -23.99
CA ALA U 516 -46.44 36.85 -24.05
C ALA U 516 -45.94 36.53 -25.46
N THR U 517 -44.81 35.81 -25.53
CA THR U 517 -44.25 35.49 -26.84
C THR U 517 -44.97 34.32 -27.49
N SER U 518 -45.00 33.18 -26.82
CA SER U 518 -45.65 31.99 -27.31
C SER U 518 -46.18 31.22 -26.12
N PRO U 519 -47.26 30.44 -26.28
CA PRO U 519 -47.70 29.57 -25.18
C PRO U 519 -46.83 28.34 -24.96
N VAL U 520 -45.83 28.06 -25.80
CA VAL U 520 -44.94 26.92 -25.57
C VAL U 520 -43.95 27.15 -24.44
N TRP U 521 -43.77 28.40 -24.00
CA TRP U 521 -42.78 28.71 -22.98
C TRP U 521 -43.22 28.30 -21.58
N GLY U 522 -44.51 28.02 -21.38
CA GLY U 522 -44.96 27.69 -20.05
C GLY U 522 -46.27 28.36 -19.65
N GLY U 523 -46.96 28.97 -20.61
CA GLY U 523 -48.24 29.57 -20.26
C GLY U 523 -49.42 29.13 -21.12
N ASN U 524 -50.33 28.37 -20.49
CA ASN U 524 -51.71 28.08 -20.89
C ASN U 524 -51.88 27.17 -22.11
N VAL U 525 -52.87 26.29 -22.03
CA VAL U 525 -53.27 25.43 -23.13
C VAL U 525 -54.40 26.10 -23.89
N LEU U 526 -54.22 26.28 -25.20
CA LEU U 526 -55.16 27.01 -26.04
C LEU U 526 -55.95 26.03 -26.89
N ALA U 527 -57.22 26.33 -27.13
CA ALA U 527 -58.13 25.43 -27.82
C ALA U 527 -59.13 26.21 -28.67
N LEU U 528 -59.75 25.50 -29.61
CA LEU U 528 -60.56 26.08 -30.66
C LEU U 528 -61.79 25.22 -30.92
N PRO U 529 -62.91 25.84 -31.31
CA PRO U 529 -64.04 25.06 -31.84
C PRO U 529 -63.69 24.31 -33.12
N ALA U 530 -64.16 23.06 -33.19
CA ALA U 530 -64.10 22.22 -34.38
C ALA U 530 -65.13 21.12 -34.24
N THR U 531 -65.63 20.61 -35.36
CA THR U 531 -66.71 19.63 -35.31
C THR U 531 -66.19 18.26 -34.90
N VAL U 532 -65.42 17.61 -35.79
CA VAL U 532 -65.06 16.19 -35.85
C VAL U 532 -66.34 15.37 -35.63
N ALA U 533 -66.97 15.00 -36.75
CA ALA U 533 -68.25 14.29 -36.87
C ALA U 533 -69.39 14.98 -36.11
N GLY U 534 -69.59 14.59 -34.85
CA GLY U 534 -70.62 15.18 -34.00
C GLY U 534 -70.20 15.49 -32.58
N GLU U 535 -68.94 15.93 -32.41
CA GLU U 535 -68.34 16.14 -31.09
C GLU U 535 -68.54 17.59 -30.63
N VAL U 536 -67.68 18.04 -29.71
CA VAL U 536 -67.80 19.15 -28.76
C VAL U 536 -66.75 20.18 -29.21
N VAL U 537 -66.24 21.06 -28.34
CA VAL U 537 -65.17 21.99 -28.74
C VAL U 537 -63.85 21.28 -29.16
N GLN U 538 -63.26 20.35 -28.35
CA GLN U 538 -61.90 19.74 -28.44
C GLN U 538 -60.71 20.53 -29.08
N LYS U 539 -59.64 19.80 -29.49
CA LYS U 539 -58.55 20.22 -30.39
C LYS U 539 -57.71 21.43 -29.98
N ILE U 540 -56.85 21.19 -29.00
CA ILE U 540 -55.64 21.96 -28.73
C ILE U 540 -54.85 22.24 -30.00
N SER U 541 -54.57 23.50 -30.28
CA SER U 541 -53.59 23.80 -31.30
C SER U 541 -52.18 23.84 -30.74
N ILE U 542 -52.03 24.32 -29.50
CA ILE U 542 -50.72 24.66 -28.97
C ILE U 542 -50.79 24.63 -27.44
N ALA U 543 -49.67 24.27 -26.82
CA ALA U 543 -49.61 23.94 -25.40
C ALA U 543 -48.19 24.28 -24.94
N PRO U 544 -47.97 24.45 -23.63
CA PRO U 544 -46.58 24.46 -23.17
C PRO U 544 -45.89 23.13 -23.37
N VAL U 545 -44.61 23.20 -23.73
CA VAL U 545 -43.94 21.99 -24.19
C VAL U 545 -42.91 21.76 -23.09
N PRO U 546 -43.12 20.83 -22.18
CA PRO U 546 -42.15 20.63 -21.10
C PRO U 546 -40.89 19.83 -21.43
N LEU U 547 -39.81 20.25 -20.78
CA LEU U 547 -38.50 19.64 -21.01
C LEU U 547 -38.08 18.85 -19.78
N GLY U 548 -37.89 17.54 -19.98
CA GLY U 548 -37.44 16.63 -18.95
C GLY U 548 -36.19 15.89 -19.42
N THR U 549 -35.93 14.71 -18.83
CA THR U 549 -34.71 13.96 -19.08
C THR U 549 -34.65 13.45 -20.52
N ALA U 550 -35.79 13.05 -21.08
CA ALA U 550 -35.88 12.63 -22.47
C ALA U 550 -35.55 13.75 -23.45
N ASP U 551 -35.85 15.00 -23.07
CA ASP U 551 -35.52 16.14 -23.92
C ASP U 551 -34.04 16.48 -23.89
N PHE U 552 -33.41 16.38 -22.71
CA PHE U 552 -31.96 16.40 -22.56
C PHE U 552 -31.28 15.40 -23.49
N MET U 553 -31.75 14.16 -23.45
CA MET U 553 -31.17 13.09 -24.25
C MET U 553 -31.37 13.28 -25.75
N ILE U 554 -32.58 13.63 -26.20
CA ILE U 554 -32.85 13.85 -27.62
C ILE U 554 -32.10 15.08 -28.16
N HIS U 555 -31.91 16.13 -27.34
CA HIS U 555 -31.16 17.29 -27.81
C HIS U 555 -29.67 17.03 -27.85
N HIS U 556 -29.19 16.09 -27.03
CA HIS U 556 -27.78 15.73 -27.15
C HIS U 556 -27.51 14.78 -28.31
N ILE U 557 -28.50 13.93 -28.66
CA ILE U 557 -28.53 13.26 -29.97
C ILE U 557 -28.46 14.27 -31.11
N HIS U 558 -29.21 15.37 -30.96
CA HIS U 558 -29.28 16.38 -32.02
C HIS U 558 -27.94 17.09 -32.20
N ALA U 559 -27.31 17.42 -31.06
CA ALA U 559 -25.98 18.01 -31.06
C ALA U 559 -24.93 17.08 -31.68
N LEU U 560 -25.00 15.78 -31.37
CA LEU U 560 -24.18 14.73 -31.99
C LEU U 560 -24.29 14.69 -33.51
N THR U 561 -25.53 14.61 -34.00
CA THR U 561 -25.75 14.49 -35.44
C THR U 561 -25.38 15.75 -36.22
N ILE U 562 -25.65 16.93 -35.65
CA ILE U 562 -25.19 18.19 -36.23
C ILE U 562 -23.67 18.26 -36.27
N HIS U 563 -23.01 17.85 -35.17
CA HIS U 563 -21.56 17.91 -35.10
C HIS U 563 -20.88 16.89 -35.99
N VAL U 564 -21.50 15.74 -36.24
CA VAL U 564 -20.80 14.76 -37.08
C VAL U 564 -20.95 15.18 -38.54
N THR U 565 -22.14 15.71 -38.91
CA THR U 565 -22.35 16.25 -40.27
C THR U 565 -21.41 17.44 -40.54
N ILE U 566 -21.18 18.27 -39.51
CA ILE U 566 -20.14 19.30 -39.54
C ILE U 566 -18.76 18.70 -39.77
N LEU U 567 -18.42 17.60 -39.05
CA LEU U 567 -17.11 16.97 -39.13
C LEU U 567 -16.82 16.45 -40.52
N ILE U 568 -17.82 15.82 -41.15
CA ILE U 568 -17.67 15.23 -42.47
C ILE U 568 -17.51 16.32 -43.53
N LEU U 569 -18.41 17.31 -43.52
CA LEU U 569 -18.34 18.38 -44.52
C LEU U 569 -17.15 19.31 -44.29
N LEU U 570 -16.76 19.57 -43.04
CA LEU U 570 -15.68 20.50 -42.79
C LEU U 570 -14.34 19.82 -43.06
N LYS U 571 -14.26 18.50 -42.89
CA LYS U 571 -13.09 17.74 -43.30
C LYS U 571 -13.01 17.65 -44.82
N GLY U 572 -14.16 17.68 -45.50
CA GLY U 572 -14.14 17.82 -46.95
C GLY U 572 -13.62 19.16 -47.41
N VAL U 573 -14.02 20.24 -46.73
CA VAL U 573 -13.56 21.58 -47.10
C VAL U 573 -12.07 21.76 -46.82
N LEU U 574 -11.62 21.44 -45.60
CA LEU U 574 -10.25 21.78 -45.23
C LEU U 574 -9.21 20.86 -45.84
N PHE U 575 -9.58 19.62 -46.11
CA PHE U 575 -8.68 18.66 -46.75
C PHE U 575 -9.09 18.43 -48.20
N ALA U 576 -9.64 19.47 -48.85
CA ALA U 576 -9.99 19.38 -50.26
C ALA U 576 -8.76 19.39 -51.15
N ARG U 577 -7.71 20.08 -50.74
CA ARG U 577 -6.57 20.38 -51.59
C ARG U 577 -5.38 19.47 -51.32
N SER U 578 -5.18 19.12 -50.06
CA SER U 578 -4.02 18.36 -49.65
C SER U 578 -4.35 17.67 -48.35
N SER U 579 -3.55 16.66 -48.04
CA SER U 579 -3.59 16.00 -46.75
C SER U 579 -2.19 15.47 -46.50
N ARG U 580 -2.04 14.70 -45.41
CA ARG U 580 -0.83 13.91 -45.27
C ARG U 580 -0.86 12.67 -46.14
N LEU U 581 -2.02 12.32 -46.68
CA LEU U 581 -2.19 11.15 -47.52
C LEU U 581 -1.96 11.50 -49.00
N ILE U 582 -2.77 12.42 -49.52
CA ILE U 582 -2.68 12.89 -50.90
C ILE U 582 -2.37 14.39 -50.90
N PRO U 583 -1.10 14.78 -51.04
CA PRO U 583 -0.75 16.22 -51.08
C PRO U 583 -1.18 16.96 -52.34
N ASP U 584 -1.44 16.28 -53.44
CA ASP U 584 -1.78 16.91 -54.71
C ASP U 584 -3.25 16.69 -55.06
N LYS U 585 -4.10 16.74 -54.04
CA LYS U 585 -5.53 16.43 -54.17
C LYS U 585 -6.30 17.48 -54.96
N ALA U 586 -5.83 18.74 -54.95
CA ALA U 586 -6.50 19.80 -55.70
C ALA U 586 -6.34 19.65 -57.20
N ASN U 587 -5.26 19.02 -57.66
CA ASN U 587 -5.13 18.71 -59.08
C ASN U 587 -6.04 17.56 -59.49
N LEU U 588 -6.37 16.68 -58.54
CA LEU U 588 -7.29 15.59 -58.82
C LEU U 588 -8.73 16.07 -58.90
N GLY U 589 -9.05 17.22 -58.33
CA GLY U 589 -10.33 17.88 -58.50
C GLY U 589 -11.20 17.79 -57.26
N PHE U 590 -12.40 18.37 -57.39
CA PHE U 590 -13.46 18.15 -56.42
C PHE U 590 -13.96 16.72 -56.46
N ARG U 591 -14.18 16.20 -57.67
CA ARG U 591 -14.95 15.00 -57.93
C ARG U 591 -14.07 13.99 -58.65
N PHE U 592 -13.42 13.14 -57.88
CA PHE U 592 -12.65 12.02 -58.38
C PHE U 592 -12.95 10.85 -57.46
N PRO U 593 -12.90 9.59 -57.92
CA PRO U 593 -13.22 8.51 -56.98
C PRO U 593 -12.18 8.17 -55.90
N CYS U 594 -10.89 8.15 -56.20
CA CYS U 594 -9.80 7.75 -55.31
C CYS U 594 -8.50 8.18 -55.97
N ASP U 595 -7.39 7.81 -55.34
CA ASP U 595 -6.06 7.89 -55.93
C ASP U 595 -5.43 6.51 -55.90
N GLY U 596 -6.25 5.48 -56.04
CA GLY U 596 -5.77 4.12 -56.18
C GLY U 596 -5.85 3.28 -54.92
N PRO U 597 -5.59 1.98 -55.04
CA PRO U 597 -5.61 1.08 -53.86
C PRO U 597 -4.38 1.20 -53.00
N GLY U 598 -3.35 1.89 -53.46
CA GLY U 598 -2.14 2.03 -52.71
C GLY U 598 -2.26 3.07 -51.64
N ARG U 599 -1.11 3.27 -50.99
CA ARG U 599 -0.90 3.95 -49.69
C ARG U 599 -1.98 3.54 -48.66
N GLY U 600 -2.25 2.23 -48.62
CA GLY U 600 -3.33 1.64 -47.85
C GLY U 600 -4.65 1.54 -48.59
N GLY U 601 -4.95 2.55 -49.40
CA GLY U 601 -6.25 2.72 -50.02
C GLY U 601 -6.72 4.14 -49.84
N THR U 602 -7.16 4.76 -50.92
CA THR U 602 -7.61 6.15 -50.87
C THR U 602 -9.06 6.26 -51.26
N CYS U 603 -9.82 5.22 -50.94
CA CYS U 603 -11.25 5.15 -51.23
C CYS U 603 -12.02 6.21 -50.46
N GLN U 604 -12.81 6.99 -51.20
CA GLN U 604 -13.57 8.13 -50.68
C GLN U 604 -12.72 9.15 -49.93
N SER U 605 -11.71 9.66 -50.62
CA SER U 605 -10.85 10.72 -50.11
C SER U 605 -11.19 12.09 -50.68
N SER U 606 -11.92 12.15 -51.79
CA SER U 606 -12.26 13.43 -52.39
C SER U 606 -13.31 14.15 -51.56
N ALA U 607 -13.38 15.47 -51.74
CA ALA U 607 -14.33 16.29 -51.01
C ALA U 607 -15.77 16.00 -51.42
N TRP U 608 -15.98 15.53 -52.66
CA TRP U 608 -17.28 15.07 -53.14
C TRP U 608 -17.80 13.91 -52.28
N ASP U 609 -16.92 12.95 -51.98
CA ASP U 609 -17.24 11.86 -51.07
C ASP U 609 -17.60 12.32 -49.68
N HIS U 610 -17.04 13.43 -49.21
CA HIS U 610 -17.47 13.98 -47.93
C HIS U 610 -18.86 14.58 -48.03
N VAL U 611 -19.22 15.18 -49.18
CA VAL U 611 -20.60 15.59 -49.40
C VAL U 611 -21.53 14.37 -49.46
N PHE U 612 -21.04 13.30 -50.08
CA PHE U 612 -21.76 12.03 -50.18
C PHE U 612 -22.04 11.41 -48.81
N LEU U 613 -21.04 11.39 -47.92
CA LEU U 613 -21.21 10.86 -46.56
C LEU U 613 -22.03 11.80 -45.66
N GLY U 614 -21.83 13.12 -45.78
CA GLY U 614 -22.61 14.08 -45.03
C GLY U 614 -24.06 14.15 -45.42
N LEU U 615 -24.41 13.71 -46.64
CA LEU U 615 -25.81 13.55 -47.02
C LEU U 615 -26.54 12.50 -46.17
N PHE U 616 -25.91 11.34 -45.92
CA PHE U 616 -26.54 10.34 -45.05
C PHE U 616 -26.54 10.81 -43.60
N TRP U 617 -25.51 11.54 -43.22
CA TRP U 617 -25.49 12.01 -41.84
C TRP U 617 -26.46 13.16 -41.59
N MET U 618 -26.77 13.95 -42.62
CA MET U 618 -27.87 14.89 -42.57
C MET U 618 -29.20 14.18 -42.49
N TYR U 619 -29.38 13.10 -43.29
CA TYR U 619 -30.55 12.23 -43.22
C TYR U 619 -30.83 11.76 -41.81
N ASN U 620 -29.77 11.24 -41.17
CA ASN U 620 -29.79 10.85 -39.77
C ASN U 620 -30.25 11.97 -38.86
N CYS U 621 -29.64 13.15 -39.04
CA CYS U 621 -29.93 14.35 -38.25
C CYS U 621 -31.38 14.77 -38.35
N ILE U 622 -31.84 14.98 -39.58
CA ILE U 622 -33.18 15.50 -39.80
C ILE U 622 -34.25 14.45 -39.52
N SER U 623 -33.95 13.14 -39.73
CA SER U 623 -34.86 12.06 -39.36
C SER U 623 -35.10 12.00 -37.85
N ILE U 624 -34.04 12.17 -37.05
CA ILE U 624 -34.25 12.19 -35.61
C ILE U 624 -34.93 13.51 -35.17
N VAL U 625 -34.72 14.60 -35.92
CA VAL U 625 -35.44 15.87 -35.64
C VAL U 625 -36.94 15.71 -35.83
N ILE U 626 -37.35 15.13 -36.95
CA ILE U 626 -38.77 15.03 -37.22
C ILE U 626 -39.41 13.89 -36.44
N PHE U 627 -38.62 12.91 -35.99
CA PHE U 627 -39.13 11.87 -35.11
C PHE U 627 -39.40 12.42 -33.70
N HIS U 628 -38.44 13.25 -33.19
CA HIS U 628 -38.64 14.00 -31.96
C HIS U 628 -39.85 14.90 -32.06
N PHE U 629 -40.03 15.57 -33.20
CA PHE U 629 -41.16 16.48 -33.40
C PHE U 629 -42.48 15.75 -33.39
N SER U 630 -42.59 14.65 -34.18
CA SER U 630 -43.81 13.86 -34.29
C SER U 630 -44.28 13.37 -32.94
N TRP U 631 -43.37 12.85 -32.16
CA TRP U 631 -43.90 12.27 -30.96
C TRP U 631 -43.86 13.19 -29.75
N LYS U 632 -43.05 14.26 -29.77
CA LYS U 632 -43.18 15.33 -28.77
C LYS U 632 -44.50 16.07 -28.90
N MET U 633 -44.89 16.44 -30.13
CA MET U 633 -46.13 17.18 -30.32
C MET U 633 -47.31 16.28 -30.10
N GLN U 634 -47.15 14.99 -30.38
CA GLN U 634 -48.24 14.07 -30.17
C GLN U 634 -48.40 13.71 -28.69
N SER U 635 -47.30 13.71 -27.93
CA SER U 635 -47.35 13.24 -26.55
C SER U 635 -47.58 14.34 -25.54
N ASP U 636 -47.27 15.61 -25.85
CA ASP U 636 -47.41 16.68 -24.87
C ASP U 636 -48.24 17.87 -25.29
N VAL U 637 -48.56 18.03 -26.57
CA VAL U 637 -49.22 19.24 -27.03
C VAL U 637 -50.58 18.93 -27.62
N TYR U 638 -50.59 18.09 -28.65
CA TYR U 638 -51.75 17.85 -29.48
C TYR U 638 -52.75 16.99 -28.73
N GLY U 639 -54.03 17.20 -29.00
CA GLY U 639 -54.98 16.28 -28.42
C GLY U 639 -56.37 16.89 -28.34
N THR U 640 -57.00 16.66 -27.19
CA THR U 640 -58.44 16.78 -26.99
C THR U 640 -58.67 17.39 -25.61
N LEU U 641 -59.66 18.26 -25.51
CA LEU U 641 -60.27 18.59 -24.23
C LEU U 641 -61.51 17.72 -24.06
N ASN U 642 -61.56 16.99 -22.95
CA ASN U 642 -62.69 16.12 -22.69
C ASN U 642 -63.93 16.94 -22.37
N ALA U 643 -65.10 16.39 -22.71
CA ALA U 643 -66.36 17.05 -22.43
C ALA U 643 -66.68 17.09 -20.94
N THR U 644 -66.14 16.14 -20.19
CA THR U 644 -66.23 16.13 -18.74
C THR U 644 -65.03 16.86 -18.15
N THR U 645 -65.26 18.07 -17.65
CA THR U 645 -64.40 18.82 -16.72
C THR U 645 -63.03 19.19 -17.30
N LYS U 646 -62.95 19.42 -18.61
CA LYS U 646 -61.87 20.18 -19.30
C LYS U 646 -60.52 19.43 -19.19
N ALA U 647 -60.60 18.10 -19.11
CA ALA U 647 -59.40 17.28 -18.98
C ALA U 647 -58.65 17.19 -20.29
N VAL U 648 -57.33 17.29 -20.22
CA VAL U 648 -56.49 17.22 -21.41
C VAL U 648 -56.15 15.76 -21.69
N GLU U 649 -56.52 15.28 -22.87
CA GLU U 649 -56.14 13.95 -23.33
C GLU U 649 -55.34 14.10 -24.63
N HIS U 650 -54.11 13.63 -24.62
CA HIS U 650 -53.27 13.70 -25.80
C HIS U 650 -53.60 12.56 -26.75
N ILE U 651 -52.98 12.59 -27.94
CA ILE U 651 -53.24 11.57 -28.96
C ILE U 651 -52.70 10.23 -28.52
N VAL U 652 -51.47 10.20 -28.03
CA VAL U 652 -51.01 9.02 -27.30
C VAL U 652 -51.24 9.23 -25.80
N PRO U 653 -51.67 8.19 -25.09
CA PRO U 653 -52.05 8.33 -23.69
C PRO U 653 -50.84 8.45 -22.77
N SER U 654 -51.13 8.83 -21.53
CA SER U 654 -50.14 8.80 -20.47
C SER U 654 -49.81 7.37 -20.12
N THR U 655 -48.57 7.18 -19.68
CA THR U 655 -48.05 5.87 -19.32
C THR U 655 -47.83 5.82 -17.81
N ASP U 656 -48.35 4.79 -17.18
CA ASP U 656 -48.06 4.56 -15.77
C ASP U 656 -46.76 3.78 -15.71
N VAL U 657 -45.65 4.47 -15.45
CA VAL U 657 -44.35 3.83 -15.31
C VAL U 657 -44.33 3.05 -14.01
N LEU U 658 -44.06 1.75 -14.10
CA LEU U 658 -43.89 0.91 -12.94
C LEU U 658 -42.55 1.19 -12.28
N LEU U 659 -42.57 1.49 -11.00
CA LEU U 659 -41.35 1.81 -10.27
C LEU U 659 -40.74 0.54 -9.67
N GLY U 660 -39.58 0.73 -9.03
CA GLY U 660 -38.90 -0.39 -8.41
C GLY U 660 -39.54 -0.88 -7.12
N ASN U 661 -40.31 -0.02 -6.44
CA ASN U 661 -41.00 -0.47 -5.23
C ASN U 661 -42.25 -1.30 -5.53
N GLY U 662 -42.91 -1.03 -6.65
CA GLY U 662 -44.13 -1.73 -6.98
C GLY U 662 -45.24 -0.81 -7.43
N THR U 663 -45.17 0.45 -7.05
CA THR U 663 -46.19 1.43 -7.39
C THR U 663 -45.92 2.01 -8.78
N THR U 664 -46.85 2.82 -9.26
CA THR U 664 -46.75 3.45 -10.57
C THR U 664 -46.65 4.97 -10.41
N GLN U 665 -46.24 5.61 -11.51
CA GLN U 665 -46.30 7.06 -11.58
C GLN U 665 -46.65 7.45 -13.00
N ALA U 666 -47.57 8.40 -13.13
CA ALA U 666 -48.04 8.80 -14.45
C ALA U 666 -47.04 9.74 -15.09
N PHE U 667 -46.60 9.40 -16.29
CA PHE U 667 -45.82 10.32 -17.08
C PHE U 667 -46.54 10.43 -18.41
N THR U 668 -46.17 11.43 -19.19
CA THR U 668 -46.61 11.37 -20.58
C THR U 668 -45.79 10.34 -21.35
N GLN U 669 -46.18 10.11 -22.60
CA GLN U 669 -45.54 9.03 -23.35
C GLN U 669 -44.13 9.43 -23.82
N PHE U 670 -43.88 10.73 -24.10
CA PHE U 670 -42.53 11.23 -24.42
C PHE U 670 -41.60 11.00 -23.25
N ALA U 671 -42.08 11.36 -22.07
CA ALA U 671 -41.26 11.20 -20.87
C ALA U 671 -41.03 9.75 -20.47
N ALA U 672 -41.92 8.85 -20.90
CA ALA U 672 -41.82 7.47 -20.45
C ALA U 672 -41.08 6.56 -21.41
N SER U 673 -41.11 6.80 -22.73
CA SER U 673 -40.70 5.77 -23.66
C SER U 673 -39.53 6.10 -24.59
N SER U 674 -39.03 7.35 -24.65
CA SER U 674 -37.72 7.60 -25.29
C SER U 674 -36.59 7.84 -24.30
N VAL U 675 -36.60 7.10 -23.23
CA VAL U 675 -35.31 6.96 -22.60
C VAL U 675 -34.56 5.82 -23.29
N ASN U 676 -35.25 4.93 -24.02
CA ASN U 676 -34.58 3.81 -24.66
C ASN U 676 -35.05 3.60 -26.10
N ILE U 677 -34.39 2.66 -26.78
CA ILE U 677 -34.61 2.46 -28.20
C ILE U 677 -35.78 1.50 -28.39
N ASN U 678 -36.07 0.66 -27.38
CA ASN U 678 -37.20 -0.26 -27.44
C ASN U 678 -38.54 0.46 -27.48
N GLY U 679 -38.68 1.53 -26.70
CA GLY U 679 -39.89 2.34 -26.76
C GLY U 679 -39.99 3.19 -28.00
N TRP U 680 -38.85 3.63 -28.56
CA TRP U 680 -38.84 4.25 -29.89
C TRP U 680 -39.30 3.27 -30.96
N LEU U 681 -38.85 2.01 -30.86
CA LEU U 681 -39.28 0.96 -31.78
C LEU U 681 -40.75 0.63 -31.62
N ARG U 682 -41.20 0.42 -30.38
CA ARG U 682 -42.55 -0.02 -30.08
C ARG U 682 -43.59 1.10 -30.13
N ASP U 683 -43.47 2.06 -29.21
CA ASP U 683 -44.53 3.04 -29.04
C ASP U 683 -44.49 4.16 -30.05
N PHE U 684 -43.37 4.35 -30.74
CA PHE U 684 -43.34 5.32 -31.83
C PHE U 684 -43.39 4.66 -33.19
N LEU U 685 -42.66 3.56 -33.39
CA LEU U 685 -42.40 3.23 -34.77
C LEU U 685 -43.20 1.99 -35.19
N TRP U 686 -43.47 1.08 -34.23
CA TRP U 686 -44.44 0.00 -34.40
C TRP U 686 -45.87 0.49 -34.23
N ALA U 687 -46.14 1.28 -33.17
CA ALA U 687 -47.51 1.64 -32.82
C ALA U 687 -48.10 2.67 -33.76
N GLN U 688 -47.32 3.66 -34.16
CA GLN U 688 -47.87 4.72 -34.97
C GLN U 688 -47.84 4.41 -36.45
N ALA U 689 -47.22 3.30 -36.86
CA ALA U 689 -47.26 2.90 -38.25
C ALA U 689 -48.44 2.00 -38.56
N ALA U 690 -49.34 1.75 -37.61
CA ALA U 690 -50.62 1.10 -37.83
C ALA U 690 -51.50 1.75 -38.90
N PRO U 691 -51.64 3.09 -38.98
CA PRO U 691 -52.44 3.64 -40.10
C PRO U 691 -51.77 3.64 -41.46
N VAL U 692 -50.45 3.43 -41.59
CA VAL U 692 -49.89 3.38 -42.93
C VAL U 692 -49.96 1.96 -43.52
N ILE U 693 -50.10 0.94 -42.66
CA ILE U 693 -50.15 -0.44 -43.17
C ILE U 693 -51.57 -0.97 -43.26
N ASN U 694 -52.52 -0.37 -42.54
CA ASN U 694 -53.94 -0.74 -42.61
C ASN U 694 -54.75 0.23 -43.46
N SER U 695 -54.10 0.99 -44.33
CA SER U 695 -54.78 2.03 -45.09
C SER U 695 -55.36 1.55 -46.41
N TYR U 696 -55.26 0.26 -46.73
CA TYR U 696 -55.68 -0.20 -48.04
C TYR U 696 -57.20 -0.25 -48.16
N GLY U 697 -57.68 -0.05 -49.38
CA GLY U 697 -59.11 0.03 -49.61
C GLY U 697 -59.75 1.30 -49.13
N GLY U 698 -58.95 2.36 -48.96
CA GLY U 698 -59.44 3.60 -48.41
C GLY U 698 -58.72 4.80 -48.97
N PRO U 699 -58.94 5.97 -48.37
CA PRO U 699 -58.36 7.22 -48.92
C PRO U 699 -56.87 7.38 -48.68
N SER U 700 -56.25 6.58 -47.83
CA SER U 700 -54.82 6.70 -47.55
C SER U 700 -54.01 5.54 -48.11
N ALA U 701 -54.57 4.78 -49.05
CA ALA U 701 -53.91 3.59 -49.59
C ALA U 701 -52.71 3.92 -50.47
N ALA U 702 -52.68 5.13 -51.06
CA ALA U 702 -51.51 5.59 -51.78
C ALA U 702 -50.32 5.78 -50.84
N TYR U 703 -50.58 6.21 -49.61
CA TYR U 703 -49.52 6.35 -48.62
C TYR U 703 -48.96 5.00 -48.21
N GLY U 704 -49.80 3.96 -48.19
CA GLY U 704 -49.29 2.61 -47.98
C GLY U 704 -48.46 2.10 -49.15
N LEU U 705 -48.91 2.39 -50.38
CA LEU U 705 -48.17 2.03 -51.59
C LEU U 705 -46.83 2.74 -51.65
N PHE U 706 -46.81 4.03 -51.29
CA PHE U 706 -45.61 4.84 -51.23
C PHE U 706 -44.67 4.43 -50.08
N PHE U 707 -45.23 3.97 -48.95
CA PHE U 707 -44.47 3.38 -47.85
C PHE U 707 -43.69 2.15 -48.31
N LEU U 708 -44.39 1.23 -49.00
CA LEU U 708 -43.75 0.01 -49.49
C LEU U 708 -42.76 0.30 -50.63
N GLY U 709 -43.12 1.18 -51.57
CA GLY U 709 -42.23 1.56 -52.66
C GLY U 709 -41.01 2.33 -52.20
N ALA U 710 -41.13 3.05 -51.12
CA ALA U 710 -40.00 3.74 -50.57
C ALA U 710 -39.08 2.83 -49.77
N HIS U 711 -39.63 1.80 -49.08
CA HIS U 711 -38.80 0.72 -48.55
C HIS U 711 -38.01 0.01 -49.65
N PHE U 712 -38.65 -0.18 -50.80
CA PHE U 712 -38.01 -0.74 -51.99
C PHE U 712 -36.85 0.12 -52.50
N VAL U 713 -37.08 1.42 -52.70
CA VAL U 713 -36.05 2.32 -53.23
C VAL U 713 -34.88 2.45 -52.25
N TRP U 714 -35.18 2.48 -50.95
CA TRP U 714 -34.16 2.49 -49.91
C TRP U 714 -33.31 1.22 -49.93
N ALA U 715 -33.92 0.07 -50.12
CA ALA U 715 -33.12 -1.14 -50.18
C ALA U 715 -32.40 -1.30 -51.50
N PHE U 716 -32.99 -0.78 -52.58
CA PHE U 716 -32.42 -0.79 -53.91
C PHE U 716 -31.15 0.06 -53.99
N SER U 717 -31.07 1.11 -53.17
CA SER U 717 -29.84 1.90 -53.03
C SER U 717 -28.64 1.11 -52.57
N LEU U 718 -28.88 0.07 -51.76
CA LEU U 718 -27.81 -0.60 -51.05
C LEU U 718 -26.98 -1.49 -51.98
N MET U 719 -27.57 -1.89 -53.12
CA MET U 719 -26.79 -2.44 -54.25
C MET U 719 -25.73 -1.47 -54.74
N PHE U 720 -26.09 -0.21 -54.95
CA PHE U 720 -25.14 0.77 -55.46
C PHE U 720 -24.16 1.20 -54.40
N LEU U 721 -24.60 1.18 -53.15
CA LEU U 721 -23.81 1.62 -52.01
C LEU U 721 -22.78 0.59 -51.58
N PHE U 722 -23.12 -0.70 -51.62
CA PHE U 722 -22.22 -1.66 -51.01
C PHE U 722 -21.34 -2.33 -52.05
N SER U 723 -21.67 -2.20 -53.33
CA SER U 723 -20.92 -2.84 -54.40
C SER U 723 -20.08 -1.81 -55.16
N GLY U 724 -19.27 -2.33 -56.07
CA GLY U 724 -18.48 -1.48 -56.93
C GLY U 724 -18.44 -2.01 -58.35
N ARG U 725 -17.96 -1.16 -59.26
CA ARG U 725 -18.29 -1.27 -60.68
C ARG U 725 -17.54 -2.36 -61.43
N GLY U 726 -16.47 -2.93 -60.89
CA GLY U 726 -15.70 -3.91 -61.66
C GLY U 726 -16.41 -5.24 -61.78
N TYR U 727 -17.16 -5.62 -60.72
CA TYR U 727 -18.15 -6.69 -60.76
C TYR U 727 -19.12 -6.47 -61.91
N TRP U 728 -19.71 -5.27 -61.93
CA TRP U 728 -20.77 -4.96 -62.87
C TRP U 728 -20.24 -4.90 -64.29
N GLN U 729 -19.00 -4.46 -64.46
CA GLN U 729 -18.43 -4.36 -65.80
C GLN U 729 -18.14 -5.74 -66.38
N GLU U 730 -17.59 -6.67 -65.60
CA GLU U 730 -17.38 -8.00 -66.18
C GLU U 730 -18.70 -8.81 -66.28
N LEU U 731 -19.72 -8.45 -65.48
CA LEU U 731 -21.08 -8.93 -65.74
C LEU U 731 -21.65 -8.41 -67.07
N ILE U 732 -21.51 -7.10 -67.34
CA ILE U 732 -21.89 -6.54 -68.65
C ILE U 732 -21.03 -7.09 -69.79
N GLU U 733 -19.80 -7.54 -69.52
CA GLU U 733 -19.02 -8.27 -70.54
C GLU U 733 -19.67 -9.58 -70.96
N SER U 734 -20.20 -10.33 -69.99
CA SER U 734 -21.00 -11.51 -70.30
C SER U 734 -22.30 -11.16 -71.05
N ILE U 735 -22.96 -10.06 -70.63
CA ILE U 735 -24.22 -9.65 -71.28
C ILE U 735 -23.98 -9.14 -72.69
N VAL U 736 -22.88 -8.42 -72.91
CA VAL U 736 -22.45 -7.95 -74.23
C VAL U 736 -22.08 -9.13 -75.13
N TRP U 737 -21.51 -10.21 -74.55
CA TRP U 737 -21.30 -11.44 -75.35
C TRP U 737 -22.62 -12.02 -75.82
N ALA U 738 -23.63 -12.06 -74.92
CA ALA U 738 -24.96 -12.55 -75.29
C ALA U 738 -25.62 -11.67 -76.34
N HIS U 739 -25.33 -10.38 -76.31
CA HIS U 739 -25.86 -9.45 -77.29
C HIS U 739 -25.16 -9.59 -78.64
N ASN U 740 -23.84 -9.76 -78.66
CA ASN U 740 -23.11 -9.90 -79.93
C ASN U 740 -23.32 -11.27 -80.56
N LYS U 741 -23.75 -12.27 -79.79
CA LYS U 741 -24.07 -13.57 -80.38
C LYS U 741 -25.33 -13.52 -81.25
N LEU U 742 -26.25 -12.59 -80.99
CA LEU U 742 -27.50 -12.52 -81.74
C LEU U 742 -27.57 -11.31 -82.66
N LYS U 743 -26.40 -10.80 -83.10
CA LYS U 743 -26.23 -9.59 -83.94
C LYS U 743 -26.88 -8.35 -83.33
N ILE U 744 -26.84 -8.23 -82.01
CA ILE U 744 -27.44 -7.08 -81.36
C ILE U 744 -26.31 -6.28 -80.74
N VAL U 745 -25.80 -5.32 -81.51
CA VAL U 745 -24.55 -4.66 -81.17
C VAL U 745 -24.84 -3.18 -80.94
N PRO U 746 -24.88 -2.72 -79.68
CA PRO U 746 -24.82 -1.21 -79.45
C PRO U 746 -23.54 -0.56 -79.94
N THR U 747 -23.66 0.53 -80.72
CA THR U 747 -22.47 1.33 -81.01
C THR U 747 -22.03 2.07 -79.74
N ILE U 748 -23.00 2.63 -79.01
CA ILE U 748 -22.77 3.16 -77.68
C ILE U 748 -22.49 1.99 -76.75
N GLN U 749 -21.24 1.87 -76.29
CA GLN U 749 -20.76 0.68 -75.60
C GLN U 749 -21.35 0.60 -74.20
N PRO U 750 -22.01 -0.50 -73.84
CA PRO U 750 -22.59 -0.64 -72.51
C PRO U 750 -21.53 -0.74 -71.43
N ARG U 751 -21.59 0.17 -70.47
CA ARG U 751 -20.62 0.24 -69.41
C ARG U 751 -21.33 0.12 -68.08
N ALA U 752 -20.57 -0.23 -67.05
CA ALA U 752 -21.01 0.01 -65.70
C ALA U 752 -20.94 1.49 -65.40
N LEU U 753 -21.58 1.87 -64.30
CA LEU U 753 -21.57 3.25 -63.87
C LEU U 753 -20.19 3.56 -63.33
N SER U 754 -19.81 4.83 -63.30
CA SER U 754 -18.55 5.16 -62.65
C SER U 754 -18.69 5.05 -61.14
N ILE U 755 -17.54 5.01 -60.48
CA ILE U 755 -17.44 4.76 -59.03
C ILE U 755 -18.14 5.87 -58.28
N THR U 756 -17.86 7.11 -58.69
CA THR U 756 -18.53 8.29 -58.18
C THR U 756 -20.01 8.28 -58.50
N GLN U 757 -20.38 7.78 -59.68
CA GLN U 757 -21.80 7.73 -59.98
C GLN U 757 -22.50 6.61 -59.21
N GLY U 758 -21.81 5.48 -58.95
CA GLY U 758 -22.38 4.43 -58.11
C GLY U 758 -22.65 4.91 -56.70
N ARG U 759 -21.73 5.73 -56.15
CA ARG U 759 -21.98 6.43 -54.90
C ARG U 759 -23.15 7.43 -55.01
N ALA U 760 -23.24 8.16 -56.12
CA ALA U 760 -24.28 9.19 -56.28
C ALA U 760 -25.68 8.58 -56.44
N VAL U 761 -25.78 7.52 -57.23
CA VAL U 761 -27.03 6.78 -57.42
C VAL U 761 -27.48 6.14 -56.13
N GLY U 762 -26.53 5.58 -55.36
CA GLY U 762 -26.86 5.01 -54.08
C GLY U 762 -27.32 6.02 -53.04
N VAL U 763 -26.65 7.18 -52.96
CA VAL U 763 -27.07 8.18 -51.97
C VAL U 763 -28.39 8.82 -52.38
N ALA U 764 -28.65 8.97 -53.69
CA ALA U 764 -29.92 9.50 -54.19
C ALA U 764 -31.08 8.56 -53.87
N HIS U 765 -30.89 7.27 -54.10
CA HIS U 765 -31.97 6.32 -53.83
C HIS U 765 -32.16 6.07 -52.34
N TYR U 766 -31.08 6.16 -51.54
CA TYR U 766 -31.17 6.00 -50.10
C TYR U 766 -31.96 7.15 -49.49
N LEU U 767 -31.63 8.37 -49.92
CA LEU U 767 -32.31 9.58 -49.47
C LEU U 767 -33.77 9.59 -49.88
N LEU U 768 -34.05 9.27 -51.15
CA LEU U 768 -35.42 9.24 -51.66
C LEU U 768 -36.26 8.19 -50.96
N GLY U 769 -35.72 6.98 -50.78
CA GLY U 769 -36.46 5.91 -50.15
C GLY U 769 -36.76 6.14 -48.68
N GLY U 770 -35.75 6.60 -47.92
CA GLY U 770 -36.00 6.87 -46.51
C GLY U 770 -36.92 8.05 -46.24
N ILE U 771 -36.75 9.16 -46.98
CA ILE U 771 -37.59 10.32 -46.76
C ILE U 771 -39.02 10.07 -47.25
N VAL U 772 -39.21 9.31 -48.33
CA VAL U 772 -40.59 9.11 -48.81
C VAL U 772 -41.28 8.07 -47.91
N THR U 773 -40.50 7.17 -47.27
CA THR U 773 -41.02 6.26 -46.25
C THR U 773 -41.58 7.03 -45.06
N THR U 774 -40.78 7.98 -44.56
CA THR U 774 -41.19 8.79 -43.41
C THR U 774 -42.32 9.76 -43.79
N TRP U 775 -42.33 10.22 -45.04
CA TRP U 775 -43.39 11.11 -45.56
C TRP U 775 -44.73 10.39 -45.57
N ALA U 776 -44.74 9.16 -46.09
CA ALA U 776 -45.93 8.32 -46.15
C ALA U 776 -46.44 7.96 -44.77
N PHE U 777 -45.51 7.61 -43.87
CA PHE U 777 -45.82 7.33 -42.48
C PHE U 777 -46.40 8.54 -41.75
N PHE U 778 -45.80 9.72 -41.93
CA PHE U 778 -46.23 10.93 -41.25
C PHE U 778 -47.62 11.36 -41.69
N ILE U 779 -47.88 11.37 -43.00
CA ILE U 779 -49.21 11.76 -43.47
C ILE U 779 -50.27 10.70 -43.18
N ALA U 780 -49.97 9.40 -43.32
CA ALA U 780 -50.97 8.40 -43.02
C ALA U 780 -51.24 8.27 -41.53
N ARG U 781 -50.27 8.60 -40.66
CA ARG U 781 -50.57 8.64 -39.24
C ARG U 781 -51.41 9.88 -38.88
N PHE U 782 -51.02 11.06 -39.38
CA PHE U 782 -51.69 12.26 -38.91
C PHE U 782 -53.03 12.54 -39.60
N LEU U 783 -53.35 11.87 -40.71
CA LEU U 783 -54.73 11.96 -41.21
C LEU U 783 -55.70 11.15 -40.38
N ALA U 784 -55.23 10.07 -39.76
CA ALA U 784 -56.13 9.22 -38.99
C ALA U 784 -56.56 9.89 -37.68
N ILE U 785 -55.60 10.18 -36.82
CA ILE U 785 -55.84 10.80 -35.53
C ILE U 785 -54.81 11.92 -35.29
N MET V 1 -33.74 -36.23 -9.77
CA MET V 1 -32.56 -35.95 -8.96
C MET V 1 -31.42 -35.40 -9.81
N LEU V 2 -30.94 -34.22 -9.45
CA LEU V 2 -29.85 -33.57 -10.16
C LEU V 2 -28.51 -34.12 -9.67
N ILE V 3 -27.41 -33.70 -10.31
CA ILE V 3 -26.10 -34.22 -9.93
C ILE V 3 -25.46 -33.28 -8.92
N ASN V 4 -24.68 -33.85 -8.00
CA ASN V 4 -24.05 -33.09 -6.94
C ASN V 4 -22.59 -32.76 -7.29
N ASN V 5 -21.87 -32.20 -6.30
CA ASN V 5 -20.59 -31.57 -6.53
C ASN V 5 -19.45 -32.56 -6.79
N PHE V 6 -19.57 -33.80 -6.30
CA PHE V 6 -18.54 -34.80 -6.55
C PHE V 6 -18.54 -35.26 -8.00
N GLU V 7 -19.71 -35.29 -8.62
CA GLU V 7 -19.78 -35.66 -10.03
C GLU V 7 -19.30 -34.51 -10.91
N VAL V 8 -19.48 -33.26 -10.45
CA VAL V 8 -18.84 -32.10 -11.09
C VAL V 8 -17.33 -32.17 -10.93
N ALA V 9 -16.84 -32.65 -9.78
CA ALA V 9 -15.39 -32.82 -9.58
C ALA V 9 -14.82 -33.90 -10.50
N GLY V 10 -15.55 -35.00 -10.69
CA GLY V 10 -15.16 -36.00 -11.67
C GLY V 10 -15.16 -35.50 -13.10
N ALA V 11 -16.17 -34.68 -13.46
CA ALA V 11 -16.20 -34.04 -14.77
C ALA V 11 -15.06 -33.05 -14.95
N PHE V 12 -14.65 -32.37 -13.89
CA PHE V 12 -13.52 -31.45 -14.00
C PHE V 12 -12.18 -32.17 -14.04
N VAL V 13 -12.08 -33.36 -13.42
CA VAL V 13 -10.90 -34.21 -13.62
C VAL V 13 -10.81 -34.67 -15.08
N ALA V 14 -11.95 -35.07 -15.65
CA ALA V 14 -12.03 -35.44 -17.07
C ALA V 14 -11.69 -34.26 -17.99
N ALA V 15 -12.18 -33.07 -17.65
CA ALA V 15 -11.88 -31.88 -18.43
C ALA V 15 -10.44 -31.43 -18.24
N LEU V 16 -9.81 -31.74 -17.09
CA LEU V 16 -8.39 -31.48 -16.93
C LEU V 16 -7.54 -32.36 -17.83
N ILE V 17 -7.91 -33.64 -17.98
CA ILE V 17 -7.26 -34.52 -18.97
C ILE V 17 -7.46 -33.99 -20.40
N ALA V 18 -8.69 -33.56 -20.72
CA ALA V 18 -8.98 -32.97 -22.02
C ALA V 18 -8.25 -31.65 -22.25
N GLY V 19 -8.14 -30.80 -21.23
CA GLY V 19 -7.42 -29.54 -21.36
C GLY V 19 -5.93 -29.70 -21.49
N PHE V 20 -5.35 -30.71 -20.80
CA PHE V 20 -3.94 -31.05 -20.99
C PHE V 20 -3.67 -31.52 -22.42
N PHE V 21 -4.53 -32.38 -22.97
CA PHE V 21 -4.33 -32.83 -24.34
C PHE V 21 -4.59 -31.71 -25.36
N ALA V 22 -5.51 -30.79 -25.06
CA ALA V 22 -5.74 -29.60 -25.87
C ALA V 22 -4.53 -28.68 -25.90
N LEU V 23 -3.94 -28.45 -24.72
CA LEU V 23 -2.74 -27.65 -24.57
C LEU V 23 -1.55 -28.25 -25.31
N MET V 24 -1.38 -29.57 -25.23
CA MET V 24 -0.32 -30.25 -26.00
C MET V 24 -0.52 -30.13 -27.50
N LEU V 25 -1.76 -30.31 -27.99
CA LEU V 25 -1.97 -30.29 -29.43
C LEU V 25 -1.88 -28.85 -29.97
N SER V 26 -2.36 -27.86 -29.21
CA SER V 26 -2.27 -26.47 -29.65
C SER V 26 -0.84 -25.96 -29.64
N THR V 27 -0.03 -26.36 -28.65
CA THR V 27 1.38 -25.95 -28.68
C THR V 27 2.16 -26.68 -29.78
N THR V 28 1.80 -27.93 -30.10
CA THR V 28 2.59 -28.60 -31.13
C THR V 28 2.15 -28.12 -32.52
N LEU V 29 0.86 -27.76 -32.65
CA LEU V 29 0.34 -27.06 -33.83
C LEU V 29 0.93 -25.66 -33.99
N GLY V 30 1.34 -25.02 -32.89
CA GLY V 30 2.07 -23.77 -32.99
C GLY V 30 3.46 -23.89 -33.55
N LYS V 31 4.03 -25.08 -33.56
CA LYS V 31 5.32 -25.32 -34.22
C LYS V 31 5.09 -25.57 -35.70
N THR W 3 7.01 -7.37 -33.27
CA THR W 3 6.45 -7.44 -34.61
C THR W 3 6.78 -8.78 -35.27
N ARG W 4 7.19 -9.77 -34.46
CA ARG W 4 7.47 -11.10 -34.99
C ARG W 4 6.21 -11.88 -35.32
N PHE W 5 5.11 -11.64 -34.62
CA PHE W 5 3.81 -12.02 -35.14
C PHE W 5 3.51 -11.20 -36.39
N PRO W 6 3.01 -11.82 -37.45
CA PRO W 6 2.80 -13.27 -37.64
C PRO W 6 4.06 -13.95 -38.16
N LYS W 7 4.48 -15.03 -37.51
CA LYS W 7 5.70 -15.72 -37.90
C LYS W 7 5.52 -16.54 -39.17
N PHE W 8 4.29 -16.85 -39.55
CA PHE W 8 4.05 -17.61 -40.77
C PHE W 8 4.14 -16.77 -42.03
N SER W 9 4.16 -15.45 -41.92
CA SER W 9 4.34 -14.60 -43.10
C SER W 9 5.24 -13.42 -42.73
N GLN W 10 6.44 -13.39 -43.30
CA GLN W 10 7.42 -12.35 -43.04
C GLN W 10 7.00 -11.00 -43.62
N ASP W 11 6.31 -11.01 -44.77
CA ASP W 11 5.86 -9.79 -45.43
C ASP W 11 4.82 -9.03 -44.60
N LEU W 12 3.95 -9.77 -43.91
CA LEU W 12 3.07 -9.20 -42.90
C LEU W 12 3.79 -8.83 -41.61
N ALA W 13 4.88 -9.53 -41.26
CA ALA W 13 5.53 -9.30 -39.98
C ALA W 13 6.33 -7.99 -39.97
N GLN W 14 6.86 -7.59 -41.12
CA GLN W 14 7.59 -6.33 -41.19
C GLN W 14 6.70 -5.11 -41.40
N ASP W 15 5.38 -5.27 -41.38
CA ASP W 15 4.46 -4.15 -41.50
C ASP W 15 4.54 -3.35 -40.21
N PRO W 16 4.82 -2.04 -40.26
CA PRO W 16 4.92 -1.26 -39.03
C PRO W 16 3.59 -0.75 -38.50
N THR W 17 2.47 -1.09 -39.14
CA THR W 17 1.20 -0.46 -38.84
C THR W 17 0.29 -1.45 -38.11
N THR W 18 -0.96 -1.04 -37.86
CA THR W 18 -1.95 -1.91 -37.26
C THR W 18 -2.48 -2.98 -38.21
N ARG W 19 -2.19 -2.86 -39.51
CA ARG W 19 -2.58 -3.83 -40.53
C ARG W 19 -1.97 -5.21 -40.30
N ARG W 20 -0.80 -5.26 -39.65
CA ARG W 20 -0.05 -6.49 -39.38
C ARG W 20 -0.84 -7.45 -38.50
N ILE W 21 -1.49 -6.92 -37.46
CA ILE W 21 -2.28 -7.74 -36.53
C ILE W 21 -3.53 -8.27 -37.22
N TRP W 22 -4.26 -7.41 -37.94
CA TRP W 22 -5.49 -7.80 -38.63
C TRP W 22 -5.24 -8.85 -39.70
N TYR W 23 -4.15 -8.70 -40.44
CA TYR W 23 -3.84 -9.66 -41.48
C TYR W 23 -3.19 -10.92 -40.94
N GLY W 24 -2.52 -10.86 -39.79
CA GLY W 24 -2.09 -12.10 -39.13
C GLY W 24 -3.24 -12.91 -38.59
N ILE W 25 -4.26 -12.25 -38.05
CA ILE W 25 -5.51 -12.94 -37.68
C ILE W 25 -6.21 -13.51 -38.92
N ALA W 26 -6.30 -12.72 -39.98
CA ALA W 26 -7.14 -13.13 -41.11
C ALA W 26 -6.45 -14.02 -42.12
N THR W 27 -5.13 -14.17 -42.09
CA THR W 27 -4.48 -15.16 -42.93
C THR W 27 -3.89 -16.28 -42.10
N ALA W 28 -4.42 -16.49 -40.89
CA ALA W 28 -3.88 -17.46 -39.96
C ALA W 28 -4.13 -18.90 -40.40
N HIS W 29 -5.19 -19.16 -41.14
CA HIS W 29 -5.58 -20.51 -41.55
C HIS W 29 -5.39 -20.76 -43.03
N ASP W 30 -4.76 -19.83 -43.74
CA ASP W 30 -4.45 -19.99 -45.16
C ASP W 30 -3.05 -20.59 -45.27
N PHE W 31 -2.95 -21.88 -44.87
CA PHE W 31 -1.66 -22.51 -44.59
C PHE W 31 -0.81 -22.67 -45.84
N GLU W 32 -1.43 -22.75 -47.02
CA GLU W 32 -0.73 -22.81 -48.30
C GLU W 32 0.05 -21.55 -48.61
N SER W 33 -0.44 -20.40 -48.14
CA SER W 33 0.18 -19.10 -48.41
C SER W 33 1.21 -18.70 -47.36
N HIS W 34 1.52 -19.59 -46.42
CA HIS W 34 2.44 -19.30 -45.33
C HIS W 34 3.88 -19.54 -45.78
N ASP W 35 4.82 -18.97 -45.02
CA ASP W 35 6.24 -19.04 -45.39
C ASP W 35 6.80 -20.43 -45.11
N GLY W 36 7.56 -20.94 -46.06
CA GLY W 36 8.26 -22.21 -45.88
C GLY W 36 7.37 -23.42 -45.86
N MET W 37 6.17 -23.31 -46.42
CA MET W 37 5.20 -24.40 -46.35
C MET W 37 5.41 -25.33 -47.53
N THR W 38 5.74 -26.58 -47.24
CA THR W 38 5.70 -27.66 -48.22
C THR W 38 4.30 -28.27 -48.18
N GLU W 39 4.03 -29.17 -49.12
CA GLU W 39 2.70 -29.77 -49.23
C GLU W 39 2.44 -30.80 -48.13
N GLU W 40 3.49 -31.52 -47.71
CA GLU W 40 3.34 -32.61 -46.76
C GLU W 40 3.06 -32.10 -45.33
N THR W 41 3.79 -31.06 -44.92
CA THR W 41 3.57 -30.45 -43.61
C THR W 41 2.24 -29.71 -43.55
N LEU W 42 1.82 -29.14 -44.69
CA LEU W 42 0.48 -28.58 -44.87
C LEU W 42 -0.59 -29.60 -44.58
N TYR W 43 -0.44 -30.82 -45.12
CA TYR W 43 -1.46 -31.84 -44.94
C TYR W 43 -1.50 -32.39 -43.51
N GLN W 44 -0.32 -32.57 -42.86
CA GLN W 44 -0.36 -32.99 -41.43
C GLN W 44 -0.89 -31.92 -40.48
N LYS W 45 -0.63 -30.64 -40.77
CA LYS W 45 -1.14 -29.58 -39.92
C LYS W 45 -2.66 -29.45 -40.07
N ILE W 46 -3.16 -29.75 -41.27
CA ILE W 46 -4.61 -29.81 -41.55
C ILE W 46 -5.25 -30.98 -40.79
N PHE W 47 -4.56 -32.13 -40.78
CA PHE W 47 -5.01 -33.35 -40.09
C PHE W 47 -5.13 -33.14 -38.57
N ALA W 48 -4.12 -32.50 -37.98
CA ALA W 48 -4.16 -32.22 -36.54
C ALA W 48 -5.17 -31.13 -36.18
N SER W 49 -5.36 -30.15 -37.08
CA SER W 49 -6.41 -29.15 -36.91
C SER W 49 -7.79 -29.80 -36.92
N HIS W 50 -7.94 -30.85 -37.74
CA HIS W 50 -9.21 -31.58 -37.80
C HIS W 50 -9.48 -32.30 -36.51
N PHE W 51 -8.45 -32.96 -35.96
CA PHE W 51 -8.57 -33.70 -34.69
C PHE W 51 -8.97 -32.78 -33.55
N GLY W 52 -8.34 -31.60 -33.50
CA GLY W 52 -8.75 -30.57 -32.55
C GLY W 52 -10.17 -30.10 -32.73
N HIS W 53 -10.63 -29.99 -33.98
CA HIS W 53 -12.00 -29.51 -34.23
C HIS W 53 -13.05 -30.57 -33.86
N ILE W 54 -12.78 -31.85 -34.15
CA ILE W 54 -13.64 -32.97 -33.73
C ILE W 54 -13.81 -32.97 -32.22
N ALA W 55 -12.72 -32.70 -31.50
CA ALA W 55 -12.86 -32.66 -30.05
C ALA W 55 -13.54 -31.40 -29.53
N ILE W 56 -13.44 -30.26 -30.23
CA ILE W 56 -14.27 -29.09 -29.89
C ILE W 56 -15.76 -29.40 -30.03
N ILE W 57 -16.13 -30.12 -31.10
CA ILE W 57 -17.51 -30.60 -31.29
C ILE W 57 -17.93 -31.52 -30.14
N PHE W 58 -17.04 -32.42 -29.71
CA PHE W 58 -17.44 -33.34 -28.63
C PHE W 58 -17.48 -32.68 -27.25
N LEU W 59 -16.64 -31.66 -26.99
CA LEU W 59 -16.75 -30.92 -25.73
C LEU W 59 -18.01 -30.05 -25.70
N TRP W 60 -18.38 -29.48 -26.85
CA TRP W 60 -19.63 -28.73 -26.96
C TRP W 60 -20.85 -29.64 -26.83
N ALA W 61 -20.74 -30.89 -27.28
CA ALA W 61 -21.84 -31.83 -27.09
C ALA W 61 -21.92 -32.30 -25.63
N SER W 62 -20.78 -32.44 -24.95
CA SER W 62 -20.77 -32.77 -23.52
C SER W 62 -21.31 -31.65 -22.64
N SER W 63 -21.22 -30.41 -23.12
CA SER W 63 -21.76 -29.25 -22.39
C SER W 63 -23.25 -29.37 -22.13
N PHE W 64 -24.01 -29.83 -23.14
CA PHE W 64 -25.46 -30.03 -23.06
C PHE W 64 -25.81 -31.02 -21.97
N ASN W 65 -25.10 -32.15 -22.00
CA ASN W 65 -25.35 -33.26 -21.10
C ASN W 65 -25.04 -32.86 -19.66
N PHE W 66 -23.91 -32.15 -19.45
CA PHE W 66 -23.57 -31.65 -18.12
C PHE W 66 -24.56 -30.63 -17.61
N HIS W 67 -24.96 -29.66 -18.45
CA HIS W 67 -25.79 -28.57 -17.95
C HIS W 67 -27.23 -29.03 -17.69
N VAL W 68 -27.73 -29.98 -18.48
CA VAL W 68 -29.05 -30.50 -18.18
C VAL W 68 -29.02 -31.45 -16.97
N ALA W 69 -27.95 -32.25 -16.81
CA ALA W 69 -27.83 -33.10 -15.64
C ALA W 69 -27.56 -32.32 -14.36
N TRP W 70 -27.00 -31.13 -14.46
CA TRP W 70 -26.72 -30.32 -13.29
C TRP W 70 -27.85 -29.38 -12.92
N GLN W 71 -28.47 -28.73 -13.90
CA GLN W 71 -29.39 -27.67 -13.57
C GLN W 71 -30.56 -27.55 -14.55
N GLY W 72 -30.73 -28.50 -15.48
CA GLY W 72 -31.93 -28.60 -16.30
C GLY W 72 -33.01 -29.38 -15.57
N ASN W 73 -34.07 -29.73 -16.31
CA ASN W 73 -35.24 -30.24 -15.61
C ASN W 73 -35.80 -31.51 -16.27
N PHE W 74 -34.88 -32.39 -16.71
CA PHE W 74 -35.19 -33.49 -17.64
C PHE W 74 -36.08 -34.57 -17.01
N GLU W 75 -35.77 -35.01 -15.78
CA GLU W 75 -36.57 -36.04 -15.13
C GLU W 75 -37.94 -35.52 -14.68
N GLN W 76 -38.00 -34.28 -14.24
CA GLN W 76 -39.26 -33.57 -14.02
C GLN W 76 -40.01 -33.29 -15.32
N TRP W 77 -39.32 -33.21 -16.46
CA TRP W 77 -40.03 -33.05 -17.72
C TRP W 77 -40.56 -34.39 -18.22
N LEU W 78 -39.94 -35.51 -17.80
CA LEU W 78 -40.43 -36.84 -18.17
C LEU W 78 -41.79 -37.17 -17.55
N THR W 79 -42.11 -36.59 -16.40
CA THR W 79 -43.39 -36.87 -15.75
C THR W 79 -44.56 -36.23 -16.49
N ASP W 80 -44.32 -35.08 -17.12
CA ASP W 80 -45.35 -34.41 -17.92
C ASP W 80 -44.67 -33.65 -19.06
N PRO W 81 -44.53 -34.26 -20.26
CA PRO W 81 -43.82 -33.56 -21.34
C PRO W 81 -44.56 -32.40 -22.00
N THR W 82 -45.88 -32.29 -21.81
CA THR W 82 -46.69 -31.38 -22.62
C THR W 82 -46.93 -30.02 -21.96
N LYS W 83 -46.68 -29.89 -20.66
CA LYS W 83 -46.96 -28.63 -19.99
C LYS W 83 -45.65 -28.09 -19.42
N VAL W 84 -44.68 -28.97 -19.21
CA VAL W 84 -43.41 -28.59 -18.61
C VAL W 84 -42.40 -28.30 -19.72
N LYS W 85 -41.86 -27.05 -19.73
CA LYS W 85 -40.91 -26.46 -20.68
C LYS W 85 -39.49 -26.96 -20.41
N PRO W 86 -38.81 -27.42 -21.47
CA PRO W 86 -37.39 -27.80 -21.34
C PRO W 86 -36.51 -26.62 -20.98
N ILE W 87 -35.51 -26.90 -20.15
CA ILE W 87 -34.60 -25.88 -19.63
C ILE W 87 -33.19 -26.18 -20.11
N ALA W 88 -32.56 -25.17 -20.72
CA ALA W 88 -31.21 -25.26 -21.25
C ALA W 88 -30.17 -25.34 -20.15
N HIS W 89 -30.04 -24.25 -19.39
CA HIS W 89 -29.15 -24.16 -18.26
C HIS W 89 -29.62 -22.98 -17.42
N ALA W 90 -29.12 -22.92 -16.20
CA ALA W 90 -29.47 -21.76 -15.38
C ALA W 90 -28.59 -20.57 -15.72
N ILE W 91 -28.85 -19.48 -15.01
CA ILE W 91 -28.29 -18.17 -15.30
C ILE W 91 -27.57 -17.72 -14.04
N PHE W 92 -26.32 -17.34 -14.17
CA PHE W 92 -25.72 -16.42 -13.20
C PHE W 92 -25.23 -15.22 -13.98
N ASP W 93 -26.00 -14.14 -13.90
CA ASP W 93 -25.61 -12.84 -14.41
C ASP W 93 -25.78 -11.87 -13.24
N PRO W 94 -24.73 -11.22 -12.74
CA PRO W 94 -24.90 -10.24 -11.67
C PRO W 94 -25.54 -8.92 -12.09
N HIS W 95 -25.83 -8.71 -13.37
CA HIS W 95 -26.50 -7.50 -13.81
C HIS W 95 -28.01 -7.55 -13.64
N PHE W 96 -28.60 -8.71 -13.33
CA PHE W 96 -30.06 -8.81 -13.22
C PHE W 96 -30.57 -8.08 -11.98
N GLY W 97 -31.60 -7.26 -12.15
CA GLY W 97 -32.34 -6.69 -11.04
C GLY W 97 -33.46 -7.62 -10.65
N PRO W 98 -34.44 -7.14 -9.82
CA PRO W 98 -35.48 -8.05 -9.29
C PRO W 98 -36.42 -8.65 -10.30
N GLY W 99 -36.92 -7.82 -11.23
CA GLY W 99 -37.95 -8.26 -12.16
C GLY W 99 -37.50 -9.34 -13.13
N ALA W 100 -36.26 -9.25 -13.63
CA ALA W 100 -35.75 -10.26 -14.54
C ALA W 100 -35.40 -11.56 -13.81
N VAL W 101 -35.07 -11.46 -12.51
CA VAL W 101 -34.89 -12.65 -11.68
C VAL W 101 -36.22 -13.39 -11.50
N LYS W 102 -37.32 -12.66 -11.25
CA LYS W 102 -38.63 -13.32 -11.24
C LYS W 102 -39.06 -13.79 -12.63
N ALA W 103 -38.65 -13.08 -13.68
CA ALA W 103 -39.11 -13.37 -15.03
C ALA W 103 -38.48 -14.63 -15.61
N PHE W 104 -37.18 -14.86 -15.41
CA PHE W 104 -36.57 -16.05 -15.96
C PHE W 104 -36.67 -17.26 -15.02
N THR W 105 -37.24 -17.08 -13.84
CA THR W 105 -37.56 -18.21 -12.98
C THR W 105 -38.88 -18.84 -13.39
N PRO W 106 -38.93 -20.16 -13.57
CA PRO W 106 -40.20 -20.86 -13.73
C PRO W 106 -40.97 -20.94 -12.42
N GLU W 107 -42.26 -21.24 -12.55
CA GLU W 107 -43.08 -21.51 -11.37
C GLU W 107 -42.71 -22.86 -10.79
N GLY W 108 -42.44 -22.88 -9.49
CA GLY W 108 -41.91 -24.08 -8.87
C GLY W 108 -40.41 -24.23 -9.03
N GLY W 109 -39.72 -23.18 -9.49
CA GLY W 109 -38.28 -23.21 -9.63
C GLY W 109 -37.58 -22.48 -8.51
N SER W 110 -36.25 -22.44 -8.55
CA SER W 110 -35.45 -21.83 -7.50
C SER W 110 -34.59 -20.68 -7.98
N GLY W 111 -34.63 -20.35 -9.27
CA GLY W 111 -33.88 -19.23 -9.77
C GLY W 111 -34.04 -19.06 -11.26
N PRO W 112 -33.38 -18.04 -11.82
CA PRO W 112 -33.49 -17.78 -13.25
C PRO W 112 -32.69 -18.72 -14.15
N VAL W 113 -33.41 -19.24 -15.14
CA VAL W 113 -32.90 -20.26 -16.07
C VAL W 113 -33.24 -19.84 -17.49
N ASN W 114 -32.65 -20.56 -18.44
CA ASN W 114 -32.97 -20.44 -19.86
C ASN W 114 -33.85 -21.59 -20.32
N ILE W 115 -34.97 -21.23 -20.94
CA ILE W 115 -35.90 -22.21 -21.50
C ILE W 115 -35.31 -22.70 -22.81
N MET W 116 -35.07 -24.01 -22.91
CA MET W 116 -34.39 -24.60 -24.06
C MET W 116 -35.24 -24.60 -25.32
N TYR W 117 -34.65 -24.15 -26.44
CA TYR W 117 -35.34 -24.10 -27.71
C TYR W 117 -34.63 -24.89 -28.81
N SER W 118 -33.69 -25.77 -28.45
CA SER W 118 -32.99 -26.57 -29.44
C SER W 118 -33.49 -28.00 -29.55
N GLY W 119 -34.49 -28.39 -28.76
CA GLY W 119 -35.13 -29.68 -28.94
C GLY W 119 -34.35 -30.88 -28.46
N LEU W 120 -33.41 -30.68 -27.54
CA LEU W 120 -32.53 -31.74 -27.09
C LEU W 120 -33.19 -32.72 -26.13
N TYR W 121 -34.20 -32.29 -25.35
CA TYR W 121 -34.93 -33.22 -24.50
C TYR W 121 -35.73 -34.20 -25.32
N TYR W 122 -36.22 -33.76 -26.48
CA TYR W 122 -37.01 -34.61 -27.37
C TYR W 122 -36.12 -35.61 -28.07
N PHE W 123 -34.92 -35.14 -28.47
CA PHE W 123 -33.81 -36.00 -28.90
C PHE W 123 -33.49 -37.06 -27.86
N TRP W 124 -33.26 -36.64 -26.60
CA TRP W 124 -32.81 -37.56 -25.57
C TRP W 124 -33.93 -38.50 -25.12
N TYR W 125 -35.19 -38.09 -25.26
CA TYR W 125 -36.29 -39.01 -24.98
C TYR W 125 -36.41 -40.07 -26.07
N THR W 126 -36.31 -39.66 -27.33
CA THR W 126 -36.51 -40.60 -28.44
C THR W 126 -35.35 -41.58 -28.56
N ILE W 127 -34.13 -41.16 -28.20
CA ILE W 127 -33.02 -42.10 -28.14
C ILE W 127 -32.97 -42.86 -26.83
N GLY W 128 -33.86 -42.56 -25.89
CA GLY W 128 -34.05 -43.40 -24.73
C GLY W 128 -33.33 -42.97 -23.47
N ILE W 129 -32.88 -41.73 -23.36
CA ILE W 129 -32.30 -41.28 -22.10
C ILE W 129 -33.45 -41.00 -21.13
N ARG W 130 -33.41 -41.62 -19.96
CA ARG W 130 -34.45 -41.48 -18.96
C ARG W 130 -33.95 -40.98 -17.62
N HIS W 131 -32.69 -40.59 -17.50
CA HIS W 131 -32.13 -40.17 -16.23
C HIS W 131 -31.10 -39.07 -16.44
N ASN W 132 -30.90 -38.26 -15.40
CA ASN W 132 -29.79 -37.30 -15.42
C ASN W 132 -28.45 -37.96 -15.16
N SER W 133 -28.44 -39.16 -14.55
CA SER W 133 -27.19 -39.89 -14.38
C SER W 133 -26.68 -40.42 -15.72
N GLU W 134 -27.60 -40.77 -16.62
CA GLU W 134 -27.22 -41.16 -17.98
C GLU W 134 -26.68 -39.97 -18.76
N LEU W 135 -27.26 -38.79 -18.52
CA LEU W 135 -26.73 -37.56 -19.11
C LEU W 135 -25.37 -37.21 -18.54
N TYR W 136 -25.15 -37.48 -17.25
CA TYR W 136 -23.82 -37.32 -16.65
C TYR W 136 -22.81 -38.28 -17.27
N GLU W 137 -23.23 -39.53 -17.48
CA GLU W 137 -22.37 -40.54 -18.11
C GLU W 137 -22.04 -40.17 -19.55
N GLY W 138 -23.02 -39.63 -20.28
CA GLY W 138 -22.82 -39.07 -21.60
C GLY W 138 -21.86 -37.91 -21.64
N ALA W 139 -21.96 -37.02 -20.65
CA ALA W 139 -21.03 -35.89 -20.51
C ALA W 139 -19.60 -36.37 -20.28
N ILE W 140 -19.41 -37.32 -19.35
CA ILE W 140 -18.10 -37.93 -19.08
C ILE W 140 -17.54 -38.63 -20.32
N PHE W 141 -18.36 -39.40 -21.03
CA PHE W 141 -17.90 -40.13 -22.21
C PHE W 141 -17.51 -39.19 -23.34
N LEU W 142 -18.22 -38.07 -23.50
CA LEU W 142 -17.83 -37.13 -24.55
C LEU W 142 -16.60 -36.30 -24.20
N ILE W 143 -16.37 -35.95 -22.92
CA ILE W 143 -15.09 -35.32 -22.54
C ILE W 143 -13.90 -36.28 -22.74
N LEU W 144 -14.04 -37.54 -22.33
CA LEU W 144 -13.00 -38.53 -22.62
C LEU W 144 -12.83 -38.85 -24.11
N LEU W 145 -13.89 -38.81 -24.91
CA LEU W 145 -13.76 -39.03 -26.34
C LEU W 145 -13.07 -37.85 -27.03
N ALA W 146 -13.38 -36.63 -26.57
CA ALA W 146 -12.67 -35.44 -27.02
C ALA W 146 -11.20 -35.48 -26.63
N ALA W 147 -10.90 -35.92 -25.39
CA ALA W 147 -9.53 -36.03 -24.91
C ALA W 147 -8.72 -37.05 -25.70
N LEU W 148 -9.35 -38.15 -26.09
CA LEU W 148 -8.73 -39.14 -26.96
C LEU W 148 -8.46 -38.60 -28.37
N PHE W 149 -9.34 -37.75 -28.89
CA PHE W 149 -9.09 -37.15 -30.21
C PHE W 149 -8.04 -36.04 -30.20
N LEU W 150 -7.97 -35.26 -29.11
CA LEU W 150 -6.85 -34.34 -28.89
C LEU W 150 -5.52 -35.07 -28.74
N ALA W 151 -5.53 -36.19 -28.02
CA ALA W 151 -4.33 -37.00 -27.88
C ALA W 151 -3.92 -37.63 -29.21
N ALA W 152 -4.90 -37.98 -30.05
CA ALA W 152 -4.61 -38.48 -31.38
C ALA W 152 -4.02 -37.40 -32.28
N GLY W 153 -4.50 -36.15 -32.18
CA GLY W 153 -3.90 -35.07 -32.96
C GLY W 153 -2.48 -34.74 -32.53
N TRP W 154 -2.25 -34.71 -31.22
CA TRP W 154 -0.91 -34.54 -30.67
C TRP W 154 0.01 -35.72 -31.00
N LEU W 155 -0.55 -36.94 -31.05
CA LEU W 155 0.19 -38.11 -31.48
C LEU W 155 0.58 -38.03 -32.95
N HIS W 156 -0.36 -37.65 -33.82
CA HIS W 156 -0.10 -37.57 -35.25
C HIS W 156 0.69 -36.35 -35.67
N LEU W 157 0.98 -35.44 -34.74
CA LEU W 157 1.99 -34.43 -35.00
C LEU W 157 3.42 -34.90 -34.70
N GLN W 158 3.59 -35.99 -33.96
CA GLN W 158 4.93 -36.51 -33.67
C GLN W 158 5.49 -37.26 -34.89
N PRO W 159 6.78 -37.09 -35.20
CA PRO W 159 7.32 -37.53 -36.52
C PRO W 159 7.37 -39.03 -36.75
N ARG W 160 7.21 -39.85 -35.72
CA ARG W 160 6.95 -41.27 -35.96
C ARG W 160 5.54 -41.47 -36.49
N PHE W 161 4.56 -40.74 -35.96
CA PHE W 161 3.15 -40.99 -36.28
C PHE W 161 2.56 -39.98 -37.26
N ARG W 162 3.36 -39.05 -37.77
CA ARG W 162 2.90 -38.18 -38.86
C ARG W 162 2.82 -39.08 -40.07
N PRO W 163 1.69 -39.18 -40.75
CA PRO W 163 1.78 -39.87 -42.14
C PRO W 163 2.35 -39.18 -43.41
N SER W 164 2.56 -40.02 -44.43
CA SER W 164 3.22 -39.51 -45.59
C SER W 164 2.20 -38.80 -46.46
N LEU W 165 2.71 -38.12 -47.49
CA LEU W 165 1.83 -37.48 -48.46
C LEU W 165 1.05 -38.51 -49.27
N ALA W 166 1.64 -39.70 -49.47
CA ALA W 166 0.97 -40.78 -50.18
C ALA W 166 -0.19 -41.38 -49.40
N TRP W 167 -0.11 -41.38 -48.06
CA TRP W 167 -1.24 -41.81 -47.24
C TRP W 167 -2.41 -40.84 -47.34
N PHE W 168 -2.11 -39.55 -47.43
CA PHE W 168 -3.15 -38.54 -47.60
C PHE W 168 -3.78 -38.59 -48.98
N LYS W 169 -2.96 -38.72 -50.02
CA LYS W 169 -3.43 -38.75 -51.40
C LYS W 169 -3.69 -40.15 -51.90
N ASN W 170 -4.02 -41.09 -51.02
CA ASN W 170 -4.35 -42.44 -51.45
C ASN W 170 -5.69 -42.45 -52.18
N ALA W 171 -6.77 -42.08 -51.50
CA ALA W 171 -8.08 -41.67 -52.01
C ALA W 171 -8.94 -42.77 -52.64
N GLU W 172 -8.47 -44.01 -52.76
CA GLU W 172 -9.44 -45.09 -52.93
C GLU W 172 -9.81 -45.68 -51.58
N SER W 173 -8.77 -46.02 -50.80
CA SER W 173 -8.90 -46.63 -49.46
C SER W 173 -9.59 -45.69 -48.47
N ARG W 174 -9.43 -44.38 -48.67
CA ARG W 174 -10.16 -43.40 -47.88
C ARG W 174 -11.66 -43.47 -48.16
N LEU W 175 -12.05 -43.61 -49.43
CA LEU W 175 -13.46 -43.81 -49.77
C LEU W 175 -14.00 -45.13 -49.23
N ASN W 176 -13.22 -46.22 -49.36
CA ASN W 176 -13.63 -47.54 -48.87
C ASN W 176 -13.86 -47.55 -47.37
N HIS W 177 -12.96 -46.91 -46.63
CA HIS W 177 -13.11 -46.88 -45.18
C HIS W 177 -14.16 -45.90 -44.72
N HIS W 178 -14.39 -44.79 -45.43
CA HIS W 178 -15.46 -43.91 -44.97
C HIS W 178 -16.85 -44.47 -45.28
N LEU W 179 -17.06 -45.04 -46.47
CA LEU W 179 -18.36 -45.67 -46.73
C LEU W 179 -18.56 -46.94 -45.92
N SER W 180 -17.48 -47.67 -45.62
CA SER W 180 -17.63 -48.88 -44.83
C SER W 180 -17.79 -48.57 -43.34
N ALA W 181 -16.80 -47.91 -42.74
CA ALA W 181 -16.78 -47.75 -41.30
C ALA W 181 -17.47 -46.48 -40.83
N LEU W 182 -17.11 -45.34 -41.44
CA LEU W 182 -17.59 -44.05 -40.97
C LEU W 182 -19.06 -43.82 -41.29
N PHE W 183 -19.54 -44.29 -42.44
CA PHE W 183 -20.95 -44.11 -42.79
C PHE W 183 -21.77 -45.36 -42.57
N GLY W 184 -21.16 -46.55 -42.56
CA GLY W 184 -21.91 -47.77 -42.45
C GLY W 184 -21.88 -48.48 -41.11
N VAL W 185 -20.68 -48.62 -40.52
CA VAL W 185 -20.56 -49.25 -39.21
C VAL W 185 -21.16 -48.36 -38.13
N SER W 186 -21.04 -47.04 -38.26
CA SER W 186 -21.69 -46.13 -37.32
C SER W 186 -23.21 -46.15 -37.46
N SER W 187 -23.70 -46.29 -38.69
CA SER W 187 -25.15 -46.42 -38.89
C SER W 187 -25.67 -47.76 -38.38
N LEU W 188 -24.89 -48.83 -38.55
CA LEU W 188 -25.25 -50.13 -38.02
C LEU W 188 -25.20 -50.15 -36.49
N ALA W 189 -24.23 -49.45 -35.92
CA ALA W 189 -24.13 -49.32 -34.47
C ALA W 189 -25.27 -48.50 -33.91
N TRP W 190 -25.74 -47.51 -34.66
CA TRP W 190 -26.88 -46.74 -34.19
C TRP W 190 -28.17 -47.55 -34.32
N ALA W 191 -28.28 -48.42 -35.34
CA ALA W 191 -29.37 -49.39 -35.42
C ALA W 191 -29.35 -50.37 -34.26
N GLY W 192 -28.15 -50.79 -33.86
CA GLY W 192 -28.02 -51.63 -32.68
C GLY W 192 -28.40 -50.93 -31.39
N HIS W 193 -28.11 -49.62 -31.29
CA HIS W 193 -28.56 -48.83 -30.15
C HIS W 193 -30.07 -48.71 -30.13
N MET W 194 -30.71 -48.50 -31.28
CA MET W 194 -32.17 -48.41 -31.31
C MET W 194 -32.84 -49.74 -30.98
N VAL W 195 -32.31 -50.86 -31.47
CA VAL W 195 -32.93 -52.14 -31.10
C VAL W 195 -32.57 -52.59 -29.68
N HIS W 196 -31.43 -52.16 -29.12
CA HIS W 196 -31.11 -52.59 -27.76
C HIS W 196 -31.61 -51.63 -26.68
N VAL W 197 -31.66 -50.33 -26.95
CA VAL W 197 -31.93 -49.38 -25.89
C VAL W 197 -33.24 -48.63 -26.13
N ALA W 198 -33.36 -47.95 -27.28
CA ALA W 198 -34.39 -46.93 -27.48
C ALA W 198 -35.81 -47.49 -27.60
N ILE W 199 -36.00 -48.51 -28.44
CA ILE W 199 -37.26 -49.24 -28.59
C ILE W 199 -37.71 -49.94 -27.30
N PRO W 200 -36.89 -50.68 -26.52
CA PRO W 200 -37.45 -51.20 -25.24
C PRO W 200 -37.70 -50.14 -24.18
N ARG W 201 -36.95 -49.04 -24.18
CA ARG W 201 -37.15 -48.01 -23.16
C ARG W 201 -38.31 -47.10 -23.53
N ALA W 202 -38.72 -47.10 -24.78
CA ALA W 202 -39.96 -46.44 -25.18
C ALA W 202 -41.19 -47.21 -24.70
N TYR W 203 -41.05 -48.51 -24.45
CA TYR W 203 -42.16 -49.34 -23.99
C TYR W 203 -42.04 -49.69 -22.51
N GLY W 204 -41.29 -48.91 -21.74
CA GLY W 204 -41.28 -49.00 -20.29
C GLY W 204 -40.21 -49.88 -19.69
N LYS W 205 -39.40 -50.55 -20.52
CA LYS W 205 -38.45 -51.53 -19.98
C LYS W 205 -37.03 -50.98 -20.17
N GLU W 206 -36.28 -50.98 -19.10
CA GLU W 206 -35.08 -50.18 -18.95
C GLU W 206 -33.83 -51.04 -19.21
N VAL W 207 -33.03 -50.65 -20.20
CA VAL W 207 -31.81 -51.37 -20.58
C VAL W 207 -30.63 -50.45 -20.35
N ASN W 208 -29.68 -50.88 -19.53
CA ASN W 208 -28.51 -50.07 -19.21
C ASN W 208 -27.21 -50.86 -19.45
N TRP W 209 -26.09 -50.28 -19.02
CA TRP W 209 -24.77 -50.83 -19.24
C TRP W 209 -24.40 -51.95 -18.25
N SER W 210 -25.33 -52.40 -17.42
CA SER W 210 -25.09 -53.57 -16.57
C SER W 210 -25.86 -54.80 -17.01
N ASN W 211 -26.96 -54.63 -17.77
CA ASN W 211 -27.85 -55.73 -18.11
C ASN W 211 -28.02 -55.95 -19.61
N PHE W 212 -27.17 -55.34 -20.44
CA PHE W 212 -27.34 -55.39 -21.89
C PHE W 212 -26.89 -56.74 -22.46
N LEU W 213 -25.97 -57.42 -21.79
CA LEU W 213 -25.52 -58.75 -22.20
C LEU W 213 -26.52 -59.84 -21.86
N GLN W 214 -27.44 -59.59 -20.92
CA GLN W 214 -28.41 -60.60 -20.50
C GLN W 214 -29.74 -60.49 -21.24
N ILE W 215 -30.22 -59.27 -21.48
CA ILE W 215 -31.53 -59.08 -22.06
C ILE W 215 -31.40 -58.84 -23.56
N ALA W 216 -32.17 -59.61 -24.35
CA ALA W 216 -32.21 -59.52 -25.79
C ALA W 216 -33.16 -58.42 -26.26
N PRO W 217 -32.98 -57.90 -27.49
CA PRO W 217 -34.07 -57.06 -28.14
C PRO W 217 -35.38 -57.82 -28.40
N HIS W 218 -35.32 -59.10 -28.65
CA HIS W 218 -36.45 -59.89 -29.05
C HIS W 218 -36.30 -61.29 -28.44
N ASP W 219 -37.42 -61.88 -28.03
CA ASP W 219 -37.46 -63.23 -27.46
C ASP W 219 -37.21 -64.34 -28.49
N ALA W 220 -37.21 -64.04 -29.79
CA ALA W 220 -36.74 -64.95 -30.82
C ALA W 220 -35.31 -64.61 -31.23
N GLY W 221 -34.49 -64.21 -30.26
CA GLY W 221 -33.23 -63.55 -30.50
C GLY W 221 -32.09 -64.34 -31.09
N LEU W 222 -31.64 -63.90 -32.27
CA LEU W 222 -30.51 -64.38 -33.09
C LEU W 222 -30.68 -65.77 -33.69
N SER W 223 -31.75 -66.48 -33.35
CA SER W 223 -32.15 -67.64 -34.14
C SER W 223 -32.93 -67.19 -35.37
N ALA W 224 -33.57 -66.03 -35.28
CA ALA W 224 -34.31 -65.48 -36.41
C ALA W 224 -33.39 -64.86 -37.46
N PHE W 225 -32.15 -64.53 -37.11
CA PHE W 225 -31.22 -63.97 -38.08
C PHE W 225 -30.74 -65.04 -39.06
N PHE W 226 -30.15 -66.12 -38.53
CA PHE W 226 -29.42 -67.07 -39.35
C PHE W 226 -30.33 -68.01 -40.13
N THR W 227 -31.53 -68.29 -39.62
CA THR W 227 -32.44 -69.22 -40.28
C THR W 227 -33.29 -68.58 -41.36
N GLY W 228 -33.16 -67.28 -41.60
CA GLY W 228 -33.89 -66.61 -42.66
C GLY W 228 -35.29 -66.15 -42.30
N ASN W 229 -35.73 -66.38 -41.06
CA ASN W 229 -37.04 -65.92 -40.61
C ASN W 229 -36.86 -64.49 -40.10
N TRP W 230 -36.71 -63.56 -41.03
CA TRP W 230 -36.47 -62.16 -40.66
C TRP W 230 -37.74 -61.47 -40.19
N GLY W 231 -38.89 -61.90 -40.71
CA GLY W 231 -40.13 -61.16 -40.52
C GLY W 231 -40.72 -61.22 -39.13
N ALA W 232 -40.21 -62.12 -38.27
CA ALA W 232 -40.65 -62.19 -36.88
C ALA W 232 -40.19 -60.97 -36.08
N TYR W 233 -39.12 -60.29 -36.52
CA TYR W 233 -38.74 -59.01 -35.94
C TYR W 233 -39.79 -57.94 -36.21
N ALA W 234 -40.50 -58.04 -37.34
CA ALA W 234 -41.61 -57.14 -37.63
C ALA W 234 -42.88 -57.52 -36.90
N GLN W 235 -42.97 -58.71 -36.41
CA GLN W 235 -44.18 -59.19 -35.76
C GLN W 235 -44.26 -58.74 -34.30
N PRO W 236 -45.48 -58.66 -33.75
CA PRO W 236 -45.62 -58.47 -32.28
C PRO W 236 -45.03 -59.58 -31.44
N GLY W 237 -44.95 -60.81 -31.95
CA GLY W 237 -44.25 -61.87 -31.27
C GLY W 237 -45.02 -62.44 -30.10
N ALA W 238 -44.28 -63.14 -29.24
CA ALA W 238 -44.85 -63.78 -28.06
C ALA W 238 -44.10 -63.32 -26.82
N ASN W 239 -44.82 -63.35 -25.68
CA ASN W 239 -44.34 -62.95 -24.34
C ASN W 239 -43.83 -61.50 -24.33
N GLY W 240 -44.69 -60.57 -24.69
CA GLY W 240 -44.31 -59.16 -24.79
C GLY W 240 -43.63 -58.88 -26.13
N SER W 241 -42.34 -58.48 -26.06
CA SER W 241 -41.41 -58.20 -27.16
C SER W 241 -41.96 -57.25 -28.21
N PRO W 242 -41.98 -55.92 -27.95
CA PRO W 242 -42.41 -54.96 -28.97
C PRO W 242 -41.47 -55.00 -30.19
N PRO W 243 -42.01 -54.78 -31.39
CA PRO W 243 -41.22 -55.07 -32.61
C PRO W 243 -40.17 -54.01 -32.88
N ILE W 244 -39.01 -54.47 -33.35
CA ILE W 244 -37.82 -53.65 -33.47
C ILE W 244 -37.43 -53.35 -34.91
N LEU W 245 -37.93 -54.11 -35.91
CA LEU W 245 -37.59 -53.91 -37.33
C LEU W 245 -38.88 -54.01 -38.15
N THR W 246 -39.55 -52.89 -38.32
CA THR W 246 -40.86 -52.82 -38.96
C THR W 246 -40.86 -51.76 -40.05
N PHE W 247 -41.95 -51.70 -40.86
CA PHE W 247 -42.17 -50.49 -41.65
C PHE W 247 -43.64 -50.08 -41.44
N ILE W 248 -43.91 -49.06 -40.59
CA ILE W 248 -45.26 -48.46 -40.60
C ILE W 248 -45.33 -47.38 -41.67
N GLY W 249 -44.38 -46.46 -41.67
CA GLY W 249 -44.39 -45.36 -42.62
C GLY W 249 -45.11 -44.13 -42.11
N GLY W 250 -44.63 -42.95 -42.48
CA GLY W 250 -45.22 -41.73 -41.96
C GLY W 250 -44.85 -41.50 -40.51
N LEU W 251 -45.83 -41.11 -39.71
CA LEU W 251 -45.57 -40.69 -38.33
C LEU W 251 -46.35 -41.55 -37.34
N ASN W 252 -45.82 -41.64 -36.10
CA ASN W 252 -46.48 -42.37 -35.02
C ASN W 252 -47.67 -41.50 -34.57
N PRO W 253 -48.85 -42.09 -34.45
CA PRO W 253 -50.00 -41.36 -33.90
C PRO W 253 -49.85 -41.00 -32.42
N GLN W 254 -49.28 -41.88 -31.61
CA GLN W 254 -49.30 -41.71 -30.16
C GLN W 254 -48.28 -40.69 -29.67
N THR W 255 -47.20 -40.45 -30.42
CA THR W 255 -46.20 -39.46 -30.04
C THR W 255 -46.09 -38.30 -31.00
N GLY W 256 -46.71 -38.36 -32.18
CA GLY W 256 -46.57 -37.31 -33.16
C GLY W 256 -45.22 -37.25 -33.83
N SER W 257 -44.48 -38.36 -33.86
CA SER W 257 -43.10 -38.35 -34.34
C SER W 257 -42.81 -39.57 -35.20
N LEU W 258 -41.55 -39.78 -35.57
CA LEU W 258 -41.22 -40.98 -36.33
C LEU W 258 -41.22 -42.21 -35.42
N PRO W 259 -41.83 -43.32 -35.85
CA PRO W 259 -41.80 -44.55 -35.04
C PRO W 259 -40.41 -45.14 -35.03
N LEU W 260 -40.07 -45.80 -33.92
CA LEU W 260 -38.68 -46.11 -33.61
C LEU W 260 -38.21 -47.38 -34.29
N GLY W 261 -39.12 -48.33 -34.55
CA GLY W 261 -38.78 -49.49 -35.33
C GLY W 261 -38.45 -49.15 -36.77
N ASP W 262 -39.11 -48.12 -37.31
CA ASP W 262 -38.75 -47.60 -38.63
C ASP W 262 -37.38 -46.99 -38.65
N ILE W 263 -37.01 -46.31 -37.57
CA ILE W 263 -35.68 -45.74 -37.44
C ILE W 263 -34.63 -46.85 -37.39
N ALA W 264 -34.87 -47.90 -36.59
CA ALA W 264 -33.93 -49.01 -36.45
C ALA W 264 -33.77 -49.82 -37.74
N HIS W 265 -34.88 -50.03 -38.47
CA HIS W 265 -34.82 -50.75 -39.74
C HIS W 265 -34.14 -49.89 -40.82
N HIS W 266 -34.32 -48.56 -40.74
CA HIS W 266 -33.62 -47.63 -41.63
C HIS W 266 -32.11 -47.68 -41.44
N HIS W 267 -31.65 -47.59 -40.21
CA HIS W 267 -30.21 -47.59 -39.95
C HIS W 267 -29.61 -48.97 -40.03
N LEU W 268 -30.41 -50.02 -40.08
CA LEU W 268 -29.87 -51.29 -40.53
C LEU W 268 -29.70 -51.34 -42.04
N ALA W 269 -30.70 -50.89 -42.78
CA ALA W 269 -30.72 -51.11 -44.23
C ALA W 269 -29.74 -50.19 -44.96
N ILE W 270 -29.67 -48.91 -44.59
CA ILE W 270 -28.73 -48.04 -45.31
C ILE W 270 -27.31 -48.29 -44.82
N ALA W 271 -27.16 -48.89 -43.62
CA ALA W 271 -25.85 -49.40 -43.19
C ALA W 271 -25.35 -50.47 -44.13
N VAL W 272 -26.19 -51.50 -44.38
CA VAL W 272 -25.88 -52.61 -45.30
C VAL W 272 -25.54 -52.09 -46.70
N ILE W 273 -26.29 -51.08 -47.16
CA ILE W 273 -25.97 -50.42 -48.43
C ILE W 273 -24.62 -49.66 -48.37
N PHE W 274 -24.27 -49.04 -47.23
CA PHE W 274 -22.98 -48.35 -47.13
C PHE W 274 -21.77 -49.28 -47.00
N ILE W 275 -21.89 -50.40 -46.26
CA ILE W 275 -20.80 -51.40 -46.23
C ILE W 275 -20.63 -52.04 -47.61
N ILE W 276 -21.72 -52.26 -48.36
CA ILE W 276 -21.55 -52.73 -49.75
C ILE W 276 -20.94 -51.65 -50.65
N ALA W 277 -21.33 -50.38 -50.45
CA ALA W 277 -20.77 -49.26 -51.21
C ALA W 277 -19.29 -49.00 -50.92
N GLY W 278 -18.82 -49.38 -49.73
CA GLY W 278 -17.40 -49.32 -49.43
C GLY W 278 -16.60 -50.55 -49.84
N HIS W 279 -16.92 -51.10 -51.01
CA HIS W 279 -16.20 -52.22 -51.58
C HIS W 279 -15.88 -51.97 -53.05
N MET W 280 -16.04 -50.73 -53.51
CA MET W 280 -16.02 -50.41 -54.93
C MET W 280 -14.61 -50.19 -55.46
N TYR W 281 -13.73 -49.61 -54.64
CA TYR W 281 -12.50 -49.02 -55.13
C TYR W 281 -11.29 -49.91 -54.81
N ARG W 282 -10.22 -49.70 -55.58
CA ARG W 282 -9.06 -50.60 -55.56
C ARG W 282 -8.17 -50.32 -54.35
N THR W 283 -8.04 -51.32 -53.49
CA THR W 283 -7.06 -51.31 -52.41
C THR W 283 -6.06 -52.42 -52.68
N ASN W 284 -5.25 -52.77 -51.68
CA ASN W 284 -4.07 -53.61 -51.85
C ASN W 284 -4.37 -55.10 -52.07
N PHE W 285 -5.63 -55.49 -52.31
CA PHE W 285 -6.05 -56.89 -52.42
C PHE W 285 -6.55 -57.21 -53.82
N GLY W 286 -6.06 -56.50 -54.84
CA GLY W 286 -6.30 -56.83 -56.23
C GLY W 286 -7.58 -56.32 -56.88
N ILE W 287 -8.71 -56.55 -56.25
CA ILE W 287 -10.01 -56.20 -56.84
C ILE W 287 -10.40 -54.78 -56.44
N GLY W 288 -11.34 -54.22 -57.20
CA GLY W 288 -11.81 -52.87 -56.99
C GLY W 288 -11.57 -51.99 -58.21
N HIS W 289 -12.15 -50.79 -58.16
CA HIS W 289 -11.97 -49.81 -59.22
C HIS W 289 -10.75 -48.93 -58.94
N ASN W 290 -9.82 -48.90 -59.89
CA ASN W 290 -8.77 -47.89 -59.85
C ASN W 290 -9.46 -46.60 -60.23
N LEU W 291 -9.35 -45.59 -59.37
CA LEU W 291 -10.20 -44.42 -59.47
C LEU W 291 -9.68 -43.41 -60.48
N LYS W 292 -8.38 -43.47 -60.79
CA LYS W 292 -7.82 -42.62 -61.84
C LYS W 292 -8.33 -43.04 -63.22
N GLU W 293 -8.29 -44.34 -63.51
CA GLU W 293 -8.83 -44.88 -64.75
C GLU W 293 -10.35 -44.77 -64.79
N LEU W 294 -11.01 -44.89 -63.63
CA LEU W 294 -12.46 -44.78 -63.59
C LEU W 294 -12.92 -43.34 -63.81
N VAL W 295 -12.16 -42.37 -63.35
CA VAL W 295 -12.49 -40.99 -63.68
C VAL W 295 -12.14 -40.70 -65.14
N ASP W 296 -10.91 -41.02 -65.56
CA ASP W 296 -10.42 -40.66 -66.89
C ASP W 296 -11.05 -41.46 -68.03
N GLY W 297 -11.82 -42.51 -67.73
CA GLY W 297 -12.54 -43.30 -68.71
C GLY W 297 -13.97 -42.89 -69.00
N GLN W 298 -14.42 -41.73 -68.52
CA GLN W 298 -15.77 -41.22 -68.82
C GLN W 298 -15.73 -40.24 -69.99
N VAL W 299 -15.52 -40.81 -71.17
CA VAL W 299 -15.39 -40.04 -72.40
C VAL W 299 -16.52 -40.44 -73.37
N TRP W 300 -17.21 -39.44 -73.89
CA TRP W 300 -18.24 -39.55 -74.89
C TRP W 300 -18.12 -38.33 -75.80
N PRO W 301 -18.51 -38.43 -77.09
CA PRO W 301 -18.04 -37.44 -78.09
C PRO W 301 -18.63 -36.02 -78.02
N GLY W 302 -19.56 -35.72 -77.12
CA GLY W 302 -20.02 -34.35 -76.95
C GLY W 302 -19.23 -33.50 -75.99
N VAL W 303 -18.35 -34.11 -75.18
CA VAL W 303 -17.51 -33.39 -74.22
C VAL W 303 -16.03 -33.53 -74.56
N GLY W 304 -15.72 -34.21 -75.67
CA GLY W 304 -14.40 -34.18 -76.27
C GLY W 304 -13.37 -35.10 -75.63
N ALA W 305 -12.79 -34.66 -74.51
CA ALA W 305 -11.82 -35.47 -73.80
C ALA W 305 -12.37 -36.05 -72.50
N GLY W 306 -13.61 -35.72 -72.16
CA GLY W 306 -14.27 -36.36 -71.04
C GLY W 306 -13.74 -35.85 -69.73
N HIS W 307 -13.32 -36.77 -68.87
CA HIS W 307 -12.90 -36.46 -67.51
C HIS W 307 -11.42 -36.81 -67.31
N ARG W 308 -10.64 -36.69 -68.38
CA ARG W 308 -9.24 -37.09 -68.34
C ARG W 308 -8.40 -36.06 -67.59
N GLY W 309 -7.71 -36.51 -66.55
CA GLY W 309 -6.96 -35.63 -65.69
C GLY W 309 -7.74 -35.02 -64.55
N LEU W 310 -9.04 -35.30 -64.43
CA LEU W 310 -9.77 -34.78 -63.27
C LEU W 310 -9.50 -35.53 -61.97
N TYR W 311 -8.89 -36.73 -62.03
CA TYR W 311 -8.45 -37.43 -60.82
C TYR W 311 -7.39 -36.62 -60.07
N ASP W 312 -6.35 -36.20 -60.79
CA ASP W 312 -5.30 -35.38 -60.20
C ASP W 312 -5.82 -33.99 -59.85
N THR W 313 -6.80 -33.50 -60.63
CA THR W 313 -7.37 -32.18 -60.38
C THR W 313 -8.15 -32.15 -59.07
N VAL W 314 -8.83 -33.24 -58.73
CA VAL W 314 -9.43 -33.32 -57.40
C VAL W 314 -8.36 -33.59 -56.34
N ASN W 315 -7.45 -34.55 -56.59
CA ASN W 315 -6.59 -35.11 -55.54
C ASN W 315 -5.49 -34.16 -55.09
N ASN W 316 -4.90 -33.38 -56.00
CA ASN W 316 -3.85 -32.45 -55.58
C ASN W 316 -4.40 -31.15 -54.98
N SER W 317 -5.69 -30.86 -55.14
CA SER W 317 -6.26 -29.59 -54.71
C SER W 317 -7.27 -29.78 -53.59
N LEU W 318 -6.98 -29.23 -52.42
CA LEU W 318 -7.92 -29.25 -51.31
C LEU W 318 -9.04 -28.23 -51.43
N HIS W 319 -8.88 -27.20 -52.27
CA HIS W 319 -9.97 -26.25 -52.51
C HIS W 319 -11.11 -26.85 -53.32
N PHE W 320 -10.79 -27.70 -54.30
CA PHE W 320 -11.81 -28.42 -55.07
C PHE W 320 -12.57 -29.40 -54.18
N GLN W 321 -11.83 -30.18 -53.39
CA GLN W 321 -12.43 -31.15 -52.46
C GLN W 321 -13.26 -30.46 -51.40
N LEU W 322 -12.81 -29.31 -50.90
CA LEU W 322 -13.58 -28.58 -49.91
C LEU W 322 -14.80 -27.92 -50.53
N SER W 323 -14.72 -27.52 -51.80
CA SER W 323 -15.90 -27.01 -52.52
C SER W 323 -16.98 -28.07 -52.67
N LEU W 324 -16.59 -29.29 -53.07
CA LEU W 324 -17.55 -30.40 -53.14
C LEU W 324 -18.09 -30.78 -51.77
N ALA W 325 -17.23 -30.77 -50.75
CA ALA W 325 -17.63 -31.16 -49.39
C ALA W 325 -18.61 -30.17 -48.77
N LEU W 326 -18.32 -28.86 -48.91
CA LEU W 326 -19.22 -27.82 -48.41
C LEU W 326 -20.55 -27.79 -49.18
N ALA W 327 -20.53 -28.00 -50.50
CA ALA W 327 -21.76 -28.00 -51.29
C ALA W 327 -22.65 -29.18 -50.94
N SER W 328 -22.05 -30.36 -50.81
CA SER W 328 -22.78 -31.56 -50.43
C SER W 328 -23.29 -31.47 -49.00
N LEU W 329 -22.46 -30.97 -48.08
CA LEU W 329 -22.82 -30.84 -46.67
C LEU W 329 -23.96 -29.84 -46.48
N GLY W 330 -23.95 -28.73 -47.21
CA GLY W 330 -25.05 -27.80 -47.13
C GLY W 330 -26.31 -28.24 -47.81
N THR W 331 -26.21 -29.02 -48.90
CA THR W 331 -27.42 -29.59 -49.51
C THR W 331 -28.05 -30.64 -48.59
N VAL W 332 -27.22 -31.45 -47.93
CA VAL W 332 -27.61 -32.30 -46.80
C VAL W 332 -28.24 -31.51 -45.65
N THR W 333 -27.69 -30.34 -45.31
CA THR W 333 -28.17 -29.60 -44.16
C THR W 333 -29.53 -28.96 -44.44
N SER W 334 -29.70 -28.45 -45.67
CA SER W 334 -31.00 -28.08 -46.21
C SER W 334 -32.00 -29.22 -46.16
N LEU W 335 -31.57 -30.41 -46.60
CA LEU W 335 -32.45 -31.58 -46.60
C LEU W 335 -32.83 -32.01 -45.19
N VAL W 336 -31.89 -31.91 -44.24
CA VAL W 336 -32.14 -32.13 -42.80
C VAL W 336 -33.25 -31.23 -42.26
N ALA W 337 -33.19 -29.94 -42.56
CA ALA W 337 -34.28 -29.06 -42.11
C ALA W 337 -35.59 -29.28 -42.86
N GLN W 338 -35.55 -29.61 -44.17
CA GLN W 338 -36.82 -29.86 -44.87
C GLN W 338 -37.46 -31.19 -44.48
N GLN W 339 -36.69 -32.13 -43.94
CA GLN W 339 -37.34 -33.34 -43.42
C GLN W 339 -37.70 -33.27 -41.96
N MET W 340 -37.06 -32.41 -41.15
CA MET W 340 -37.41 -32.40 -39.74
C MET W 340 -38.75 -31.72 -39.44
N TYR W 341 -39.16 -30.75 -40.23
CA TYR W 341 -40.50 -30.22 -40.01
C TYR W 341 -41.55 -31.17 -40.55
N ALA W 342 -41.24 -31.82 -41.67
CA ALA W 342 -42.21 -32.56 -42.46
C ALA W 342 -42.47 -33.91 -41.84
N LEU W 343 -41.40 -34.60 -41.53
CA LEU W 343 -41.41 -35.85 -40.79
C LEU W 343 -40.60 -35.68 -39.52
N PRO W 344 -41.19 -35.19 -38.43
CA PRO W 344 -40.43 -34.97 -37.18
C PRO W 344 -39.97 -36.28 -36.55
N PRO W 345 -38.70 -36.40 -36.19
CA PRO W 345 -38.23 -37.66 -35.62
C PRO W 345 -38.29 -37.80 -34.11
N TYR W 346 -38.59 -36.73 -33.39
CA TYR W 346 -38.45 -36.75 -31.94
C TYR W 346 -39.81 -36.47 -31.32
N ALA W 347 -40.12 -37.17 -30.23
CA ALA W 347 -41.45 -37.16 -29.68
C ALA W 347 -41.74 -35.84 -28.98
N PHE W 348 -42.91 -35.28 -29.29
CA PHE W 348 -43.42 -33.98 -28.81
C PHE W 348 -42.48 -32.83 -29.19
N MET W 349 -41.81 -32.97 -30.33
CA MET W 349 -40.97 -31.89 -30.83
C MET W 349 -41.76 -30.93 -31.68
N ALA W 350 -42.69 -31.46 -32.49
CA ALA W 350 -43.61 -30.66 -33.29
C ALA W 350 -44.61 -29.87 -32.45
N LYS W 351 -44.87 -30.29 -31.21
CA LYS W 351 -45.72 -29.49 -30.33
C LYS W 351 -45.01 -28.26 -29.79
N ASP W 352 -43.68 -28.32 -29.62
CA ASP W 352 -42.93 -27.12 -29.26
C ASP W 352 -42.68 -26.42 -30.57
N HIS W 353 -43.44 -25.36 -30.81
CA HIS W 353 -43.39 -24.68 -32.10
C HIS W 353 -42.15 -23.83 -32.25
N THR W 354 -41.65 -23.29 -31.13
CA THR W 354 -40.46 -22.44 -31.14
C THR W 354 -39.21 -23.27 -31.45
N THR W 355 -39.18 -24.51 -30.97
CA THR W 355 -38.12 -25.46 -31.31
C THR W 355 -38.11 -25.80 -32.80
N MET W 356 -39.29 -26.05 -33.39
CA MET W 356 -39.41 -26.31 -34.84
C MET W 356 -38.93 -25.12 -35.66
N ALA W 357 -39.33 -23.92 -35.24
CA ALA W 357 -38.94 -22.68 -35.91
C ALA W 357 -37.44 -22.42 -35.82
N ALA W 358 -36.89 -22.57 -34.61
CA ALA W 358 -35.48 -22.31 -34.37
C ALA W 358 -34.60 -23.36 -35.03
N LEU W 359 -35.03 -24.63 -35.05
CA LEU W 359 -34.25 -25.70 -35.66
C LEU W 359 -34.24 -25.60 -37.17
N TYR W 360 -35.39 -25.32 -37.80
CA TYR W 360 -35.44 -25.12 -39.25
C TYR W 360 -34.62 -23.93 -39.69
N THR W 361 -34.74 -22.81 -38.97
CA THR W 361 -34.07 -21.59 -39.38
C THR W 361 -32.55 -21.69 -39.15
N HIS W 362 -32.15 -22.31 -38.04
CA HIS W 362 -30.78 -22.79 -37.77
C HIS W 362 -30.15 -23.55 -38.94
N HIS W 363 -30.77 -24.68 -39.32
CA HIS W 363 -30.13 -25.53 -40.31
C HIS W 363 -30.16 -24.94 -41.72
N GLN W 364 -31.24 -24.23 -42.09
CA GLN W 364 -31.25 -23.57 -43.40
C GLN W 364 -30.24 -22.43 -43.52
N TYR W 365 -30.05 -21.61 -42.46
CA TYR W 365 -29.04 -20.57 -42.51
C TYR W 365 -27.63 -21.14 -42.60
N ILE W 366 -27.34 -22.19 -41.80
CA ILE W 366 -26.04 -22.86 -41.84
C ILE W 366 -25.77 -23.51 -43.20
N ALA W 367 -26.82 -24.05 -43.82
CA ALA W 367 -26.75 -24.62 -45.16
C ALA W 367 -26.42 -23.57 -46.22
N GLY W 368 -27.00 -22.36 -46.08
CA GLY W 368 -26.65 -21.27 -46.97
C GLY W 368 -25.21 -20.82 -46.85
N PHE W 369 -24.69 -20.78 -45.62
CA PHE W 369 -23.25 -20.53 -45.38
C PHE W 369 -22.34 -21.57 -46.03
N LEU W 370 -22.70 -22.85 -45.88
CA LEU W 370 -21.94 -23.94 -46.52
C LEU W 370 -21.91 -23.89 -48.04
N LEU W 371 -23.06 -23.59 -48.67
CA LEU W 371 -23.08 -23.39 -50.13
C LEU W 371 -22.29 -22.17 -50.61
N VAL W 372 -22.40 -21.04 -49.92
CA VAL W 372 -21.64 -19.87 -50.37
C VAL W 372 -20.13 -20.06 -50.13
N GLY W 373 -19.75 -20.81 -49.11
CA GLY W 373 -18.35 -21.16 -48.96
C GLY W 373 -17.85 -22.20 -49.94
N ALA W 374 -18.74 -23.10 -50.39
CA ALA W 374 -18.43 -24.04 -51.45
C ALA W 374 -18.07 -23.34 -52.74
N PHE W 375 -18.88 -22.35 -53.11
CA PHE W 375 -18.55 -21.60 -54.31
C PHE W 375 -17.39 -20.62 -54.11
N ALA W 376 -17.15 -20.19 -52.85
CA ALA W 376 -15.95 -19.44 -52.53
C ALA W 376 -14.69 -20.27 -52.80
N HIS W 377 -14.63 -21.50 -52.28
CA HIS W 377 -13.45 -22.34 -52.55
C HIS W 377 -13.41 -22.90 -53.96
N ALA W 378 -14.53 -22.90 -54.67
CA ALA W 378 -14.51 -23.07 -56.12
C ALA W 378 -13.68 -21.98 -56.79
N ALA W 379 -13.96 -20.71 -56.46
CA ALA W 379 -13.18 -19.59 -57.00
C ALA W 379 -11.72 -19.60 -56.53
N ILE W 380 -11.47 -20.05 -55.30
CA ILE W 380 -10.13 -20.22 -54.76
C ILE W 380 -9.34 -21.30 -55.50
N PHE W 381 -10.01 -22.41 -55.85
CA PHE W 381 -9.46 -23.42 -56.75
C PHE W 381 -9.10 -22.84 -58.12
N TRP W 382 -9.97 -21.97 -58.64
CA TRP W 382 -9.71 -21.35 -59.94
C TRP W 382 -8.47 -20.45 -59.93
N VAL W 383 -8.28 -19.66 -58.87
CA VAL W 383 -7.12 -18.78 -58.86
C VAL W 383 -5.84 -19.55 -58.53
N ARG W 384 -5.87 -20.52 -57.62
CA ARG W 384 -4.62 -21.06 -57.10
C ARG W 384 -4.23 -22.43 -57.63
N ASP W 385 -5.18 -23.34 -57.81
CA ASP W 385 -4.82 -24.74 -58.02
C ASP W 385 -5.11 -25.27 -59.41
N TYR W 386 -5.72 -24.48 -60.30
CA TYR W 386 -6.10 -25.01 -61.60
C TYR W 386 -4.98 -24.82 -62.62
N ASP W 387 -4.68 -25.89 -63.35
CA ASP W 387 -3.70 -25.88 -64.41
C ASP W 387 -4.39 -26.18 -65.75
N PRO W 388 -4.37 -25.26 -66.71
CA PRO W 388 -5.03 -25.51 -68.01
C PRO W 388 -4.37 -26.60 -68.84
N GLU W 389 -3.10 -26.91 -68.63
CA GLU W 389 -2.41 -27.87 -69.49
C GLU W 389 -2.76 -29.30 -69.14
N ALA W 390 -2.75 -29.64 -67.85
CA ALA W 390 -3.16 -30.96 -67.42
C ALA W 390 -4.66 -31.18 -67.55
N ASN W 391 -5.45 -30.10 -67.52
CA ASN W 391 -6.90 -30.16 -67.70
C ASN W 391 -7.31 -29.69 -69.09
N LYS W 392 -6.53 -30.03 -70.12
CA LYS W 392 -6.80 -29.55 -71.46
C LYS W 392 -7.98 -30.30 -72.08
N ASP W 393 -9.06 -29.54 -72.35
CA ASP W 393 -10.27 -29.96 -73.09
C ASP W 393 -11.07 -31.03 -72.31
N ASN W 394 -10.84 -31.14 -71.00
CA ASN W 394 -11.79 -31.85 -70.14
C ASN W 394 -12.93 -30.87 -69.84
N VAL W 395 -14.01 -31.38 -69.23
CA VAL W 395 -15.27 -30.66 -69.01
C VAL W 395 -15.13 -29.37 -68.19
N LEU W 396 -14.09 -29.29 -67.37
CA LEU W 396 -13.78 -28.17 -66.51
C LEU W 396 -13.27 -27.01 -67.36
N ALA W 397 -12.40 -27.33 -68.34
CA ALA W 397 -11.90 -26.32 -69.27
C ALA W 397 -12.97 -25.89 -70.27
N ARG W 398 -13.94 -26.75 -70.57
CA ARG W 398 -15.02 -26.34 -71.47
C ARG W 398 -16.02 -25.43 -70.77
N VAL W 399 -16.26 -25.63 -69.47
CA VAL W 399 -17.15 -24.65 -68.81
C VAL W 399 -16.40 -23.38 -68.44
N LEU W 400 -15.06 -23.42 -68.39
CA LEU W 400 -14.34 -22.16 -68.48
C LEU W 400 -14.33 -21.57 -69.90
N ALA W 401 -14.46 -22.39 -70.94
CA ALA W 401 -14.42 -21.88 -72.31
C ALA W 401 -15.68 -21.14 -72.69
N HIS W 402 -16.85 -21.64 -72.29
CA HIS W 402 -18.12 -21.00 -72.63
C HIS W 402 -18.76 -20.34 -71.41
N LYS W 403 -17.93 -19.71 -70.57
CA LYS W 403 -18.36 -19.17 -69.26
C LYS W 403 -19.37 -18.04 -69.41
N GLU W 404 -19.31 -17.29 -70.51
CA GLU W 404 -20.22 -16.17 -70.76
C GLU W 404 -21.64 -16.65 -70.99
N ALA W 405 -21.80 -17.85 -71.58
CA ALA W 405 -23.11 -18.47 -71.74
C ALA W 405 -23.75 -18.80 -70.40
N ILE W 406 -22.96 -19.36 -69.48
CA ILE W 406 -23.47 -19.74 -68.15
C ILE W 406 -23.82 -18.50 -67.34
N ILE W 407 -22.94 -17.48 -67.35
CA ILE W 407 -23.19 -16.23 -66.63
C ILE W 407 -24.39 -15.47 -67.20
N SER W 408 -24.49 -15.35 -68.52
CA SER W 408 -25.61 -14.63 -69.13
C SER W 408 -26.93 -15.40 -69.01
N HIS W 409 -26.89 -16.73 -68.93
CA HIS W 409 -28.15 -17.45 -68.74
C HIS W 409 -28.62 -17.43 -67.30
N LEU W 410 -27.70 -17.47 -66.32
CA LEU W 410 -28.05 -17.15 -64.93
C LEU W 410 -28.59 -15.73 -64.77
N SER W 411 -28.00 -14.78 -65.51
CA SER W 411 -28.51 -13.41 -65.58
C SER W 411 -29.94 -13.36 -66.12
N TRP W 412 -30.22 -14.12 -67.18
CA TRP W 412 -31.57 -14.15 -67.76
C TRP W 412 -32.59 -14.78 -66.81
N VAL W 413 -32.23 -15.90 -66.14
CA VAL W 413 -33.15 -16.57 -65.21
C VAL W 413 -33.43 -15.66 -64.00
N SER W 414 -32.41 -14.97 -63.51
CA SER W 414 -32.55 -14.08 -62.36
C SER W 414 -33.41 -12.87 -62.68
N LEU W 415 -33.16 -12.20 -63.82
CA LEU W 415 -34.01 -11.10 -64.27
C LEU W 415 -35.45 -11.54 -64.54
N PHE W 416 -35.62 -12.73 -65.13
CA PHE W 416 -36.92 -13.34 -65.42
C PHE W 416 -37.78 -13.52 -64.17
N LEU W 417 -37.21 -14.21 -63.17
CA LEU W 417 -37.89 -14.48 -61.92
C LEU W 417 -38.16 -13.21 -61.14
N GLY W 418 -37.18 -12.30 -61.07
CA GLY W 418 -37.35 -11.08 -60.33
C GLY W 418 -38.35 -10.10 -60.89
N PHE W 419 -38.31 -9.86 -62.22
CA PHE W 419 -39.28 -9.02 -62.91
C PHE W 419 -40.70 -9.52 -62.70
N HIS W 420 -40.93 -10.83 -62.87
CA HIS W 420 -42.32 -11.23 -62.81
C HIS W 420 -42.83 -11.50 -61.40
N THR W 421 -41.96 -11.96 -60.48
CA THR W 421 -42.40 -12.16 -59.10
C THR W 421 -42.67 -10.82 -58.42
N LEU W 422 -41.80 -9.82 -58.64
CA LEU W 422 -42.05 -8.48 -58.16
C LEU W 422 -43.26 -7.85 -58.83
N GLY W 423 -43.46 -8.08 -60.14
CA GLY W 423 -44.62 -7.51 -60.80
C GLY W 423 -45.94 -8.07 -60.33
N LEU W 424 -46.00 -9.38 -60.05
CA LEU W 424 -47.24 -9.95 -59.53
C LEU W 424 -47.49 -9.55 -58.09
N TYR W 425 -46.42 -9.45 -57.28
CA TYR W 425 -46.54 -8.97 -55.91
C TYR W 425 -47.01 -7.51 -55.84
N VAL W 426 -46.45 -6.65 -56.70
CA VAL W 426 -46.83 -5.24 -56.72
C VAL W 426 -48.23 -5.06 -57.32
N HIS W 427 -48.62 -5.91 -58.30
CA HIS W 427 -50.01 -6.05 -58.75
C HIS W 427 -50.96 -6.32 -57.60
N ASN W 428 -50.65 -7.33 -56.80
CA ASN W 428 -51.52 -7.71 -55.69
C ASN W 428 -51.60 -6.61 -54.63
N ASP W 429 -50.50 -5.89 -54.43
CA ASP W 429 -50.50 -4.72 -53.55
C ASP W 429 -51.36 -3.55 -54.04
N VAL W 430 -51.28 -3.23 -55.35
CA VAL W 430 -52.18 -2.24 -55.96
C VAL W 430 -53.64 -2.68 -55.91
N MET W 431 -53.92 -3.97 -56.06
CA MET W 431 -55.32 -4.39 -56.06
C MET W 431 -55.91 -4.39 -54.65
N GLN W 432 -55.12 -4.75 -53.64
CA GLN W 432 -55.58 -4.53 -52.27
C GLN W 432 -55.65 -3.06 -51.90
N ALA W 433 -54.81 -2.21 -52.50
CA ALA W 433 -54.90 -0.77 -52.25
C ALA W 433 -56.17 -0.16 -52.84
N PHE W 434 -56.62 -0.69 -53.97
CA PHE W 434 -57.71 -0.06 -54.70
C PHE W 434 -59.06 -0.65 -54.30
N GLY W 435 -59.12 -1.42 -53.21
CA GLY W 435 -60.34 -2.04 -52.76
C GLY W 435 -60.79 -3.19 -53.62
N ARG W 436 -59.87 -3.80 -54.38
CA ARG W 436 -60.20 -4.88 -55.31
C ARG W 436 -59.41 -6.17 -55.03
N PRO W 437 -59.65 -6.90 -53.93
CA PRO W 437 -58.96 -8.21 -53.75
C PRO W 437 -59.34 -9.31 -54.73
N GLU W 438 -60.46 -9.21 -55.45
CA GLU W 438 -60.83 -10.20 -56.45
C GLU W 438 -60.29 -9.85 -57.84
N ASP W 439 -59.31 -8.97 -57.95
CA ASP W 439 -58.68 -8.70 -59.24
C ASP W 439 -57.22 -9.12 -59.26
N GLN W 440 -56.76 -9.76 -58.20
CA GLN W 440 -55.37 -10.14 -58.00
C GLN W 440 -55.01 -11.26 -58.97
N ILE W 441 -53.77 -11.26 -59.46
CA ILE W 441 -53.30 -12.45 -60.15
C ILE W 441 -52.89 -13.48 -59.11
N LEU W 442 -53.59 -14.60 -59.12
CA LEU W 442 -53.52 -15.60 -58.09
C LEU W 442 -53.39 -16.92 -58.81
N ILE W 443 -52.26 -17.58 -58.67
CA ILE W 443 -51.97 -18.78 -59.45
C ILE W 443 -51.75 -19.96 -58.54
N GLU W 444 -52.61 -20.98 -58.68
CA GLU W 444 -52.46 -22.26 -57.99
C GLU W 444 -51.16 -22.94 -58.39
N PRO W 445 -50.38 -23.44 -57.44
CA PRO W 445 -49.18 -24.20 -57.80
C PRO W 445 -49.60 -25.61 -58.21
N VAL W 446 -50.02 -25.72 -59.46
CA VAL W 446 -50.66 -26.92 -60.01
C VAL W 446 -49.68 -28.08 -60.05
N PHE W 447 -48.41 -27.78 -60.36
CA PHE W 447 -47.39 -28.81 -60.52
C PHE W 447 -47.01 -29.42 -59.16
N ALA W 448 -46.87 -28.60 -58.12
CA ALA W 448 -46.51 -29.13 -56.81
C ALA W 448 -47.69 -29.80 -56.12
N GLN W 449 -48.93 -29.35 -56.40
CA GLN W 449 -50.11 -30.11 -55.98
C GLN W 449 -50.22 -31.43 -56.73
N TRP W 450 -49.70 -31.50 -57.94
CA TRP W 450 -49.68 -32.77 -58.66
C TRP W 450 -48.61 -33.71 -58.09
N VAL W 451 -47.45 -33.15 -57.66
CA VAL W 451 -46.46 -33.92 -56.88
C VAL W 451 -47.05 -34.44 -55.58
N GLN W 452 -47.86 -33.61 -54.90
CA GLN W 452 -48.63 -34.02 -53.73
C GLN W 452 -49.60 -35.16 -54.06
N ALA W 453 -50.24 -35.08 -55.23
CA ALA W 453 -51.19 -36.11 -55.66
C ALA W 453 -50.52 -37.46 -55.92
N GLN W 454 -49.38 -37.48 -56.61
CA GLN W 454 -48.67 -38.77 -56.75
C GLN W 454 -47.93 -39.18 -55.49
N SER W 455 -47.77 -38.28 -54.52
CA SER W 455 -47.21 -38.71 -53.25
C SER W 455 -48.21 -39.44 -52.37
N GLY W 456 -49.48 -39.04 -52.40
CA GLY W 456 -50.49 -39.68 -51.58
C GLY W 456 -51.55 -38.73 -51.05
N VAL W 457 -51.32 -37.42 -51.23
CA VAL W 457 -52.30 -36.41 -50.85
C VAL W 457 -53.42 -36.46 -51.90
N LEU W 458 -54.66 -36.21 -51.45
CA LEU W 458 -55.84 -36.29 -52.32
C LEU W 458 -55.77 -35.33 -53.50
N ILE W 459 -55.84 -34.02 -53.23
CA ILE W 459 -55.88 -32.90 -54.18
C ILE W 459 -57.02 -33.17 -55.17
N PRO W 460 -58.29 -32.92 -54.78
CA PRO W 460 -59.43 -33.64 -55.37
C PRO W 460 -59.80 -33.35 -56.83
N GLY W 461 -59.02 -32.53 -57.53
CA GLY W 461 -59.05 -32.47 -58.97
C GLY W 461 -57.90 -33.16 -59.66
N MET W 462 -56.93 -33.67 -58.91
CA MET W 462 -55.75 -34.31 -59.46
C MET W 462 -55.67 -35.74 -58.93
N ALA W 463 -55.00 -36.60 -59.69
CA ALA W 463 -54.86 -38.00 -59.33
C ALA W 463 -53.45 -38.44 -59.64
N PRO W 464 -53.00 -39.54 -59.03
CA PRO W 464 -51.79 -40.22 -59.52
C PRO W 464 -51.99 -40.74 -60.93
N ILE W 465 -50.87 -40.85 -61.66
CA ILE W 465 -50.89 -41.25 -63.07
C ILE W 465 -51.32 -42.71 -63.20
N PHE W 466 -50.77 -43.58 -62.35
CA PHE W 466 -51.19 -44.98 -62.30
C PHE W 466 -52.07 -45.29 -61.11
N GLY W 467 -52.73 -44.27 -60.55
CA GLY W 467 -53.78 -44.44 -59.56
C GLY W 467 -53.31 -44.93 -58.21
N PHE W 468 -54.19 -45.70 -57.58
CA PHE W 468 -53.96 -46.35 -56.30
C PHE W 468 -54.09 -47.86 -56.51
N LEU W 469 -53.94 -48.62 -55.43
CA LEU W 469 -54.22 -50.05 -55.48
C LEU W 469 -55.62 -50.34 -54.98
N GLN W 470 -55.90 -51.63 -54.75
CA GLN W 470 -57.23 -52.10 -54.39
C GLN W 470 -57.64 -51.75 -52.97
N ASP W 471 -56.69 -51.42 -52.09
CA ASP W 471 -57.03 -50.95 -50.76
C ASP W 471 -57.26 -49.44 -50.68
N ASN W 472 -57.06 -48.73 -51.80
CA ASN W 472 -57.28 -47.28 -51.99
C ASN W 472 -56.37 -46.39 -51.12
N ALA W 473 -55.32 -46.94 -50.52
CA ALA W 473 -54.38 -46.16 -49.74
C ALA W 473 -52.97 -46.27 -50.26
N THR W 474 -52.60 -47.44 -50.79
CA THR W 474 -51.25 -47.60 -51.32
C THR W 474 -51.25 -47.12 -52.77
N LEU W 475 -50.17 -46.46 -53.17
CA LEU W 475 -50.07 -45.87 -54.50
C LEU W 475 -49.92 -46.95 -55.57
N GLY W 476 -50.26 -46.58 -56.80
CA GLY W 476 -50.01 -47.46 -57.93
C GLY W 476 -48.57 -47.53 -58.36
N THR W 477 -47.72 -46.63 -57.86
CA THR W 477 -46.29 -46.62 -58.13
C THR W 477 -45.49 -47.40 -57.10
N THR W 478 -46.16 -47.88 -56.06
CA THR W 478 -45.60 -48.89 -55.17
C THR W 478 -46.65 -50.00 -55.21
N PRO W 479 -46.61 -50.86 -56.23
CA PRO W 479 -47.71 -51.81 -56.43
C PRO W 479 -47.69 -53.03 -55.54
N ALA W 480 -46.64 -53.21 -54.74
CA ALA W 480 -46.66 -54.16 -53.64
C ALA W 480 -46.98 -53.42 -52.35
N ALA W 481 -47.07 -54.19 -51.26
CA ALA W 481 -47.14 -53.72 -49.86
C ALA W 481 -48.38 -52.84 -49.61
N ALA W 482 -49.54 -53.51 -49.64
CA ALA W 482 -50.82 -52.88 -49.32
C ALA W 482 -50.86 -52.35 -47.88
N GLY W 483 -50.82 -53.28 -46.88
CA GLY W 483 -50.30 -52.93 -45.57
C GLY W 483 -48.79 -52.96 -45.63
N THR W 484 -48.14 -52.44 -44.58
CA THR W 484 -46.74 -51.97 -44.54
C THR W 484 -46.56 -50.88 -45.62
N PHE W 485 -46.83 -49.65 -45.18
CA PHE W 485 -46.61 -48.28 -45.73
C PHE W 485 -47.50 -47.90 -46.90
N GLY W 486 -48.67 -48.50 -47.00
CA GLY W 486 -49.71 -47.79 -47.70
C GLY W 486 -50.54 -46.99 -46.73
N LEU W 487 -51.04 -47.67 -45.70
CA LEU W 487 -52.02 -47.10 -44.77
C LEU W 487 -51.40 -46.04 -43.88
N GLY W 488 -50.22 -46.32 -43.32
CA GLY W 488 -49.58 -45.36 -42.42
C GLY W 488 -49.10 -44.11 -43.11
N TRP W 489 -48.50 -44.26 -44.30
CA TRP W 489 -48.05 -43.11 -45.08
C TRP W 489 -49.22 -42.29 -45.61
N PHE W 490 -50.30 -42.96 -46.04
CA PHE W 490 -51.50 -42.26 -46.49
C PHE W 490 -52.18 -41.51 -45.34
N CYS W 491 -52.31 -42.12 -44.17
CA CYS W 491 -52.97 -41.44 -43.08
C CYS W 491 -52.06 -40.43 -42.39
N SER W 492 -50.75 -40.46 -42.66
CA SER W 492 -49.89 -39.37 -42.24
C SER W 492 -49.99 -38.17 -43.20
N VAL W 493 -49.92 -38.40 -44.51
CA VAL W 493 -49.92 -37.26 -45.44
C VAL W 493 -51.30 -36.66 -45.68
N ASN W 494 -52.36 -37.26 -45.14
CA ASN W 494 -53.67 -36.65 -45.15
C ASN W 494 -54.25 -36.44 -43.76
N GLY W 495 -53.42 -36.45 -42.73
CA GLY W 495 -53.86 -36.20 -41.37
C GLY W 495 -53.96 -34.71 -41.07
N GLY W 496 -53.90 -34.38 -39.79
CA GLY W 496 -53.94 -32.99 -39.38
C GLY W 496 -55.31 -32.55 -38.92
N PRO W 497 -55.38 -31.44 -38.18
CA PRO W 497 -56.67 -30.84 -37.85
C PRO W 497 -57.33 -30.20 -39.06
N GLY W 498 -58.66 -30.15 -39.02
CA GLY W 498 -59.46 -29.62 -40.11
C GLY W 498 -59.78 -30.61 -41.20
N LEU W 499 -59.17 -31.79 -41.17
CA LEU W 499 -59.42 -32.89 -42.09
C LEU W 499 -59.41 -34.14 -41.23
N THR W 500 -59.85 -35.27 -41.82
CA THR W 500 -60.19 -36.54 -41.16
C THR W 500 -61.16 -36.31 -40.00
N GLU W 501 -62.36 -35.85 -40.31
CA GLU W 501 -63.32 -35.60 -39.24
C GLU W 501 -64.15 -36.91 -39.08
N ALA W 502 -65.05 -36.96 -38.10
CA ALA W 502 -65.77 -38.18 -37.76
C ALA W 502 -66.81 -38.61 -38.79
N ALA W 503 -67.17 -37.75 -39.75
CA ALA W 503 -68.22 -38.11 -40.72
C ALA W 503 -67.62 -38.79 -41.95
N THR W 504 -66.78 -38.06 -42.70
CA THR W 504 -66.09 -38.41 -43.95
C THR W 504 -66.92 -39.16 -44.98
N GLY W 505 -66.55 -40.39 -45.31
CA GLY W 505 -67.25 -41.18 -46.32
C GLY W 505 -66.33 -41.81 -47.35
N ILE W 506 -65.03 -41.68 -47.11
CA ILE W 506 -63.97 -42.16 -47.99
C ILE W 506 -63.15 -42.96 -46.98
N LEU W 507 -61.92 -43.42 -47.31
CA LEU W 507 -61.07 -44.27 -46.47
C LEU W 507 -60.67 -43.63 -45.13
N LYS W 508 -60.82 -42.31 -44.99
CA LYS W 508 -60.58 -41.57 -43.76
C LYS W 508 -61.54 -41.91 -42.61
N THR W 509 -62.62 -42.67 -42.90
CA THR W 509 -63.59 -43.23 -41.96
C THR W 509 -62.94 -44.04 -40.83
N CYS W 510 -61.84 -44.76 -41.12
CA CYS W 510 -61.18 -45.71 -40.22
C CYS W 510 -60.72 -45.09 -38.90
N PHE W 511 -59.73 -44.19 -38.94
CA PHE W 511 -59.53 -43.08 -38.00
C PHE W 511 -59.12 -43.47 -36.57
N ASP W 512 -59.20 -44.73 -36.19
CA ASP W 512 -58.91 -45.15 -34.83
C ASP W 512 -57.47 -45.59 -34.64
N ASN W 513 -56.65 -45.50 -35.69
CA ASN W 513 -55.22 -45.67 -35.51
C ASN W 513 -54.61 -44.46 -34.81
N GLY W 514 -55.24 -43.28 -34.97
CA GLY W 514 -54.88 -42.10 -34.21
C GLY W 514 -54.33 -40.97 -35.06
N TYR W 515 -54.66 -40.96 -36.35
CA TYR W 515 -54.14 -39.96 -37.26
C TYR W 515 -55.06 -38.73 -37.37
N GLY W 516 -55.43 -38.18 -36.22
CA GLY W 516 -56.18 -36.95 -36.15
C GLY W 516 -55.68 -36.08 -35.03
N LYS W 517 -54.80 -36.64 -34.19
CA LYS W 517 -54.14 -35.88 -33.13
C LYS W 517 -52.77 -35.39 -33.54
N LEU W 518 -52.28 -35.79 -34.73
CA LEU W 518 -51.11 -35.17 -35.31
C LEU W 518 -51.49 -33.76 -35.75
N GLU W 519 -50.72 -32.76 -35.31
CA GLU W 519 -50.92 -31.42 -35.82
C GLU W 519 -50.00 -31.23 -37.02
N THR W 520 -50.53 -30.54 -38.05
CA THR W 520 -50.13 -30.34 -39.45
C THR W 520 -50.24 -31.64 -40.23
N PRO W 521 -50.61 -31.58 -41.50
CA PRO W 521 -50.33 -32.70 -42.43
C PRO W 521 -48.85 -32.80 -42.77
N VAL W 522 -48.48 -33.99 -43.24
CA VAL W 522 -47.09 -34.23 -43.66
C VAL W 522 -46.76 -33.41 -44.90
N PHE W 523 -47.69 -33.31 -45.84
CA PHE W 523 -47.58 -32.32 -46.90
C PHE W 523 -48.57 -31.20 -46.61
N LEU W 524 -48.09 -29.99 -46.47
CA LEU W 524 -48.99 -28.90 -46.12
C LEU W 524 -49.79 -28.44 -47.33
N PRO W 525 -51.01 -27.93 -47.12
CA PRO W 525 -51.76 -27.32 -48.23
C PRO W 525 -51.05 -26.08 -48.78
N ILE W 526 -51.18 -25.89 -50.09
CA ILE W 526 -50.47 -24.82 -50.81
C ILE W 526 -51.40 -24.06 -51.74
N GLY W 527 -51.00 -22.81 -52.04
CA GLY W 527 -51.84 -21.86 -52.76
C GLY W 527 -51.04 -20.80 -53.50
N PRO W 528 -51.66 -19.67 -53.85
CA PRO W 528 -50.95 -18.68 -54.69
C PRO W 528 -49.91 -17.85 -53.94
N GLY W 529 -50.07 -17.70 -52.63
CA GLY W 529 -49.02 -17.10 -51.83
C GLY W 529 -47.76 -17.92 -51.85
N ASP W 530 -47.93 -19.23 -51.71
CA ASP W 530 -46.90 -20.27 -51.76
C ASP W 530 -46.17 -20.25 -53.11
N PHE W 531 -46.94 -20.09 -54.21
CA PHE W 531 -46.48 -19.94 -55.59
C PHE W 531 -45.50 -18.77 -55.72
N LEU W 532 -45.96 -17.56 -55.31
CA LEU W 532 -45.17 -16.34 -55.48
C LEU W 532 -43.90 -16.36 -54.65
N VAL W 533 -43.95 -16.94 -53.45
CA VAL W 533 -42.72 -16.93 -52.67
C VAL W 533 -41.78 -18.06 -53.10
N HIS W 534 -42.27 -19.20 -53.66
CA HIS W 534 -41.36 -20.18 -54.27
C HIS W 534 -40.63 -19.62 -55.47
N HIS W 535 -41.28 -18.71 -56.18
CA HIS W 535 -40.56 -17.99 -57.23
C HIS W 535 -39.58 -16.96 -56.67
N ALA W 536 -39.91 -16.35 -55.52
CA ALA W 536 -38.94 -15.51 -54.82
C ALA W 536 -37.72 -16.29 -54.32
N ILE W 537 -37.95 -17.49 -53.77
CA ILE W 537 -36.90 -18.42 -53.36
C ILE W 537 -36.04 -18.83 -54.56
N ALA W 538 -36.69 -19.15 -55.70
CA ALA W 538 -35.99 -19.50 -56.93
C ALA W 538 -35.13 -18.35 -57.44
N LEU W 539 -35.66 -17.13 -57.33
CA LEU W 539 -34.92 -15.92 -57.68
C LEU W 539 -33.70 -15.74 -56.80
N GLY W 540 -33.87 -15.91 -55.48
CA GLY W 540 -32.76 -15.71 -54.55
C GLY W 540 -31.65 -16.72 -54.70
N ILE W 541 -32.03 -18.00 -54.87
CA ILE W 541 -31.05 -19.07 -55.11
C ILE W 541 -30.34 -18.87 -56.44
N HIS W 542 -31.09 -18.50 -57.50
CA HIS W 542 -30.49 -18.31 -58.80
C HIS W 542 -29.59 -17.09 -58.88
N THR W 543 -29.95 -16.00 -58.19
CA THR W 543 -29.11 -14.82 -58.22
C THR W 543 -27.84 -15.05 -57.41
N THR W 544 -27.94 -15.79 -56.29
CA THR W 544 -26.76 -16.16 -55.52
C THR W 544 -25.83 -17.08 -56.31
N VAL W 545 -26.42 -18.02 -57.06
CA VAL W 545 -25.67 -18.87 -58.01
C VAL W 545 -25.03 -18.03 -59.11
N LEU W 546 -25.73 -17.00 -59.61
CA LEU W 546 -25.22 -16.13 -60.67
C LEU W 546 -23.96 -15.39 -60.23
N ILE W 547 -24.03 -14.81 -59.03
CA ILE W 547 -22.91 -14.07 -58.44
C ILE W 547 -21.73 -15.00 -58.19
N LEU W 548 -22.02 -16.21 -57.69
CA LEU W 548 -20.95 -17.11 -57.30
C LEU W 548 -20.30 -17.84 -58.47
N VAL W 549 -21.09 -18.31 -59.44
CA VAL W 549 -20.55 -18.91 -60.66
C VAL W 549 -19.80 -17.85 -61.47
N LYS W 550 -20.28 -16.61 -61.44
CA LYS W 550 -19.59 -15.52 -62.10
C LYS W 550 -18.29 -15.17 -61.38
N GLY W 551 -18.25 -15.31 -60.05
CA GLY W 551 -17.00 -15.09 -59.35
C GLY W 551 -16.01 -16.22 -59.51
N ALA W 552 -16.51 -17.45 -59.65
CA ALA W 552 -15.64 -18.59 -59.92
C ALA W 552 -15.05 -18.54 -61.31
N LEU W 553 -15.88 -18.37 -62.34
CA LEU W 553 -15.39 -18.51 -63.70
C LEU W 553 -14.63 -17.28 -64.21
N ASP W 554 -14.85 -16.11 -63.60
CA ASP W 554 -14.09 -14.92 -63.96
C ASP W 554 -12.94 -14.65 -63.00
N ALA W 555 -12.63 -15.61 -62.13
CA ALA W 555 -11.55 -15.44 -61.16
C ALA W 555 -10.18 -15.42 -61.82
N ARG W 556 -10.01 -16.10 -62.95
CA ARG W 556 -8.70 -16.10 -63.59
C ARG W 556 -8.47 -14.87 -64.42
N GLY W 557 -9.49 -14.40 -65.13
CA GLY W 557 -9.29 -13.27 -66.00
C GLY W 557 -10.56 -12.92 -66.74
N THR W 558 -10.61 -11.67 -67.18
CA THR W 558 -11.71 -11.16 -68.00
C THR W 558 -11.15 -10.29 -69.10
N LYS W 559 -12.02 -9.51 -69.71
CA LYS W 559 -11.63 -8.46 -70.63
C LYS W 559 -11.20 -7.19 -69.88
N LEU W 560 -11.81 -6.92 -68.73
CA LEU W 560 -11.40 -5.77 -67.92
C LEU W 560 -10.10 -6.04 -67.18
N MET W 561 -9.89 -7.28 -66.73
CA MET W 561 -8.66 -7.65 -66.02
C MET W 561 -8.27 -9.07 -66.44
N PRO W 562 -7.42 -9.23 -67.47
CA PRO W 562 -7.07 -10.60 -67.93
C PRO W 562 -6.17 -11.39 -67.01
N ASP W 563 -5.32 -10.75 -66.22
CA ASP W 563 -4.30 -11.42 -65.43
C ASP W 563 -4.65 -11.54 -63.94
N LYS W 564 -5.96 -11.73 -63.65
CA LYS W 564 -6.51 -11.61 -62.30
C LYS W 564 -5.96 -12.67 -61.34
N LYS W 565 -5.65 -13.86 -61.87
CA LYS W 565 -5.12 -14.97 -61.10
C LYS W 565 -3.72 -14.71 -60.53
N ASP W 566 -2.98 -13.75 -61.07
CA ASP W 566 -1.70 -13.34 -60.53
C ASP W 566 -1.83 -12.46 -59.29
N PHE W 567 -3.04 -11.98 -59.00
CA PHE W 567 -3.31 -11.10 -57.88
C PHE W 567 -4.00 -11.83 -56.73
N GLY W 568 -4.17 -13.14 -56.86
CA GLY W 568 -4.71 -13.93 -55.79
C GLY W 568 -6.22 -13.88 -55.74
N TYR W 569 -6.74 -14.41 -54.63
CA TYR W 569 -8.18 -14.49 -54.44
C TYR W 569 -8.74 -13.18 -53.93
N ALA W 570 -8.18 -12.66 -52.84
CA ALA W 570 -8.68 -11.47 -52.16
C ALA W 570 -7.71 -10.32 -52.36
N PHE W 571 -8.07 -9.41 -53.25
CA PHE W 571 -7.35 -8.18 -53.49
C PHE W 571 -8.41 -7.10 -53.67
N PRO W 572 -8.11 -5.80 -53.36
CA PRO W 572 -9.15 -4.77 -53.50
C PRO W 572 -9.66 -4.51 -54.90
N CYS W 573 -8.75 -4.13 -55.79
CA CYS W 573 -9.11 -3.63 -57.11
C CYS W 573 -7.84 -3.55 -57.94
N ASP W 574 -7.98 -2.97 -59.13
CA ASP W 574 -6.86 -2.60 -59.97
C ASP W 574 -6.80 -1.09 -60.19
N GLY W 575 -7.43 -0.32 -59.30
CA GLY W 575 -7.37 1.12 -59.34
C GLY W 575 -8.47 1.77 -60.16
N PRO W 576 -8.51 3.11 -60.15
CA PRO W 576 -9.59 3.84 -60.83
C PRO W 576 -9.50 3.85 -62.34
N GLY W 577 -8.39 3.39 -62.91
CA GLY W 577 -8.23 3.32 -64.35
C GLY W 577 -9.10 2.24 -64.97
N ARG W 578 -9.18 2.32 -66.30
CA ARG W 578 -10.11 1.55 -67.16
C ARG W 578 -11.56 1.68 -66.71
N GLY W 579 -11.95 2.90 -66.34
CA GLY W 579 -13.28 3.17 -65.84
C GLY W 579 -13.40 3.08 -64.33
N GLY W 580 -12.60 2.25 -63.69
CA GLY W 580 -12.69 1.93 -62.28
C GLY W 580 -12.99 0.46 -62.14
N THR W 581 -12.38 -0.17 -61.12
CA THR W 581 -12.36 -1.63 -61.00
C THR W 581 -12.68 -2.08 -59.57
N CYS W 582 -13.57 -1.39 -58.86
CA CYS W 582 -13.98 -1.78 -57.51
C CYS W 582 -14.75 -3.09 -57.57
N ASP W 583 -14.54 -3.96 -56.57
CA ASP W 583 -15.17 -5.28 -56.45
C ASP W 583 -14.93 -6.18 -57.67
N ILE W 584 -13.67 -6.31 -58.04
CA ILE W 584 -13.35 -7.08 -59.23
C ILE W 584 -12.86 -8.48 -58.86
N SER W 585 -12.40 -8.70 -57.62
CA SER W 585 -11.87 -10.01 -57.24
C SER W 585 -13.00 -11.01 -57.02
N ALA W 586 -12.61 -12.29 -57.00
CA ALA W 586 -13.55 -13.37 -56.74
C ALA W 586 -14.01 -13.38 -55.28
N TRP W 587 -13.17 -12.86 -54.39
CA TRP W 587 -13.58 -12.60 -53.01
C TRP W 587 -14.72 -11.61 -52.95
N ASP W 588 -14.72 -10.62 -53.85
CA ASP W 588 -15.79 -9.64 -53.82
C ASP W 588 -17.10 -10.21 -54.35
N ALA W 589 -17.04 -11.24 -55.19
CA ALA W 589 -18.27 -11.90 -55.58
C ALA W 589 -18.79 -12.84 -54.49
N PHE W 590 -17.89 -13.48 -53.72
CA PHE W 590 -18.27 -14.08 -52.42
C PHE W 590 -19.01 -13.06 -51.55
N TYR W 591 -18.41 -11.88 -51.43
CA TYR W 591 -18.87 -10.80 -50.58
C TYR W 591 -20.24 -10.30 -50.95
N LEU W 592 -20.47 -10.09 -52.23
CA LEU W 592 -21.77 -9.65 -52.71
C LEU W 592 -22.82 -10.76 -52.70
N SER W 593 -22.42 -12.02 -52.89
CA SER W 593 -23.37 -13.11 -52.81
C SER W 593 -23.78 -13.46 -51.38
N MET W 594 -22.98 -13.03 -50.41
CA MET W 594 -23.34 -13.19 -49.01
C MET W 594 -24.63 -12.45 -48.66
N PHE W 595 -24.78 -11.20 -49.15
CA PHE W 595 -26.01 -10.43 -49.00
C PHE W 595 -27.19 -11.13 -49.65
N TRP W 596 -26.97 -11.68 -50.84
CA TRP W 596 -28.01 -12.42 -51.55
C TRP W 596 -28.39 -13.72 -50.90
N MET W 597 -27.42 -14.40 -50.26
CA MET W 597 -27.75 -15.63 -49.54
C MET W 597 -28.55 -15.31 -48.29
N LEU W 598 -28.13 -14.26 -47.55
CA LEU W 598 -28.88 -13.81 -46.38
C LEU W 598 -30.29 -13.38 -46.75
N ASN W 599 -30.45 -12.67 -47.87
CA ASN W 599 -31.77 -12.27 -48.37
C ASN W 599 -32.60 -13.47 -48.80
N THR W 600 -31.97 -14.45 -49.48
CA THR W 600 -32.63 -15.68 -49.90
C THR W 600 -33.12 -16.48 -48.72
N LEU W 601 -32.25 -16.71 -47.74
CA LEU W 601 -32.61 -17.45 -46.55
C LEU W 601 -33.54 -16.68 -45.63
N GLY W 602 -33.52 -15.35 -45.70
CA GLY W 602 -34.55 -14.55 -45.07
C GLY W 602 -35.92 -14.81 -45.68
N TRP W 603 -36.00 -14.88 -47.01
CA TRP W 603 -37.27 -15.16 -47.67
C TRP W 603 -37.77 -16.58 -47.37
N ILE W 604 -36.84 -17.55 -47.34
CA ILE W 604 -37.13 -18.94 -46.99
C ILE W 604 -37.68 -19.07 -45.57
N THR W 605 -37.00 -18.46 -44.59
CA THR W 605 -37.44 -18.63 -43.21
C THR W 605 -38.62 -17.71 -42.85
N PHE W 606 -38.78 -16.56 -43.51
CA PHE W 606 -40.01 -15.77 -43.45
C PHE W 606 -41.23 -16.59 -43.89
N TYR W 607 -41.09 -17.29 -45.01
CA TYR W 607 -42.13 -18.21 -45.47
C TYR W 607 -42.43 -19.39 -44.55
N TRP W 608 -41.39 -20.08 -44.05
CA TRP W 608 -41.61 -21.18 -43.11
C TRP W 608 -42.29 -20.68 -41.85
N HIS W 609 -41.83 -19.54 -41.34
CA HIS W 609 -42.32 -19.00 -40.08
C HIS W 609 -43.77 -18.52 -40.20
N TRP W 610 -44.11 -17.79 -41.27
CA TRP W 610 -45.48 -17.27 -41.34
C TRP W 610 -46.47 -18.39 -41.66
N LYS W 611 -46.11 -19.37 -42.51
CA LYS W 611 -47.02 -20.46 -42.80
C LYS W 611 -47.24 -21.36 -41.58
N HIS W 612 -46.19 -21.58 -40.79
CA HIS W 612 -46.36 -22.33 -39.56
C HIS W 612 -47.05 -21.55 -38.45
N LEU W 613 -46.78 -20.24 -38.27
CA LEU W 613 -47.53 -19.46 -37.27
C LEU W 613 -48.99 -19.25 -37.66
N ALA W 614 -49.32 -19.28 -38.95
CA ALA W 614 -50.72 -19.26 -39.35
C ALA W 614 -51.39 -20.60 -39.07
N ILE W 615 -50.63 -21.69 -39.15
CA ILE W 615 -51.17 -22.99 -38.72
C ILE W 615 -51.36 -23.02 -37.21
N TRP W 616 -50.35 -22.57 -36.45
CA TRP W 616 -50.33 -22.71 -35.01
C TRP W 616 -51.29 -21.77 -34.30
N THR W 617 -51.65 -20.64 -34.91
CA THR W 617 -52.63 -19.73 -34.31
C THR W 617 -54.04 -19.97 -34.83
N ASP W 618 -54.25 -21.06 -35.57
CA ASP W 618 -55.51 -21.45 -36.22
C ASP W 618 -56.05 -20.35 -37.15
N ASN W 619 -55.15 -19.72 -37.89
CA ASN W 619 -55.46 -18.57 -38.74
C ASN W 619 -54.79 -18.73 -40.10
N VAL W 620 -55.01 -19.87 -40.75
CA VAL W 620 -54.43 -20.14 -42.08
C VAL W 620 -55.08 -19.29 -43.17
N ALA W 621 -56.28 -18.75 -42.92
CA ALA W 621 -56.91 -17.82 -43.85
C ALA W 621 -56.14 -16.50 -43.93
N SER W 622 -55.46 -16.12 -42.83
CA SER W 622 -54.61 -14.93 -42.84
C SER W 622 -53.42 -15.09 -43.79
N PHE W 623 -52.77 -16.26 -43.78
CA PHE W 623 -51.71 -16.55 -44.74
C PHE W 623 -52.26 -16.61 -46.16
N ASN W 624 -53.34 -17.37 -46.36
CA ASN W 624 -53.91 -17.60 -47.69
C ASN W 624 -54.52 -16.33 -48.31
N THR W 625 -54.85 -15.33 -47.50
CA THR W 625 -55.28 -14.04 -48.01
C THR W 625 -54.11 -13.09 -48.20
N ASN W 626 -53.18 -13.00 -47.24
CA ASN W 626 -52.27 -11.89 -47.19
C ASN W 626 -50.84 -12.23 -47.62
N SER W 627 -50.56 -13.47 -48.00
CA SER W 627 -49.20 -13.78 -48.44
C SER W 627 -48.98 -13.46 -49.90
N VAL W 628 -50.01 -13.02 -50.61
CA VAL W 628 -49.91 -12.79 -52.03
C VAL W 628 -49.47 -11.37 -52.33
N TYR W 629 -49.55 -10.48 -51.35
CA TYR W 629 -49.13 -9.09 -51.47
C TYR W 629 -48.30 -8.77 -50.24
N LEU W 630 -47.48 -7.73 -50.36
CA LEU W 630 -46.34 -7.60 -49.48
C LEU W 630 -46.61 -6.73 -48.26
N MET W 631 -47.71 -5.96 -48.29
CA MET W 631 -48.22 -5.34 -47.08
C MET W 631 -48.78 -6.39 -46.11
N GLY W 632 -49.23 -7.53 -46.63
CA GLY W 632 -49.60 -8.63 -45.75
C GLY W 632 -48.41 -9.22 -45.02
N TRP W 633 -47.25 -9.25 -45.68
CA TRP W 633 -46.02 -9.70 -45.02
C TRP W 633 -45.51 -8.66 -44.02
N LEU W 634 -45.57 -7.38 -44.40
CA LEU W 634 -45.16 -6.32 -43.48
C LEU W 634 -46.11 -6.17 -42.29
N ARG W 635 -47.41 -6.36 -42.51
CA ARG W 635 -48.42 -6.07 -41.52
C ARG W 635 -48.80 -7.31 -40.71
N ASP W 636 -49.22 -8.37 -41.40
CA ASP W 636 -49.77 -9.50 -40.69
C ASP W 636 -48.70 -10.48 -40.24
N TYR W 637 -47.51 -10.40 -40.85
CA TYR W 637 -46.41 -11.21 -40.34
C TYR W 637 -45.44 -10.38 -39.51
N LEU W 638 -44.91 -9.30 -40.08
CA LEU W 638 -43.80 -8.60 -39.44
C LEU W 638 -44.30 -7.67 -38.33
N TRP W 639 -45.36 -6.89 -38.61
CA TRP W 639 -45.91 -6.01 -37.58
C TRP W 639 -46.70 -6.77 -36.53
N ALA W 640 -47.50 -7.76 -36.95
CA ALA W 640 -48.44 -8.41 -36.05
C ALA W 640 -47.74 -9.36 -35.08
N TYR W 641 -46.80 -10.16 -35.57
CA TYR W 641 -46.14 -11.10 -34.67
C TYR W 641 -44.99 -10.50 -33.92
N SER W 642 -44.65 -9.23 -34.16
CA SER W 642 -43.66 -8.57 -33.35
C SER W 642 -44.13 -8.25 -31.93
N SER W 643 -45.43 -8.36 -31.65
CA SER W 643 -46.03 -7.88 -30.40
C SER W 643 -45.48 -8.50 -29.10
N PRO W 644 -45.29 -9.82 -28.93
CA PRO W 644 -44.66 -10.26 -27.68
C PRO W 644 -43.16 -10.07 -27.63
N LEU W 645 -42.49 -9.86 -28.78
CA LEU W 645 -41.08 -9.49 -28.81
C LEU W 645 -40.83 -8.11 -28.22
N ILE W 646 -41.40 -7.05 -28.80
CA ILE W 646 -41.09 -5.69 -28.38
C ILE W 646 -41.77 -5.28 -27.07
N ASN W 647 -42.72 -6.07 -26.58
CA ASN W 647 -43.23 -5.97 -25.21
C ASN W 647 -42.53 -6.91 -24.25
N GLY W 648 -41.32 -7.38 -24.58
CA GLY W 648 -40.52 -8.13 -23.64
C GLY W 648 -40.09 -7.31 -22.45
N TYR W 649 -39.77 -6.04 -22.66
CA TYR W 649 -39.56 -5.10 -21.57
C TYR W 649 -40.14 -3.75 -21.96
N GLY W 650 -40.53 -2.98 -20.95
CA GLY W 650 -41.12 -1.68 -21.16
C GLY W 650 -41.38 -0.96 -19.85
N PRO W 651 -41.91 0.27 -19.91
CA PRO W 651 -42.09 1.03 -18.66
C PRO W 651 -43.31 0.65 -17.85
N SER W 652 -44.32 0.01 -18.43
CA SER W 652 -45.63 -0.06 -17.79
C SER W 652 -46.11 -1.47 -17.47
N ALA W 653 -45.30 -2.51 -17.69
CA ALA W 653 -45.86 -3.86 -17.62
C ALA W 653 -44.98 -4.89 -16.92
N ALA W 654 -43.77 -4.54 -16.47
CA ALA W 654 -42.66 -5.39 -15.99
C ALA W 654 -42.14 -6.39 -17.02
N VAL W 655 -40.99 -6.94 -16.76
CA VAL W 655 -40.33 -7.75 -17.78
C VAL W 655 -40.85 -9.19 -17.70
N ASN W 656 -40.79 -9.87 -18.83
CA ASN W 656 -41.00 -11.30 -18.89
C ASN W 656 -39.71 -11.96 -19.38
N ASN W 657 -39.78 -13.25 -19.70
CA ASN W 657 -38.61 -13.98 -20.15
C ASN W 657 -38.24 -13.68 -21.61
N LEU W 658 -39.03 -12.89 -22.32
CA LEU W 658 -38.74 -12.53 -23.69
C LEU W 658 -37.94 -11.24 -23.81
N SER W 659 -37.52 -10.66 -22.68
CA SER W 659 -36.83 -9.37 -22.72
C SER W 659 -35.40 -9.50 -23.23
N VAL W 660 -34.81 -10.71 -23.12
CA VAL W 660 -33.48 -10.93 -23.69
C VAL W 660 -33.55 -10.96 -25.20
N TRP W 661 -34.65 -11.47 -25.76
CA TRP W 661 -34.81 -11.46 -27.20
C TRP W 661 -35.18 -10.08 -27.70
N SER W 662 -35.83 -9.26 -26.87
CA SER W 662 -36.07 -7.85 -27.19
C SER W 662 -34.77 -7.08 -27.29
N TRP W 663 -33.87 -7.30 -26.32
CA TRP W 663 -32.57 -6.66 -26.33
C TRP W 663 -31.69 -7.19 -27.46
N MET W 664 -31.77 -8.49 -27.76
CA MET W 664 -31.03 -9.08 -28.87
C MET W 664 -31.56 -8.58 -30.22
N PHE W 665 -32.88 -8.32 -30.30
CA PHE W 665 -33.50 -7.74 -31.49
C PHE W 665 -32.96 -6.35 -31.77
N LEU W 666 -32.92 -5.49 -30.75
CA LEU W 666 -32.34 -4.17 -30.91
C LEU W 666 -30.82 -4.22 -31.11
N PHE W 667 -30.16 -5.21 -30.49
CA PHE W 667 -28.73 -5.46 -30.65
C PHE W 667 -28.40 -5.80 -32.09
N GLY W 668 -29.18 -6.70 -32.69
CA GLY W 668 -28.97 -7.06 -34.06
C GLY W 668 -29.27 -5.95 -35.04
N HIS W 669 -30.28 -5.12 -34.75
CA HIS W 669 -30.51 -3.91 -35.55
C HIS W 669 -29.30 -2.97 -35.51
N LEU W 670 -28.70 -2.82 -34.33
CA LEU W 670 -27.52 -1.97 -34.16
C LEU W 670 -26.28 -2.54 -34.85
N VAL W 671 -26.05 -3.86 -34.74
CA VAL W 671 -24.88 -4.49 -35.35
C VAL W 671 -25.00 -4.47 -36.88
N TRP W 672 -26.21 -4.74 -37.38
CA TRP W 672 -26.52 -4.72 -38.81
C TRP W 672 -26.31 -3.34 -39.40
N ALA W 673 -26.75 -2.30 -38.70
CA ALA W 673 -26.55 -0.94 -39.19
C ALA W 673 -25.13 -0.44 -38.98
N THR W 674 -24.41 -0.97 -38.00
CA THR W 674 -22.99 -0.65 -37.84
C THR W 674 -22.18 -1.20 -38.99
N GLY W 675 -22.63 -2.32 -39.56
CA GLY W 675 -22.09 -2.82 -40.82
C GLY W 675 -22.14 -1.85 -41.97
N PHE W 676 -23.25 -1.12 -42.08
CA PHE W 676 -23.50 -0.16 -43.15
C PHE W 676 -22.47 0.98 -43.16
N MET W 677 -21.89 1.30 -42.01
CA MET W 677 -20.77 2.25 -41.95
C MET W 677 -19.56 1.76 -42.72
N PHE W 678 -19.18 0.51 -42.52
CA PHE W 678 -18.03 -0.03 -43.24
C PHE W 678 -18.38 -0.29 -44.70
N LEU W 679 -19.63 -0.65 -44.95
CA LEU W 679 -20.11 -0.94 -46.29
C LEU W 679 -20.23 0.31 -47.17
N ILE W 680 -20.66 1.45 -46.61
CA ILE W 680 -20.92 2.64 -47.41
C ILE W 680 -19.71 3.57 -47.37
N SER W 681 -19.31 3.98 -46.17
CA SER W 681 -18.13 4.80 -46.03
C SER W 681 -16.90 3.93 -46.23
N TRP W 682 -15.97 4.41 -47.05
CA TRP W 682 -14.81 3.66 -47.44
C TRP W 682 -13.56 4.44 -47.01
N ARG W 683 -12.40 3.99 -47.49
CA ARG W 683 -11.18 3.96 -46.67
C ARG W 683 -10.54 5.34 -46.43
N GLY W 684 -10.40 6.15 -47.48
CA GLY W 684 -9.52 7.32 -47.43
C GLY W 684 -10.00 8.43 -46.52
N TYR W 685 -11.33 8.52 -46.31
CA TYR W 685 -11.92 9.31 -45.23
C TYR W 685 -11.31 8.91 -43.89
N TRP W 686 -11.33 7.62 -43.61
CA TRP W 686 -10.91 7.13 -42.30
C TRP W 686 -9.41 7.22 -42.14
N GLN W 687 -8.67 7.12 -43.24
CA GLN W 687 -7.22 7.29 -43.18
C GLN W 687 -6.86 8.74 -42.87
N GLU W 688 -7.53 9.71 -43.52
CA GLU W 688 -7.29 11.13 -43.24
C GLU W 688 -7.72 11.52 -41.83
N LEU W 689 -8.82 10.92 -41.37
CA LEU W 689 -9.30 11.11 -40.00
C LEU W 689 -8.31 10.59 -38.97
N ILE W 690 -7.73 9.41 -39.24
CA ILE W 690 -6.72 8.85 -38.35
C ILE W 690 -5.42 9.66 -38.37
N GLU W 691 -5.08 10.31 -39.49
CA GLU W 691 -3.95 11.25 -39.50
C GLU W 691 -4.18 12.46 -38.60
N THR W 692 -5.39 13.02 -38.59
CA THR W 692 -5.71 14.06 -37.60
C THR W 692 -5.67 13.54 -36.17
N LEU W 693 -6.10 12.29 -35.94
CA LEU W 693 -6.01 11.68 -34.61
C LEU W 693 -4.57 11.44 -34.17
N VAL W 694 -3.70 11.05 -35.10
CA VAL W 694 -2.26 10.88 -34.86
C VAL W 694 -1.61 12.21 -34.47
N TRP W 695 -1.98 13.30 -35.18
CA TRP W 695 -1.50 14.62 -34.80
C TRP W 695 -1.98 15.03 -33.41
N ALA W 696 -3.26 14.76 -33.12
CA ALA W 696 -3.83 15.09 -31.82
C ALA W 696 -3.18 14.31 -30.69
N HIS W 697 -2.76 13.08 -30.95
CA HIS W 697 -2.09 12.36 -29.88
C HIS W 697 -0.65 12.83 -29.70
N GLU W 698 0.06 13.13 -30.78
CA GLU W 698 1.46 13.52 -30.59
C GLU W 698 1.65 14.94 -30.07
N ARG W 699 0.59 15.75 -30.03
CA ARG W 699 0.69 17.11 -29.50
C ARG W 699 -0.08 17.28 -28.20
N THR W 700 -0.67 16.22 -27.67
CA THR W 700 -1.32 16.31 -26.37
C THR W 700 -0.30 16.00 -25.29
N PRO W 701 0.02 16.94 -24.40
CA PRO W 701 0.89 16.63 -23.26
C PRO W 701 0.17 15.73 -22.27
N LEU W 702 0.98 14.98 -21.52
CA LEU W 702 0.73 13.83 -20.64
C LEU W 702 0.32 12.57 -21.40
N ALA W 703 0.24 12.64 -22.73
CA ALA W 703 -0.27 11.56 -23.56
C ALA W 703 0.58 11.25 -24.78
N ASN W 704 1.38 12.21 -25.28
CA ASN W 704 2.36 11.91 -26.31
C ASN W 704 3.54 11.11 -25.78
N LEU W 705 3.68 11.04 -24.45
CA LEU W 705 4.61 10.17 -23.74
C LEU W 705 4.19 8.71 -23.76
N VAL W 706 2.96 8.43 -24.21
CA VAL W 706 2.48 7.08 -24.47
C VAL W 706 2.40 6.90 -25.97
N ARG W 707 3.15 5.94 -26.50
CA ARG W 707 3.30 5.77 -27.93
C ARG W 707 2.77 4.42 -28.38
N TRP W 708 2.21 4.41 -29.57
CA TRP W 708 1.85 3.15 -30.21
C TRP W 708 3.10 2.43 -30.70
N LYS W 709 3.01 1.11 -30.75
CA LYS W 709 4.06 0.32 -31.38
C LYS W 709 3.76 0.06 -32.83
N ASP W 710 2.49 -0.11 -33.15
CA ASP W 710 2.03 -0.28 -34.50
C ASP W 710 1.30 1.00 -34.89
N LYS W 711 1.63 1.52 -36.06
CA LYS W 711 1.12 2.82 -36.48
C LYS W 711 -0.37 2.73 -36.77
N PRO W 712 -1.19 3.62 -36.21
CA PRO W 712 -2.62 3.66 -36.52
C PRO W 712 -2.82 4.02 -37.98
N VAL W 713 -3.40 3.10 -38.73
CA VAL W 713 -3.87 3.35 -40.08
C VAL W 713 -5.34 2.98 -40.15
N ALA W 714 -5.98 3.39 -41.22
CA ALA W 714 -7.31 2.89 -41.50
C ALA W 714 -7.23 1.43 -41.88
N MET W 715 -8.35 0.74 -41.71
CA MET W 715 -8.45 -0.65 -42.12
C MET W 715 -8.36 -0.75 -43.63
N SER W 716 -7.98 -1.93 -44.15
CA SER W 716 -7.79 -1.99 -45.59
C SER W 716 -9.14 -2.09 -46.30
N ILE W 717 -9.06 -2.07 -47.64
CA ILE W 717 -10.26 -1.98 -48.48
C ILE W 717 -11.09 -3.25 -48.33
N VAL W 718 -10.43 -4.40 -48.51
CA VAL W 718 -10.99 -5.74 -48.33
C VAL W 718 -11.39 -5.95 -46.87
N GLN W 719 -10.62 -5.42 -45.92
CA GLN W 719 -10.97 -5.53 -44.50
C GLN W 719 -12.20 -4.69 -44.18
N GLY W 720 -12.34 -3.52 -44.81
CA GLY W 720 -13.55 -2.71 -44.64
C GLY W 720 -14.81 -3.40 -45.15
N ARG W 721 -14.71 -4.06 -46.31
CA ARG W 721 -15.81 -4.91 -46.83
C ARG W 721 -16.11 -6.09 -45.91
N LEU W 722 -15.07 -6.74 -45.39
CA LEU W 722 -15.26 -7.93 -44.57
C LEU W 722 -15.85 -7.61 -43.20
N ILE W 723 -15.40 -6.54 -42.56
CA ILE W 723 -15.95 -6.12 -41.26
C ILE W 723 -17.38 -5.61 -41.41
N GLY W 724 -17.69 -4.92 -42.53
CA GLY W 724 -19.08 -4.60 -42.82
C GLY W 724 -19.96 -5.79 -43.08
N LEU W 725 -19.44 -6.79 -43.80
CA LEU W 725 -20.16 -8.04 -44.03
C LEU W 725 -20.39 -8.82 -42.74
N ALA W 726 -19.37 -8.89 -41.89
CA ALA W 726 -19.45 -9.60 -40.63
C ALA W 726 -20.47 -8.97 -39.70
N HIS W 727 -20.52 -7.64 -39.65
CA HIS W 727 -21.53 -6.98 -38.83
C HIS W 727 -22.93 -7.11 -39.41
N PHE W 728 -23.08 -6.98 -40.75
CA PHE W 728 -24.36 -7.19 -41.44
C PHE W 728 -24.90 -8.59 -41.17
N THR W 729 -24.01 -9.58 -41.24
CA THR W 729 -24.37 -10.98 -41.07
C THR W 729 -24.74 -11.31 -39.63
N VAL W 730 -23.91 -10.87 -38.66
CA VAL W 730 -24.18 -11.05 -37.22
C VAL W 730 -25.48 -10.38 -36.82
N GLY W 731 -25.72 -9.15 -37.31
CA GLY W 731 -26.95 -8.46 -36.99
C GLY W 731 -28.18 -9.09 -37.61
N TYR W 732 -28.05 -9.55 -38.86
CA TYR W 732 -29.10 -10.30 -39.58
C TYR W 732 -29.55 -11.54 -38.82
N ILE W 733 -28.58 -12.37 -38.43
CA ILE W 733 -28.86 -13.64 -37.77
C ILE W 733 -29.41 -13.42 -36.37
N LEU W 734 -28.85 -12.48 -35.59
CA LEU W 734 -29.37 -12.29 -34.23
C LEU W 734 -30.73 -11.61 -34.21
N THR W 735 -31.00 -10.71 -35.17
CA THR W 735 -32.31 -10.08 -35.31
C THR W 735 -33.37 -11.11 -35.65
N TYR W 736 -33.09 -11.97 -36.63
CA TYR W 736 -34.09 -12.95 -37.00
C TYR W 736 -34.22 -14.06 -35.96
N ALA W 737 -33.14 -14.44 -35.27
CA ALA W 737 -33.23 -15.47 -34.24
C ALA W 737 -34.03 -15.00 -33.04
N ALA W 738 -33.85 -13.72 -32.67
CA ALA W 738 -34.64 -13.09 -31.63
C ALA W 738 -36.12 -13.02 -31.99
N PHE W 739 -36.42 -12.66 -33.25
CA PHE W 739 -37.80 -12.67 -33.74
C PHE W 739 -38.40 -14.07 -33.75
N VAL W 740 -37.67 -15.07 -34.28
CA VAL W 740 -38.31 -16.33 -34.61
C VAL W 740 -38.47 -17.15 -33.34
N ILE W 741 -37.70 -16.82 -32.30
CA ILE W 741 -37.92 -17.47 -31.03
C ILE W 741 -38.96 -16.73 -30.19
N ALA W 742 -38.89 -15.40 -30.03
CA ALA W 742 -39.80 -14.73 -29.11
C ALA W 742 -41.22 -14.54 -29.65
N SER W 743 -41.41 -14.44 -30.97
CA SER W 743 -42.75 -14.35 -31.51
C SER W 743 -43.50 -15.67 -31.41
N THR W 744 -42.77 -16.78 -31.54
CA THR W 744 -43.39 -18.10 -31.44
C THR W 744 -43.54 -18.52 -29.98
N ALA W 745 -42.61 -18.15 -29.12
CA ALA W 745 -42.77 -18.42 -27.69
C ALA W 745 -43.77 -17.49 -27.03
N GLY W 746 -44.08 -16.35 -27.65
CA GLY W 746 -45.06 -15.44 -27.11
C GLY W 746 -46.42 -15.54 -27.74
N LEU W 747 -46.73 -16.69 -28.35
CA LEU W 747 -48.07 -16.91 -28.90
C LEU W 747 -49.09 -17.10 -27.79
N SER W 748 -48.82 -18.05 -26.89
CA SER W 748 -49.68 -18.48 -25.76
C SER W 748 -51.11 -18.85 -26.17
N SER X 2 7.48 -3.88 -49.93
CA SER X 2 7.44 -2.98 -51.07
C SER X 2 6.59 -3.56 -52.20
N HIS X 3 6.14 -2.70 -53.11
CA HIS X 3 5.30 -3.11 -54.21
C HIS X 3 6.17 -3.47 -55.41
N ALA X 4 5.65 -4.37 -56.26
CA ALA X 4 6.45 -4.94 -57.33
C ALA X 4 6.01 -4.38 -58.68
N VAL X 5 6.89 -3.61 -59.33
CA VAL X 5 6.57 -2.95 -60.58
C VAL X 5 7.31 -3.67 -61.70
N LYS X 6 6.58 -4.11 -62.72
CA LYS X 6 7.17 -4.79 -63.86
C LYS X 6 6.79 -4.09 -65.17
N ILE X 7 7.74 -4.07 -66.10
CA ILE X 7 7.58 -3.54 -67.44
C ILE X 7 7.73 -4.70 -68.41
N TYR X 8 6.75 -4.87 -69.29
CA TYR X 8 6.81 -5.91 -70.31
C TYR X 8 7.31 -5.32 -71.63
N ASP X 9 7.27 -6.15 -72.68
CA ASP X 9 7.83 -5.79 -73.97
C ASP X 9 6.84 -5.08 -74.90
N THR X 10 5.63 -4.78 -74.40
CA THR X 10 4.61 -4.11 -75.19
C THR X 10 4.70 -2.59 -75.12
N CYS X 11 5.80 -2.03 -74.62
CA CYS X 11 5.87 -0.61 -74.35
C CYS X 11 6.21 0.17 -75.62
N ILE X 12 5.66 1.38 -75.73
CA ILE X 12 5.82 2.23 -76.90
C ILE X 12 6.65 3.47 -76.62
N GLY X 13 7.03 3.71 -75.37
CA GLY X 13 7.84 4.86 -75.00
C GLY X 13 7.15 6.20 -75.17
N CYS X 14 5.90 6.29 -74.73
CA CYS X 14 5.07 7.47 -74.90
C CYS X 14 5.40 8.59 -73.90
N THR X 15 6.15 8.26 -72.83
CA THR X 15 6.47 9.13 -71.68
C THR X 15 5.17 9.69 -71.06
N GLN X 16 4.38 8.80 -70.47
CA GLN X 16 3.20 9.22 -69.74
C GLN X 16 3.08 8.57 -68.38
N CYS X 17 3.92 7.56 -68.09
CA CYS X 17 3.90 6.93 -66.79
C CYS X 17 4.87 7.59 -65.81
N VAL X 18 5.98 8.13 -66.30
CA VAL X 18 6.91 8.88 -65.46
C VAL X 18 6.30 10.22 -65.03
N ARG X 19 5.61 10.89 -65.96
CA ARG X 19 5.00 12.19 -65.68
C ARG X 19 3.83 12.06 -64.72
N ALA X 20 3.03 11.01 -64.87
CA ALA X 20 1.87 10.81 -64.01
C ALA X 20 2.23 10.13 -62.70
N CYS X 21 3.46 9.69 -62.52
CA CYS X 21 3.85 9.06 -61.28
C CYS X 21 4.04 10.14 -60.22
N PRO X 22 3.32 10.10 -59.10
CA PRO X 22 3.59 11.03 -58.01
C PRO X 22 4.84 10.76 -57.18
N LEU X 23 5.69 9.78 -57.51
CA LEU X 23 6.86 9.53 -56.68
C LEU X 23 8.22 9.46 -57.33
N ASP X 24 8.31 9.52 -58.67
CA ASP X 24 9.52 9.24 -59.45
C ASP X 24 10.06 7.85 -59.03
N VAL X 25 9.25 6.85 -59.36
CA VAL X 25 9.67 5.46 -59.25
C VAL X 25 10.38 5.02 -60.53
N LEU X 26 9.88 5.52 -61.64
CA LEU X 26 10.26 5.07 -62.97
C LEU X 26 11.31 5.98 -63.59
N GLU X 27 12.02 5.43 -64.56
CA GLU X 27 12.88 6.22 -65.43
C GLU X 27 12.98 5.52 -66.78
N MET X 28 13.28 6.30 -67.81
CA MET X 28 13.45 5.77 -69.16
C MET X 28 14.90 5.39 -69.42
N VAL X 29 15.13 4.14 -69.80
CA VAL X 29 16.45 3.69 -70.21
C VAL X 29 16.39 3.46 -71.73
N PRO X 30 17.52 3.54 -72.44
CA PRO X 30 17.52 3.20 -73.88
C PRO X 30 17.14 1.76 -74.18
N TRP X 31 16.34 1.59 -75.23
CA TRP X 31 15.84 0.29 -75.66
C TRP X 31 15.86 0.25 -77.18
N ASP X 32 15.63 -0.95 -77.73
CA ASP X 32 15.51 -1.15 -79.16
C ASP X 32 14.15 -1.64 -79.64
N GLY X 33 13.27 -2.07 -78.73
CA GLY X 33 12.03 -2.73 -79.10
C GLY X 33 10.91 -1.86 -79.59
N ASN X 34 11.08 -0.54 -79.59
CA ASN X 34 10.08 0.40 -80.05
C ASN X 34 10.70 1.41 -81.02
N ARG X 35 9.90 2.41 -81.40
CA ARG X 35 10.40 3.50 -82.22
C ARG X 35 10.88 4.68 -81.39
N ALA X 36 10.45 4.77 -80.13
CA ALA X 36 10.92 5.83 -79.25
C ALA X 36 12.33 5.59 -78.74
N GLY X 37 12.83 4.37 -78.82
CA GLY X 37 14.16 4.05 -78.36
C GLY X 37 14.33 4.02 -76.86
N SER X 38 13.24 3.88 -76.10
CA SER X 38 13.31 3.92 -74.64
C SER X 38 12.25 3.01 -74.06
N ILE X 39 12.57 2.43 -72.90
CA ILE X 39 11.62 1.62 -72.15
C ILE X 39 11.63 2.12 -70.71
N ALA X 40 10.46 2.10 -70.08
CA ALA X 40 10.35 2.42 -68.66
C ALA X 40 11.02 1.33 -67.82
N SER X 41 11.49 1.73 -66.63
CA SER X 41 12.05 0.80 -65.67
C SER X 41 11.81 1.34 -64.28
N SER X 42 11.72 0.43 -63.30
CA SER X 42 11.55 0.80 -61.90
C SER X 42 12.67 0.20 -61.05
N PRO X 43 13.81 0.89 -60.92
CA PRO X 43 14.75 0.53 -59.85
C PRO X 43 14.49 1.24 -58.53
N ARG X 44 13.32 1.84 -58.35
CA ARG X 44 13.01 2.63 -57.15
C ARG X 44 11.71 2.13 -56.54
N THR X 45 11.55 0.80 -56.49
CA THR X 45 10.30 0.19 -56.03
C THR X 45 10.12 0.26 -54.53
N GLU X 46 11.18 0.59 -53.78
CA GLU X 46 11.04 0.81 -52.35
C GLU X 46 10.31 2.11 -52.03
N ASP X 47 10.22 3.01 -52.99
CA ASP X 47 9.57 4.31 -52.80
C ASP X 47 8.18 4.36 -53.39
N CYS X 48 7.67 3.26 -53.95
CA CYS X 48 6.35 3.23 -54.58
C CYS X 48 5.25 3.09 -53.54
N VAL X 49 4.20 3.91 -53.68
CA VAL X 49 3.02 3.79 -52.82
C VAL X 49 1.96 2.80 -53.33
N GLY X 50 1.98 2.40 -54.61
CA GLY X 50 0.91 1.59 -55.16
C GLY X 50 -0.29 2.35 -55.70
N CYS X 51 -0.14 3.66 -55.98
CA CYS X 51 -1.28 4.52 -56.31
C CYS X 51 -1.90 4.29 -57.68
N LYS X 52 -1.20 3.57 -58.59
CA LYS X 52 -1.70 3.14 -59.91
C LYS X 52 -2.08 4.30 -60.83
N ARG X 53 -1.44 5.46 -60.67
CA ARG X 53 -1.59 6.53 -61.65
C ARG X 53 -0.78 6.26 -62.91
N CYS X 54 0.30 5.47 -62.79
CA CYS X 54 1.04 5.02 -63.96
C CYS X 54 0.20 4.10 -64.83
N GLU X 55 -0.60 3.24 -64.19
CA GLU X 55 -1.44 2.32 -64.93
C GLU X 55 -2.65 3.00 -65.55
N THR X 56 -3.10 4.12 -64.98
CA THR X 56 -4.19 4.91 -65.55
C THR X 56 -3.77 5.55 -66.87
N ALA X 57 -2.56 6.08 -66.94
CA ALA X 57 -2.09 6.83 -68.09
C ALA X 57 -1.29 6.01 -69.09
N CYS X 58 -1.49 4.70 -69.18
CA CYS X 58 -0.69 3.92 -70.12
C CYS X 58 -1.57 3.52 -71.31
N PRO X 59 -1.27 3.97 -72.53
CA PRO X 59 -2.29 3.95 -73.61
C PRO X 59 -2.46 2.64 -74.37
N THR X 60 -1.96 1.50 -73.87
CA THR X 60 -2.05 0.29 -74.69
C THR X 60 -3.39 -0.41 -74.52
N ASP X 61 -3.49 -1.63 -75.05
CA ASP X 61 -4.67 -2.46 -74.86
C ASP X 61 -4.77 -2.94 -73.43
N PHE X 62 -3.83 -3.77 -73.02
CA PHE X 62 -3.56 -4.05 -71.63
C PHE X 62 -2.16 -3.53 -71.31
N LEU X 63 -1.96 -3.22 -70.04
CA LEU X 63 -0.93 -2.26 -69.64
C LEU X 63 0.44 -2.90 -69.65
N SER X 64 1.40 -2.18 -70.22
CA SER X 64 2.79 -2.59 -70.21
C SER X 64 3.40 -2.52 -68.81
N ILE X 65 2.95 -1.58 -67.98
CA ILE X 65 3.34 -1.48 -66.58
C ILE X 65 2.30 -2.18 -65.71
N ARG X 66 2.77 -3.07 -64.85
CA ARG X 66 1.93 -3.68 -63.82
C ARG X 66 2.59 -3.50 -62.46
N VAL X 67 1.87 -2.87 -61.53
CA VAL X 67 2.29 -2.83 -60.13
C VAL X 67 1.46 -3.83 -59.34
N TYR X 68 2.14 -4.66 -58.57
CA TYR X 68 1.55 -5.71 -57.74
C TYR X 68 1.65 -5.27 -56.30
N LEU X 69 0.53 -5.31 -55.60
CA LEU X 69 0.47 -4.95 -54.18
C LEU X 69 1.14 -6.04 -53.37
N GLY X 70 2.18 -5.69 -52.63
CA GLY X 70 2.96 -6.64 -51.86
C GLY X 70 3.01 -6.25 -50.40
N ALA X 71 4.21 -6.36 -49.83
CA ALA X 71 4.44 -6.02 -48.44
C ALA X 71 4.35 -4.52 -48.23
N GLU X 72 3.83 -4.12 -47.07
CA GLU X 72 3.56 -2.72 -46.78
C GLU X 72 4.57 -2.21 -45.77
N THR X 73 5.11 -1.04 -46.07
CA THR X 73 6.07 -0.38 -45.22
C THR X 73 5.47 0.95 -44.76
N THR X 74 6.25 1.74 -44.02
CA THR X 74 5.93 3.14 -43.80
C THR X 74 5.82 3.90 -45.11
N ARG X 75 6.75 3.68 -46.03
CA ARG X 75 6.81 4.46 -47.26
C ARG X 75 5.68 4.09 -48.22
N SER X 76 5.31 2.82 -48.25
CA SER X 76 4.33 2.30 -49.18
C SER X 76 2.91 2.38 -48.64
N MET X 77 2.72 2.53 -47.31
CA MET X 77 1.41 2.89 -46.78
C MET X 77 1.15 4.39 -46.82
N GLY X 78 2.13 5.17 -47.25
CA GLY X 78 2.01 6.60 -47.42
C GLY X 78 1.85 7.41 -46.15
N LEU X 79 2.63 7.12 -45.13
CA LEU X 79 2.43 7.72 -43.83
C LEU X 79 3.40 8.87 -43.60
N ALA X 80 2.87 9.99 -43.11
CA ALA X 80 3.67 11.12 -42.65
C ALA X 80 4.01 11.02 -41.18
N TYR X 81 3.80 9.86 -40.57
CA TYR X 81 4.05 9.64 -39.16
C TYR X 81 4.69 8.27 -39.01
N GLN Y 3 18.06 23.94 -35.38
CA GLN Y 3 18.49 22.99 -34.36
C GLN Y 3 18.37 21.55 -34.87
N ALA Y 4 17.20 20.95 -34.67
CA ALA Y 4 16.99 19.57 -35.11
C ALA Y 4 16.63 19.51 -36.59
N ASN Y 5 16.27 20.65 -37.17
CA ASN Y 5 15.87 20.72 -38.58
C ASN Y 5 16.68 21.79 -39.31
N SER Y 6 18.00 21.72 -39.13
CA SER Y 6 18.92 22.70 -39.69
C SER Y 6 19.05 22.52 -41.20
N LEU Y 7 19.12 23.65 -41.92
CA LEU Y 7 19.26 23.68 -43.36
C LEU Y 7 20.72 23.47 -43.77
N PRO Y 8 20.97 23.01 -45.00
CA PRO Y 8 22.34 23.00 -45.52
C PRO Y 8 22.83 24.42 -45.74
N PRO Y 9 24.15 24.65 -45.69
CA PRO Y 9 24.67 26.01 -45.91
C PRO Y 9 24.57 26.43 -47.37
N GLY Y 10 23.98 27.60 -47.59
CA GLY Y 10 23.66 28.11 -48.92
C GLY Y 10 22.18 28.26 -49.16
N ALA Y 11 21.36 27.56 -48.38
CA ALA Y 11 19.91 27.60 -48.52
C ALA Y 11 19.31 28.43 -47.39
N SER Y 12 18.40 29.32 -47.74
CA SER Y 12 17.69 30.17 -46.78
C SER Y 12 16.25 29.72 -46.65
N SER Y 13 15.70 29.89 -45.44
CA SER Y 13 14.35 29.43 -45.16
C SER Y 13 13.31 30.36 -45.81
N PRO Y 14 12.27 29.81 -46.43
CA PRO Y 14 11.15 30.65 -46.84
C PRO Y 14 10.33 31.09 -45.64
N ILE Y 15 9.65 32.22 -45.79
CA ILE Y 15 8.83 32.75 -44.70
C ILE Y 15 7.52 31.97 -44.67
N PHE Y 16 7.35 31.17 -43.62
CA PHE Y 16 6.11 30.46 -43.36
C PHE Y 16 5.81 30.61 -41.87
N GLY Y 17 4.53 30.80 -41.55
CA GLY Y 17 4.15 31.03 -40.16
C GLY Y 17 3.93 29.80 -39.33
N GLY Y 18 4.18 28.62 -39.90
CA GLY Y 18 4.00 27.37 -39.16
C GLY Y 18 2.59 26.84 -39.23
N SER Y 19 2.45 25.56 -39.57
CA SER Y 19 1.16 24.91 -39.64
C SER Y 19 1.17 23.69 -38.73
N THR Y 20 0.02 23.02 -38.63
CA THR Y 20 -0.06 21.76 -37.89
C THR Y 20 0.07 20.55 -38.80
N GLY Y 21 0.12 20.75 -40.11
CA GLY Y 21 0.24 19.66 -41.04
C GLY Y 21 1.65 19.21 -41.34
N GLY Y 22 2.66 19.81 -40.71
CA GLY Y 22 4.05 19.54 -41.04
C GLY Y 22 4.62 18.27 -40.44
N LEU Y 23 5.83 18.38 -39.87
CA LEU Y 23 6.56 17.20 -39.41
C LEU Y 23 5.94 16.61 -38.15
N LEU Y 24 6.12 15.31 -37.99
CA LEU Y 24 5.64 14.59 -36.82
C LEU Y 24 6.85 13.85 -36.25
N ARG Y 25 6.64 12.87 -35.38
CA ARG Y 25 7.74 12.25 -34.64
C ARG Y 25 8.63 11.38 -35.55
N LYS Y 26 8.09 10.93 -36.71
CA LYS Y 26 8.85 10.14 -37.69
C LYS Y 26 10.07 10.88 -38.22
N ALA Y 27 9.94 12.19 -38.42
CA ALA Y 27 11.03 13.08 -38.80
C ALA Y 27 12.15 13.16 -37.75
N LEU Y 28 11.84 12.83 -36.49
CA LEU Y 28 12.90 12.71 -35.50
C LEU Y 28 13.50 11.31 -35.48
N VAL Y 29 12.71 10.26 -35.75
CA VAL Y 29 13.14 8.91 -35.41
C VAL Y 29 13.34 8.00 -36.61
N GLU Y 30 12.69 8.23 -37.75
CA GLU Y 30 12.85 7.28 -38.84
C GLU Y 30 13.51 7.94 -40.05
N GLU Y 31 12.90 8.98 -40.60
CA GLU Y 31 13.38 9.70 -41.78
C GLU Y 31 12.58 10.98 -41.94
N LYS Y 32 13.18 11.94 -42.63
CA LYS Y 32 12.46 13.11 -43.13
C LYS Y 32 13.02 13.44 -44.51
N TYR Y 33 12.48 14.49 -45.13
CA TYR Y 33 12.85 14.79 -46.51
C TYR Y 33 13.07 16.27 -46.65
N LEU Y 34 13.84 16.64 -47.66
CA LEU Y 34 14.20 18.02 -47.85
C LEU Y 34 14.15 18.34 -49.34
N ILE Y 35 13.37 19.33 -49.71
CA ILE Y 35 13.36 19.85 -51.07
C ILE Y 35 14.09 21.19 -51.11
N THR Y 36 15.01 21.31 -52.07
CA THR Y 36 15.83 22.51 -52.23
C THR Y 36 15.74 23.00 -53.66
N TRP Y 37 15.29 24.24 -53.83
CA TRP Y 37 15.06 24.81 -55.15
C TRP Y 37 15.66 26.20 -55.24
N GLY Y 38 15.68 26.72 -56.48
CA GLY Y 38 16.17 28.05 -56.74
C GLY Y 38 15.13 28.93 -57.40
N SER Y 39 14.83 30.06 -56.77
CA SER Y 39 13.83 31.00 -57.24
C SER Y 39 14.49 32.31 -57.65
N LYS Y 40 13.96 32.94 -58.69
CA LYS Y 40 14.51 34.21 -59.16
C LYS Y 40 13.89 35.42 -58.47
N GLU Y 41 12.71 35.30 -57.87
CA GLU Y 41 12.12 36.40 -57.10
C GLU Y 41 11.51 35.86 -55.82
N GLU Y 42 10.85 36.77 -55.09
CA GLU Y 42 10.05 36.43 -53.91
C GLU Y 42 8.60 36.31 -54.36
N GLN Y 43 7.98 35.16 -54.10
CA GLN Y 43 6.62 34.90 -54.57
C GLN Y 43 5.94 33.85 -53.68
N VAL Y 44 4.63 33.70 -53.89
CA VAL Y 44 3.75 33.06 -52.90
C VAL Y 44 3.35 31.69 -53.44
N PHE Y 45 3.64 30.65 -52.67
CA PHE Y 45 3.33 29.28 -53.08
C PHE Y 45 2.52 28.57 -52.00
N GLU Y 46 1.61 27.71 -52.46
CA GLU Y 46 0.83 26.89 -51.54
C GLU Y 46 1.69 25.80 -50.93
N MET Y 47 1.62 25.65 -49.62
CA MET Y 47 2.27 24.54 -48.95
C MET Y 47 1.57 23.23 -49.30
N PRO Y 48 2.30 22.13 -49.41
CA PRO Y 48 1.65 20.81 -49.57
C PRO Y 48 1.02 20.29 -48.30
N THR Y 49 1.24 20.92 -47.15
CA THR Y 49 0.66 20.50 -45.88
C THR Y 49 -0.40 21.49 -45.39
N GLY Y 50 -0.84 22.41 -46.22
CA GLY Y 50 -1.84 23.38 -45.86
C GLY Y 50 -1.27 24.78 -45.67
N GLY Y 51 -2.02 25.78 -46.11
CA GLY Y 51 -1.60 27.16 -45.99
C GLY Y 51 -0.80 27.65 -47.19
N ALA Y 52 -0.25 28.85 -47.02
CA ALA Y 52 0.57 29.49 -48.05
C ALA Y 52 1.84 30.05 -47.42
N ALA Y 53 2.91 30.08 -48.20
CA ALA Y 53 4.19 30.61 -47.77
C ALA Y 53 4.75 31.53 -48.84
N THR Y 54 5.72 32.36 -48.44
CA THR Y 54 6.39 33.27 -49.36
C THR Y 54 7.86 32.87 -49.42
N MET Y 55 8.37 32.62 -50.62
CA MET Y 55 9.78 32.30 -50.77
C MET Y 55 10.53 33.46 -51.40
N VAL Y 56 11.82 33.55 -51.07
CA VAL Y 56 12.66 34.69 -51.46
C VAL Y 56 13.52 34.32 -52.67
N ALA Y 57 14.18 35.33 -53.24
CA ALA Y 57 15.13 35.11 -54.32
C ALA Y 57 16.36 34.38 -53.80
N GLY Y 58 16.79 33.36 -54.53
CA GLY Y 58 17.91 32.56 -54.11
C GLY Y 58 17.55 31.10 -53.91
N VAL Y 59 18.19 30.46 -52.93
CA VAL Y 59 18.06 29.02 -52.71
C VAL Y 59 17.20 28.80 -51.48
N ASN Y 60 16.11 28.04 -51.65
CA ASN Y 60 15.14 27.80 -50.60
C ASN Y 60 15.03 26.31 -50.30
N GLY Y 61 15.06 25.96 -49.02
CA GLY Y 61 14.94 24.58 -48.59
C GLY Y 61 13.78 24.39 -47.63
N LEU Y 62 13.12 23.25 -47.75
CA LEU Y 62 11.94 22.94 -46.95
C LEU Y 62 11.94 21.48 -46.53
N TYR Y 63 11.77 21.25 -45.22
CA TYR Y 63 11.70 19.90 -44.66
C TYR Y 63 10.25 19.44 -44.63
N LEU Y 64 10.01 18.26 -45.20
CA LEU Y 64 8.69 17.63 -45.25
C LEU Y 64 8.77 16.21 -44.73
N ALA Y 65 7.61 15.68 -44.33
CA ALA Y 65 7.56 14.38 -43.68
C ALA Y 65 7.69 13.27 -44.70
N ARG Y 66 7.54 13.62 -45.97
CA ARG Y 66 7.10 12.70 -46.99
C ARG Y 66 7.63 13.16 -48.35
N LYS Y 67 8.12 12.18 -49.15
CA LYS Y 67 8.67 12.48 -50.47
C LYS Y 67 7.61 12.83 -51.47
N GLU Y 68 6.38 12.35 -51.30
CA GLU Y 68 5.32 12.74 -52.22
C GLU Y 68 4.85 14.16 -51.95
N GLN Y 69 4.98 14.61 -50.69
CA GLN Y 69 4.80 16.03 -50.37
C GLN Y 69 5.83 16.90 -51.10
N CYS Y 70 7.09 16.45 -51.15
CA CYS Y 70 8.12 17.16 -51.90
C CYS Y 70 7.90 17.10 -53.40
N HIS Y 71 7.49 15.95 -53.94
CA HIS Y 71 7.34 15.84 -55.39
C HIS Y 71 6.05 16.53 -55.85
N ALA Y 72 5.06 16.65 -54.96
CA ALA Y 72 3.88 17.47 -55.21
C ALA Y 72 4.22 18.96 -55.18
N LEU Y 73 5.11 19.35 -54.26
CA LEU Y 73 5.62 20.72 -54.26
C LEU Y 73 6.40 21.01 -55.54
N HIS Y 74 7.19 20.04 -56.00
CA HIS Y 74 7.97 20.19 -57.23
C HIS Y 74 7.08 20.31 -58.47
N ARG Y 75 5.99 19.52 -58.55
CA ARG Y 75 5.12 19.69 -59.71
C ARG Y 75 4.32 20.98 -59.62
N GLN Y 76 4.07 21.49 -58.40
CA GLN Y 76 3.46 22.81 -58.27
C GLN Y 76 4.39 23.91 -58.77
N LEU Y 77 5.68 23.81 -58.44
CA LEU Y 77 6.66 24.79 -58.91
C LEU Y 77 6.85 24.74 -60.43
N VAL Y 78 6.80 23.54 -61.02
CA VAL Y 78 6.85 23.45 -62.49
C VAL Y 78 5.57 23.98 -63.12
N ALA Y 79 4.40 23.57 -62.62
CA ALA Y 79 3.15 23.91 -63.30
C ALA Y 79 2.71 25.34 -63.03
N LYS Y 80 3.28 26.01 -62.04
CA LYS Y 80 2.95 27.41 -61.80
C LYS Y 80 4.11 28.36 -62.04
N PHE Y 81 5.29 28.08 -61.47
CA PHE Y 81 6.36 29.07 -61.43
C PHE Y 81 7.54 28.70 -62.32
N LYS Y 82 7.46 27.59 -63.07
CA LYS Y 82 8.44 27.12 -64.06
C LYS Y 82 9.82 26.88 -63.44
N ILE Y 83 9.83 26.31 -62.24
CA ILE Y 83 11.06 26.08 -61.48
C ILE Y 83 11.35 24.59 -61.48
N ARG Y 84 12.45 24.21 -62.12
CA ARG Y 84 12.75 22.81 -62.39
C ARG Y 84 14.06 22.34 -61.76
N ASP Y 85 14.66 23.11 -60.86
CA ASP Y 85 15.91 22.72 -60.22
C ASP Y 85 15.70 22.32 -58.76
N SER Y 86 14.52 21.78 -58.44
CA SER Y 86 14.30 21.18 -57.14
C SER Y 86 15.06 19.87 -57.04
N LYS Y 87 15.84 19.72 -55.97
CA LYS Y 87 16.49 18.45 -55.71
C LYS Y 87 16.04 17.96 -54.34
N ILE Y 88 15.79 16.66 -54.24
CA ILE Y 88 15.06 16.07 -53.13
C ILE Y 88 16.04 15.19 -52.37
N TYR Y 89 16.18 15.44 -51.07
CA TYR Y 89 17.08 14.68 -50.22
C TYR Y 89 16.27 13.91 -49.19
N ARG Y 90 16.83 12.78 -48.76
CA ARG Y 90 16.31 11.98 -47.66
C ARG Y 90 17.22 12.17 -46.45
N VAL Y 91 16.74 12.84 -45.42
CA VAL Y 91 17.56 13.10 -44.25
C VAL Y 91 17.26 12.04 -43.19
N LEU Y 92 18.29 11.28 -42.82
CA LEU Y 92 18.27 10.32 -41.73
C LEU Y 92 18.46 11.05 -40.40
N PRO Y 93 18.04 10.47 -39.27
CA PRO Y 93 18.17 11.18 -37.98
C PRO Y 93 19.60 11.35 -37.47
N ASN Y 94 20.60 10.68 -38.04
CA ASN Y 94 21.97 10.97 -37.64
C ASN Y 94 22.57 12.17 -38.38
N GLY Y 95 21.90 12.64 -39.43
CA GLY Y 95 22.39 13.76 -40.22
C GLY Y 95 22.84 13.41 -41.62
N GLU Y 96 22.68 12.16 -42.06
CA GLU Y 96 23.12 11.76 -43.39
C GLU Y 96 22.11 12.24 -44.42
N GLN Y 97 22.61 12.68 -45.57
CA GLN Y 97 21.81 13.27 -46.64
C GLN Y 97 22.17 12.61 -47.96
N THR Y 98 21.17 12.03 -48.63
CA THR Y 98 21.38 11.36 -49.91
C THR Y 98 20.39 11.89 -50.95
N LEU Y 99 20.85 12.02 -52.19
CA LEU Y 99 20.04 12.57 -53.26
C LEU Y 99 19.14 11.49 -53.86
N ILE Y 100 17.84 11.75 -53.92
CA ILE Y 100 16.92 10.73 -54.42
C ILE Y 100 16.07 11.23 -55.59
N TYR Y 101 16.18 12.52 -55.91
CA TYR Y 101 15.66 13.09 -57.16
C TYR Y 101 16.42 14.40 -57.39
N PRO Y 102 17.05 14.61 -58.57
CA PRO Y 102 17.30 13.70 -59.69
C PRO Y 102 18.37 12.64 -59.38
N LYS Y 103 18.01 11.36 -59.44
CA LYS Y 103 19.02 10.32 -59.30
C LYS Y 103 19.84 10.17 -60.58
N ASP Y 104 19.28 10.55 -61.72
CA ASP Y 104 20.06 10.54 -62.96
C ASP Y 104 21.04 11.70 -63.02
N GLY Y 105 20.62 12.87 -62.52
CA GLY Y 105 21.46 14.05 -62.56
C GLY Y 105 20.80 15.22 -63.25
N ILE Z 3 0.00 -8.06 -94.77
CA ILE Z 3 -0.53 -7.04 -93.87
C ILE Z 3 0.04 -5.67 -94.22
N GLN Z 4 -0.78 -4.83 -94.83
CA GLN Z 4 -0.39 -3.48 -95.19
C GLN Z 4 -1.53 -2.53 -94.81
N LYS Z 5 -1.41 -1.27 -95.22
CA LYS Z 5 -2.32 -0.21 -94.80
C LYS Z 5 -3.70 -0.38 -95.45
N GLY Z 6 -4.74 -0.46 -94.62
CA GLY Z 6 -6.09 -0.63 -95.08
C GLY Z 6 -6.66 -2.03 -94.93
N SER Z 7 -5.82 -3.01 -94.57
CA SER Z 7 -6.28 -4.39 -94.48
C SER Z 7 -7.02 -4.63 -93.18
N GLN Z 8 -8.07 -5.47 -93.25
CA GLN Z 8 -8.87 -5.82 -92.08
C GLN Z 8 -8.25 -7.03 -91.41
N VAL Z 9 -8.04 -6.94 -90.10
CA VAL Z 9 -7.35 -7.98 -89.33
C VAL Z 9 -8.17 -8.39 -88.13
N ARG Z 10 -7.91 -9.59 -87.62
CA ARG Z 10 -8.53 -10.10 -86.40
C ARG Z 10 -7.46 -10.36 -85.36
N VAL Z 11 -7.70 -9.91 -84.13
CA VAL Z 11 -6.71 -10.01 -83.07
C VAL Z 11 -6.76 -11.42 -82.47
N LEU Z 12 -5.60 -12.06 -82.38
CA LEU Z 12 -5.46 -13.37 -81.76
C LEU Z 12 -4.89 -13.31 -80.35
N ARG Z 13 -4.68 -12.11 -79.81
CA ARG Z 13 -4.12 -11.97 -78.47
C ARG Z 13 -5.20 -12.24 -77.43
N GLN Z 14 -4.89 -13.13 -76.48
CA GLN Z 14 -5.87 -13.59 -75.50
C GLN Z 14 -6.22 -12.53 -74.46
N GLU Z 15 -5.27 -11.65 -74.13
CA GLU Z 15 -5.45 -10.67 -73.07
C GLU Z 15 -5.93 -9.32 -73.57
N SER Z 16 -6.29 -9.21 -74.85
CA SER Z 16 -6.72 -7.96 -75.43
C SER Z 16 -8.19 -7.67 -75.12
N TYR Z 17 -8.55 -6.37 -75.15
CA TYR Z 17 -9.95 -5.98 -75.18
C TYR Z 17 -10.59 -6.45 -76.47
N TRP Z 18 -9.86 -6.30 -77.58
CA TRP Z 18 -10.39 -6.50 -78.93
C TRP Z 18 -10.08 -7.89 -79.48
N TYR Z 19 -9.94 -8.89 -78.59
CA TYR Z 19 -9.87 -10.29 -79.01
C TYR Z 19 -11.16 -10.69 -79.72
N ASN Z 20 -10.99 -11.35 -80.88
CA ASN Z 20 -12.06 -11.69 -81.83
C ASN Z 20 -12.85 -10.43 -82.24
N ASP Z 21 -12.15 -9.48 -82.87
CA ASP Z 21 -12.79 -8.29 -83.40
C ASP Z 21 -11.94 -7.81 -84.58
N VAL Z 22 -12.60 -7.20 -85.56
CA VAL Z 22 -11.99 -6.74 -86.80
C VAL Z 22 -11.47 -5.33 -86.60
N GLY Z 23 -10.19 -5.12 -86.93
CA GLY Z 23 -9.58 -3.81 -86.87
C GLY Z 23 -8.93 -3.44 -88.19
N THR Z 24 -8.56 -2.16 -88.30
CA THR Z 24 -8.06 -1.56 -89.53
C THR Z 24 -6.58 -1.25 -89.35
N VAL Z 25 -5.74 -1.74 -90.26
CA VAL Z 25 -4.32 -1.44 -90.18
C VAL Z 25 -4.08 -0.03 -90.73
N ALA Z 26 -3.48 0.83 -89.92
CA ALA Z 26 -3.26 2.21 -90.30
C ALA Z 26 -1.82 2.50 -90.74
N SER Z 27 -0.83 1.88 -90.10
CA SER Z 27 0.57 2.08 -90.47
C SER Z 27 1.37 0.87 -90.03
N VAL Z 28 2.32 0.46 -90.88
CA VAL Z 28 3.21 -0.65 -90.58
C VAL Z 28 4.63 -0.14 -90.50
N ASP Z 29 5.29 -0.37 -89.36
CA ASP Z 29 6.65 0.09 -89.15
C ASP Z 29 7.62 -0.75 -89.98
N LYS Z 30 8.54 -0.06 -90.68
CA LYS Z 30 9.43 -0.74 -91.61
C LYS Z 30 10.72 -1.21 -90.96
N GLY Z 31 10.93 -0.95 -89.67
CA GLY Z 31 12.08 -1.47 -88.99
C GLY Z 31 11.87 -2.92 -88.58
N ALA Z 32 12.99 -3.61 -88.33
CA ALA Z 32 12.96 -5.01 -87.92
C ALA Z 32 13.17 -5.23 -86.43
N ASN Z 33 13.58 -4.19 -85.70
CA ASN Z 33 13.85 -4.34 -84.27
C ASN Z 33 12.61 -4.19 -83.40
N VAL Z 34 11.47 -3.81 -83.99
CA VAL Z 34 10.24 -3.62 -83.23
C VAL Z 34 9.50 -4.95 -83.17
N ILE Z 35 9.11 -5.35 -81.95
CA ILE Z 35 8.41 -6.61 -81.75
C ILE Z 35 6.98 -6.51 -82.28
N TYR Z 36 6.32 -5.37 -82.05
CA TYR Z 36 4.94 -5.15 -82.46
C TYR Z 36 4.87 -3.93 -83.39
N PRO Z 37 5.07 -4.12 -84.72
CA PRO Z 37 5.14 -2.96 -85.61
C PRO Z 37 3.81 -2.44 -86.11
N VAL Z 38 2.80 -3.32 -86.19
CA VAL Z 38 1.59 -3.01 -86.94
C VAL Z 38 0.63 -2.20 -86.08
N THR Z 39 0.33 -0.97 -86.51
CA THR Z 39 -0.63 -0.12 -85.82
C THR Z 39 -2.03 -0.41 -86.33
N VAL Z 40 -2.96 -0.74 -85.43
CA VAL Z 40 -4.32 -1.08 -85.80
C VAL Z 40 -5.26 -0.18 -85.01
N ARG Z 41 -6.16 0.49 -85.74
CA ARG Z 41 -7.26 1.30 -85.24
C ARG Z 41 -8.51 0.41 -85.15
N PHE Z 42 -9.42 0.74 -84.23
CA PHE Z 42 -10.67 0.00 -84.13
C PHE Z 42 -11.87 0.94 -84.13
N GLU Z 43 -13.01 0.39 -84.56
CA GLU Z 43 -14.29 1.08 -84.47
C GLU Z 43 -14.80 1.17 -83.05
N LYS Z 44 -14.43 0.22 -82.19
CA LYS Z 44 -14.86 0.19 -80.80
C LYS Z 44 -13.71 0.68 -79.94
N VAL Z 45 -14.02 1.39 -78.85
CA VAL Z 45 -13.00 1.85 -77.93
C VAL Z 45 -12.95 0.95 -76.71
N ASN Z 46 -11.84 0.97 -75.99
CA ASN Z 46 -11.65 0.16 -74.80
C ASN Z 46 -12.22 0.87 -73.58
N TYR Z 47 -11.85 0.41 -72.39
CA TYR Z 47 -12.26 1.08 -71.17
C TYR Z 47 -11.45 2.33 -70.88
N SER Z 48 -10.31 2.50 -71.54
CA SER Z 48 -9.50 3.71 -71.44
C SER Z 48 -9.86 4.74 -72.50
N ASN Z 49 -10.94 4.48 -73.26
CA ASN Z 49 -11.50 5.35 -74.31
C ASN Z 49 -10.49 5.64 -75.43
N LEU Z 50 -9.71 4.63 -75.79
CA LEU Z 50 -8.75 4.70 -76.88
C LEU Z 50 -9.01 3.54 -77.83
N ASN Z 51 -8.51 3.65 -79.07
CA ASN Z 51 -8.82 2.65 -80.09
C ASN Z 51 -7.65 2.26 -80.98
N THR Z 52 -6.44 2.76 -80.72
CA THR Z 52 -5.27 2.46 -81.55
C THR Z 52 -4.20 1.75 -80.73
N ASN Z 53 -3.63 0.68 -81.29
CA ASN Z 53 -2.53 0.01 -80.61
C ASN Z 53 -1.60 -0.69 -81.61
N ASN Z 54 -0.36 -0.92 -81.17
CA ASN Z 54 0.63 -1.64 -81.96
C ASN Z 54 0.63 -3.12 -81.58
N PHE Z 55 0.30 -3.98 -82.54
CA PHE Z 55 0.37 -5.43 -82.40
C PHE Z 55 1.40 -5.97 -83.39
N GLY Z 56 1.83 -7.20 -83.15
CA GLY Z 56 2.76 -7.86 -84.04
C GLY Z 56 2.06 -8.50 -85.24
N VAL Z 57 2.88 -9.15 -86.06
CA VAL Z 57 2.35 -9.83 -87.25
C VAL Z 57 1.68 -11.15 -86.86
N SER Z 58 2.29 -11.92 -85.97
CA SER Z 58 1.78 -13.24 -85.59
C SER Z 58 0.52 -13.19 -84.72
N GLU Z 59 0.22 -12.05 -84.12
CA GLU Z 59 -0.98 -11.90 -83.30
C GLU Z 59 -2.20 -11.50 -84.11
N LEU Z 60 -2.08 -11.41 -85.43
CA LEU Z 60 -3.11 -10.90 -86.31
C LEU Z 60 -3.41 -11.93 -87.40
N GLU Z 61 -4.68 -12.07 -87.73
CA GLU Z 61 -5.14 -12.99 -88.75
C GLU Z 61 -5.84 -12.19 -89.85
N GLU Z 62 -5.43 -12.41 -91.10
CA GLU Z 62 -5.99 -11.66 -92.21
C GLU Z 62 -7.35 -12.23 -92.61
N VAL Z 63 -8.36 -11.38 -92.63
CA VAL Z 63 -9.71 -11.79 -93.03
C VAL Z 63 -10.03 -11.26 -94.42
N PRO AA 26 -63.43 -28.80 -60.73
CA PRO AA 26 -63.03 -28.52 -59.35
C PRO AA 26 -61.65 -29.10 -59.00
N LEU AA 27 -60.62 -28.28 -59.03
CA LEU AA 27 -59.25 -28.74 -58.86
C LEU AA 27 -58.86 -28.70 -57.37
N GLY AA 28 -57.57 -28.81 -57.09
CA GLY AA 28 -57.11 -28.88 -55.73
C GLY AA 28 -57.11 -27.52 -55.06
N ASN AA 29 -57.87 -27.39 -53.95
CA ASN AA 29 -58.20 -26.12 -53.27
C ASN AA 29 -58.76 -25.11 -54.26
N THR AA 30 -59.71 -25.58 -55.08
CA THR AA 30 -60.16 -24.86 -56.27
C THR AA 30 -61.54 -25.36 -56.67
N ILE AA 31 -62.53 -24.47 -56.67
CA ILE AA 31 -63.85 -24.72 -57.23
C ILE AA 31 -64.21 -23.52 -58.11
N PRO AA 32 -64.98 -23.69 -59.21
CA PRO AA 32 -65.30 -22.52 -60.02
C PRO AA 32 -66.42 -21.67 -59.43
N CYS AA 33 -66.75 -20.59 -60.16
CA CYS AA 33 -67.54 -19.49 -59.62
C CYS AA 33 -69.01 -19.84 -59.46
N SER AA 34 -69.49 -20.85 -60.19
CA SER AA 34 -70.93 -21.12 -60.22
C SER AA 34 -71.44 -21.86 -58.99
N GLU AA 35 -70.55 -22.39 -58.14
CA GLU AA 35 -71.00 -23.00 -56.89
C GLU AA 35 -70.13 -22.58 -55.70
N SER AA 36 -69.42 -21.47 -55.82
CA SER AA 36 -68.60 -20.95 -54.74
C SER AA 36 -69.44 -20.05 -53.85
N GLN AA 37 -69.50 -20.38 -52.56
CA GLN AA 37 -70.27 -19.58 -51.61
C GLN AA 37 -69.60 -18.25 -51.32
N ALA AA 38 -68.27 -18.25 -51.15
CA ALA AA 38 -67.57 -17.06 -50.70
C ALA AA 38 -67.45 -16.02 -51.80
N PHE AA 39 -67.41 -16.46 -53.08
CA PHE AA 39 -67.52 -15.53 -54.21
C PHE AA 39 -68.85 -14.81 -54.20
N LYS AA 40 -69.93 -15.56 -53.95
CA LYS AA 40 -71.27 -14.98 -53.84
C LYS AA 40 -71.36 -14.01 -52.67
N ASP AA 41 -70.65 -14.31 -51.57
CA ASP AA 41 -70.61 -13.43 -50.41
C ASP AA 41 -69.90 -12.11 -50.70
N LEU AA 42 -68.71 -12.14 -51.32
CA LEU AA 42 -68.06 -10.84 -51.54
C LEU AA 42 -68.68 -10.11 -52.73
N LYS AA 43 -69.31 -10.84 -53.67
CA LYS AA 43 -70.05 -10.19 -54.75
C LYS AA 43 -71.26 -9.44 -54.22
N ASP AA 44 -72.01 -10.06 -53.30
CA ASP AA 44 -73.14 -9.40 -52.66
C ASP AA 44 -72.69 -8.26 -51.77
N ALA AA 45 -71.53 -8.40 -51.11
CA ALA AA 45 -70.97 -7.32 -50.28
C ALA AA 45 -70.60 -6.10 -51.11
N ARG AA 46 -69.96 -6.30 -52.27
CA ARG AA 46 -69.58 -5.16 -53.11
C ARG AA 46 -70.79 -4.50 -53.77
N ILE AA 47 -71.74 -5.30 -54.25
CA ILE AA 47 -72.93 -4.72 -54.90
C ILE AA 47 -73.86 -4.05 -53.87
N ASN AA 48 -73.94 -4.55 -52.63
CA ASN AA 48 -74.70 -3.86 -51.60
C ASN AA 48 -74.01 -2.56 -51.13
N GLY AA 49 -72.67 -2.57 -51.01
CA GLY AA 49 -71.96 -1.35 -50.67
C GLY AA 49 -72.09 -0.28 -51.74
N LEU AA 50 -72.11 -0.70 -53.01
CA LEU AA 50 -72.44 0.22 -54.09
C LEU AA 50 -73.92 0.65 -54.06
N LYS AA 51 -74.84 -0.22 -53.62
CA LYS AA 51 -76.26 0.13 -53.58
C LYS AA 51 -76.56 1.22 -52.56
N GLU AA 52 -76.06 1.08 -51.33
CA GLU AA 52 -76.17 2.24 -50.45
C GLU AA 52 -75.13 3.33 -50.68
N LYS AA 53 -74.21 3.19 -51.65
CA LYS AA 53 -73.42 4.37 -52.02
C LYS AA 53 -74.09 5.24 -53.09
N ILE AA 54 -74.77 4.65 -54.08
CA ILE AA 54 -75.70 5.45 -54.90
C ILE AA 54 -76.88 5.99 -54.08
N ALA AA 55 -77.47 5.17 -53.19
CA ALA AA 55 -78.74 5.52 -52.55
C ALA AA 55 -78.67 6.68 -51.54
N ALA AA 56 -77.48 7.18 -51.20
CA ALA AA 56 -77.35 8.29 -50.26
C ALA AA 56 -76.89 9.60 -50.92
N THR AA 57 -76.80 9.65 -52.25
CA THR AA 57 -76.33 10.85 -52.94
C THR AA 57 -77.35 11.37 -53.96
N ASP AA 58 -77.15 12.63 -54.33
CA ASP AA 58 -77.84 13.44 -55.35
C ASP AA 58 -77.57 12.82 -56.72
N PRO AA 59 -78.61 12.46 -57.55
CA PRO AA 59 -78.28 11.88 -58.85
C PRO AA 59 -77.78 12.80 -59.98
N ALA AA 60 -77.41 14.07 -59.70
CA ALA AA 60 -77.03 15.02 -60.74
C ALA AA 60 -75.81 15.84 -60.29
N THR AA 61 -74.77 15.16 -59.79
CA THR AA 61 -73.61 15.88 -59.27
C THR AA 61 -72.27 15.23 -59.68
N GLN AA 62 -72.33 14.30 -60.67
CA GLN AA 62 -71.29 13.55 -61.37
C GLN AA 62 -70.69 12.43 -60.49
N TYR AA 63 -71.00 12.43 -59.20
CA TYR AA 63 -70.60 11.32 -58.33
C TYR AA 63 -71.50 10.10 -58.56
N ALA AA 64 -72.81 10.35 -58.68
CA ALA AA 64 -73.78 9.26 -58.80
C ALA AA 64 -73.71 8.60 -60.17
N LYS AA 65 -73.46 9.37 -61.24
CA LYS AA 65 -73.31 8.80 -62.57
C LYS AA 65 -72.06 7.92 -62.66
N ASP AA 66 -70.99 8.36 -62.00
CA ASP AA 66 -69.77 7.57 -61.91
C ASP AA 66 -69.96 6.31 -61.10
N LEU AA 67 -70.77 6.36 -60.04
CA LEU AA 67 -70.98 5.16 -59.24
C LEU AA 67 -71.95 4.18 -59.91
N THR AA 68 -72.92 4.67 -60.69
CA THR AA 68 -73.70 3.74 -61.51
C THR AA 68 -72.90 3.15 -62.68
N ALA AA 69 -71.96 3.92 -63.24
CA ALA AA 69 -71.02 3.36 -64.22
C ALA AA 69 -70.13 2.30 -63.59
N SER AA 70 -69.67 2.55 -62.36
CA SER AA 70 -68.90 1.56 -61.61
C SER AA 70 -69.74 0.34 -61.25
N MET AA 71 -71.03 0.52 -60.93
CA MET AA 71 -71.92 -0.60 -60.66
C MET AA 71 -72.16 -1.46 -61.90
N GLU AA 72 -72.38 -0.82 -63.06
CA GLU AA 72 -72.56 -1.55 -64.32
C GLU AA 72 -71.28 -2.29 -64.72
N LEU AA 73 -70.12 -1.64 -64.52
CA LEU AA 73 -68.83 -2.29 -64.73
C LEU AA 73 -68.64 -3.46 -63.78
N TRP AA 74 -69.05 -3.32 -62.52
CA TRP AA 74 -68.86 -4.40 -61.56
C TRP AA 74 -69.81 -5.57 -61.81
N GLU AA 75 -71.05 -5.29 -62.24
CA GLU AA 75 -71.97 -6.36 -62.65
C GLU AA 75 -71.45 -7.13 -63.85
N TYR AA 76 -70.88 -6.41 -64.84
CA TYR AA 76 -70.30 -7.08 -66.00
C TYR AA 76 -69.05 -7.89 -65.64
N ARG AA 77 -68.21 -7.39 -64.72
CA ARG AA 77 -67.01 -8.15 -64.37
C ARG AA 77 -67.32 -9.35 -63.48
N TYR AA 78 -68.30 -9.24 -62.58
CA TYR AA 78 -68.71 -10.44 -61.83
C TYR AA 78 -69.42 -11.46 -62.73
N ALA AA 79 -70.22 -11.02 -63.72
CA ALA AA 79 -70.81 -11.97 -64.66
C ALA AA 79 -69.77 -12.57 -65.60
N ASN AA 80 -68.71 -11.81 -65.92
CA ASN AA 80 -67.60 -12.34 -66.70
C ASN AA 80 -66.82 -13.38 -65.91
N TYR AA 81 -66.64 -13.15 -64.60
CA TYR AA 81 -66.03 -14.16 -63.73
C TYR AA 81 -66.92 -15.38 -63.59
N GLU AA 82 -68.25 -15.20 -63.62
CA GLU AA 82 -69.20 -16.31 -63.61
C GLU AA 82 -69.07 -17.18 -64.88
N LYS AA 83 -69.06 -16.55 -66.06
CA LYS AA 83 -69.39 -17.32 -67.26
C LYS AA 83 -68.21 -18.07 -67.86
N ASN AA 84 -66.97 -17.58 -67.73
CA ASN AA 84 -65.85 -18.20 -68.43
C ASN AA 84 -64.98 -19.05 -67.50
N ALA AA 85 -65.58 -19.56 -66.41
CA ALA AA 85 -65.02 -20.48 -65.43
C ALA AA 85 -63.76 -19.98 -64.74
N SER AA 86 -63.86 -18.86 -64.02
CA SER AA 86 -62.89 -18.48 -63.02
C SER AA 86 -63.11 -19.32 -61.78
N CYS AA 87 -62.05 -19.49 -60.97
CA CYS AA 87 -62.04 -20.53 -59.94
C CYS AA 87 -61.55 -19.98 -58.61
N ASP AA 88 -62.24 -20.32 -57.50
CA ASP AA 88 -61.95 -19.59 -56.27
C ASP AA 88 -61.46 -20.40 -55.06
N LYS AA 89 -62.39 -21.18 -54.47
CA LYS AA 89 -62.35 -21.84 -53.15
C LYS AA 89 -61.96 -20.96 -51.95
N ASP AA 90 -62.77 -21.03 -50.88
CA ASP AA 90 -62.52 -20.55 -49.51
C ASP AA 90 -62.42 -19.02 -49.47
N SER AA 91 -61.37 -18.45 -50.05
CA SER AA 91 -61.20 -17.01 -50.03
C SER AA 91 -62.15 -16.29 -50.99
N GLY AA 92 -62.71 -17.00 -51.97
CA GLY AA 92 -63.74 -16.45 -52.85
C GLY AA 92 -63.23 -15.63 -54.01
N GLN AA 93 -61.96 -15.48 -54.15
CA GLN AA 93 -61.28 -14.65 -55.12
C GLN AA 93 -60.60 -15.49 -56.19
N PRO AA 94 -60.44 -15.01 -57.46
CA PRO AA 94 -60.05 -15.93 -58.56
C PRO AA 94 -58.61 -16.42 -58.80
N HIS AA 95 -58.54 -17.73 -58.67
CA HIS AA 95 -57.27 -18.44 -58.75
C HIS AA 95 -57.08 -18.98 -60.17
N LEU AA 96 -55.89 -18.79 -60.72
CA LEU AA 96 -55.66 -18.99 -62.15
C LEU AA 96 -54.89 -20.30 -62.31
N ILE AA 97 -55.17 -21.02 -63.39
CA ILE AA 97 -54.56 -22.33 -63.64
C ILE AA 97 -53.71 -22.18 -64.90
N VAL AA 98 -52.42 -22.46 -64.79
CA VAL AA 98 -51.49 -22.14 -65.88
C VAL AA 98 -50.80 -23.37 -66.45
N ASP AA 99 -51.34 -24.57 -66.22
CA ASP AA 99 -50.65 -25.75 -66.70
C ASP AA 99 -50.84 -26.05 -68.19
N GLY AA 100 -51.73 -25.35 -68.88
CA GLY AA 100 -51.91 -25.56 -70.30
C GLY AA 100 -53.24 -26.17 -70.70
N ARG AA 101 -54.23 -26.16 -69.82
CA ARG AA 101 -55.56 -26.62 -70.20
C ARG AA 101 -56.23 -25.64 -71.16
N LEU AA 102 -56.96 -26.17 -72.13
CA LEU AA 102 -57.68 -25.33 -73.08
C LEU AA 102 -58.97 -24.78 -72.48
N SER AA 103 -59.45 -25.34 -71.38
CA SER AA 103 -60.57 -24.74 -70.66
C SER AA 103 -60.12 -23.48 -69.93
N HIS AA 104 -58.93 -23.50 -69.35
CA HIS AA 104 -58.32 -22.34 -68.71
C HIS AA 104 -57.25 -21.74 -69.62
N ALA AA 105 -57.51 -21.72 -70.94
CA ALA AA 105 -56.55 -21.20 -71.90
C ALA AA 105 -56.43 -19.68 -71.83
N GLY AA 106 -57.47 -18.98 -71.41
CA GLY AA 106 -57.37 -17.54 -71.24
C GLY AA 106 -56.63 -17.09 -70.01
N ASP AA 107 -56.25 -18.03 -69.14
CA ASP AA 107 -55.47 -17.71 -67.96
C ASP AA 107 -54.04 -17.34 -68.36
N PHE AA 108 -53.44 -18.13 -69.24
CA PHE AA 108 -52.05 -17.97 -69.60
C PHE AA 108 -51.77 -17.91 -71.10
N ILE AA 109 -52.51 -18.69 -71.90
CA ILE AA 109 -52.08 -19.02 -73.27
C ILE AA 109 -52.30 -17.86 -74.24
N ILE AA 110 -53.50 -17.27 -74.22
CA ILE AA 110 -53.76 -16.04 -75.01
C ILE AA 110 -52.89 -14.84 -74.61
N PRO AA 111 -52.72 -14.47 -73.30
CA PRO AA 111 -51.67 -13.45 -73.03
C PRO AA 111 -50.24 -13.88 -73.28
N SER AA 112 -49.93 -15.18 -73.36
CA SER AA 112 -48.60 -15.63 -73.81
C SER AA 112 -48.32 -15.26 -75.27
N ILE AA 113 -49.28 -15.57 -76.16
CA ILE AA 113 -49.14 -15.27 -77.58
C ILE AA 113 -49.16 -13.77 -77.82
N LEU AA 114 -49.98 -13.04 -77.04
CA LEU AA 114 -50.03 -11.59 -77.13
C LEU AA 114 -48.73 -10.94 -76.66
N PHE AA 115 -48.13 -11.47 -75.57
CA PHE AA 115 -46.81 -11.02 -75.15
C PHE AA 115 -45.72 -11.31 -76.15
N LEU AA 116 -45.69 -12.52 -76.73
CA LEU AA 116 -44.64 -12.86 -77.68
C LEU AA 116 -44.72 -12.01 -78.94
N TRP AA 117 -45.95 -11.69 -79.40
CA TRP AA 117 -46.14 -10.77 -80.52
C TRP AA 117 -45.59 -9.38 -80.20
N LEU AA 118 -46.01 -8.78 -79.08
CA LEU AA 118 -45.59 -7.40 -78.83
C LEU AA 118 -44.14 -7.27 -78.36
N ALA AA 119 -43.62 -8.23 -77.58
CA ALA AA 119 -42.23 -8.21 -77.18
C ALA AA 119 -41.28 -8.55 -78.32
N GLY AA 120 -41.64 -9.50 -79.19
CA GLY AA 120 -40.84 -9.74 -80.38
C GLY AA 120 -40.90 -8.59 -81.35
N ALA AA 121 -42.01 -7.84 -81.36
CA ALA AA 121 -42.13 -6.61 -82.15
C ALA AA 121 -41.13 -5.55 -81.69
N LEU AA 122 -41.12 -5.25 -80.39
CA LEU AA 122 -40.18 -4.25 -79.88
C LEU AA 122 -38.72 -4.70 -79.96
N GLY AA 123 -38.44 -5.98 -79.66
CA GLY AA 123 -37.08 -6.48 -79.73
C GLY AA 123 -36.54 -6.56 -81.15
N TRP AA 124 -37.38 -7.01 -82.10
CA TRP AA 124 -36.97 -7.09 -83.49
C TRP AA 124 -36.86 -5.73 -84.12
N ALA AA 125 -37.72 -4.77 -83.73
CA ALA AA 125 -37.62 -3.41 -84.22
C ALA AA 125 -36.34 -2.73 -83.75
N GLY AA 126 -36.00 -2.92 -82.46
CA GLY AA 126 -34.74 -2.40 -81.95
C GLY AA 126 -33.52 -3.04 -82.56
N ARG AA 127 -33.55 -4.37 -82.76
CA ARG AA 127 -32.45 -5.09 -83.41
C ARG AA 127 -32.28 -4.68 -84.87
N ASP AA 128 -33.39 -4.52 -85.59
CA ASP AA 128 -33.31 -4.10 -86.99
C ASP AA 128 -32.89 -2.66 -87.12
N TYR AA 129 -33.27 -1.81 -86.13
CA TYR AA 129 -32.78 -0.44 -86.06
C TYR AA 129 -31.27 -0.38 -85.86
N LEU AA 130 -30.74 -1.23 -84.98
CA LEU AA 130 -29.27 -1.30 -84.83
C LEU AA 130 -28.59 -1.86 -86.07
N LEU AA 131 -29.24 -2.80 -86.77
CA LEU AA 131 -28.62 -3.35 -87.99
C LEU AA 131 -28.62 -2.33 -89.13
N LYS AA 132 -29.63 -1.46 -89.21
CA LYS AA 132 -29.66 -0.54 -90.34
C LYS AA 132 -28.94 0.77 -90.04
N THR AA 133 -28.82 1.17 -88.78
CA THR AA 133 -28.11 2.44 -88.52
C THR AA 133 -26.60 2.27 -88.34
N GLN AA 134 -26.17 1.50 -87.31
CA GLN AA 134 -24.75 1.31 -86.92
C GLN AA 134 -24.03 2.63 -86.70
N ASN AA 135 -24.64 3.53 -85.93
CA ASN AA 135 -24.18 4.90 -85.85
C ASN AA 135 -24.48 5.40 -84.45
N ALA AA 136 -23.65 6.33 -83.96
CA ALA AA 136 -23.76 6.78 -82.57
C ALA AA 136 -24.65 8.00 -82.42
N MET AA 137 -24.75 8.85 -83.46
CA MET AA 137 -25.71 9.94 -83.46
C MET AA 137 -27.14 9.41 -83.52
N ASP AA 138 -27.34 8.29 -84.20
CA ASP AA 138 -28.68 7.79 -84.50
C ASP AA 138 -29.30 7.08 -83.30
N GLU AA 139 -28.50 6.67 -82.32
CA GLU AA 139 -29.06 6.14 -81.08
C GLU AA 139 -29.57 7.21 -80.13
N ILE AA 140 -28.87 8.33 -80.01
CA ILE AA 140 -29.32 9.43 -79.16
C ILE AA 140 -30.27 10.40 -79.88
N LEU AA 141 -30.25 10.41 -81.21
CA LEU AA 141 -31.23 11.15 -82.02
C LEU AA 141 -31.94 10.14 -82.91
N ILE AA 142 -33.19 9.83 -82.58
CA ILE AA 142 -33.91 8.75 -83.24
C ILE AA 142 -34.41 9.25 -84.60
N ASP AA 143 -33.91 8.65 -85.67
CA ASP AA 143 -34.41 8.95 -87.02
C ASP AA 143 -35.67 8.14 -87.24
N PHE AA 144 -36.81 8.84 -87.36
CA PHE AA 144 -38.10 8.16 -87.43
C PHE AA 144 -38.33 7.47 -88.77
N SER AA 145 -37.66 7.92 -89.83
CA SER AA 145 -37.76 7.26 -91.13
C SER AA 145 -37.04 5.91 -91.17
N LYS AA 146 -36.16 5.63 -90.20
CA LYS AA 146 -35.67 4.29 -89.98
C LYS AA 146 -36.21 3.64 -88.71
N ALA AA 147 -36.99 4.37 -87.90
CA ALA AA 147 -37.56 3.83 -86.67
C ALA AA 147 -38.97 3.27 -86.86
N VAL AA 148 -39.88 4.03 -87.47
CA VAL AA 148 -41.25 3.51 -87.67
C VAL AA 148 -41.40 2.43 -88.75
N PRO AA 149 -40.58 2.32 -89.84
CA PRO AA 149 -40.64 1.04 -90.59
C PRO AA 149 -40.10 -0.16 -89.82
N SER AA 150 -39.14 0.06 -88.91
CA SER AA 150 -38.67 -1.01 -88.03
C SER AA 150 -39.77 -1.49 -87.11
N LEU AA 151 -40.60 -0.56 -86.60
CA LEU AA 151 -41.77 -0.92 -85.80
C LEU AA 151 -42.85 -1.63 -86.64
N VAL AA 152 -43.09 -1.20 -87.89
CA VAL AA 152 -44.07 -1.87 -88.77
C VAL AA 152 -43.63 -3.29 -89.11
N LEU AA 153 -42.33 -3.50 -89.38
CA LEU AA 153 -41.85 -4.87 -89.59
C LEU AA 153 -41.71 -5.66 -88.28
N GLY AA 154 -41.61 -4.97 -87.14
CA GLY AA 154 -41.74 -5.66 -85.87
C GLY AA 154 -43.12 -6.24 -85.65
N LEU AA 155 -44.15 -5.54 -86.14
CA LEU AA 155 -45.50 -6.11 -86.18
C LEU AA 155 -45.67 -7.33 -87.10
N ALA AA 156 -44.69 -7.70 -87.95
CA ALA AA 156 -44.73 -8.95 -88.70
C ALA AA 156 -43.46 -9.79 -88.49
N TRP AA 157 -42.69 -9.50 -87.42
CA TRP AA 157 -41.46 -10.18 -86.97
C TRP AA 157 -41.27 -11.71 -87.06
N PRO AA 158 -42.30 -12.65 -86.91
CA PRO AA 158 -41.94 -14.08 -87.03
C PRO AA 158 -41.51 -14.50 -88.43
N LEU AA 159 -42.17 -13.91 -89.44
CA LEU AA 159 -41.90 -14.21 -90.85
C LEU AA 159 -40.51 -13.78 -91.29
N PHE AA 160 -39.92 -12.79 -90.63
CA PHE AA 160 -38.54 -12.41 -90.90
C PHE AA 160 -37.58 -12.80 -89.80
N ALA AA 161 -38.06 -13.44 -88.72
CA ALA AA 161 -37.16 -13.88 -87.67
C ALA AA 161 -36.81 -15.35 -87.78
N ILE AA 162 -37.81 -16.20 -88.02
CA ILE AA 162 -37.64 -17.66 -88.18
C ILE AA 162 -36.70 -18.07 -89.32
N PRO AA 163 -36.69 -17.49 -90.55
CA PRO AA 163 -35.59 -17.86 -91.47
C PRO AA 163 -34.20 -17.40 -91.03
N GLN AA 164 -34.07 -16.37 -90.20
CA GLN AA 164 -32.74 -16.10 -89.66
C GLN AA 164 -32.42 -16.95 -88.43
N ILE AA 165 -33.42 -17.60 -87.83
CA ILE AA 165 -33.12 -18.69 -86.90
C ILE AA 165 -32.60 -19.90 -87.65
N LEU AA 166 -33.26 -20.26 -88.76
CA LEU AA 166 -32.82 -21.41 -89.56
C LEU AA 166 -31.54 -21.17 -90.34
N SER AA 167 -31.15 -19.92 -90.57
CA SER AA 167 -29.87 -19.64 -91.24
C SER AA 167 -28.71 -19.63 -90.24
N GLY AA 168 -28.75 -18.74 -89.27
CA GLY AA 168 -27.65 -18.58 -88.32
C GLY AA 168 -27.11 -17.17 -88.36
N ALA AA 169 -26.79 -16.63 -87.19
CA ALA AA 169 -26.41 -15.22 -87.12
C ALA AA 169 -24.93 -14.95 -87.42
N ILE AA 170 -24.03 -15.32 -86.52
CA ILE AA 170 -22.68 -14.76 -86.51
C ILE AA 170 -21.77 -15.69 -85.73
N ARG AA 171 -20.51 -15.79 -86.18
CA ARG AA 171 -19.50 -16.61 -85.53
C ARG AA 171 -18.64 -15.72 -84.63
N ASP AA 172 -18.90 -15.76 -83.33
CA ASP AA 172 -18.01 -15.21 -82.32
C ASP AA 172 -18.01 -16.09 -81.08
N ASN AA 173 -16.88 -16.09 -80.38
CA ASN AA 173 -16.67 -17.04 -79.29
C ASN AA 173 -16.91 -16.37 -77.95
N MET BA 1 -28.89 -22.05 -6.76
CA MET BA 1 -29.15 -23.27 -7.50
C MET BA 1 -27.90 -24.12 -7.49
N ASN BA 2 -27.74 -24.98 -8.50
CA ASN BA 2 -26.49 -25.69 -8.72
C ASN BA 2 -25.62 -24.83 -9.62
N VAL BA 3 -24.94 -23.88 -8.99
CA VAL BA 3 -24.13 -22.88 -9.69
C VAL BA 3 -22.81 -22.69 -8.94
N TYR BA 4 -21.73 -22.48 -9.69
CA TYR BA 4 -20.48 -21.98 -9.13
C TYR BA 4 -20.29 -20.58 -9.68
N PRO BA 5 -20.67 -19.55 -8.92
CA PRO BA 5 -20.61 -18.18 -9.47
C PRO BA 5 -19.21 -17.64 -9.61
N TRP BA 6 -18.31 -18.05 -8.71
CA TRP BA 6 -16.89 -17.70 -8.78
C TRP BA 6 -16.24 -18.22 -10.06
N LEU BA 7 -16.69 -19.38 -10.55
CA LEU BA 7 -16.22 -19.90 -11.82
C LEU BA 7 -16.67 -19.06 -13.01
N VAL BA 8 -17.88 -18.49 -12.94
CA VAL BA 8 -18.37 -17.56 -13.96
C VAL BA 8 -17.53 -16.29 -13.95
N TYR BA 9 -17.17 -15.82 -12.75
CA TYR BA 9 -16.29 -14.65 -12.61
C TYR BA 9 -14.89 -14.90 -13.16
N VAL BA 10 -14.35 -16.11 -12.94
CA VAL BA 10 -13.03 -16.45 -13.48
C VAL BA 10 -13.07 -16.55 -15.00
N THR BA 11 -13.88 -17.47 -15.54
CA THR BA 11 -13.76 -17.83 -16.93
C THR BA 11 -14.49 -16.89 -17.90
N THR BA 12 -15.38 -16.01 -17.43
CA THR BA 12 -16.01 -15.07 -18.35
C THR BA 12 -15.51 -13.65 -18.22
N LEU BA 13 -14.89 -13.30 -17.10
CA LEU BA 13 -14.42 -11.94 -16.88
C LEU BA 13 -12.92 -11.87 -16.73
N VAL BA 14 -12.35 -12.65 -15.82
CA VAL BA 14 -10.93 -12.53 -15.50
C VAL BA 14 -10.07 -13.18 -16.58
N PHE BA 15 -10.34 -14.46 -16.85
CA PHE BA 15 -9.59 -15.24 -17.86
C PHE BA 15 -9.61 -14.68 -19.29
N PRO BA 16 -10.71 -14.12 -19.84
CA PRO BA 16 -10.55 -13.44 -21.16
C PRO BA 16 -9.66 -12.21 -21.15
N LEU BA 17 -9.64 -11.42 -20.06
CA LEU BA 17 -8.74 -10.26 -20.01
C LEU BA 17 -7.28 -10.69 -19.86
N VAL BA 18 -7.05 -11.68 -18.97
CA VAL BA 18 -5.84 -12.52 -18.93
C VAL BA 18 -5.38 -12.99 -20.31
N SER BA 19 -6.31 -13.56 -21.08
CA SER BA 19 -5.97 -14.13 -22.38
C SER BA 19 -5.61 -13.05 -23.39
N LEU BA 20 -6.33 -11.92 -23.38
CA LEU BA 20 -6.00 -10.81 -24.27
C LEU BA 20 -4.68 -10.15 -23.91
N ALA BA 21 -4.32 -10.12 -22.62
CA ALA BA 21 -3.01 -9.61 -22.22
C ALA BA 21 -1.88 -10.56 -22.64
N ALA BA 22 -2.12 -11.88 -22.53
CA ALA BA 22 -1.16 -12.88 -23.01
C ALA BA 22 -0.98 -12.83 -24.53
N LEU BA 23 -2.07 -12.66 -25.30
CA LEU BA 23 -1.94 -12.50 -26.74
C LEU BA 23 -1.32 -11.16 -27.12
N PHE BA 24 -1.50 -10.13 -26.29
CA PHE BA 24 -0.78 -8.87 -26.51
C PHE BA 24 0.73 -9.03 -26.38
N ILE BA 25 1.15 -9.78 -25.36
CA ILE BA 25 2.57 -10.13 -25.20
C ILE BA 25 3.07 -10.98 -26.36
N LEU BA 26 2.25 -11.95 -26.82
CA LEU BA 26 2.57 -12.78 -27.98
C LEU BA 26 2.70 -11.98 -29.29
N ILE BA 27 1.86 -10.98 -29.51
CA ILE BA 27 1.88 -10.26 -30.78
C ILE BA 27 2.68 -8.96 -30.77
N GLU BA 28 3.21 -8.53 -29.63
CA GLU BA 28 3.95 -7.28 -29.65
C GLU BA 28 5.42 -7.37 -29.27
N ARG BA 29 5.85 -8.36 -28.49
CA ARG BA 29 7.27 -8.44 -28.13
C ARG BA 29 8.06 -9.07 -29.27
N ASP BA 30 9.16 -8.43 -29.66
CA ASP BA 30 10.08 -8.98 -30.64
C ASP BA 30 11.02 -10.00 -30.01
N THR BA 31 10.93 -11.24 -30.51
CA THR BA 31 11.77 -12.40 -30.17
C THR BA 31 11.79 -12.72 -28.67
N LYS CA 2 -34.54 13.81 -89.76
CA LYS CA 2 -34.48 14.14 -88.34
C LYS CA 2 -35.12 15.52 -88.12
N ILE CA 3 -35.85 15.67 -87.01
CA ILE CA 3 -36.62 16.87 -86.73
C ILE CA 3 -36.07 17.49 -85.45
N PRO CA 4 -36.20 18.81 -85.23
CA PRO CA 4 -35.68 19.39 -83.99
C PRO CA 4 -36.52 19.06 -82.77
N PHE CA 5 -35.81 18.66 -81.70
CA PHE CA 5 -36.17 18.47 -80.28
C PHE CA 5 -37.03 17.21 -80.06
N LEU CA 6 -37.63 16.63 -81.11
CA LEU CA 6 -38.47 15.48 -80.85
C LEU CA 6 -37.78 14.21 -81.30
N SER CA 7 -36.74 14.33 -82.13
CA SER CA 7 -35.89 13.20 -82.50
C SER CA 7 -34.99 12.73 -81.38
N LEU CA 8 -34.78 13.55 -80.34
CA LEU CA 8 -33.90 13.23 -79.23
C LEU CA 8 -34.47 12.09 -78.40
N ALA CA 9 -33.58 11.17 -78.00
CA ALA CA 9 -33.90 9.89 -77.36
C ALA CA 9 -34.71 9.92 -76.05
N PRO CA 10 -34.49 10.83 -75.06
CA PRO CA 10 -35.49 10.96 -73.99
C PRO CA 10 -36.86 11.41 -74.45
N ILE CA 11 -36.96 12.29 -75.44
CA ILE CA 11 -38.28 12.75 -75.92
C ILE CA 11 -39.02 11.63 -76.65
N SER CA 12 -38.35 10.97 -77.61
CA SER CA 12 -38.92 9.85 -78.33
C SER CA 12 -39.23 8.65 -77.44
N GLY CA 13 -38.33 8.35 -76.50
CA GLY CA 13 -38.55 7.36 -75.48
C GLY CA 13 -39.73 7.66 -74.58
N ALA CA 14 -39.80 8.88 -74.00
CA ALA CA 14 -40.87 9.23 -73.07
C ALA CA 14 -42.23 9.28 -73.75
N LEU CA 15 -42.33 9.83 -74.96
CA LEU CA 15 -43.58 9.74 -75.72
C LEU CA 15 -43.94 8.31 -76.11
N PHE CA 16 -42.95 7.41 -76.29
CA PHE CA 16 -43.28 5.99 -76.46
C PHE CA 16 -43.87 5.36 -75.20
N ILE CA 17 -43.27 5.60 -74.02
CA ILE CA 17 -43.84 5.09 -72.75
C ILE CA 17 -45.23 5.67 -72.48
N ILE CA 18 -45.42 7.00 -72.60
CA ILE CA 18 -46.74 7.60 -72.35
C ILE CA 18 -47.79 7.17 -73.39
N GLY CA 19 -47.41 7.00 -74.66
CA GLY CA 19 -48.37 6.49 -75.64
C GLY CA 19 -48.76 5.04 -75.42
N SER CA 20 -47.79 4.21 -74.99
CA SER CA 20 -48.11 2.82 -74.66
C SER CA 20 -48.99 2.72 -73.41
N VAL CA 21 -48.75 3.57 -72.41
CA VAL CA 21 -49.58 3.56 -71.20
C VAL CA 21 -51.01 4.03 -71.50
N VAL CA 22 -51.17 5.03 -72.37
CA VAL CA 22 -52.52 5.46 -72.78
C VAL CA 22 -53.25 4.42 -73.65
N VAL CA 23 -52.53 3.74 -74.57
CA VAL CA 23 -53.15 2.68 -75.39
C VAL CA 23 -53.53 1.47 -74.55
N LEU CA 24 -52.65 1.06 -73.61
CA LEU CA 24 -52.97 0.03 -72.63
C LEU CA 24 -54.11 0.43 -71.70
N ALA CA 25 -54.17 1.71 -71.30
CA ALA CA 25 -55.24 2.19 -70.42
C ALA CA 25 -56.59 2.09 -71.10
N LEU CA 26 -56.70 2.63 -72.33
CA LEU CA 26 -57.95 2.53 -73.08
C LEU CA 26 -58.27 1.11 -73.55
N ALA CA 27 -57.26 0.23 -73.60
CA ALA CA 27 -57.54 -1.19 -73.73
C ALA CA 27 -58.17 -1.77 -72.47
N ASN CA 28 -57.77 -1.27 -71.29
CA ASN CA 28 -58.42 -1.72 -70.05
C ASN CA 28 -59.84 -1.18 -69.91
N ILE CA 29 -60.07 0.07 -70.35
CA ILE CA 29 -61.45 0.59 -70.41
C ILE CA 29 -62.30 -0.19 -71.41
N TYR CA 30 -61.78 -0.45 -72.62
CA TYR CA 30 -62.61 -1.07 -73.66
C TYR CA 30 -62.90 -2.54 -73.37
N ALA CA 31 -62.03 -3.23 -72.65
CA ALA CA 31 -62.25 -4.63 -72.32
C ALA CA 31 -62.88 -4.82 -70.95
N LYS CA 32 -63.26 -3.72 -70.27
CA LYS CA 32 -63.84 -3.69 -68.91
C LYS CA 32 -62.95 -4.41 -67.89
N TYR CA 33 -61.66 -4.13 -67.95
CA TYR CA 33 -60.58 -4.49 -67.03
C TYR CA 33 -60.44 -5.99 -66.75
N PRO CA 34 -59.95 -6.77 -67.71
CA PRO CA 34 -59.93 -8.22 -67.52
C PRO CA 34 -58.80 -8.69 -66.62
N LEU CA 35 -59.00 -9.89 -66.07
CA LEU CA 35 -57.93 -10.65 -65.44
C LEU CA 35 -57.42 -11.74 -66.35
N LEU CA 36 -58.31 -12.33 -67.12
CA LEU CA 36 -58.03 -13.41 -68.06
C LEU CA 36 -58.64 -13.02 -69.40
N HIS CA 37 -58.34 -13.81 -70.43
CA HIS CA 37 -58.99 -13.62 -71.72
C HIS CA 37 -60.25 -14.48 -71.77
N PRO CA 38 -61.45 -13.90 -71.99
CA PRO CA 38 -62.68 -14.69 -72.04
C PRO CA 38 -62.76 -15.67 -73.20
N LEU CA 39 -63.20 -16.90 -72.91
CA LEU CA 39 -63.24 -17.97 -73.88
C LEU CA 39 -64.63 -18.26 -74.40
N VAL CA 40 -65.66 -18.00 -73.60
CA VAL CA 40 -67.04 -18.15 -74.04
C VAL CA 40 -67.74 -16.79 -74.00
N GLY DA 7 1.70 37.57 -32.93
CA GLY DA 7 2.60 37.60 -31.79
C GLY DA 7 2.31 36.47 -30.83
N MET DA 8 1.04 36.09 -30.76
CA MET DA 8 0.64 35.12 -29.76
C MET DA 8 0.81 33.71 -30.30
N VAL DA 9 0.53 33.54 -31.58
CA VAL DA 9 0.66 32.28 -32.30
C VAL DA 9 1.93 32.35 -33.12
N SER DA 10 3.00 31.74 -32.59
CA SER DA 10 4.27 31.60 -33.27
C SER DA 10 4.55 30.12 -33.44
N THR DA 11 5.73 29.76 -33.93
CA THR DA 11 6.01 28.35 -34.20
C THR DA 11 7.39 27.87 -33.82
N ASP DA 12 8.37 28.76 -33.59
CA ASP DA 12 9.82 28.51 -33.60
C ASP DA 12 10.24 27.70 -34.82
N ASP DA 13 10.07 26.38 -34.77
CA ASP DA 13 10.34 25.49 -35.89
C ASP DA 13 9.06 25.44 -36.74
N PHE DA 14 9.10 26.13 -37.89
CA PHE DA 14 7.93 26.25 -38.75
C PHE DA 14 7.62 25.00 -39.55
N GLN DA 15 8.55 24.04 -39.60
CA GLN DA 15 8.36 22.83 -40.37
C GLN DA 15 7.71 21.73 -39.56
N VAL DA 16 7.98 21.68 -38.27
CA VAL DA 16 7.34 20.73 -37.37
C VAL DA 16 5.88 21.12 -37.22
N GLY DA 17 4.98 20.14 -37.38
CA GLY DA 17 3.55 20.42 -37.45
C GLY DA 17 2.89 20.78 -36.14
N THR DA 18 3.33 21.88 -35.52
CA THR DA 18 2.88 22.25 -34.19
C THR DA 18 2.83 23.77 -34.15
N LEU DA 19 2.19 24.31 -33.12
CA LEU DA 19 2.01 25.74 -32.98
C LEU DA 19 2.30 26.15 -31.55
N LEU DA 20 2.97 27.30 -31.39
CA LEU DA 20 3.24 27.89 -30.09
C LEU DA 20 2.15 28.92 -29.84
N THR DA 21 1.25 28.62 -28.90
CA THR DA 21 -0.05 29.24 -28.78
C THR DA 21 -0.22 29.53 -27.28
N PRO DA 22 -1.11 30.49 -26.79
CA PRO DA 22 -1.27 30.66 -25.32
C PRO DA 22 -1.75 29.44 -24.52
N VAL DA 23 -2.42 28.50 -25.18
CA VAL DA 23 -2.68 27.23 -24.53
C VAL DA 23 -1.37 26.45 -24.38
N ASN DA 24 -0.49 26.55 -25.38
CA ASN DA 24 0.79 25.84 -25.33
C ASN DA 24 1.85 26.61 -24.54
N ASN DA 25 2.05 27.90 -24.86
CA ASN DA 25 3.31 28.58 -24.62
C ASN DA 25 3.28 29.65 -23.51
N SER DA 26 2.18 29.82 -22.80
CA SER DA 26 2.20 30.75 -21.68
C SER DA 26 2.90 30.08 -20.50
N PRO DA 27 3.65 30.84 -19.69
CA PRO DA 27 4.53 30.20 -18.69
C PRO DA 27 3.88 29.53 -17.46
N PHE DA 28 2.59 29.75 -17.15
CA PHE DA 28 2.00 29.06 -16.02
C PHE DA 28 1.50 27.68 -16.40
N ILE DA 29 0.98 27.49 -17.64
CA ILE DA 29 0.66 26.15 -18.11
C ILE DA 29 1.93 25.32 -18.32
N LYS DA 30 3.01 25.97 -18.77
CA LYS DA 30 4.29 25.26 -18.87
C LYS DA 30 4.85 24.92 -17.50
N PHE DA 31 4.64 25.79 -16.51
CA PHE DA 31 4.95 25.44 -15.13
C PHE DA 31 4.06 24.32 -14.60
N PHE DA 32 2.77 24.31 -14.93
CA PHE DA 32 1.88 23.28 -14.43
C PHE DA 32 2.18 21.92 -15.04
N ILE DA 33 2.34 21.87 -16.37
CA ILE DA 33 2.57 20.63 -17.10
C ILE DA 33 3.97 20.09 -16.84
N ASN DA 34 4.98 20.97 -16.86
CA ASN DA 34 6.35 20.58 -16.56
C ASN DA 34 6.59 20.28 -15.08
N ASN DA 35 5.62 20.56 -14.20
CA ASN DA 35 5.64 20.09 -12.82
C ASN DA 35 4.39 19.31 -12.48
N LEU DA 36 3.68 18.80 -13.46
CA LEU DA 36 2.86 17.63 -13.24
C LEU DA 36 3.83 16.44 -13.16
N PRO DA 37 3.49 15.33 -12.42
CA PRO DA 37 4.50 14.32 -12.01
C PRO DA 37 5.33 13.66 -13.09
N ILE DA 38 4.72 13.29 -14.23
CA ILE DA 38 5.40 12.70 -15.39
C ILE DA 38 6.47 13.60 -16.01
N ASN DA 39 6.40 14.92 -15.81
CA ASN DA 39 7.39 15.84 -16.35
C ASN DA 39 8.18 16.57 -15.28
N ARG DA 40 7.90 16.32 -14.00
CA ARG DA 40 8.49 17.11 -12.92
C ARG DA 40 9.93 16.69 -12.74
N PRO DA 41 10.90 17.60 -12.82
CA PRO DA 41 12.30 17.19 -12.86
C PRO DA 41 12.85 16.72 -11.52
N GLY DA 42 13.75 15.74 -11.60
CA GLY DA 42 14.35 15.15 -10.43
C GLY DA 42 13.54 14.05 -9.77
N LEU DA 43 12.66 13.39 -10.49
CA LEU DA 43 11.80 12.35 -9.94
C LEU DA 43 12.05 11.01 -10.62
N ASP DA 44 12.17 9.99 -9.80
CA ASP DA 44 12.21 8.62 -10.28
C ASP DA 44 10.83 8.28 -10.81
N PRO DA 45 10.71 7.43 -11.87
CA PRO DA 45 9.41 7.04 -12.43
C PRO DA 45 8.42 6.39 -11.47
N PHE DA 46 8.96 5.72 -10.46
CA PHE DA 46 8.14 5.08 -9.43
C PHE DA 46 7.33 6.11 -8.63
N PHE DA 47 7.98 7.21 -8.21
CA PHE DA 47 7.28 8.26 -7.47
C PHE DA 47 6.29 8.98 -8.37
N ARG DA 48 6.65 9.13 -9.65
CA ARG DA 48 5.79 9.76 -10.64
C ARG DA 48 4.50 8.98 -10.83
N GLY DA 49 4.62 7.65 -11.00
CA GLY DA 49 3.46 6.79 -11.09
C GLY DA 49 2.66 6.75 -9.80
N LEU DA 50 3.35 6.84 -8.66
CA LEU DA 50 2.69 6.85 -7.35
C LEU DA 50 1.80 8.07 -7.14
N GLU DA 51 2.30 9.24 -7.50
CA GLU DA 51 1.52 10.46 -7.37
C GLU DA 51 0.35 10.53 -8.37
N VAL DA 52 0.60 10.10 -9.62
CA VAL DA 52 -0.47 9.95 -10.63
C VAL DA 52 -1.53 8.95 -10.17
N GLY DA 53 -1.09 7.85 -9.54
CA GLY DA 53 -2.01 6.85 -9.03
C GLY DA 53 -2.87 7.36 -7.90
N MET DA 54 -2.26 8.09 -6.96
CA MET DA 54 -2.98 8.58 -5.79
C MET DA 54 -4.07 9.57 -6.16
N ALA DA 55 -3.77 10.49 -7.10
CA ALA DA 55 -4.77 11.43 -7.60
C ALA DA 55 -5.90 10.70 -8.34
N HIS DA 56 -5.53 9.73 -9.17
CA HIS DA 56 -6.52 9.02 -9.96
C HIS DA 56 -7.39 8.09 -9.15
N GLY DA 57 -6.76 7.28 -8.29
CA GLY DA 57 -7.49 6.37 -7.45
C GLY DA 57 -8.34 7.06 -6.41
N TYR DA 58 -7.96 8.28 -6.00
CA TYR DA 58 -8.84 9.07 -5.16
C TYR DA 58 -10.09 9.51 -5.93
N TRP DA 59 -9.94 10.01 -7.16
CA TRP DA 59 -11.19 10.43 -7.81
C TRP DA 59 -12.01 9.25 -8.33
N LEU DA 60 -11.39 8.09 -8.58
CA LEU DA 60 -12.11 6.97 -9.17
C LEU DA 60 -13.09 6.29 -8.22
N PHE DA 61 -12.98 6.54 -6.91
CA PHE DA 61 -13.94 6.00 -5.95
C PHE DA 61 -15.33 6.62 -6.14
N GLY DA 62 -15.37 7.93 -6.38
CA GLY DA 62 -16.59 8.74 -6.46
C GLY DA 62 -17.74 8.35 -7.37
N PRO DA 63 -17.51 8.16 -8.69
CA PRO DA 63 -18.61 7.71 -9.57
C PRO DA 63 -19.16 6.35 -9.22
N PHE DA 64 -18.34 5.44 -8.72
CA PHE DA 64 -18.81 4.12 -8.31
C PHE DA 64 -19.67 4.17 -7.05
N VAL DA 65 -19.43 5.12 -6.15
CA VAL DA 65 -20.23 5.14 -4.92
C VAL DA 65 -21.48 6.00 -5.07
N VAL DA 66 -21.45 7.04 -5.91
CA VAL DA 66 -22.66 7.84 -6.09
C VAL DA 66 -23.56 7.22 -7.15
N LEU DA 67 -22.99 6.66 -8.20
CA LEU DA 67 -23.76 6.34 -9.38
C LEU DA 67 -23.97 4.85 -9.59
N GLY DA 68 -23.33 3.98 -8.79
CA GLY DA 68 -23.28 2.58 -9.07
C GLY DA 68 -24.59 1.85 -8.73
N PRO DA 69 -24.54 0.51 -8.77
CA PRO DA 69 -25.78 -0.27 -8.53
C PRO DA 69 -26.28 -0.26 -7.09
N LEU DA 70 -25.51 0.25 -6.14
CA LEU DA 70 -25.91 0.32 -4.74
C LEU DA 70 -25.83 1.79 -4.35
N ARG DA 71 -26.92 2.56 -4.50
CA ARG DA 71 -26.77 3.98 -4.20
C ARG DA 71 -27.96 4.68 -3.52
N LEU DA 72 -29.18 4.13 -3.66
CA LEU DA 72 -30.43 4.88 -3.49
C LEU DA 72 -30.74 5.19 -2.03
N THR DA 73 -31.69 6.12 -1.85
CA THR DA 73 -32.39 6.29 -0.59
C THR DA 73 -33.61 5.39 -0.47
N ALA DA 74 -34.01 4.74 -1.57
CA ALA DA 74 -35.09 3.77 -1.55
C ALA DA 74 -34.60 2.36 -1.23
N PHE DA 75 -33.30 2.16 -1.01
CA PHE DA 75 -32.80 0.86 -0.59
C PHE DA 75 -32.96 0.65 0.90
N ARG DA 76 -32.26 -0.36 1.42
CA ARG DA 76 -32.46 -0.90 2.75
C ARG DA 76 -31.54 -0.21 3.76
N PRO DA 77 -32.09 0.63 4.66
CA PRO DA 77 -31.31 1.55 5.58
C PRO DA 77 -30.03 2.19 5.03
N PRO DA 78 -29.11 2.71 5.90
CA PRO DA 78 -27.70 2.79 5.48
C PRO DA 78 -26.88 1.52 5.73
N ASP DA 79 -27.52 0.37 5.92
CA ASP DA 79 -26.79 -0.88 5.93
C ASP DA 79 -26.26 -1.24 4.54
N ILE DA 80 -26.97 -0.80 3.49
CA ILE DA 80 -26.51 -0.95 2.11
C ILE DA 80 -25.41 0.05 1.78
N GLU DA 81 -25.24 1.10 2.59
CA GLU DA 81 -24.23 2.13 2.32
C GLU DA 81 -22.82 1.59 2.51
N GLN DA 82 -22.63 0.70 3.49
CA GLN DA 82 -21.31 0.09 3.69
C GLN DA 82 -20.96 -0.88 2.57
N LEU DA 83 -21.97 -1.60 2.05
CA LEU DA 83 -21.76 -2.42 0.86
C LEU DA 83 -21.49 -1.57 -0.37
N SER DA 84 -22.09 -0.38 -0.43
CA SER DA 84 -21.84 0.56 -1.50
C SER DA 84 -20.40 1.09 -1.48
N ILE DA 85 -19.92 1.49 -0.29
CA ILE DA 85 -18.53 1.97 -0.12
C ILE DA 85 -17.53 0.85 -0.40
N LEU DA 86 -17.85 -0.38 0.03
CA LEU DA 86 -16.95 -1.52 -0.19
C LEU DA 86 -16.89 -1.91 -1.67
N ALA DA 87 -18.05 -1.92 -2.35
CA ALA DA 87 -18.12 -2.23 -3.78
C ALA DA 87 -17.45 -1.16 -4.63
N ALA DA 88 -17.64 0.11 -4.29
CA ALA DA 88 -16.97 1.20 -4.98
C ALA DA 88 -15.47 1.19 -4.77
N LEU DA 89 -15.04 0.78 -3.57
CA LEU DA 89 -13.62 0.67 -3.27
C LEU DA 89 -12.99 -0.44 -4.12
N ILE DA 90 -13.63 -1.62 -4.20
CA ILE DA 90 -13.15 -2.74 -5.02
C ILE DA 90 -13.16 -2.36 -6.50
N SER DA 91 -14.18 -1.61 -6.93
CA SER DA 91 -14.31 -1.15 -8.32
C SER DA 91 -13.17 -0.22 -8.71
N ALA DA 92 -12.83 0.73 -7.83
CA ALA DA 92 -11.73 1.64 -8.11
C ALA DA 92 -10.37 0.94 -8.09
N ILE DA 93 -10.18 -0.04 -7.18
CA ILE DA 93 -8.94 -0.84 -7.17
C ILE DA 93 -8.79 -1.69 -8.44
N VAL DA 94 -9.87 -2.31 -8.91
CA VAL DA 94 -9.78 -3.14 -10.12
C VAL DA 94 -9.60 -2.29 -11.38
N VAL DA 95 -10.14 -1.06 -11.39
CA VAL DA 95 -9.84 -0.12 -12.47
C VAL DA 95 -8.36 0.30 -12.46
N VAL DA 96 -7.79 0.48 -11.25
CA VAL DA 96 -6.36 0.74 -11.11
C VAL DA 96 -5.52 -0.46 -11.54
N VAL DA 97 -6.02 -1.68 -11.26
CA VAL DA 97 -5.35 -2.93 -11.69
C VAL DA 97 -5.34 -3.05 -13.22
N ALA DA 98 -6.45 -2.69 -13.86
CA ALA DA 98 -6.52 -2.67 -15.32
C ALA DA 98 -5.60 -1.62 -15.92
N GLY DA 99 -5.50 -0.45 -15.28
CA GLY DA 99 -4.50 0.54 -15.66
C GLY DA 99 -3.07 0.09 -15.45
N THR DA 100 -2.83 -0.69 -14.40
CA THR DA 100 -1.51 -1.27 -14.14
C THR DA 100 -1.14 -2.30 -15.18
N LEU DA 101 -2.09 -3.16 -15.52
CA LEU DA 101 -1.96 -4.10 -16.65
C LEU DA 101 -1.68 -3.37 -17.95
N ALA DA 102 -2.33 -2.23 -18.18
CA ALA DA 102 -2.10 -1.43 -19.38
C ALA DA 102 -0.69 -0.84 -19.45
N LEU DA 103 -0.25 -0.20 -18.35
CA LEU DA 103 1.13 0.30 -18.20
C LEU DA 103 2.18 -0.79 -18.29
N SER DA 104 1.94 -1.94 -17.69
CA SER DA 104 2.97 -2.95 -17.70
C SER DA 104 2.98 -3.79 -18.98
N LEU DA 105 1.86 -3.89 -19.71
CA LEU DA 105 1.93 -4.40 -21.09
C LEU DA 105 2.57 -3.40 -22.02
N TYR DA 106 2.44 -2.09 -21.75
CA TYR DA 106 3.21 -1.09 -22.46
C TYR DA 106 4.71 -1.24 -22.17
N ALA DA 107 5.04 -1.52 -20.92
CA ALA DA 107 6.43 -1.65 -20.51
C ALA DA 107 7.09 -2.92 -21.05
N THR DA 108 6.37 -4.05 -21.02
CA THR DA 108 7.05 -5.33 -21.20
C THR DA 108 7.31 -5.66 -22.66
N VAL DA 109 6.78 -4.85 -23.59
CA VAL DA 109 7.05 -5.07 -25.00
C VAL DA 109 8.10 -4.09 -25.53
N GLY DA 110 8.48 -3.11 -24.72
CA GLY DA 110 9.67 -2.32 -24.92
C GLY DA 110 9.37 -0.96 -25.52
N PRO DA 111 9.20 0.07 -24.67
CA PRO DA 111 8.69 1.36 -25.14
C PRO DA 111 9.72 2.18 -25.91
N ASP DA 112 9.23 2.88 -26.93
CA ASP DA 112 9.94 3.99 -27.54
C ASP DA 112 9.08 5.25 -27.38
N ASP DA 113 9.55 6.21 -26.57
CA ASP DA 113 8.75 7.36 -26.20
C ASP DA 113 9.64 8.52 -25.76
N ASP DA 114 9.03 9.70 -25.64
CA ASP DA 114 9.77 10.91 -25.30
C ASP DA 114 10.14 10.99 -23.82
N THR DA 115 9.57 10.17 -22.95
CA THR DA 115 10.17 10.01 -21.64
C THR DA 115 11.47 9.24 -21.80
N LYS DA 116 12.40 9.48 -20.88
CA LYS DA 116 13.64 8.70 -20.89
C LYS DA 116 13.54 7.51 -19.95
N PHE DA 117 12.35 6.95 -19.83
CA PHE DA 117 12.12 5.76 -19.03
C PHE DA 117 12.55 4.65 -19.94
N GLY DA 118 13.00 3.56 -19.39
CA GLY DA 118 13.18 2.36 -20.16
C GLY DA 118 11.91 1.55 -20.19
N ALA DA 119 12.07 0.26 -20.46
CA ALA DA 119 11.05 -0.69 -20.06
C ALA DA 119 11.01 -0.80 -18.54
N GLU DA 120 12.18 -0.75 -17.89
CA GLU DA 120 12.26 -0.77 -16.43
C GLU DA 120 11.66 0.48 -15.80
N GLY DA 121 11.83 1.65 -16.46
CA GLY DA 121 11.23 2.87 -15.95
C GLY DA 121 9.72 2.87 -16.02
N TRP DA 122 9.15 2.36 -17.12
CA TRP DA 122 7.70 2.25 -17.20
C TRP DA 122 7.16 1.15 -16.29
N SER DA 123 7.97 0.14 -15.96
CA SER DA 123 7.51 -0.84 -14.98
C SER DA 123 7.53 -0.27 -13.56
N ARG DA 124 8.51 0.61 -13.26
CA ARG DA 124 8.47 1.38 -12.00
C ARG DA 124 7.25 2.30 -11.93
N PHE DA 125 6.91 2.94 -13.06
CA PHE DA 125 5.70 3.74 -13.17
C PHE DA 125 4.44 2.91 -12.96
N ALA DA 126 4.38 1.71 -13.55
CA ALA DA 126 3.25 0.80 -13.40
C ALA DA 126 3.06 0.37 -11.95
N GLY DA 127 4.19 0.07 -11.29
CA GLY DA 127 4.14 -0.34 -9.90
C GLY DA 127 3.69 0.77 -8.96
N GLY DA 128 4.24 1.98 -9.17
CA GLY DA 128 3.82 3.14 -8.40
C GLY DA 128 2.37 3.50 -8.65
N TRP DA 129 1.92 3.40 -9.91
CA TRP DA 129 0.53 3.59 -10.30
C TRP DA 129 -0.42 2.68 -9.54
N LEU DA 130 -0.05 1.39 -9.45
CA LEU DA 130 -0.90 0.42 -8.76
C LEU DA 130 -1.02 0.68 -7.28
N ILE DA 131 0.12 0.90 -6.60
CA ILE DA 131 0.07 1.15 -5.16
C ILE DA 131 -0.60 2.49 -4.83
N GLY DA 132 -0.26 3.55 -5.58
CA GLY DA 132 -0.89 4.83 -5.40
C GLY DA 132 -2.37 4.84 -5.72
N GLY DA 133 -2.79 4.12 -6.75
CA GLY DA 133 -4.19 4.04 -7.10
C GLY DA 133 -5.07 3.28 -6.16
N GLY DA 134 -4.59 2.11 -5.73
CA GLY DA 134 -5.30 1.38 -4.69
C GLY DA 134 -5.31 2.12 -3.36
N GLY DA 135 -4.22 2.82 -3.03
CA GLY DA 135 -4.22 3.66 -1.85
C GLY DA 135 -5.11 4.87 -1.97
N GLY DA 136 -5.19 5.48 -3.14
CA GLY DA 136 -6.10 6.60 -3.34
C GLY DA 136 -7.54 6.18 -3.24
N ALA DA 137 -7.86 4.98 -3.76
CA ALA DA 137 -9.18 4.38 -3.57
C ALA DA 137 -9.49 4.13 -2.10
N LEU DA 138 -8.54 3.57 -1.36
CA LEU DA 138 -8.71 3.31 0.06
C LEU DA 138 -8.83 4.59 0.88
N PHE DA 139 -8.04 5.61 0.53
CA PHE DA 139 -8.07 6.89 1.23
C PHE DA 139 -9.34 7.67 0.95
N ALA DA 140 -9.84 7.62 -0.30
CA ALA DA 140 -11.13 8.20 -0.63
C ALA DA 140 -12.27 7.45 0.05
N ALA DA 141 -12.16 6.13 0.18
CA ALA DA 141 -13.16 5.34 0.92
C ALA DA 141 -13.16 5.69 2.41
N LEU DA 142 -11.98 5.88 3.01
CA LEU DA 142 -11.90 6.25 4.43
C LEU DA 142 -12.42 7.66 4.68
N LEU DA 143 -12.14 8.61 3.79
CA LEU DA 143 -12.73 9.94 3.94
C LEU DA 143 -14.22 9.95 3.64
N TYR DA 144 -14.70 9.08 2.76
CA TYR DA 144 -16.13 8.91 2.56
C TYR DA 144 -16.83 8.29 3.77
N LEU DA 145 -16.20 7.31 4.43
CA LEU DA 145 -16.68 6.81 5.71
C LEU DA 145 -16.68 7.87 6.79
N PHE DA 146 -15.69 8.77 6.77
CA PHE DA 146 -15.55 9.81 7.76
C PHE DA 146 -16.27 11.10 7.41
N ARG DA 147 -16.95 11.19 6.26
CA ARG DA 147 -17.64 12.42 5.87
C ARG DA 147 -18.82 12.81 6.76
N GLY DA 148 -19.35 11.88 7.56
CA GLY DA 148 -20.30 12.21 8.61
C GLY DA 148 -19.75 13.19 9.62
N PRO DA 149 -18.76 12.77 10.42
CA PRO DA 149 -18.05 13.76 11.25
C PRO DA 149 -17.20 14.81 10.55
N LEU DA 150 -16.83 14.64 9.27
CA LEU DA 150 -16.03 15.67 8.62
C LEU DA 150 -16.84 16.89 8.27
N LEU DA 151 -18.07 16.68 7.79
CA LEU DA 151 -18.84 17.74 7.15
C LEU DA 151 -19.77 18.44 8.14
N VAL DA 152 -19.71 18.08 9.41
CA VAL DA 152 -20.35 18.84 10.47
C VAL DA 152 -19.30 19.14 11.54
N MET DA 153 -19.71 19.91 12.54
CA MET DA 153 -18.95 20.06 13.77
C MET DA 153 -19.34 18.86 14.62
N LEU DA 154 -18.49 17.81 14.59
CA LEU DA 154 -18.76 16.57 15.34
C LEU DA 154 -18.79 16.81 16.83
N LEU DA 155 -17.82 17.55 17.34
CA LEU DA 155 -17.78 17.94 18.74
C LEU DA 155 -18.89 18.96 18.98
N GLY DA 156 -19.92 18.55 19.72
CA GLY DA 156 -21.08 19.41 19.89
C GLY DA 156 -22.42 18.71 19.94
N ILE DA 157 -22.54 17.58 19.25
CA ILE DA 157 -23.74 16.76 19.30
C ILE DA 157 -23.42 15.60 20.24
N ILE DA 158 -22.18 15.14 20.19
CA ILE DA 158 -21.66 14.10 21.08
C ILE DA 158 -21.56 14.66 22.51
N PRO DA 159 -21.76 13.85 23.55
CA PRO DA 159 -21.78 14.39 24.91
C PRO DA 159 -20.41 14.43 25.61
N GLY DA 160 -20.44 14.77 26.88
CA GLY DA 160 -19.25 14.83 27.72
C GLY DA 160 -18.23 15.90 27.37
#